data_7B9S
#
_entry.id   7B9S
#
_cell.length_a   1.00
_cell.length_b   1.00
_cell.length_c   1.00
_cell.angle_alpha   90.00
_cell.angle_beta   90.00
_cell.angle_gamma   90.00
#
_symmetry.space_group_name_H-M   'P 1'
#
loop_
_entity.id
_entity.type
_entity.pdbx_description
1 polymer EccE5
2 polymer EccD5
3 polymer EccC5
4 polymer EccB5
#
loop_
_entity_poly.entity_id
_entity_poly.type
_entity_poly.pdbx_seq_one_letter_code
_entity_poly.pdbx_strand_id
1 'polypeptide(L)'
;MRAQRRFGLDLSWPRLTGVFLIDVAVLALVSHLPDAWQANHIAWWTGVGVAVLVTIVAVVTYRRTPLACALVARVLDRFV
DPEMTLTEGCTPALDHQRRFGHDVVGIREYQGQLVAVVTVEGHEEAPSGRHRNRDAAPAWLPVEAVAARLRQFDVRLDAI
DIVSVGTRRTSGRDDVSDVGVDDTGPVDARQPLDEHHTWLVLRMDPQRNVAAVAARDSVAATLAAATERLAHDLNGRRWT
ARPLTSSEIDDMDATVLAGLQPAHVRPRRRRLKYKQPEGYKEFVTSFWVSPRDITSETLERLWLPDTEATAVTVRLRPRH
GGVEVSAWVRYHSSRRLRRSVWGGLNRLTGRQLDAVCASMPVPTRRPRLVVPARELHDGEELAVLVGQAPAPSPSPAAAR
;
E,H,M,R,Y,4
2 'polypeptide(L)'
;MTAIVEAPQPGAEAIASPQAAVVAIMAADVQIAVVLDAHAPISVMIDPLLKVVNTRLRELGVAPLEAKGRGRWMLCLVDG
TPLRPNLSLTEQEVYDGDRLWLKFLEDTEHRSEVIEHISTAVATNLSKRFAPIDPVVAVQVGATMVAVGVLLGSALLGWW
RWQHESWLPAPFAAVIAVLVLTVATMILARSKTVPDRRVGDILLLSGLVPLAVAIAATAPGPVGAPHAVLGFGVFGVAAM
LVMRFTGRRLGVYTALVTLCAAATAAGLARMVLLTSAVTLLTCVLLACVLMYHGAPALSRWLSGIRLPVFPSATSRWVFE
ARPDLPTTVVVSGGGQPTLEGPASVRDVLLRAERARSFLTGLLVGLGVLTVVCLAGLCDPHAGRRWLPLLLAAFTFGFLI
LRGRSYVDRWQAITLAATAVLIIAAVAVRYVLVSGSPAVLSAGVAVLVLLPAAGLTAAAVVPNTIYSPLFRKIVEWIEYL
CLMPIFPLALWLMNVYEAIRYR
;
X,D,I,G,N,L,S,Q,Z,W,5,3
3 'polypeptide(L)'
;MKQGFARPTPERAPVVKPENIVLPTPLSVPPPEGKPWWLVVVGVLVVGLLVGMVGMTVASGSRLFLGAGAIFPIFMIGGV
AMMMFGGRFGGQQQMSRPKLDAMRAQFMLMLDMLRETAQESADSMDANYRWFHPAPTTLAAAVGSSRMWERQPDGKDLNF
GVVRVGVGMTRPEVTWGEPQNMPTDIELEPVTGKALQEFGRYQSVVYNLPKMVSLLVEPWYSLVGEREQVLGLTRAIICQ
LAFSHGPDHVQMIVVTSDPDRWDWVKWIPHFGDPRRRDAAGNARMVYTSVREFATEQAELFAGRGSFTPRHASSSAETPT
PHHVIISDIEDPQWEYVISSEGVDGVTFFDLTGSPLWTGAPQRVLRFTDSAGVIETLPRDRDTWMVIDDNAWFFALADQM
SEADAEQFAHQMAHWRLAEAYEEIGQRVVQLGARDILSYYGIDDAGEIDFNTLWSGSGRRDLLSRSRLRIPFGNRADNGE
LLFLDMKSLDEGGDGPHGVMSGTTGSGKSSLVRTVIASLMLAHPPEELQFVLADLKGGSAVKPFDGVPHVSRIITDLEDD
QALMERFLEAMWGEIARRKEICFSAGVDGAKEYNELRARMKARGEDMPPLPMLVVVIDEFYEWFRIMPTAVDVLDSIGRQ
GRAYWVHLMMASQTIESRAEKLMENMGYRLVLKAQTAGAAQAAGVPNAVNLPSQAGLGYFRKSGDEIIRFQAEYLWRDYR
RGSSYDGEEQAPLTHSVDYIRPQLFTTAFAPLEVSVSGPDGQSALPQVVDGEAVNGHRGGDDVDEEEEALRTPKVGTVII
DQLRQIDFEPYRLWHPPLDVPVPIDELVNRFLGRPWQQDYGTAKNLVFPIGIIDRPYKHDQPPWTVDTSGAGANVLILGA
GGAGKTTALQTLICAAALTHTPEQVQFYCLAYSGTALTTVANLPHVGGVSGPTDPYGVRRTVAEVLGLVRDRKRSFLEYD
VPSMEVFRRRKFGGEPGGVPDDGFGDVYLVIDNYRALAEENEVLIEQVNQIINQGPSFGVHVVATADRESELRPPVRSGF
GSRVELRLAAVEDAKLVRSRFAKDVPPKPGRGMVAVNYVRLDSDPQAGLHTLVARPALGSTPDAVFESDSVAAAVRQVAA
GEARPVRRLPARFGLDQLRQVAAADRRQGVGAGGIAWAISELDLQPVYLNFADNAHLMVTGRRECGRTTTLATIMSEIGR
IYAPGASTAPPTSRPSAQVWLVDPRRQLLTVLGSDYVEKFAYNLDGVAAMMDDLAAALARREPPPGLSAEELLSRSWWSG
PEIFLIIDDIQQLPPGFDSPLHKAAPWVTRAADVGLHVFVTRTFGGWSSAGSDPILRALHQANAPLLVMDADPDEGFIRG
KMKGGPLPRGRGLLMAEDTGVFVQVAATDLRR
;
C,F,K,P,V,2
4 'polypeptide(L)'
;MPSEQRGQHRSGYGLGLSTRTQVTGYQFLARRTAMALTRWRVRMEVEPGRRQVLAVVASVSAAGVICLGALLWSFISPSG
QMGESPIIADRDSGALYVRVGDTLYPALNLASARLIAGRAENPHKVRSSQIAEQPHGPMVGIPGAPSDISPTSPASSSWL
VCDAVTAAQGVGAPASVTVTVIDGTPDLSGRRHVLSGSDAVVLRYGNDTWVIRQGRRSRIDAANRAVLLPLGLTPEQVKQ
ASPMSRALYDALPVGPELAVPKVPDAGKPANFPGAPAPVGAVLVTPQISGPQQYSVVLPDGVQTISPIVAQILQNAGTPA
GSMPVVVAPATLARMPVVHGLDLSAYPDSPLNVVNMKENPATCWWWEKTAGEERARTQVVSGPTVPIATSDTNKVVSLVK
ADNTGREADRVYYGPNYANFVVVTGNDPAASTAESLWLLSKSGVRFGVDNSREARTALGLTSTPSPAPWVALRLLAPGPM
LSRADALVRHDTLPTDTNPAELAVPK
;
B,A,J,O,T,1
#
# COMPACT_ATOMS: atom_id res chain seq x y z
N ASP A 95 -53.42 53.07 -73.47
CA ASP A 95 -53.48 52.24 -72.27
C ASP A 95 -54.62 52.68 -71.36
N HIS A 96 -54.97 51.84 -70.39
CA HIS A 96 -56.11 52.09 -69.53
C HIS A 96 -55.91 51.37 -68.21
N GLN A 97 -56.64 51.82 -67.18
CA GLN A 97 -56.66 51.15 -65.89
C GLN A 97 -58.02 51.40 -65.23
N ARG A 98 -58.46 50.44 -64.40
CA ARG A 98 -59.39 50.72 -63.32
C ARG A 98 -58.71 50.22 -62.05
N ARG A 99 -58.67 51.07 -61.01
CA ARG A 99 -57.88 50.76 -59.83
C ARG A 99 -58.74 50.52 -58.59
N PHE A 100 -58.05 50.20 -57.49
CA PHE A 100 -58.56 50.13 -56.13
C PHE A 100 -59.21 51.44 -55.66
N GLY A 101 -59.00 52.51 -56.40
CA GLY A 101 -59.73 53.76 -56.26
C GLY A 101 -61.17 53.77 -56.75
N HIS A 102 -61.54 54.87 -57.39
CA HIS A 102 -62.93 55.23 -57.63
C HIS A 102 -63.27 55.40 -59.10
N ASP A 103 -62.32 55.80 -59.93
CA ASP A 103 -62.59 56.05 -61.33
C ASP A 103 -61.73 55.17 -62.21
N VAL A 104 -62.24 54.87 -63.40
CA VAL A 104 -61.43 54.41 -64.52
C VAL A 104 -60.59 55.56 -65.09
N VAL A 105 -59.34 55.26 -65.45
CA VAL A 105 -58.39 56.28 -65.89
C VAL A 105 -57.68 55.77 -67.15
N GLY A 106 -57.73 56.56 -68.21
CA GLY A 106 -56.91 56.32 -69.38
C GLY A 106 -55.51 56.89 -69.24
N ILE A 107 -54.53 56.15 -69.75
CA ILE A 107 -53.13 56.58 -69.72
C ILE A 107 -52.54 56.40 -71.11
N ARG A 108 -51.69 57.33 -71.55
CA ARG A 108 -50.85 57.15 -72.71
C ARG A 108 -49.38 57.21 -72.30
N GLU A 109 -48.53 56.49 -73.04
CA GLU A 109 -47.10 56.53 -72.80
C GLU A 109 -46.36 56.51 -74.12
N TYR A 110 -45.26 57.27 -74.18
CA TYR A 110 -44.35 57.29 -75.31
C TYR A 110 -42.90 57.46 -74.87
N GLN A 111 -42.68 58.40 -73.96
CA GLN A 111 -41.38 58.67 -73.36
C GLN A 111 -41.55 59.12 -71.91
N GLY A 112 -42.48 58.49 -71.22
CA GLY A 112 -43.11 59.07 -70.05
C GLY A 112 -44.62 59.06 -70.22
N GLN A 113 -45.32 59.21 -69.10
CA GLN A 113 -46.75 59.02 -69.05
C GLN A 113 -47.54 60.31 -69.18
N LEU A 114 -48.69 60.21 -69.85
CA LEU A 114 -49.57 61.32 -70.14
C LEU A 114 -50.98 60.93 -69.72
N VAL A 115 -51.70 61.87 -69.11
CA VAL A 115 -53.08 61.66 -68.69
C VAL A 115 -53.76 63.02 -68.74
N ALA A 116 -55.09 63.02 -68.91
CA ALA A 116 -55.83 64.27 -68.98
C ALA A 116 -57.15 64.19 -68.23
N VAL A 117 -57.54 65.34 -67.69
CA VAL A 117 -58.81 65.52 -66.96
C VAL A 117 -59.57 66.66 -67.61
N VAL A 118 -60.86 66.45 -67.86
CA VAL A 118 -61.78 67.48 -68.32
C VAL A 118 -62.36 68.20 -67.10
N THR A 119 -62.59 69.50 -67.24
CA THR A 119 -63.36 70.23 -66.24
C THR A 119 -64.24 71.27 -66.91
N VAL A 120 -65.36 71.55 -66.27
CA VAL A 120 -66.40 72.41 -66.83
C VAL A 120 -66.05 73.88 -66.59
N TRP A 140 -66.85 82.98 -64.43
CA TRP A 140 -66.77 81.54 -64.67
C TRP A 140 -65.46 80.99 -64.13
N LEU A 141 -64.50 81.88 -63.92
CA LEU A 141 -63.09 81.53 -63.83
C LEU A 141 -62.84 80.56 -62.67
N PRO A 142 -62.05 79.52 -62.88
CA PRO A 142 -61.70 78.61 -61.78
C PRO A 142 -60.47 79.13 -61.04
N VAL A 143 -60.10 78.43 -59.97
CA VAL A 143 -58.94 78.83 -59.20
C VAL A 143 -57.67 78.46 -59.96
N GLU A 144 -56.64 79.30 -59.81
CA GLU A 144 -55.35 79.07 -60.46
C GLU A 144 -54.40 78.20 -59.65
N ALA A 145 -54.75 77.85 -58.42
CA ALA A 145 -53.76 77.36 -57.45
C ALA A 145 -53.40 75.89 -57.62
N VAL A 146 -53.71 75.28 -58.77
CA VAL A 146 -53.37 73.87 -59.02
C VAL A 146 -51.87 73.61 -59.10
N ALA A 147 -51.05 74.66 -59.11
CA ALA A 147 -49.59 74.54 -59.05
C ALA A 147 -49.11 73.68 -57.88
N ALA A 148 -49.80 73.74 -56.73
CA ALA A 148 -49.43 72.90 -55.60
C ALA A 148 -49.56 71.41 -55.91
N ARG A 149 -50.51 71.02 -56.76
CA ARG A 149 -50.69 69.62 -57.07
C ARG A 149 -49.62 69.05 -57.99
N LEU A 150 -48.73 69.88 -58.52
CA LEU A 150 -47.53 69.36 -59.15
C LEU A 150 -46.63 68.63 -58.15
N ARG A 151 -46.68 69.07 -56.89
CA ARG A 151 -45.90 68.48 -55.81
C ARG A 151 -46.83 67.82 -54.80
N GLN A 152 -47.32 66.62 -55.13
CA GLN A 152 -48.13 65.85 -54.19
C GLN A 152 -47.28 65.32 -53.04
N PHE A 153 -47.91 64.55 -52.15
CA PHE A 153 -47.25 64.02 -50.97
C PHE A 153 -46.05 63.11 -51.27
N ASP A 154 -45.96 62.55 -52.47
CA ASP A 154 -44.82 61.71 -52.77
C ASP A 154 -44.36 61.87 -54.21
N VAL A 155 -45.31 61.79 -55.14
CA VAL A 155 -44.99 61.90 -56.55
C VAL A 155 -44.54 63.32 -56.90
N ARG A 156 -43.73 63.43 -57.94
CA ARG A 156 -43.33 64.73 -58.49
C ARG A 156 -43.64 64.68 -59.98
N LEU A 157 -44.66 65.45 -60.38
CA LEU A 157 -45.08 65.53 -61.77
C LEU A 157 -44.20 66.48 -62.56
N ASP A 158 -44.13 66.25 -63.87
CA ASP A 158 -43.26 67.05 -64.74
C ASP A 158 -43.86 68.41 -65.05
N ALA A 159 -45.14 68.46 -65.39
CA ALA A 159 -45.79 69.72 -65.70
C ALA A 159 -47.28 69.59 -65.50
N ILE A 160 -47.91 70.71 -65.19
CA ILE A 160 -49.35 70.87 -65.28
C ILE A 160 -49.63 71.82 -66.42
N ASP A 161 -50.36 71.36 -67.43
CA ASP A 161 -50.79 72.19 -68.54
C ASP A 161 -52.31 72.34 -68.52
N ILE A 162 -52.77 73.58 -68.34
CA ILE A 162 -54.15 73.94 -68.59
C ILE A 162 -54.32 74.00 -70.11
N VAL A 163 -55.35 73.34 -70.64
CA VAL A 163 -55.64 73.35 -72.07
C VAL A 163 -57.09 73.76 -72.26
N SER A 164 -57.35 74.57 -73.28
CA SER A 164 -58.71 74.97 -73.61
C SER A 164 -58.83 75.21 -75.11
N VAL A 165 -60.03 74.95 -75.64
CA VAL A 165 -60.29 74.98 -77.07
C VAL A 165 -61.76 75.37 -77.26
N GLY A 166 -62.05 76.07 -78.35
CA GLY A 166 -63.42 76.43 -78.65
C GLY A 166 -63.49 77.44 -79.77
N THR A 167 -64.68 78.02 -79.94
CA THR A 167 -64.91 79.09 -80.91
C THR A 167 -64.83 80.46 -80.23
N ASP A 194 -68.77 79.04 -79.21
CA ASP A 194 -69.19 77.65 -79.36
C ASP A 194 -68.08 76.67 -78.98
N GLU A 195 -68.48 75.44 -78.70
CA GLU A 195 -67.61 74.27 -78.44
C GLU A 195 -66.55 74.54 -77.38
N HIS A 196 -66.87 75.40 -76.41
CA HIS A 196 -65.93 75.74 -75.32
C HIS A 196 -65.60 74.48 -74.53
N HIS A 197 -64.35 74.04 -74.64
CA HIS A 197 -63.82 72.91 -73.91
C HIS A 197 -62.59 73.34 -73.11
N THR A 198 -62.40 72.74 -71.94
CA THR A 198 -61.29 73.09 -71.07
C THR A 198 -60.73 71.83 -70.43
N TRP A 199 -59.39 71.73 -70.37
CA TRP A 199 -58.70 70.49 -70.05
C TRP A 199 -57.48 70.77 -69.20
N LEU A 200 -57.11 69.78 -68.38
CA LEU A 200 -55.79 69.65 -67.78
C LEU A 200 -55.12 68.45 -68.42
N VAL A 201 -53.92 68.63 -68.99
CA VAL A 201 -53.07 67.51 -69.37
C VAL A 201 -51.81 67.51 -68.52
N LEU A 202 -51.49 66.35 -67.94
CA LEU A 202 -50.42 66.21 -66.96
C LEU A 202 -49.32 65.32 -67.51
N ARG A 203 -48.07 65.70 -67.25
CA ARG A 203 -46.91 64.90 -67.60
C ARG A 203 -46.22 64.44 -66.32
N MET A 204 -45.85 63.16 -66.27
CA MET A 204 -45.14 62.60 -65.12
C MET A 204 -44.11 61.59 -65.61
N ASP A 205 -42.84 61.84 -65.27
CA ASP A 205 -41.76 60.92 -65.55
C ASP A 205 -41.65 59.88 -64.45
N PRO A 206 -41.86 58.60 -64.75
CA PRO A 206 -41.59 57.54 -63.77
C PRO A 206 -40.18 57.54 -63.21
N GLN A 207 -39.17 57.89 -64.03
CA GLN A 207 -37.80 57.76 -63.57
C GLN A 207 -37.40 58.85 -62.60
N ARG A 208 -38.15 59.95 -62.54
CA ARG A 208 -38.00 60.92 -61.46
C ARG A 208 -38.85 60.54 -60.26
N ASN A 209 -39.68 59.50 -60.39
CA ASN A 209 -40.69 59.15 -59.40
C ASN A 209 -40.54 57.72 -58.89
N VAL A 210 -39.41 57.07 -59.18
CA VAL A 210 -39.18 55.65 -58.85
C VAL A 210 -39.34 55.39 -57.35
N ALA A 211 -38.87 56.31 -56.51
CA ALA A 211 -39.03 56.17 -55.06
C ALA A 211 -40.49 56.07 -54.64
N ALA A 212 -41.38 56.73 -55.39
CA ALA A 212 -42.81 56.62 -55.14
C ALA A 212 -43.40 55.36 -55.76
N VAL A 213 -43.06 55.08 -57.01
CA VAL A 213 -43.62 53.93 -57.74
C VAL A 213 -43.28 52.62 -57.04
N ALA A 214 -42.06 52.52 -56.51
CA ALA A 214 -41.59 51.30 -55.84
C ALA A 214 -42.47 50.91 -54.65
N ALA A 215 -43.13 51.87 -54.03
CA ALA A 215 -44.06 51.58 -52.94
C ALA A 215 -45.41 51.08 -53.43
N ARG A 216 -45.71 51.23 -54.71
CA ARG A 216 -47.05 51.03 -55.23
C ARG A 216 -47.05 49.86 -56.21
N ASP A 217 -48.23 49.26 -56.39
CA ASP A 217 -48.31 48.05 -57.19
C ASP A 217 -48.25 48.31 -58.70
N SER A 218 -48.21 49.56 -59.15
CA SER A 218 -48.03 49.87 -60.57
C SER A 218 -47.70 51.35 -60.72
N VAL A 219 -46.88 51.64 -61.73
CA VAL A 219 -46.63 53.02 -62.15
C VAL A 219 -47.91 53.67 -62.66
N ALA A 220 -48.69 52.93 -63.44
CA ALA A 220 -49.99 53.42 -63.89
C ALA A 220 -50.91 53.67 -62.71
N ALA A 221 -50.94 52.76 -61.75
CA ALA A 221 -51.77 52.97 -60.56
C ALA A 221 -51.34 54.20 -59.79
N THR A 222 -50.03 54.47 -59.77
CA THR A 222 -49.48 55.67 -59.16
C THR A 222 -50.06 56.94 -59.78
N LEU A 223 -49.94 57.06 -61.11
CA LEU A 223 -50.42 58.29 -61.74
C LEU A 223 -51.94 58.36 -61.78
N ALA A 224 -52.60 57.21 -61.90
CA ALA A 224 -54.06 57.15 -61.81
C ALA A 224 -54.54 57.71 -60.48
N ALA A 225 -53.93 57.25 -59.38
CA ALA A 225 -54.25 57.80 -58.07
C ALA A 225 -53.98 59.30 -58.00
N ALA A 226 -52.83 59.76 -58.47
CA ALA A 226 -52.51 61.19 -58.41
C ALA A 226 -53.46 62.05 -59.25
N THR A 227 -53.96 61.52 -60.37
CA THR A 227 -54.93 62.27 -61.14
C THR A 227 -56.33 62.20 -60.52
N GLU A 228 -56.73 61.06 -59.95
CA GLU A 228 -57.96 61.01 -59.16
C GLU A 228 -57.93 62.01 -58.01
N ARG A 229 -56.76 62.16 -57.37
CA ARG A 229 -56.56 63.21 -56.37
C ARG A 229 -56.85 64.60 -56.91
N LEU A 230 -56.29 64.92 -58.07
CA LEU A 230 -56.57 66.24 -58.68
C LEU A 230 -58.02 66.39 -59.10
N ALA A 231 -58.62 65.32 -59.64
CA ALA A 231 -60.02 65.35 -60.04
C ALA A 231 -60.95 65.58 -58.85
N HIS A 232 -60.76 64.81 -57.78
CA HIS A 232 -61.54 64.99 -56.56
C HIS A 232 -61.28 66.34 -55.89
N ASP A 233 -60.10 66.93 -56.12
CA ASP A 233 -59.85 68.25 -55.56
C ASP A 233 -60.60 69.31 -56.33
N LEU A 234 -60.62 69.20 -57.66
CA LEU A 234 -61.38 70.15 -58.47
C LEU A 234 -62.88 69.95 -58.34
N ASN A 235 -63.32 68.70 -58.18
CA ASN A 235 -64.75 68.39 -58.18
C ASN A 235 -65.40 68.86 -56.88
N GLY A 236 -66.64 69.36 -56.99
CA GLY A 236 -67.38 69.78 -55.82
C GLY A 236 -68.06 71.11 -56.02
N ARG A 237 -67.43 71.99 -56.79
CA ARG A 237 -67.95 73.31 -57.11
C ARG A 237 -68.89 73.21 -58.32
N ARG A 238 -69.19 74.35 -58.95
CA ARG A 238 -69.96 74.36 -60.19
C ARG A 238 -69.29 73.52 -61.27
N TRP A 239 -67.98 73.58 -61.36
CA TRP A 239 -67.24 72.77 -62.31
C TRP A 239 -67.02 71.37 -61.74
N THR A 240 -67.29 70.36 -62.56
CA THR A 240 -67.02 68.98 -62.24
C THR A 240 -65.80 68.50 -63.01
N ALA A 241 -65.21 67.39 -62.54
CA ALA A 241 -64.00 66.88 -63.14
C ALA A 241 -63.97 65.36 -63.07
N ARG A 242 -63.39 64.76 -64.09
CA ARG A 242 -63.19 63.31 -64.16
C ARG A 242 -61.97 63.03 -65.02
N PRO A 243 -61.28 61.91 -64.79
CA PRO A 243 -60.29 61.45 -65.77
C PRO A 243 -60.94 61.04 -67.08
N LEU A 244 -60.23 61.30 -68.17
CA LEU A 244 -60.67 60.84 -69.48
C LEU A 244 -60.39 59.34 -69.65
N THR A 245 -61.29 58.65 -70.33
CA THR A 245 -60.96 57.39 -70.98
C THR A 245 -60.04 57.64 -72.17
N SER A 246 -59.11 56.71 -72.42
CA SER A 246 -58.12 56.88 -73.49
C SER A 246 -58.76 57.05 -74.86
N SER A 247 -59.91 56.40 -75.09
CA SER A 247 -60.71 56.68 -76.28
C SER A 247 -61.07 58.16 -76.36
N GLU A 248 -61.65 58.69 -75.28
CA GLU A 248 -61.91 60.12 -75.21
C GLU A 248 -60.64 60.95 -75.20
N ILE A 249 -59.49 60.38 -74.82
CA ILE A 249 -58.24 61.11 -74.97
C ILE A 249 -57.89 61.30 -76.44
N ASP A 250 -58.09 60.26 -77.25
CA ASP A 250 -57.92 60.42 -78.70
C ASP A 250 -58.98 61.36 -79.29
N ASP A 251 -60.19 61.35 -78.74
CA ASP A 251 -61.20 62.35 -79.11
C ASP A 251 -60.73 63.76 -78.79
N MET A 252 -60.15 63.95 -77.61
CA MET A 252 -59.64 65.26 -77.21
C MET A 252 -58.49 65.72 -78.10
N ASP A 253 -57.60 64.80 -78.46
CA ASP A 253 -56.53 65.09 -79.42
C ASP A 253 -57.09 65.52 -80.77
N ALA A 254 -58.13 64.82 -81.25
CA ALA A 254 -58.79 65.21 -82.49
C ALA A 254 -59.39 66.60 -82.39
N THR A 255 -60.07 66.89 -81.28
CA THR A 255 -60.73 68.19 -81.16
C THR A 255 -59.70 69.31 -80.96
N VAL A 256 -58.54 68.99 -80.39
CA VAL A 256 -57.47 69.98 -80.26
C VAL A 256 -56.89 70.29 -81.63
N LEU A 257 -56.81 69.28 -82.52
CA LEU A 257 -56.28 69.54 -83.85
C LEU A 257 -57.31 70.26 -84.72
N ALA A 258 -58.49 69.65 -84.89
CA ALA A 258 -59.55 70.14 -85.78
C ALA A 258 -59.05 70.37 -87.21
N GLY A 259 -58.14 69.51 -87.67
CA GLY A 259 -57.54 69.68 -88.97
C GLY A 259 -56.03 69.46 -88.97
N TRP A 288 -51.69 81.76 -84.18
CA TRP A 288 -50.32 81.32 -84.44
C TRP A 288 -49.32 82.33 -83.88
N VAL A 289 -49.81 83.25 -83.06
CA VAL A 289 -49.04 84.43 -82.64
C VAL A 289 -48.02 84.06 -81.58
N SER A 290 -47.21 85.04 -81.19
CA SER A 290 -46.07 84.87 -80.29
C SER A 290 -46.49 84.23 -78.97
N PRO A 291 -45.60 83.45 -78.34
CA PRO A 291 -45.77 83.15 -76.92
C PRO A 291 -45.63 84.42 -76.09
N ARG A 292 -46.48 84.56 -75.09
CA ARG A 292 -46.61 85.81 -74.36
C ARG A 292 -45.77 85.77 -73.08
N ASP A 293 -45.06 86.87 -72.83
CA ASP A 293 -44.18 86.93 -71.68
C ASP A 293 -44.97 87.19 -70.39
N ILE A 294 -45.87 88.16 -70.41
CA ILE A 294 -46.75 88.46 -69.29
C ILE A 294 -48.17 88.10 -69.70
N THR A 295 -48.84 87.29 -68.87
CA THR A 295 -49.98 86.51 -69.33
C THR A 295 -51.21 86.61 -68.44
N SER A 296 -51.04 86.97 -67.14
CA SER A 296 -52.06 86.76 -66.12
C SER A 296 -53.39 87.43 -66.46
N GLU A 297 -53.33 88.63 -67.04
CA GLU A 297 -54.52 89.38 -67.42
C GLU A 297 -55.05 88.97 -68.78
N THR A 298 -54.21 88.31 -69.59
CA THR A 298 -54.46 88.18 -71.02
C THR A 298 -55.58 87.20 -71.36
N LEU A 299 -55.79 86.15 -70.55
CA LEU A 299 -56.50 84.95 -70.99
C LEU A 299 -57.88 85.22 -71.57
N GLU A 300 -58.73 85.93 -70.81
CA GLU A 300 -60.09 86.21 -71.26
C GLU A 300 -60.21 87.16 -72.45
N ARG A 301 -59.19 87.99 -72.74
CA ARG A 301 -59.22 88.76 -73.98
C ARG A 301 -58.51 88.09 -75.15
N LEU A 302 -57.57 87.20 -74.89
CA LEU A 302 -56.87 86.47 -75.93
C LEU A 302 -57.77 85.47 -76.65
N TRP A 303 -58.92 85.12 -76.06
CA TRP A 303 -59.98 84.41 -76.77
C TRP A 303 -60.71 85.26 -77.80
N LEU A 304 -60.68 86.59 -77.66
CA LEU A 304 -61.53 87.46 -78.47
C LEU A 304 -61.23 87.56 -79.98
N PRO A 305 -59.97 87.49 -80.46
CA PRO A 305 -59.75 87.57 -81.93
C PRO A 305 -60.52 86.52 -82.73
N ASP A 306 -61.06 86.99 -83.86
CA ASP A 306 -61.98 86.22 -84.69
C ASP A 306 -61.28 85.02 -85.32
N THR A 307 -61.83 83.83 -85.07
CA THR A 307 -61.31 82.60 -85.68
C THR A 307 -62.41 81.56 -85.68
N GLU A 308 -62.27 80.59 -86.58
CA GLU A 308 -63.11 79.40 -86.54
C GLU A 308 -62.74 78.48 -85.39
N ALA A 309 -61.46 78.44 -85.02
CA ALA A 309 -61.03 77.63 -83.90
C ALA A 309 -59.88 78.33 -83.19
N THR A 310 -59.93 78.32 -81.86
CA THR A 310 -58.84 78.79 -81.02
C THR A 310 -58.46 77.68 -80.06
N ALA A 311 -57.16 77.52 -79.85
CA ALA A 311 -56.62 76.66 -78.81
C ALA A 311 -55.77 77.52 -77.88
N VAL A 312 -56.11 77.50 -76.60
CA VAL A 312 -55.49 78.35 -75.59
C VAL A 312 -55.01 77.46 -74.46
N THR A 313 -53.76 77.64 -74.05
CA THR A 313 -53.15 76.74 -73.09
C THR A 313 -52.10 77.48 -72.25
N VAL A 314 -51.92 77.01 -71.02
CA VAL A 314 -51.00 77.58 -70.04
C VAL A 314 -50.18 76.44 -69.44
N ARG A 315 -48.88 76.65 -69.27
CA ARG A 315 -47.94 75.63 -68.79
C ARG A 315 -47.36 76.03 -67.43
N LEU A 316 -47.27 75.04 -66.54
CA LEU A 316 -46.67 75.18 -65.21
C LEU A 316 -45.54 74.18 -65.04
N ARG A 317 -44.36 74.65 -64.67
CA ARG A 317 -43.21 73.76 -64.54
C ARG A 317 -42.41 74.06 -63.28
N PRO A 318 -41.77 73.03 -62.68
CA PRO A 318 -41.02 73.20 -61.42
C PRO A 318 -39.59 73.72 -61.60
N ARG A 319 -39.47 75.00 -61.96
CA ARG A 319 -38.14 75.57 -62.21
C ARG A 319 -37.26 75.55 -60.97
N HIS A 320 -37.83 75.86 -59.81
CA HIS A 320 -37.21 75.62 -58.52
C HIS A 320 -38.29 75.08 -57.59
N GLY A 321 -38.13 75.26 -56.28
CA GLY A 321 -39.20 74.95 -55.34
C GLY A 321 -40.49 75.72 -55.58
N GLY A 322 -40.45 76.80 -56.35
CA GLY A 322 -41.65 77.44 -56.83
C GLY A 322 -42.17 76.77 -58.08
N VAL A 323 -43.14 77.43 -58.72
CA VAL A 323 -43.66 77.00 -60.02
C VAL A 323 -43.75 78.24 -60.90
N GLU A 324 -43.26 78.12 -62.13
CA GLU A 324 -43.17 79.24 -63.05
C GLU A 324 -44.00 78.94 -64.29
N VAL A 325 -44.45 80.00 -64.95
CA VAL A 325 -45.61 79.95 -65.84
C VAL A 325 -45.19 80.38 -67.23
N SER A 326 -45.75 79.72 -68.25
CA SER A 326 -45.68 80.15 -69.63
C SER A 326 -47.01 79.82 -70.29
N ALA A 327 -47.36 80.62 -71.30
CA ALA A 327 -48.61 80.44 -72.03
C ALA A 327 -48.39 80.69 -73.52
N TRP A 328 -49.13 79.97 -74.34
CA TRP A 328 -49.10 80.16 -75.78
C TRP A 328 -50.46 79.80 -76.36
N VAL A 329 -50.66 80.19 -77.62
CA VAL A 329 -51.96 80.10 -78.29
C VAL A 329 -51.69 79.87 -79.77
N ARG A 330 -52.66 79.28 -80.46
CA ARG A 330 -52.72 79.37 -81.92
C ARG A 330 -54.16 79.53 -82.36
N TYR A 331 -54.33 80.11 -83.55
CA TYR A 331 -55.63 80.29 -84.17
C TYR A 331 -55.65 79.58 -85.51
N HIS A 332 -56.82 79.02 -85.85
CA HIS A 332 -57.00 78.13 -87.00
C HIS A 332 -55.95 77.02 -87.06
N PRO B 18 -56.74 78.77 -37.67
CA PRO B 18 -55.33 78.49 -37.37
C PRO B 18 -54.69 77.64 -38.45
N GLN B 19 -53.40 77.34 -38.31
CA GLN B 19 -52.71 76.55 -39.31
C GLN B 19 -53.21 75.10 -39.28
N ALA B 20 -53.21 74.47 -40.45
CA ALA B 20 -53.46 73.05 -40.58
C ALA B 20 -52.47 72.47 -41.57
N ALA B 21 -51.98 71.27 -41.28
CA ALA B 21 -51.06 70.57 -42.19
C ALA B 21 -51.83 69.45 -42.87
N VAL B 22 -51.90 69.52 -44.19
CA VAL B 22 -52.32 68.37 -44.99
C VAL B 22 -51.13 67.45 -45.15
N VAL B 23 -51.29 66.18 -44.76
CA VAL B 23 -50.25 65.17 -44.85
C VAL B 23 -50.93 63.85 -45.21
N ALA B 24 -50.21 63.01 -45.95
CA ALA B 24 -50.69 61.68 -46.29
C ALA B 24 -50.03 60.68 -45.34
N ILE B 25 -50.83 60.15 -44.43
CA ILE B 25 -50.36 59.13 -43.50
C ILE B 25 -50.47 57.76 -44.16
N MET B 26 -49.62 56.83 -43.73
CA MET B 26 -49.67 55.48 -44.27
C MET B 26 -49.74 54.49 -43.13
N ALA B 27 -50.60 53.48 -43.29
CA ALA B 27 -50.89 52.52 -42.24
C ALA B 27 -51.52 51.29 -42.88
N ALA B 28 -50.95 50.13 -42.59
CA ALA B 28 -51.45 48.83 -43.07
C ALA B 28 -51.68 48.84 -44.57
N ASP B 29 -50.56 49.00 -45.28
CA ASP B 29 -50.40 49.04 -46.74
C ASP B 29 -51.44 49.91 -47.46
N VAL B 30 -51.91 50.96 -46.80
CA VAL B 30 -52.78 51.96 -47.41
C VAL B 30 -52.27 53.34 -46.99
N GLN B 31 -52.17 54.26 -47.96
CA GLN B 31 -51.88 55.66 -47.69
C GLN B 31 -53.15 56.50 -47.81
N ILE B 32 -53.44 57.31 -46.79
CA ILE B 32 -54.59 58.18 -46.77
C ILE B 32 -54.14 59.61 -46.50
N ALA B 33 -54.55 60.53 -47.35
CA ALA B 33 -54.33 61.96 -47.10
C ALA B 33 -55.29 62.47 -46.04
N VAL B 34 -54.74 63.16 -45.03
CA VAL B 34 -55.53 63.72 -43.95
C VAL B 34 -55.10 65.17 -43.73
N VAL B 35 -56.04 65.98 -43.26
CA VAL B 35 -55.76 67.35 -42.84
C VAL B 35 -55.76 67.39 -41.32
N LEU B 36 -54.63 67.77 -40.74
CA LEU B 36 -54.40 67.71 -39.31
C LEU B 36 -54.22 69.09 -38.71
N ASP B 37 -54.66 69.23 -37.46
CA ASP B 37 -54.42 70.43 -36.66
C ASP B 37 -52.91 70.58 -36.51
N ALA B 38 -52.34 71.63 -37.09
CA ALA B 38 -50.89 71.77 -37.19
C ALA B 38 -50.20 71.94 -35.84
N HIS B 39 -50.93 72.29 -34.79
CA HIS B 39 -50.29 72.52 -33.50
C HIS B 39 -51.05 71.95 -32.30
N ALA B 40 -52.03 71.09 -32.50
CA ALA B 40 -52.40 70.12 -31.48
C ALA B 40 -51.26 69.13 -31.24
N PRO B 41 -50.95 68.80 -29.98
CA PRO B 41 -50.03 67.69 -29.70
C PRO B 41 -50.52 66.36 -30.26
N ILE B 42 -49.55 65.53 -30.66
CA ILE B 42 -49.83 64.22 -31.26
C ILE B 42 -50.67 63.33 -30.34
N SER B 43 -50.40 63.39 -29.03
CA SER B 43 -51.19 62.68 -28.02
C SER B 43 -52.68 62.98 -28.08
N VAL B 44 -53.05 64.16 -28.56
CA VAL B 44 -54.45 64.51 -28.70
C VAL B 44 -55.07 63.80 -29.90
N MET B 45 -54.40 63.83 -31.04
CA MET B 45 -54.98 63.40 -32.31
C MET B 45 -54.81 61.92 -32.63
N ILE B 46 -53.82 61.23 -32.03
CA ILE B 46 -53.47 59.87 -32.43
C ILE B 46 -54.65 58.91 -32.34
N ASP B 47 -55.40 58.93 -31.23
CA ASP B 47 -56.54 58.03 -31.06
C ASP B 47 -57.63 58.18 -32.11
N PRO B 48 -58.22 59.37 -32.37
CA PRO B 48 -59.26 59.43 -33.39
C PRO B 48 -58.71 59.24 -34.79
N LEU B 49 -57.43 59.53 -35.01
CA LEU B 49 -56.80 59.18 -36.27
C LEU B 49 -56.81 57.67 -36.48
N LEU B 50 -56.53 56.92 -35.42
CA LEU B 50 -56.61 55.46 -35.51
C LEU B 50 -58.04 55.00 -35.78
N LYS B 51 -59.01 55.65 -35.15
CA LYS B 51 -60.40 55.28 -35.39
C LYS B 51 -60.82 55.56 -36.83
N VAL B 52 -60.40 56.70 -37.38
CA VAL B 52 -60.71 57.04 -38.76
C VAL B 52 -60.04 56.07 -39.71
N VAL B 53 -58.78 55.73 -39.45
CA VAL B 53 -58.05 54.78 -40.30
C VAL B 53 -58.71 53.41 -40.26
N ASN B 54 -59.12 52.96 -39.08
CA ASN B 54 -59.81 51.68 -38.97
C ASN B 54 -61.13 51.69 -39.70
N THR B 55 -61.87 52.79 -39.61
CA THR B 55 -63.12 52.92 -40.35
C THR B 55 -62.88 52.85 -41.86
N ARG B 56 -61.85 53.55 -42.33
CA ARG B 56 -61.55 53.56 -43.76
C ARG B 56 -61.10 52.18 -44.25
N LEU B 57 -60.28 51.49 -43.44
CA LEU B 57 -59.83 50.15 -43.80
C LEU B 57 -60.99 49.17 -43.83
N ARG B 58 -61.89 49.27 -42.84
CA ARG B 58 -63.04 48.38 -42.79
C ARG B 58 -63.97 48.66 -43.96
N GLU B 59 -64.05 49.92 -44.37
CA GLU B 59 -64.86 50.28 -45.53
C GLU B 59 -64.25 49.71 -46.81
N LEU B 60 -62.93 49.58 -46.85
CA LEU B 60 -62.22 49.04 -48.00
C LEU B 60 -62.22 47.53 -48.04
N GLY B 61 -62.70 46.87 -46.99
CA GLY B 61 -62.57 45.43 -46.89
C GLY B 61 -61.19 44.96 -46.49
N VAL B 62 -60.34 45.87 -46.08
CA VAL B 62 -58.99 45.57 -45.62
C VAL B 62 -59.06 45.34 -44.12
N ALA B 63 -58.29 44.35 -43.63
CA ALA B 63 -58.25 44.05 -42.21
C ALA B 63 -57.71 45.24 -41.42
N PRO B 64 -58.42 45.70 -40.39
CA PRO B 64 -58.01 46.90 -39.65
C PRO B 64 -56.79 46.64 -38.77
N LEU B 65 -56.26 47.74 -38.24
CA LEU B 65 -55.14 47.72 -37.32
C LEU B 65 -55.50 47.10 -35.99
N GLU B 66 -54.53 46.40 -35.39
CA GLU B 66 -54.74 45.68 -34.14
C GLU B 66 -53.56 45.92 -33.21
N ALA B 67 -53.86 45.97 -31.91
CA ALA B 67 -52.86 46.15 -30.87
C ALA B 67 -52.28 44.79 -30.46
N LYS B 68 -51.12 44.45 -31.03
CA LYS B 68 -50.48 43.16 -30.79
C LYS B 68 -49.81 43.14 -29.42
N GLY B 69 -50.57 42.71 -28.42
CA GLY B 69 -50.16 42.69 -27.03
C GLY B 69 -49.91 44.07 -26.43
N ARG B 70 -49.11 44.08 -25.37
CA ARG B 70 -48.72 45.32 -24.73
C ARG B 70 -47.77 46.13 -25.60
N GLY B 71 -48.05 47.42 -25.68
CA GLY B 71 -47.38 48.28 -26.63
C GLY B 71 -48.15 49.60 -26.72
N ARG B 72 -47.80 50.40 -27.70
CA ARG B 72 -48.48 51.67 -27.84
C ARG B 72 -48.55 52.09 -29.30
N TRP B 73 -49.63 52.78 -29.64
CA TRP B 73 -49.82 53.33 -30.96
C TRP B 73 -49.03 54.63 -31.11
N MET B 74 -48.27 54.72 -32.20
CA MET B 74 -47.32 55.81 -32.39
C MET B 74 -47.26 56.17 -33.87
N LEU B 75 -46.77 57.38 -34.12
CA LEU B 75 -46.60 57.89 -35.47
C LEU B 75 -45.14 58.17 -35.70
N CYS B 76 -44.64 57.75 -36.85
CA CYS B 76 -43.26 57.99 -37.24
C CYS B 76 -43.19 58.76 -38.54
N LEU B 77 -42.10 59.51 -38.69
CA LEU B 77 -41.67 59.94 -40.00
C LEU B 77 -41.36 58.72 -40.86
N VAL B 78 -41.42 58.90 -42.18
CA VAL B 78 -41.14 57.80 -43.10
C VAL B 78 -39.71 57.30 -42.96
N ASP B 79 -38.78 58.14 -42.50
CA ASP B 79 -37.43 57.66 -42.24
C ASP B 79 -37.37 56.72 -41.05
N GLY B 80 -38.38 56.76 -40.18
CA GLY B 80 -38.54 55.76 -39.15
C GLY B 80 -38.65 56.31 -37.73
N THR B 81 -38.20 57.55 -37.52
CA THR B 81 -38.12 58.09 -36.17
C THR B 81 -39.52 58.43 -35.66
N PRO B 82 -39.86 58.06 -34.42
CA PRO B 82 -41.15 58.44 -33.87
C PRO B 82 -41.25 59.92 -33.55
N LEU B 83 -42.46 60.44 -33.74
CA LEU B 83 -42.79 61.78 -33.30
C LEU B 83 -42.93 61.84 -31.78
N ARG B 84 -42.57 63.00 -31.22
CA ARG B 84 -42.80 63.36 -29.82
C ARG B 84 -44.28 63.49 -29.49
N PRO B 85 -44.85 62.58 -28.69
CA PRO B 85 -46.31 62.61 -28.47
C PRO B 85 -46.75 63.83 -27.69
N ASN B 86 -45.95 64.25 -26.71
CA ASN B 86 -46.12 65.46 -25.93
C ASN B 86 -45.93 66.74 -26.73
N LEU B 87 -45.54 66.66 -27.99
CA LEU B 87 -45.30 67.85 -28.79
C LEU B 87 -46.22 67.86 -29.99
N SER B 88 -46.54 69.07 -30.45
CA SER B 88 -47.28 69.29 -31.65
C SER B 88 -46.42 69.15 -32.91
N LEU B 89 -47.12 69.02 -34.04
CA LEU B 89 -46.52 68.92 -35.36
C LEU B 89 -45.60 70.09 -35.67
N THR B 90 -45.99 71.29 -35.27
CA THR B 90 -45.23 72.51 -35.53
C THR B 90 -43.79 72.43 -35.01
N GLU B 91 -43.62 72.30 -33.71
CA GLU B 91 -42.29 72.40 -33.10
C GLU B 91 -41.40 71.20 -33.41
N GLN B 92 -41.96 70.13 -33.97
CA GLN B 92 -41.16 69.02 -34.48
C GLN B 92 -41.13 68.99 -36.00
N GLU B 93 -41.42 70.13 -36.64
CA GLU B 93 -41.14 70.38 -38.05
C GLU B 93 -41.94 69.49 -39.00
N VAL B 94 -43.11 69.01 -38.56
CA VAL B 94 -44.04 68.40 -39.50
C VAL B 94 -44.68 69.55 -40.30
N TYR B 95 -44.38 69.60 -41.59
CA TYR B 95 -44.95 70.60 -42.48
C TYR B 95 -46.00 69.96 -43.38
N ASP B 96 -46.75 70.82 -44.06
CA ASP B 96 -47.67 70.40 -45.10
C ASP B 96 -46.94 69.63 -46.20
N GLY B 97 -47.59 68.58 -46.70
CA GLY B 97 -47.00 67.74 -47.73
C GLY B 97 -46.04 66.70 -47.23
N ASP B 98 -45.77 66.66 -45.93
CA ASP B 98 -45.01 65.57 -45.33
C ASP B 98 -45.84 64.30 -45.28
N ARG B 99 -45.18 63.19 -44.93
CA ARG B 99 -45.85 61.92 -44.74
C ARG B 99 -45.49 61.35 -43.38
N LEU B 100 -46.40 60.54 -42.83
CA LEU B 100 -46.19 59.90 -41.54
C LEU B 100 -46.55 58.43 -41.61
N TRP B 101 -45.84 57.62 -40.83
CA TRP B 101 -46.08 56.19 -40.73
C TRP B 101 -46.68 55.88 -39.35
N LEU B 102 -47.90 55.34 -39.36
CA LEU B 102 -48.58 54.94 -38.13
C LEU B 102 -48.24 53.51 -37.74
N LYS B 103 -47.88 53.32 -36.47
CA LYS B 103 -47.45 52.01 -35.98
C LYS B 103 -48.04 51.76 -34.60
N PHE B 104 -48.19 50.48 -34.28
CA PHE B 104 -48.22 50.00 -32.90
C PHE B 104 -46.82 49.53 -32.52
N LEU B 105 -46.11 50.33 -31.73
CA LEU B 105 -44.79 49.92 -31.26
C LEU B 105 -44.93 48.82 -30.21
N GLU B 106 -44.23 47.71 -30.43
CA GLU B 106 -44.11 46.68 -29.42
C GLU B 106 -43.41 47.21 -28.18
N ASP B 107 -43.87 46.76 -27.00
CA ASP B 107 -43.24 47.12 -25.73
C ASP B 107 -41.77 46.73 -25.72
N THR B 108 -40.92 47.68 -25.31
CA THR B 108 -39.50 47.43 -25.13
C THR B 108 -39.10 46.77 -23.81
N GLU B 109 -39.78 47.06 -22.71
CA GLU B 109 -39.22 46.74 -21.39
C GLU B 109 -39.25 45.26 -21.07
N HIS B 110 -38.19 44.81 -20.39
CA HIS B 110 -38.04 43.45 -19.90
C HIS B 110 -36.99 43.49 -18.79
N ARG B 111 -36.80 42.33 -18.14
CA ARG B 111 -35.72 42.19 -17.17
C ARG B 111 -34.37 42.52 -17.78
N SER B 112 -33.60 43.33 -17.08
CA SER B 112 -32.23 43.62 -17.48
C SER B 112 -31.30 42.55 -16.91
N GLU B 113 -30.90 41.61 -17.76
CA GLU B 113 -30.15 40.45 -17.33
C GLU B 113 -28.77 40.85 -16.81
N VAL B 114 -28.16 39.96 -16.04
CA VAL B 114 -26.83 40.20 -15.49
C VAL B 114 -26.01 38.91 -15.53
N ILE B 115 -24.82 38.99 -16.10
CA ILE B 115 -23.84 37.92 -16.02
C ILE B 115 -22.73 38.40 -15.10
N GLU B 116 -22.63 37.77 -13.93
CA GLU B 116 -21.76 38.30 -12.89
C GLU B 116 -20.28 38.06 -13.20
N HIS B 117 -19.94 36.91 -13.79
CA HIS B 117 -18.55 36.60 -14.04
C HIS B 117 -18.09 37.40 -15.24
N ILE B 118 -16.92 38.04 -15.10
CA ILE B 118 -16.40 38.93 -16.13
C ILE B 118 -16.18 38.21 -17.46
N SER B 119 -15.56 37.03 -17.43
CA SER B 119 -15.18 36.34 -18.66
C SER B 119 -16.40 35.92 -19.48
N THR B 120 -17.41 35.38 -18.81
CA THR B 120 -18.63 34.95 -19.49
C THR B 120 -19.42 36.15 -20.01
N ALA B 121 -19.42 37.25 -19.26
CA ALA B 121 -20.07 38.46 -19.75
C ALA B 121 -19.39 39.02 -20.98
N VAL B 122 -18.05 39.02 -21.01
CA VAL B 122 -17.33 39.45 -22.21
C VAL B 122 -17.72 38.59 -23.40
N ALA B 123 -17.63 37.27 -23.22
CA ALA B 123 -17.86 36.36 -24.33
C ALA B 123 -19.27 36.50 -24.87
N THR B 124 -20.26 36.53 -23.98
CA THR B 124 -21.64 36.60 -24.45
C THR B 124 -21.96 37.96 -25.06
N ASN B 125 -21.36 39.05 -24.58
CA ASN B 125 -21.66 40.35 -25.15
C ASN B 125 -21.07 40.49 -26.54
N LEU B 126 -19.80 40.10 -26.69
CA LEU B 126 -19.19 40.11 -28.02
C LEU B 126 -19.93 39.20 -28.99
N SER B 127 -20.20 37.95 -28.58
CA SER B 127 -20.88 37.04 -29.48
C SER B 127 -22.26 37.56 -29.87
N LYS B 128 -22.94 38.24 -28.96
CA LYS B 128 -24.27 38.71 -29.25
C LYS B 128 -24.22 39.91 -30.19
N ARG B 129 -23.17 40.72 -30.11
CA ARG B 129 -23.20 42.05 -30.68
C ARG B 129 -22.34 42.23 -31.93
N PHE B 130 -21.38 41.34 -32.18
CA PHE B 130 -20.56 41.40 -33.38
C PHE B 130 -20.68 40.13 -34.21
N ALA B 131 -20.17 40.19 -35.43
CA ALA B 131 -20.32 39.12 -36.40
C ALA B 131 -19.03 38.36 -36.61
N PRO B 132 -19.07 37.03 -36.46
CA PRO B 132 -17.86 36.22 -36.66
C PRO B 132 -17.49 36.13 -38.13
N ILE B 133 -16.29 35.62 -38.38
CA ILE B 133 -15.93 35.20 -39.72
C ILE B 133 -16.80 34.01 -40.11
N ASP B 134 -17.07 33.89 -41.41
CA ASP B 134 -17.99 32.91 -41.97
C ASP B 134 -17.48 32.54 -43.35
N PRO B 135 -17.72 31.30 -43.80
CA PRO B 135 -17.20 30.88 -45.11
C PRO B 135 -17.70 31.69 -46.28
N VAL B 136 -18.91 32.24 -46.17
CA VAL B 136 -19.42 33.19 -47.16
C VAL B 136 -18.47 34.37 -47.29
N VAL B 137 -18.01 34.90 -46.16
CA VAL B 137 -17.04 35.99 -46.20
C VAL B 137 -15.69 35.47 -46.66
N ALA B 138 -15.34 34.25 -46.26
CA ALA B 138 -14.01 33.73 -46.52
C ALA B 138 -13.75 33.56 -48.00
N VAL B 139 -14.75 33.10 -48.75
CA VAL B 139 -14.57 32.94 -50.18
C VAL B 139 -14.39 34.28 -50.86
N GLN B 140 -15.12 35.30 -50.41
CA GLN B 140 -14.93 36.64 -50.96
C GLN B 140 -13.55 37.19 -50.65
N VAL B 141 -13.05 36.92 -49.45
CA VAL B 141 -11.71 37.36 -49.09
C VAL B 141 -10.67 36.69 -49.98
N GLY B 142 -10.83 35.38 -50.21
CA GLY B 142 -9.90 34.69 -51.09
C GLY B 142 -9.93 35.24 -52.50
N ALA B 143 -11.13 35.55 -53.00
CA ALA B 143 -11.25 36.13 -54.33
C ALA B 143 -10.59 37.50 -54.40
N THR B 144 -10.77 38.30 -53.37
CA THR B 144 -10.14 39.61 -53.33
C THR B 144 -8.63 39.50 -53.34
N MET B 145 -8.10 38.56 -52.55
CA MET B 145 -6.66 38.47 -52.45
C MET B 145 -6.04 37.89 -53.71
N VAL B 146 -6.74 36.97 -54.39
CA VAL B 146 -6.20 36.48 -55.65
C VAL B 146 -6.36 37.52 -56.76
N ALA B 147 -7.37 38.37 -56.66
CA ALA B 147 -7.45 39.51 -57.58
C ALA B 147 -6.28 40.44 -57.41
N VAL B 148 -5.97 40.81 -56.17
CA VAL B 148 -4.83 41.68 -55.90
C VAL B 148 -3.54 41.04 -56.39
N GLY B 149 -3.40 39.73 -56.17
CA GLY B 149 -2.21 39.04 -56.62
C GLY B 149 -2.05 39.05 -58.13
N VAL B 150 -3.16 38.84 -58.86
CA VAL B 150 -3.00 38.74 -60.31
C VAL B 150 -2.83 40.13 -60.92
N LEU B 151 -3.41 41.18 -60.34
CA LEU B 151 -3.05 42.52 -60.79
C LEU B 151 -1.59 42.85 -60.51
N LEU B 152 -1.06 42.44 -59.36
CA LEU B 152 0.37 42.65 -59.14
C LEU B 152 1.21 41.90 -60.15
N GLY B 153 0.83 40.67 -60.47
CA GLY B 153 1.61 39.90 -61.44
C GLY B 153 1.55 40.51 -62.83
N SER B 154 0.37 40.94 -63.27
CA SER B 154 0.23 41.55 -64.58
C SER B 154 0.95 42.88 -64.66
N ALA B 155 0.83 43.72 -63.63
CA ALA B 155 1.55 44.99 -63.62
C ALA B 155 3.04 44.77 -63.55
N LEU B 156 3.46 43.69 -62.91
CA LEU B 156 4.88 43.38 -62.81
C LEU B 156 5.44 42.94 -64.14
N LEU B 157 4.70 42.10 -64.87
CA LEU B 157 5.11 41.72 -66.21
C LEU B 157 5.12 42.91 -67.15
N GLY B 158 4.17 43.82 -66.97
CA GLY B 158 4.20 45.05 -67.75
C GLY B 158 5.41 45.89 -67.44
N TRP B 159 5.81 45.95 -66.16
CA TRP B 159 7.03 46.67 -65.80
C TRP B 159 8.26 46.02 -66.42
N TRP B 160 8.31 44.70 -66.43
CA TRP B 160 9.47 44.03 -67.02
C TRP B 160 9.54 44.24 -68.52
N ARG B 161 8.40 44.17 -69.21
CA ARG B 161 8.40 44.42 -70.64
C ARG B 161 8.67 45.89 -70.96
N TRP B 162 8.32 46.79 -70.04
CA TRP B 162 8.73 48.18 -70.16
C TRP B 162 10.24 48.32 -70.01
N GLN B 163 10.83 47.56 -69.10
CA GLN B 163 12.26 47.68 -68.85
C GLN B 163 13.07 46.85 -69.82
N HIS B 164 12.58 45.66 -70.19
CA HIS B 164 13.35 44.75 -71.01
C HIS B 164 12.55 44.34 -72.22
N GLU B 165 13.27 43.99 -73.29
CA GLU B 165 12.67 43.67 -74.57
C GLU B 165 12.34 42.19 -74.73
N SER B 166 12.14 41.48 -73.63
CA SER B 166 11.94 40.04 -73.70
C SER B 166 10.53 39.74 -74.20
N TRP B 167 10.45 38.83 -75.18
CA TRP B 167 9.16 38.38 -75.67
C TRP B 167 8.49 37.41 -74.70
N LEU B 168 9.30 36.75 -73.86
CA LEU B 168 8.80 35.68 -73.00
C LEU B 168 7.75 36.09 -71.96
N PRO B 169 7.69 37.32 -71.42
CA PRO B 169 6.57 37.65 -70.51
C PRO B 169 5.16 37.49 -71.07
N ALA B 170 4.98 37.70 -72.37
CA ALA B 170 3.63 37.61 -72.94
C ALA B 170 3.01 36.21 -72.84
N PRO B 171 3.71 35.09 -73.08
CA PRO B 171 3.11 33.79 -72.75
C PRO B 171 2.69 33.62 -71.30
N PHE B 172 3.47 34.11 -70.33
CA PHE B 172 3.07 34.00 -68.93
C PHE B 172 1.80 34.77 -68.66
N ALA B 173 1.73 36.00 -69.17
CA ALA B 173 0.52 36.81 -68.98
C ALA B 173 -0.69 36.14 -69.64
N ALA B 174 -0.50 35.59 -70.83
CA ALA B 174 -1.59 34.92 -71.52
C ALA B 174 -2.08 33.69 -70.77
N VAL B 175 -1.15 32.88 -70.25
CA VAL B 175 -1.56 31.65 -69.60
C VAL B 175 -2.25 31.94 -68.27
N ILE B 176 -1.76 32.92 -67.51
CA ILE B 176 -2.44 33.21 -66.25
C ILE B 176 -3.81 33.81 -66.52
N ALA B 177 -3.92 34.62 -67.59
CA ALA B 177 -5.21 35.19 -67.94
C ALA B 177 -6.21 34.12 -68.33
N VAL B 178 -5.78 33.16 -69.14
CA VAL B 178 -6.74 32.15 -69.59
C VAL B 178 -7.15 31.23 -68.44
N LEU B 179 -6.21 30.93 -67.52
CA LEU B 179 -6.58 30.11 -66.37
C LEU B 179 -7.59 30.80 -65.48
N VAL B 180 -7.34 32.07 -65.13
CA VAL B 180 -8.28 32.73 -64.23
C VAL B 180 -9.60 33.02 -64.93
N LEU B 181 -9.58 33.23 -66.25
CA LEU B 181 -10.84 33.50 -66.95
C LEU B 181 -11.69 32.24 -67.06
N THR B 182 -11.07 31.09 -67.32
CA THR B 182 -11.85 29.85 -67.32
C THR B 182 -12.38 29.52 -65.93
N VAL B 183 -11.57 29.78 -64.89
CA VAL B 183 -12.04 29.54 -63.53
C VAL B 183 -13.22 30.45 -63.21
N ALA B 184 -13.15 31.72 -63.60
CA ALA B 184 -14.24 32.65 -63.36
C ALA B 184 -15.49 32.21 -64.11
N THR B 185 -15.33 31.76 -65.35
CA THR B 185 -16.47 31.32 -66.13
C THR B 185 -17.12 30.09 -65.53
N MET B 186 -16.31 29.14 -65.06
CA MET B 186 -16.88 27.94 -64.43
C MET B 186 -17.60 28.28 -63.14
N ILE B 187 -17.06 29.21 -62.36
CA ILE B 187 -17.73 29.62 -61.13
C ILE B 187 -19.03 30.34 -61.44
N LEU B 188 -19.03 31.20 -62.46
CA LEU B 188 -20.23 31.93 -62.82
C LEU B 188 -21.30 31.01 -63.37
N ALA B 189 -20.89 29.97 -64.10
CA ALA B 189 -21.88 29.05 -64.64
C ALA B 189 -22.42 28.12 -63.57
N ARG B 190 -21.53 27.46 -62.83
CA ARG B 190 -21.97 26.46 -61.86
C ARG B 190 -22.63 27.10 -60.65
N SER B 191 -22.02 28.15 -60.10
CA SER B 191 -22.45 28.72 -58.83
C SER B 191 -23.19 30.04 -59.02
N LYS B 192 -24.02 30.13 -60.05
CA LYS B 192 -24.79 31.35 -60.25
C LYS B 192 -25.92 31.50 -59.24
N THR B 193 -26.19 30.48 -58.43
CA THR B 193 -27.40 30.42 -57.60
C THR B 193 -27.41 31.39 -56.44
N VAL B 194 -26.30 32.06 -56.15
CA VAL B 194 -26.20 32.89 -54.96
C VAL B 194 -25.72 34.28 -55.36
N PRO B 195 -26.00 35.29 -54.54
CA PRO B 195 -25.36 36.60 -54.70
C PRO B 195 -23.87 36.61 -54.40
N ASP B 196 -23.30 35.47 -54.03
CA ASP B 196 -21.87 35.29 -53.96
C ASP B 196 -21.23 34.95 -55.30
N ARG B 197 -21.95 35.17 -56.39
CA ARG B 197 -21.37 35.12 -57.72
C ARG B 197 -20.49 36.34 -57.97
N ARG B 198 -20.49 37.30 -57.04
CA ARG B 198 -19.52 38.37 -57.11
C ARG B 198 -18.10 37.87 -56.95
N VAL B 199 -17.91 36.64 -56.45
CA VAL B 199 -16.60 36.02 -56.49
C VAL B 199 -16.16 35.85 -57.93
N GLY B 200 -17.07 35.37 -58.78
CA GLY B 200 -16.77 35.22 -60.18
C GLY B 200 -16.58 36.57 -60.85
N ASP B 201 -17.38 37.55 -60.44
CA ASP B 201 -17.23 38.88 -61.02
C ASP B 201 -15.87 39.48 -60.67
N ILE B 202 -15.41 39.30 -59.44
CA ILE B 202 -14.10 39.78 -59.02
C ILE B 202 -13.01 39.09 -59.81
N LEU B 203 -13.13 37.78 -59.99
CA LEU B 203 -12.12 37.07 -60.77
C LEU B 203 -12.09 37.51 -62.22
N LEU B 204 -13.26 37.80 -62.80
CA LEU B 204 -13.29 38.20 -64.21
C LEU B 204 -12.69 39.60 -64.39
N LEU B 205 -13.08 40.53 -63.51
CA LEU B 205 -12.43 41.85 -63.46
C LEU B 205 -10.93 41.72 -63.27
N SER B 206 -10.51 40.76 -62.47
CA SER B 206 -9.09 40.60 -62.20
C SER B 206 -8.37 40.03 -63.40
N GLY B 207 -9.02 39.14 -64.13
CA GLY B 207 -8.36 38.41 -65.19
C GLY B 207 -8.41 39.05 -66.55
N LEU B 208 -9.24 40.08 -66.73
CA LEU B 208 -9.18 40.79 -68.00
C LEU B 208 -7.88 41.59 -68.14
N VAL B 209 -7.29 42.00 -67.03
CA VAL B 209 -6.05 42.78 -67.05
C VAL B 209 -4.84 41.99 -67.57
N PRO B 210 -4.55 40.76 -67.09
CA PRO B 210 -3.42 40.04 -67.70
C PRO B 210 -3.61 39.72 -69.16
N LEU B 211 -4.86 39.52 -69.60
CA LEU B 211 -5.14 39.37 -71.02
C LEU B 211 -4.75 40.63 -71.78
N ALA B 212 -5.07 41.80 -71.22
CA ALA B 212 -4.75 43.06 -71.87
C ALA B 212 -3.24 43.24 -71.98
N VAL B 213 -2.51 42.91 -70.91
CA VAL B 213 -1.07 43.11 -70.98
C VAL B 213 -0.41 42.01 -71.82
N ALA B 214 -1.06 40.85 -71.96
CA ALA B 214 -0.52 39.81 -72.83
C ALA B 214 -0.65 40.21 -74.29
N ILE B 215 -1.81 40.75 -74.67
CA ILE B 215 -1.98 41.23 -76.04
C ILE B 215 -1.06 42.42 -76.30
N ALA B 216 -0.93 43.31 -75.31
CA ALA B 216 -0.09 44.49 -75.49
C ALA B 216 1.38 44.14 -75.65
N ALA B 217 1.86 43.13 -74.90
CA ALA B 217 3.27 42.79 -74.95
C ALA B 217 3.67 42.09 -76.24
N THR B 218 2.71 41.65 -77.05
CA THR B 218 3.06 41.07 -78.35
C THR B 218 3.47 42.11 -79.37
N ALA B 219 3.27 43.39 -79.10
CA ALA B 219 3.73 44.42 -80.02
C ALA B 219 5.25 44.49 -79.99
N PRO B 220 5.93 44.27 -81.11
CA PRO B 220 7.39 44.23 -81.10
C PRO B 220 8.01 45.61 -80.99
N GLY B 221 9.33 45.61 -80.84
CA GLY B 221 10.09 46.83 -80.71
C GLY B 221 9.99 47.40 -79.32
N PRO B 222 10.47 48.62 -79.13
CA PRO B 222 10.39 49.24 -77.79
C PRO B 222 8.95 49.53 -77.42
N VAL B 223 8.69 49.51 -76.12
CA VAL B 223 7.35 49.73 -75.63
C VAL B 223 6.98 51.20 -75.83
N GLY B 224 5.69 51.45 -76.01
CA GLY B 224 5.23 52.82 -76.19
C GLY B 224 3.78 52.89 -76.57
N ALA B 225 3.46 53.87 -77.40
CA ALA B 225 2.09 54.07 -77.88
C ALA B 225 1.45 52.86 -78.57
N PRO B 226 2.11 52.07 -79.45
CA PRO B 226 1.41 50.91 -80.03
C PRO B 226 0.98 49.88 -79.00
N HIS B 227 1.85 49.57 -78.05
CA HIS B 227 1.50 48.69 -76.95
C HIS B 227 0.34 49.26 -76.13
N ALA B 228 0.39 50.57 -75.87
CA ALA B 228 -0.66 51.20 -75.07
C ALA B 228 -2.00 51.14 -75.77
N VAL B 229 -2.04 51.50 -77.05
CA VAL B 229 -3.31 51.53 -77.76
C VAL B 229 -3.86 50.12 -77.92
N LEU B 230 -2.99 49.13 -78.12
CA LEU B 230 -3.46 47.77 -78.28
C LEU B 230 -4.02 47.21 -76.97
N GLY B 231 -3.30 47.40 -75.87
CA GLY B 231 -3.76 46.91 -74.58
C GLY B 231 -5.04 47.58 -74.11
N PHE B 232 -5.09 48.92 -74.18
CA PHE B 232 -6.30 49.60 -73.76
C PHE B 232 -7.48 49.30 -74.68
N GLY B 233 -7.24 49.16 -75.98
CA GLY B 233 -8.32 48.79 -76.87
C GLY B 233 -8.90 47.43 -76.57
N VAL B 234 -8.04 46.43 -76.37
CA VAL B 234 -8.57 45.09 -76.10
C VAL B 234 -9.23 45.03 -74.72
N PHE B 235 -8.71 45.78 -73.74
CA PHE B 235 -9.32 45.75 -72.42
C PHE B 235 -10.67 46.43 -72.43
N GLY B 236 -10.79 47.55 -73.16
CA GLY B 236 -12.08 48.20 -73.31
C GLY B 236 -13.07 47.37 -74.08
N VAL B 237 -12.60 46.63 -75.09
CA VAL B 237 -13.48 45.75 -75.85
C VAL B 237 -14.03 44.64 -74.96
N ALA B 238 -13.16 44.03 -74.14
CA ALA B 238 -13.64 43.00 -73.22
C ALA B 238 -14.60 43.58 -72.18
N ALA B 239 -14.32 44.79 -71.70
CA ALA B 239 -15.22 45.43 -70.76
C ALA B 239 -16.54 45.79 -71.41
N MET B 240 -16.56 45.98 -72.72
CA MET B 240 -17.83 46.22 -73.38
C MET B 240 -18.59 44.92 -73.57
N LEU B 241 -17.89 43.83 -73.86
CA LEU B 241 -18.57 42.54 -74.02
C LEU B 241 -19.20 42.05 -72.73
N VAL B 242 -18.52 42.25 -71.60
CA VAL B 242 -19.04 41.72 -70.34
C VAL B 242 -20.34 42.41 -69.92
N MET B 243 -20.64 43.59 -70.47
CA MET B 243 -21.98 44.16 -70.36
C MET B 243 -23.03 43.25 -70.97
N ARG B 244 -22.84 42.86 -72.22
CA ARG B 244 -23.90 42.13 -72.89
C ARG B 244 -23.95 40.69 -72.42
N PHE B 245 -22.81 40.12 -72.03
CA PHE B 245 -22.86 38.74 -71.58
C PHE B 245 -23.23 38.58 -70.11
N THR B 246 -22.86 39.52 -69.25
CA THR B 246 -23.20 39.41 -67.84
C THR B 246 -24.15 40.49 -67.36
N GLY B 247 -23.78 41.76 -67.53
CA GLY B 247 -24.62 42.82 -67.06
C GLY B 247 -24.58 43.01 -65.56
N ARG B 248 -23.50 42.58 -64.92
CA ARG B 248 -23.34 42.68 -63.47
C ARG B 248 -22.15 43.54 -63.13
N ARG B 249 -22.32 44.36 -62.09
CA ARG B 249 -21.29 45.27 -61.57
C ARG B 249 -20.75 46.14 -62.69
N LEU B 250 -21.64 46.96 -63.21
CA LEU B 250 -21.42 47.66 -64.46
C LEU B 250 -20.88 49.07 -64.30
N GLY B 251 -20.86 49.61 -63.09
CA GLY B 251 -20.27 50.92 -62.89
C GLY B 251 -18.77 50.89 -63.10
N VAL B 252 -18.10 49.87 -62.56
CA VAL B 252 -16.66 49.79 -62.65
C VAL B 252 -16.24 49.54 -64.10
N TYR B 253 -16.99 48.70 -64.81
CA TYR B 253 -16.72 48.48 -66.22
C TYR B 253 -17.03 49.70 -67.06
N THR B 254 -18.01 50.52 -66.64
CA THR B 254 -18.27 51.77 -67.35
C THR B 254 -17.11 52.73 -67.21
N ALA B 255 -16.57 52.86 -66.00
CA ALA B 255 -15.40 53.70 -65.79
C ALA B 255 -14.20 53.18 -66.58
N LEU B 256 -14.02 51.85 -66.60
CA LEU B 256 -12.91 51.27 -67.33
C LEU B 256 -13.05 51.47 -68.83
N VAL B 257 -14.26 51.35 -69.37
CA VAL B 257 -14.40 51.52 -70.81
C VAL B 257 -14.28 52.99 -71.18
N THR B 258 -14.63 53.89 -70.27
CA THR B 258 -14.37 55.31 -70.49
C THR B 258 -12.87 55.59 -70.58
N LEU B 259 -12.11 55.06 -69.62
CA LEU B 259 -10.67 55.25 -69.62
C LEU B 259 -10.02 54.61 -70.85
N CYS B 260 -10.49 53.42 -71.24
CA CYS B 260 -9.90 52.78 -72.41
C CYS B 260 -10.27 53.48 -73.70
N ALA B 261 -11.46 54.07 -73.78
CA ALA B 261 -11.83 54.84 -74.96
C ALA B 261 -10.90 56.04 -75.13
N ALA B 262 -10.64 56.76 -74.03
CA ALA B 262 -9.75 57.90 -74.11
C ALA B 262 -8.31 57.48 -74.43
N ALA B 263 -7.85 56.40 -73.80
CA ALA B 263 -6.48 55.95 -74.03
C ALA B 263 -6.29 55.45 -75.47
N THR B 264 -7.31 54.76 -76.01
CA THR B 264 -7.23 54.31 -77.39
C THR B 264 -7.26 55.47 -78.37
N ALA B 265 -8.06 56.51 -78.07
CA ALA B 265 -8.06 57.70 -78.92
C ALA B 265 -6.70 58.39 -78.90
N ALA B 266 -6.03 58.38 -77.75
CA ALA B 266 -4.69 58.94 -77.69
C ALA B 266 -3.69 58.08 -78.45
N GLY B 267 -3.81 56.76 -78.35
CA GLY B 267 -2.86 55.90 -79.03
C GLY B 267 -2.98 55.97 -80.53
N LEU B 268 -4.22 56.01 -81.05
CA LEU B 268 -4.40 56.20 -82.48
C LEU B 268 -3.93 57.58 -82.92
N ALA B 269 -4.06 58.59 -82.05
CA ALA B 269 -3.55 59.90 -82.41
C ALA B 269 -2.03 59.94 -82.43
N ARG B 270 -1.37 59.08 -81.64
CA ARG B 270 0.08 59.04 -81.68
C ARG B 270 0.63 58.10 -82.74
N MET B 271 -0.19 57.19 -83.27
CA MET B 271 0.24 56.35 -84.38
C MET B 271 -0.15 56.88 -85.76
N VAL B 272 -1.43 57.18 -85.98
CA VAL B 272 -1.83 57.73 -87.26
C VAL B 272 -1.23 59.11 -87.49
N LEU B 273 -1.14 59.91 -86.43
CA LEU B 273 -0.48 61.21 -86.50
C LEU B 273 0.75 61.20 -85.59
N LEU B 274 1.49 62.29 -85.60
CA LEU B 274 2.62 62.49 -84.71
C LEU B 274 2.37 63.68 -83.80
N THR B 275 1.16 63.77 -83.27
CA THR B 275 0.75 64.90 -82.46
C THR B 275 1.51 64.96 -81.14
N SER B 276 1.66 66.17 -80.62
CA SER B 276 2.32 66.35 -79.34
C SER B 276 1.40 65.92 -78.21
N ALA B 277 2.00 65.76 -77.03
CA ALA B 277 1.23 65.32 -75.87
C ALA B 277 0.28 66.39 -75.39
N VAL B 278 0.68 67.67 -75.50
CA VAL B 278 -0.13 68.77 -75.00
C VAL B 278 -1.40 68.91 -75.81
N THR B 279 -1.28 68.81 -77.14
CA THR B 279 -2.44 68.81 -78.03
C THR B 279 -3.44 67.73 -77.65
N LEU B 280 -2.93 66.54 -77.34
CA LEU B 280 -3.81 65.42 -77.04
C LEU B 280 -4.47 65.58 -75.68
N LEU B 281 -3.72 66.07 -74.70
CA LEU B 281 -4.29 66.31 -73.39
C LEU B 281 -5.38 67.37 -73.42
N THR B 282 -5.17 68.44 -74.19
CA THR B 282 -6.22 69.45 -74.35
C THR B 282 -7.43 68.91 -75.11
N CYS B 283 -7.21 68.05 -76.10
CA CYS B 283 -8.31 67.30 -76.72
C CYS B 283 -9.07 66.44 -75.71
N VAL B 284 -8.34 65.76 -74.85
CA VAL B 284 -8.96 64.89 -73.85
C VAL B 284 -9.77 65.70 -72.85
N LEU B 285 -9.23 66.83 -72.38
CA LEU B 285 -9.98 67.73 -71.51
C LEU B 285 -11.26 68.22 -72.17
N LEU B 286 -11.18 68.58 -73.46
CA LEU B 286 -12.35 69.03 -74.18
C LEU B 286 -13.41 67.92 -74.26
N ALA B 287 -12.98 66.71 -74.63
CA ALA B 287 -13.85 65.54 -74.63
C ALA B 287 -14.46 65.29 -73.26
N CYS B 288 -13.68 65.47 -72.19
CA CYS B 288 -14.19 65.32 -70.84
C CYS B 288 -15.32 66.28 -70.53
N VAL B 289 -15.10 67.58 -70.74
CA VAL B 289 -16.11 68.56 -70.35
C VAL B 289 -17.36 68.44 -71.23
N LEU B 290 -17.18 68.10 -72.51
CA LEU B 290 -18.31 67.72 -73.36
C LEU B 290 -19.04 66.50 -72.82
N MET B 291 -18.31 65.48 -72.39
CA MET B 291 -18.97 64.27 -71.92
C MET B 291 -19.68 64.52 -70.60
N TYR B 292 -19.10 65.34 -69.73
CA TYR B 292 -19.77 65.75 -68.50
C TYR B 292 -21.10 66.40 -68.83
N HIS B 293 -21.13 67.23 -69.87
CA HIS B 293 -22.39 67.82 -70.29
C HIS B 293 -23.35 66.74 -70.80
N GLY B 294 -22.83 65.79 -71.59
CA GLY B 294 -23.63 64.71 -72.17
C GLY B 294 -23.91 63.49 -71.30
N ALA B 295 -23.19 63.33 -70.19
CA ALA B 295 -23.26 62.09 -69.40
C ALA B 295 -24.66 61.68 -68.93
N PRO B 296 -25.50 62.54 -68.34
CA PRO B 296 -26.84 62.06 -67.91
C PRO B 296 -27.71 61.56 -69.05
N ALA B 297 -27.71 62.25 -70.19
CA ALA B 297 -28.48 61.78 -71.34
C ALA B 297 -27.95 60.44 -71.85
N LEU B 298 -26.63 60.33 -72.00
CA LEU B 298 -26.02 59.06 -72.40
C LEU B 298 -26.37 57.95 -71.43
N SER B 299 -26.39 58.24 -70.14
CA SER B 299 -26.79 57.26 -69.14
C SER B 299 -28.23 56.82 -69.30
N ARG B 300 -29.14 57.77 -69.55
CA ARG B 300 -30.53 57.38 -69.84
C ARG B 300 -30.68 56.59 -71.13
N TRP B 301 -29.79 56.81 -72.11
CA TRP B 301 -29.75 55.90 -73.25
C TRP B 301 -29.31 54.51 -72.83
N LEU B 302 -28.13 54.41 -72.21
CA LEU B 302 -27.58 53.14 -71.73
C LEU B 302 -28.46 52.44 -70.71
N SER B 303 -29.43 53.14 -70.15
CA SER B 303 -30.42 52.57 -69.25
C SER B 303 -31.24 51.47 -69.90
N GLY B 304 -31.43 51.52 -71.22
CA GLY B 304 -32.29 50.57 -71.89
C GLY B 304 -31.63 49.78 -73.00
N ILE B 305 -30.63 48.95 -72.67
CA ILE B 305 -29.92 48.17 -73.67
C ILE B 305 -30.26 46.68 -73.58
N ARG B 306 -31.31 46.33 -72.83
CA ARG B 306 -31.83 44.97 -72.60
C ARG B 306 -30.76 43.92 -72.34
N LEU B 307 -29.73 44.31 -71.59
CA LEU B 307 -28.73 43.40 -71.08
C LEU B 307 -29.34 42.54 -69.97
N PRO B 308 -28.71 41.41 -69.61
CA PRO B 308 -29.30 40.50 -68.61
C PRO B 308 -29.61 41.16 -67.27
N VAL B 309 -30.51 40.52 -66.53
CA VAL B 309 -31.32 41.21 -65.53
C VAL B 309 -31.04 40.75 -64.11
N PHE B 310 -29.78 40.44 -63.81
CA PHE B 310 -29.41 40.15 -62.43
C PHE B 310 -29.58 41.39 -61.57
N PRO B 311 -30.46 41.37 -60.58
CA PRO B 311 -30.77 42.60 -59.85
C PRO B 311 -29.65 42.95 -58.88
N SER B 312 -29.55 44.23 -58.57
CA SER B 312 -28.56 44.71 -57.62
C SER B 312 -29.13 44.74 -56.21
N ALA B 313 -28.37 45.32 -55.27
CA ALA B 313 -28.63 45.16 -53.85
C ALA B 313 -29.95 45.80 -53.44
N THR B 314 -30.15 47.06 -53.84
CA THR B 314 -31.39 47.75 -53.47
C THR B 314 -32.59 47.10 -54.12
N SER B 315 -32.42 46.70 -55.39
CA SER B 315 -33.51 46.03 -56.09
C SER B 315 -33.81 44.66 -55.49
N ARG B 316 -32.78 43.92 -55.09
CA ARG B 316 -33.00 42.65 -54.39
C ARG B 316 -33.76 42.88 -53.10
N TRP B 317 -33.37 43.90 -52.34
CA TRP B 317 -33.93 44.06 -51.02
C TRP B 317 -35.24 44.82 -51.04
N VAL B 318 -35.63 45.33 -52.21
CA VAL B 318 -37.02 45.70 -52.45
C VAL B 318 -37.82 44.45 -52.86
N PHE B 319 -37.25 43.62 -53.72
CA PHE B 319 -37.96 42.45 -54.24
C PHE B 319 -38.28 41.45 -53.15
N GLU B 320 -37.45 41.39 -52.11
CA GLU B 320 -37.73 40.47 -51.03
C GLU B 320 -38.94 40.89 -50.21
N ALA B 321 -39.27 42.17 -50.20
CA ALA B 321 -40.39 42.67 -49.40
C ALA B 321 -41.71 42.70 -50.16
N ARG B 322 -41.71 42.31 -51.42
CA ARG B 322 -42.89 42.40 -52.28
C ARG B 322 -43.01 41.09 -53.06
N PRO B 323 -44.22 40.78 -53.57
CA PRO B 323 -44.32 39.67 -54.53
C PRO B 323 -43.56 39.92 -55.82
N LEU B 339 -46.14 47.20 -68.36
CA LEU B 339 -46.60 48.58 -68.27
C LEU B 339 -47.74 48.66 -67.26
N GLU B 340 -48.18 47.50 -66.80
CA GLU B 340 -49.16 47.39 -65.73
C GLU B 340 -48.70 46.33 -64.74
N GLY B 341 -49.03 46.53 -63.46
CA GLY B 341 -48.70 45.58 -62.43
C GLY B 341 -47.23 45.41 -62.09
N PRO B 342 -46.93 44.35 -61.32
CA PRO B 342 -45.56 44.08 -60.84
C PRO B 342 -44.44 44.15 -61.86
N ALA B 343 -44.66 43.67 -63.08
CA ALA B 343 -43.59 43.67 -64.06
C ALA B 343 -43.20 45.09 -64.46
N SER B 344 -44.17 46.01 -64.41
CA SER B 344 -43.88 47.41 -64.73
C SER B 344 -43.01 48.07 -63.67
N VAL B 345 -43.39 47.98 -62.39
CA VAL B 345 -42.56 48.53 -61.32
C VAL B 345 -41.19 47.86 -61.30
N ARG B 346 -41.14 46.55 -61.60
CA ARG B 346 -39.85 45.85 -61.62
C ARG B 346 -38.95 46.39 -62.72
N ASP B 347 -39.52 46.59 -63.92
CA ASP B 347 -38.73 47.09 -65.04
C ASP B 347 -38.28 48.50 -64.74
N VAL B 348 -39.17 49.32 -64.18
CA VAL B 348 -38.85 50.72 -63.85
C VAL B 348 -37.70 50.79 -62.86
N LEU B 349 -37.77 49.98 -61.81
CA LEU B 349 -36.75 49.97 -60.77
C LEU B 349 -35.40 49.51 -61.31
N LEU B 350 -35.40 48.41 -62.05
CA LEU B 350 -34.14 47.91 -62.62
C LEU B 350 -33.55 48.92 -63.60
N ARG B 351 -34.40 49.54 -64.41
CA ARG B 351 -33.96 50.55 -65.35
C ARG B 351 -33.33 51.73 -64.65
N ALA B 352 -33.97 52.20 -63.56
CA ALA B 352 -33.46 53.34 -62.82
C ALA B 352 -32.13 53.01 -62.16
N GLU B 353 -31.99 51.81 -61.62
CA GLU B 353 -30.74 51.48 -60.95
C GLU B 353 -29.60 51.30 -61.95
N ARG B 354 -29.91 50.74 -63.12
CA ARG B 354 -28.90 50.65 -64.17
C ARG B 354 -28.46 52.02 -64.64
N ALA B 355 -29.41 52.96 -64.72
CA ALA B 355 -29.08 54.33 -65.06
C ALA B 355 -28.14 54.95 -64.04
N ARG B 356 -28.52 54.86 -62.75
CA ARG B 356 -27.71 55.39 -61.67
C ARG B 356 -26.29 54.81 -61.68
N SER B 357 -26.17 53.50 -61.89
CA SER B 357 -24.85 52.88 -61.88
C SER B 357 -24.01 53.30 -63.07
N PHE B 358 -24.63 53.38 -64.26
CA PHE B 358 -23.89 53.82 -65.45
C PHE B 358 -23.40 55.25 -65.26
N LEU B 359 -24.27 56.11 -64.76
CA LEU B 359 -23.95 57.51 -64.54
C LEU B 359 -22.78 57.65 -63.57
N THR B 360 -22.84 56.93 -62.45
CA THR B 360 -21.77 56.97 -61.46
C THR B 360 -20.44 56.47 -62.04
N GLY B 361 -20.47 55.38 -62.80
CA GLY B 361 -19.24 54.90 -63.42
C GLY B 361 -18.66 55.90 -64.40
N LEU B 362 -19.53 56.51 -65.21
CA LEU B 362 -19.10 57.52 -66.16
C LEU B 362 -18.40 58.67 -65.45
N LEU B 363 -19.06 59.22 -64.43
CA LEU B 363 -18.49 60.35 -63.71
C LEU B 363 -17.15 60.02 -63.07
N VAL B 364 -17.00 58.82 -62.51
CA VAL B 364 -15.70 58.43 -61.98
C VAL B 364 -14.64 58.37 -63.08
N GLY B 365 -14.99 57.79 -64.23
CA GLY B 365 -14.01 57.72 -65.32
C GLY B 365 -13.61 59.08 -65.85
N LEU B 366 -14.59 59.98 -65.99
CA LEU B 366 -14.28 61.35 -66.42
C LEU B 366 -13.43 62.07 -65.38
N GLY B 367 -13.71 61.84 -64.10
CA GLY B 367 -12.93 62.46 -63.04
C GLY B 367 -11.45 62.08 -63.11
N VAL B 368 -11.20 60.78 -63.28
CA VAL B 368 -9.83 60.30 -63.49
C VAL B 368 -9.20 60.94 -64.73
N LEU B 369 -9.93 60.96 -65.85
CA LEU B 369 -9.36 61.53 -67.07
C LEU B 369 -9.06 63.02 -66.91
N THR B 370 -9.95 63.74 -66.23
CA THR B 370 -9.78 65.18 -66.01
C THR B 370 -8.56 65.48 -65.16
N VAL B 371 -8.38 64.75 -64.06
CA VAL B 371 -7.20 65.00 -63.24
C VAL B 371 -5.93 64.56 -63.95
N VAL B 372 -5.97 63.45 -64.69
CA VAL B 372 -4.74 63.02 -65.36
C VAL B 372 -4.33 63.97 -66.49
N CYS B 373 -5.30 64.55 -67.20
CA CYS B 373 -4.95 65.53 -68.23
C CYS B 373 -4.46 66.84 -67.63
N LEU B 374 -5.13 67.35 -66.59
CA LEU B 374 -4.63 68.57 -65.95
C LEU B 374 -3.25 68.38 -65.33
N ALA B 375 -2.98 67.21 -64.75
CA ALA B 375 -1.64 66.92 -64.26
C ALA B 375 -0.62 66.88 -65.38
N GLY B 376 -0.97 66.25 -66.50
CA GLY B 376 -0.07 66.23 -67.65
C GLY B 376 0.18 67.58 -68.28
N LEU B 377 -0.76 68.51 -68.19
CA LEU B 377 -0.54 69.82 -68.82
C LEU B 377 0.37 70.73 -68.01
N CYS B 378 0.16 70.83 -66.70
CA CYS B 378 0.81 71.85 -65.87
C CYS B 378 2.24 71.47 -65.49
N ASP B 379 3.11 71.37 -66.48
CA ASP B 379 4.54 71.41 -66.18
C ASP B 379 4.93 72.79 -65.70
N PRO B 380 5.67 72.89 -64.58
CA PRO B 380 6.09 74.22 -64.11
C PRO B 380 7.16 74.86 -64.96
N HIS B 381 8.00 74.07 -65.63
CA HIS B 381 9.14 74.63 -66.35
C HIS B 381 8.82 74.78 -67.83
N ALA B 382 7.69 75.46 -68.09
CA ALA B 382 7.22 75.80 -69.42
C ALA B 382 6.85 77.26 -69.46
N GLY B 383 7.02 77.88 -70.62
CA GLY B 383 6.72 79.29 -70.79
C GLY B 383 5.25 79.63 -70.82
N ARG B 384 4.39 78.68 -71.17
CA ARG B 384 2.95 78.91 -71.25
C ARG B 384 2.22 78.55 -69.96
N ARG B 385 2.96 78.36 -68.87
CA ARG B 385 2.47 77.66 -67.68
C ARG B 385 1.26 78.34 -67.05
N TRP B 386 1.13 79.67 -67.20
CA TRP B 386 0.02 80.41 -66.61
C TRP B 386 -1.34 79.98 -67.17
N LEU B 387 -1.36 79.56 -68.44
CA LEU B 387 -2.63 79.24 -69.10
C LEU B 387 -3.32 78.00 -68.53
N PRO B 388 -2.67 76.82 -68.45
CA PRO B 388 -3.42 75.65 -67.94
C PRO B 388 -3.89 75.80 -66.51
N LEU B 389 -3.25 76.63 -65.68
CA LEU B 389 -3.82 76.93 -64.38
C LEU B 389 -5.19 77.61 -64.49
N LEU B 390 -5.38 78.45 -65.51
CA LEU B 390 -6.70 79.00 -65.79
C LEU B 390 -7.66 77.91 -66.23
N LEU B 391 -7.18 76.99 -67.08
CA LEU B 391 -7.99 75.84 -67.48
C LEU B 391 -8.43 75.02 -66.27
N ALA B 392 -7.51 74.81 -65.33
CA ALA B 392 -7.80 74.14 -64.07
C ALA B 392 -8.91 74.85 -63.29
N ALA B 393 -8.77 76.16 -63.09
CA ALA B 393 -9.77 76.91 -62.34
C ALA B 393 -11.16 76.86 -63.01
N PHE B 394 -11.20 77.06 -64.33
CA PHE B 394 -12.46 76.97 -65.07
C PHE B 394 -13.11 75.60 -64.92
N THR B 395 -12.32 74.53 -65.07
CA THR B 395 -12.84 73.18 -64.93
C THR B 395 -13.32 72.93 -63.51
N PHE B 396 -12.57 73.43 -62.54
CA PHE B 396 -12.89 73.31 -61.12
C PHE B 396 -14.29 73.88 -60.82
N GLY B 397 -14.53 75.11 -61.27
CA GLY B 397 -15.88 75.67 -61.16
C GLY B 397 -16.94 74.89 -61.91
N PHE B 398 -16.64 74.50 -63.15
CA PHE B 398 -17.60 73.77 -63.97
C PHE B 398 -18.02 72.46 -63.30
N LEU B 399 -17.04 71.72 -62.77
CA LEU B 399 -17.34 70.52 -61.99
C LEU B 399 -18.19 70.83 -60.77
N ILE B 400 -17.93 71.95 -60.08
CA ILE B 400 -18.72 72.27 -58.91
C ILE B 400 -20.18 72.59 -59.26
N LEU B 401 -20.43 73.13 -60.47
CA LEU B 401 -21.81 73.18 -61.00
C LEU B 401 -22.50 71.84 -60.89
N ARG B 402 -21.89 70.82 -61.49
CA ARG B 402 -22.52 69.51 -61.58
C ARG B 402 -22.69 68.91 -60.19
N GLY B 403 -21.65 69.10 -59.35
CA GLY B 403 -21.71 68.67 -57.96
C GLY B 403 -22.89 69.22 -57.20
N ARG B 404 -23.19 70.51 -57.40
CA ARG B 404 -24.39 71.06 -56.76
C ARG B 404 -25.65 70.66 -57.49
N SER B 405 -25.56 70.25 -58.75
CA SER B 405 -26.75 69.97 -59.55
C SER B 405 -27.18 68.51 -59.48
N TYR B 406 -26.24 67.57 -59.42
CA TYR B 406 -26.59 66.15 -59.50
C TYR B 406 -27.04 65.60 -58.16
N VAL B 407 -28.05 64.74 -58.20
CA VAL B 407 -28.82 64.37 -57.00
C VAL B 407 -28.10 63.31 -56.17
N ASP B 408 -27.52 62.28 -56.79
CA ASP B 408 -26.96 61.15 -56.03
C ASP B 408 -25.77 61.63 -55.21
N ARG B 409 -25.82 61.31 -53.91
CA ARG B 409 -24.73 61.54 -52.97
C ARG B 409 -23.37 61.18 -53.53
N TRP B 410 -23.24 59.98 -54.09
CA TRP B 410 -21.90 59.55 -54.46
C TRP B 410 -21.48 60.09 -55.81
N GLN B 411 -22.37 60.78 -56.49
CA GLN B 411 -22.01 61.47 -57.72
C GLN B 411 -21.57 62.89 -57.41
N ALA B 412 -22.32 63.58 -56.55
CA ALA B 412 -21.86 64.87 -56.05
C ALA B 412 -20.50 64.74 -55.39
N ILE B 413 -20.34 63.71 -54.57
CA ILE B 413 -19.06 63.45 -53.90
C ILE B 413 -17.98 63.10 -54.91
N THR B 414 -18.33 62.36 -55.98
CA THR B 414 -17.39 62.12 -57.06
C THR B 414 -16.89 63.41 -57.69
N LEU B 415 -17.84 64.27 -58.05
CA LEU B 415 -17.52 65.54 -58.72
C LEU B 415 -16.66 66.44 -57.83
N ALA B 416 -17.04 66.55 -56.55
CA ALA B 416 -16.24 67.33 -55.60
C ALA B 416 -14.84 66.76 -55.44
N ALA B 417 -14.74 65.43 -55.29
CA ALA B 417 -13.45 64.77 -55.16
C ALA B 417 -12.54 65.04 -56.34
N THR B 418 -13.02 64.81 -57.57
CA THR B 418 -12.19 65.07 -58.74
C THR B 418 -11.81 66.55 -58.84
N ALA B 419 -12.75 67.45 -58.52
CA ALA B 419 -12.44 68.88 -58.54
C ALA B 419 -11.27 69.21 -57.61
N VAL B 420 -11.31 68.70 -56.38
CA VAL B 420 -10.19 68.87 -55.44
C VAL B 420 -8.91 68.26 -56.02
N LEU B 421 -9.02 67.06 -56.59
CA LEU B 421 -7.84 66.34 -57.05
C LEU B 421 -7.17 67.05 -58.21
N ILE B 422 -7.92 67.83 -59.01
CA ILE B 422 -7.32 68.72 -60.00
C ILE B 422 -6.25 69.58 -59.35
N ILE B 423 -6.65 70.28 -58.28
CA ILE B 423 -5.79 71.23 -57.61
C ILE B 423 -4.58 70.53 -57.01
N ALA B 424 -4.84 69.43 -56.30
CA ALA B 424 -3.76 68.65 -55.69
C ALA B 424 -2.75 68.14 -56.71
N ALA B 425 -3.24 67.61 -57.83
CA ALA B 425 -2.37 67.07 -58.87
C ALA B 425 -1.51 68.15 -59.51
N VAL B 426 -2.11 69.28 -59.89
CA VAL B 426 -1.30 70.33 -60.51
C VAL B 426 -0.33 70.94 -59.50
N ALA B 427 -0.75 71.08 -58.23
CA ALA B 427 0.12 71.61 -57.20
C ALA B 427 1.36 70.75 -57.03
N VAL B 428 1.17 69.44 -56.90
CA VAL B 428 2.32 68.56 -56.74
C VAL B 428 3.17 68.52 -58.00
N ARG B 429 2.52 68.52 -59.19
CA ARG B 429 3.26 68.54 -60.47
C ARG B 429 4.18 69.74 -60.57
N TYR B 430 3.77 70.88 -60.03
CA TYR B 430 4.73 71.97 -59.85
C TYR B 430 5.77 71.62 -58.80
N VAL B 431 5.35 71.53 -57.55
CA VAL B 431 6.28 71.67 -56.42
C VAL B 431 7.26 70.50 -56.29
N LEU B 432 7.00 69.35 -56.92
CA LEU B 432 7.91 68.23 -56.78
C LEU B 432 9.19 68.45 -57.58
N VAL B 433 9.07 68.79 -58.86
CA VAL B 433 10.23 68.97 -59.72
C VAL B 433 10.71 70.42 -59.81
N SER B 434 9.89 71.39 -59.45
CA SER B 434 10.36 72.77 -59.34
C SER B 434 10.91 72.99 -57.93
N GLY B 435 12.23 72.87 -57.80
CA GLY B 435 12.93 72.96 -56.54
C GLY B 435 13.08 74.37 -56.02
N SER B 436 11.97 75.00 -55.61
CA SER B 436 12.04 76.34 -55.04
C SER B 436 11.11 76.46 -53.84
N PRO B 437 11.59 77.09 -52.76
CA PRO B 437 10.69 77.42 -51.62
C PRO B 437 9.47 78.23 -52.00
N ALA B 438 9.55 79.08 -53.03
CA ALA B 438 8.43 79.92 -53.44
C ALA B 438 7.22 79.08 -53.83
N VAL B 439 7.40 78.22 -54.85
CA VAL B 439 6.33 77.35 -55.30
C VAL B 439 5.88 76.40 -54.20
N LEU B 440 6.82 75.92 -53.38
CA LEU B 440 6.48 75.09 -52.24
C LEU B 440 5.48 75.79 -51.31
N SER B 441 5.82 77.00 -50.88
CA SER B 441 4.97 77.73 -49.94
C SER B 441 3.61 78.05 -50.55
N ALA B 442 3.61 78.39 -51.84
CA ALA B 442 2.36 78.66 -52.55
C ALA B 442 1.48 77.42 -52.61
N GLY B 443 2.06 76.29 -52.99
CA GLY B 443 1.29 75.07 -53.10
C GLY B 443 0.74 74.65 -51.76
N VAL B 444 1.60 74.54 -50.75
CA VAL B 444 1.16 74.03 -49.45
C VAL B 444 0.10 74.94 -48.84
N ALA B 445 0.24 76.26 -49.04
CA ALA B 445 -0.76 77.20 -48.54
C ALA B 445 -2.11 77.00 -49.21
N VAL B 446 -2.13 76.93 -50.55
CA VAL B 446 -3.43 76.74 -51.18
C VAL B 446 -3.98 75.36 -50.87
N LEU B 447 -3.09 74.36 -50.75
CA LEU B 447 -3.45 72.99 -50.47
C LEU B 447 -4.09 72.82 -49.10
N VAL B 448 -3.85 73.75 -48.18
CA VAL B 448 -4.53 73.63 -46.89
C VAL B 448 -5.71 74.62 -46.81
N LEU B 449 -5.59 75.79 -47.43
CA LEU B 449 -6.66 76.79 -47.30
C LEU B 449 -7.86 76.46 -48.16
N LEU B 450 -7.64 75.96 -49.38
CA LEU B 450 -8.73 75.76 -50.33
C LEU B 450 -9.77 74.73 -49.89
N PRO B 451 -9.41 73.50 -49.46
CA PRO B 451 -10.45 72.62 -48.91
C PRO B 451 -11.11 73.16 -47.65
N ALA B 452 -10.43 74.00 -46.87
CA ALA B 452 -11.06 74.59 -45.71
C ALA B 452 -12.16 75.58 -46.11
N ALA B 453 -11.93 76.34 -47.19
CA ALA B 453 -13.02 77.10 -47.81
C ALA B 453 -14.13 76.20 -48.33
N GLY B 454 -13.78 75.11 -49.02
CA GLY B 454 -14.78 74.14 -49.47
C GLY B 454 -15.65 73.57 -48.37
N LEU B 455 -15.05 73.30 -47.22
CA LEU B 455 -15.80 72.95 -46.01
C LEU B 455 -16.66 74.12 -45.52
N THR B 456 -16.05 75.31 -45.43
CA THR B 456 -16.70 76.50 -44.89
C THR B 456 -18.04 76.81 -45.57
N ALA B 457 -18.13 76.56 -46.88
CA ALA B 457 -19.35 76.79 -47.64
C ALA B 457 -20.56 76.02 -47.14
N ALA B 458 -20.37 74.94 -46.39
CA ALA B 458 -21.46 74.24 -45.73
C ALA B 458 -21.39 74.25 -44.22
N ALA B 459 -20.19 74.35 -43.64
CA ALA B 459 -20.06 74.29 -42.18
C ALA B 459 -20.61 75.54 -41.50
N VAL B 460 -20.21 76.72 -41.95
CA VAL B 460 -20.71 77.95 -41.33
C VAL B 460 -21.99 78.45 -42.01
N VAL B 461 -22.09 78.32 -43.33
CA VAL B 461 -23.25 78.81 -44.08
C VAL B 461 -24.49 78.02 -43.68
N PRO B 462 -25.55 78.69 -43.16
CA PRO B 462 -26.65 77.98 -42.52
C PRO B 462 -27.38 77.04 -43.47
N ASN B 463 -27.16 75.74 -43.29
CA ASN B 463 -27.70 74.66 -44.12
C ASN B 463 -27.41 74.84 -45.61
N THR B 464 -26.33 75.57 -45.93
CA THR B 464 -25.94 75.93 -47.31
C THR B 464 -27.04 76.75 -48.00
N ILE B 465 -27.88 77.45 -47.23
CA ILE B 465 -28.90 78.30 -47.83
C ILE B 465 -28.28 79.54 -48.46
N TYR B 466 -28.62 79.78 -49.72
CA TYR B 466 -28.45 81.06 -50.39
C TYR B 466 -29.73 81.33 -51.16
N SER B 467 -29.90 82.58 -51.59
CA SER B 467 -31.07 82.91 -52.39
C SER B 467 -31.00 82.21 -53.75
N PRO B 468 -32.16 81.89 -54.34
CA PRO B 468 -32.18 81.34 -55.71
C PRO B 468 -31.48 82.21 -56.73
N LEU B 469 -31.63 83.54 -56.62
CA LEU B 469 -30.91 84.46 -57.49
C LEU B 469 -29.40 84.34 -57.34
N PHE B 470 -28.90 84.32 -56.11
CA PHE B 470 -27.46 84.15 -55.87
C PHE B 470 -26.97 82.81 -56.38
N ARG B 471 -27.73 81.75 -56.14
CA ARG B 471 -27.44 80.43 -56.71
C ARG B 471 -27.32 80.47 -58.23
N LYS B 472 -28.34 81.01 -58.90
CA LYS B 472 -28.31 81.17 -60.35
C LYS B 472 -27.15 82.04 -60.84
N ILE B 473 -26.76 83.05 -60.07
CA ILE B 473 -25.58 83.85 -60.41
C ILE B 473 -24.29 83.04 -60.31
N VAL B 474 -24.15 82.24 -59.25
CA VAL B 474 -23.04 81.31 -59.14
C VAL B 474 -23.04 80.30 -60.30
N GLU B 475 -24.22 79.84 -60.70
CA GLU B 475 -24.36 78.99 -61.87
C GLU B 475 -23.96 79.72 -63.15
N TRP B 476 -24.30 81.00 -63.26
CA TRP B 476 -23.80 81.82 -64.35
C TRP B 476 -22.28 81.94 -64.35
N ILE B 477 -21.66 82.16 -63.19
CA ILE B 477 -20.21 82.35 -63.13
C ILE B 477 -19.49 81.07 -63.55
N GLU B 478 -19.89 79.95 -62.97
CA GLU B 478 -19.26 78.69 -63.34
C GLU B 478 -19.69 78.19 -64.72
N TYR B 479 -20.78 78.71 -65.29
CA TYR B 479 -21.02 78.51 -66.72
C TYR B 479 -20.13 79.41 -67.57
N LEU B 480 -19.90 80.64 -67.14
CA LEU B 480 -19.01 81.58 -67.82
C LEU B 480 -17.55 81.13 -67.76
N CYS B 481 -17.26 80.13 -66.93
CA CYS B 481 -15.99 79.43 -67.01
C CYS B 481 -15.86 78.56 -68.27
N LEU B 482 -16.96 78.12 -68.88
CA LEU B 482 -16.86 77.12 -69.94
C LEU B 482 -16.41 77.68 -71.29
N MET B 483 -17.05 78.73 -71.80
CA MET B 483 -16.66 79.24 -73.11
C MET B 483 -15.24 79.83 -73.24
N PRO B 484 -14.54 80.26 -72.17
CA PRO B 484 -13.07 80.46 -72.30
C PRO B 484 -12.25 79.22 -72.63
N ILE B 485 -12.72 78.01 -72.32
CA ILE B 485 -11.95 76.81 -72.64
C ILE B 485 -11.80 76.63 -74.15
N PHE B 486 -12.87 76.85 -74.94
CA PHE B 486 -12.90 76.72 -76.40
C PHE B 486 -11.75 77.46 -77.10
N PRO B 487 -11.54 78.78 -76.90
CA PRO B 487 -10.38 79.41 -77.53
C PRO B 487 -9.08 78.97 -76.90
N LEU B 488 -9.04 78.73 -75.59
CA LEU B 488 -7.83 78.22 -74.97
C LEU B 488 -7.48 76.84 -75.50
N ALA B 489 -8.51 76.02 -75.78
CA ALA B 489 -8.28 74.74 -76.44
C ALA B 489 -7.67 74.93 -77.83
N LEU B 490 -8.18 75.88 -78.59
CA LEU B 490 -7.52 76.25 -79.85
C LEU B 490 -6.08 76.74 -79.67
N TRP B 491 -5.84 77.56 -78.64
CA TRP B 491 -4.53 78.17 -78.45
C TRP B 491 -3.48 77.19 -77.94
N LEU B 492 -3.89 76.24 -77.10
CA LEU B 492 -2.95 75.20 -76.67
C LEU B 492 -2.80 74.10 -77.71
N MET B 493 -3.82 73.87 -78.54
CA MET B 493 -3.60 73.05 -79.73
C MET B 493 -2.64 73.73 -80.70
N ASN B 494 -2.83 75.03 -80.94
CA ASN B 494 -1.82 75.84 -81.63
C ASN B 494 -1.98 77.32 -81.30
N ALA C 13 -52.78 32.43 -20.26
CA ALA C 13 -51.90 33.19 -19.40
C ALA C 13 -50.53 32.51 -19.31
N PRO C 14 -49.48 33.27 -18.98
CA PRO C 14 -48.14 32.67 -18.87
C PRO C 14 -48.02 31.68 -17.73
N VAL C 15 -46.85 31.06 -17.65
CA VAL C 15 -46.55 30.05 -16.64
C VAL C 15 -45.30 30.50 -15.88
N VAL C 16 -45.21 30.10 -14.61
CA VAL C 16 -44.03 30.33 -13.80
C VAL C 16 -43.89 29.16 -12.84
N LYS C 17 -42.65 28.79 -12.53
CA LYS C 17 -42.44 27.67 -11.62
C LYS C 17 -41.30 27.92 -10.65
N PRO C 18 -41.52 27.64 -9.37
CA PRO C 18 -40.41 27.64 -8.40
C PRO C 18 -39.50 26.43 -8.61
N GLU C 19 -38.23 26.63 -8.25
CA GLU C 19 -37.23 25.56 -8.32
C GLU C 19 -36.32 25.69 -7.11
N ASN C 20 -35.62 24.60 -6.80
CA ASN C 20 -34.58 24.61 -5.79
C ASN C 20 -33.32 23.97 -6.38
N ILE C 21 -32.20 24.69 -6.31
CA ILE C 21 -30.95 24.26 -6.90
C ILE C 21 -29.85 24.44 -5.87
N VAL C 22 -29.23 23.33 -5.46
CA VAL C 22 -28.06 23.42 -4.58
C VAL C 22 -26.86 23.92 -5.37
N LEU C 23 -26.20 24.95 -4.84
CA LEU C 23 -24.96 25.41 -5.43
C LEU C 23 -23.84 24.38 -5.21
N PRO C 24 -22.91 24.27 -6.16
CA PRO C 24 -21.81 23.31 -6.02
C PRO C 24 -20.83 23.72 -4.95
N THR C 25 -20.08 22.73 -4.47
CA THR C 25 -19.09 22.96 -3.43
C THR C 25 -17.78 23.47 -4.02
N PRO C 26 -17.26 24.60 -3.52
CA PRO C 26 -15.97 25.10 -3.98
C PRO C 26 -14.82 24.13 -3.76
N LEU C 27 -13.74 24.36 -4.50
CA LEU C 27 -12.54 23.56 -4.37
C LEU C 27 -11.85 23.82 -3.04
N SER C 28 -11.05 22.85 -2.61
CA SER C 28 -10.20 22.95 -1.43
C SER C 28 -8.74 22.84 -1.84
N VAL C 29 -7.87 23.53 -1.12
CA VAL C 29 -6.43 23.47 -1.40
C VAL C 29 -5.62 23.60 -0.11
N PRO C 30 -4.72 22.65 0.17
CA PRO C 30 -3.85 22.75 1.33
C PRO C 30 -2.86 23.90 1.20
N PRO C 31 -2.78 24.78 2.20
CA PRO C 31 -1.81 25.88 2.14
C PRO C 31 -0.39 25.36 2.19
N PRO C 32 0.50 25.91 1.38
CA PRO C 32 1.92 25.49 1.42
C PRO C 32 2.57 25.81 2.76
N GLU C 33 3.37 24.85 3.25
CA GLU C 33 3.97 24.96 4.57
C GLU C 33 5.20 25.87 4.60
N GLY C 34 5.90 25.99 3.48
CA GLY C 34 7.15 26.72 3.37
C GLY C 34 8.38 25.89 3.70
N LYS C 35 9.36 25.98 2.81
CA LYS C 35 10.61 25.24 2.89
C LYS C 35 11.46 25.60 4.12
N PRO C 36 12.11 24.61 4.73
CA PRO C 36 12.96 24.87 5.89
C PRO C 36 14.25 25.56 5.48
N TRP C 37 14.87 26.22 6.47
CA TRP C 37 16.01 27.10 6.23
C TRP C 37 17.22 26.37 5.65
N TRP C 38 17.46 25.13 6.10
CA TRP C 38 18.59 24.38 5.60
C TRP C 38 18.49 24.09 4.11
N LEU C 39 17.27 24.01 3.58
CA LEU C 39 17.07 23.74 2.16
C LEU C 39 17.66 24.85 1.32
N VAL C 40 17.54 26.09 1.80
CA VAL C 40 18.12 27.25 1.13
C VAL C 40 19.65 27.19 1.17
N VAL C 41 20.20 26.82 2.32
CA VAL C 41 21.65 26.63 2.43
C VAL C 41 22.14 25.57 1.45
N VAL C 42 21.45 24.43 1.40
CA VAL C 42 21.79 23.35 0.47
C VAL C 42 21.73 23.81 -0.98
N GLY C 43 20.66 24.53 -1.34
CA GLY C 43 20.55 25.08 -2.70
C GLY C 43 21.71 25.96 -3.09
N VAL C 44 22.09 26.87 -2.19
CA VAL C 44 23.23 27.76 -2.44
C VAL C 44 24.53 26.95 -2.56
N LEU C 45 24.69 25.92 -1.74
CA LEU C 45 25.89 25.09 -1.84
C LEU C 45 25.95 24.34 -3.17
N VAL C 46 24.83 23.77 -3.59
CA VAL C 46 24.74 23.07 -4.88
C VAL C 46 25.12 23.99 -6.04
N VAL C 47 24.58 25.22 -6.04
CA VAL C 47 24.96 26.17 -7.08
C VAL C 47 26.44 26.54 -7.00
N GLY C 48 26.96 26.70 -5.79
CA GLY C 48 28.39 26.93 -5.61
C GLY C 48 29.27 25.85 -6.18
N LEU C 49 28.87 24.59 -6.01
CA LEU C 49 29.60 23.48 -6.59
C LEU C 49 29.54 23.51 -8.11
N LEU C 50 28.34 23.73 -8.66
CA LEU C 50 28.17 23.78 -10.12
C LEU C 50 29.07 24.85 -10.75
N VAL C 51 29.01 26.08 -10.22
CA VAL C 51 29.84 27.15 -10.75
C VAL C 51 31.33 26.87 -10.52
N GLY C 52 31.69 26.25 -9.39
CA GLY C 52 33.09 25.90 -9.18
C GLY C 52 33.62 24.91 -10.21
N MET C 53 32.80 23.91 -10.53
CA MET C 53 33.18 22.91 -11.51
C MET C 53 33.39 23.53 -12.89
N VAL C 54 32.37 24.25 -13.38
CA VAL C 54 32.50 24.86 -14.72
C VAL C 54 33.64 25.87 -14.77
N GLY C 55 33.82 26.66 -13.71
CA GLY C 55 34.96 27.55 -13.61
C GLY C 55 36.30 26.88 -13.73
N MET C 56 36.52 25.80 -12.96
CA MET C 56 37.71 24.98 -13.15
C MET C 56 37.80 24.28 -14.51
N THR C 57 36.70 24.08 -15.23
CA THR C 57 36.82 23.65 -16.62
C THR C 57 37.34 24.77 -17.52
N VAL C 58 36.86 25.99 -17.31
CA VAL C 58 37.35 27.12 -18.08
C VAL C 58 38.82 27.39 -17.77
N ALA C 59 39.18 27.32 -16.49
CA ALA C 59 40.57 27.51 -16.07
C ALA C 59 41.47 26.39 -16.56
N SER C 60 40.96 25.17 -16.70
CA SER C 60 41.81 24.08 -17.18
C SER C 60 41.84 24.00 -18.70
N GLY C 61 40.75 24.38 -19.37
CA GLY C 61 40.73 24.61 -20.80
C GLY C 61 40.86 23.42 -21.72
N SER C 62 41.35 22.26 -21.25
CA SER C 62 41.47 21.12 -22.14
C SER C 62 40.10 20.51 -22.39
N ARG C 63 39.85 20.14 -23.66
CA ARG C 63 38.52 19.72 -24.10
C ARG C 63 38.05 18.45 -23.40
N LEU C 64 38.98 17.62 -22.92
CA LEU C 64 38.63 16.50 -22.06
C LEU C 64 37.92 16.95 -20.78
N PHE C 65 38.50 17.95 -20.09
CA PHE C 65 37.87 18.45 -18.88
C PHE C 65 36.54 19.13 -19.18
N LEU C 66 36.47 19.89 -20.28
CA LEU C 66 35.22 20.49 -20.71
C LEU C 66 34.15 19.45 -21.06
N GLY C 67 34.56 18.29 -21.55
CA GLY C 67 33.60 17.20 -21.70
C GLY C 67 33.16 16.60 -20.37
N ALA C 68 34.14 16.14 -19.59
CA ALA C 68 33.89 15.49 -18.29
C ALA C 68 33.01 16.31 -17.35
N GLY C 69 33.30 17.61 -17.24
CA GLY C 69 32.53 18.50 -16.39
C GLY C 69 31.08 18.70 -16.77
N ALA C 70 30.70 18.35 -18.00
CA ALA C 70 29.29 18.30 -18.34
C ALA C 70 28.74 16.89 -18.34
N ILE C 71 29.56 15.91 -18.69
CA ILE C 71 29.12 14.53 -18.84
C ILE C 71 28.71 13.93 -17.50
N PHE C 72 29.56 14.05 -16.49
CA PHE C 72 29.21 13.47 -15.20
C PHE C 72 28.02 14.12 -14.48
N PRO C 73 27.87 15.46 -14.41
CA PRO C 73 26.66 16.01 -13.77
C PRO C 73 25.37 15.99 -14.58
N ILE C 74 25.28 15.36 -15.77
CA ILE C 74 23.95 15.23 -16.34
C ILE C 74 23.02 14.37 -15.47
N PHE C 75 22.25 15.02 -14.61
CA PHE C 75 21.37 14.31 -13.69
C PHE C 75 19.91 14.62 -13.97
N MET C 76 19.64 15.78 -14.57
CA MET C 76 18.29 16.19 -14.96
C MET C 76 17.54 15.17 -15.82
N ILE C 77 18.26 14.32 -16.59
CA ILE C 77 17.62 13.23 -17.33
C ILE C 77 16.84 12.27 -16.42
N GLY C 78 17.28 12.09 -15.18
CA GLY C 78 16.46 11.41 -14.19
C GLY C 78 15.69 12.35 -13.28
N GLY C 79 16.31 13.49 -12.96
CA GLY C 79 15.72 14.46 -12.04
C GLY C 79 14.39 15.03 -12.49
N VAL C 80 14.15 15.09 -13.81
CA VAL C 80 12.83 15.45 -14.31
C VAL C 80 11.76 14.47 -13.82
N ALA C 81 12.10 13.18 -13.72
CA ALA C 81 11.18 12.25 -13.07
C ALA C 81 11.24 12.38 -11.55
N MET C 82 12.44 12.43 -10.98
CA MET C 82 12.66 12.48 -9.53
C MET C 82 12.05 13.70 -8.84
N MET C 83 11.63 14.72 -9.59
CA MET C 83 10.74 15.76 -9.12
C MET C 83 9.54 15.24 -8.31
N MET C 84 9.05 14.04 -8.65
CA MET C 84 7.98 13.39 -7.90
C MET C 84 8.32 13.20 -6.42
N PHE C 85 9.60 13.07 -6.08
CA PHE C 85 10.00 12.99 -4.68
C PHE C 85 9.99 14.33 -3.98
N GLY C 86 9.80 15.42 -4.72
CA GLY C 86 9.63 16.74 -4.10
C GLY C 86 8.53 16.75 -3.07
N GLY C 87 7.41 16.10 -3.37
CA GLY C 87 6.31 15.93 -2.43
C GLY C 87 6.64 15.00 -1.27
N ARG C 88 7.68 14.18 -1.39
CA ARG C 88 8.17 13.39 -0.27
C ARG C 88 9.12 14.18 0.63
N PHE C 89 10.13 14.82 0.05
CA PHE C 89 11.12 15.53 0.85
C PHE C 89 10.66 16.93 1.23
N GLY C 90 9.59 17.44 0.62
CA GLY C 90 9.11 18.77 0.92
C GLY C 90 9.70 19.92 0.13
N GLY C 91 10.22 19.66 -1.06
CA GLY C 91 10.64 20.77 -1.90
C GLY C 91 9.47 21.51 -2.50
N GLN C 92 9.78 22.57 -3.24
CA GLN C 92 8.77 23.32 -3.96
C GLN C 92 8.11 22.45 -5.03
N GLN C 93 6.78 22.50 -5.10
CA GLN C 93 6.04 21.71 -6.07
C GLN C 93 4.99 22.60 -6.75
N GLN C 94 5.39 23.24 -7.85
CA GLN C 94 4.51 24.05 -8.67
C GLN C 94 3.72 23.22 -9.68
N MET C 95 4.13 21.97 -9.87
CA MET C 95 3.68 21.10 -10.95
C MET C 95 2.25 20.57 -10.79
N SER C 96 1.63 20.71 -9.62
CA SER C 96 0.22 20.31 -9.51
C SER C 96 -0.74 21.26 -10.23
N ARG C 97 -0.27 22.46 -10.62
CA ARG C 97 -1.05 23.48 -11.34
C ARG C 97 -2.03 22.98 -12.40
N PRO C 98 -1.63 22.14 -13.39
CA PRO C 98 -2.58 21.78 -14.46
C PRO C 98 -3.86 21.11 -13.99
N LYS C 99 -3.74 20.21 -13.02
CA LYS C 99 -4.91 19.52 -12.49
C LYS C 99 -5.84 20.50 -11.78
N LEU C 100 -5.29 21.41 -10.99
CA LEU C 100 -6.09 22.41 -10.32
C LEU C 100 -6.79 23.31 -11.33
N ASP C 101 -6.08 23.72 -12.38
CA ASP C 101 -6.69 24.57 -13.40
C ASP C 101 -7.82 23.85 -14.13
N ALA C 102 -7.67 22.55 -14.36
CA ALA C 102 -8.76 21.76 -14.90
C ALA C 102 -9.96 21.71 -13.96
N MET C 103 -9.71 21.51 -12.67
CA MET C 103 -10.79 21.52 -11.69
C MET C 103 -11.53 22.84 -11.66
N ARG C 104 -10.77 23.94 -11.72
CA ARG C 104 -11.36 25.27 -11.76
C ARG C 104 -12.28 25.43 -12.96
N ALA C 105 -11.76 25.12 -14.15
CA ALA C 105 -12.53 25.23 -15.39
C ALA C 105 -13.82 24.41 -15.30
N GLN C 106 -13.71 23.17 -14.84
CA GLN C 106 -14.87 22.30 -14.70
C GLN C 106 -15.93 22.90 -13.80
N PHE C 107 -15.53 23.34 -12.60
CA PHE C 107 -16.46 23.98 -11.68
C PHE C 107 -17.12 25.19 -12.32
N MET C 108 -16.33 25.97 -13.06
CA MET C 108 -16.87 27.19 -13.65
C MET C 108 -17.93 26.87 -14.68
N LEU C 109 -17.70 25.83 -15.49
CA LEU C 109 -18.71 25.46 -16.48
C LEU C 109 -19.99 24.99 -15.81
N MET C 110 -19.86 24.24 -14.72
CA MET C 110 -21.04 23.85 -13.94
C MET C 110 -21.81 25.06 -13.47
N LEU C 111 -21.09 26.07 -13.00
CA LEU C 111 -21.72 27.30 -12.55
C LEU C 111 -22.42 28.02 -13.70
N ASP C 112 -21.83 28.01 -14.88
CA ASP C 112 -22.50 28.56 -16.06
C ASP C 112 -23.82 27.86 -16.35
N MET C 113 -23.84 26.53 -16.25
CA MET C 113 -25.10 25.81 -16.48
C MET C 113 -26.16 26.25 -15.48
N LEU C 114 -25.75 26.46 -14.23
CA LEU C 114 -26.70 26.96 -13.25
C LEU C 114 -27.16 28.36 -13.61
N ARG C 115 -26.24 29.20 -14.06
CA ARG C 115 -26.59 30.58 -14.41
C ARG C 115 -27.62 30.63 -15.53
N GLU C 116 -27.44 29.84 -16.59
CA GLU C 116 -28.42 29.85 -17.66
C GLU C 116 -29.77 29.30 -17.20
N THR C 117 -29.76 28.35 -16.26
CA THR C 117 -31.02 27.89 -15.68
C THR C 117 -31.73 29.01 -14.93
N ALA C 118 -30.95 29.80 -14.19
CA ALA C 118 -31.50 30.98 -13.54
C ALA C 118 -32.03 31.98 -14.55
N GLN C 119 -31.31 32.17 -15.66
CA GLN C 119 -31.76 33.10 -16.70
C GLN C 119 -33.13 32.71 -17.25
N GLU C 120 -33.31 31.44 -17.63
CA GLU C 120 -34.58 31.02 -18.20
C GLU C 120 -35.71 31.13 -17.16
N SER C 121 -35.42 30.80 -15.90
CA SER C 121 -36.41 30.99 -14.84
C SER C 121 -36.81 32.45 -14.69
N ALA C 122 -35.82 33.35 -14.71
CA ALA C 122 -36.09 34.77 -14.57
C ALA C 122 -36.87 35.32 -15.75
N ASP C 123 -36.58 34.81 -16.96
CA ASP C 123 -37.38 35.18 -18.13
C ASP C 123 -38.83 34.76 -17.98
N SER C 124 -39.07 33.55 -17.48
CA SER C 124 -40.44 33.11 -17.21
C SER C 124 -41.14 34.01 -16.21
N MET C 125 -40.46 34.33 -15.10
CA MET C 125 -41.03 35.24 -14.11
C MET C 125 -41.32 36.61 -14.68
N ASP C 126 -40.41 37.13 -15.50
CA ASP C 126 -40.62 38.43 -16.16
C ASP C 126 -41.86 38.42 -17.03
N ALA C 127 -41.96 37.44 -17.92
CA ALA C 127 -43.11 37.33 -18.81
C ALA C 127 -44.42 37.27 -18.03
N ASN C 128 -44.44 36.47 -16.96
CA ASN C 128 -45.62 36.39 -16.11
C ASN C 128 -45.97 37.73 -15.46
N TYR C 129 -45.00 38.34 -14.79
CA TYR C 129 -45.26 39.58 -14.06
C TYR C 129 -45.72 40.69 -15.00
N ARG C 130 -45.07 40.85 -16.14
CA ARG C 130 -45.48 41.92 -17.04
C ARG C 130 -46.81 41.61 -17.71
N TRP C 131 -47.16 40.34 -17.88
CA TRP C 131 -48.51 40.00 -18.33
C TRP C 131 -49.55 40.44 -17.30
N PHE C 132 -49.29 40.16 -16.04
CA PHE C 132 -50.18 40.61 -14.98
C PHE C 132 -50.10 42.10 -14.76
N HIS C 133 -48.94 42.70 -15.03
CA HIS C 133 -48.69 44.10 -14.70
C HIS C 133 -48.03 44.82 -15.87
N PRO C 134 -48.81 45.16 -16.90
CA PRO C 134 -48.28 46.00 -17.98
C PRO C 134 -47.84 47.37 -17.47
N ALA C 135 -46.93 47.97 -18.22
CA ALA C 135 -46.51 49.34 -17.95
C ALA C 135 -47.64 50.33 -18.25
N PRO C 136 -47.69 51.47 -17.53
CA PRO C 136 -48.83 52.38 -17.65
C PRO C 136 -49.12 52.86 -19.07
N THR C 137 -48.06 53.14 -19.83
CA THR C 137 -48.20 53.55 -21.22
C THR C 137 -48.95 52.51 -22.05
N THR C 138 -48.69 51.24 -21.81
CA THR C 138 -49.26 50.17 -22.61
C THR C 138 -50.72 49.89 -22.30
N LEU C 139 -51.26 50.48 -21.22
CA LEU C 139 -52.64 50.24 -20.82
C LEU C 139 -53.66 50.76 -21.82
N ALA C 140 -53.25 51.61 -22.76
CA ALA C 140 -54.11 52.11 -23.82
C ALA C 140 -54.67 51.03 -24.75
N ALA C 141 -54.29 49.76 -24.57
CA ALA C 141 -54.97 48.67 -25.28
C ALA C 141 -56.46 48.64 -24.96
N ALA C 142 -56.81 48.80 -23.68
CA ALA C 142 -58.15 49.08 -23.19
C ALA C 142 -59.23 48.09 -23.62
N VAL C 143 -58.85 46.92 -24.15
CA VAL C 143 -59.82 45.91 -24.58
C VAL C 143 -59.12 44.57 -24.62
N GLY C 144 -59.89 43.50 -24.42
CA GLY C 144 -59.35 42.16 -24.51
C GLY C 144 -58.87 41.66 -23.16
N SER C 145 -57.86 42.33 -22.62
CA SER C 145 -57.31 42.02 -21.31
C SER C 145 -57.82 42.96 -20.23
N SER C 146 -58.73 43.87 -20.57
CA SER C 146 -59.16 44.90 -19.63
C SER C 146 -60.17 44.34 -18.63
N ARG C 147 -60.03 44.82 -17.38
CA ARG C 147 -60.95 44.56 -16.27
C ARG C 147 -61.14 43.06 -15.99
N MET C 148 -60.12 42.26 -16.23
CA MET C 148 -60.30 40.82 -16.23
C MET C 148 -60.03 40.18 -14.87
N TRP C 149 -59.69 40.98 -13.86
CA TRP C 149 -59.43 40.43 -12.54
C TRP C 149 -60.70 40.28 -11.73
N GLU C 150 -60.69 39.32 -10.81
CA GLU C 150 -61.90 38.80 -10.21
C GLU C 150 -61.89 38.93 -8.69
N ARG C 151 -63.11 39.13 -8.17
CA ARG C 151 -63.34 39.30 -6.73
C ARG C 151 -62.85 38.11 -5.92
N GLN C 152 -63.22 36.91 -6.35
CA GLN C 152 -63.30 35.75 -5.46
C GLN C 152 -61.93 35.32 -4.95
N PRO C 153 -61.85 34.89 -3.67
CA PRO C 153 -60.55 34.79 -2.99
C PRO C 153 -59.59 33.72 -3.52
N ASP C 154 -59.95 32.99 -4.58
CA ASP C 154 -59.05 32.04 -5.20
C ASP C 154 -58.60 32.59 -6.54
N GLY C 155 -57.44 32.12 -7.02
CA GLY C 155 -57.00 32.47 -8.36
C GLY C 155 -56.58 33.93 -8.51
N LYS C 156 -57.44 34.71 -9.16
CA LYS C 156 -57.16 36.12 -9.45
C LYS C 156 -56.93 36.95 -8.20
N ASP C 157 -57.38 36.48 -7.03
CA ASP C 157 -57.14 37.21 -5.79
C ASP C 157 -55.66 37.37 -5.47
N LEU C 158 -54.81 36.50 -6.03
CA LEU C 158 -53.37 36.69 -5.91
C LEU C 158 -52.92 37.98 -6.58
N ASN C 159 -53.73 38.51 -7.49
CA ASN C 159 -53.45 39.78 -8.14
C ASN C 159 -54.66 40.69 -8.20
N PHE C 160 -55.73 40.38 -7.46
CA PHE C 160 -56.91 41.24 -7.50
C PHE C 160 -56.65 42.56 -6.78
N GLY C 161 -56.05 42.52 -5.60
CA GLY C 161 -55.92 43.72 -4.81
C GLY C 161 -54.54 44.34 -4.91
N VAL C 162 -53.72 43.89 -5.86
CA VAL C 162 -52.32 44.28 -5.95
C VAL C 162 -52.18 45.20 -7.16
N VAL C 163 -51.32 46.21 -7.04
CA VAL C 163 -51.12 47.17 -8.11
C VAL C 163 -49.62 47.28 -8.40
N ARG C 164 -49.26 47.26 -9.68
CA ARG C 164 -47.92 47.61 -10.08
C ARG C 164 -47.66 49.08 -9.82
N VAL C 165 -46.61 49.38 -9.06
CA VAL C 165 -46.26 50.75 -8.74
C VAL C 165 -44.95 51.19 -9.39
N GLY C 166 -44.09 50.25 -9.77
CA GLY C 166 -42.81 50.64 -10.31
C GLY C 166 -42.07 49.46 -10.87
N VAL C 167 -40.76 49.61 -11.01
CA VAL C 167 -39.90 48.50 -11.34
C VAL C 167 -38.73 48.42 -10.37
N GLY C 168 -38.19 47.21 -10.22
CA GLY C 168 -37.17 46.98 -9.22
C GLY C 168 -36.82 45.51 -9.14
N MET C 169 -36.08 45.17 -8.08
CA MET C 169 -35.62 43.82 -7.83
C MET C 169 -36.74 42.94 -7.30
N THR C 170 -36.59 41.63 -7.51
CA THR C 170 -37.29 40.65 -6.70
C THR C 170 -36.49 39.36 -6.63
N ARG C 171 -36.77 38.58 -5.59
CA ARG C 171 -36.17 37.26 -5.46
C ARG C 171 -36.70 36.28 -6.51
N PRO C 172 -35.83 35.48 -7.12
CA PRO C 172 -36.24 34.54 -8.16
C PRO C 172 -37.08 33.40 -7.61
N GLU C 173 -37.69 32.66 -8.53
CA GLU C 173 -38.41 31.44 -8.21
C GLU C 173 -37.47 30.25 -8.02
N VAL C 174 -36.29 30.27 -8.62
CA VAL C 174 -35.25 29.35 -8.20
C VAL C 174 -34.80 29.70 -6.79
N THR C 175 -34.58 28.66 -5.99
CA THR C 175 -34.07 28.81 -4.64
C THR C 175 -32.70 28.15 -4.57
N TRP C 176 -31.71 28.93 -4.14
CA TRP C 176 -30.35 28.44 -4.09
C TRP C 176 -30.15 27.63 -2.82
N GLY C 177 -30.13 26.30 -2.97
CA GLY C 177 -29.72 25.46 -1.87
C GLY C 177 -28.27 25.70 -1.49
N GLU C 178 -28.01 25.58 -0.19
CA GLU C 178 -26.70 25.89 0.38
C GLU C 178 -25.59 25.10 -0.30
N PRO C 179 -24.47 25.72 -0.59
CA PRO C 179 -23.27 24.95 -0.93
C PRO C 179 -22.71 24.22 0.27
N GLN C 180 -23.27 23.05 0.55
CA GLN C 180 -22.83 22.21 1.66
C GLN C 180 -21.38 21.79 1.50
N ASN C 181 -20.79 21.36 2.62
CA ASN C 181 -19.41 20.89 2.71
C ASN C 181 -18.39 21.95 2.32
N MET C 182 -18.70 23.23 2.59
CA MET C 182 -17.74 24.31 2.40
C MET C 182 -16.42 23.96 3.08
N PRO C 183 -15.30 24.05 2.39
CA PRO C 183 -14.01 23.93 3.07
C PRO C 183 -13.78 25.09 4.03
N THR C 184 -12.87 24.87 4.96
CA THR C 184 -12.49 25.93 5.87
C THR C 184 -11.78 27.04 5.11
N ASP C 185 -11.78 28.23 5.72
CA ASP C 185 -11.42 29.46 5.03
C ASP C 185 -9.95 29.53 4.67
N ILE C 186 -9.12 28.68 5.24
CA ILE C 186 -7.74 28.60 4.79
C ILE C 186 -7.63 27.62 3.62
N GLU C 187 -8.50 26.62 3.56
CA GLU C 187 -8.46 25.67 2.47
C GLU C 187 -9.21 26.15 1.24
N LEU C 188 -10.08 27.14 1.39
CA LEU C 188 -10.96 27.61 0.33
C LEU C 188 -10.17 28.18 -0.84
N GLU C 189 -10.35 27.60 -2.02
CA GLU C 189 -9.63 28.03 -3.21
C GLU C 189 -10.14 29.39 -3.64
N PRO C 190 -9.26 30.35 -3.96
CA PRO C 190 -9.71 31.74 -4.13
C PRO C 190 -10.70 31.94 -5.26
N VAL C 191 -10.44 31.35 -6.43
CA VAL C 191 -11.22 31.61 -7.63
C VAL C 191 -12.64 31.09 -7.47
N THR C 192 -12.78 29.80 -7.18
CA THR C 192 -14.11 29.20 -7.09
C THR C 192 -14.89 29.76 -5.93
N GLY C 193 -14.21 30.04 -4.81
CA GLY C 193 -14.88 30.69 -3.70
C GLY C 193 -15.42 32.05 -4.05
N LYS C 194 -14.59 32.87 -4.69
CA LYS C 194 -15.02 34.22 -5.05
C LYS C 194 -16.13 34.19 -6.08
N ALA C 195 -16.02 33.29 -7.06
CA ALA C 195 -17.04 33.14 -8.08
C ALA C 195 -18.38 32.76 -7.47
N LEU C 196 -18.35 31.81 -6.52
CA LEU C 196 -19.58 31.42 -5.85
C LEU C 196 -20.17 32.55 -5.01
N GLN C 197 -19.30 33.32 -4.33
CA GLN C 197 -19.77 34.54 -3.66
C GLN C 197 -20.49 35.46 -4.62
N GLU C 198 -19.92 35.68 -5.80
CA GLU C 198 -20.53 36.60 -6.76
C GLU C 198 -21.83 36.05 -7.30
N PHE C 199 -21.88 34.73 -7.51
CA PHE C 199 -23.11 34.10 -7.99
C PHE C 199 -24.22 34.28 -6.97
N GLY C 200 -23.96 33.94 -5.71
CA GLY C 200 -24.94 34.16 -4.66
C GLY C 200 -25.35 35.61 -4.53
N ARG C 201 -24.41 36.53 -4.73
CA ARG C 201 -24.71 37.95 -4.61
C ARG C 201 -25.63 38.43 -5.72
N TYR C 202 -25.31 38.09 -6.97
CA TYR C 202 -26.02 38.66 -8.11
C TYR C 202 -27.19 37.82 -8.58
N GLN C 203 -27.11 36.49 -8.51
CA GLN C 203 -28.29 35.70 -8.79
C GLN C 203 -29.26 35.67 -7.62
N SER C 204 -29.05 36.52 -6.62
CA SER C 204 -29.99 36.68 -5.52
C SER C 204 -31.29 37.34 -5.98
N VAL C 205 -31.26 38.12 -7.06
CA VAL C 205 -32.44 38.87 -7.48
C VAL C 205 -32.54 38.89 -9.00
N VAL C 206 -33.76 39.04 -9.47
CA VAL C 206 -34.04 39.44 -10.84
C VAL C 206 -34.19 40.95 -10.88
N TYR C 207 -33.50 41.61 -11.79
CA TYR C 207 -33.56 43.06 -11.89
C TYR C 207 -34.62 43.53 -12.87
N ASN C 208 -35.16 44.71 -12.59
CA ASN C 208 -36.17 45.41 -13.39
C ASN C 208 -37.37 44.50 -13.69
N LEU C 209 -37.97 43.99 -12.64
CA LEU C 209 -39.32 43.47 -12.74
C LEU C 209 -40.32 44.48 -12.19
N PRO C 210 -41.61 44.38 -12.56
CA PRO C 210 -42.65 45.17 -11.88
C PRO C 210 -42.65 45.00 -10.37
N LYS C 211 -42.60 46.12 -9.67
CA LYS C 211 -42.77 46.13 -8.23
C LYS C 211 -44.22 46.43 -7.88
N MET C 212 -44.76 45.69 -6.92
CA MET C 212 -46.18 45.69 -6.64
C MET C 212 -46.45 46.20 -5.23
N VAL C 213 -47.55 46.94 -5.07
CA VAL C 213 -48.14 47.23 -3.78
C VAL C 213 -49.49 46.52 -3.69
N SER C 214 -49.70 45.79 -2.59
CA SER C 214 -51.01 45.22 -2.30
C SER C 214 -51.87 46.21 -1.53
N LEU C 215 -53.08 46.47 -2.05
CA LEU C 215 -54.03 47.34 -1.36
C LEU C 215 -54.65 46.67 -0.13
N LEU C 216 -54.50 45.37 0.02
CA LEU C 216 -55.20 44.61 1.05
C LEU C 216 -54.42 44.45 2.35
N VAL C 217 -53.20 44.98 2.45
CA VAL C 217 -52.38 44.74 3.62
C VAL C 217 -52.10 46.01 4.43
N GLU C 218 -52.16 47.20 3.81
CA GLU C 218 -52.09 48.38 4.65
C GLU C 218 -53.39 49.15 4.65
N PRO C 219 -53.80 49.68 5.81
CA PRO C 219 -54.99 50.55 5.86
C PRO C 219 -54.86 51.80 4.99
N TRP C 220 -53.65 52.32 4.81
CA TRP C 220 -53.45 53.47 3.94
C TRP C 220 -51.99 53.48 3.49
N TYR C 221 -51.72 54.32 2.50
CA TYR C 221 -50.34 54.70 2.17
C TYR C 221 -50.22 56.22 2.12
N SER C 222 -49.02 56.70 2.44
CA SER C 222 -48.73 58.12 2.43
C SER C 222 -47.51 58.39 1.57
N LEU C 223 -47.61 59.38 0.70
CA LEU C 223 -46.69 59.57 -0.42
C LEU C 223 -45.85 60.80 -0.14
N VAL C 224 -44.57 60.58 0.16
CA VAL C 224 -43.67 61.66 0.56
C VAL C 224 -42.69 61.93 -0.56
N GLY C 225 -42.67 63.16 -1.04
CA GLY C 225 -41.69 63.56 -2.04
C GLY C 225 -42.17 64.81 -2.76
N GLU C 226 -41.58 65.02 -3.94
CA GLU C 226 -41.94 66.17 -4.75
C GLU C 226 -43.34 66.01 -5.32
N ARG C 227 -44.02 67.14 -5.51
CA ARG C 227 -45.44 67.16 -5.85
C ARG C 227 -45.74 66.45 -7.18
N GLU C 228 -44.96 66.74 -8.22
CA GLU C 228 -45.26 66.12 -9.50
C GLU C 228 -44.85 64.66 -9.56
N GLN C 229 -43.81 64.26 -8.82
CA GLN C 229 -43.51 62.84 -8.66
C GLN C 229 -44.71 62.10 -8.07
N VAL C 230 -45.22 62.62 -6.97
CA VAL C 230 -46.33 62.02 -6.25
C VAL C 230 -47.57 61.97 -7.12
N LEU C 231 -47.92 63.10 -7.74
CA LEU C 231 -49.05 63.14 -8.66
C LEU C 231 -48.89 62.15 -9.82
N GLY C 232 -47.74 62.15 -10.48
CA GLY C 232 -47.52 61.25 -11.61
C GLY C 232 -47.70 59.79 -11.24
N LEU C 233 -47.14 59.39 -10.09
CA LEU C 233 -47.38 58.07 -9.55
C LEU C 233 -48.85 57.84 -9.27
N THR C 234 -49.54 58.84 -8.73
CA THR C 234 -50.95 58.65 -8.40
C THR C 234 -51.78 58.43 -9.65
N ARG C 235 -51.49 59.18 -10.71
CA ARG C 235 -52.20 59.01 -11.99
C ARG C 235 -51.93 57.61 -12.53
N ALA C 236 -50.69 57.16 -12.39
CA ALA C 236 -50.33 55.82 -12.86
C ALA C 236 -51.11 54.75 -12.12
N ILE C 237 -51.14 54.85 -10.79
CA ILE C 237 -51.93 53.96 -9.95
C ILE C 237 -53.39 53.93 -10.39
N ILE C 238 -53.99 55.11 -10.54
CA ILE C 238 -55.40 55.21 -10.90
C ILE C 238 -55.68 54.53 -12.23
N CYS C 239 -54.84 54.78 -13.23
CA CYS C 239 -55.04 54.15 -14.53
C CYS C 239 -54.78 52.66 -14.51
N GLN C 240 -53.80 52.21 -13.72
CA GLN C 240 -53.60 50.77 -13.52
C GLN C 240 -54.83 50.08 -12.93
N LEU C 241 -55.38 50.65 -11.87
CA LEU C 241 -56.61 50.11 -11.29
C LEU C 241 -57.77 50.17 -12.27
N ALA C 242 -57.87 51.27 -13.03
CA ALA C 242 -58.98 51.43 -13.96
C ALA C 242 -58.93 50.43 -15.10
N PHE C 243 -57.74 50.16 -15.62
CA PHE C 243 -57.62 49.11 -16.62
C PHE C 243 -57.86 47.74 -16.02
N SER C 244 -57.21 47.45 -14.90
CA SER C 244 -57.21 46.10 -14.38
C SER C 244 -58.53 45.74 -13.72
N HIS C 245 -59.17 46.67 -13.04
CA HIS C 245 -60.39 46.38 -12.31
C HIS C 245 -61.57 47.18 -12.84
N GLY C 246 -62.69 46.50 -12.99
CA GLY C 246 -63.89 47.11 -13.51
C GLY C 246 -64.51 48.07 -12.52
N PRO C 247 -65.41 48.93 -12.99
CA PRO C 247 -66.09 49.86 -12.09
C PRO C 247 -66.96 49.18 -11.04
N ASP C 248 -67.40 47.95 -11.30
CA ASP C 248 -68.21 47.19 -10.36
C ASP C 248 -67.42 46.58 -9.22
N HIS C 249 -66.10 46.57 -9.30
CA HIS C 249 -65.26 45.96 -8.28
C HIS C 249 -64.47 46.97 -7.47
N VAL C 250 -64.05 48.06 -8.10
CA VAL C 250 -63.25 49.10 -7.49
C VAL C 250 -63.86 50.45 -7.85
N GLN C 251 -64.15 51.26 -6.84
CA GLN C 251 -64.60 52.62 -7.05
C GLN C 251 -63.55 53.56 -6.46
N MET C 252 -63.55 54.80 -6.95
CA MET C 252 -62.43 55.70 -6.70
C MET C 252 -62.94 57.03 -6.18
N ILE C 253 -62.17 57.63 -5.27
CA ILE C 253 -62.47 58.95 -4.73
C ILE C 253 -61.19 59.78 -4.69
N VAL C 254 -61.29 61.04 -5.12
CA VAL C 254 -60.21 62.01 -5.02
C VAL C 254 -60.69 63.18 -4.17
N VAL C 255 -59.95 63.50 -3.13
CA VAL C 255 -60.24 64.65 -2.28
C VAL C 255 -59.07 65.61 -2.43
N THR C 256 -59.35 66.81 -2.92
CA THR C 256 -58.28 67.67 -3.38
C THR C 256 -58.53 69.13 -3.07
N SER C 257 -57.44 69.89 -3.03
CA SER C 257 -57.51 71.34 -3.00
C SER C 257 -57.22 71.96 -4.37
N ASP C 258 -56.76 71.15 -5.33
CA ASP C 258 -56.38 71.64 -6.66
C ASP C 258 -57.04 70.80 -7.75
N PRO C 259 -58.32 71.05 -8.04
CA PRO C 259 -59.06 70.15 -8.94
C PRO C 259 -58.60 70.21 -10.40
N ASP C 260 -57.85 71.26 -10.78
CA ASP C 260 -57.33 71.36 -12.13
C ASP C 260 -56.35 70.23 -12.42
N ARG C 261 -55.60 69.80 -11.41
CA ARG C 261 -54.70 68.67 -11.60
C ARG C 261 -55.48 67.38 -11.75
N TRP C 262 -56.72 67.36 -11.29
CA TRP C 262 -57.55 66.17 -11.25
C TRP C 262 -58.72 66.26 -12.23
N ASP C 263 -58.65 67.17 -13.19
CA ASP C 263 -59.77 67.32 -14.11
C ASP C 263 -59.87 66.16 -15.08
N TRP C 264 -58.79 65.44 -15.29
CA TRP C 264 -58.79 64.31 -16.22
C TRP C 264 -59.59 63.13 -15.72
N VAL C 265 -59.80 62.99 -14.40
CA VAL C 265 -60.40 61.79 -13.86
C VAL C 265 -61.90 61.70 -14.16
N LYS C 266 -62.51 62.79 -14.62
CA LYS C 266 -63.94 62.82 -14.89
C LYS C 266 -64.36 61.78 -15.93
N TRP C 267 -63.49 61.46 -16.87
CA TRP C 267 -63.81 60.49 -17.90
C TRP C 267 -63.84 59.06 -17.39
N ILE C 268 -63.07 58.77 -16.35
CA ILE C 268 -62.92 57.39 -15.88
C ILE C 268 -64.20 56.93 -15.19
N PRO C 269 -64.82 55.83 -15.66
CA PRO C 269 -66.10 55.39 -15.11
C PRO C 269 -66.03 54.99 -13.64
N HIS C 270 -64.84 54.68 -13.13
CA HIS C 270 -64.71 54.26 -11.74
C HIS C 270 -65.01 55.41 -10.78
N PHE C 271 -64.87 56.65 -11.23
CA PHE C 271 -65.20 57.80 -10.41
C PHE C 271 -66.69 58.12 -10.47
N GLY C 272 -67.45 57.40 -11.28
CA GLY C 272 -68.88 57.63 -11.39
C GLY C 272 -69.62 57.14 -10.17
N ASP C 273 -70.36 58.04 -9.52
CA ASP C 273 -71.20 57.64 -8.40
C ASP C 273 -72.49 57.04 -8.94
N PRO C 274 -72.78 55.77 -8.68
CA PRO C 274 -74.03 55.17 -9.20
C PRO C 274 -75.28 55.76 -8.59
N ARG C 275 -75.16 56.45 -7.45
CA ARG C 275 -76.30 56.90 -6.67
C ARG C 275 -76.83 58.24 -7.16
N ARG C 276 -75.95 59.17 -7.52
CA ARG C 276 -76.35 60.47 -8.02
C ARG C 276 -76.13 60.54 -9.53
N ARG C 277 -77.15 61.02 -10.25
CA ARG C 277 -77.06 61.16 -11.69
C ARG C 277 -77.14 62.63 -12.04
N ASP C 278 -76.46 63.00 -13.12
CA ASP C 278 -76.52 64.37 -13.63
C ASP C 278 -76.66 64.30 -15.15
N ALA C 279 -76.46 65.44 -15.81
CA ALA C 279 -76.57 65.49 -17.26
C ALA C 279 -75.50 64.63 -17.93
N ALA C 280 -74.28 64.64 -17.41
CA ALA C 280 -73.19 63.90 -18.02
C ALA C 280 -73.24 62.41 -17.72
N GLY C 281 -74.08 61.97 -16.80
CA GLY C 281 -74.19 60.56 -16.46
C GLY C 281 -74.13 60.32 -14.97
N ASN C 282 -73.22 59.48 -14.53
CA ASN C 282 -73.01 59.27 -13.10
C ASN C 282 -72.22 60.42 -12.52
N ALA C 283 -72.50 60.73 -11.26
CA ALA C 283 -71.82 61.82 -10.57
C ALA C 283 -70.37 61.47 -10.30
N ARG C 284 -69.49 62.45 -10.48
CA ARG C 284 -68.07 62.22 -10.27
C ARG C 284 -67.78 62.23 -8.78
N MET C 285 -67.01 61.25 -8.31
CA MET C 285 -66.76 61.10 -6.88
C MET C 285 -65.46 61.83 -6.53
N VAL C 286 -65.43 63.10 -6.88
CA VAL C 286 -64.34 64.01 -6.56
C VAL C 286 -64.86 65.11 -5.67
N TYR C 287 -64.21 65.29 -4.53
CA TYR C 287 -64.65 66.23 -3.52
C TYR C 287 -63.52 67.20 -3.22
N THR C 288 -63.87 68.42 -2.86
CA THR C 288 -62.88 69.44 -2.62
C THR C 288 -62.48 69.55 -1.15
N SER C 289 -63.09 68.76 -0.27
CA SER C 289 -62.76 68.77 1.14
C SER C 289 -63.19 67.45 1.75
N VAL C 290 -62.53 67.08 2.85
CA VAL C 290 -62.97 65.89 3.58
C VAL C 290 -64.32 66.17 4.23
N ARG C 291 -64.60 67.43 4.52
CA ARG C 291 -65.91 67.82 5.03
C ARG C 291 -66.98 67.65 3.96
N GLU C 292 -66.59 67.70 2.69
CA GLU C 292 -67.50 67.53 1.57
C GLU C 292 -67.91 66.07 1.36
N PHE C 293 -67.55 65.18 2.28
CA PHE C 293 -68.09 63.84 2.25
C PHE C 293 -69.57 63.89 2.57
N ALA C 294 -70.39 63.95 1.52
CA ALA C 294 -71.82 63.75 1.63
C ALA C 294 -72.21 62.32 1.27
N THR C 295 -71.22 61.42 1.23
CA THR C 295 -71.49 60.01 1.03
C THR C 295 -72.09 59.38 2.29
N GLU C 296 -71.32 59.37 3.39
CA GLU C 296 -71.59 58.66 4.64
C GLU C 296 -71.80 57.17 4.46
N GLN C 297 -71.55 56.62 3.27
CA GLN C 297 -71.74 55.20 3.03
C GLN C 297 -70.44 54.43 3.14
N ALA C 298 -69.32 55.08 2.86
CA ALA C 298 -68.02 54.49 3.12
C ALA C 298 -67.54 54.79 4.52
N GLU C 299 -68.35 55.47 5.35
CA GLU C 299 -67.93 55.87 6.68
C GLU C 299 -68.80 55.27 7.77
N LEU C 300 -69.55 54.21 7.48
CA LEU C 300 -70.25 53.47 8.53
C LEU C 300 -69.62 52.11 8.79
N PHE C 301 -68.48 51.82 8.18
CA PHE C 301 -67.79 50.55 8.38
C PHE C 301 -67.10 50.53 9.75
N ALA C 302 -66.51 49.38 10.05
CA ALA C 302 -65.69 49.22 11.25
C ALA C 302 -64.22 49.47 10.91
N GLY C 303 -63.34 49.17 11.85
CA GLY C 303 -61.92 49.21 11.55
C GLY C 303 -61.52 48.13 10.57
N ARG C 304 -60.37 48.31 9.94
CA ARG C 304 -60.00 47.44 8.83
C ARG C 304 -59.08 46.32 9.31
N GLY C 305 -59.39 45.11 8.87
CA GLY C 305 -58.49 43.97 8.98
C GLY C 305 -57.81 43.67 7.64
N SER C 306 -56.49 43.59 7.68
CA SER C 306 -55.73 43.37 6.44
C SER C 306 -55.96 41.95 5.96
N PHE C 307 -56.15 41.79 4.65
CA PHE C 307 -56.48 40.48 4.09
C PHE C 307 -55.28 39.54 4.14
N THR C 308 -55.57 38.26 4.34
CA THR C 308 -54.55 37.22 4.39
C THR C 308 -55.05 35.98 3.65
N THR C 318 -64.28 39.50 0.35
CA THR C 318 -63.87 40.74 -0.31
C THR C 318 -65.03 41.71 -0.36
N PRO C 319 -64.80 42.97 0.04
CA PRO C 319 -65.88 43.97 -0.02
C PRO C 319 -66.35 44.22 -1.44
N THR C 320 -67.59 44.71 -1.55
CA THR C 320 -68.26 44.71 -2.85
C THR C 320 -67.64 45.71 -3.84
N PRO C 321 -67.64 47.05 -3.60
CA PRO C 321 -66.53 47.81 -4.19
C PRO C 321 -65.44 48.05 -3.16
N HIS C 322 -64.19 48.03 -3.59
CA HIS C 322 -63.10 48.39 -2.71
C HIS C 322 -62.79 49.84 -3.02
N HIS C 323 -63.30 50.75 -2.19
CA HIS C 323 -63.12 52.17 -2.44
C HIS C 323 -61.67 52.56 -2.23
N VAL C 324 -61.16 53.35 -3.15
CA VAL C 324 -59.83 53.92 -3.04
C VAL C 324 -60.01 55.43 -2.95
N ILE C 325 -59.67 55.99 -1.80
CA ILE C 325 -59.87 57.41 -1.54
C ILE C 325 -58.50 58.05 -1.59
N ILE C 326 -58.37 59.09 -2.39
CA ILE C 326 -57.12 59.79 -2.57
C ILE C 326 -57.25 61.21 -2.05
N SER C 327 -56.29 61.61 -1.21
CA SER C 327 -56.36 62.89 -0.53
C SER C 327 -55.08 63.68 -0.74
N ASP C 328 -55.22 64.93 -1.18
CA ASP C 328 -54.15 65.91 -1.09
C ASP C 328 -54.72 67.23 -0.62
N ILE C 329 -55.67 67.16 0.31
CA ILE C 329 -56.36 68.32 0.82
C ILE C 329 -55.61 68.92 2.00
N GLU C 330 -54.83 68.10 2.71
CA GLU C 330 -54.09 68.46 3.91
C GLU C 330 -55.03 69.04 4.96
N ASP C 331 -55.92 68.17 5.42
CA ASP C 331 -56.95 68.58 6.36
C ASP C 331 -56.81 67.78 7.65
N PRO C 332 -56.81 68.43 8.81
CA PRO C 332 -56.78 67.69 10.09
C PRO C 332 -58.04 66.90 10.40
N GLN C 333 -59.07 66.97 9.57
CA GLN C 333 -60.34 66.35 9.90
C GLN C 333 -60.40 64.87 9.49
N TRP C 334 -59.35 64.34 8.84
CA TRP C 334 -59.36 62.92 8.50
C TRP C 334 -59.30 62.05 9.74
N GLU C 335 -58.54 62.47 10.75
CA GLU C 335 -58.31 61.70 11.96
C GLU C 335 -59.58 61.47 12.77
N TYR C 336 -60.69 62.12 12.41
CA TYR C 336 -61.98 61.85 13.02
C TYR C 336 -62.64 60.62 12.39
N VAL C 337 -62.83 60.65 11.08
CA VAL C 337 -63.45 59.52 10.40
C VAL C 337 -62.46 58.39 10.16
N ILE C 338 -61.17 58.68 10.25
CA ILE C 338 -60.11 57.68 10.11
C ILE C 338 -59.47 57.51 11.48
N SER C 339 -59.63 56.33 12.06
CA SER C 339 -58.88 55.99 13.25
C SER C 339 -57.44 55.62 12.91
N SER C 340 -56.75 55.03 13.88
CA SER C 340 -55.43 54.47 13.68
C SER C 340 -55.44 53.20 12.84
N GLU C 341 -56.61 52.64 12.55
CA GLU C 341 -56.70 51.35 11.89
C GLU C 341 -57.44 51.40 10.57
N GLY C 342 -58.25 52.43 10.33
CA GLY C 342 -58.85 52.57 9.02
C GLY C 342 -60.27 52.08 8.96
N VAL C 343 -60.73 51.93 7.74
CA VAL C 343 -62.11 51.61 7.42
C VAL C 343 -62.07 50.32 6.61
N ASP C 344 -63.13 49.50 6.73
CA ASP C 344 -63.12 48.13 6.23
C ASP C 344 -62.87 47.98 4.75
N GLY C 345 -63.78 48.45 3.92
CA GLY C 345 -63.66 48.17 2.50
C GLY C 345 -62.86 49.18 1.73
N VAL C 346 -62.19 50.10 2.42
CA VAL C 346 -61.61 51.27 1.81
C VAL C 346 -60.12 51.29 2.11
N THR C 347 -59.30 51.51 1.08
CA THR C 347 -57.89 51.82 1.26
C THR C 347 -57.68 53.28 0.90
N PHE C 348 -56.68 53.90 1.53
CA PHE C 348 -56.45 55.32 1.35
C PHE C 348 -55.05 55.58 0.79
N PHE C 349 -54.92 56.70 0.10
CA PHE C 349 -53.63 57.17 -0.40
C PHE C 349 -53.45 58.63 -0.03
N ASP C 350 -52.57 58.88 0.92
CA ASP C 350 -52.30 60.24 1.37
C ASP C 350 -51.24 60.86 0.48
N LEU C 351 -51.67 61.65 -0.48
CA LEU C 351 -50.76 62.57 -1.12
C LEU C 351 -50.44 63.70 -0.15
N THR C 352 -49.33 64.39 -0.40
CA THR C 352 -48.80 65.45 0.47
C THR C 352 -48.64 64.94 1.91
N GLY C 353 -47.65 64.05 2.06
CA GLY C 353 -47.35 63.32 3.28
C GLY C 353 -47.33 64.16 4.55
N SER C 354 -48.16 63.78 5.51
CA SER C 354 -48.31 64.52 6.75
C SER C 354 -48.04 63.59 7.93
N PRO C 355 -47.74 64.15 9.12
CA PRO C 355 -47.53 63.29 10.29
C PRO C 355 -48.73 62.46 10.70
N LEU C 356 -49.94 62.84 10.29
CA LEU C 356 -51.10 62.02 10.59
C LEU C 356 -51.06 60.69 9.86
N TRP C 357 -50.69 60.72 8.58
CA TRP C 357 -50.73 59.51 7.77
C TRP C 357 -49.40 58.76 7.80
N THR C 358 -48.30 59.45 8.07
CA THR C 358 -46.96 58.86 8.08
C THR C 358 -46.61 58.18 9.40
N GLY C 359 -47.61 57.76 10.18
CA GLY C 359 -47.32 57.15 11.45
C GLY C 359 -46.91 55.69 11.36
N ALA C 360 -46.75 55.18 10.15
CA ALA C 360 -46.39 53.78 9.91
C ALA C 360 -45.43 53.73 8.73
N PRO C 361 -44.12 53.57 8.99
CA PRO C 361 -43.13 53.61 7.90
C PRO C 361 -43.37 52.61 6.79
N GLN C 362 -43.94 51.45 7.13
CA GLN C 362 -44.39 50.47 6.13
C GLN C 362 -45.47 51.00 5.20
N ARG C 363 -46.07 52.16 5.50
CA ARG C 363 -47.05 52.77 4.64
C ARG C 363 -46.51 53.94 3.84
N VAL C 364 -45.29 54.38 4.14
CA VAL C 364 -44.73 55.59 3.54
C VAL C 364 -43.90 55.18 2.34
N LEU C 365 -44.25 55.72 1.17
CA LEU C 365 -43.49 55.53 -0.06
C LEU C 365 -42.76 56.84 -0.34
N ARG C 366 -41.45 56.85 -0.15
CA ARG C 366 -40.67 58.07 -0.08
C ARG C 366 -39.82 58.20 -1.33
N PHE C 367 -40.05 59.25 -2.11
CA PHE C 367 -39.21 59.54 -3.27
C PHE C 367 -37.89 60.10 -2.80
N THR C 368 -36.88 59.23 -2.78
CA THR C 368 -35.56 59.59 -2.28
C THR C 368 -34.69 60.23 -3.34
N ASP C 369 -34.85 59.83 -4.60
CA ASP C 369 -34.10 60.39 -5.71
C ASP C 369 -35.04 61.02 -6.73
N SER C 370 -34.55 62.09 -7.36
CA SER C 370 -35.32 62.94 -8.25
C SER C 370 -36.06 62.16 -9.34
N ALA C 371 -35.47 61.07 -9.83
CA ALA C 371 -36.13 60.24 -10.83
C ALA C 371 -37.39 59.54 -10.32
N GLY C 372 -37.63 59.53 -9.01
CA GLY C 372 -38.76 58.79 -8.49
C GLY C 372 -38.38 57.44 -7.93
N VAL C 373 -37.23 57.37 -7.26
CA VAL C 373 -36.84 56.16 -6.55
C VAL C 373 -37.64 56.08 -5.26
N ILE C 374 -38.58 55.13 -5.21
CA ILE C 374 -39.29 54.84 -3.97
C ILE C 374 -38.37 54.03 -3.08
N GLU C 375 -38.17 54.50 -1.85
CA GLU C 375 -37.82 53.63 -0.75
C GLU C 375 -39.01 53.36 0.16
N THR C 376 -39.09 52.13 0.67
CA THR C 376 -40.01 51.73 1.72
C THR C 376 -39.45 50.47 2.37
N LEU C 377 -40.26 49.81 3.18
CA LEU C 377 -39.79 48.59 3.82
C LEU C 377 -39.84 47.40 2.86
N PRO C 378 -38.83 46.54 2.91
CA PRO C 378 -38.88 45.25 2.20
C PRO C 378 -40.06 44.41 2.64
N ARG C 379 -40.84 43.96 1.66
CA ARG C 379 -42.00 43.10 1.87
C ARG C 379 -41.79 41.77 1.17
N ASP C 380 -42.38 40.73 1.74
CA ASP C 380 -42.40 39.42 1.10
C ASP C 380 -43.15 39.47 -0.21
N ARG C 381 -42.50 38.98 -1.26
CA ARG C 381 -43.10 38.78 -2.58
C ARG C 381 -44.46 38.10 -2.53
N ASP C 382 -44.67 37.17 -1.60
CA ASP C 382 -45.88 36.37 -1.58
C ASP C 382 -46.99 36.94 -0.69
N THR C 383 -46.70 37.14 0.60
CA THR C 383 -47.69 37.60 1.55
C THR C 383 -47.88 39.11 1.58
N TRP C 384 -46.96 39.87 0.96
CA TRP C 384 -46.86 41.33 1.01
C TRP C 384 -46.59 41.85 2.42
N MET C 385 -46.34 40.96 3.37
CA MET C 385 -46.05 41.34 4.74
C MET C 385 -44.63 41.87 4.84
N VAL C 386 -44.43 42.84 5.74
CA VAL C 386 -43.11 43.40 5.95
C VAL C 386 -42.17 42.33 6.47
N ILE C 387 -40.98 42.26 5.90
CA ILE C 387 -39.98 41.29 6.33
C ILE C 387 -39.00 41.91 7.33
N ASP C 388 -38.59 43.15 7.12
CA ASP C 388 -37.80 43.82 8.14
C ASP C 388 -38.02 45.32 8.11
N ASP C 389 -37.75 45.95 9.26
CA ASP C 389 -38.21 47.29 9.58
C ASP C 389 -37.36 48.39 8.95
N ASN C 390 -36.19 48.06 8.40
CA ASN C 390 -35.32 49.11 7.87
C ASN C 390 -35.78 49.51 6.48
N ALA C 391 -35.89 50.81 6.25
CA ALA C 391 -36.21 51.32 4.93
C ALA C 391 -35.08 51.06 3.94
N TRP C 392 -35.46 50.71 2.71
CA TRP C 392 -34.50 50.26 1.71
C TRP C 392 -35.09 50.63 0.35
N PHE C 393 -34.25 50.56 -0.69
CA PHE C 393 -34.70 50.67 -2.07
C PHE C 393 -35.87 49.73 -2.34
N PHE C 394 -36.92 50.27 -2.94
CA PHE C 394 -38.09 49.48 -3.29
C PHE C 394 -38.36 49.48 -4.79
N ALA C 395 -38.48 50.66 -5.40
CA ALA C 395 -38.80 50.72 -6.83
C ALA C 395 -38.38 52.08 -7.37
N LEU C 396 -38.32 52.15 -8.69
CA LEU C 396 -38.43 53.39 -9.43
C LEU C 396 -39.85 53.51 -9.96
N ALA C 397 -40.50 54.62 -9.62
CA ALA C 397 -41.94 54.77 -9.89
C ALA C 397 -42.24 54.93 -11.37
N ASP C 398 -43.28 54.22 -11.82
CA ASP C 398 -43.80 54.32 -13.19
C ASP C 398 -44.61 55.60 -13.41
N GLN C 399 -43.98 56.75 -13.19
CA GLN C 399 -44.64 58.04 -13.28
C GLN C 399 -45.24 58.26 -14.66
N MET C 400 -46.43 58.86 -14.71
CA MET C 400 -47.13 59.08 -15.96
C MET C 400 -47.66 60.50 -16.05
N SER C 401 -47.55 61.07 -17.25
CA SER C 401 -47.95 62.44 -17.50
C SER C 401 -49.47 62.59 -17.52
N GLU C 402 -49.90 63.83 -17.34
CA GLU C 402 -51.31 64.19 -17.41
C GLU C 402 -51.91 63.91 -18.78
N ALA C 403 -51.14 64.17 -19.84
CA ALA C 403 -51.63 63.91 -21.19
C ALA C 403 -51.87 62.43 -21.44
N ASP C 404 -50.97 61.57 -21.00
CA ASP C 404 -51.16 60.14 -21.16
C ASP C 404 -52.36 59.65 -20.36
N ALA C 405 -52.48 60.13 -19.12
CA ALA C 405 -53.64 59.80 -18.29
C ALA C 405 -54.95 60.23 -18.95
N GLU C 406 -54.98 61.46 -19.46
CA GLU C 406 -56.15 61.96 -20.18
C GLU C 406 -56.45 61.11 -21.42
N GLN C 407 -55.41 60.71 -22.15
CA GLN C 407 -55.59 59.89 -23.33
C GLN C 407 -56.17 58.52 -23.00
N PHE C 408 -55.62 57.86 -21.98
CA PHE C 408 -56.21 56.64 -21.46
C PHE C 408 -57.63 56.84 -20.99
N ALA C 409 -57.92 57.98 -20.35
CA ALA C 409 -59.28 58.24 -19.89
C ALA C 409 -60.25 58.39 -21.06
N HIS C 410 -59.82 59.06 -22.13
CA HIS C 410 -60.61 59.12 -23.35
C HIS C 410 -60.80 57.76 -24.00
N GLN C 411 -59.85 56.85 -23.83
CA GLN C 411 -60.06 55.47 -24.25
C GLN C 411 -61.07 54.75 -23.36
N MET C 412 -60.90 54.82 -22.04
CA MET C 412 -61.75 54.08 -21.11
C MET C 412 -63.19 54.58 -21.12
N ALA C 413 -63.39 55.89 -21.36
CA ALA C 413 -64.74 56.45 -21.49
C ALA C 413 -65.53 55.81 -22.62
N HIS C 414 -64.88 55.21 -23.60
CA HIS C 414 -65.56 54.60 -24.74
C HIS C 414 -66.34 53.35 -24.35
N TRP C 415 -66.11 52.79 -23.15
CA TRP C 415 -66.64 51.49 -22.81
C TRP C 415 -67.60 51.58 -21.63
N ARG C 416 -68.59 50.68 -21.64
CA ARG C 416 -69.68 50.71 -20.67
C ARG C 416 -70.02 49.35 -20.09
N LEU C 417 -69.28 48.30 -20.43
CA LEU C 417 -69.63 46.93 -20.02
C LEU C 417 -69.50 46.74 -18.52
N PRO D 18 -82.25 60.27 -20.24
CA PRO D 18 -82.03 59.98 -21.66
C PRO D 18 -80.56 59.80 -21.99
N GLN D 19 -80.26 59.17 -23.12
CA GLN D 19 -78.86 58.96 -23.50
C GLN D 19 -78.26 60.29 -23.98
N ALA D 20 -77.04 60.55 -23.55
CA ALA D 20 -76.30 61.72 -23.98
C ALA D 20 -74.85 61.33 -24.21
N ALA D 21 -74.22 61.98 -25.19
CA ALA D 21 -72.81 61.75 -25.49
C ALA D 21 -71.98 62.88 -24.93
N VAL D 22 -70.79 62.56 -24.45
CA VAL D 22 -69.88 63.53 -23.84
C VAL D 22 -68.60 63.52 -24.67
N VAL D 23 -68.40 64.57 -25.45
CA VAL D 23 -67.26 64.66 -26.34
C VAL D 23 -66.42 65.87 -25.98
N ALA D 24 -65.19 65.89 -26.48
CA ALA D 24 -64.22 66.95 -26.22
C ALA D 24 -64.08 67.78 -27.49
N ILE D 25 -64.51 69.03 -27.44
CA ILE D 25 -64.47 69.91 -28.59
C ILE D 25 -63.10 70.59 -28.65
N MET D 26 -62.37 70.34 -29.73
CA MET D 26 -61.10 71.01 -29.96
C MET D 26 -61.37 72.27 -30.78
N ALA D 27 -61.17 73.43 -30.17
CA ALA D 27 -61.42 74.70 -30.84
C ALA D 27 -60.52 75.74 -30.20
N ALA D 28 -59.86 76.55 -31.04
CA ALA D 28 -58.94 77.62 -30.62
C ALA D 28 -57.84 77.07 -29.72
N ASP D 29 -57.30 75.91 -30.10
CA ASP D 29 -56.15 75.24 -29.50
C ASP D 29 -56.38 74.80 -28.06
N VAL D 30 -57.64 74.77 -27.60
CA VAL D 30 -57.95 74.26 -26.28
C VAL D 30 -58.98 73.15 -26.40
N GLN D 31 -58.97 72.24 -25.43
CA GLN D 31 -59.90 71.14 -25.36
C GLN D 31 -61.04 71.50 -24.40
N ILE D 32 -62.27 71.36 -24.87
CA ILE D 32 -63.45 71.67 -24.07
C ILE D 32 -64.38 70.47 -24.11
N ALA D 33 -64.74 69.95 -22.94
CA ALA D 33 -65.66 68.83 -22.84
C ALA D 33 -67.08 69.33 -22.64
N VAL D 34 -68.00 68.82 -23.46
CA VAL D 34 -69.41 69.22 -23.43
C VAL D 34 -70.27 67.98 -23.37
N VAL D 35 -71.53 68.17 -23.00
CA VAL D 35 -72.53 67.11 -23.02
C VAL D 35 -73.57 67.44 -24.08
N LEU D 36 -73.79 66.51 -25.00
CA LEU D 36 -74.67 66.72 -26.14
C LEU D 36 -75.73 65.63 -26.19
N ASP D 37 -76.87 65.96 -26.81
CA ASP D 37 -77.92 64.97 -27.01
C ASP D 37 -77.47 63.92 -28.02
N ALA D 38 -77.76 62.66 -27.72
CA ALA D 38 -77.31 61.56 -28.55
C ALA D 38 -78.29 61.22 -29.67
N HIS D 39 -79.46 61.84 -29.70
CA HIS D 39 -80.46 61.56 -30.72
C HIS D 39 -80.87 62.77 -31.54
N ALA D 40 -80.53 63.97 -31.12
CA ALA D 40 -80.84 65.12 -31.95
C ALA D 40 -79.79 65.26 -33.06
N PRO D 41 -80.17 65.85 -34.19
CA PRO D 41 -79.20 66.07 -35.27
C PRO D 41 -78.16 67.12 -34.90
N ILE D 42 -77.11 67.16 -35.70
CA ILE D 42 -75.99 68.08 -35.44
C ILE D 42 -76.46 69.52 -35.53
N SER D 43 -77.29 69.82 -36.53
CA SER D 43 -77.68 71.20 -36.80
C SER D 43 -78.53 71.79 -35.68
N VAL D 44 -79.29 70.94 -34.98
CA VAL D 44 -80.10 71.44 -33.86
C VAL D 44 -79.21 71.83 -32.70
N MET D 45 -78.27 70.97 -32.33
CA MET D 45 -77.50 71.18 -31.12
C MET D 45 -76.27 72.04 -31.34
N ILE D 46 -75.91 72.34 -32.58
CA ILE D 46 -74.71 73.14 -32.84
C ILE D 46 -74.96 74.62 -32.60
N ASP D 47 -76.22 75.03 -32.50
CA ASP D 47 -76.56 76.44 -32.27
C ASP D 47 -76.26 76.91 -30.84
N PRO D 48 -76.54 76.13 -29.78
CA PRO D 48 -76.04 76.57 -28.47
C PRO D 48 -74.60 76.17 -28.21
N LEU D 49 -74.06 75.27 -29.04
CA LEU D 49 -72.74 74.71 -28.75
C LEU D 49 -71.65 75.76 -28.89
N LEU D 50 -71.70 76.59 -29.94
CA LEU D 50 -70.67 77.61 -30.08
C LEU D 50 -70.83 78.70 -29.03
N LYS D 51 -72.06 78.94 -28.57
CA LYS D 51 -72.26 79.88 -27.47
C LYS D 51 -71.60 79.36 -26.20
N VAL D 52 -71.77 78.07 -25.93
CA VAL D 52 -71.14 77.46 -24.76
C VAL D 52 -69.62 77.50 -24.90
N VAL D 53 -69.11 77.21 -26.10
CA VAL D 53 -67.68 77.22 -26.35
C VAL D 53 -67.10 78.62 -26.20
N ASN D 54 -67.80 79.64 -26.70
CA ASN D 54 -67.34 81.01 -26.56
C ASN D 54 -67.38 81.46 -25.11
N THR D 55 -68.40 81.03 -24.36
CA THR D 55 -68.46 81.34 -22.94
C THR D 55 -67.28 80.71 -22.20
N ARG D 56 -66.97 79.46 -22.52
CA ARG D 56 -65.83 78.79 -21.90
C ARG D 56 -64.51 79.46 -22.30
N LEU D 57 -64.41 79.90 -23.55
CA LEU D 57 -63.19 80.54 -24.02
C LEU D 57 -63.01 81.90 -23.36
N ARG D 58 -64.10 82.61 -23.13
CA ARG D 58 -64.05 83.87 -22.39
C ARG D 58 -63.73 83.63 -20.94
N GLU D 59 -64.14 82.48 -20.40
CA GLU D 59 -63.72 82.08 -19.06
C GLU D 59 -62.22 81.89 -19.00
N LEU D 60 -61.63 81.32 -20.06
CA LEU D 60 -60.20 81.11 -20.12
C LEU D 60 -59.44 82.36 -20.54
N GLY D 61 -60.14 83.43 -20.88
CA GLY D 61 -59.48 84.64 -21.33
C GLY D 61 -58.78 84.50 -22.67
N VAL D 62 -59.41 83.81 -23.61
CA VAL D 62 -58.87 83.62 -24.95
C VAL D 62 -59.85 84.23 -25.94
N ALA D 63 -59.32 84.73 -27.06
CA ALA D 63 -60.12 85.40 -28.06
C ALA D 63 -61.18 84.45 -28.62
N PRO D 64 -62.45 84.82 -28.59
CA PRO D 64 -63.51 83.87 -28.95
C PRO D 64 -63.54 83.57 -30.44
N LEU D 65 -64.21 82.48 -30.78
CA LEU D 65 -64.35 82.08 -32.16
C LEU D 65 -65.28 83.04 -32.89
N GLU D 66 -64.84 83.50 -34.06
CA GLU D 66 -65.64 84.38 -34.89
C GLU D 66 -65.51 83.94 -36.34
N ALA D 67 -66.59 84.11 -37.09
CA ALA D 67 -66.62 83.68 -38.48
C ALA D 67 -66.12 84.79 -39.40
N LYS D 68 -65.68 84.37 -40.58
CA LYS D 68 -65.28 85.30 -41.64
C LYS D 68 -65.77 84.76 -42.97
N GLY D 69 -66.12 85.68 -43.87
CA GLY D 69 -66.67 85.25 -45.14
C GLY D 69 -68.04 84.63 -44.98
N ARG D 70 -68.32 83.64 -45.82
CA ARG D 70 -69.61 82.95 -45.81
C ARG D 70 -69.38 81.46 -45.63
N GLY D 71 -70.28 80.82 -44.90
CA GLY D 71 -70.15 79.42 -44.58
C GLY D 71 -70.99 79.10 -43.35
N ARG D 72 -70.71 77.94 -42.76
CA ARG D 72 -71.44 77.50 -41.58
C ARG D 72 -70.47 77.00 -40.54
N TRP D 73 -70.89 77.09 -39.27
CA TRP D 73 -70.21 76.36 -38.23
C TRP D 73 -70.59 74.89 -38.36
N MET D 74 -69.59 74.02 -38.28
CA MET D 74 -69.77 72.64 -38.70
C MET D 74 -68.62 71.80 -38.16
N LEU D 75 -68.96 70.60 -37.67
CA LEU D 75 -68.05 69.77 -36.91
C LEU D 75 -67.38 68.74 -37.80
N CYS D 76 -66.06 68.74 -37.79
CA CYS D 76 -65.24 67.82 -38.56
C CYS D 76 -64.49 66.89 -37.61
N LEU D 77 -64.15 65.72 -38.10
CA LEU D 77 -63.31 64.80 -37.34
C LEU D 77 -61.85 65.25 -37.39
N VAL D 78 -60.95 64.41 -36.88
CA VAL D 78 -59.54 64.78 -36.78
C VAL D 78 -58.92 64.90 -38.17
N ASP D 79 -59.35 64.06 -39.12
CA ASP D 79 -58.82 64.10 -40.47
C ASP D 79 -59.38 65.25 -41.27
N GLY D 80 -60.50 65.83 -40.85
CA GLY D 80 -61.13 66.94 -41.53
C GLY D 80 -62.45 66.62 -42.19
N THR D 81 -62.86 65.36 -42.22
CA THR D 81 -64.15 65.03 -42.81
C THR D 81 -65.28 65.54 -41.91
N PRO D 82 -66.25 66.26 -42.47
CA PRO D 82 -67.33 66.82 -41.65
C PRO D 82 -68.34 65.77 -41.23
N LEU D 83 -69.10 66.11 -40.21
CA LEU D 83 -70.24 65.31 -39.80
C LEU D 83 -71.48 65.72 -40.59
N ARG D 84 -72.38 64.77 -40.78
CA ARG D 84 -73.62 65.04 -41.47
C ARG D 84 -74.54 65.85 -40.56
N PRO D 85 -74.99 67.04 -40.96
CA PRO D 85 -75.77 67.87 -40.04
C PRO D 85 -77.19 67.39 -39.80
N ASN D 86 -77.68 66.44 -40.60
CA ASN D 86 -79.02 65.91 -40.45
C ASN D 86 -79.06 64.57 -39.70
N LEU D 87 -77.94 64.17 -39.11
CA LEU D 87 -77.86 62.90 -38.42
C LEU D 87 -77.40 63.12 -36.99
N SER D 88 -77.86 62.24 -36.09
CA SER D 88 -77.47 62.35 -34.69
C SER D 88 -76.04 61.87 -34.50
N LEU D 89 -75.55 61.97 -33.26
CA LEU D 89 -74.17 61.57 -33.00
C LEU D 89 -74.03 60.06 -33.00
N THR D 90 -75.07 59.35 -32.55
CA THR D 90 -75.04 57.89 -32.54
C THR D 90 -75.10 57.32 -33.95
N GLU D 91 -75.91 57.93 -34.81
CA GLU D 91 -76.05 57.44 -36.18
C GLU D 91 -74.79 57.67 -37.01
N GLN D 92 -73.92 58.57 -36.58
CA GLN D 92 -72.64 58.79 -37.23
C GLN D 92 -71.49 58.12 -36.48
N GLU D 93 -71.78 57.28 -35.49
CA GLU D 93 -70.79 56.55 -34.69
C GLU D 93 -69.83 57.51 -33.99
N VAL D 94 -70.39 58.36 -33.13
CA VAL D 94 -69.62 59.19 -32.23
C VAL D 94 -69.97 58.78 -30.81
N TYR D 95 -68.96 58.38 -30.06
CA TYR D 95 -69.13 57.85 -28.71
C TYR D 95 -68.50 58.78 -27.70
N ASP D 96 -68.56 58.38 -26.44
CA ASP D 96 -67.98 59.17 -25.36
C ASP D 96 -66.46 59.25 -25.50
N GLY D 97 -65.90 60.39 -25.13
CA GLY D 97 -64.48 60.58 -25.24
C GLY D 97 -63.97 60.93 -26.61
N ASP D 98 -64.85 61.01 -27.62
CA ASP D 98 -64.43 61.38 -28.95
C ASP D 98 -64.10 62.86 -29.01
N ARG D 99 -63.15 63.21 -29.88
CA ARG D 99 -62.78 64.60 -30.10
C ARG D 99 -63.34 65.07 -31.43
N LEU D 100 -64.06 66.19 -31.39
CA LEU D 100 -64.62 66.83 -32.57
C LEU D 100 -64.04 68.22 -32.70
N TRP D 101 -63.60 68.57 -33.90
CA TRP D 101 -63.07 69.90 -34.15
C TRP D 101 -64.19 70.81 -34.65
N LEU D 102 -64.35 71.95 -34.00
CA LEU D 102 -65.34 72.94 -34.40
C LEU D 102 -64.68 73.97 -35.29
N LYS D 103 -65.18 74.10 -36.51
CA LYS D 103 -64.56 74.95 -37.52
C LYS D 103 -65.65 75.69 -38.28
N PHE D 104 -65.24 76.80 -38.88
CA PHE D 104 -66.08 77.54 -39.82
C PHE D 104 -65.49 77.35 -41.20
N LEU D 105 -66.23 76.68 -42.07
CA LEU D 105 -65.74 76.28 -43.38
C LEU D 105 -66.55 77.00 -44.46
N GLU D 106 -65.86 77.40 -45.52
CA GLU D 106 -66.50 78.14 -46.60
C GLU D 106 -67.44 77.28 -47.43
N ASP D 107 -67.33 75.96 -47.32
CA ASP D 107 -68.15 75.05 -48.11
C ASP D 107 -68.46 73.81 -47.29
N THR D 108 -69.45 73.06 -47.74
CA THR D 108 -69.86 71.83 -47.09
C THR D 108 -69.17 70.59 -47.67
N GLU D 109 -68.37 70.75 -48.72
CA GLU D 109 -67.69 69.65 -49.38
C GLU D 109 -66.18 69.85 -49.31
N HIS D 110 -65.50 69.01 -48.52
CA HIS D 110 -64.06 69.12 -48.37
C HIS D 110 -63.37 67.76 -48.27
N ARG D 111 -64.05 66.67 -48.60
CA ARG D 111 -63.46 65.34 -48.51
C ARG D 111 -62.43 65.11 -49.61
N SER D 112 -61.50 64.19 -49.32
CA SER D 112 -60.50 63.73 -50.30
C SER D 112 -60.51 62.20 -50.29
N GLU D 113 -61.37 61.61 -51.11
CA GLU D 113 -61.72 60.20 -51.01
C GLU D 113 -60.61 59.26 -51.50
N VAL D 114 -59.55 59.79 -52.11
CA VAL D 114 -58.61 58.97 -52.88
C VAL D 114 -57.69 58.24 -51.92
N ILE D 115 -57.85 56.92 -51.84
CA ILE D 115 -56.96 56.04 -51.10
C ILE D 115 -55.89 55.53 -52.06
N GLU D 116 -54.67 55.41 -51.58
CA GLU D 116 -53.63 54.67 -52.29
C GLU D 116 -53.25 53.41 -51.53
N HIS D 117 -53.30 52.27 -52.20
CA HIS D 117 -52.65 51.05 -51.75
C HIS D 117 -51.16 51.18 -52.04
N ILE D 118 -50.35 51.41 -51.00
CA ILE D 118 -48.90 51.49 -51.12
C ILE D 118 -48.31 50.54 -50.10
N SER D 119 -47.28 49.78 -50.48
CA SER D 119 -46.62 48.93 -49.51
C SER D 119 -45.81 49.80 -48.55
N THR D 120 -46.23 49.83 -47.28
CA THR D 120 -45.63 50.71 -46.27
C THR D 120 -44.18 50.36 -45.95
N ALA D 121 -43.81 49.08 -45.99
CA ALA D 121 -42.46 48.67 -45.62
C ALA D 121 -41.41 49.24 -46.56
N VAL D 122 -41.59 49.01 -47.87
CA VAL D 122 -40.65 49.54 -48.85
C VAL D 122 -40.75 51.06 -48.89
N ALA D 123 -41.95 51.62 -48.72
CA ALA D 123 -42.12 53.07 -48.69
C ALA D 123 -41.29 53.72 -47.60
N THR D 124 -41.32 53.14 -46.40
CA THR D 124 -40.55 53.69 -45.29
C THR D 124 -39.10 53.26 -45.34
N ASN D 125 -38.79 52.26 -46.15
CA ASN D 125 -37.42 51.78 -46.28
C ASN D 125 -36.62 52.59 -47.28
N LEU D 126 -37.14 52.70 -48.51
CA LEU D 126 -36.36 53.17 -49.65
C LEU D 126 -36.03 54.65 -49.55
N SER D 127 -36.80 55.40 -48.75
CA SER D 127 -36.63 56.84 -48.66
C SER D 127 -35.26 57.21 -48.08
N LYS D 128 -34.77 56.44 -47.12
CA LYS D 128 -33.54 56.80 -46.45
C LYS D 128 -32.30 56.51 -47.29
N ARG D 129 -32.40 55.69 -48.33
CA ARG D 129 -31.23 55.34 -49.13
C ARG D 129 -31.31 55.86 -50.55
N PHE D 130 -32.38 56.55 -50.92
CA PHE D 130 -32.44 57.34 -52.14
C PHE D 130 -32.39 58.83 -51.86
N ALA D 131 -32.00 59.21 -50.66
CA ALA D 131 -31.95 60.61 -50.30
C ALA D 131 -30.81 61.33 -51.04
N PRO D 132 -30.99 62.61 -51.34
CA PRO D 132 -29.88 63.44 -51.83
C PRO D 132 -28.88 63.77 -50.74
N ILE D 133 -27.80 64.46 -51.11
CA ILE D 133 -26.80 64.86 -50.13
C ILE D 133 -27.40 65.81 -49.11
N ASP D 134 -27.35 65.41 -47.86
CA ASP D 134 -27.69 66.09 -46.62
C ASP D 134 -26.45 66.85 -46.16
N PRO D 135 -26.56 68.14 -45.82
CA PRO D 135 -25.36 68.89 -45.37
C PRO D 135 -24.60 68.28 -44.20
N VAL D 136 -25.25 67.48 -43.34
CA VAL D 136 -24.49 66.80 -42.30
C VAL D 136 -23.52 65.79 -42.90
N VAL D 137 -23.84 65.22 -44.06
CA VAL D 137 -22.88 64.40 -44.77
C VAL D 137 -21.82 65.28 -45.41
N ALA D 138 -22.24 66.41 -45.99
CA ALA D 138 -21.36 67.29 -46.74
C ALA D 138 -20.26 67.86 -45.86
N VAL D 139 -20.61 68.18 -44.61
CA VAL D 139 -19.63 68.60 -43.62
C VAL D 139 -18.57 67.52 -43.41
N GLN D 140 -19.00 66.26 -43.26
CA GLN D 140 -18.05 65.16 -43.12
C GLN D 140 -17.18 65.01 -44.36
N VAL D 141 -17.76 65.17 -45.53
CA VAL D 141 -17.01 65.14 -46.79
C VAL D 141 -15.94 66.22 -46.81
N GLY D 142 -16.33 67.45 -46.49
CA GLY D 142 -15.37 68.54 -46.39
C GLY D 142 -14.27 68.27 -45.39
N ALA D 143 -14.64 67.78 -44.21
CA ALA D 143 -13.66 67.50 -43.16
C ALA D 143 -12.67 66.43 -43.62
N THR D 144 -13.15 65.41 -44.32
CA THR D 144 -12.29 64.40 -44.90
C THR D 144 -11.33 65.01 -45.91
N MET D 145 -11.84 65.87 -46.80
CA MET D 145 -10.97 66.43 -47.82
C MET D 145 -9.95 67.40 -47.24
N VAL D 146 -10.34 68.12 -46.19
CA VAL D 146 -9.39 68.91 -45.39
C VAL D 146 -8.30 68.02 -44.80
N ALA D 147 -8.70 66.90 -44.20
CA ALA D 147 -7.74 65.95 -43.65
C ALA D 147 -6.76 65.47 -44.71
N VAL D 148 -7.26 65.11 -45.89
CA VAL D 148 -6.41 64.70 -46.99
C VAL D 148 -5.44 65.82 -47.36
N GLY D 149 -5.94 67.05 -47.41
CA GLY D 149 -5.09 68.17 -47.77
C GLY D 149 -3.99 68.42 -46.76
N VAL D 150 -4.32 68.37 -45.46
CA VAL D 150 -3.30 68.64 -44.46
C VAL D 150 -2.29 67.50 -44.38
N LEU D 151 -2.72 66.26 -44.62
CA LEU D 151 -1.76 65.17 -44.69
C LEU D 151 -0.81 65.32 -45.87
N LEU D 152 -1.36 65.71 -47.04
CA LEU D 152 -0.51 66.00 -48.18
C LEU D 152 0.46 67.12 -47.87
N GLY D 153 -0.01 68.18 -47.25
CA GLY D 153 0.85 69.32 -46.95
C GLY D 153 1.98 68.94 -46.01
N SER D 154 1.66 68.15 -44.98
CA SER D 154 2.70 67.70 -44.07
C SER D 154 3.70 66.79 -44.76
N ALA D 155 3.22 65.92 -45.64
CA ALA D 155 4.12 65.04 -46.39
C ALA D 155 5.02 65.85 -47.33
N LEU D 156 4.47 66.87 -47.98
CA LEU D 156 5.26 67.73 -48.85
C LEU D 156 6.33 68.48 -48.07
N LEU D 157 5.97 69.01 -46.90
CA LEU D 157 6.93 69.73 -46.09
C LEU D 157 8.04 68.81 -45.60
N GLY D 158 7.68 67.58 -45.21
CA GLY D 158 8.69 66.61 -44.83
C GLY D 158 9.59 66.21 -45.98
N TRP D 159 9.01 66.10 -47.17
CA TRP D 159 9.79 65.82 -48.38
C TRP D 159 10.78 66.94 -48.68
N TRP D 160 10.34 68.18 -48.55
CA TRP D 160 11.26 69.31 -48.69
C TRP D 160 12.37 69.26 -47.64
N ARG D 161 12.01 69.02 -46.38
CA ARG D 161 13.02 69.01 -45.31
C ARG D 161 14.03 67.90 -45.53
N TRP D 162 13.58 66.75 -46.04
CA TRP D 162 14.49 65.67 -46.37
C TRP D 162 15.38 66.04 -47.55
N GLN D 163 14.78 66.58 -48.62
CA GLN D 163 15.55 66.88 -49.82
C GLN D 163 16.39 68.14 -49.68
N HIS D 164 15.84 69.17 -49.02
CA HIS D 164 16.49 70.47 -48.92
C HIS D 164 16.60 70.83 -47.45
N GLU D 165 17.76 70.59 -46.86
CA GLU D 165 17.98 70.88 -45.45
C GLU D 165 17.92 72.39 -45.22
N SER D 166 16.83 72.85 -44.62
CA SER D 166 16.63 74.28 -44.39
C SER D 166 15.71 74.47 -43.19
N TRP D 167 15.78 75.66 -42.62
CA TRP D 167 14.94 76.05 -41.49
C TRP D 167 13.53 76.45 -41.90
N LEU D 168 13.28 76.60 -43.20
CA LEU D 168 12.02 77.14 -43.68
C LEU D 168 10.74 76.33 -43.40
N PRO D 169 10.68 74.99 -43.55
CA PRO D 169 9.39 74.31 -43.38
C PRO D 169 8.97 74.05 -41.95
N ALA D 170 9.92 74.07 -41.00
CA ALA D 170 9.61 73.69 -39.63
C ALA D 170 8.61 74.64 -38.95
N PRO D 171 8.75 75.97 -39.01
CA PRO D 171 7.75 76.77 -38.29
C PRO D 171 6.41 76.78 -39.00
N PHE D 172 6.41 76.67 -40.33
CA PHE D 172 5.15 76.76 -41.05
C PHE D 172 4.30 75.53 -40.80
N ALA D 173 4.92 74.35 -40.72
CA ALA D 173 4.14 73.16 -40.39
C ALA D 173 3.57 73.26 -38.98
N ALA D 174 4.31 73.87 -38.06
CA ALA D 174 3.82 74.08 -36.71
C ALA D 174 2.62 75.01 -36.71
N VAL D 175 2.66 76.05 -37.53
CA VAL D 175 1.55 77.00 -37.61
C VAL D 175 0.29 76.31 -38.13
N ILE D 176 0.44 75.51 -39.20
CA ILE D 176 -0.71 74.81 -39.76
C ILE D 176 -1.28 73.81 -38.77
N ALA D 177 -0.40 73.07 -38.08
CA ALA D 177 -0.85 72.12 -37.08
C ALA D 177 -1.59 72.80 -35.93
N VAL D 178 -1.05 73.92 -35.46
CA VAL D 178 -1.67 74.63 -34.34
C VAL D 178 -3.05 75.13 -34.72
N LEU D 179 -3.18 75.73 -35.91
CA LEU D 179 -4.48 76.26 -36.29
C LEU D 179 -5.49 75.13 -36.51
N VAL D 180 -5.07 74.03 -37.11
CA VAL D 180 -5.97 72.91 -37.36
C VAL D 180 -6.41 72.27 -36.05
N LEU D 181 -5.48 72.05 -35.12
CA LEU D 181 -5.83 71.43 -33.85
C LEU D 181 -6.72 72.34 -33.01
N THR D 182 -6.51 73.65 -33.07
CA THR D 182 -7.38 74.56 -32.35
C THR D 182 -8.78 74.56 -32.94
N VAL D 183 -8.87 74.48 -34.27
CA VAL D 183 -10.18 74.38 -34.92
C VAL D 183 -10.88 73.08 -34.51
N ALA D 184 -10.11 71.99 -34.47
CA ALA D 184 -10.67 70.70 -34.08
C ALA D 184 -11.13 70.70 -32.64
N THR D 185 -10.35 71.33 -31.74
CA THR D 185 -10.75 71.40 -30.35
C THR D 185 -12.00 72.25 -30.18
N MET D 186 -12.10 73.34 -30.94
CA MET D 186 -13.32 74.15 -30.91
C MET D 186 -14.51 73.37 -31.42
N ILE D 187 -14.29 72.52 -32.42
CA ILE D 187 -15.36 71.66 -32.89
C ILE D 187 -15.75 70.67 -31.81
N LEU D 188 -14.76 70.09 -31.13
CA LEU D 188 -15.02 69.15 -30.05
C LEU D 188 -15.42 69.84 -28.76
N ALA D 189 -15.43 71.17 -28.72
CA ALA D 189 -15.79 71.91 -27.52
C ALA D 189 -17.29 71.97 -27.29
N ARG D 190 -18.07 71.15 -28.01
CA ARG D 190 -19.52 70.95 -27.94
C ARG D 190 -20.30 72.15 -28.48
N SER D 191 -19.63 73.21 -28.92
CA SER D 191 -20.34 74.43 -29.29
C SER D 191 -21.03 74.30 -30.64
N LYS D 192 -20.49 73.49 -31.55
CA LYS D 192 -21.05 73.37 -32.88
C LYS D 192 -21.33 71.95 -33.33
N THR D 193 -20.96 70.93 -32.54
CA THR D 193 -21.12 69.53 -32.94
C THR D 193 -21.41 68.71 -31.69
N VAL D 194 -22.68 68.45 -31.42
CA VAL D 194 -23.06 67.49 -30.39
C VAL D 194 -23.04 66.04 -30.92
N PRO D 195 -23.78 65.66 -32.01
CA PRO D 195 -23.86 64.22 -32.32
C PRO D 195 -22.73 63.68 -33.18
N ASP D 196 -22.09 64.52 -33.99
CA ASP D 196 -21.06 64.06 -34.91
C ASP D 196 -19.70 64.52 -34.40
N ARG D 197 -19.10 63.69 -33.58
CA ARG D 197 -17.71 63.83 -33.19
C ARG D 197 -16.78 63.40 -34.32
N ARG D 198 -17.34 62.87 -35.41
CA ARG D 198 -16.54 62.37 -36.52
C ARG D 198 -15.71 63.48 -37.13
N VAL D 199 -16.31 64.66 -37.33
CA VAL D 199 -15.59 65.77 -37.91
C VAL D 199 -14.43 66.17 -37.01
N GLY D 200 -14.71 66.30 -35.72
CA GLY D 200 -13.67 66.66 -34.78
C GLY D 200 -12.59 65.60 -34.69
N ASP D 201 -12.98 64.32 -34.70
CA ASP D 201 -11.99 63.26 -34.60
C ASP D 201 -11.10 63.20 -35.83
N ILE D 202 -11.69 63.37 -37.02
CA ILE D 202 -10.90 63.36 -38.25
C ILE D 202 -9.95 64.53 -38.30
N LEU D 203 -10.42 65.73 -37.92
CA LEU D 203 -9.54 66.89 -37.91
C LEU D 203 -8.44 66.73 -36.88
N LEU D 204 -8.79 66.26 -35.68
CA LEU D 204 -7.79 66.12 -34.62
C LEU D 204 -6.74 65.12 -35.02
N LEU D 205 -7.17 64.00 -35.63
CA LEU D 205 -6.22 62.97 -36.05
C LEU D 205 -5.34 63.49 -37.17
N SER D 206 -5.92 64.29 -38.06
CA SER D 206 -5.15 64.76 -39.20
C SER D 206 -4.17 65.84 -38.80
N GLY D 207 -4.54 66.68 -37.83
CA GLY D 207 -3.68 67.80 -37.48
C GLY D 207 -2.46 67.41 -36.67
N LEU D 208 -2.43 66.21 -36.12
CA LEU D 208 -1.27 65.82 -35.32
C LEU D 208 -0.07 65.49 -36.18
N VAL D 209 -0.29 65.06 -37.42
CA VAL D 209 0.82 64.75 -38.33
C VAL D 209 1.65 65.98 -38.70
N PRO D 210 1.06 67.15 -39.04
CA PRO D 210 1.92 68.33 -39.21
C PRO D 210 2.68 68.72 -37.97
N LEU D 211 2.13 68.46 -36.78
CA LEU D 211 2.85 68.74 -35.55
C LEU D 211 4.11 67.89 -35.44
N ALA D 212 3.99 66.60 -35.73
CA ALA D 212 5.15 65.72 -35.70
C ALA D 212 6.14 66.08 -36.78
N VAL D 213 5.64 66.50 -37.95
CA VAL D 213 6.52 66.92 -39.04
C VAL D 213 7.33 68.15 -38.63
N ALA D 214 6.67 69.12 -38.00
CA ALA D 214 7.35 70.33 -37.55
C ALA D 214 8.37 70.02 -36.47
N ILE D 215 8.02 69.15 -35.53
CA ILE D 215 8.94 68.78 -34.46
C ILE D 215 10.16 68.06 -35.02
N ALA D 216 9.96 67.17 -35.98
CA ALA D 216 11.08 66.47 -36.59
C ALA D 216 11.95 67.41 -37.42
N ALA D 217 11.32 68.37 -38.11
CA ALA D 217 12.08 69.31 -38.92
C ALA D 217 12.79 70.38 -38.09
N THR D 218 12.39 70.53 -36.82
CA THR D 218 13.10 71.45 -35.93
C THR D 218 14.54 71.00 -35.70
N ALA D 219 14.76 69.70 -35.57
CA ALA D 219 16.10 69.19 -35.36
C ALA D 219 16.98 69.38 -36.59
N PRO D 220 18.27 69.71 -36.41
CA PRO D 220 19.14 69.96 -37.56
C PRO D 220 19.59 68.70 -38.27
N GLY D 221 20.49 68.85 -39.23
CA GLY D 221 20.99 67.72 -39.98
C GLY D 221 20.18 67.47 -41.23
N PRO D 222 20.62 66.52 -42.07
CA PRO D 222 19.87 66.16 -43.27
C PRO D 222 18.50 65.56 -42.94
N VAL D 223 18.49 64.49 -42.16
CA VAL D 223 17.27 63.96 -41.57
C VAL D 223 16.96 64.76 -40.33
N GLY D 224 15.78 64.56 -39.75
CA GLY D 224 15.55 65.04 -38.40
C GLY D 224 16.53 64.34 -37.49
N ALA D 225 17.36 65.11 -36.79
CA ALA D 225 18.67 64.71 -36.25
C ALA D 225 18.79 63.31 -35.67
N PRO D 226 17.88 62.80 -34.81
CA PRO D 226 18.03 61.41 -34.39
C PRO D 226 17.36 60.44 -35.35
N HIS D 227 17.53 60.67 -36.66
CA HIS D 227 16.78 59.98 -37.71
C HIS D 227 15.29 59.98 -37.41
N ALA D 228 14.78 61.18 -37.03
CA ALA D 228 13.37 61.43 -36.74
C ALA D 228 12.81 60.53 -35.64
N VAL D 229 13.55 60.38 -34.55
CA VAL D 229 12.99 59.75 -33.36
C VAL D 229 11.89 60.64 -32.77
N LEU D 230 12.18 61.93 -32.67
CA LEU D 230 11.35 62.84 -31.89
C LEU D 230 9.99 63.05 -32.52
N GLY D 231 9.91 63.03 -33.86
CA GLY D 231 8.62 63.17 -34.51
C GLY D 231 7.70 61.99 -34.22
N PHE D 232 8.23 60.77 -34.35
CA PHE D 232 7.44 59.59 -34.02
C PHE D 232 7.08 59.56 -32.54
N GLY D 233 8.00 59.98 -31.69
CA GLY D 233 7.71 59.99 -30.27
C GLY D 233 6.62 60.97 -29.89
N VAL D 234 6.69 62.18 -30.44
CA VAL D 234 5.68 63.17 -30.11
C VAL D 234 4.33 62.79 -30.70
N PHE D 235 4.32 62.17 -31.89
CA PHE D 235 3.05 61.74 -32.44
C PHE D 235 2.46 60.60 -31.64
N GLY D 236 3.30 59.68 -31.17
CA GLY D 236 2.81 58.58 -30.37
C GLY D 236 2.25 59.04 -29.04
N VAL D 237 2.96 59.93 -28.35
CA VAL D 237 2.45 60.39 -27.07
C VAL D 237 1.23 61.28 -27.27
N ALA D 238 1.15 62.00 -28.39
CA ALA D 238 -0.04 62.77 -28.69
C ALA D 238 -1.23 61.86 -28.90
N ALA D 239 -1.04 60.74 -29.60
CA ALA D 239 -2.12 59.79 -29.78
C ALA D 239 -2.52 59.13 -28.47
N MET D 240 -1.56 58.86 -27.60
CA MET D 240 -1.88 58.29 -26.30
C MET D 240 -2.73 59.24 -25.47
N LEU D 241 -2.36 60.52 -25.46
CA LEU D 241 -3.16 61.50 -24.74
C LEU D 241 -4.53 61.70 -25.38
N VAL D 242 -4.62 61.60 -26.71
CA VAL D 242 -5.92 61.71 -27.36
C VAL D 242 -6.82 60.56 -26.92
N MET D 243 -6.27 59.35 -26.91
CA MET D 243 -7.01 58.19 -26.42
C MET D 243 -7.43 58.37 -24.96
N ARG D 244 -6.52 58.84 -24.11
CA ARG D 244 -6.83 59.04 -22.71
C ARG D 244 -7.93 60.08 -22.50
N PHE D 245 -7.95 61.11 -23.34
CA PHE D 245 -9.00 62.11 -23.16
C PHE D 245 -10.26 61.82 -23.96
N THR D 246 -10.13 61.51 -25.25
CA THR D 246 -11.30 61.27 -26.07
C THR D 246 -11.79 59.82 -25.93
N GLY D 247 -10.90 58.86 -26.17
CA GLY D 247 -11.27 57.45 -26.12
C GLY D 247 -12.26 56.98 -27.17
N ARG D 248 -12.40 57.70 -28.28
CA ARG D 248 -13.42 57.31 -29.25
C ARG D 248 -12.87 56.35 -30.31
N ARG D 249 -11.86 56.77 -31.05
CA ARG D 249 -11.33 55.95 -32.14
C ARG D 249 -10.12 55.14 -31.66
N LEU D 250 -10.38 54.19 -30.76
CA LEU D 250 -9.28 53.50 -30.09
C LEU D 250 -8.43 52.69 -31.06
N GLY D 251 -9.06 52.03 -32.02
CA GLY D 251 -8.32 51.17 -32.93
C GLY D 251 -7.27 51.92 -33.73
N VAL D 252 -7.63 53.08 -34.26
CA VAL D 252 -6.75 53.80 -35.18
C VAL D 252 -5.53 54.33 -34.44
N TYR D 253 -5.77 55.08 -33.37
CA TYR D 253 -4.64 55.60 -32.61
C TYR D 253 -3.86 54.49 -31.94
N THR D 254 -4.49 53.36 -31.63
CA THR D 254 -3.73 52.26 -31.05
C THR D 254 -2.75 51.66 -32.06
N ALA D 255 -3.20 51.52 -33.31
CA ALA D 255 -2.28 51.07 -34.36
C ALA D 255 -1.17 52.09 -34.58
N LEU D 256 -1.52 53.37 -34.56
CA LEU D 256 -0.52 54.41 -34.76
C LEU D 256 0.49 54.45 -33.62
N VAL D 257 0.03 54.24 -32.39
CA VAL D 257 0.92 54.15 -31.25
C VAL D 257 1.86 52.96 -31.39
N THR D 258 1.36 51.84 -31.89
CA THR D 258 2.21 50.68 -32.11
C THR D 258 3.32 50.99 -33.10
N LEU D 259 2.96 51.60 -34.23
CA LEU D 259 3.95 51.96 -35.23
C LEU D 259 4.96 52.96 -34.69
N CYS D 260 4.48 53.94 -33.93
CA CYS D 260 5.38 54.96 -33.40
C CYS D 260 6.32 54.40 -32.35
N ALA D 261 5.82 53.49 -31.51
CA ALA D 261 6.68 52.89 -30.49
C ALA D 261 7.79 52.08 -31.13
N ALA D 262 7.45 51.30 -32.16
CA ALA D 262 8.49 50.54 -32.84
C ALA D 262 9.49 51.45 -33.53
N ALA D 263 9.01 52.51 -34.18
CA ALA D 263 9.91 53.42 -34.88
C ALA D 263 10.84 54.13 -33.92
N THR D 264 10.32 54.55 -32.76
CA THR D 264 11.16 55.25 -31.80
C THR D 264 12.19 54.33 -31.19
N ALA D 265 11.82 53.08 -30.89
CA ALA D 265 12.80 52.14 -30.37
C ALA D 265 13.91 51.87 -31.38
N ALA D 266 13.53 51.67 -32.65
CA ALA D 266 14.53 51.40 -33.67
C ALA D 266 15.44 52.60 -33.87
N GLY D 267 14.88 53.81 -33.87
CA GLY D 267 15.70 55.00 -34.05
C GLY D 267 16.63 55.26 -32.87
N LEU D 268 16.14 55.03 -31.65
CA LEU D 268 17.00 55.21 -30.49
C LEU D 268 18.15 54.21 -30.48
N ALA D 269 17.89 52.96 -30.84
CA ALA D 269 18.99 52.01 -30.92
C ALA D 269 19.93 52.33 -32.07
N ARG D 270 19.39 52.96 -33.13
CA ARG D 270 20.21 53.38 -34.25
C ARG D 270 21.15 54.51 -33.85
N MET D 271 20.64 55.49 -33.11
CA MET D 271 21.47 56.63 -32.80
C MET D 271 22.43 56.32 -31.67
N VAL D 272 21.99 55.57 -30.66
CA VAL D 272 22.85 55.31 -29.52
C VAL D 272 23.88 54.24 -29.84
N LEU D 273 23.45 53.12 -30.41
CA LEU D 273 24.36 51.99 -30.58
C LEU D 273 25.02 51.98 -31.95
N LEU D 274 24.47 52.71 -32.92
CA LEU D 274 24.94 52.72 -34.30
C LEU D 274 24.99 51.31 -34.89
N THR D 275 23.96 50.53 -34.58
CA THR D 275 23.93 49.16 -35.08
C THR D 275 23.39 49.12 -36.50
N SER D 276 23.47 47.95 -37.10
CA SER D 276 23.05 47.77 -38.48
C SER D 276 21.53 47.80 -38.57
N ALA D 277 21.05 48.12 -39.77
CA ALA D 277 19.61 48.17 -40.00
C ALA D 277 19.04 46.75 -40.01
N VAL D 278 19.86 45.77 -40.37
CA VAL D 278 19.43 44.37 -40.36
C VAL D 278 19.15 43.92 -38.93
N THR D 279 20.02 44.31 -38.00
CA THR D 279 19.76 44.04 -36.59
C THR D 279 18.47 44.71 -36.12
N LEU D 280 18.27 45.97 -36.51
CA LEU D 280 17.06 46.68 -36.08
C LEU D 280 15.81 45.99 -36.59
N LEU D 281 15.80 45.64 -37.87
CA LEU D 281 14.65 44.97 -38.47
C LEU D 281 14.40 43.64 -37.81
N THR D 282 15.46 42.90 -37.53
CA THR D 282 15.31 41.58 -36.92
C THR D 282 14.79 41.66 -35.50
N CYS D 283 15.34 42.55 -34.69
CA CYS D 283 14.83 42.66 -33.32
C CYS D 283 13.42 43.22 -33.26
N VAL D 284 13.06 44.14 -34.17
CA VAL D 284 11.67 44.59 -34.19
C VAL D 284 10.74 43.46 -34.61
N LEU D 285 11.22 42.59 -35.50
CA LEU D 285 10.47 41.39 -35.87
C LEU D 285 10.26 40.48 -34.67
N LEU D 286 11.32 40.18 -33.93
CA LEU D 286 11.14 39.34 -32.75
C LEU D 286 10.26 40.00 -31.69
N ALA D 287 10.28 41.32 -31.62
CA ALA D 287 9.37 42.03 -30.72
C ALA D 287 7.93 41.86 -31.15
N CYS D 288 7.66 41.96 -32.44
CA CYS D 288 6.27 41.85 -32.87
C CYS D 288 5.80 40.41 -32.80
N VAL D 289 6.71 39.45 -32.98
CA VAL D 289 6.36 38.05 -32.86
C VAL D 289 5.98 37.71 -31.43
N LEU D 290 6.71 38.23 -30.45
CA LEU D 290 6.24 38.11 -29.07
C LEU D 290 4.94 38.87 -28.86
N MET D 291 4.82 40.05 -29.44
CA MET D 291 3.68 40.89 -29.15
C MET D 291 2.39 40.26 -29.67
N TYR D 292 2.49 39.46 -30.75
CA TYR D 292 1.31 38.75 -31.24
C TYR D 292 0.74 37.81 -30.20
N HIS D 293 1.61 37.25 -29.38
CA HIS D 293 1.18 36.39 -28.30
C HIS D 293 0.67 37.19 -27.13
N GLY D 294 1.23 38.36 -26.91
CA GLY D 294 0.75 39.13 -25.78
C GLY D 294 -0.36 40.09 -26.08
N ALA D 295 -0.88 40.10 -27.29
CA ALA D 295 -1.91 41.05 -27.68
C ALA D 295 -3.28 40.88 -27.03
N PRO D 296 -3.81 39.67 -26.80
CA PRO D 296 -5.03 39.58 -25.98
C PRO D 296 -4.87 40.08 -24.56
N ALA D 297 -3.73 39.79 -23.92
CA ALA D 297 -3.53 40.21 -22.54
C ALA D 297 -3.44 41.73 -22.46
N LEU D 298 -2.69 42.34 -23.36
CA LEU D 298 -2.58 43.79 -23.38
C LEU D 298 -3.92 44.44 -23.70
N SER D 299 -4.71 43.82 -24.58
CA SER D 299 -6.01 44.40 -24.88
C SER D 299 -6.99 44.22 -23.73
N ARG D 300 -6.87 43.18 -22.92
CA ARG D 300 -7.57 43.18 -21.65
C ARG D 300 -7.13 44.34 -20.78
N TRP D 301 -5.83 44.52 -20.65
CA TRP D 301 -5.30 45.44 -19.65
C TRP D 301 -5.60 46.90 -20.00
N LEU D 302 -5.54 47.25 -21.28
CA LEU D 302 -5.80 48.62 -21.70
C LEU D 302 -7.27 48.95 -21.68
N SER D 303 -8.15 47.97 -21.84
CA SER D 303 -9.57 48.22 -21.79
C SER D 303 -10.09 48.48 -20.40
N GLY D 304 -9.24 48.40 -19.38
CA GLY D 304 -9.66 48.64 -18.02
C GLY D 304 -10.59 47.60 -17.46
N ILE D 305 -10.68 46.43 -18.08
CA ILE D 305 -11.20 45.27 -17.39
C ILE D 305 -10.23 44.90 -16.28
N ARG D 306 -10.74 44.68 -15.08
CA ARG D 306 -9.91 44.21 -13.98
C ARG D 306 -10.55 43.00 -13.35
N LEU D 307 -9.77 41.93 -13.24
CA LEU D 307 -10.23 40.71 -12.63
C LEU D 307 -10.41 40.89 -11.12
N PRO D 308 -11.32 40.11 -10.51
CA PRO D 308 -11.65 40.32 -9.09
C PRO D 308 -10.46 40.30 -8.13
N VAL D 309 -10.57 41.11 -7.08
CA VAL D 309 -9.75 40.91 -5.90
C VAL D 309 -10.08 39.58 -5.23
N PHE D 310 -9.15 39.10 -4.42
CA PHE D 310 -9.30 37.84 -3.73
C PHE D 310 -9.35 38.01 -2.22
N PRO D 311 -10.32 37.41 -1.55
CA PRO D 311 -10.37 37.46 -0.08
C PRO D 311 -9.28 36.64 0.58
N SER D 312 -8.06 37.16 0.59
CA SER D 312 -6.90 36.38 1.02
C SER D 312 -6.92 36.05 2.51
N ALA D 313 -7.43 36.97 3.34
CA ALA D 313 -7.45 36.71 4.77
C ALA D 313 -8.67 37.25 5.50
N THR D 314 -9.65 37.82 4.80
CA THR D 314 -10.77 38.45 5.50
C THR D 314 -11.73 37.42 6.08
N SER D 315 -11.75 36.20 5.56
CA SER D 315 -12.48 35.05 6.08
C SER D 315 -13.99 35.24 6.11
N ARG D 316 -14.53 36.28 5.50
CA ARG D 316 -15.97 36.43 5.36
C ARG D 316 -16.34 36.30 3.89
N TRP D 317 -17.23 35.34 3.60
CA TRP D 317 -17.59 35.01 2.24
C TRP D 317 -19.03 35.36 1.87
N VAL D 318 -19.91 35.57 2.84
CA VAL D 318 -21.32 35.85 2.53
C VAL D 318 -21.54 37.34 2.67
N PHE D 319 -22.04 37.97 1.60
CA PHE D 319 -22.37 39.39 1.59
C PHE D 319 -23.71 39.55 0.88
N GLU D 320 -24.76 39.86 1.63
CA GLU D 320 -26.08 40.07 1.02
C GLU D 320 -26.35 41.56 0.83
N ALA D 321 -25.48 42.22 0.07
CA ALA D 321 -25.61 43.67 -0.07
C ALA D 321 -26.54 44.09 -1.20
N ARG D 322 -26.88 43.16 -2.11
CA ARG D 322 -27.78 43.28 -3.27
C ARG D 322 -27.71 44.65 -3.96
N PRO D 323 -26.66 44.91 -4.74
CA PRO D 323 -26.44 46.24 -5.33
C PRO D 323 -27.63 46.76 -6.11
N ASP D 324 -28.02 47.99 -5.81
CA ASP D 324 -29.20 48.62 -6.40
C ASP D 324 -28.94 49.12 -7.81
N LEU D 325 -30.04 49.27 -8.54
CA LEU D 325 -30.03 49.65 -9.94
C LEU D 325 -29.39 51.02 -10.15
N PRO D 326 -28.44 51.16 -11.07
CA PRO D 326 -28.23 52.46 -11.72
C PRO D 326 -29.33 52.71 -12.73
N THR D 327 -29.80 53.95 -12.79
CA THR D 327 -31.00 54.30 -13.53
C THR D 327 -30.70 55.39 -14.54
N THR D 328 -31.05 55.15 -15.81
CA THR D 328 -30.69 56.00 -16.92
C THR D 328 -31.87 56.89 -17.30
N VAL D 329 -31.76 58.18 -17.00
CA VAL D 329 -32.81 59.14 -17.32
C VAL D 329 -32.79 59.43 -18.81
N VAL D 330 -33.96 59.27 -19.45
CA VAL D 330 -34.08 59.54 -20.88
C VAL D 330 -33.88 61.03 -21.14
N VAL D 331 -33.10 61.34 -22.19
CA VAL D 331 -32.52 62.67 -22.35
C VAL D 331 -33.59 63.73 -22.60
N SER D 332 -34.74 63.36 -23.16
CA SER D 332 -35.85 64.29 -23.23
C SER D 332 -36.45 64.58 -21.86
N GLY D 333 -36.29 63.67 -20.91
CA GLY D 333 -36.74 63.87 -19.55
C GLY D 333 -38.23 63.81 -19.36
N GLY D 334 -38.96 64.76 -19.95
CA GLY D 334 -40.35 64.99 -19.62
C GLY D 334 -41.29 63.85 -19.96
N GLY D 335 -41.80 63.18 -18.93
CA GLY D 335 -42.79 62.13 -19.09
C GLY D 335 -42.22 60.76 -19.38
N GLN D 336 -40.90 60.61 -19.41
CA GLN D 336 -40.27 59.32 -19.56
C GLN D 336 -39.99 58.69 -18.20
N PRO D 337 -40.69 57.63 -17.82
CA PRO D 337 -40.25 56.84 -16.66
C PRO D 337 -38.86 56.28 -16.92
N THR D 338 -37.94 56.62 -16.03
CA THR D 338 -36.53 56.33 -16.21
C THR D 338 -36.30 54.81 -16.20
N LEU D 339 -35.31 54.36 -16.95
CA LEU D 339 -35.01 52.95 -17.14
C LEU D 339 -33.99 52.47 -16.11
N GLU D 340 -33.86 51.15 -15.99
CA GLU D 340 -33.03 50.55 -14.95
C GLU D 340 -32.12 49.48 -15.53
N GLY D 341 -30.84 49.54 -15.15
CA GLY D 341 -29.91 48.48 -15.43
C GLY D 341 -29.35 47.90 -14.15
N PRO D 342 -28.77 46.69 -14.24
CA PRO D 342 -28.65 45.84 -13.05
C PRO D 342 -27.60 46.26 -12.04
N ALA D 343 -26.45 46.77 -12.47
CA ALA D 343 -25.42 47.27 -11.55
C ALA D 343 -24.39 48.04 -12.37
N SER D 344 -23.36 48.50 -11.67
CA SER D 344 -22.09 48.93 -12.26
C SER D 344 -21.53 47.99 -13.32
N VAL D 345 -21.80 46.69 -13.16
CA VAL D 345 -21.39 45.66 -14.13
C VAL D 345 -21.91 45.90 -15.54
N ARG D 346 -22.87 46.80 -15.73
CA ARG D 346 -23.24 47.26 -17.05
C ARG D 346 -22.10 47.94 -17.80
N ASP D 347 -21.06 48.41 -17.10
CA ASP D 347 -19.88 48.92 -17.79
C ASP D 347 -19.02 47.85 -18.44
N VAL D 348 -19.22 46.58 -18.09
CA VAL D 348 -18.55 45.49 -18.79
C VAL D 348 -18.91 45.49 -20.27
N LEU D 349 -20.17 45.74 -20.58
CA LEU D 349 -20.60 45.83 -21.97
C LEU D 349 -19.88 46.93 -22.76
N LEU D 350 -19.52 48.03 -22.11
CA LEU D 350 -18.68 49.03 -22.77
C LEU D 350 -17.23 48.58 -22.87
N ARG D 351 -16.68 48.08 -21.78
CA ARG D 351 -15.26 47.72 -21.74
C ARG D 351 -14.91 46.61 -22.71
N ALA D 352 -15.80 45.65 -22.89
CA ALA D 352 -15.59 44.60 -23.88
C ALA D 352 -15.45 45.16 -25.30
N GLU D 353 -16.38 46.02 -25.72
CA GLU D 353 -16.27 46.65 -27.03
C GLU D 353 -15.01 47.49 -27.18
N ARG D 354 -14.54 48.07 -26.08
CA ARG D 354 -13.25 48.76 -26.14
C ARG D 354 -12.12 47.77 -26.32
N ALA D 355 -12.14 46.67 -25.59
CA ALA D 355 -11.09 45.65 -25.70
C ALA D 355 -10.98 45.13 -27.11
N ARG D 356 -12.11 44.83 -27.73
CA ARG D 356 -12.14 44.47 -29.15
C ARG D 356 -11.47 45.51 -30.03
N SER D 357 -11.77 46.79 -29.79
CA SER D 357 -11.21 47.83 -30.65
C SER D 357 -9.70 47.97 -30.46
N PHE D 358 -9.24 47.81 -29.21
CA PHE D 358 -7.80 47.74 -28.97
C PHE D 358 -7.17 46.57 -29.70
N LEU D 359 -7.76 45.39 -29.59
CA LEU D 359 -7.14 44.20 -30.15
C LEU D 359 -7.02 44.31 -31.67
N THR D 360 -8.09 44.77 -32.33
CA THR D 360 -8.04 45.03 -33.76
C THR D 360 -6.93 46.02 -34.11
N GLY D 361 -6.76 47.05 -33.28
CA GLY D 361 -5.68 48.00 -33.52
C GLY D 361 -4.31 47.38 -33.39
N LEU D 362 -4.11 46.57 -32.36
CA LEU D 362 -2.83 45.89 -32.16
C LEU D 362 -2.48 45.02 -33.34
N LEU D 363 -3.42 44.18 -33.78
CA LEU D 363 -3.13 43.26 -34.86
C LEU D 363 -2.81 43.99 -36.15
N VAL D 364 -3.53 45.07 -36.44
CA VAL D 364 -3.22 45.87 -37.63
C VAL D 364 -1.81 46.45 -37.53
N GLY D 365 -1.47 47.05 -36.40
CA GLY D 365 -0.16 47.66 -36.26
C GLY D 365 0.97 46.65 -36.35
N LEU D 366 0.81 45.51 -35.70
CA LEU D 366 1.84 44.48 -35.76
C LEU D 366 1.94 43.89 -37.15
N GLY D 367 0.83 43.82 -37.87
CA GLY D 367 0.88 43.40 -39.26
C GLY D 367 1.74 44.31 -40.10
N VAL D 368 1.50 45.62 -39.98
CA VAL D 368 2.28 46.59 -40.75
C VAL D 368 3.75 46.48 -40.40
N LEU D 369 4.05 46.34 -39.10
CA LEU D 369 5.43 46.24 -38.69
C LEU D 369 6.10 44.98 -39.24
N THR D 370 5.41 43.85 -39.22
CA THR D 370 6.11 42.65 -39.67
C THR D 370 6.19 42.56 -41.19
N VAL D 371 5.32 43.25 -41.93
CA VAL D 371 5.56 43.36 -43.37
C VAL D 371 6.76 44.25 -43.64
N VAL D 372 6.88 45.34 -42.90
CA VAL D 372 8.00 46.24 -43.12
C VAL D 372 9.29 45.53 -42.76
N CYS D 373 9.28 44.78 -41.66
CA CYS D 373 10.50 44.12 -41.22
C CYS D 373 10.89 43.01 -42.18
N LEU D 374 9.93 42.37 -42.83
CA LEU D 374 10.30 41.34 -43.78
C LEU D 374 10.58 41.93 -45.16
N ALA D 375 10.48 43.25 -45.31
CA ALA D 375 11.00 43.87 -46.51
C ALA D 375 12.52 43.96 -46.51
N GLY D 376 13.18 43.63 -45.40
CA GLY D 376 14.63 43.62 -45.29
C GLY D 376 15.34 42.42 -45.88
N LEU D 377 14.87 41.92 -47.03
CA LEU D 377 15.41 40.73 -47.68
C LEU D 377 16.02 41.03 -49.03
N CYS D 378 16.68 42.19 -49.16
CA CYS D 378 16.98 42.81 -50.46
C CYS D 378 17.73 41.91 -51.44
N ASP D 379 18.86 41.34 -51.00
CA ASP D 379 19.74 40.64 -51.94
C ASP D 379 19.14 39.30 -52.40
N PRO D 380 19.57 38.80 -53.56
CA PRO D 380 19.13 37.49 -54.01
C PRO D 380 19.65 36.37 -53.12
N HIS D 381 18.96 35.21 -53.22
CA HIS D 381 19.07 34.12 -52.25
C HIS D 381 20.42 33.42 -52.24
N ALA D 382 21.30 33.69 -53.19
CA ALA D 382 22.64 33.11 -53.15
C ALA D 382 23.42 33.71 -51.98
N GLY D 383 24.12 32.85 -51.25
CA GLY D 383 24.83 33.25 -50.06
C GLY D 383 24.01 32.90 -48.83
N ARG D 384 24.07 33.70 -47.77
CA ARG D 384 23.30 33.41 -46.58
C ARG D 384 21.81 33.71 -46.76
N ARG D 385 21.46 34.35 -47.87
CA ARG D 385 20.19 35.03 -48.08
C ARG D 385 19.00 34.08 -48.17
N TRP D 386 19.20 32.77 -48.24
CA TRP D 386 18.03 31.92 -48.13
C TRP D 386 17.49 31.88 -46.70
N LEU D 387 18.33 32.16 -45.72
CA LEU D 387 17.89 32.13 -44.33
C LEU D 387 16.80 33.16 -44.03
N PRO D 388 16.92 34.45 -44.39
CA PRO D 388 15.79 35.36 -44.12
C PRO D 388 14.56 35.03 -44.94
N LEU D 389 14.73 34.47 -46.13
CA LEU D 389 13.57 33.98 -46.88
C LEU D 389 12.90 32.82 -46.17
N LEU D 390 13.70 31.94 -45.57
CA LEU D 390 13.15 30.84 -44.78
C LEU D 390 12.40 31.37 -43.56
N LEU D 391 12.96 32.39 -42.91
CA LEU D 391 12.30 33.05 -41.80
C LEU D 391 10.98 33.69 -42.21
N ALA D 392 10.94 34.27 -43.40
CA ALA D 392 9.69 34.80 -43.94
C ALA D 392 8.66 33.71 -44.15
N ALA D 393 9.09 32.57 -44.68
CA ALA D 393 8.17 31.46 -44.90
C ALA D 393 7.63 30.93 -43.57
N PHE D 394 8.50 30.81 -42.57
CA PHE D 394 8.06 30.34 -41.26
C PHE D 394 7.08 31.28 -40.59
N THR D 395 7.39 32.58 -40.58
CA THR D 395 6.43 33.51 -39.99
C THR D 395 5.14 33.58 -40.79
N PHE D 396 5.18 33.38 -42.11
CA PHE D 396 3.95 33.34 -42.88
C PHE D 396 3.07 32.18 -42.46
N GLY D 397 3.68 31.01 -42.30
CA GLY D 397 2.95 29.84 -41.86
C GLY D 397 2.37 30.00 -40.47
N PHE D 398 3.16 30.58 -39.58
CA PHE D 398 2.72 30.87 -38.23
C PHE D 398 1.50 31.80 -38.23
N LEU D 399 1.56 32.88 -38.99
CA LEU D 399 0.45 33.82 -38.96
C LEU D 399 -0.81 33.19 -39.56
N ILE D 400 -0.68 32.58 -40.74
CA ILE D 400 -1.85 32.07 -41.42
C ILE D 400 -2.50 30.93 -40.64
N LEU D 401 -1.74 30.23 -39.79
CA LEU D 401 -2.40 29.33 -38.84
C LEU D 401 -2.97 30.07 -37.64
N ARG D 402 -2.24 31.05 -37.12
CA ARG D 402 -2.66 31.85 -35.97
C ARG D 402 -4.03 32.47 -36.16
N GLY D 403 -4.35 32.81 -37.41
CA GLY D 403 -5.67 33.33 -37.73
C GLY D 403 -6.83 32.49 -37.23
N ARG D 404 -6.63 31.17 -37.13
CA ARG D 404 -7.67 30.27 -36.67
C ARG D 404 -8.18 30.61 -35.27
N SER D 405 -7.33 31.20 -34.43
CA SER D 405 -7.70 31.46 -33.05
C SER D 405 -8.58 32.69 -32.88
N TYR D 406 -8.68 33.56 -33.87
CA TYR D 406 -9.40 34.81 -33.72
C TYR D 406 -10.69 34.72 -34.50
N VAL D 407 -11.81 34.89 -33.82
CA VAL D 407 -13.10 34.61 -34.45
C VAL D 407 -13.74 35.84 -35.08
N ASP D 408 -13.42 37.04 -34.61
CA ASP D 408 -14.03 38.23 -35.20
C ASP D 408 -13.47 38.41 -36.60
N ARG D 409 -14.36 38.68 -37.56
CA ARG D 409 -13.96 38.63 -38.96
C ARG D 409 -12.86 39.63 -39.31
N TRP D 410 -12.81 40.79 -38.68
CA TRP D 410 -11.75 41.70 -39.10
C TRP D 410 -10.41 41.41 -38.44
N GLN D 411 -10.40 40.71 -37.33
CA GLN D 411 -9.13 40.27 -36.77
C GLN D 411 -8.56 39.13 -37.58
N ALA D 412 -9.39 38.15 -37.92
CA ALA D 412 -8.97 37.03 -38.74
C ALA D 412 -8.49 37.52 -40.11
N ILE D 413 -9.29 38.35 -40.78
CA ILE D 413 -8.88 38.91 -42.06
C ILE D 413 -7.61 39.74 -41.91
N THR D 414 -7.43 40.42 -40.79
CA THR D 414 -6.21 41.18 -40.59
C THR D 414 -4.98 40.29 -40.53
N LEU D 415 -5.09 39.14 -39.87
CA LEU D 415 -3.99 38.20 -39.84
C LEU D 415 -3.73 37.55 -41.19
N ALA D 416 -4.78 37.09 -41.86
CA ALA D 416 -4.62 36.49 -43.18
C ALA D 416 -4.01 37.45 -44.19
N ALA D 417 -4.52 38.67 -44.24
CA ALA D 417 -3.96 39.69 -45.12
C ALA D 417 -2.53 40.05 -44.75
N THR D 418 -2.17 40.02 -43.47
CA THR D 418 -0.78 40.19 -43.10
C THR D 418 0.08 39.07 -43.67
N ALA D 419 -0.39 37.85 -43.51
CA ALA D 419 0.38 36.68 -43.91
C ALA D 419 0.69 36.71 -45.41
N VAL D 420 -0.34 36.92 -46.23
CA VAL D 420 -0.09 37.03 -47.67
C VAL D 420 0.72 38.26 -48.04
N LEU D 421 0.55 39.38 -47.32
CA LEU D 421 1.31 40.57 -47.66
C LEU D 421 2.81 40.39 -47.45
N ILE D 422 3.20 39.57 -46.47
CA ILE D 422 4.61 39.22 -46.33
C ILE D 422 5.16 38.64 -47.63
N ILE D 423 4.46 37.64 -48.17
CA ILE D 423 4.93 36.95 -49.36
C ILE D 423 4.94 37.90 -50.56
N ALA D 424 3.90 38.72 -50.66
CA ALA D 424 3.83 39.68 -51.77
C ALA D 424 5.00 40.66 -51.73
N ALA D 425 5.30 41.22 -50.56
CA ALA D 425 6.37 42.18 -50.46
C ALA D 425 7.73 41.55 -50.74
N VAL D 426 7.96 40.35 -50.23
CA VAL D 426 9.24 39.68 -50.48
C VAL D 426 9.42 39.40 -51.96
N ALA D 427 8.36 38.92 -52.63
CA ALA D 427 8.47 38.60 -54.03
C ALA D 427 8.71 39.84 -54.87
N VAL D 428 8.00 40.93 -54.57
CA VAL D 428 8.18 42.13 -55.38
C VAL D 428 9.57 42.71 -55.16
N ARG D 429 10.13 42.58 -53.95
CA ARG D 429 11.47 43.12 -53.78
C ARG D 429 12.50 42.28 -54.52
N TYR D 430 12.36 40.95 -54.54
CA TYR D 430 13.26 40.16 -55.38
C TYR D 430 13.14 40.51 -56.85
N VAL D 431 11.93 40.68 -57.36
CA VAL D 431 11.85 40.88 -58.80
C VAL D 431 12.23 42.30 -59.18
N LEU D 432 12.10 43.26 -58.27
CA LEU D 432 12.49 44.61 -58.65
C LEU D 432 13.99 44.82 -58.48
N VAL D 433 14.57 44.35 -57.37
CA VAL D 433 16.00 44.55 -57.17
C VAL D 433 16.80 43.67 -58.12
N SER D 434 16.42 42.40 -58.23
CA SER D 434 17.14 41.51 -59.13
C SER D 434 16.58 41.58 -60.54
N GLY D 435 17.47 41.44 -61.52
CA GLY D 435 17.07 41.49 -62.91
C GLY D 435 17.02 40.12 -63.54
N SER D 436 16.96 39.08 -62.75
CA SER D 436 16.94 37.74 -63.31
C SER D 436 15.53 37.38 -63.78
N PRO D 437 15.36 36.95 -65.03
CA PRO D 437 14.04 36.51 -65.49
C PRO D 437 13.53 35.28 -64.75
N ALA D 438 14.42 34.42 -64.24
CA ALA D 438 13.98 33.29 -63.44
C ALA D 438 13.33 33.77 -62.14
N VAL D 439 13.91 34.81 -61.54
CA VAL D 439 13.32 35.42 -60.34
C VAL D 439 11.96 36.01 -60.67
N LEU D 440 11.85 36.64 -61.84
CA LEU D 440 10.57 37.18 -62.29
C LEU D 440 9.52 36.08 -62.44
N SER D 441 9.91 34.97 -63.05
CA SER D 441 8.97 33.87 -63.26
C SER D 441 8.53 33.27 -61.93
N ALA D 442 9.47 33.09 -61.01
CA ALA D 442 9.11 32.58 -59.68
C ALA D 442 8.20 33.54 -58.94
N GLY D 443 8.47 34.84 -59.04
CA GLY D 443 7.64 35.82 -58.37
C GLY D 443 6.22 35.86 -58.90
N VAL D 444 6.07 35.88 -60.22
CA VAL D 444 4.71 35.92 -60.75
C VAL D 444 4.01 34.60 -60.49
N ALA D 445 4.75 33.49 -60.46
CA ALA D 445 4.14 32.20 -60.17
C ALA D 445 3.62 32.14 -58.75
N VAL D 446 4.39 32.62 -57.78
CA VAL D 446 3.89 32.57 -56.41
C VAL D 446 2.76 33.57 -56.21
N LEU D 447 2.82 34.73 -56.88
CA LEU D 447 1.75 35.71 -56.78
C LEU D 447 0.45 35.20 -57.36
N VAL D 448 0.50 34.35 -58.38
CA VAL D 448 -0.76 33.90 -58.95
C VAL D 448 -1.22 32.59 -58.31
N LEU D 449 -0.31 31.76 -57.80
CA LEU D 449 -0.75 30.51 -57.20
C LEU D 449 -1.16 30.63 -55.75
N LEU D 450 -0.35 31.30 -54.92
CA LEU D 450 -0.57 31.22 -53.48
C LEU D 450 -1.91 31.80 -53.05
N PRO D 451 -2.37 32.98 -53.50
CA PRO D 451 -3.73 33.36 -53.16
C PRO D 451 -4.78 32.52 -53.84
N ALA D 452 -4.49 31.94 -55.01
CA ALA D 452 -5.42 30.98 -55.59
C ALA D 452 -5.53 29.73 -54.74
N ALA D 453 -4.41 29.28 -54.18
CA ALA D 453 -4.45 28.17 -53.24
C ALA D 453 -5.26 28.53 -52.00
N GLY D 454 -5.13 29.77 -51.54
CA GLY D 454 -5.93 30.23 -50.43
C GLY D 454 -7.42 30.24 -50.75
N LEU D 455 -7.78 30.63 -51.97
CA LEU D 455 -9.16 30.60 -52.38
C LEU D 455 -9.70 29.19 -52.40
N THR D 456 -8.91 28.25 -52.93
CA THR D 456 -9.35 26.86 -52.97
C THR D 456 -9.51 26.31 -51.57
N ALA D 457 -8.61 26.69 -50.66
CA ALA D 457 -8.73 26.26 -49.28
C ALA D 457 -9.98 26.83 -48.63
N ALA D 458 -10.28 28.10 -48.91
CA ALA D 458 -11.48 28.71 -48.35
C ALA D 458 -12.74 28.09 -48.89
N ALA D 459 -12.73 27.63 -50.14
CA ALA D 459 -13.92 27.01 -50.69
C ALA D 459 -14.09 25.59 -50.19
N VAL D 460 -13.00 24.82 -50.14
CA VAL D 460 -13.06 23.41 -49.80
C VAL D 460 -13.25 23.19 -48.31
N VAL D 461 -12.41 23.81 -47.48
CA VAL D 461 -12.25 23.37 -46.08
C VAL D 461 -13.53 23.42 -45.25
N PRO D 462 -14.30 24.50 -45.21
CA PRO D 462 -15.43 24.52 -44.27
C PRO D 462 -16.59 23.63 -44.68
N ASN D 463 -16.60 23.12 -45.90
CA ASN D 463 -17.66 22.19 -46.27
C ASN D 463 -17.30 20.75 -45.99
N THR D 464 -16.02 20.41 -46.02
CA THR D 464 -15.60 19.02 -45.99
C THR D 464 -15.51 18.49 -44.56
N ILE D 465 -15.12 17.23 -44.43
CA ILE D 465 -14.84 16.56 -43.17
C ILE D 465 -13.39 16.11 -43.18
N TYR D 466 -12.73 16.16 -42.03
CA TYR D 466 -11.34 15.75 -41.95
C TYR D 466 -11.11 14.80 -40.79
N SER D 467 -10.09 13.97 -40.96
CA SER D 467 -9.70 13.05 -39.92
C SER D 467 -9.12 13.80 -38.73
N PRO D 468 -9.43 13.38 -37.50
CA PRO D 468 -8.74 13.92 -36.32
C PRO D 468 -7.23 13.90 -36.39
N LEU D 469 -6.67 12.93 -37.10
CA LEU D 469 -5.22 12.89 -37.26
C LEU D 469 -4.74 14.05 -38.10
N PHE D 470 -5.39 14.30 -39.23
CA PHE D 470 -4.97 15.40 -40.09
C PHE D 470 -5.14 16.74 -39.40
N ARG D 471 -6.25 16.90 -38.68
CA ARG D 471 -6.49 18.08 -37.85
C ARG D 471 -5.36 18.32 -36.85
N LYS D 472 -4.88 17.26 -36.18
CA LYS D 472 -3.79 17.51 -35.25
C LYS D 472 -2.46 17.73 -35.96
N ILE D 473 -2.27 17.15 -37.13
CA ILE D 473 -1.13 17.55 -37.97
C ILE D 473 -1.19 19.03 -38.28
N VAL D 474 -2.37 19.53 -38.66
CA VAL D 474 -2.52 20.94 -38.99
C VAL D 474 -2.23 21.84 -37.80
N GLU D 475 -2.69 21.45 -36.61
CA GLU D 475 -2.25 22.15 -35.39
C GLU D 475 -0.74 22.18 -35.26
N TRP D 476 -0.10 21.01 -35.40
CA TRP D 476 1.33 20.94 -35.16
C TRP D 476 2.15 21.69 -36.19
N ILE D 477 1.63 21.86 -37.40
CA ILE D 477 2.25 22.76 -38.39
C ILE D 477 2.55 24.12 -37.79
N GLU D 478 1.61 24.67 -37.03
CA GLU D 478 1.76 25.99 -36.44
C GLU D 478 2.96 26.06 -35.51
N TYR D 479 3.02 25.16 -34.52
CA TYR D 479 4.12 25.17 -33.57
C TYR D 479 5.44 24.89 -34.25
N LEU D 480 5.46 23.92 -35.18
CA LEU D 480 6.69 23.58 -35.87
C LEU D 480 7.21 24.72 -36.72
N CYS D 481 6.34 25.52 -37.31
CA CYS D 481 6.81 26.66 -38.09
C CYS D 481 7.05 27.88 -37.23
N LEU D 482 6.56 27.88 -36.00
CA LEU D 482 6.87 28.97 -35.09
C LEU D 482 8.24 28.80 -34.47
N MET D 483 8.53 27.62 -33.91
CA MET D 483 9.76 27.40 -33.13
C MET D 483 11.09 27.85 -33.77
N PRO D 484 11.37 27.61 -35.06
CA PRO D 484 12.70 27.98 -35.59
C PRO D 484 13.04 29.45 -35.59
N ILE D 485 12.06 30.35 -35.43
CA ILE D 485 12.28 31.74 -35.83
C ILE D 485 13.30 32.45 -34.95
N PHE D 486 13.26 32.27 -33.63
CA PHE D 486 14.28 32.89 -32.78
C PHE D 486 15.70 32.44 -33.10
N PRO D 487 16.05 31.15 -33.13
CA PRO D 487 17.45 30.81 -33.43
C PRO D 487 17.89 31.25 -34.81
N LEU D 488 16.99 31.15 -35.79
CA LEU D 488 17.25 31.70 -37.11
C LEU D 488 17.48 33.20 -37.05
N ALA D 489 16.68 33.91 -36.27
CA ALA D 489 16.80 35.36 -36.24
C ALA D 489 18.13 35.78 -35.60
N LEU D 490 18.57 35.05 -34.58
CA LEU D 490 19.89 35.32 -34.03
C LEU D 490 21.01 34.96 -35.00
N TRP D 491 20.81 33.91 -35.80
CA TRP D 491 21.78 33.61 -36.86
C TRP D 491 21.80 34.71 -37.90
N LEU D 492 20.65 35.30 -38.19
CA LEU D 492 20.59 36.46 -39.07
C LEU D 492 21.30 37.66 -38.48
N MET D 493 21.24 37.82 -37.17
CA MET D 493 22.04 38.83 -36.51
C MET D 493 23.50 38.43 -36.31
N ASN D 494 23.92 37.28 -36.85
CA ASN D 494 25.28 36.75 -36.77
C ASN D 494 25.75 36.47 -35.35
N VAL D 495 24.84 36.46 -34.37
CA VAL D 495 25.18 36.50 -32.94
C VAL D 495 26.08 35.33 -32.57
N TYR D 496 25.82 34.15 -33.13
CA TYR D 496 26.64 32.99 -32.83
C TYR D 496 28.06 33.16 -33.33
N GLU D 497 28.23 33.62 -34.57
CA GLU D 497 29.57 33.81 -35.10
C GLU D 497 30.31 34.95 -34.42
N ALA D 498 29.60 35.96 -33.91
CA ALA D 498 30.25 36.99 -33.11
C ALA D 498 30.70 36.47 -31.75
N ILE D 499 29.81 35.79 -31.03
CA ILE D 499 30.14 35.24 -29.70
C ILE D 499 31.19 34.15 -29.78
N ARG D 500 31.23 33.37 -30.87
CA ARG D 500 32.33 32.43 -31.10
C ARG D 500 33.68 33.12 -31.18
N TYR D 501 33.72 34.44 -31.42
CA TYR D 501 34.95 35.20 -31.35
C TYR D 501 35.04 36.03 -30.08
N ARG D 502 34.14 35.82 -29.13
CA ARG D 502 34.16 36.57 -27.89
C ARG D 502 34.19 35.63 -26.67
N GLY E 12 -9.73 44.94 -1.14
CA GLY E 12 -8.32 44.58 -1.19
C GLY E 12 -7.53 45.47 -2.13
N TYR E 13 -7.36 46.72 -1.73
CA TYR E 13 -6.55 47.69 -2.45
C TYR E 13 -5.08 47.49 -2.14
N GLY E 14 -4.25 48.28 -2.81
CA GLY E 14 -2.87 48.43 -2.39
C GLY E 14 -2.00 47.22 -2.69
N LEU E 15 -0.79 47.28 -2.16
CA LEU E 15 0.25 46.29 -2.44
C LEU E 15 0.31 45.20 -1.37
N GLY E 16 -0.84 44.83 -0.82
CA GLY E 16 -0.87 43.81 0.22
C GLY E 16 -0.38 42.47 -0.30
N LEU E 17 -0.01 41.59 0.62
CA LEU E 17 0.54 40.29 0.24
C LEU E 17 -0.51 39.42 -0.41
N SER E 18 -0.03 38.43 -1.17
CA SER E 18 -0.89 37.47 -1.83
C SER E 18 -0.21 36.11 -1.87
N THR E 19 -1.02 35.06 -1.81
CA THR E 19 -0.50 33.71 -1.80
C THR E 19 -0.34 33.20 -3.22
N ARG E 20 0.52 32.20 -3.39
CA ARG E 20 0.76 31.59 -4.69
C ARG E 20 -0.49 30.95 -5.28
N THR E 21 -1.36 30.40 -4.43
CA THR E 21 -2.64 29.89 -4.93
C THR E 21 -3.51 31.00 -5.52
N GLN E 22 -3.36 32.23 -5.03
CA GLN E 22 -4.03 33.35 -5.67
C GLN E 22 -3.32 33.76 -6.95
N VAL E 23 -2.01 33.60 -7.01
CA VAL E 23 -1.29 33.92 -8.25
C VAL E 23 -1.76 33.02 -9.38
N THR E 24 -1.83 31.72 -9.11
CA THR E 24 -2.35 30.83 -10.15
C THR E 24 -3.83 31.04 -10.40
N GLY E 25 -4.60 31.37 -9.36
CA GLY E 25 -6.01 31.66 -9.57
C GLY E 25 -6.27 32.87 -10.46
N TYR E 26 -5.47 33.91 -10.28
CA TYR E 26 -5.54 35.06 -11.19
C TYR E 26 -5.08 34.70 -12.58
N GLN E 27 -3.94 34.01 -12.70
CA GLN E 27 -3.48 33.65 -14.04
C GLN E 27 -4.50 32.79 -14.78
N PHE E 28 -5.19 31.90 -14.07
CA PHE E 28 -6.30 31.17 -14.65
C PHE E 28 -7.42 32.09 -15.13
N LEU E 29 -7.86 33.02 -14.28
CA LEU E 29 -8.89 33.94 -14.75
C LEU E 29 -8.43 34.84 -15.89
N ALA E 30 -7.14 35.15 -15.96
CA ALA E 30 -6.61 35.88 -17.09
C ALA E 30 -6.69 35.07 -18.36
N ARG E 31 -6.30 33.80 -18.30
CA ARG E 31 -6.37 32.97 -19.49
C ARG E 31 -7.82 32.76 -19.93
N ARG E 32 -8.70 32.45 -18.99
CA ARG E 32 -10.12 32.31 -19.32
C ARG E 32 -10.71 33.58 -19.92
N THR E 33 -10.32 34.74 -19.42
CA THR E 33 -10.80 35.98 -20.03
C THR E 33 -10.19 36.21 -21.41
N ALA E 34 -8.93 35.84 -21.60
CA ALA E 34 -8.31 35.94 -22.92
C ALA E 34 -9.01 35.04 -23.92
N MET E 35 -9.35 33.82 -23.52
CA MET E 35 -10.09 32.94 -24.41
C MET E 35 -11.49 33.46 -24.66
N ALA E 36 -12.11 34.09 -23.67
CA ALA E 36 -13.41 34.71 -23.92
C ALA E 36 -13.28 35.90 -24.84
N LEU E 37 -12.11 36.50 -24.91
CA LEU E 37 -11.90 37.65 -25.78
C LEU E 37 -11.61 37.27 -27.21
N THR E 38 -10.70 36.32 -27.45
CA THR E 38 -10.35 36.00 -28.83
C THR E 38 -11.35 35.05 -29.46
N ARG E 39 -11.69 33.99 -28.76
CA ARG E 39 -12.86 33.23 -29.13
C ARG E 39 -14.04 33.69 -28.31
N TRP E 40 -15.21 33.17 -28.56
CA TRP E 40 -16.43 33.62 -27.92
C TRP E 40 -17.07 32.43 -27.23
N ARG E 41 -16.23 31.50 -26.83
CA ARG E 41 -16.59 30.33 -26.06
C ARG E 41 -15.71 30.36 -24.83
N VAL E 42 -16.22 29.84 -23.72
CA VAL E 42 -15.42 29.70 -22.51
C VAL E 42 -15.33 28.26 -22.02
N ARG E 43 -15.93 27.31 -22.71
CA ARG E 43 -15.58 25.93 -22.44
C ARG E 43 -14.09 25.74 -22.67
N MET E 44 -13.40 25.27 -21.62
CA MET E 44 -11.98 25.49 -21.49
C MET E 44 -11.23 24.17 -21.27
N GLU E 45 -11.89 23.04 -21.55
CA GLU E 45 -11.32 21.71 -21.35
C GLU E 45 -9.98 21.52 -22.05
N VAL E 46 -9.74 22.22 -23.15
CA VAL E 46 -8.42 22.27 -23.76
C VAL E 46 -8.20 23.71 -24.20
N GLU E 47 -6.94 24.12 -24.24
CA GLU E 47 -6.61 25.51 -24.49
C GLU E 47 -5.32 25.66 -25.29
N PRO E 48 -5.43 26.07 -26.53
CA PRO E 48 -4.25 26.14 -27.39
C PRO E 48 -3.36 27.31 -27.06
N GLY E 49 -3.91 28.34 -26.39
CA GLY E 49 -3.13 29.47 -25.96
C GLY E 49 -1.91 29.07 -25.16
N ARG E 50 -2.13 28.26 -24.12
CA ARG E 50 -1.02 27.72 -23.35
C ARG E 50 -0.07 26.95 -24.25
N ARG E 51 -0.59 26.03 -25.06
CA ARG E 51 0.26 25.19 -25.90
C ARG E 51 1.21 26.01 -26.78
N GLN E 52 0.71 27.07 -27.40
CA GLN E 52 1.61 27.85 -28.24
C GLN E 52 2.50 28.80 -27.47
N VAL E 53 2.09 29.30 -26.30
CA VAL E 53 3.08 30.06 -25.55
C VAL E 53 4.17 29.14 -25.03
N LEU E 54 3.85 27.86 -24.76
CA LEU E 54 4.90 26.89 -24.50
C LEU E 54 5.81 26.70 -25.70
N ALA E 55 5.24 26.74 -26.90
CA ALA E 55 6.09 26.68 -28.10
C ALA E 55 7.01 27.89 -28.21
N VAL E 56 6.53 29.06 -27.81
CA VAL E 56 7.37 30.24 -27.75
C VAL E 56 8.49 30.05 -26.73
N VAL E 57 8.14 29.54 -25.55
CA VAL E 57 9.12 29.28 -24.51
C VAL E 57 10.18 28.29 -25.00
N ALA E 58 9.76 27.26 -25.73
CA ALA E 58 10.71 26.35 -26.36
C ALA E 58 11.65 27.07 -27.33
N SER E 59 11.11 28.02 -28.10
CA SER E 59 11.96 28.77 -29.02
C SER E 59 13.01 29.59 -28.27
N VAL E 60 12.59 30.28 -27.22
CA VAL E 60 13.50 31.14 -26.47
C VAL E 60 14.55 30.32 -25.73
N SER E 61 14.12 29.26 -25.06
CA SER E 61 15.07 28.40 -24.36
C SER E 61 16.05 27.72 -25.31
N ALA E 62 15.61 27.33 -26.50
CA ALA E 62 16.54 26.80 -27.50
C ALA E 62 17.56 27.84 -27.95
N ALA E 63 17.13 29.08 -28.17
CA ALA E 63 18.08 30.13 -28.52
C ALA E 63 19.09 30.38 -27.40
N GLY E 64 18.63 30.41 -26.15
CA GLY E 64 19.52 30.54 -25.00
C GLY E 64 20.55 29.42 -24.91
N VAL E 65 20.08 28.17 -25.01
CA VAL E 65 20.95 27.01 -25.01
C VAL E 65 22.01 27.11 -26.11
N ILE E 66 21.60 27.42 -27.34
CA ILE E 66 22.61 27.53 -28.40
C ILE E 66 23.58 28.69 -28.14
N CYS E 67 23.09 29.77 -27.53
CA CYS E 67 23.98 30.87 -27.16
C CYS E 67 25.03 30.44 -26.13
N LEU E 68 24.64 29.64 -25.14
CA LEU E 68 25.62 29.06 -24.23
C LEU E 68 26.58 28.12 -24.96
N GLY E 69 26.05 27.23 -25.81
CA GLY E 69 26.89 26.35 -26.60
C GLY E 69 27.88 27.09 -27.49
N ALA E 70 27.55 28.32 -27.86
CA ALA E 70 28.45 29.21 -28.58
C ALA E 70 29.50 29.83 -27.67
N LEU E 71 29.17 30.00 -26.38
CA LEU E 71 30.09 30.65 -25.46
C LEU E 71 31.33 29.80 -25.20
N LEU E 72 31.18 28.47 -25.19
CA LEU E 72 32.24 27.53 -24.82
C LEU E 72 33.39 27.47 -25.82
N TRP E 73 33.30 28.12 -26.97
CA TRP E 73 34.39 28.10 -27.92
C TRP E 73 35.35 29.24 -27.64
N SER E 74 36.64 28.96 -27.79
CA SER E 74 37.71 29.95 -27.67
C SER E 74 38.95 29.52 -28.43
N ASP F 95 -37.99 -49.92 -84.51
CA ASP F 95 -38.23 -49.48 -83.14
C ASP F 95 -39.68 -49.04 -82.96
N HIS F 96 -40.10 -48.89 -81.71
CA HIS F 96 -41.49 -48.58 -81.42
C HIS F 96 -41.57 -47.87 -80.06
N GLN F 97 -42.69 -47.17 -79.85
CA GLN F 97 -42.98 -46.56 -78.56
C GLN F 97 -44.49 -46.49 -78.37
N ARG F 98 -44.92 -46.53 -77.10
CA ARG F 98 -46.20 -45.96 -76.69
C ARG F 98 -45.87 -44.97 -75.58
N ARG F 99 -46.40 -43.76 -75.68
CA ARG F 99 -45.98 -42.70 -74.78
C ARG F 99 -47.12 -42.24 -73.87
N PHE F 100 -46.79 -41.28 -72.98
CA PHE F 100 -47.69 -40.50 -72.14
C PHE F 100 -48.76 -39.75 -72.94
N GLY F 101 -48.59 -39.67 -74.25
CA GLY F 101 -49.61 -39.24 -75.18
C GLY F 101 -50.75 -40.19 -75.45
N HIS F 102 -51.16 -40.27 -76.71
CA HIS F 102 -52.43 -40.84 -77.12
C HIS F 102 -52.30 -42.01 -78.08
N ASP F 103 -51.25 -42.03 -78.90
CA ASP F 103 -51.10 -43.07 -79.91
C ASP F 103 -49.79 -43.82 -79.68
N VAL F 104 -49.80 -45.09 -80.11
CA VAL F 104 -48.58 -45.83 -80.39
C VAL F 104 -47.91 -45.32 -81.67
N VAL F 105 -46.58 -45.23 -81.64
CA VAL F 105 -45.82 -44.65 -82.75
C VAL F 105 -44.63 -45.56 -83.06
N GLY F 106 -44.52 -45.97 -84.32
CA GLY F 106 -43.32 -46.65 -84.80
C GLY F 106 -42.24 -45.65 -85.20
N ILE F 107 -40.98 -46.01 -84.90
CA ILE F 107 -39.83 -45.19 -85.27
C ILE F 107 -38.79 -46.10 -85.91
N ARG F 108 -38.11 -45.59 -86.94
CA ARG F 108 -36.90 -46.21 -87.46
C ARG F 108 -35.73 -45.26 -87.32
N GLU F 109 -34.53 -45.84 -87.16
CA GLU F 109 -33.32 -45.04 -87.08
C GLU F 109 -32.20 -45.74 -87.83
N TYR F 110 -31.37 -44.93 -88.51
CA TYR F 110 -30.17 -45.40 -89.18
C TYR F 110 -29.05 -44.38 -89.08
N GLN F 111 -29.37 -43.13 -89.36
CA GLN F 111 -28.45 -42.00 -89.26
C GLN F 111 -29.21 -40.75 -88.81
N GLY F 112 -30.12 -40.93 -87.88
CA GLY F 112 -31.23 -40.02 -87.67
C GLY F 112 -32.54 -40.78 -87.74
N GLN F 113 -33.59 -40.14 -87.22
CA GLN F 113 -34.87 -40.81 -87.00
C GLN F 113 -35.86 -40.56 -88.13
N LEU F 114 -36.65 -41.60 -88.40
CA LEU F 114 -37.64 -41.61 -89.47
C LEU F 114 -38.96 -42.08 -88.88
N VAL F 115 -40.05 -41.43 -89.30
CA VAL F 115 -41.40 -41.80 -88.87
C VAL F 115 -42.34 -41.42 -90.00
N ALA F 116 -43.49 -42.11 -90.07
CA ALA F 116 -44.45 -41.82 -91.12
C ALA F 116 -45.88 -41.85 -90.61
N VAL F 117 -46.71 -41.02 -91.24
CA VAL F 117 -48.14 -40.90 -90.95
C VAL F 117 -48.90 -41.13 -92.25
N VAL F 118 -49.94 -41.96 -92.19
CA VAL F 118 -50.88 -42.14 -93.29
C VAL F 118 -51.99 -41.11 -93.17
N THR F 119 -52.49 -40.64 -94.32
CA THR F 119 -53.70 -39.84 -94.33
C THR F 119 -54.53 -40.18 -95.56
N VAL F 120 -55.84 -40.01 -95.41
CA VAL F 120 -56.81 -40.42 -96.41
C VAL F 120 -56.94 -39.35 -97.50
N TRP F 140 -60.65 -33.41 -103.73
CA TRP F 140 -60.14 -34.29 -102.70
C TRP F 140 -58.99 -33.63 -101.96
N LEU F 141 -58.41 -32.61 -102.59
CA LEU F 141 -57.07 -32.14 -102.27
C LEU F 141 -56.98 -31.65 -100.83
N PRO F 142 -55.92 -32.02 -100.10
CA PRO F 142 -55.75 -31.51 -98.73
C PRO F 142 -55.00 -30.18 -98.75
N VAL F 143 -54.85 -29.58 -97.58
CA VAL F 143 -54.16 -28.30 -97.50
C VAL F 143 -52.65 -28.55 -97.64
N GLU F 144 -51.98 -27.59 -98.27
CA GLU F 144 -50.53 -27.65 -98.47
C GLU F 144 -49.72 -27.10 -97.31
N ALA F 145 -50.35 -26.48 -96.32
CA ALA F 145 -49.66 -25.60 -95.38
C ALA F 145 -48.90 -26.34 -94.28
N VAL F 146 -48.66 -27.64 -94.42
CA VAL F 146 -47.92 -28.40 -93.41
C VAL F 146 -46.46 -27.98 -93.27
N ALA F 147 -45.96 -27.11 -94.16
CA ALA F 147 -44.63 -26.52 -94.04
C ALA F 147 -44.37 -25.88 -92.68
N ALA F 148 -45.39 -25.27 -92.07
CA ALA F 148 -45.22 -24.69 -90.74
C ALA F 148 -44.86 -25.74 -89.69
N ARG F 149 -45.35 -26.97 -89.84
CA ARG F 149 -45.06 -28.00 -88.84
C ARG F 149 -43.64 -28.54 -88.93
N LEU F 150 -42.86 -28.13 -89.92
CA LEU F 150 -41.43 -28.38 -89.88
C LEU F 150 -40.77 -27.63 -88.73
N ARG F 151 -41.33 -26.48 -88.36
CA ARG F 151 -40.84 -25.64 -87.27
C ARG F 151 -41.86 -25.61 -86.15
N GLN F 152 -41.89 -26.67 -85.34
CA GLN F 152 -42.75 -26.69 -84.16
C GLN F 152 -42.23 -25.74 -83.09
N PHE F 153 -42.90 -25.73 -81.94
CA PHE F 153 -42.56 -24.83 -80.84
C PHE F 153 -41.15 -25.03 -80.29
N ASP F 154 -40.54 -26.18 -80.50
CA ASP F 154 -39.17 -26.36 -80.01
C ASP F 154 -38.33 -27.18 -80.96
N VAL F 155 -38.87 -28.32 -81.41
CA VAL F 155 -38.13 -29.19 -82.31
C VAL F 155 -37.96 -28.53 -83.68
N ARG F 156 -36.90 -28.93 -84.38
CA ARG F 156 -36.68 -28.52 -85.76
C ARG F 156 -36.46 -29.79 -86.57
N LEU F 157 -37.44 -30.12 -87.41
CA LEU F 157 -37.39 -31.30 -88.26
C LEU F 157 -36.54 -31.04 -89.51
N ASP F 158 -36.01 -32.11 -90.06
CA ASP F 158 -35.12 -32.00 -91.22
C ASP F 158 -35.90 -31.78 -92.50
N ALA F 159 -36.96 -32.55 -92.72
CA ALA F 159 -37.75 -32.41 -93.92
C ALA F 159 -39.15 -32.95 -93.67
N ILE F 160 -40.10 -32.40 -94.42
CA ILE F 160 -41.43 -32.99 -94.56
C ILE F 160 -41.54 -33.47 -96.01
N ASP F 161 -41.76 -34.77 -96.16
CA ASP F 161 -41.98 -35.37 -97.47
C ASP F 161 -43.41 -35.89 -97.56
N ILE F 162 -44.20 -35.32 -98.47
CA ILE F 162 -45.46 -35.91 -98.89
C ILE F 162 -45.14 -37.08 -99.80
N VAL F 163 -45.72 -38.24 -99.53
CA VAL F 163 -45.51 -39.43 -100.35
C VAL F 163 -46.88 -39.97 -100.77
N SER F 164 -46.97 -40.43 -102.02
CA SER F 164 -48.20 -41.04 -102.51
C SER F 164 -47.87 -42.10 -103.55
N VAL F 165 -48.72 -43.12 -103.62
CA VAL F 165 -48.49 -44.29 -104.46
C VAL F 165 -49.86 -44.85 -104.86
N GLY F 166 -49.94 -45.43 -106.05
CA GLY F 166 -51.18 -46.04 -106.49
C GLY F 166 -51.12 -46.39 -107.96
N THR F 167 -52.29 -46.73 -108.50
CA THR F 167 -52.44 -46.99 -109.93
C THR F 167 -52.93 -45.76 -110.68
N ASP F 194 -56.50 -47.35 -108.86
CA ASP F 194 -56.49 -48.35 -107.79
C ASP F 194 -55.37 -48.10 -106.80
N GLU F 195 -55.52 -48.69 -105.60
CA GLU F 195 -54.52 -48.73 -104.52
C GLU F 195 -53.97 -47.33 -104.16
N HIS F 196 -54.81 -46.30 -104.30
CA HIS F 196 -54.40 -44.94 -103.99
C HIS F 196 -54.04 -44.83 -102.50
N HIS F 197 -52.76 -44.64 -102.23
CA HIS F 197 -52.23 -44.44 -100.89
C HIS F 197 -51.48 -43.11 -100.81
N THR F 198 -51.57 -42.45 -99.66
CA THR F 198 -50.92 -41.16 -99.48
C THR F 198 -50.30 -41.09 -98.08
N TRP F 199 -49.09 -40.53 -98.00
CA TRP F 199 -48.25 -40.65 -96.80
C TRP F 199 -47.50 -39.35 -96.57
N LEU F 200 -47.19 -39.09 -95.30
CA LEU F 200 -46.15 -38.16 -94.88
C LEU F 200 -45.03 -38.97 -94.25
N VAL F 201 -43.80 -38.82 -94.75
CA VAL F 201 -42.62 -39.33 -94.05
C VAL F 201 -41.76 -38.15 -93.60
N LEU F 202 -41.36 -38.18 -92.33
CA LEU F 202 -40.69 -37.07 -91.66
C LEU F 202 -39.28 -37.48 -91.26
N ARG F 203 -38.33 -36.58 -91.46
CA ARG F 203 -36.95 -36.77 -91.03
C ARG F 203 -36.63 -35.76 -89.93
N MET F 204 -36.00 -36.22 -88.85
CA MET F 204 -35.60 -35.34 -87.75
C MET F 204 -34.24 -35.79 -87.21
N ASP F 205 -33.27 -34.89 -87.25
CA ASP F 205 -31.95 -35.12 -86.67
C ASP F 205 -31.97 -34.78 -85.19
N PRO F 206 -31.73 -35.76 -84.30
CA PRO F 206 -31.55 -35.44 -82.88
C PRO F 206 -30.45 -34.44 -82.59
N GLN F 207 -29.35 -34.46 -83.35
CA GLN F 207 -28.22 -33.61 -83.02
C GLN F 207 -28.45 -32.15 -83.37
N ARG F 208 -29.42 -31.85 -84.22
CA ARG F 208 -29.89 -30.49 -84.41
C ARG F 208 -30.97 -30.13 -83.40
N ASN F 209 -31.42 -31.09 -82.60
CA ASN F 209 -32.59 -30.95 -81.74
C ASN F 209 -32.27 -31.24 -80.27
N VAL F 210 -30.98 -31.33 -79.93
CA VAL F 210 -30.53 -31.70 -78.57
C VAL F 210 -31.11 -30.78 -77.50
N ALA F 211 -31.18 -29.48 -77.79
CA ALA F 211 -31.77 -28.52 -76.85
C ALA F 211 -33.21 -28.86 -76.51
N ALA F 212 -33.95 -29.45 -77.46
CA ALA F 212 -35.30 -29.92 -77.20
C ALA F 212 -35.32 -31.27 -76.50
N VAL F 213 -34.52 -32.22 -76.99
CA VAL F 213 -34.50 -33.59 -76.45
C VAL F 213 -34.11 -33.59 -74.98
N ALA F 214 -33.14 -32.73 -74.61
CA ALA F 214 -32.64 -32.66 -73.24
C ALA F 214 -33.72 -32.33 -72.23
N ALA F 215 -34.79 -31.64 -72.66
CA ALA F 215 -35.91 -31.36 -71.78
C ALA F 215 -36.85 -32.54 -71.62
N ARG F 216 -36.74 -33.55 -72.46
CA ARG F 216 -37.73 -34.60 -72.57
C ARG F 216 -37.12 -35.93 -72.17
N ASP F 217 -37.98 -36.86 -71.76
CA ASP F 217 -37.49 -38.13 -71.22
C ASP F 217 -36.99 -39.10 -72.29
N SER F 218 -37.14 -38.79 -73.57
CA SER F 218 -36.57 -39.61 -74.64
C SER F 218 -36.58 -38.84 -75.95
N VAL F 219 -35.57 -39.11 -76.77
CA VAL F 219 -35.55 -38.62 -78.15
C VAL F 219 -36.71 -39.20 -78.95
N ALA F 220 -36.98 -40.49 -78.77
CA ALA F 220 -38.13 -41.11 -79.41
C ALA F 220 -39.42 -40.49 -78.94
N ALA F 221 -39.55 -40.24 -77.63
CA ALA F 221 -40.74 -39.58 -77.11
C ALA F 221 -40.91 -38.19 -77.70
N THR F 222 -39.79 -37.49 -77.92
CA THR F 222 -39.81 -36.19 -78.58
C THR F 222 -40.43 -36.25 -79.97
N LEU F 223 -39.92 -37.14 -80.82
CA LEU F 223 -40.44 -37.19 -82.19
C LEU F 223 -41.82 -37.82 -82.24
N ALA F 224 -42.11 -38.77 -81.35
CA ALA F 224 -43.44 -39.33 -81.23
C ALA F 224 -44.47 -38.25 -80.92
N ALA F 225 -44.16 -37.39 -79.93
CA ALA F 225 -45.03 -36.26 -79.63
C ALA F 225 -45.19 -35.34 -80.84
N ALA F 226 -44.08 -34.98 -81.50
CA ALA F 226 -44.17 -34.07 -82.64
C ALA F 226 -44.97 -34.65 -83.81
N THR F 227 -44.93 -35.97 -84.00
CA THR F 227 -45.75 -36.58 -85.03
C THR F 227 -47.20 -36.72 -84.60
N GLU F 228 -47.47 -37.04 -83.33
CA GLU F 228 -48.84 -36.99 -82.83
C GLU F 228 -49.44 -35.59 -83.00
N ARG F 229 -48.63 -34.55 -82.78
CA ARG F 229 -49.05 -33.17 -83.07
C ARG F 229 -49.48 -32.99 -84.51
N LEU F 230 -48.66 -33.47 -85.46
CA LEU F 230 -49.03 -33.37 -86.86
C LEU F 230 -50.26 -34.22 -87.21
N ALA F 231 -50.36 -35.41 -86.64
CA ALA F 231 -51.51 -36.29 -86.86
C ALA F 231 -52.80 -35.65 -86.36
N HIS F 232 -52.79 -35.16 -85.12
CA HIS F 232 -53.95 -34.47 -84.57
C HIS F 232 -54.27 -33.18 -85.29
N ASP F 233 -53.27 -32.56 -85.93
CA ASP F 233 -53.55 -31.35 -86.69
C ASP F 233 -54.25 -31.71 -88.01
N LEU F 234 -53.80 -32.77 -88.67
CA LEU F 234 -54.45 -33.22 -89.89
C LEU F 234 -55.81 -33.84 -89.62
N ASN F 235 -55.96 -34.54 -88.51
CA ASN F 235 -57.18 -35.29 -88.22
C ASN F 235 -58.32 -34.33 -87.86
N GLY F 236 -59.52 -34.67 -88.31
CA GLY F 236 -60.69 -33.89 -87.98
C GLY F 236 -61.59 -33.64 -89.18
N ARG F 237 -60.97 -33.51 -90.35
CA ARG F 237 -61.66 -33.30 -91.61
C ARG F 237 -62.09 -34.65 -92.19
N ARG F 238 -62.45 -34.66 -93.48
CA ARG F 238 -62.74 -35.91 -94.19
C ARG F 238 -61.57 -36.88 -94.12
N TRP F 239 -60.35 -36.36 -94.24
CA TRP F 239 -59.16 -37.19 -94.13
C TRP F 239 -58.81 -37.38 -92.66
N THR F 240 -58.53 -38.63 -92.29
CA THR F 240 -58.05 -38.99 -90.97
C THR F 240 -56.56 -39.30 -91.03
N ALA F 241 -55.91 -39.27 -89.87
CA ALA F 241 -54.47 -39.48 -89.81
C ALA F 241 -54.10 -40.18 -88.52
N ARG F 242 -53.07 -41.03 -88.62
CA ARG F 242 -52.52 -41.74 -87.47
C ARG F 242 -51.05 -42.03 -87.74
N PRO F 243 -50.22 -42.13 -86.71
CA PRO F 243 -48.88 -42.69 -86.91
C PRO F 243 -48.93 -44.16 -87.29
N LEU F 244 -47.99 -44.56 -88.15
CA LEU F 244 -47.83 -45.96 -88.50
C LEU F 244 -47.15 -46.75 -87.37
N THR F 245 -47.58 -47.98 -87.17
CA THR F 245 -46.74 -48.98 -86.51
C THR F 245 -45.57 -49.36 -87.41
N SER F 246 -44.41 -49.65 -86.80
CA SER F 246 -43.19 -49.95 -87.56
C SER F 246 -43.36 -51.16 -88.46
N SER F 247 -44.18 -52.14 -88.05
CA SER F 247 -44.58 -53.22 -88.95
C SER F 247 -45.25 -52.68 -90.19
N GLU F 248 -46.27 -51.85 -90.01
CA GLU F 248 -46.89 -51.17 -91.14
C GLU F 248 -45.94 -50.20 -91.84
N ILE F 249 -44.88 -49.73 -91.18
CA ILE F 249 -43.87 -48.95 -91.88
C ILE F 249 -43.11 -49.81 -92.88
N ASP F 250 -42.77 -51.04 -92.49
CA ASP F 250 -42.18 -51.98 -93.44
C ASP F 250 -43.17 -52.38 -94.53
N ASP F 251 -44.45 -52.48 -94.18
CA ASP F 251 -45.49 -52.67 -95.20
C ASP F 251 -45.53 -51.51 -96.19
N MET F 252 -45.44 -50.28 -95.69
CA MET F 252 -45.44 -49.09 -96.54
C MET F 252 -44.21 -49.06 -97.45
N ASP F 253 -43.04 -49.42 -96.91
CA ASP F 253 -41.84 -49.56 -97.72
C ASP F 253 -42.01 -50.59 -98.83
N ALA F 254 -42.60 -51.74 -98.50
CA ALA F 254 -42.88 -52.75 -99.52
C ALA F 254 -43.82 -52.21 -100.59
N THR F 255 -44.88 -51.50 -100.19
CA THR F 255 -45.83 -51.02 -101.19
C THR F 255 -45.25 -49.88 -102.01
N VAL F 256 -44.31 -49.13 -101.44
CA VAL F 256 -43.62 -48.09 -102.20
C VAL F 256 -42.71 -48.72 -103.25
N LEU F 257 -42.10 -49.87 -102.92
CA LEU F 257 -41.24 -50.52 -103.90
C LEU F 257 -42.06 -51.24 -104.97
N ALA F 258 -42.92 -52.16 -104.55
CA ALA F 258 -43.71 -53.02 -105.43
C ALA F 258 -42.84 -53.77 -106.45
N GLY F 259 -41.66 -54.18 -106.01
CA GLY F 259 -40.71 -54.83 -106.90
C GLY F 259 -39.29 -54.31 -106.75
N TRP F 288 -40.00 -42.61 -114.23
CA TRP F 288 -38.56 -42.47 -114.04
C TRP F 288 -38.08 -41.13 -114.56
N VAL F 289 -39.03 -40.23 -114.85
CA VAL F 289 -38.76 -39.01 -115.59
C VAL F 289 -38.08 -37.97 -114.70
N SER F 290 -37.72 -36.83 -115.30
CA SER F 290 -36.94 -35.78 -114.68
C SER F 290 -37.60 -35.27 -113.38
N PRO F 291 -36.81 -34.84 -112.41
CA PRO F 291 -37.36 -33.99 -111.35
C PRO F 291 -37.82 -32.66 -111.94
N ARG F 292 -38.97 -32.18 -111.45
CA ARG F 292 -39.64 -31.04 -112.06
C ARG F 292 -39.30 -29.76 -111.33
N ASP F 293 -38.99 -28.72 -112.10
CA ASP F 293 -38.60 -27.44 -111.51
C ASP F 293 -39.81 -26.68 -110.97
N ILE F 294 -40.86 -26.57 -111.77
CA ILE F 294 -42.11 -25.93 -111.37
C ILE F 294 -43.18 -27.01 -111.28
N THR F 295 -43.86 -27.08 -110.13
CA THR F 295 -44.56 -28.30 -109.72
C THR F 295 -46.00 -28.08 -109.28
N SER F 296 -46.36 -26.86 -108.86
CA SER F 296 -47.57 -26.62 -108.06
C SER F 296 -48.83 -27.08 -108.79
N GLU F 297 -48.89 -26.89 -110.11
CA GLU F 297 -50.03 -27.28 -110.92
C GLU F 297 -49.94 -28.73 -111.35
N THR F 298 -48.75 -29.33 -111.28
CA THR F 298 -48.48 -30.58 -111.98
C THR F 298 -49.14 -31.80 -111.35
N LEU F 299 -49.34 -31.80 -110.02
CA LEU F 299 -49.54 -33.05 -109.26
C LEU F 299 -50.69 -33.92 -109.80
N GLU F 300 -51.87 -33.34 -109.93
CA GLU F 300 -53.04 -34.10 -110.40
C GLU F 300 -52.98 -34.55 -111.85
N ARG F 301 -52.17 -33.93 -112.72
CA ARG F 301 -51.98 -34.48 -114.06
C ARG F 301 -50.77 -35.41 -114.18
N LEU F 302 -49.78 -35.27 -113.31
CA LEU F 302 -48.62 -36.14 -113.32
C LEU F 302 -48.95 -37.57 -112.89
N TRP F 303 -50.10 -37.78 -112.25
CA TRP F 303 -50.65 -39.12 -112.04
C TRP F 303 -51.18 -39.76 -113.32
N LEU F 304 -51.53 -38.97 -114.34
CA LEU F 304 -52.26 -39.49 -115.50
C LEU F 304 -51.51 -40.44 -116.45
N PRO F 305 -50.18 -40.32 -116.68
CA PRO F 305 -49.53 -41.29 -117.58
C PRO F 305 -49.69 -42.76 -117.17
N ASP F 306 -49.93 -43.59 -118.18
CA ASP F 306 -50.29 -44.99 -118.00
C ASP F 306 -49.15 -45.78 -117.39
N THR F 307 -49.44 -46.44 -116.26
CA THR F 307 -48.46 -47.30 -115.60
C THR F 307 -49.21 -48.29 -114.72
N GLU F 308 -48.53 -49.41 -114.44
CA GLU F 308 -49.02 -50.34 -113.41
C GLU F 308 -48.82 -49.79 -112.01
N ALA F 309 -47.78 -49.00 -111.80
CA ALA F 309 -47.55 -48.38 -110.50
C ALA F 309 -46.92 -47.02 -110.70
N THR F 310 -47.40 -46.04 -109.93
CA THR F 310 -46.81 -44.73 -109.86
C THR F 310 -46.50 -44.41 -108.41
N ALA F 311 -45.34 -43.79 -108.18
CA ALA F 311 -44.99 -43.22 -106.89
C ALA F 311 -44.75 -41.73 -107.08
N VAL F 312 -45.47 -40.92 -106.33
CA VAL F 312 -45.45 -39.47 -106.47
C VAL F 312 -45.17 -38.88 -105.10
N THR F 313 -44.21 -37.96 -105.04
CA THR F 313 -43.74 -37.43 -103.77
C THR F 313 -43.26 -35.99 -103.92
N VAL F 314 -43.39 -35.23 -102.83
CA VAL F 314 -43.02 -33.83 -102.76
C VAL F 314 -42.19 -33.61 -101.50
N ARG F 315 -41.11 -32.83 -101.60
CA ARG F 315 -40.17 -32.60 -100.50
C ARG F 315 -40.19 -31.15 -100.07
N LEU F 316 -40.15 -30.94 -98.75
CA LEU F 316 -40.08 -29.61 -98.13
C LEU F 316 -38.86 -29.54 -97.22
N ARG F 317 -38.03 -28.52 -97.41
CA ARG F 317 -36.80 -28.40 -96.64
C ARG F 317 -36.57 -26.97 -96.18
N PRO F 318 -35.93 -26.78 -95.01
CA PRO F 318 -35.71 -25.43 -94.45
C PRO F 318 -34.48 -24.71 -94.99
N ARG F 319 -34.56 -24.27 -96.25
CA ARG F 319 -33.42 -23.62 -96.90
C ARG F 319 -33.02 -22.33 -96.18
N HIS F 320 -34.00 -21.54 -95.78
CA HIS F 320 -33.81 -20.43 -94.85
C HIS F 320 -34.97 -20.46 -93.86
N GLY F 321 -35.30 -19.31 -93.27
CA GLY F 321 -36.50 -19.21 -92.46
C GLY F 321 -37.79 -19.54 -93.19
N GLY F 322 -37.78 -19.53 -94.52
CA GLY F 322 -38.86 -20.06 -95.32
C GLY F 322 -38.75 -21.58 -95.46
N VAL F 323 -39.59 -22.12 -96.35
CA VAL F 323 -39.53 -23.52 -96.73
C VAL F 323 -39.63 -23.60 -98.24
N GLU F 324 -38.74 -24.38 -98.86
CA GLU F 324 -38.63 -24.47 -100.30
C GLU F 324 -38.90 -25.90 -100.74
N VAL F 325 -39.35 -26.04 -101.98
CA VAL F 325 -40.10 -27.22 -102.42
C VAL F 325 -39.36 -27.87 -103.58
N SER F 326 -39.38 -29.20 -103.59
CA SER F 326 -38.96 -29.99 -104.73
C SER F 326 -39.86 -31.22 -104.82
N ALA F 327 -40.06 -31.70 -106.04
CA ALA F 327 -40.90 -32.87 -106.29
C ALA F 327 -40.26 -33.77 -107.34
N TRP F 328 -40.49 -35.07 -107.21
CA TRP F 328 -40.03 -36.04 -108.18
C TRP F 328 -40.98 -37.23 -108.20
N VAL F 329 -40.84 -38.06 -109.23
CA VAL F 329 -41.78 -39.13 -109.51
C VAL F 329 -40.99 -40.26 -110.16
N ARG F 330 -41.50 -41.49 -110.06
CA ARG F 330 -41.09 -42.56 -110.95
C ARG F 330 -42.29 -43.41 -111.31
N TYR F 331 -42.19 -44.07 -112.46
CA TYR F 331 -43.22 -44.99 -112.94
C TYR F 331 -42.61 -46.38 -113.12
N HIS F 332 -43.42 -47.40 -112.84
CA HIS F 332 -42.99 -48.80 -112.74
C HIS F 332 -41.73 -48.98 -111.88
N PRO G 18 -58.90 -10.95 -85.15
CA PRO G 18 -57.65 -10.28 -84.79
C PRO G 18 -56.48 -11.25 -84.76
N GLN G 19 -55.30 -10.73 -84.40
CA GLN G 19 -54.16 -11.61 -84.16
C GLN G 19 -54.36 -12.40 -82.89
N ALA G 20 -54.00 -13.68 -82.93
CA ALA G 20 -53.91 -14.49 -81.72
C ALA G 20 -52.79 -15.50 -81.92
N ALA G 21 -51.73 -15.36 -81.14
CA ALA G 21 -50.54 -16.18 -81.33
C ALA G 21 -50.74 -17.56 -80.72
N VAL G 22 -50.30 -18.58 -81.43
CA VAL G 22 -50.15 -19.91 -80.86
C VAL G 22 -48.75 -20.02 -80.26
N VAL G 23 -48.67 -20.45 -79.01
CA VAL G 23 -47.42 -20.61 -78.30
C VAL G 23 -47.50 -21.85 -77.43
N ALA G 24 -46.35 -22.44 -77.17
CA ALA G 24 -46.24 -23.47 -76.14
C ALA G 24 -46.03 -22.79 -74.80
N ILE G 25 -46.93 -23.00 -73.88
CA ILE G 25 -46.65 -22.77 -72.47
C ILE G 25 -45.97 -24.00 -71.89
N MET G 26 -45.20 -23.79 -70.83
CA MET G 26 -44.66 -24.87 -70.03
C MET G 26 -44.84 -24.58 -68.55
N ALA G 27 -45.12 -25.63 -67.79
CA ALA G 27 -45.48 -25.56 -66.39
C ALA G 27 -45.13 -26.91 -65.77
N ALA G 28 -44.96 -26.91 -64.45
CA ALA G 28 -44.61 -28.08 -63.64
C ALA G 28 -43.60 -28.99 -64.33
N ASP G 29 -44.03 -30.17 -64.75
CA ASP G 29 -43.21 -30.93 -65.70
C ASP G 29 -43.96 -31.22 -67.00
N VAL G 30 -44.61 -30.20 -67.55
CA VAL G 30 -45.55 -30.37 -68.67
C VAL G 30 -45.37 -29.20 -69.63
N GLN G 31 -45.51 -29.46 -70.93
CA GLN G 31 -45.69 -28.39 -71.91
C GLN G 31 -47.01 -28.60 -72.64
N ILE G 32 -47.70 -27.49 -72.94
CA ILE G 32 -49.00 -27.49 -73.60
C ILE G 32 -49.00 -26.41 -74.67
N ALA G 33 -49.46 -26.75 -75.87
CA ALA G 33 -49.65 -25.75 -76.91
C ALA G 33 -50.99 -25.03 -76.72
N VAL G 34 -50.96 -23.69 -76.77
CA VAL G 34 -52.13 -22.88 -76.52
C VAL G 34 -52.18 -21.73 -77.52
N VAL G 35 -53.40 -21.35 -77.89
CA VAL G 35 -53.65 -20.17 -78.71
C VAL G 35 -54.06 -19.03 -77.80
N LEU G 36 -53.29 -17.94 -77.81
CA LEU G 36 -53.53 -16.81 -76.93
C LEU G 36 -53.79 -15.56 -77.76
N ASP G 37 -54.84 -14.82 -77.36
CA ASP G 37 -55.16 -13.48 -77.87
C ASP G 37 -53.90 -12.63 -77.81
N ALA G 38 -53.39 -12.25 -78.98
CA ALA G 38 -52.02 -11.74 -79.08
C ALA G 38 -51.87 -10.34 -78.48
N HIS G 39 -52.96 -9.60 -78.32
CA HIS G 39 -52.87 -8.19 -77.94
C HIS G 39 -53.81 -7.75 -76.82
N ALA G 40 -54.57 -8.65 -76.20
CA ALA G 40 -55.03 -8.40 -74.84
C ALA G 40 -53.87 -8.43 -73.84
N PRO G 41 -53.91 -7.58 -72.81
CA PRO G 41 -52.89 -7.65 -71.74
C PRO G 41 -52.82 -9.00 -71.03
N ILE G 42 -51.61 -9.34 -70.59
CA ILE G 42 -51.34 -10.60 -69.90
C ILE G 42 -52.16 -10.73 -68.61
N SER G 43 -52.33 -9.62 -67.89
CA SER G 43 -53.21 -9.54 -66.72
C SER G 43 -54.65 -9.96 -66.98
N VAL G 44 -55.10 -9.94 -68.23
CA VAL G 44 -56.44 -10.43 -68.54
C VAL G 44 -56.47 -11.96 -68.58
N MET G 45 -55.38 -12.58 -69.00
CA MET G 45 -55.36 -13.97 -69.44
C MET G 45 -54.69 -14.94 -68.48
N ILE G 46 -53.79 -14.45 -67.63
CA ILE G 46 -53.00 -15.30 -66.74
C ILE G 46 -53.91 -16.19 -65.87
N ASP G 47 -54.95 -15.61 -65.28
CA ASP G 47 -55.84 -16.37 -64.39
C ASP G 47 -56.56 -17.55 -65.07
N PRO G 48 -57.27 -17.38 -66.19
CA PRO G 48 -57.89 -18.56 -66.80
C PRO G 48 -56.89 -19.48 -67.44
N LEU G 49 -55.70 -18.97 -67.78
CA LEU G 49 -54.64 -19.84 -68.25
C LEU G 49 -54.19 -20.77 -67.12
N LEU G 50 -54.14 -20.25 -65.89
CA LEU G 50 -53.83 -21.10 -64.75
C LEU G 50 -54.94 -22.12 -64.51
N LYS G 51 -56.20 -21.71 -64.65
CA LYS G 51 -57.29 -22.65 -64.47
C LYS G 51 -57.26 -23.76 -65.53
N VAL G 52 -56.94 -23.37 -66.77
CA VAL G 52 -56.74 -24.30 -67.88
C VAL G 52 -55.64 -25.30 -67.52
N VAL G 53 -54.46 -24.79 -67.14
CA VAL G 53 -53.33 -25.63 -66.77
C VAL G 53 -53.71 -26.59 -65.64
N ASN G 54 -54.44 -26.12 -64.64
CA ASN G 54 -54.79 -26.99 -63.53
C ASN G 54 -55.77 -28.07 -63.96
N THR G 55 -56.74 -27.73 -64.80
CA THR G 55 -57.66 -28.75 -65.32
C THR G 55 -56.93 -29.80 -66.15
N ARG G 56 -56.02 -29.36 -67.02
CA ARG G 56 -55.22 -30.27 -67.82
C ARG G 56 -54.34 -31.18 -66.97
N LEU G 57 -53.61 -30.60 -66.00
CA LEU G 57 -52.79 -31.40 -65.08
C LEU G 57 -53.63 -32.40 -64.32
N ARG G 58 -54.80 -31.97 -63.82
CA ARG G 58 -55.63 -32.86 -63.04
C ARG G 58 -56.19 -33.98 -63.90
N GLU G 59 -56.43 -33.68 -65.19
CA GLU G 59 -56.88 -34.71 -66.12
C GLU G 59 -55.79 -35.74 -66.37
N LEU G 60 -54.52 -35.30 -66.30
CA LEU G 60 -53.37 -36.17 -66.53
C LEU G 60 -52.96 -36.94 -65.29
N GLY G 61 -53.61 -36.72 -64.15
CA GLY G 61 -53.17 -37.34 -62.92
C GLY G 61 -51.93 -36.71 -62.33
N VAL G 62 -51.48 -35.59 -62.88
CA VAL G 62 -50.33 -34.84 -62.41
C VAL G 62 -50.81 -33.88 -61.34
N ALA G 63 -50.02 -33.72 -60.28
CA ALA G 63 -50.33 -32.79 -59.21
C ALA G 63 -50.43 -31.37 -59.75
N PRO G 64 -51.52 -30.66 -59.51
CA PRO G 64 -51.69 -29.32 -60.09
C PRO G 64 -50.80 -28.29 -59.42
N LEU G 65 -50.74 -27.12 -60.05
CA LEU G 65 -50.01 -25.99 -59.52
C LEU G 65 -50.69 -25.41 -58.29
N GLU G 66 -49.88 -24.86 -57.39
CA GLU G 66 -50.38 -24.27 -56.17
C GLU G 66 -49.53 -23.06 -55.78
N ALA G 67 -50.18 -22.11 -55.12
CA ALA G 67 -49.51 -20.95 -54.56
C ALA G 67 -48.89 -21.29 -53.22
N LYS G 68 -47.59 -21.05 -53.10
CA LYS G 68 -46.84 -21.33 -51.88
C LYS G 68 -46.60 -20.04 -51.11
N GLY G 69 -47.05 -20.01 -49.86
CA GLY G 69 -46.98 -18.81 -49.05
C GLY G 69 -47.65 -17.62 -49.71
N ARG G 70 -46.91 -16.53 -49.85
CA ARG G 70 -47.41 -15.33 -50.50
C ARG G 70 -46.49 -14.95 -51.66
N GLY G 71 -47.12 -14.45 -52.73
CA GLY G 71 -46.42 -14.27 -53.98
C GLY G 71 -47.42 -13.99 -55.08
N ARG G 72 -47.01 -14.20 -56.32
CA ARG G 72 -47.92 -13.99 -57.43
C ARG G 72 -47.59 -14.93 -58.58
N TRP G 73 -48.63 -15.28 -59.32
CA TRP G 73 -48.49 -16.02 -60.57
C TRP G 73 -47.99 -15.10 -61.67
N MET G 74 -46.98 -15.57 -62.40
CA MET G 74 -46.37 -14.80 -63.47
C MET G 74 -45.97 -15.72 -64.60
N LEU G 75 -45.88 -15.13 -65.79
CA LEU G 75 -45.39 -15.80 -66.98
C LEU G 75 -44.04 -15.23 -67.39
N CYS G 76 -43.12 -16.12 -67.71
CA CYS G 76 -41.80 -15.73 -68.14
C CYS G 76 -41.48 -16.27 -69.52
N LEU G 77 -40.54 -15.60 -70.19
CA LEU G 77 -39.83 -16.20 -71.29
C LEU G 77 -38.96 -17.35 -70.77
N VAL G 78 -38.63 -18.27 -71.68
CA VAL G 78 -37.78 -19.41 -71.32
C VAL G 78 -36.41 -18.98 -70.84
N ASP G 79 -35.93 -17.81 -71.25
CA ASP G 79 -34.67 -17.33 -70.71
C ASP G 79 -34.78 -16.86 -69.27
N GLY G 80 -36.00 -16.60 -68.79
CA GLY G 80 -36.21 -16.36 -67.38
C GLY G 80 -37.03 -15.13 -67.05
N THR G 81 -37.00 -14.13 -67.92
CA THR G 81 -37.52 -12.82 -67.55
C THR G 81 -39.05 -12.84 -67.52
N PRO G 82 -39.66 -12.33 -66.45
CA PRO G 82 -41.12 -12.16 -66.44
C PRO G 82 -41.62 -11.19 -67.49
N LEU G 83 -42.71 -11.56 -68.14
CA LEU G 83 -43.50 -10.66 -68.94
C LEU G 83 -44.16 -9.59 -68.09
N ARG G 84 -44.27 -8.39 -68.65
CA ARG G 84 -45.04 -7.31 -68.03
C ARG G 84 -46.52 -7.62 -68.05
N PRO G 85 -47.19 -7.72 -66.89
CA PRO G 85 -48.59 -8.13 -66.89
C PRO G 85 -49.53 -7.08 -67.45
N ASN G 86 -49.21 -5.81 -67.28
CA ASN G 86 -50.01 -4.74 -67.86
C ASN G 86 -49.90 -4.67 -69.37
N LEU G 87 -48.90 -5.32 -69.95
CA LEU G 87 -48.69 -5.28 -71.39
C LEU G 87 -49.23 -6.53 -72.03
N SER G 88 -49.67 -6.39 -73.28
CA SER G 88 -49.96 -7.52 -74.13
C SER G 88 -48.68 -8.18 -74.63
N LEU G 89 -48.87 -9.38 -75.17
CA LEU G 89 -47.80 -10.14 -75.83
C LEU G 89 -47.12 -9.33 -76.93
N THR G 90 -47.90 -8.58 -77.70
CA THR G 90 -47.42 -7.98 -78.94
C THR G 90 -46.34 -6.93 -78.70
N GLU G 91 -46.61 -5.93 -77.86
CA GLU G 91 -45.64 -4.87 -77.62
C GLU G 91 -44.43 -5.34 -76.83
N GLN G 92 -44.52 -6.51 -76.19
CA GLN G 92 -43.34 -7.14 -75.60
C GLN G 92 -42.78 -8.25 -76.49
N GLU G 93 -43.02 -8.15 -77.80
CA GLU G 93 -42.35 -8.93 -78.83
C GLU G 93 -42.59 -10.43 -78.75
N VAL G 94 -43.65 -10.87 -78.07
CA VAL G 94 -44.02 -12.27 -78.08
C VAL G 94 -44.78 -12.57 -79.36
N TYR G 95 -44.31 -13.55 -80.12
CA TYR G 95 -44.87 -13.91 -81.41
C TYR G 95 -45.35 -15.35 -81.41
N ASP G 96 -46.00 -15.73 -82.50
CA ASP G 96 -46.38 -17.12 -82.72
C ASP G 96 -45.16 -18.02 -82.75
N GLY G 97 -45.31 -19.21 -82.16
CA GLY G 97 -44.22 -20.15 -82.05
C GLY G 97 -43.22 -19.88 -80.94
N ASP G 98 -43.44 -18.84 -80.14
CA ASP G 98 -42.61 -18.60 -78.97
C ASP G 98 -43.01 -19.53 -77.84
N ARG G 99 -42.22 -19.50 -76.76
CA ARG G 99 -42.42 -20.38 -75.62
C ARG G 99 -42.49 -19.55 -74.34
N LEU G 100 -43.38 -19.92 -73.43
CA LEU G 100 -43.64 -19.17 -72.21
C LEU G 100 -43.59 -20.11 -71.01
N TRP G 101 -43.04 -19.61 -69.91
CA TRP G 101 -42.90 -20.37 -68.67
C TRP G 101 -43.78 -19.74 -67.60
N LEU G 102 -44.71 -20.52 -67.06
CA LEU G 102 -45.57 -20.10 -65.96
C LEU G 102 -44.96 -20.43 -64.60
N LYS G 103 -44.91 -19.42 -63.72
CA LYS G 103 -44.37 -19.57 -62.37
C LYS G 103 -45.29 -18.90 -61.37
N PHE G 104 -45.18 -19.35 -60.12
CA PHE G 104 -45.54 -18.55 -58.95
C PHE G 104 -44.29 -17.91 -58.36
N LEU G 105 -44.08 -16.63 -58.64
CA LEU G 105 -42.97 -15.91 -58.03
C LEU G 105 -43.19 -15.72 -56.55
N GLU G 106 -42.22 -16.11 -55.73
CA GLU G 106 -42.26 -15.79 -54.31
C GLU G 106 -42.26 -14.27 -54.11
N ASP G 107 -42.95 -13.83 -53.06
CA ASP G 107 -42.90 -12.43 -52.65
C ASP G 107 -41.48 -12.01 -52.30
N THR G 108 -41.02 -10.94 -52.96
CA THR G 108 -39.69 -10.38 -52.71
C THR G 108 -39.56 -9.58 -51.40
N GLU G 109 -40.62 -8.94 -50.92
CA GLU G 109 -40.45 -7.90 -49.91
C GLU G 109 -40.26 -8.44 -48.50
N HIS G 110 -39.36 -7.79 -47.78
CA HIS G 110 -39.09 -8.05 -46.36
C HIS G 110 -38.38 -6.81 -45.82
N ARG G 111 -38.20 -6.79 -44.50
CA ARG G 111 -37.47 -5.71 -43.83
C ARG G 111 -36.09 -5.50 -44.45
N SER G 112 -35.72 -4.25 -44.61
CA SER G 112 -34.37 -3.90 -45.05
C SER G 112 -33.50 -3.72 -43.82
N GLU G 113 -32.52 -4.61 -43.67
CA GLU G 113 -31.64 -4.58 -42.51
C GLU G 113 -30.72 -3.37 -42.57
N VAL G 114 -30.22 -2.96 -41.42
CA VAL G 114 -29.28 -1.84 -41.35
C VAL G 114 -28.20 -2.15 -40.32
N ILE G 115 -26.95 -1.97 -40.72
CA ILE G 115 -25.80 -2.08 -39.83
C ILE G 115 -25.19 -0.69 -39.72
N GLU G 116 -25.26 -0.10 -38.54
CA GLU G 116 -24.92 1.29 -38.41
C GLU G 116 -23.42 1.53 -38.24
N HIS G 117 -22.68 0.58 -37.68
CA HIS G 117 -21.25 0.71 -37.62
C HIS G 117 -20.67 0.42 -38.99
N ILE G 118 -19.90 1.37 -39.52
CA ILE G 118 -19.33 1.25 -40.87
C ILE G 118 -18.50 -0.01 -41.04
N SER G 119 -17.71 -0.39 -40.03
CA SER G 119 -16.76 -1.48 -40.19
C SER G 119 -17.47 -2.83 -40.30
N THR G 120 -18.42 -3.06 -39.41
CA THR G 120 -19.22 -4.27 -39.47
C THR G 120 -20.09 -4.32 -40.71
N ALA G 121 -20.57 -3.18 -41.16
CA ALA G 121 -21.34 -3.15 -42.41
C ALA G 121 -20.49 -3.53 -43.61
N VAL G 122 -19.24 -3.06 -43.66
CA VAL G 122 -18.32 -3.45 -44.72
C VAL G 122 -18.10 -4.95 -44.70
N ALA G 123 -17.74 -5.48 -43.54
CA ALA G 123 -17.46 -6.90 -43.39
C ALA G 123 -18.63 -7.75 -43.84
N THR G 124 -19.81 -7.49 -43.28
CA THR G 124 -20.96 -8.33 -43.58
C THR G 124 -21.54 -8.09 -44.97
N ASN G 125 -21.21 -6.97 -45.63
CA ASN G 125 -21.61 -6.87 -47.03
C ASN G 125 -20.68 -7.68 -47.93
N LEU G 126 -19.37 -7.49 -47.75
CA LEU G 126 -18.40 -8.23 -48.55
C LEU G 126 -18.57 -9.73 -48.39
N SER G 127 -18.53 -10.22 -47.14
CA SER G 127 -18.58 -11.66 -46.92
C SER G 127 -19.88 -12.28 -47.38
N LYS G 128 -20.93 -11.48 -47.50
CA LYS G 128 -22.18 -11.98 -48.04
C LYS G 128 -22.14 -12.00 -49.56
N ARG G 129 -21.37 -11.11 -50.18
CA ARG G 129 -21.56 -10.85 -51.60
C ARG G 129 -20.42 -11.36 -52.49
N PHE G 130 -19.23 -11.63 -51.92
CA PHE G 130 -18.11 -12.15 -52.69
C PHE G 130 -17.64 -13.48 -52.12
N ALA G 131 -16.93 -14.24 -52.97
CA ALA G 131 -16.50 -15.58 -52.61
C ALA G 131 -15.05 -15.60 -52.17
N PRO G 132 -14.77 -16.18 -51.01
CA PRO G 132 -13.41 -16.22 -50.48
C PRO G 132 -12.57 -17.31 -51.13
N ILE G 133 -11.26 -17.24 -50.86
CA ILE G 133 -10.36 -18.30 -51.27
C ILE G 133 -10.68 -19.56 -50.48
N ASP G 134 -10.49 -20.71 -51.12
CA ASP G 134 -10.94 -22.00 -50.63
C ASP G 134 -9.95 -23.03 -51.12
N PRO G 135 -9.74 -24.13 -50.37
CA PRO G 135 -8.74 -25.12 -50.77
C PRO G 135 -9.01 -25.79 -52.10
N VAL G 136 -10.28 -25.91 -52.47
CA VAL G 136 -10.66 -26.37 -53.80
C VAL G 136 -10.05 -25.48 -54.87
N VAL G 137 -10.12 -24.17 -54.67
CA VAL G 137 -9.48 -23.24 -55.59
C VAL G 137 -7.97 -23.32 -55.46
N ALA G 138 -7.48 -23.50 -54.24
CA ALA G 138 -6.05 -23.41 -53.99
C ALA G 138 -5.29 -24.52 -54.69
N VAL G 139 -5.85 -25.72 -54.72
CA VAL G 139 -5.18 -26.83 -55.40
C VAL G 139 -5.11 -26.57 -56.91
N GLN G 140 -6.18 -26.01 -57.47
CA GLN G 140 -6.16 -25.67 -58.89
C GLN G 140 -5.13 -24.59 -59.18
N VAL G 141 -5.00 -23.62 -58.29
CA VAL G 141 -4.00 -22.57 -58.46
C VAL G 141 -2.60 -23.16 -58.44
N GLY G 142 -2.34 -24.07 -57.50
CA GLY G 142 -1.04 -24.71 -57.45
C GLY G 142 -0.74 -25.52 -58.71
N ALA G 143 -1.75 -26.22 -59.22
CA ALA G 143 -1.57 -26.98 -60.45
C ALA G 143 -1.29 -26.06 -61.63
N THR G 144 -1.98 -24.93 -61.69
CA THR G 144 -1.74 -23.98 -62.77
C THR G 144 -0.33 -23.43 -62.71
N MET G 145 0.12 -23.10 -61.51
CA MET G 145 1.43 -22.49 -61.40
C MET G 145 2.54 -23.49 -61.65
N VAL G 146 2.35 -24.75 -61.26
CA VAL G 146 3.39 -25.73 -61.59
C VAL G 146 3.33 -26.10 -63.07
N ALA G 147 2.17 -26.00 -63.71
CA ALA G 147 2.11 -26.15 -65.15
C ALA G 147 2.91 -25.06 -65.84
N VAL G 148 2.69 -23.81 -65.44
CA VAL G 148 3.45 -22.70 -66.03
C VAL G 148 4.93 -22.87 -65.81
N GLY G 149 5.32 -23.32 -64.61
CA GLY G 149 6.72 -23.55 -64.32
C GLY G 149 7.34 -24.62 -65.19
N VAL G 150 6.63 -25.72 -65.40
CA VAL G 150 7.26 -26.80 -66.14
C VAL G 150 7.28 -26.49 -67.64
N LEU G 151 6.30 -25.75 -68.16
CA LEU G 151 6.46 -25.26 -69.53
C LEU G 151 7.60 -24.28 -69.66
N LEU G 152 7.83 -23.40 -68.68
CA LEU G 152 9.01 -22.54 -68.76
C LEU G 152 10.29 -23.36 -68.73
N GLY G 153 10.36 -24.39 -67.88
CA GLY G 153 11.56 -25.20 -67.83
C GLY G 153 11.82 -25.97 -69.11
N SER G 154 10.77 -26.55 -69.68
CA SER G 154 10.93 -27.30 -70.93
C SER G 154 11.28 -26.37 -72.10
N ALA G 155 10.62 -25.22 -72.19
CA ALA G 155 10.96 -24.27 -73.24
C ALA G 155 12.36 -23.72 -73.05
N LEU G 156 12.81 -23.62 -71.81
CA LEU G 156 14.14 -23.13 -71.52
C LEU G 156 15.20 -24.14 -71.93
N LEU G 157 14.95 -25.42 -71.64
CA LEU G 157 15.87 -26.46 -72.10
C LEU G 157 15.89 -26.54 -73.61
N GLY G 158 14.74 -26.33 -74.25
CA GLY G 158 14.71 -26.26 -75.70
C GLY G 158 15.52 -25.10 -76.24
N TRP G 159 15.46 -23.96 -75.55
CA TRP G 159 16.26 -22.82 -75.96
C TRP G 159 17.75 -23.11 -75.82
N TRP G 160 18.13 -23.78 -74.73
CA TRP G 160 19.54 -24.11 -74.54
C TRP G 160 20.04 -25.11 -75.58
N ARG G 161 19.23 -26.13 -75.89
CA ARG G 161 19.63 -27.07 -76.91
C ARG G 161 19.62 -26.45 -78.30
N TRP G 162 18.78 -25.43 -78.51
CA TRP G 162 18.86 -24.64 -79.73
C TRP G 162 20.16 -23.85 -79.78
N GLN G 163 20.58 -23.31 -78.65
CA GLN G 163 21.79 -22.49 -78.64
C GLN G 163 23.05 -23.32 -78.52
N HIS G 164 23.01 -24.41 -77.75
CA HIS G 164 24.20 -25.19 -77.49
C HIS G 164 23.96 -26.66 -77.82
N GLU G 165 25.05 -27.34 -78.15
CA GLU G 165 24.99 -28.71 -78.62
C GLU G 165 25.09 -29.73 -77.48
N SER G 166 24.74 -29.34 -76.27
CA SER G 166 24.93 -30.22 -75.12
C SER G 166 23.89 -31.33 -75.13
N TRP G 167 24.34 -32.56 -74.92
CA TRP G 167 23.43 -33.69 -74.82
C TRP G 167 22.74 -33.73 -73.46
N LEU G 168 23.37 -33.11 -72.46
CA LEU G 168 22.89 -33.20 -71.08
C LEU G 168 21.50 -32.63 -70.80
N PRO G 169 20.97 -31.62 -71.50
CA PRO G 169 19.58 -31.20 -71.24
C PRO G 169 18.51 -32.29 -71.40
N ALA G 170 18.72 -33.24 -72.31
CA ALA G 170 17.69 -34.26 -72.53
C ALA G 170 17.43 -35.16 -71.32
N PRO G 171 18.43 -35.63 -70.55
CA PRO G 171 18.08 -36.29 -69.27
C PRO G 171 17.27 -35.45 -68.30
N PHE G 172 17.56 -34.16 -68.16
CA PHE G 172 16.76 -33.32 -67.27
C PHE G 172 15.31 -33.23 -67.74
N ALA G 173 15.12 -33.01 -69.04
CA ALA G 173 13.76 -32.94 -69.56
C ALA G 173 13.03 -34.26 -69.37
N ALA G 174 13.73 -35.37 -69.61
CA ALA G 174 13.11 -36.69 -69.44
C ALA G 174 12.72 -36.95 -67.99
N VAL G 175 13.60 -36.59 -67.04
CA VAL G 175 13.31 -36.91 -65.65
C VAL G 175 12.18 -36.03 -65.11
N ILE G 176 12.14 -34.75 -65.50
CA ILE G 176 11.03 -33.93 -65.00
C ILE G 176 9.73 -34.38 -65.64
N ALA G 177 9.77 -34.81 -66.90
CA ALA G 177 8.57 -35.31 -67.56
C ALA G 177 8.05 -36.56 -66.88
N VAL G 178 8.93 -37.50 -66.56
CA VAL G 178 8.45 -38.74 -65.97
C VAL G 178 7.94 -38.50 -64.55
N LEU G 179 8.57 -37.59 -63.79
CA LEU G 179 8.05 -37.29 -62.46
C LEU G 179 6.67 -36.67 -62.51
N VAL G 180 6.48 -35.65 -63.35
CA VAL G 180 5.17 -35.01 -63.37
C VAL G 180 4.11 -35.94 -63.97
N LEU G 181 4.51 -36.82 -64.89
CA LEU G 181 3.53 -37.72 -65.49
C LEU G 181 3.09 -38.80 -64.50
N THR G 182 4.02 -39.33 -63.71
CA THR G 182 3.62 -40.28 -62.68
C THR G 182 2.76 -39.61 -61.61
N VAL G 183 3.10 -38.37 -61.24
CA VAL G 183 2.29 -37.64 -60.27
C VAL G 183 0.88 -37.41 -60.80
N ALA G 184 0.77 -37.02 -62.07
CA ALA G 184 -0.53 -36.81 -62.68
C ALA G 184 -1.33 -38.11 -62.73
N THR G 185 -0.67 -39.21 -63.07
CA THR G 185 -1.35 -40.49 -63.14
C THR G 185 -1.84 -40.93 -61.77
N MET G 186 -1.02 -40.75 -60.72
CA MET G 186 -1.44 -41.12 -59.39
C MET G 186 -2.61 -40.27 -58.90
N ILE G 187 -2.59 -38.97 -59.23
CA ILE G 187 -3.70 -38.11 -58.85
C ILE G 187 -4.97 -38.49 -59.59
N LEU G 188 -4.85 -38.81 -60.88
CA LEU G 188 -6.01 -39.19 -61.67
C LEU G 188 -6.58 -40.52 -61.20
N ALA G 189 -5.72 -41.44 -60.78
CA ALA G 189 -6.23 -42.73 -60.32
C ALA G 189 -6.83 -42.61 -58.93
N ARG G 190 -6.10 -42.04 -57.98
CA ARG G 190 -6.58 -42.00 -56.60
C ARG G 190 -7.73 -41.02 -56.42
N SER G 191 -7.60 -39.82 -56.98
CA SER G 191 -8.53 -38.74 -56.73
C SER G 191 -9.47 -38.49 -57.90
N LYS G 192 -9.93 -39.55 -58.55
CA LYS G 192 -10.87 -39.40 -59.64
C LYS G 192 -12.27 -39.00 -59.18
N THR G 193 -12.53 -39.03 -57.87
CA THR G 193 -13.87 -38.94 -57.33
C THR G 193 -14.50 -37.55 -57.46
N VAL G 194 -13.75 -36.55 -57.88
CA VAL G 194 -14.25 -35.17 -57.89
C VAL G 194 -14.03 -34.57 -59.26
N PRO G 195 -14.80 -33.54 -59.61
CA PRO G 195 -14.47 -32.73 -60.81
C PRO G 195 -13.22 -31.89 -60.66
N ASP G 196 -12.53 -31.96 -59.53
CA ASP G 196 -11.20 -31.42 -59.37
C ASP G 196 -10.11 -32.35 -59.85
N ARG G 197 -10.47 -33.37 -60.64
CA ARG G 197 -9.50 -34.16 -61.38
C ARG G 197 -8.91 -33.36 -62.53
N ARG G 198 -9.43 -32.17 -62.80
CA ARG G 198 -8.79 -31.27 -63.73
C ARG G 198 -7.42 -30.84 -63.24
N VAL G 199 -7.12 -31.02 -61.97
CA VAL G 199 -5.75 -30.84 -61.50
C VAL G 199 -4.83 -31.84 -62.18
N GLY G 200 -5.29 -33.09 -62.25
CA GLY G 200 -4.51 -34.09 -62.95
C GLY G 200 -4.45 -33.84 -64.42
N ASP G 201 -5.55 -33.33 -64.99
CA ASP G 201 -5.55 -33.03 -66.42
C ASP G 201 -4.57 -31.91 -66.74
N ILE G 202 -4.51 -30.89 -65.89
CA ILE G 202 -3.56 -29.80 -66.06
C ILE G 202 -2.13 -30.31 -65.96
N LEU G 203 -1.86 -31.18 -64.99
CA LEU G 203 -0.52 -31.72 -64.87
C LEU G 203 -0.13 -32.58 -66.07
N LEU G 204 -1.08 -33.34 -66.61
CA LEU G 204 -0.75 -34.20 -67.74
C LEU G 204 -0.49 -33.37 -69.00
N LEU G 205 -1.35 -32.39 -69.26
CA LEU G 205 -1.11 -31.41 -70.31
C LEU G 205 0.23 -30.72 -70.14
N SER G 206 0.60 -30.45 -68.90
CA SER G 206 1.84 -29.75 -68.64
C SER G 206 3.03 -30.66 -68.87
N GLY G 207 2.90 -31.94 -68.55
CA GLY G 207 4.02 -32.84 -68.57
C GLY G 207 4.26 -33.55 -69.86
N LEU G 208 3.31 -33.51 -70.80
CA LEU G 208 3.60 -34.07 -72.11
C LEU G 208 4.63 -33.23 -72.87
N VAL G 209 4.72 -31.94 -72.59
CA VAL G 209 5.67 -31.07 -73.26
C VAL G 209 7.13 -31.38 -72.93
N PRO G 210 7.55 -31.53 -71.66
CA PRO G 210 8.95 -31.89 -71.43
C PRO G 210 9.32 -33.25 -72.00
N LEU G 211 8.38 -34.18 -72.06
CA LEU G 211 8.63 -35.45 -72.75
C LEU G 211 8.91 -35.21 -74.22
N ALA G 212 8.15 -34.32 -74.85
CA ALA G 212 8.34 -34.03 -76.27
C ALA G 212 9.71 -33.40 -76.50
N VAL G 213 10.12 -32.48 -75.63
CA VAL G 213 11.41 -31.84 -75.87
C VAL G 213 12.55 -32.77 -75.45
N ALA G 214 12.28 -33.74 -74.57
CA ALA G 214 13.31 -34.71 -74.22
C ALA G 214 13.58 -35.66 -75.37
N ILE G 215 12.51 -36.14 -76.01
CA ILE G 215 12.68 -36.99 -77.18
C ILE G 215 13.31 -36.20 -78.33
N ALA G 216 12.90 -34.94 -78.49
CA ALA G 216 13.44 -34.13 -79.58
C ALA G 216 14.92 -33.84 -79.40
N ALA G 217 15.36 -33.60 -78.17
CA ALA G 217 16.74 -33.25 -77.94
C ALA G 217 17.70 -34.43 -78.11
N THR G 218 17.20 -35.65 -78.18
CA THR G 218 18.06 -36.80 -78.46
C THR G 218 18.51 -36.86 -79.91
N ALA G 219 17.92 -36.08 -80.80
CA ALA G 219 18.40 -36.06 -82.18
C ALA G 219 19.75 -35.37 -82.25
N PRO G 220 20.79 -36.05 -82.72
CA PRO G 220 22.13 -35.49 -82.71
C PRO G 220 22.33 -34.44 -83.80
N GLY G 221 23.48 -33.78 -83.73
CA GLY G 221 23.84 -32.75 -84.67
C GLY G 221 23.17 -31.46 -84.34
N PRO G 222 23.24 -30.48 -85.24
CA PRO G 222 22.58 -29.19 -84.99
C PRO G 222 21.08 -29.34 -84.99
N VAL G 223 20.43 -28.47 -84.22
CA VAL G 223 18.98 -28.52 -84.11
C VAL G 223 18.36 -28.07 -85.42
N GLY G 224 17.17 -28.61 -85.71
CA GLY G 224 16.49 -28.22 -86.93
C GLY G 224 15.26 -29.06 -87.16
N ALA G 225 14.99 -29.31 -88.44
CA ALA G 225 13.85 -30.13 -88.84
C ALA G 225 13.78 -31.54 -88.23
N PRO G 226 14.87 -32.33 -88.10
CA PRO G 226 14.69 -33.66 -87.47
C PRO G 226 14.22 -33.59 -86.02
N HIS G 227 14.79 -32.67 -85.24
CA HIS G 227 14.33 -32.43 -83.87
C HIS G 227 12.88 -31.99 -83.86
N ALA G 228 12.50 -31.10 -84.78
CA ALA G 228 11.13 -30.59 -84.83
C ALA G 228 10.15 -31.69 -85.15
N VAL G 229 10.44 -32.49 -86.18
CA VAL G 229 9.50 -33.52 -86.60
C VAL G 229 9.38 -34.59 -85.51
N LEU G 230 10.49 -34.90 -84.83
CA LEU G 230 10.45 -35.92 -83.79
C LEU G 230 9.64 -35.45 -82.59
N GLY G 231 9.91 -34.22 -82.12
CA GLY G 231 9.17 -33.70 -80.99
C GLY G 231 7.69 -33.51 -81.24
N PHE G 232 7.35 -32.90 -82.38
CA PHE G 232 5.93 -32.71 -82.68
C PHE G 232 5.23 -34.03 -82.94
N GLY G 233 5.90 -35.00 -83.56
CA GLY G 233 5.29 -36.30 -83.76
C GLY G 233 5.00 -37.01 -82.45
N VAL G 234 5.97 -37.03 -81.53
CA VAL G 234 5.72 -37.72 -80.27
C VAL G 234 4.68 -36.98 -79.43
N PHE G 235 4.66 -35.65 -79.49
CA PHE G 235 3.68 -34.91 -78.69
C PHE G 235 2.27 -35.11 -79.25
N GLY G 236 2.14 -35.13 -80.58
CA GLY G 236 0.84 -35.43 -81.17
C GLY G 236 0.39 -36.85 -80.91
N VAL G 237 1.33 -37.80 -80.88
CA VAL G 237 0.98 -39.18 -80.57
C VAL G 237 0.46 -39.29 -79.15
N ALA G 238 1.13 -38.64 -78.20
CA ALA G 238 0.66 -38.66 -76.82
C ALA G 238 -0.69 -37.99 -76.69
N ALA G 239 -0.89 -36.88 -77.41
CA ALA G 239 -2.17 -36.20 -77.39
C ALA G 239 -3.27 -37.04 -78.03
N MET G 240 -2.90 -37.94 -78.94
CA MET G 240 -3.90 -38.84 -79.48
C MET G 240 -4.23 -39.96 -78.50
N LEU G 241 -3.22 -40.46 -77.78
CA LEU G 241 -3.47 -41.53 -76.81
C LEU G 241 -4.34 -41.04 -75.66
N VAL G 242 -4.14 -39.81 -75.19
CA VAL G 242 -4.89 -39.34 -74.03
C VAL G 242 -6.38 -39.19 -74.33
N MET G 243 -6.77 -39.12 -75.61
CA MET G 243 -8.16 -39.29 -75.99
C MET G 243 -8.71 -40.65 -75.58
N ARG G 244 -8.03 -41.72 -75.98
CA ARG G 244 -8.61 -43.02 -75.73
C ARG G 244 -8.45 -43.43 -74.27
N PHE G 245 -7.40 -42.97 -73.60
CA PHE G 245 -7.25 -43.37 -72.22
C PHE G 245 -8.02 -42.49 -71.24
N THR G 246 -8.19 -41.19 -71.53
CA THR G 246 -8.93 -40.32 -70.62
C THR G 246 -10.22 -39.78 -71.22
N GLY G 247 -10.14 -39.12 -72.37
CA GLY G 247 -11.33 -38.54 -72.96
C GLY G 247 -11.81 -37.30 -72.25
N ARG G 248 -10.93 -36.59 -71.56
CA ARG G 248 -11.26 -35.39 -70.81
C ARG G 248 -10.50 -34.20 -71.36
N ARG G 249 -11.18 -33.06 -71.42
CA ARG G 249 -10.63 -31.79 -71.89
C ARG G 249 -10.00 -31.96 -73.26
N LEU G 250 -10.84 -32.30 -74.22
CA LEU G 250 -10.41 -32.80 -75.50
C LEU G 250 -10.32 -31.74 -76.58
N GLY G 251 -10.83 -30.54 -76.34
CA GLY G 251 -10.66 -29.47 -77.31
C GLY G 251 -9.22 -29.03 -77.44
N VAL G 252 -8.54 -28.89 -76.30
CA VAL G 252 -7.16 -28.41 -76.32
C VAL G 252 -6.26 -29.47 -76.94
N TYR G 253 -6.51 -30.74 -76.65
CA TYR G 253 -5.75 -31.81 -77.29
C TYR G 253 -6.08 -31.94 -78.76
N THR G 254 -7.30 -31.60 -79.17
CA THR G 254 -7.62 -31.59 -80.59
C THR G 254 -6.83 -30.51 -81.33
N ALA G 255 -6.76 -29.32 -80.74
CA ALA G 255 -5.95 -28.26 -81.34
C ALA G 255 -4.48 -28.65 -81.38
N LEU G 256 -4.00 -29.26 -80.31
CA LEU G 256 -2.60 -29.66 -80.26
C LEU G 256 -2.28 -30.75 -81.28
N VAL G 257 -3.19 -31.72 -81.46
CA VAL G 257 -2.89 -32.77 -82.42
C VAL G 257 -3.02 -32.24 -83.85
N THR G 258 -3.85 -31.22 -84.06
CA THR G 258 -3.89 -30.56 -85.35
C THR G 258 -2.56 -29.89 -85.66
N LEU G 259 -2.05 -29.13 -84.69
CA LEU G 259 -0.77 -28.44 -84.87
C LEU G 259 0.38 -29.43 -85.06
N CYS G 260 0.36 -30.54 -84.31
CA CYS G 260 1.43 -31.51 -84.44
C CYS G 260 1.34 -32.27 -85.76
N ALA G 261 0.13 -32.51 -86.27
CA ALA G 261 -0.01 -33.15 -87.57
C ALA G 261 0.60 -32.28 -88.66
N ALA G 262 0.31 -30.97 -88.63
CA ALA G 262 0.87 -30.09 -89.63
C ALA G 262 2.39 -29.97 -89.50
N ALA G 263 2.88 -29.87 -88.26
CA ALA G 263 4.31 -29.72 -88.05
C ALA G 263 5.07 -30.98 -88.46
N THR G 264 4.48 -32.16 -88.19
CA THR G 264 5.12 -33.40 -88.60
C THR G 264 5.10 -33.56 -90.11
N ALA G 265 4.03 -33.12 -90.78
CA ALA G 265 4.01 -33.15 -92.24
C ALA G 265 5.07 -32.23 -92.82
N ALA G 266 5.32 -31.09 -92.16
CA ALA G 266 6.40 -30.21 -92.62
C ALA G 266 7.77 -30.83 -92.36
N GLY G 267 7.95 -31.48 -91.21
CA GLY G 267 9.24 -32.05 -90.91
C GLY G 267 9.60 -33.20 -91.83
N LEU G 268 8.63 -34.07 -92.12
CA LEU G 268 8.88 -35.13 -93.10
C LEU G 268 9.11 -34.56 -94.49
N ALA G 269 8.47 -33.44 -94.82
CA ALA G 269 8.73 -32.83 -96.12
C ALA G 269 10.11 -32.21 -96.19
N ARG G 270 10.67 -31.79 -95.06
CA ARG G 270 12.02 -31.25 -95.07
C ARG G 270 13.09 -32.32 -94.90
N MET G 271 12.74 -33.51 -94.44
CA MET G 271 13.70 -34.61 -94.39
C MET G 271 13.65 -35.54 -95.60
N VAL G 272 12.48 -36.07 -95.95
CA VAL G 272 12.40 -36.92 -97.13
C VAL G 272 12.68 -36.13 -98.40
N LEU G 273 12.23 -34.89 -98.46
CA LEU G 273 12.55 -34.00 -99.57
C LEU G 273 13.37 -32.83 -99.07
N LEU G 274 13.78 -31.97 -99.98
CA LEU G 274 14.48 -30.73 -99.67
C LEU G 274 13.66 -29.54 -100.13
N THR G 275 12.37 -29.58 -99.88
CA THR G 275 11.44 -28.55 -100.34
C THR G 275 11.70 -27.22 -99.64
N SER G 276 11.39 -26.13 -100.35
CA SER G 276 11.53 -24.81 -99.78
C SER G 276 10.42 -24.54 -98.77
N ALA G 277 10.64 -23.50 -97.97
CA ALA G 277 9.67 -23.15 -96.93
C ALA G 277 8.38 -22.63 -97.53
N VAL G 278 8.48 -21.89 -98.64
CA VAL G 278 7.30 -21.26 -99.24
C VAL G 278 6.36 -22.33 -99.80
N THR G 279 6.93 -23.33 -100.47
CA THR G 279 6.16 -24.47 -100.96
C THR G 279 5.38 -25.15 -99.83
N LEU G 280 6.04 -25.33 -98.69
CA LEU G 280 5.41 -26.04 -97.59
C LEU G 280 4.33 -25.19 -96.93
N LEU G 281 4.58 -23.89 -96.79
CA LEU G 281 3.59 -23.00 -96.22
C LEU G 281 2.33 -22.93 -97.09
N THR G 282 2.51 -22.86 -98.41
CA THR G 282 1.36 -22.90 -99.31
C THR G 282 0.63 -24.24 -99.28
N CYS G 283 1.36 -25.34 -99.14
CA CYS G 283 0.73 -26.64 -98.86
C CYS G 283 -0.07 -26.63 -97.58
N VAL G 284 0.48 -26.03 -96.53
CA VAL G 284 -0.19 -25.97 -95.23
C VAL G 284 -1.46 -25.14 -95.32
N LEU G 285 -1.39 -23.98 -95.98
CA LEU G 285 -2.58 -23.16 -96.22
C LEU G 285 -3.66 -23.93 -96.98
N LEU G 286 -3.25 -24.68 -98.01
CA LEU G 286 -4.20 -25.47 -98.77
C LEU G 286 -4.87 -26.52 -97.88
N ALA G 287 -4.07 -27.26 -97.11
CA ALA G 287 -4.58 -28.21 -96.14
C ALA G 287 -5.52 -27.56 -95.13
N CYS G 288 -5.19 -26.34 -94.70
CA CYS G 288 -6.06 -25.59 -93.78
C CYS G 288 -7.43 -25.33 -94.38
N VAL G 289 -7.48 -24.73 -95.56
CA VAL G 289 -8.77 -24.34 -96.14
C VAL G 289 -9.60 -25.57 -96.52
N LEU G 290 -8.93 -26.63 -96.97
CA LEU G 290 -9.60 -27.92 -97.12
C LEU G 290 -10.14 -28.45 -95.81
N MET G 291 -9.37 -28.35 -94.73
CA MET G 291 -9.83 -28.89 -93.46
C MET G 291 -10.97 -28.05 -92.90
N TYR G 292 -10.91 -26.73 -93.08
CA TYR G 292 -12.03 -25.86 -92.71
C TYR G 292 -13.30 -26.32 -93.40
N HIS G 293 -13.18 -26.69 -94.68
CA HIS G 293 -14.35 -27.20 -95.37
C HIS G 293 -14.79 -28.54 -94.77
N GLY G 294 -13.84 -29.41 -94.44
CA GLY G 294 -14.12 -30.73 -93.87
C GLY G 294 -14.36 -30.81 -92.37
N ALA G 295 -14.01 -29.77 -91.61
CA ALA G 295 -14.03 -29.84 -90.14
C ALA G 295 -15.35 -30.26 -89.51
N PRO G 296 -16.54 -29.71 -89.87
CA PRO G 296 -17.77 -30.18 -89.20
C PRO G 296 -18.08 -31.65 -89.42
N ALA G 297 -17.89 -32.16 -90.64
CA ALA G 297 -18.10 -33.58 -90.89
C ALA G 297 -17.13 -34.44 -90.10
N LEU G 298 -15.83 -34.08 -90.12
CA LEU G 298 -14.84 -34.79 -89.32
C LEU G 298 -15.20 -34.77 -87.84
N SER G 299 -15.70 -33.65 -87.35
CA SER G 299 -16.14 -33.55 -85.98
C SER G 299 -17.31 -34.49 -85.67
N ARG G 300 -18.30 -34.56 -86.56
CA ARG G 300 -19.37 -35.53 -86.39
C ARG G 300 -18.89 -36.97 -86.48
N TRP G 301 -17.83 -37.25 -87.23
CA TRP G 301 -17.21 -38.56 -87.13
C TRP G 301 -16.59 -38.78 -85.74
N LEU G 302 -15.69 -37.89 -85.34
CA LEU G 302 -15.02 -37.95 -84.04
C LEU G 302 -15.98 -37.90 -82.86
N SER G 303 -17.24 -37.51 -83.10
CA SER G 303 -18.28 -37.52 -82.10
C SER G 303 -18.57 -38.93 -81.55
N GLY G 304 -18.33 -39.96 -82.34
CA GLY G 304 -18.67 -41.31 -81.93
C GLY G 304 -17.52 -42.29 -81.94
N ILE G 305 -16.51 -42.07 -81.09
CA ILE G 305 -15.33 -42.94 -81.03
C ILE G 305 -15.33 -43.77 -79.74
N ARG G 306 -16.45 -43.81 -79.01
CA ARG G 306 -16.65 -44.55 -77.75
C ARG G 306 -15.50 -44.46 -76.77
N LEU G 307 -14.89 -43.28 -76.67
CA LEU G 307 -13.91 -42.95 -75.66
C LEU G 307 -14.62 -42.80 -74.30
N PRO G 308 -13.88 -42.85 -73.18
CA PRO G 308 -14.53 -42.82 -71.86
C PRO G 308 -15.39 -41.59 -71.62
N VAL G 309 -16.31 -41.74 -70.66
CA VAL G 309 -17.54 -40.95 -70.63
C VAL G 309 -17.62 -39.99 -69.45
N PHE G 310 -16.50 -39.41 -69.06
CA PHE G 310 -16.53 -38.37 -68.04
C PHE G 310 -17.27 -37.16 -68.57
N PRO G 311 -18.40 -36.77 -67.98
CA PRO G 311 -19.21 -35.71 -68.56
C PRO G 311 -18.60 -34.35 -68.32
N SER G 312 -18.91 -33.41 -69.21
CA SER G 312 -18.43 -32.05 -69.07
C SER G 312 -19.42 -31.20 -68.27
N ALA G 313 -19.16 -29.89 -68.23
CA ALA G 313 -19.82 -29.01 -67.28
C ALA G 313 -21.31 -28.89 -67.55
N THR G 314 -21.68 -28.62 -68.80
CA THR G 314 -23.09 -28.48 -69.14
C THR G 314 -23.82 -29.80 -68.97
N SER G 315 -23.17 -30.90 -69.35
CA SER G 315 -23.78 -32.21 -69.19
C SER G 315 -23.91 -32.58 -67.72
N ARG G 316 -22.91 -32.24 -66.89
CA ARG G 316 -23.04 -32.46 -65.45
C ARG G 316 -24.19 -31.67 -64.88
N TRP G 317 -24.33 -30.42 -65.30
CA TRP G 317 -25.31 -29.56 -64.66
C TRP G 317 -26.69 -29.72 -65.28
N VAL G 318 -26.79 -30.48 -66.36
CA VAL G 318 -28.07 -31.06 -66.78
C VAL G 318 -28.37 -32.31 -65.95
N PHE G 319 -27.36 -33.17 -65.78
CA PHE G 319 -27.56 -34.46 -65.11
C PHE G 319 -27.96 -34.28 -63.65
N GLU G 320 -27.53 -33.18 -63.04
CA GLU G 320 -27.91 -32.96 -61.65
C GLU G 320 -29.39 -32.61 -61.51
N ALA G 321 -30.00 -32.08 -62.56
CA ALA G 321 -31.40 -31.66 -62.50
C ALA G 321 -32.37 -32.76 -62.93
N ARG G 322 -31.87 -33.92 -63.33
CA ARG G 322 -32.69 -34.99 -63.86
C ARG G 322 -32.23 -36.30 -63.24
N PRO G 323 -33.09 -37.34 -63.25
CA PRO G 323 -32.61 -38.66 -62.86
C PRO G 323 -31.55 -39.23 -63.81
N LEU G 339 -31.34 -45.54 -77.08
CA LEU G 339 -32.24 -45.21 -78.18
C LEU G 339 -33.66 -44.97 -77.63
N GLU G 340 -33.91 -45.48 -76.43
CA GLU G 340 -35.11 -45.17 -75.68
C GLU G 340 -34.76 -44.74 -74.27
N GLY G 341 -35.59 -43.88 -73.70
CA GLY G 341 -35.45 -43.45 -72.32
C GLY G 341 -34.24 -42.60 -71.96
N PRO G 342 -33.95 -42.53 -70.65
CA PRO G 342 -32.84 -41.69 -70.15
C PRO G 342 -31.48 -41.95 -70.77
N ALA G 343 -31.13 -43.20 -71.01
CA ALA G 343 -29.83 -43.50 -71.59
C ALA G 343 -29.70 -42.91 -73.00
N SER G 344 -30.80 -42.83 -73.72
CA SER G 344 -30.81 -42.24 -75.06
C SER G 344 -30.49 -40.75 -75.05
N VAL G 345 -31.20 -39.98 -74.23
CA VAL G 345 -30.90 -38.54 -74.12
C VAL G 345 -29.52 -38.31 -73.52
N ARG G 346 -29.08 -39.17 -72.59
CA ARG G 346 -27.73 -39.04 -72.05
C ARG G 346 -26.68 -39.23 -73.14
N ASP G 347 -26.86 -40.25 -73.98
CA ASP G 347 -25.92 -40.53 -75.05
C ASP G 347 -25.94 -39.38 -76.05
N VAL G 348 -27.14 -38.90 -76.39
CA VAL G 348 -27.28 -37.80 -77.35
C VAL G 348 -26.57 -36.55 -76.87
N LEU G 349 -26.78 -36.19 -75.60
CA LEU G 349 -26.18 -34.99 -75.02
C LEU G 349 -24.66 -35.10 -74.96
N LEU G 350 -24.15 -36.26 -74.52
CA LEU G 350 -22.70 -36.44 -74.47
C LEU G 350 -22.09 -36.43 -75.86
N ARG G 351 -22.76 -37.06 -76.82
CA ARG G 351 -22.29 -37.07 -78.19
C ARG G 351 -22.23 -35.67 -78.77
N ALA G 352 -23.28 -34.87 -78.53
CA ALA G 352 -23.32 -33.51 -79.04
C ALA G 352 -22.24 -32.65 -78.41
N GLU G 353 -22.00 -32.81 -77.11
CA GLU G 353 -20.99 -31.96 -76.48
C GLU G 353 -19.59 -32.35 -76.92
N ARG G 354 -19.35 -33.64 -77.13
CA ARG G 354 -18.07 -34.08 -77.66
C ARG G 354 -17.86 -33.54 -79.06
N ALA G 355 -18.92 -33.51 -79.86
CA ALA G 355 -18.84 -32.92 -81.19
C ALA G 355 -18.47 -31.45 -81.13
N ARG G 356 -19.21 -30.68 -80.32
CA ARG G 356 -18.95 -29.25 -80.15
C ARG G 356 -17.51 -28.99 -79.70
N SER G 357 -17.01 -29.78 -78.76
CA SER G 357 -15.65 -29.55 -78.26
C SER G 357 -14.60 -29.90 -79.31
N PHE G 358 -14.80 -31.00 -80.04
CA PHE G 358 -13.86 -31.37 -81.09
C PHE G 358 -13.82 -30.29 -82.16
N LEU G 359 -14.99 -29.83 -82.57
CA LEU G 359 -15.10 -28.80 -83.61
C LEU G 359 -14.39 -27.52 -83.18
N THR G 360 -14.63 -27.08 -81.95
CA THR G 360 -13.97 -25.88 -81.44
C THR G 360 -12.46 -26.04 -81.39
N GLY G 361 -11.96 -27.19 -80.92
CA GLY G 361 -10.53 -27.41 -80.90
C GLY G 361 -9.93 -27.40 -82.29
N LEU G 362 -10.60 -28.04 -83.25
CA LEU G 362 -10.15 -28.06 -84.62
C LEU G 362 -10.03 -26.66 -85.18
N LEU G 363 -11.09 -25.86 -85.03
CA LEU G 363 -11.07 -24.50 -85.56
C LEU G 363 -9.98 -23.65 -84.95
N VAL G 364 -9.73 -23.78 -83.64
CA VAL G 364 -8.61 -23.07 -83.03
C VAL G 364 -7.27 -23.50 -83.64
N GLY G 365 -7.08 -24.81 -83.82
CA GLY G 365 -5.82 -25.27 -84.40
C GLY G 365 -5.62 -24.80 -85.82
N LEU G 366 -6.68 -24.85 -86.63
CA LEU G 366 -6.59 -24.34 -87.99
C LEU G 366 -6.33 -22.84 -88.01
N GLY G 367 -6.95 -22.11 -87.09
CA GLY G 367 -6.72 -20.67 -87.01
C GLY G 367 -5.26 -20.32 -86.76
N VAL G 368 -4.65 -21.01 -85.80
CA VAL G 368 -3.21 -20.87 -85.55
C VAL G 368 -2.39 -21.21 -86.79
N LEU G 369 -2.70 -22.35 -87.43
CA LEU G 369 -1.95 -22.74 -88.61
C LEU G 369 -2.08 -21.73 -89.74
N THR G 370 -3.28 -21.20 -89.93
CA THR G 370 -3.54 -20.23 -90.99
C THR G 370 -2.78 -18.94 -90.78
N VAL G 371 -2.80 -18.41 -89.55
CA VAL G 371 -2.04 -17.19 -89.31
C VAL G 371 -0.54 -17.44 -89.38
N VAL G 372 -0.07 -18.59 -88.90
CA VAL G 372 1.38 -18.82 -88.94
C VAL G 372 1.87 -19.02 -90.37
N CYS G 373 1.07 -19.65 -91.24
CA CYS G 373 1.50 -19.78 -92.63
C CYS G 373 1.43 -18.45 -93.39
N LEU G 374 0.36 -17.67 -93.19
CA LEU G 374 0.30 -16.36 -93.83
C LEU G 374 1.41 -15.43 -93.35
N ALA G 375 1.76 -15.49 -92.06
CA ALA G 375 2.89 -14.72 -91.56
C ALA G 375 4.20 -15.18 -92.19
N GLY G 376 4.41 -16.49 -92.30
CA GLY G 376 5.59 -17.01 -92.96
C GLY G 376 5.71 -16.69 -94.44
N LEU G 377 4.59 -16.51 -95.13
CA LEU G 377 4.68 -16.24 -96.56
C LEU G 377 5.02 -14.79 -96.88
N CYS G 378 4.38 -13.83 -96.21
CA CYS G 378 4.45 -12.42 -96.59
C CYS G 378 5.73 -11.74 -96.08
N ASP G 379 6.87 -12.19 -96.58
CA ASP G 379 8.07 -11.37 -96.46
C ASP G 379 7.94 -10.13 -97.33
N PRO G 380 8.22 -8.93 -96.80
CA PRO G 380 8.13 -7.72 -97.62
C PRO G 380 9.24 -7.60 -98.65
N HIS G 381 10.40 -8.18 -98.40
CA HIS G 381 11.55 -7.97 -99.28
C HIS G 381 11.70 -9.14 -100.26
N ALA G 382 10.59 -9.43 -100.94
CA ALA G 382 10.50 -10.46 -101.97
C ALA G 382 9.81 -9.88 -103.19
N GLY G 383 10.19 -10.38 -104.37
CA GLY G 383 9.63 -9.90 -105.62
C GLY G 383 8.20 -10.34 -105.88
N ARG G 384 7.77 -11.44 -105.29
CA ARG G 384 6.43 -11.96 -105.49
C ARG G 384 5.43 -11.48 -104.45
N ARG G 385 5.80 -10.45 -103.68
CA ARG G 385 5.14 -10.10 -102.42
C ARG G 385 3.66 -9.77 -102.60
N TRP G 386 3.27 -9.26 -103.77
CA TRP G 386 1.89 -8.88 -104.02
C TRP G 386 0.93 -10.07 -103.96
N LEU G 387 1.42 -11.25 -104.34
CA LEU G 387 0.55 -12.43 -104.44
C LEU G 387 0.04 -12.92 -103.08
N PRO G 388 0.89 -13.21 -102.07
CA PRO G 388 0.33 -13.73 -100.81
C PRO G 388 -0.61 -12.76 -100.11
N LEU G 389 -0.48 -11.45 -100.33
CA LEU G 389 -1.50 -10.53 -99.83
C LEU G 389 -2.87 -10.82 -100.42
N LEU G 390 -2.93 -11.24 -101.68
CA LEU G 390 -4.18 -11.70 -102.27
C LEU G 390 -4.65 -12.98 -101.61
N LEU G 391 -3.71 -13.90 -101.35
CA LEU G 391 -4.05 -15.12 -100.61
C LEU G 391 -4.64 -14.81 -99.24
N ALA G 392 -4.05 -13.83 -98.56
CA ALA G 392 -4.55 -13.33 -97.28
C ALA G 392 -5.99 -12.84 -97.40
N ALA G 393 -6.25 -11.96 -98.36
CA ALA G 393 -7.59 -11.42 -98.54
C ALA G 393 -8.63 -12.49 -98.84
N PHE G 394 -8.30 -13.40 -99.76
CA PHE G 394 -9.19 -14.52 -100.09
C PHE G 394 -9.49 -15.39 -98.87
N THR G 395 -8.46 -15.72 -98.09
CA THR G 395 -8.65 -16.54 -96.89
C THR G 395 -9.48 -15.79 -95.86
N PHE G 396 -9.23 -14.48 -95.73
CA PHE G 396 -9.96 -13.60 -94.83
C PHE G 396 -11.47 -13.66 -95.10
N GLY G 397 -11.85 -13.46 -96.36
CA GLY G 397 -13.26 -13.62 -96.73
C GLY G 397 -13.79 -15.04 -96.49
N PHE G 398 -13.02 -16.04 -96.89
CA PHE G 398 -13.46 -17.43 -96.73
C PHE G 398 -13.73 -17.76 -95.27
N LEU G 399 -12.83 -17.35 -94.38
CA LEU G 399 -13.06 -17.50 -92.94
C LEU G 399 -14.31 -16.76 -92.48
N ILE G 400 -14.56 -15.57 -93.02
CA ILE G 400 -15.75 -14.83 -92.60
C ILE G 400 -17.05 -15.52 -93.03
N LEU G 401 -17.02 -16.25 -94.16
CA LEU G 401 -18.12 -17.18 -94.49
C LEU G 401 -18.47 -18.08 -93.31
N ARG G 402 -17.47 -18.81 -92.82
CA ARG G 402 -17.68 -19.82 -91.79
C ARG G 402 -18.14 -19.13 -90.50
N GLY G 403 -17.51 -17.99 -90.20
CA GLY G 403 -17.91 -17.18 -89.05
C GLY G 403 -19.38 -16.80 -89.05
N ARG G 404 -19.89 -16.40 -90.21
CA ARG G 404 -21.32 -16.12 -90.30
C ARG G 404 -22.15 -17.39 -90.36
N SER G 405 -21.56 -18.52 -90.74
CA SER G 405 -22.32 -19.74 -90.93
C SER G 405 -22.40 -20.62 -89.69
N TYR G 406 -21.33 -20.68 -88.90
CA TYR G 406 -21.27 -21.61 -87.78
C TYR G 406 -21.97 -21.06 -86.54
N VAL G 407 -22.67 -21.95 -85.84
CA VAL G 407 -23.67 -21.54 -84.85
C VAL G 407 -23.03 -21.17 -83.52
N ASP G 408 -22.04 -21.94 -83.03
CA ASP G 408 -21.50 -21.72 -81.70
C ASP G 408 -20.79 -20.38 -81.63
N ARG G 409 -21.19 -19.58 -80.63
CA ARG G 409 -20.54 -18.31 -80.30
C ARG G 409 -19.03 -18.37 -80.34
N TRP G 410 -18.44 -19.36 -79.68
CA TRP G 410 -16.99 -19.33 -79.56
C TRP G 410 -16.30 -19.89 -80.79
N GLN G 411 -17.06 -20.42 -81.73
CA GLN G 411 -16.51 -20.83 -83.01
C GLN G 411 -16.56 -19.69 -84.00
N ALA G 412 -17.68 -18.99 -84.05
CA ALA G 412 -17.75 -17.75 -84.84
C ALA G 412 -16.67 -16.78 -84.38
N ILE G 413 -16.54 -16.62 -83.05
CA ILE G 413 -15.53 -15.74 -82.50
C ILE G 413 -14.12 -16.25 -82.80
N THR G 414 -13.91 -17.57 -82.80
CA THR G 414 -12.64 -18.13 -83.23
C THR G 414 -12.31 -17.74 -84.67
N LEU G 415 -13.26 -17.96 -85.57
CA LEU G 415 -13.07 -17.67 -86.99
C LEU G 415 -12.79 -16.19 -87.24
N ALA G 416 -13.57 -15.32 -86.60
CA ALA G 416 -13.34 -13.89 -86.70
C ALA G 416 -11.97 -13.49 -86.17
N ALA G 417 -11.61 -14.00 -85.00
CA ALA G 417 -10.31 -13.73 -84.40
C ALA G 417 -9.15 -14.11 -85.31
N THR G 418 -9.16 -15.35 -85.81
CA THR G 418 -8.07 -15.77 -86.71
C THR G 418 -8.05 -14.93 -87.98
N ALA G 419 -9.23 -14.60 -88.53
CA ALA G 419 -9.29 -13.76 -89.72
C ALA G 419 -8.61 -12.41 -89.48
N VAL G 420 -8.92 -11.76 -88.36
CA VAL G 420 -8.24 -10.52 -87.99
C VAL G 420 -6.74 -10.75 -87.84
N LEU G 421 -6.36 -11.83 -87.17
CA LEU G 421 -4.96 -12.08 -86.87
C LEU G 421 -4.14 -12.32 -88.13
N ILE G 422 -4.76 -12.82 -89.20
CA ILE G 422 -4.10 -12.87 -90.51
C ILE G 422 -3.54 -11.50 -90.86
N ILE G 423 -4.43 -10.50 -90.83
CA ILE G 423 -4.09 -9.15 -91.24
C ILE G 423 -3.01 -8.57 -90.35
N ALA G 424 -3.21 -8.71 -89.04
CA ALA G 424 -2.23 -8.20 -88.07
C ALA G 424 -0.85 -8.83 -88.25
N ALA G 425 -0.80 -10.16 -88.44
CA ALA G 425 0.46 -10.86 -88.60
C ALA G 425 1.19 -10.44 -89.87
N VAL G 426 0.48 -10.38 -91.00
CA VAL G 426 1.16 -9.99 -92.23
C VAL G 426 1.58 -8.52 -92.18
N ALA G 427 0.75 -7.66 -91.57
CA ALA G 427 1.09 -6.26 -91.44
C ALA G 427 2.37 -6.07 -90.65
N VAL G 428 2.48 -6.72 -89.49
CA VAL G 428 3.70 -6.58 -88.70
C VAL G 428 4.89 -7.23 -89.41
N ARG G 429 4.69 -8.39 -90.07
CA ARG G 429 5.76 -9.03 -90.82
C ARG G 429 6.35 -8.12 -91.88
N TYR G 430 5.51 -7.29 -92.51
CA TYR G 430 6.07 -6.22 -93.32
C TYR G 430 6.78 -5.18 -92.45
N VAL G 431 6.01 -4.44 -91.65
CA VAL G 431 6.46 -3.15 -91.14
C VAL G 431 7.59 -3.25 -90.12
N LEU G 432 7.84 -4.42 -89.54
CA LEU G 432 8.90 -4.54 -88.55
C LEU G 432 10.28 -4.50 -89.22
N VAL G 433 10.49 -5.35 -90.23
CA VAL G 433 11.80 -5.43 -90.89
C VAL G 433 11.92 -4.57 -92.13
N SER G 434 10.80 -4.12 -92.71
CA SER G 434 10.86 -3.14 -93.79
C SER G 434 10.85 -1.74 -93.18
N GLY G 435 12.05 -1.17 -93.03
CA GLY G 435 12.27 0.12 -92.40
C GLY G 435 11.89 1.30 -93.27
N SER G 436 10.59 1.50 -93.52
CA SER G 436 10.13 2.63 -94.29
C SER G 436 8.87 3.23 -93.68
N PRO G 437 8.80 4.56 -93.60
CA PRO G 437 7.54 5.22 -93.20
C PRO G 437 6.34 4.88 -94.06
N ALA G 438 6.55 4.58 -95.34
CA ALA G 438 5.45 4.23 -96.25
C ALA G 438 4.68 3.01 -95.76
N VAL G 439 5.38 1.88 -95.63
CA VAL G 439 4.75 0.65 -95.16
C VAL G 439 4.21 0.82 -93.75
N LEU G 440 4.92 1.56 -92.91
CA LEU G 440 4.44 1.86 -91.56
C LEU G 440 3.07 2.51 -91.59
N SER G 441 2.93 3.60 -92.35
CA SER G 441 1.69 4.35 -92.39
C SER G 441 0.56 3.51 -92.98
N ALA G 442 0.89 2.71 -94.00
CA ALA G 442 -0.08 1.81 -94.60
C ALA G 442 -0.58 0.76 -93.62
N GLY G 443 0.36 0.12 -92.91
CA GLY G 443 -0.01 -0.90 -91.95
C GLY G 443 -0.85 -0.33 -90.84
N VAL G 444 -0.36 0.73 -90.18
CA VAL G 444 -1.05 1.26 -89.02
C VAL G 444 -2.45 1.77 -89.40
N ALA G 445 -2.58 2.35 -90.60
CA ALA G 445 -3.89 2.82 -91.06
C ALA G 445 -4.85 1.66 -91.27
N VAL G 446 -4.41 0.61 -91.97
CA VAL G 446 -5.36 -0.49 -92.16
C VAL G 446 -5.62 -1.19 -90.83
N LEU G 447 -4.60 -1.26 -89.97
CA LEU G 447 -4.69 -1.91 -88.67
C LEU G 447 -5.67 -1.22 -87.73
N VAL G 448 -5.99 0.05 -87.99
CA VAL G 448 -6.99 0.67 -87.13
C VAL G 448 -8.33 0.79 -87.87
N LEU G 449 -8.32 0.97 -89.18
CA LEU G 449 -9.57 1.16 -89.90
C LEU G 449 -10.33 -0.15 -90.11
N LEU G 450 -9.60 -1.24 -90.41
CA LEU G 450 -10.24 -2.50 -90.77
C LEU G 450 -11.08 -3.12 -89.65
N PRO G 451 -10.59 -3.29 -88.41
CA PRO G 451 -11.50 -3.75 -87.35
C PRO G 451 -12.65 -2.79 -87.06
N ALA G 452 -12.47 -1.50 -87.31
CA ALA G 452 -13.58 -0.56 -87.13
C ALA G 452 -14.69 -0.80 -88.15
N ALA G 453 -14.32 -1.14 -89.38
CA ALA G 453 -15.30 -1.65 -90.35
C ALA G 453 -15.93 -2.96 -89.89
N GLY G 454 -15.11 -3.90 -89.39
CA GLY G 454 -15.65 -5.15 -88.84
C GLY G 454 -16.66 -4.96 -87.73
N LEU G 455 -16.42 -3.97 -86.86
CA LEU G 455 -17.41 -3.56 -85.87
C LEU G 455 -18.64 -2.93 -86.52
N THR G 456 -18.40 -2.01 -87.46
CA THR G 456 -19.46 -1.24 -88.13
C THR G 456 -20.54 -2.14 -88.74
N ALA G 457 -20.14 -3.29 -89.27
CA ALA G 457 -21.07 -4.23 -89.89
C ALA G 457 -22.15 -4.75 -88.95
N ALA G 458 -21.95 -4.66 -87.63
CA ALA G 458 -22.99 -4.96 -86.66
C ALA G 458 -23.42 -3.78 -85.81
N ALA G 459 -22.54 -2.81 -85.59
CA ALA G 459 -22.87 -1.68 -84.71
C ALA G 459 -23.90 -0.75 -85.33
N VAL G 460 -23.68 -0.32 -86.57
CA VAL G 460 -24.63 0.57 -87.22
C VAL G 460 -25.69 -0.20 -88.00
N VAL G 461 -25.34 -1.30 -88.64
CA VAL G 461 -26.28 -2.08 -89.45
C VAL G 461 -27.35 -2.68 -88.55
N PRO G 462 -28.65 -2.38 -88.79
CA PRO G 462 -29.69 -2.71 -87.81
C PRO G 462 -29.82 -4.21 -87.58
N ASN G 463 -29.36 -4.64 -86.40
CA ASN G 463 -29.32 -6.05 -85.98
C ASN G 463 -28.62 -6.97 -86.99
N THR G 464 -27.70 -6.40 -87.78
CA THR G 464 -26.99 -7.10 -88.87
C THR G 464 -27.98 -7.65 -89.92
N ILE G 465 -29.15 -7.05 -90.04
CA ILE G 465 -30.10 -7.48 -91.06
C ILE G 465 -29.64 -7.05 -92.45
N TYR G 466 -29.60 -8.03 -93.35
CA TYR G 466 -29.54 -7.80 -94.79
C TYR G 466 -30.54 -8.75 -95.43
N SER G 467 -30.85 -8.51 -96.70
CA SER G 467 -31.74 -9.42 -97.41
C SER G 467 -31.07 -10.78 -97.61
N PRO G 468 -31.87 -11.86 -97.68
CA PRO G 468 -31.32 -13.18 -98.00
C PRO G 468 -30.55 -13.23 -99.31
N LEU G 469 -31.04 -12.52 -100.33
CA LEU G 469 -30.33 -12.41 -101.60
C LEU G 469 -28.97 -11.75 -101.44
N PHE G 470 -28.90 -10.61 -100.72
CA PHE G 470 -27.63 -9.95 -100.48
C PHE G 470 -26.69 -10.83 -99.68
N ARG G 471 -27.20 -11.50 -98.65
CA ARG G 471 -26.43 -12.49 -97.90
C ARG G 471 -25.84 -13.57 -98.80
N LYS G 472 -26.69 -14.22 -99.62
CA LYS G 472 -26.24 -15.22 -100.57
C LYS G 472 -25.23 -14.67 -101.58
N ILE G 473 -25.35 -13.40 -101.98
CA ILE G 473 -24.37 -12.77 -102.85
C ILE G 473 -23.02 -12.59 -102.15
N VAL G 474 -23.04 -12.14 -100.90
CA VAL G 474 -21.83 -12.10 -100.08
C VAL G 474 -21.21 -13.49 -99.93
N GLU G 475 -22.06 -14.51 -99.75
CA GLU G 475 -21.60 -15.89 -99.72
C GLU G 475 -20.99 -16.32 -101.05
N TRP G 476 -21.58 -15.88 -102.16
CA TRP G 476 -20.97 -16.08 -103.46
C TRP G 476 -19.61 -15.40 -103.59
N ILE G 477 -19.47 -14.16 -103.12
CA ILE G 477 -18.22 -13.43 -103.27
C ILE G 477 -17.11 -14.12 -102.48
N GLU G 478 -17.39 -14.42 -101.21
CA GLU G 478 -16.38 -15.09 -100.40
C GLU G 478 -16.20 -16.57 -100.76
N TYR G 479 -17.15 -17.17 -101.50
CA TYR G 479 -16.86 -18.45 -102.16
C TYR G 479 -15.98 -18.27 -103.38
N LEU G 480 -16.22 -17.21 -104.17
CA LEU G 480 -15.41 -16.88 -105.34
C LEU G 480 -13.99 -16.48 -104.96
N CYS G 481 -13.76 -16.25 -103.67
CA CYS G 481 -12.39 -16.16 -103.15
C CYS G 481 -11.65 -17.50 -103.16
N LEU G 482 -12.36 -18.64 -103.12
CA LEU G 482 -11.67 -19.92 -102.91
C LEU G 482 -10.96 -20.45 -104.15
N MET G 483 -11.64 -20.56 -105.29
CA MET G 483 -10.98 -21.13 -106.47
C MET G 483 -9.79 -20.35 -107.05
N PRO G 484 -9.60 -19.04 -106.80
CA PRO G 484 -8.27 -18.44 -107.07
C PRO G 484 -7.11 -18.99 -106.25
N ILE G 485 -7.34 -19.57 -105.07
CA ILE G 485 -6.24 -20.14 -104.29
C ILE G 485 -5.57 -21.30 -105.01
N PHE G 486 -6.35 -22.21 -105.61
CA PHE G 486 -5.86 -23.40 -106.34
C PHE G 486 -4.77 -23.08 -107.37
N PRO G 487 -4.97 -22.17 -108.35
CA PRO G 487 -3.85 -21.85 -109.24
C PRO G 487 -2.76 -21.08 -108.54
N LEU G 488 -3.09 -20.19 -107.61
CA LEU G 488 -2.06 -19.49 -106.84
C LEU G 488 -1.24 -20.47 -106.02
N ALA G 489 -1.88 -21.52 -105.49
CA ALA G 489 -1.14 -22.58 -104.82
C ALA G 489 -0.19 -23.29 -105.77
N LEU G 490 -0.64 -23.58 -106.99
CA LEU G 490 0.28 -24.09 -108.02
C LEU G 490 1.40 -23.10 -108.35
N TRP G 491 1.11 -21.81 -108.43
CA TRP G 491 2.10 -20.82 -108.85
C TRP G 491 3.12 -20.51 -107.77
N LEU G 492 2.72 -20.53 -106.50
CA LEU G 492 3.69 -20.36 -105.43
C LEU G 492 4.43 -21.65 -105.12
N MET G 493 3.82 -22.81 -105.38
CA MET G 493 4.60 -24.05 -105.39
C MET G 493 5.63 -24.03 -106.52
N ASN G 494 5.23 -23.62 -107.71
CA ASN G 494 6.16 -23.32 -108.79
C ASN G 494 5.55 -22.37 -109.81
N ALA H 13 -49.64 -19.94 -37.24
CA ALA H 13 -49.30 -18.55 -37.39
C ALA H 13 -47.90 -18.26 -36.81
N PRO H 14 -47.23 -17.20 -37.26
CA PRO H 14 -45.90 -16.89 -36.73
C PRO H 14 -45.92 -16.48 -35.26
N VAL H 15 -44.72 -16.28 -34.73
CA VAL H 15 -44.53 -15.90 -33.33
C VAL H 15 -43.74 -14.60 -33.29
N VAL H 16 -43.97 -13.81 -32.24
CA VAL H 16 -43.20 -12.61 -31.99
C VAL H 16 -43.11 -12.43 -30.48
N LYS H 17 -41.98 -11.88 -30.02
CA LYS H 17 -41.81 -11.70 -28.59
C LYS H 17 -41.15 -10.36 -28.27
N PRO H 18 -41.69 -9.62 -27.31
CA PRO H 18 -40.99 -8.46 -26.77
C PRO H 18 -39.79 -8.85 -25.91
N GLU H 19 -38.80 -7.98 -25.89
CA GLU H 19 -37.60 -8.17 -25.07
C GLU H 19 -37.18 -6.82 -24.50
N ASN H 20 -36.37 -6.87 -23.45
CA ASN H 20 -35.75 -5.67 -22.89
C ASN H 20 -34.27 -5.94 -22.73
N ILE H 21 -33.44 -5.06 -23.29
CA ILE H 21 -31.99 -5.23 -23.32
C ILE H 21 -31.37 -3.90 -22.88
N VAL H 22 -30.66 -3.92 -21.75
CA VAL H 22 -29.90 -2.74 -21.34
C VAL H 22 -28.67 -2.59 -22.23
N LEU H 23 -28.49 -1.40 -22.78
CA LEU H 23 -27.28 -1.09 -23.51
C LEU H 23 -26.07 -1.00 -22.58
N PRO H 24 -24.89 -1.41 -23.04
CA PRO H 24 -23.70 -1.36 -22.19
C PRO H 24 -23.24 0.07 -21.92
N THR H 25 -22.48 0.23 -20.86
CA THR H 25 -21.96 1.53 -20.47
C THR H 25 -20.69 1.88 -21.25
N PRO H 26 -20.65 3.04 -21.89
CA PRO H 26 -19.45 3.48 -22.61
C PRO H 26 -18.24 3.61 -21.70
N LEU H 27 -17.07 3.61 -22.33
CA LEU H 27 -15.82 3.78 -21.61
C LEU H 27 -15.68 5.21 -21.09
N SER H 28 -14.85 5.35 -20.07
CA SER H 28 -14.47 6.63 -19.49
C SER H 28 -12.98 6.86 -19.66
N VAL H 29 -12.58 8.11 -19.83
CA VAL H 29 -11.18 8.45 -19.97
C VAL H 29 -10.87 9.82 -19.35
N PRO H 30 -9.92 9.90 -18.42
CA PRO H 30 -9.52 11.19 -17.86
C PRO H 30 -8.85 12.08 -18.89
N PRO H 31 -9.32 13.32 -19.06
CA PRO H 31 -8.68 14.24 -20.00
C PRO H 31 -7.27 14.58 -19.57
N PRO H 32 -6.32 14.60 -20.50
CA PRO H 32 -4.95 15.00 -20.17
C PRO H 32 -4.86 16.44 -19.68
N GLU H 33 -4.06 16.65 -18.62
CA GLU H 33 -3.96 17.94 -17.97
C GLU H 33 -3.07 18.94 -18.72
N GLY H 34 -2.09 18.43 -19.47
CA GLY H 34 -1.09 19.24 -20.15
C GLY H 34 0.13 19.55 -19.30
N LYS H 35 1.29 19.32 -19.91
CA LYS H 35 2.59 19.51 -19.27
C LYS H 35 2.87 20.96 -18.88
N PRO H 36 3.52 21.17 -17.74
CA PRO H 36 3.86 22.53 -17.31
C PRO H 36 5.01 23.11 -18.12
N TRP H 37 5.08 24.44 -18.11
CA TRP H 37 5.99 25.18 -19.00
C TRP H 37 7.47 24.85 -18.75
N TRP H 38 7.84 24.64 -17.49
CA TRP H 38 9.23 24.34 -17.17
C TRP H 38 9.68 23.03 -17.78
N LEU H 39 8.75 22.09 -17.99
CA LEU H 39 9.10 20.80 -18.58
C LEU H 39 9.64 20.98 -19.98
N VAL H 40 9.06 21.93 -20.73
CA VAL H 40 9.54 22.26 -22.06
C VAL H 40 10.92 22.88 -22.03
N VAL H 41 11.16 23.78 -21.07
CA VAL H 41 12.48 24.35 -20.88
C VAL H 41 13.51 23.26 -20.58
N VAL H 42 13.18 22.36 -19.66
CA VAL H 42 14.05 21.25 -19.31
C VAL H 42 14.35 20.36 -20.52
N GLY H 43 13.32 20.01 -21.30
CA GLY H 43 13.52 19.23 -22.51
C GLY H 43 14.49 19.87 -23.49
N VAL H 44 14.32 21.17 -23.73
CA VAL H 44 15.23 21.89 -24.61
C VAL H 44 16.65 21.92 -24.05
N LEU H 45 16.79 22.07 -22.74
CA LEU H 45 18.12 22.05 -22.13
C LEU H 45 18.79 20.69 -22.28
N VAL H 46 18.04 19.62 -22.02
CA VAL H 46 18.54 18.25 -22.19
C VAL H 46 19.05 18.00 -23.61
N VAL H 47 18.25 18.41 -24.61
CA VAL H 47 18.71 18.28 -25.99
C VAL H 47 19.94 19.12 -26.28
N GLY H 48 19.98 20.34 -25.72
CA GLY H 48 21.17 21.17 -25.84
C GLY H 48 22.43 20.53 -25.29
N LEU H 49 22.31 19.86 -24.15
CA LEU H 49 23.45 19.14 -23.59
C LEU H 49 23.87 17.98 -24.48
N LEU H 50 22.90 17.20 -24.96
CA LEU H 50 23.21 16.06 -25.82
C LEU H 50 23.96 16.49 -27.08
N VAL H 51 23.43 17.49 -27.78
CA VAL H 51 24.11 17.99 -28.98
C VAL H 51 25.46 18.61 -28.64
N GLY H 52 25.59 19.30 -27.49
CA GLY H 52 26.88 19.85 -27.11
C GLY H 52 27.93 18.78 -26.90
N MET H 53 27.54 17.68 -26.25
CA MET H 53 28.45 16.57 -25.99
C MET H 53 28.92 15.93 -27.28
N VAL H 54 27.98 15.53 -28.15
CA VAL H 54 28.38 14.88 -29.41
C VAL H 54 29.20 15.83 -30.28
N GLY H 55 28.81 17.11 -30.34
CA GLY H 55 29.60 18.11 -31.04
C GLY H 55 31.05 18.21 -30.58
N MET H 56 31.26 18.33 -29.26
CA MET H 56 32.61 18.24 -28.71
C MET H 56 33.31 16.89 -28.91
N THR H 57 32.57 15.80 -29.15
CA THR H 57 33.24 14.58 -29.59
C THR H 57 33.73 14.68 -31.02
N VAL H 58 32.93 15.28 -31.89
CA VAL H 58 33.35 15.48 -33.28
C VAL H 58 34.53 16.45 -33.34
N ALA H 59 34.46 17.53 -32.57
CA ALA H 59 35.55 18.50 -32.51
C ALA H 59 36.81 17.92 -31.88
N SER H 60 36.68 16.97 -30.95
CA SER H 60 37.88 16.40 -30.34
C SER H 60 38.41 15.22 -31.14
N GLY H 61 37.54 14.47 -31.82
CA GLY H 61 37.93 13.50 -32.83
C GLY H 61 38.64 12.24 -32.37
N SER H 62 39.21 12.20 -31.18
CA SER H 62 39.89 10.99 -30.74
C SER H 62 38.87 9.92 -30.35
N ARG H 63 39.15 8.68 -30.77
CA ARG H 63 38.18 7.59 -30.65
C ARG H 63 37.83 7.28 -29.20
N LEU H 64 38.73 7.59 -28.26
CA LEU H 64 38.41 7.53 -26.84
C LEU H 64 37.24 8.43 -26.48
N PHE H 65 37.29 9.69 -26.91
CA PHE H 65 36.20 10.61 -26.62
C PHE H 65 34.91 10.20 -27.33
N LEU H 66 35.02 9.74 -28.58
CA LEU H 66 33.87 9.20 -29.29
C LEU H 66 33.27 7.98 -28.62
N GLY H 67 34.08 7.17 -27.94
CA GLY H 67 33.52 6.11 -27.13
C GLY H 67 32.84 6.63 -25.87
N ALA H 68 33.59 7.38 -25.05
CA ALA H 68 33.11 7.92 -23.78
C ALA H 68 31.80 8.70 -23.90
N GLY H 69 31.70 9.57 -24.91
CA GLY H 69 30.51 10.37 -25.15
C GLY H 69 29.27 9.58 -25.50
N ALA H 70 29.39 8.33 -25.91
CA ALA H 70 28.22 7.48 -26.04
C ALA H 70 28.06 6.51 -24.87
N ILE H 71 29.17 6.08 -24.28
CA ILE H 71 29.15 5.07 -23.23
C ILE H 71 28.50 5.61 -21.95
N PHE H 72 28.92 6.78 -21.50
CA PHE H 72 28.32 7.31 -20.27
C PHE H 72 26.84 7.71 -20.38
N PRO H 73 26.35 8.40 -21.42
CA PRO H 73 24.91 8.67 -21.49
C PRO H 73 24.00 7.53 -21.92
N ILE H 74 24.45 6.28 -22.08
CA ILE H 74 23.44 5.23 -22.28
C ILE H 74 22.53 5.07 -21.06
N PHE H 75 21.38 5.75 -21.07
CA PHE H 75 20.46 5.71 -19.95
C PHE H 75 19.13 5.07 -20.35
N MET H 76 18.80 5.10 -21.64
CA MET H 76 17.60 4.47 -22.18
C MET H 76 17.44 3.00 -21.81
N ILE H 77 18.54 2.28 -21.57
CA ILE H 77 18.47 0.89 -21.08
C ILE H 77 17.70 0.77 -19.76
N GLY H 78 17.74 1.79 -18.91
CA GLY H 78 16.83 1.86 -17.78
C GLY H 78 15.62 2.71 -18.01
N GLY H 79 15.80 3.79 -18.78
CA GLY H 79 14.73 4.75 -19.05
C GLY H 79 13.51 4.16 -19.73
N VAL H 80 13.70 3.11 -20.53
CA VAL H 80 12.57 2.37 -21.09
C VAL H 80 11.68 1.80 -19.99
N ALA H 81 12.27 1.36 -18.89
CA ALA H 81 11.45 1.00 -17.73
C ALA H 81 10.97 2.23 -16.98
N MET H 82 11.88 3.18 -16.71
CA MET H 82 11.60 4.38 -15.93
C MET H 82 10.52 5.28 -16.52
N MET H 83 10.14 5.07 -17.78
CA MET H 83 8.90 5.61 -18.35
C MET H 83 7.69 5.46 -17.44
N MET H 84 7.64 4.39 -16.64
CA MET H 84 6.58 4.18 -15.66
C MET H 84 6.46 5.33 -14.66
N PHE H 85 7.55 6.05 -14.38
CA PHE H 85 7.48 7.23 -13.52
C PHE H 85 6.92 8.44 -14.23
N GLY H 86 6.71 8.37 -15.55
CA GLY H 86 6.04 9.44 -16.26
C GLY H 86 4.69 9.79 -15.66
N GLY H 87 3.92 8.77 -15.30
CA GLY H 87 2.66 8.95 -14.59
C GLY H 87 2.81 9.48 -13.17
N ARG H 88 4.00 9.38 -12.59
CA ARG H 88 4.28 10.02 -11.31
C ARG H 88 4.66 11.49 -11.47
N PHE H 89 5.62 11.79 -12.35
CA PHE H 89 6.09 13.16 -12.48
C PHE H 89 5.20 13.99 -13.41
N GLY H 90 4.30 13.35 -14.15
CA GLY H 90 3.43 14.07 -15.06
C GLY H 90 3.94 14.31 -16.46
N GLY H 91 4.87 13.50 -16.95
CA GLY H 91 5.26 13.60 -18.34
C GLY H 91 4.19 13.04 -19.27
N GLN H 92 4.47 13.17 -20.57
CA GLN H 92 3.59 12.59 -21.58
C GLN H 92 3.55 11.08 -21.46
N GLN H 93 2.34 10.51 -21.52
CA GLN H 93 2.17 9.07 -21.42
C GLN H 93 1.22 8.59 -22.52
N GLN H 94 1.78 8.25 -23.67
CA GLN H 94 1.04 7.69 -24.79
C GLN H 94 0.85 6.19 -24.67
N MET H 95 1.59 5.57 -23.75
CA MET H 95 1.74 4.11 -23.65
C MET H 95 0.52 3.39 -23.10
N SER H 96 -0.47 4.08 -22.53
CA SER H 96 -1.69 3.39 -22.12
C SER H 96 -2.56 2.96 -23.30
N ARG H 97 -2.31 3.46 -24.51
CA ARG H 97 -3.04 3.14 -25.74
C ARG H 97 -3.47 1.68 -25.91
N PRO H 98 -2.59 0.66 -25.79
CA PRO H 98 -3.02 -0.72 -26.10
C PRO H 98 -4.18 -1.23 -25.26
N LYS H 99 -4.16 -0.92 -23.97
CA LYS H 99 -5.23 -1.33 -23.08
C LYS H 99 -6.55 -0.68 -23.46
N LEU H 100 -6.51 0.61 -23.76
CA LEU H 100 -7.72 1.30 -24.19
C LEU H 100 -8.26 0.73 -25.49
N ASP H 101 -7.36 0.43 -26.44
CA ASP H 101 -7.79 -0.15 -27.71
C ASP H 101 -8.42 -1.53 -27.52
N ALA H 102 -7.89 -2.31 -26.59
CA ALA H 102 -8.53 -3.57 -26.22
C ALA H 102 -9.90 -3.37 -25.62
N MET H 103 -10.04 -2.39 -24.72
CA MET H 103 -11.34 -2.09 -24.15
C MET H 103 -12.35 -1.69 -25.21
N ARG H 104 -11.92 -0.85 -26.15
CA ARG H 104 -12.77 -0.44 -27.26
C ARG H 104 -13.26 -1.64 -28.06
N ALA H 105 -12.32 -2.48 -28.50
CA ALA H 105 -12.66 -3.67 -29.27
C ALA H 105 -13.66 -4.55 -28.54
N GLN H 106 -13.40 -4.79 -27.25
CA GLN H 106 -14.29 -5.60 -26.43
C GLN H 106 -15.71 -5.05 -26.40
N PHE H 107 -15.84 -3.75 -26.09
CA PHE H 107 -17.14 -3.10 -26.07
C PHE H 107 -17.83 -3.23 -27.42
N MET H 108 -17.07 -3.07 -28.49
CA MET H 108 -17.66 -3.10 -29.81
C MET H 108 -18.23 -4.48 -30.13
N LEU H 109 -17.50 -5.53 -29.74
CA LEU H 109 -18.00 -6.88 -29.97
C LEU H 109 -19.27 -7.13 -29.19
N MET H 110 -19.33 -6.65 -27.95
CA MET H 110 -20.56 -6.74 -27.16
C MET H 110 -21.72 -6.07 -27.89
N LEU H 111 -21.45 -4.90 -28.46
CA LEU H 111 -22.47 -4.18 -29.20
C LEU H 111 -22.92 -4.96 -30.42
N ASP H 112 -21.99 -5.63 -31.11
CA ASP H 112 -22.37 -6.50 -32.22
C ASP H 112 -23.30 -7.62 -31.79
N MET H 113 -23.03 -8.24 -30.63
CA MET H 113 -23.93 -9.28 -30.15
C MET H 113 -25.33 -8.74 -29.92
N LEU H 114 -25.41 -7.52 -29.39
CA LEU H 114 -26.72 -6.91 -29.22
C LEU H 114 -27.37 -6.63 -30.57
N ARG H 115 -26.58 -6.18 -31.53
CA ARG H 115 -27.13 -5.87 -32.85
C ARG H 115 -27.73 -7.11 -33.52
N GLU H 116 -27.02 -8.23 -33.47
CA GLU H 116 -27.59 -9.44 -34.09
C GLU H 116 -28.82 -9.92 -33.35
N THR H 117 -28.88 -9.71 -32.02
CA THR H 117 -30.11 -10.01 -31.29
C THR H 117 -31.27 -9.15 -31.77
N ALA H 118 -31.00 -7.87 -32.01
CA ALA H 118 -32.01 -6.99 -32.60
C ALA H 118 -32.40 -7.46 -33.99
N GLN H 119 -31.43 -7.91 -34.79
CA GLN H 119 -31.74 -8.40 -36.14
C GLN H 119 -32.72 -9.56 -36.10
N GLU H 120 -32.44 -10.57 -35.28
CA GLU H 120 -33.33 -11.73 -35.23
C GLU H 120 -34.71 -11.36 -34.71
N SER H 121 -34.78 -10.45 -33.72
CA SER H 121 -36.06 -9.96 -33.25
C SER H 121 -36.84 -9.26 -34.37
N ALA H 122 -36.15 -8.41 -35.13
CA ALA H 122 -36.79 -7.68 -36.21
C ALA H 122 -37.24 -8.61 -37.33
N ASP H 123 -36.47 -9.66 -37.61
CA ASP H 123 -36.91 -10.67 -38.56
C ASP H 123 -38.19 -11.36 -38.10
N SER H 124 -38.27 -11.71 -36.82
CA SER H 124 -39.50 -12.29 -36.29
C SER H 124 -40.69 -11.35 -36.43
N MET H 125 -40.51 -10.08 -36.08
CA MET H 125 -41.57 -9.08 -36.25
C MET H 125 -41.99 -8.93 -37.70
N ASP H 126 -41.02 -8.91 -38.62
CA ASP H 126 -41.32 -8.82 -40.04
C ASP H 126 -42.16 -9.99 -40.51
N ALA H 127 -41.72 -11.21 -40.21
CA ALA H 127 -42.46 -12.41 -40.61
C ALA H 127 -43.90 -12.38 -40.09
N ASN H 128 -44.07 -11.99 -38.82
CA ASN H 128 -45.41 -11.87 -38.25
C ASN H 128 -46.26 -10.83 -38.98
N TYR H 129 -45.74 -9.61 -39.12
CA TYR H 129 -46.51 -8.53 -39.72
C TYR H 129 -46.90 -8.84 -41.14
N ARG H 130 -45.98 -9.36 -41.94
CA ARG H 130 -46.32 -9.66 -43.32
C ARG H 130 -47.25 -10.86 -43.44
N TRP H 131 -47.20 -11.79 -42.48
CA TRP H 131 -48.21 -12.84 -42.43
C TRP H 131 -49.60 -12.27 -42.19
N PHE H 132 -49.70 -11.35 -41.24
CA PHE H 132 -50.97 -10.69 -40.99
C PHE H 132 -51.32 -9.71 -42.09
N HIS H 133 -50.32 -9.14 -42.76
CA HIS H 133 -50.54 -8.06 -43.72
C HIS H 133 -49.75 -8.31 -45.00
N PRO H 134 -50.20 -9.23 -45.85
CA PRO H 134 -49.58 -9.39 -47.16
C PRO H 134 -49.69 -8.13 -48.00
N ALA H 135 -48.76 -8.01 -48.94
CA ALA H 135 -48.79 -6.94 -49.91
C ALA H 135 -49.97 -7.11 -50.87
N PRO H 136 -50.51 -6.00 -51.41
CA PRO H 136 -51.76 -6.08 -52.21
C PRO H 136 -51.67 -7.02 -53.40
N THR H 137 -50.53 -7.03 -54.07
CA THR H 137 -50.31 -7.92 -55.21
C THR H 137 -50.48 -9.39 -54.82
N THR H 138 -49.99 -9.75 -53.64
CA THR H 138 -50.00 -11.15 -53.22
C THR H 138 -51.37 -11.64 -52.78
N LEU H 139 -52.35 -10.74 -52.63
CA LEU H 139 -53.68 -11.12 -52.17
C LEU H 139 -54.42 -12.03 -53.16
N ALA H 140 -53.94 -12.14 -54.41
CA ALA H 140 -54.52 -13.03 -55.41
C ALA H 140 -54.46 -14.51 -55.03
N ALA H 141 -53.86 -14.87 -53.90
CA ALA H 141 -53.99 -16.25 -53.40
C ALA H 141 -55.45 -16.62 -53.17
N ALA H 142 -56.21 -15.72 -52.56
CA ALA H 142 -57.67 -15.74 -52.49
C ALA H 142 -58.27 -17.02 -51.89
N VAL H 143 -57.47 -17.87 -51.24
CA VAL H 143 -57.97 -19.10 -50.65
C VAL H 143 -56.99 -19.54 -49.57
N GLY H 144 -57.50 -20.25 -48.58
CA GLY H 144 -56.65 -20.79 -47.53
C GLY H 144 -56.53 -19.84 -46.36
N SER H 145 -55.94 -18.68 -46.62
CA SER H 145 -55.79 -17.63 -45.64
C SER H 145 -56.83 -16.53 -45.77
N SER H 146 -57.78 -16.68 -46.69
CA SER H 146 -58.72 -15.63 -46.99
C SER H 146 -59.84 -15.55 -45.96
N ARG H 147 -60.23 -14.32 -45.63
CA ARG H 147 -61.36 -13.99 -44.77
C ARG H 147 -61.26 -14.63 -43.39
N MET H 148 -60.05 -14.81 -42.88
CA MET H 148 -59.87 -15.63 -41.69
C MET H 148 -59.89 -14.81 -40.41
N TRP H 149 -60.11 -13.50 -40.48
CA TRP H 149 -60.16 -12.68 -39.29
C TRP H 149 -61.56 -12.67 -38.67
N GLU H 150 -61.60 -12.46 -37.36
CA GLU H 150 -62.77 -12.77 -36.57
C GLU H 150 -63.29 -11.54 -35.81
N ARG H 151 -64.62 -11.54 -35.65
CA ARG H 151 -65.34 -10.47 -34.96
C ARG H 151 -64.87 -10.27 -33.54
N GLN H 152 -64.76 -11.36 -32.78
CA GLN H 152 -64.85 -11.33 -31.33
C GLN H 152 -63.66 -10.60 -30.70
N PRO H 153 -63.89 -9.83 -29.64
CA PRO H 153 -62.90 -8.83 -29.17
C PRO H 153 -61.60 -9.41 -28.63
N ASP H 154 -61.39 -10.72 -28.62
CA ASP H 154 -60.14 -11.31 -28.21
C ASP H 154 -59.42 -11.87 -29.44
N GLY H 155 -58.10 -12.00 -29.35
CA GLY H 155 -57.35 -12.64 -30.40
C GLY H 155 -57.27 -11.84 -31.69
N LYS H 156 -58.04 -12.27 -32.69
CA LYS H 156 -58.04 -11.65 -34.02
C LYS H 156 -58.44 -10.19 -34.00
N ASP H 157 -59.11 -9.72 -32.93
CA ASP H 157 -59.47 -8.32 -32.82
C ASP H 157 -58.26 -7.41 -32.80
N LEU H 158 -57.08 -7.93 -32.43
CA LEU H 158 -55.85 -7.16 -32.54
C LEU H 158 -55.55 -6.81 -33.98
N ASN H 159 -56.12 -7.56 -34.93
CA ASN H 159 -55.95 -7.28 -36.34
C ASN H 159 -57.28 -7.34 -37.11
N PHE H 160 -58.41 -7.39 -36.42
CA PHE H 160 -59.70 -7.44 -37.11
C PHE H 160 -60.01 -6.11 -37.79
N GLY H 161 -59.83 -5.00 -37.09
CA GLY H 161 -60.26 -3.73 -37.64
C GLY H 161 -59.12 -2.92 -38.23
N VAL H 162 -57.96 -3.54 -38.41
CA VAL H 162 -56.74 -2.85 -38.81
C VAL H 162 -56.43 -3.22 -40.25
N VAL H 163 -55.95 -2.26 -41.03
CA VAL H 163 -55.65 -2.50 -42.44
C VAL H 163 -54.22 -2.04 -42.72
N ARG H 164 -53.47 -2.89 -43.43
CA ARG H 164 -52.20 -2.46 -43.99
C ARG H 164 -52.41 -1.40 -45.05
N VAL H 165 -51.76 -0.25 -44.87
CA VAL H 165 -51.88 0.84 -45.83
C VAL H 165 -50.58 1.10 -46.58
N GLY H 166 -49.45 0.68 -46.05
CA GLY H 166 -48.19 1.00 -46.69
C GLY H 166 -47.05 0.27 -46.04
N VAL H 167 -45.84 0.77 -46.29
CA VAL H 167 -44.67 0.29 -45.57
C VAL H 167 -43.91 1.46 -44.98
N GLY H 168 -43.17 1.17 -43.91
CA GLY H 168 -42.51 2.22 -43.17
C GLY H 168 -41.84 1.66 -41.92
N MET H 169 -41.43 2.59 -41.05
CA MET H 169 -40.75 2.27 -39.81
C MET H 169 -41.73 1.75 -38.76
N THR H 170 -41.21 0.99 -37.81
CA THR H 170 -41.88 0.81 -36.54
C THR H 170 -40.85 0.53 -35.45
N ARG H 171 -41.24 0.79 -34.21
CA ARG H 171 -40.42 0.44 -33.06
C ARG H 171 -40.32 -1.06 -32.85
N PRO H 172 -39.13 -1.58 -32.55
CA PRO H 172 -38.95 -3.02 -32.36
C PRO H 172 -39.62 -3.53 -31.10
N GLU H 173 -39.68 -4.86 -31.01
CA GLU H 173 -40.15 -5.53 -29.81
C GLU H 173 -39.07 -5.62 -28.74
N VAL H 174 -37.79 -5.59 -29.12
CA VAL H 174 -36.75 -5.33 -28.14
C VAL H 174 -36.88 -3.90 -27.64
N THR H 175 -36.68 -3.73 -26.34
CA THR H 175 -36.69 -2.43 -25.69
C THR H 175 -35.31 -2.16 -25.14
N TRP H 176 -34.73 -1.05 -25.55
CA TRP H 176 -33.37 -0.71 -25.14
C TRP H 176 -33.41 -0.09 -23.75
N GLY H 177 -33.02 -0.88 -22.76
CA GLY H 177 -32.79 -0.31 -21.44
C GLY H 177 -31.65 0.69 -21.45
N GLU H 178 -31.80 1.72 -20.62
CA GLU H 178 -30.87 2.83 -20.55
C GLU H 178 -29.44 2.36 -20.32
N PRO H 179 -28.47 2.93 -21.02
CA PRO H 179 -27.08 2.74 -20.61
C PRO H 179 -26.77 3.49 -19.32
N GLN H 180 -27.09 2.88 -18.20
CA GLN H 180 -26.84 3.47 -16.89
C GLN H 180 -25.35 3.72 -16.66
N ASN H 181 -25.07 4.59 -15.68
CA ASN H 181 -23.73 4.96 -15.27
C ASN H 181 -22.93 5.64 -16.38
N MET H 182 -23.61 6.36 -17.27
CA MET H 182 -22.94 7.17 -18.28
C MET H 182 -21.87 8.04 -17.62
N PRO H 183 -20.64 8.02 -18.12
CA PRO H 183 -19.65 8.99 -17.65
C PRO H 183 -20.04 10.40 -18.06
N THR H 184 -19.44 11.37 -17.36
CA THR H 184 -19.65 12.76 -17.73
C THR H 184 -19.04 13.04 -19.09
N ASP H 185 -19.52 14.11 -19.71
CA ASP H 185 -19.27 14.36 -21.12
C ASP H 185 -17.83 14.74 -21.42
N ILE H 186 -17.04 15.06 -20.39
CA ILE H 186 -15.62 15.24 -20.62
C ILE H 186 -14.90 13.90 -20.49
N GLU H 187 -15.44 12.98 -19.68
CA GLU H 187 -14.81 11.68 -19.52
C GLU H 187 -15.22 10.69 -20.60
N LEU H 188 -16.31 10.98 -21.32
CA LEU H 188 -16.87 10.05 -22.29
C LEU H 188 -15.92 9.79 -23.45
N GLU H 189 -15.57 8.53 -23.64
CA GLU H 189 -14.63 8.15 -24.68
C GLU H 189 -15.29 8.32 -26.03
N PRO H 190 -14.62 8.92 -27.02
CA PRO H 190 -15.31 9.33 -28.25
C PRO H 190 -15.90 8.17 -29.04
N VAL H 191 -15.13 7.10 -29.23
CA VAL H 191 -15.53 6.00 -30.11
C VAL H 191 -16.75 5.28 -29.57
N THR H 192 -16.65 4.78 -28.34
CA THR H 192 -17.75 4.00 -27.78
C THR H 192 -18.98 4.86 -27.55
N GLY H 193 -18.78 6.11 -27.17
CA GLY H 193 -19.92 7.01 -27.04
C GLY H 193 -20.63 7.24 -28.36
N LYS H 194 -19.87 7.51 -29.42
CA LYS H 194 -20.47 7.76 -30.72
C LYS H 194 -21.14 6.51 -31.25
N ALA H 195 -20.50 5.35 -31.08
CA ALA H 195 -21.08 4.10 -31.53
C ALA H 195 -22.39 3.82 -30.83
N LEU H 196 -22.45 4.06 -29.52
CA LEU H 196 -23.70 3.86 -28.79
C LEU H 196 -24.78 4.84 -29.23
N GLN H 197 -24.40 6.10 -29.49
CA GLN H 197 -25.33 7.05 -30.10
C GLN H 197 -25.92 6.50 -31.39
N GLU H 198 -25.06 5.96 -32.26
CA GLU H 198 -25.54 5.47 -33.54
C GLU H 198 -26.41 4.24 -33.38
N PHE H 199 -26.08 3.38 -32.41
CA PHE H 199 -26.89 2.21 -32.14
C PHE H 199 -28.29 2.61 -31.70
N GLY H 200 -28.36 3.50 -30.71
CA GLY H 200 -29.65 4.01 -30.27
C GLY H 200 -30.43 4.69 -31.37
N ARG H 201 -29.72 5.38 -32.26
CA ARG H 201 -30.38 6.10 -33.35
C ARG H 201 -30.98 5.12 -34.37
N TYR H 202 -30.21 4.14 -34.80
CA TYR H 202 -30.63 3.28 -35.90
C TYR H 202 -31.34 2.02 -35.46
N GLN H 203 -30.95 1.43 -34.34
CA GLN H 203 -31.76 0.32 -33.82
C GLN H 203 -33.02 0.79 -33.11
N SER H 204 -33.35 2.07 -33.24
CA SER H 204 -34.61 2.60 -32.74
C SER H 204 -35.80 2.07 -33.51
N VAL H 205 -35.63 1.68 -34.76
CA VAL H 205 -36.75 1.27 -35.60
C VAL H 205 -36.35 0.09 -36.47
N VAL H 206 -37.36 -0.69 -36.86
CA VAL H 206 -37.26 -1.63 -37.97
C VAL H 206 -37.77 -0.94 -39.22
N TYR H 207 -36.99 -0.99 -40.29
CA TYR H 207 -37.37 -0.35 -41.54
C TYR H 207 -38.13 -1.29 -42.47
N ASN H 208 -39.02 -0.68 -43.26
CA ASN H 208 -39.86 -1.34 -44.28
C ASN H 208 -40.63 -2.52 -43.69
N LEU H 209 -41.39 -2.23 -42.65
CA LEU H 209 -42.47 -3.12 -42.26
C LEU H 209 -43.80 -2.58 -42.75
N PRO H 210 -44.83 -3.44 -42.86
CA PRO H 210 -46.20 -2.95 -43.10
C PRO H 210 -46.65 -1.89 -42.09
N LYS H 211 -47.11 -0.76 -42.61
CA LYS H 211 -47.73 0.27 -41.81
C LYS H 211 -49.24 0.10 -41.82
N MET H 212 -49.86 0.22 -40.66
CA MET H 212 -51.25 -0.14 -40.47
C MET H 212 -52.07 1.07 -40.08
N VAL H 213 -53.31 1.13 -40.58
CA VAL H 213 -54.35 2.02 -40.06
C VAL H 213 -55.43 1.17 -39.41
N SER H 214 -55.80 1.53 -38.18
CA SER H 214 -56.96 0.93 -37.52
C SER H 214 -58.23 1.67 -37.89
N LEU H 215 -59.23 0.92 -38.37
CA LEU H 215 -60.54 1.51 -38.67
C LEU H 215 -61.33 1.85 -37.42
N LEU H 216 -60.93 1.34 -36.25
CA LEU H 216 -61.72 1.44 -35.04
C LEU H 216 -61.39 2.66 -34.18
N VAL H 217 -60.44 3.49 -34.58
CA VAL H 217 -60.01 4.60 -33.73
C VAL H 217 -60.31 5.98 -34.32
N GLU H 218 -60.47 6.10 -35.63
CA GLU H 218 -60.96 7.37 -36.13
C GLU H 218 -62.34 7.24 -36.75
N PRO H 219 -63.22 8.22 -36.50
CA PRO H 219 -64.53 8.23 -37.17
C PRO H 219 -64.44 8.27 -38.69
N TRP H 220 -63.40 8.89 -39.25
CA TRP H 220 -63.22 8.90 -40.69
C TRP H 220 -61.75 9.17 -40.99
N TYR H 221 -61.38 8.96 -42.25
CA TYR H 221 -60.12 9.46 -42.77
C TYR H 221 -60.35 10.26 -44.05
N SER H 222 -59.48 11.24 -44.28
CA SER H 222 -59.56 12.08 -45.47
C SER H 222 -58.23 12.06 -46.20
N LEU H 223 -58.28 11.87 -47.51
CA LEU H 223 -57.12 11.49 -48.31
C LEU H 223 -56.75 12.69 -49.17
N VAL H 224 -55.63 13.32 -48.85
CA VAL H 224 -55.20 14.54 -49.52
C VAL H 224 -54.00 14.23 -50.40
N GLY H 225 -54.13 14.52 -51.69
CA GLY H 225 -53.02 14.36 -52.60
C GLY H 225 -53.51 14.27 -54.03
N GLU H 226 -52.66 13.71 -54.89
CA GLU H 226 -53.00 13.57 -56.30
C GLU H 226 -54.06 12.48 -56.45
N ARG H 227 -54.89 12.65 -57.48
CA ARG H 227 -56.08 11.81 -57.66
C ARG H 227 -55.75 10.33 -57.83
N GLU H 228 -54.79 10.01 -58.68
CA GLU H 228 -54.48 8.60 -58.90
C GLU H 228 -53.73 7.97 -57.73
N GLN H 229 -52.93 8.74 -57.00
CA GLN H 229 -52.36 8.27 -55.75
C GLN H 229 -53.46 7.82 -54.79
N VAL H 230 -54.41 8.73 -54.57
CA VAL H 230 -55.52 8.51 -53.66
C VAL H 230 -56.36 7.33 -54.09
N LEU H 231 -56.74 7.29 -55.37
CA LEU H 231 -57.49 6.16 -55.91
C LEU H 231 -56.74 4.84 -55.76
N GLY H 232 -55.47 4.81 -56.16
CA GLY H 232 -54.67 3.58 -56.06
C GLY H 232 -54.61 3.03 -54.65
N LEU H 233 -54.38 3.92 -53.68
CA LEU H 233 -54.44 3.56 -52.27
C LEU H 233 -55.82 3.05 -51.89
N THR H 234 -56.87 3.69 -52.41
CA THR H 234 -58.22 3.28 -52.03
C THR H 234 -58.53 1.88 -52.55
N ARG H 235 -58.09 1.58 -53.78
CA ARG H 235 -58.29 0.25 -54.34
C ARG H 235 -57.53 -0.78 -53.52
N ALA H 236 -56.33 -0.41 -53.08
CA ALA H 236 -55.51 -1.30 -52.26
C ALA H 236 -56.22 -1.61 -50.95
N ILE H 237 -56.69 -0.56 -50.27
CA ILE H 237 -57.47 -0.71 -49.04
C ILE H 237 -58.65 -1.65 -49.25
N ILE H 238 -59.43 -1.40 -50.29
CA ILE H 238 -60.63 -2.19 -50.56
C ILE H 238 -60.29 -3.66 -50.76
N CYS H 239 -59.26 -3.94 -51.54
CA CYS H 239 -58.87 -5.33 -51.76
C CYS H 239 -58.27 -5.98 -50.53
N GLN H 240 -57.51 -5.22 -49.72
CA GLN H 240 -57.04 -5.73 -48.44
C GLN H 240 -58.19 -6.13 -47.52
N LEU H 241 -59.19 -5.26 -47.36
CA LEU H 241 -60.36 -5.60 -46.56
C LEU H 241 -61.12 -6.78 -47.15
N ALA H 242 -61.23 -6.83 -48.49
CA ALA H 242 -61.99 -7.89 -49.14
C ALA H 242 -61.33 -9.25 -48.96
N PHE H 243 -60.00 -9.31 -49.06
CA PHE H 243 -59.31 -10.55 -48.77
C PHE H 243 -59.41 -10.90 -47.29
N SER H 244 -59.09 -9.95 -46.43
CA SER H 244 -58.94 -10.26 -45.02
C SER H 244 -60.26 -10.47 -44.32
N HIS H 245 -61.30 -9.73 -44.70
CA HIS H 245 -62.57 -9.83 -44.02
C HIS H 245 -63.67 -10.30 -44.95
N GLY H 246 -64.50 -11.21 -44.46
CA GLY H 246 -65.57 -11.78 -45.24
C GLY H 246 -66.69 -10.78 -45.45
N PRO H 247 -67.58 -11.07 -46.40
CA PRO H 247 -68.72 -10.17 -46.65
C PRO H 247 -69.68 -10.09 -45.47
N ASP H 248 -69.68 -11.10 -44.60
CA ASP H 248 -70.57 -11.10 -43.43
C ASP H 248 -70.05 -10.25 -42.28
N HIS H 249 -68.81 -9.77 -42.36
CA HIS H 249 -68.24 -8.97 -41.28
C HIS H 249 -68.02 -7.53 -41.67
N VAL H 250 -67.69 -7.27 -42.93
CA VAL H 250 -67.42 -5.94 -43.45
C VAL H 250 -68.18 -5.77 -44.75
N GLN H 251 -68.97 -4.71 -44.84
CA GLN H 251 -69.65 -4.34 -46.07
C GLN H 251 -69.11 -3.00 -46.52
N MET H 252 -69.26 -2.71 -47.82
CA MET H 252 -68.54 -1.62 -48.44
C MET H 252 -69.50 -0.75 -49.22
N ILE H 253 -69.24 0.56 -49.20
CA ILE H 253 -70.01 1.53 -49.98
C ILE H 253 -69.05 2.51 -50.65
N VAL H 254 -69.31 2.80 -51.92
CA VAL H 254 -68.60 3.81 -52.69
C VAL H 254 -69.60 4.85 -53.16
N VAL H 255 -69.33 6.12 -52.84
CA VAL H 255 -70.15 7.23 -53.30
C VAL H 255 -69.27 8.08 -54.19
N THR H 256 -69.66 8.21 -55.46
CA THR H 256 -68.74 8.74 -56.44
C THR H 256 -69.44 9.64 -57.46
N SER H 257 -68.64 10.49 -58.08
CA SER H 257 -69.06 11.23 -59.25
C SER H 257 -68.51 10.63 -60.54
N ASP H 258 -67.59 9.68 -60.44
CA ASP H 258 -66.92 9.09 -61.60
C ASP H 258 -66.97 7.57 -61.53
N PRO H 259 -68.11 6.95 -61.87
CA PRO H 259 -68.27 5.50 -61.63
C PRO H 259 -67.39 4.64 -62.52
N ASP H 260 -66.84 5.18 -63.61
CA ASP H 260 -65.95 4.43 -64.48
C ASP H 260 -64.69 4.02 -63.73
N ARG H 261 -64.22 4.86 -62.82
CA ARG H 261 -63.06 4.52 -62.01
C ARG H 261 -63.40 3.41 -61.02
N TRP H 262 -64.69 3.25 -60.73
CA TRP H 262 -65.17 2.32 -59.71
C TRP H 262 -65.94 1.16 -60.32
N ASP H 263 -65.78 0.92 -61.62
CA ASP H 263 -66.55 -0.13 -62.25
C ASP H 263 -66.06 -1.51 -61.85
N TRP H 264 -64.81 -1.61 -61.40
CA TRP H 264 -64.23 -2.88 -61.00
C TRP H 264 -64.85 -3.45 -59.73
N VAL H 265 -65.42 -2.60 -58.87
CA VAL H 265 -65.87 -3.06 -57.55
C VAL H 265 -67.10 -3.94 -57.62
N LYS H 266 -67.79 -3.97 -58.77
CA LYS H 266 -69.01 -4.74 -58.94
C LYS H 266 -68.82 -6.23 -58.65
N TRP H 267 -67.62 -6.75 -58.94
CA TRP H 267 -67.34 -8.16 -58.73
C TRP H 267 -67.19 -8.52 -57.26
N ILE H 268 -66.76 -7.57 -56.44
CA ILE H 268 -66.43 -7.87 -55.04
C ILE H 268 -67.71 -8.11 -54.26
N PRO H 269 -67.85 -9.28 -53.62
CA PRO H 269 -69.09 -9.61 -52.91
C PRO H 269 -69.41 -8.68 -51.74
N HIS H 270 -68.41 -7.97 -51.21
CA HIS H 270 -68.64 -7.08 -50.09
C HIS H 270 -69.51 -5.89 -50.48
N PHE H 271 -69.53 -5.53 -51.75
CA PHE H 271 -70.39 -4.46 -52.23
C PHE H 271 -71.81 -4.94 -52.48
N GLY H 272 -72.06 -6.24 -52.34
CA GLY H 272 -73.38 -6.78 -52.58
C GLY H 272 -74.34 -6.40 -51.46
N ASP H 273 -75.44 -5.75 -51.81
CA ASP H 273 -76.48 -5.45 -50.83
C ASP H 273 -77.33 -6.69 -50.63
N PRO H 274 -77.37 -7.26 -49.42
CA PRO H 274 -78.20 -8.47 -49.21
C PRO H 274 -79.69 -8.21 -49.32
N ARG H 275 -80.11 -6.96 -49.24
CA ARG H 275 -81.52 -6.59 -49.14
C ARG H 275 -82.18 -6.48 -50.51
N ARG H 276 -81.49 -5.92 -51.50
CA ARG H 276 -82.00 -5.79 -52.85
C ARG H 276 -81.34 -6.80 -53.77
N ARG H 277 -82.15 -7.51 -54.55
CA ARG H 277 -81.64 -8.50 -55.49
C ARG H 277 -81.96 -8.04 -56.91
N ASP H 278 -81.07 -8.37 -57.84
CA ASP H 278 -81.30 -8.09 -59.25
C ASP H 278 -80.92 -9.33 -60.05
N ALA H 279 -80.80 -9.16 -61.37
CA ALA H 279 -80.44 -10.27 -62.24
C ALA H 279 -79.04 -10.79 -61.93
N ALA H 280 -78.10 -9.89 -61.66
CA ALA H 280 -76.72 -10.30 -61.43
C ALA H 280 -76.50 -10.86 -60.04
N GLY H 281 -77.46 -10.73 -59.13
CA GLY H 281 -77.32 -11.24 -57.78
C GLY H 281 -77.70 -10.22 -56.73
N ASN H 282 -76.79 -9.95 -55.80
CA ASN H 282 -77.01 -8.89 -54.82
C ASN H 282 -76.76 -7.53 -55.45
N ALA H 283 -77.50 -6.54 -54.97
CA ALA H 283 -77.38 -5.18 -55.50
C ALA H 283 -76.04 -4.58 -55.08
N ARG H 284 -75.42 -3.85 -55.99
CA ARG H 284 -74.14 -3.24 -55.71
C ARG H 284 -74.36 -1.99 -54.88
N MET H 285 -73.57 -1.82 -53.82
CA MET H 285 -73.76 -0.71 -52.89
C MET H 285 -72.86 0.46 -53.30
N VAL H 286 -73.04 0.86 -54.56
CA VAL H 286 -72.36 2.00 -55.14
C VAL H 286 -73.39 3.04 -55.52
N TYR H 287 -73.22 4.25 -55.03
CA TYR H 287 -74.18 5.31 -55.22
C TYR H 287 -73.47 6.49 -55.87
N THR H 288 -74.21 7.27 -56.65
CA THR H 288 -73.63 8.37 -57.38
C THR H 288 -73.76 9.70 -56.63
N SER H 289 -74.42 9.71 -55.47
CA SER H 289 -74.57 10.92 -54.68
C SER H 289 -74.85 10.51 -53.24
N VAL H 290 -74.50 11.42 -52.32
CA VAL H 290 -74.84 11.18 -50.92
C VAL H 290 -76.35 11.27 -50.75
N ARG H 291 -77.02 12.03 -51.62
CA ARG H 291 -78.47 12.09 -51.63
C ARG H 291 -79.07 10.76 -52.08
N GLU H 292 -78.32 9.97 -52.85
CA GLU H 292 -78.74 8.67 -53.33
C GLU H 292 -78.70 7.60 -52.25
N PHE H 293 -78.44 7.98 -50.99
CA PHE H 293 -78.59 7.04 -49.91
C PHE H 293 -80.06 6.71 -49.73
N ALA H 294 -80.49 5.62 -50.36
CA ALA H 294 -81.79 5.01 -50.11
C ALA H 294 -81.67 3.85 -49.14
N THR H 295 -80.54 3.77 -48.44
CA THR H 295 -80.38 2.78 -47.39
C THR H 295 -81.17 3.16 -46.15
N GLU H 296 -80.82 4.29 -45.53
CA GLU H 296 -81.30 4.76 -44.23
C GLU H 296 -81.06 3.76 -43.09
N GLN H 297 -80.32 2.69 -43.33
CA GLN H 297 -80.07 1.70 -42.30
C GLN H 297 -78.73 1.91 -41.63
N ALA H 298 -77.77 2.49 -42.34
CA ALA H 298 -76.52 2.90 -41.74
C ALA H 298 -76.61 4.32 -41.18
N GLU H 299 -77.79 4.96 -41.26
CA GLU H 299 -77.92 6.35 -40.84
C GLU H 299 -78.93 6.51 -39.71
N LEU H 300 -79.26 5.45 -38.99
CA LEU H 300 -80.06 5.57 -37.78
C LEU H 300 -79.24 5.31 -36.51
N PHE H 301 -77.93 5.16 -36.65
CA PHE H 301 -77.06 4.94 -35.50
C PHE H 301 -76.86 6.24 -34.71
N ALA H 302 -76.14 6.12 -33.61
CA ALA H 302 -75.74 7.26 -32.80
C ALA H 302 -74.35 7.73 -33.24
N GLY H 303 -73.76 8.65 -32.47
CA GLY H 303 -72.38 9.03 -32.70
C GLY H 303 -71.43 7.89 -32.37
N ARG H 304 -70.22 7.97 -32.92
CA ARG H 304 -69.30 6.84 -32.84
C ARG H 304 -68.35 6.99 -31.65
N GLY H 305 -68.20 5.91 -30.91
CA GLY H 305 -67.13 5.76 -29.93
C GLY H 305 -66.01 4.89 -30.45
N SER H 306 -64.78 5.40 -30.40
CA SER H 306 -63.65 4.66 -30.93
C SER H 306 -63.35 3.47 -30.03
N PHE H 307 -63.07 2.32 -30.65
CA PHE H 307 -62.86 1.10 -29.89
C PHE H 307 -61.56 1.14 -29.11
N THR H 308 -61.56 0.50 -27.94
CA THR H 308 -60.39 0.42 -27.07
C THR H 308 -60.30 -0.98 -26.47
N THR H 318 -68.54 -5.40 -31.08
CA THR H 318 -68.25 -5.09 -32.47
C THR H 318 -69.54 -5.10 -33.28
N PRO H 319 -69.77 -4.06 -34.08
CA PRO H 319 -70.97 -4.01 -34.92
C PRO H 319 -71.00 -5.15 -35.93
N THR H 320 -72.23 -5.48 -36.38
CA THR H 320 -72.42 -6.74 -37.10
C THR H 320 -71.78 -6.72 -38.50
N PRO H 321 -72.18 -5.84 -39.46
CA PRO H 321 -71.16 -5.45 -40.44
C PRO H 321 -70.56 -4.11 -40.07
N HIS H 322 -69.28 -3.94 -40.33
CA HIS H 322 -68.65 -2.64 -40.13
C HIS H 322 -68.62 -2.01 -41.51
N HIS H 323 -69.58 -1.13 -41.77
CA HIS H 323 -69.68 -0.51 -43.09
C HIS H 323 -68.52 0.45 -43.30
N VAL H 324 -67.94 0.36 -44.50
CA VAL H 324 -66.91 1.28 -44.93
C VAL H 324 -67.47 2.06 -46.11
N ILE H 325 -67.67 3.34 -45.93
CA ILE H 325 -68.28 4.19 -46.93
C ILE H 325 -67.18 5.04 -47.51
N ILE H 326 -67.05 5.03 -48.83
CA ILE H 326 -66.02 5.77 -49.53
C ILE H 326 -66.66 6.84 -50.39
N SER H 327 -66.14 8.06 -50.27
CA SER H 327 -66.74 9.21 -50.93
C SER H 327 -65.70 9.98 -51.71
N ASP H 328 -65.99 10.23 -52.99
CA ASP H 328 -65.28 11.25 -53.76
C ASP H 328 -66.28 12.04 -54.57
N ILE H 329 -67.43 12.32 -53.96
CA ILE H 329 -68.51 13.03 -54.61
C ILE H 329 -68.35 14.55 -54.44
N GLU H 330 -67.67 14.96 -53.38
CA GLU H 330 -67.46 16.36 -53.00
C GLU H 330 -68.81 17.07 -52.87
N ASP H 331 -69.56 16.61 -51.87
CA ASP H 331 -70.91 17.11 -51.66
C ASP H 331 -71.00 17.72 -50.27
N PRO H 332 -71.54 18.94 -50.13
CA PRO H 332 -71.73 19.53 -48.81
C PRO H 332 -72.79 18.85 -47.95
N GLN H 333 -73.49 17.83 -48.46
CA GLN H 333 -74.60 17.25 -47.74
C GLN H 333 -74.16 16.15 -46.76
N TRP H 334 -72.86 15.82 -46.72
CA TRP H 334 -72.41 14.82 -45.74
C TRP H 334 -72.55 15.34 -44.32
N GLU H 335 -72.28 16.63 -44.11
CA GLU H 335 -72.27 17.23 -42.78
C GLU H 335 -73.64 17.22 -42.10
N TYR H 336 -74.69 16.84 -42.82
CA TYR H 336 -76.00 16.63 -42.23
C TYR H 336 -76.10 15.26 -41.57
N VAL H 337 -75.86 14.19 -42.34
CA VAL H 337 -75.94 12.85 -41.79
C VAL H 337 -74.67 12.49 -41.02
N ILE H 338 -73.58 13.23 -41.23
CA ILE H 338 -72.34 13.04 -40.51
C ILE H 338 -72.15 14.24 -39.60
N SER H 339 -72.19 14.01 -38.29
CA SER H 339 -71.82 15.04 -37.34
C SER H 339 -70.30 15.18 -37.27
N SER H 340 -69.84 15.88 -36.24
CA SER H 340 -68.41 15.98 -35.92
C SER H 340 -67.84 14.67 -35.36
N GLU H 341 -68.69 13.69 -35.04
CA GLU H 341 -68.24 12.49 -34.36
C GLU H 341 -68.51 11.22 -35.13
N GLY H 342 -69.41 11.25 -36.11
CA GLY H 342 -69.57 10.09 -36.96
C GLY H 342 -70.74 9.22 -36.55
N VAL H 343 -70.73 8.03 -37.13
CA VAL H 343 -71.80 7.07 -37.02
C VAL H 343 -71.19 5.81 -36.42
N ASP H 344 -72.00 5.05 -35.67
CA ASP H 344 -71.50 3.96 -34.82
C ASP H 344 -70.75 2.86 -35.56
N GLY H 345 -71.43 2.11 -36.40
CA GLY H 345 -70.80 0.94 -36.97
C GLY H 345 -70.06 1.21 -38.25
N VAL H 346 -69.90 2.48 -38.63
CA VAL H 346 -69.44 2.85 -39.97
C VAL H 346 -68.18 3.69 -39.82
N THR H 347 -67.17 3.37 -40.60
CA THR H 347 -66.02 4.24 -40.79
C THR H 347 -66.06 4.80 -42.20
N PHE H 348 -65.50 6.00 -42.36
CA PHE H 348 -65.58 6.69 -43.64
C PHE H 348 -64.19 6.96 -44.19
N PHE H 349 -64.11 7.08 -45.51
CA PHE H 349 -62.89 7.46 -46.20
C PHE H 349 -63.20 8.56 -47.19
N ASP H 350 -62.77 9.78 -46.87
CA ASP H 350 -62.99 10.92 -47.73
C ASP H 350 -61.89 11.00 -48.77
N LEU H 351 -62.17 10.51 -49.96
CA LEU H 351 -61.35 10.88 -51.10
C LEU H 351 -61.66 12.31 -51.47
N THR H 352 -60.72 12.93 -52.21
CA THR H 352 -60.79 14.35 -52.59
C THR H 352 -60.97 15.23 -51.35
N GLY H 353 -59.91 15.30 -50.56
CA GLY H 353 -59.84 15.96 -49.27
C GLY H 353 -60.44 17.36 -49.23
N SER H 354 -61.42 17.55 -48.36
CA SER H 354 -62.14 18.81 -48.25
C SER H 354 -62.05 19.33 -46.82
N PRO H 355 -62.29 20.63 -46.61
CA PRO H 355 -62.27 21.16 -45.24
C PRO H 355 -63.29 20.56 -44.30
N LEU H 356 -64.35 19.95 -44.83
CA LEU H 356 -65.33 19.29 -43.96
C LEU H 356 -64.72 18.07 -43.29
N TRP H 357 -63.98 17.27 -44.04
CA TRP H 357 -63.44 16.02 -43.52
C TRP H 357 -62.07 16.18 -42.90
N THR H 358 -61.31 17.20 -43.33
CA THR H 358 -59.95 17.45 -42.87
C THR H 358 -59.90 18.22 -41.56
N GLY H 359 -60.95 18.19 -40.76
CA GLY H 359 -60.94 18.96 -39.54
C GLY H 359 -60.19 18.31 -38.40
N ALA H 360 -59.51 17.19 -38.68
CA ALA H 360 -58.78 16.44 -37.68
C ALA H 360 -57.50 15.91 -38.32
N PRO H 361 -56.36 16.55 -38.06
CA PRO H 361 -55.10 16.16 -38.74
C PRO H 361 -54.71 14.70 -38.54
N GLN H 362 -55.07 14.11 -37.39
CA GLN H 362 -54.91 12.69 -37.15
C GLN H 362 -55.73 11.82 -38.10
N ARG H 363 -56.65 12.39 -38.86
CA ARG H 363 -57.43 11.66 -39.83
C ARG H 363 -56.96 11.88 -41.26
N VAL H 364 -56.05 12.83 -41.48
CA VAL H 364 -55.65 13.22 -42.82
C VAL H 364 -54.39 12.45 -43.19
N LEU H 365 -54.46 11.70 -44.28
CA LEU H 365 -53.33 10.99 -44.84
C LEU H 365 -52.90 11.75 -46.09
N ARG H 366 -51.75 12.42 -46.01
CA ARG H 366 -51.37 13.42 -47.00
C ARG H 366 -50.21 12.88 -47.83
N PHE H 367 -50.44 12.74 -49.13
CA PHE H 367 -49.37 12.35 -50.04
C PHE H 367 -48.45 13.54 -50.26
N THR H 368 -47.31 13.52 -49.56
CA THR H 368 -46.36 14.61 -49.59
C THR H 368 -45.38 14.49 -50.74
N ASP H 369 -45.02 13.27 -51.12
CA ASP H 369 -44.11 13.04 -52.24
C ASP H 369 -44.80 12.20 -53.31
N SER H 370 -44.40 12.48 -54.56
CA SER H 370 -45.04 11.93 -55.76
C SER H 370 -45.17 10.40 -55.73
N ALA H 371 -44.20 9.72 -55.11
CA ALA H 371 -44.28 8.27 -54.99
C ALA H 371 -45.41 7.79 -54.11
N GLY H 372 -46.06 8.66 -53.34
CA GLY H 372 -47.08 8.22 -52.42
C GLY H 372 -46.58 8.10 -51.00
N VAL H 373 -45.73 9.03 -50.58
CA VAL H 373 -45.30 9.10 -49.19
C VAL H 373 -46.43 9.71 -48.37
N ILE H 374 -47.08 8.88 -47.54
CA ILE H 374 -48.05 9.37 -46.58
C ILE H 374 -47.30 10.01 -45.42
N GLU H 375 -47.64 11.25 -45.12
CA GLU H 375 -47.46 11.78 -43.78
C GLU H 375 -48.78 11.85 -43.02
N THR H 376 -48.71 11.56 -41.73
CA THR H 376 -49.79 11.78 -40.78
C THR H 376 -49.18 11.85 -39.38
N LEU H 377 -50.02 11.79 -38.36
CA LEU H 377 -49.50 11.83 -37.00
C LEU H 377 -48.95 10.48 -36.57
N PRO H 378 -47.83 10.48 -35.85
CA PRO H 378 -47.33 9.26 -35.20
C PRO H 378 -48.35 8.67 -34.24
N ARG H 379 -48.63 7.39 -34.42
CA ARG H 379 -49.54 6.65 -33.57
C ARG H 379 -48.81 5.50 -32.88
N ASP H 380 -49.27 5.16 -31.69
CA ASP H 380 -48.76 4.00 -30.98
C ASP H 380 -49.04 2.72 -31.76
N ARG H 381 -47.98 1.94 -31.95
CA ARG H 381 -48.05 0.61 -32.53
C ARG H 381 -49.15 -0.26 -31.92
N ASP H 382 -49.42 -0.12 -30.63
CA ASP H 382 -50.34 -1.01 -29.94
C ASP H 382 -51.77 -0.49 -29.88
N THR H 383 -51.97 0.69 -29.32
CA THR H 383 -53.29 1.26 -29.13
C THR H 383 -53.85 1.98 -30.34
N TRP H 384 -53.01 2.27 -31.34
CA TRP H 384 -53.29 3.10 -32.51
C TRP H 384 -53.61 4.55 -32.15
N MET H 385 -53.48 4.91 -30.88
CA MET H 385 -53.74 6.25 -30.41
C MET H 385 -52.61 7.18 -30.81
N VAL H 386 -52.96 8.44 -31.10
CA VAL H 386 -51.95 9.42 -31.47
C VAL H 386 -51.00 9.63 -30.30
N ILE H 387 -49.71 9.66 -30.60
CA ILE H 387 -48.69 9.88 -29.58
C ILE H 387 -48.28 11.35 -29.52
N ASP H 388 -48.13 12.01 -30.68
CA ASP H 388 -47.91 13.44 -30.66
C ASP H 388 -48.47 14.11 -31.90
N ASP H 389 -48.74 15.40 -31.76
CA ASP H 389 -49.59 16.15 -32.67
C ASP H 389 -48.89 16.58 -33.95
N ASN H 390 -47.57 16.48 -34.02
CA ASN H 390 -46.85 16.97 -35.19
C ASN H 390 -46.91 15.94 -36.30
N ALA H 391 -47.26 16.39 -37.50
CA ALA H 391 -47.26 15.52 -38.67
C ALA H 391 -45.84 15.10 -39.05
N TRP H 392 -45.70 13.85 -39.44
CA TRP H 392 -44.41 13.24 -39.67
C TRP H 392 -44.59 12.17 -40.74
N PHE H 393 -43.47 11.69 -41.29
CA PHE H 393 -43.45 10.52 -42.15
C PHE H 393 -44.21 9.37 -41.52
N PHE H 394 -45.10 8.76 -42.29
CA PHE H 394 -45.86 7.62 -41.82
C PHE H 394 -45.63 6.37 -42.67
N ALA H 395 -45.84 6.46 -43.98
CA ALA H 395 -45.68 5.30 -44.84
C ALA H 395 -45.46 5.75 -46.28
N LEU H 396 -44.98 4.81 -47.08
CA LEU H 396 -45.14 4.85 -48.53
C LEU H 396 -46.31 3.95 -48.90
N ALA H 397 -47.29 4.50 -49.61
CA ALA H 397 -48.54 3.80 -49.86
C ALA H 397 -48.39 2.64 -50.83
N ASP H 398 -49.01 1.52 -50.49
CA ASP H 398 -49.07 0.32 -51.34
C ASP H 398 -50.05 0.49 -52.50
N GLN H 399 -49.82 1.51 -53.33
CA GLN H 399 -50.72 1.84 -54.43
C GLN H 399 -50.88 0.65 -55.38
N MET H 400 -52.09 0.45 -55.89
CA MET H 400 -52.38 -0.66 -56.77
C MET H 400 -53.18 -0.21 -57.98
N SER H 401 -52.84 -0.78 -59.14
CA SER H 401 -53.47 -0.42 -60.40
C SER H 401 -54.87 -0.98 -60.50
N GLU H 402 -55.64 -0.38 -61.42
CA GLU H 402 -57.00 -0.81 -61.71
C GLU H 402 -57.03 -2.24 -62.26
N ALA H 403 -56.05 -2.60 -63.09
CA ALA H 403 -56.00 -3.95 -63.64
C ALA H 403 -55.77 -5.00 -62.56
N ASP H 404 -54.87 -4.73 -61.62
CA ASP H 404 -54.64 -5.69 -60.53
C ASP H 404 -55.89 -5.81 -59.65
N ALA H 405 -56.52 -4.68 -59.34
CA ALA H 405 -57.75 -4.69 -58.57
C ALA H 405 -58.84 -5.49 -59.27
N GLU H 406 -59.02 -5.26 -60.57
CA GLU H 406 -59.97 -6.02 -61.38
C GLU H 406 -59.65 -7.51 -61.39
N GLN H 407 -58.36 -7.85 -61.49
CA GLN H 407 -57.93 -9.24 -61.48
C GLN H 407 -58.24 -9.93 -60.16
N PHE H 408 -57.90 -9.28 -59.05
CA PHE H 408 -58.31 -9.75 -57.73
C PHE H 408 -59.82 -9.87 -57.61
N ALA H 409 -60.56 -8.92 -58.17
CA ALA H 409 -62.02 -8.99 -58.10
C ALA H 409 -62.56 -10.19 -58.87
N HIS H 410 -61.98 -10.48 -60.03
CA HIS H 410 -62.33 -11.69 -60.77
C HIS H 410 -61.95 -12.96 -60.03
N GLN H 411 -60.92 -12.90 -59.19
CA GLN H 411 -60.64 -14.02 -58.29
C GLN H 411 -61.68 -14.13 -57.18
N MET H 412 -61.96 -13.02 -56.49
CA MET H 412 -62.85 -13.04 -55.34
C MET H 412 -64.29 -13.39 -55.74
N ALA H 413 -64.73 -12.97 -56.93
CA ALA H 413 -66.04 -13.33 -57.44
C ALA H 413 -66.26 -14.84 -57.55
N HIS H 414 -65.19 -15.62 -57.63
CA HIS H 414 -65.29 -17.07 -57.76
C HIS H 414 -65.82 -17.73 -56.49
N TRP H 415 -65.87 -17.03 -55.37
CA TRP H 415 -66.15 -17.65 -54.08
C TRP H 415 -67.43 -17.10 -53.47
N ARG H 416 -68.10 -17.98 -52.72
CA ARG H 416 -69.42 -17.66 -52.18
C ARG H 416 -69.59 -18.07 -50.73
N LEU H 417 -68.55 -18.57 -50.07
CA LEU H 417 -68.66 -19.11 -48.71
C LEU H 417 -68.98 -18.02 -47.69
N PRO I 18 -83.38 -17.48 -59.56
CA PRO I 18 -82.65 -18.62 -60.13
C PRO I 18 -81.15 -18.37 -60.20
N GLN I 19 -80.37 -19.43 -60.33
CA GLN I 19 -78.92 -19.26 -60.41
C GLN I 19 -78.53 -18.70 -61.77
N ALA I 20 -77.61 -17.75 -61.76
CA ALA I 20 -77.08 -17.17 -63.00
C ALA I 20 -75.58 -16.97 -62.84
N ALA I 21 -74.85 -17.11 -63.94
CA ALA I 21 -73.42 -16.89 -63.95
C ALA I 21 -73.12 -15.54 -64.58
N VAL I 22 -72.10 -14.87 -64.07
CA VAL I 22 -71.71 -13.54 -64.53
C VAL I 22 -70.27 -13.64 -65.01
N VAL I 23 -70.09 -13.61 -66.34
CA VAL I 23 -68.77 -13.76 -66.94
C VAL I 23 -68.43 -12.51 -67.74
N ALA I 24 -67.13 -12.35 -68.01
CA ALA I 24 -66.62 -11.23 -68.77
C ALA I 24 -66.27 -11.70 -70.18
N ILE I 25 -67.02 -11.22 -71.16
CA ILE I 25 -66.82 -11.64 -72.54
C ILE I 25 -65.72 -10.80 -73.17
N MET I 26 -64.64 -11.44 -73.60
CA MET I 26 -63.57 -10.76 -74.31
C MET I 26 -63.86 -10.85 -75.80
N ALA I 27 -64.15 -9.70 -76.41
CA ALA I 27 -64.47 -9.65 -77.84
C ALA I 27 -64.10 -8.26 -78.34
N ALA I 28 -63.43 -8.22 -79.50
CA ALA I 28 -62.98 -6.98 -80.14
C ALA I 28 -62.14 -6.13 -79.20
N ASP I 29 -61.24 -6.80 -78.47
CA ASP I 29 -60.20 -6.22 -77.61
C ASP I 29 -60.78 -5.45 -76.42
N VAL I 30 -62.06 -5.63 -76.10
CA VAL I 30 -62.65 -5.01 -74.93
C VAL I 30 -63.29 -6.09 -74.06
N GLN I 31 -63.37 -5.80 -72.77
CA GLN I 31 -63.97 -6.70 -71.80
C GLN I 31 -65.39 -6.26 -71.51
N ILE I 32 -66.34 -7.18 -71.67
CA ILE I 32 -67.76 -6.90 -71.45
C ILE I 32 -68.29 -7.93 -70.46
N ALA I 33 -68.89 -7.45 -69.37
CA ALA I 33 -69.49 -8.33 -68.37
C ALA I 33 -70.96 -8.49 -68.65
N VAL I 34 -71.43 -9.75 -68.68
CA VAL I 34 -72.81 -10.09 -68.96
C VAL I 34 -73.31 -11.04 -67.89
N VAL I 35 -74.63 -11.18 -67.82
CA VAL I 35 -75.28 -12.14 -66.93
C VAL I 35 -75.97 -13.18 -67.80
N LEU I 36 -75.64 -14.46 -67.55
CA LEU I 36 -76.13 -15.57 -68.35
C LEU I 36 -76.82 -16.60 -67.46
N ASP I 37 -77.73 -17.35 -68.06
CA ASP I 37 -78.40 -18.43 -67.35
C ASP I 37 -77.40 -19.56 -67.07
N ALA I 38 -77.46 -20.09 -65.86
CA ALA I 38 -76.51 -21.11 -65.44
C ALA I 38 -76.96 -22.53 -65.78
N HIS I 39 -78.17 -22.70 -66.30
CA HIS I 39 -78.69 -24.03 -66.61
C HIS I 39 -79.10 -24.19 -68.07
N ALA I 40 -79.22 -23.11 -68.83
CA ALA I 40 -79.51 -23.27 -70.24
C ALA I 40 -78.23 -23.62 -71.01
N PRO I 41 -78.35 -24.31 -72.14
CA PRO I 41 -77.17 -24.64 -72.94
C PRO I 41 -76.61 -23.39 -73.61
N ILE I 42 -75.38 -23.55 -74.12
CA ILE I 42 -74.67 -22.43 -74.74
C ILE I 42 -75.42 -21.94 -75.97
N SER I 43 -75.93 -22.87 -76.77
CA SER I 43 -76.54 -22.53 -78.06
C SER I 43 -77.82 -21.73 -77.89
N VAL I 44 -78.53 -21.94 -76.78
CA VAL I 44 -79.75 -21.17 -76.53
C VAL I 44 -79.42 -19.72 -76.21
N MET I 45 -78.46 -19.51 -75.30
CA MET I 45 -78.20 -18.17 -74.79
C MET I 45 -77.21 -17.39 -75.66
N ILE I 46 -76.56 -18.04 -76.62
CA ILE I 46 -75.57 -17.34 -77.44
C ILE I 46 -76.24 -16.49 -78.51
N ASP I 47 -77.53 -16.72 -78.78
CA ASP I 47 -78.24 -15.95 -79.80
C ASP I 47 -78.55 -14.51 -79.36
N PRO I 48 -78.96 -14.22 -78.12
CA PRO I 48 -79.03 -12.80 -77.74
C PRO I 48 -77.71 -12.23 -77.30
N LEU I 49 -76.72 -13.10 -77.04
CA LEU I 49 -75.48 -12.64 -76.44
C LEU I 49 -74.69 -11.76 -77.40
N LEU I 50 -74.60 -12.14 -78.67
CA LEU I 50 -73.87 -11.30 -79.61
C LEU I 50 -74.61 -10.02 -79.92
N LYS I 51 -75.95 -10.04 -79.83
CA LYS I 51 -76.72 -8.81 -79.96
C LYS I 51 -76.40 -7.85 -78.83
N VAL I 52 -76.32 -8.37 -77.60
CA VAL I 52 -75.97 -7.56 -76.44
C VAL I 52 -74.55 -7.03 -76.59
N VAL I 53 -73.63 -7.88 -77.05
CA VAL I 53 -72.24 -7.48 -77.22
C VAL I 53 -72.11 -6.40 -78.29
N ASN I 54 -72.82 -6.55 -79.41
CA ASN I 54 -72.78 -5.55 -80.47
C ASN I 54 -73.39 -4.24 -80.00
N THR I 55 -74.47 -4.31 -79.21
CA THR I 55 -75.06 -3.09 -78.65
C THR I 55 -74.07 -2.38 -77.74
N ARG I 56 -73.38 -3.15 -76.89
CA ARG I 56 -72.37 -2.56 -76.01
C ARG I 56 -71.19 -1.99 -76.80
N LEU I 57 -70.81 -2.66 -77.89
CA LEU I 57 -69.69 -2.19 -78.70
C LEU I 57 -70.07 -0.92 -79.45
N ARG I 58 -71.32 -0.82 -79.89
CA ARG I 58 -71.83 0.39 -80.50
C ARG I 58 -71.95 1.51 -79.48
N GLU I 59 -72.20 1.16 -78.21
CA GLU I 59 -72.16 2.14 -77.14
C GLU I 59 -70.76 2.69 -76.96
N LEU I 60 -69.75 1.83 -77.11
CA LEU I 60 -68.36 2.25 -77.00
C LEU I 60 -67.84 2.89 -78.28
N GLY I 61 -68.62 2.89 -79.35
CA GLY I 61 -68.18 3.44 -80.61
C GLY I 61 -67.07 2.64 -81.26
N VAL I 62 -67.17 1.32 -81.22
CA VAL I 62 -66.19 0.42 -81.84
C VAL I 62 -66.92 -0.39 -82.89
N ALA I 63 -66.20 -0.76 -83.95
CA ALA I 63 -66.77 -1.51 -85.06
C ALA I 63 -67.33 -2.84 -84.57
N PRO I 64 -68.59 -3.14 -84.83
CA PRO I 64 -69.21 -4.33 -84.24
C PRO I 64 -68.68 -5.62 -84.85
N LEU I 65 -68.93 -6.71 -84.13
CA LEU I 65 -68.51 -8.03 -84.59
C LEU I 65 -69.35 -8.45 -85.78
N GLU I 66 -68.68 -8.92 -86.83
CA GLU I 66 -69.36 -9.42 -88.01
C GLU I 66 -68.67 -10.70 -88.47
N ALA I 67 -69.45 -11.61 -89.03
CA ALA I 67 -68.93 -12.89 -89.47
C ALA I 67 -68.45 -12.81 -90.91
N LYS I 68 -67.56 -13.74 -91.25
CA LYS I 68 -67.08 -13.90 -92.62
C LYS I 68 -66.98 -15.38 -92.92
N GLY I 69 -67.22 -15.73 -94.19
CA GLY I 69 -67.21 -17.13 -94.56
C GLY I 69 -68.36 -17.88 -93.92
N ARG I 70 -68.10 -19.15 -93.59
CA ARG I 70 -69.12 -20.01 -92.99
C ARG I 70 -68.60 -20.56 -91.66
N GLY I 71 -69.51 -20.70 -90.71
CA GLY I 71 -69.15 -21.12 -89.38
C GLY I 71 -70.24 -20.70 -88.40
N ARG I 72 -69.89 -20.74 -87.12
CA ARG I 72 -70.83 -20.37 -86.07
C ARG I 72 -70.16 -19.44 -85.08
N TRP I 73 -70.97 -18.62 -84.43
CA TRP I 73 -70.51 -17.93 -83.23
C TRP I 73 -70.46 -18.94 -82.10
N MET I 74 -69.36 -18.91 -81.36
CA MET I 74 -69.04 -20.02 -80.46
C MET I 74 -67.98 -19.56 -79.48
N LEU I 75 -68.15 -19.95 -78.22
CA LEU I 75 -67.35 -19.42 -77.12
C LEU I 75 -66.19 -20.34 -76.79
N CYS I 76 -64.99 -19.80 -76.82
CA CYS I 76 -63.78 -20.53 -76.52
C CYS I 76 -63.16 -19.98 -75.23
N LEU I 77 -62.41 -20.83 -74.55
CA LEU I 77 -61.64 -20.40 -73.39
C LEU I 77 -60.39 -19.63 -73.84
N VAL I 78 -59.58 -19.24 -72.85
CA VAL I 78 -58.41 -18.40 -73.09
C VAL I 78 -57.45 -19.08 -74.06
N ASP I 79 -57.26 -20.39 -73.92
CA ASP I 79 -56.37 -21.16 -74.76
C ASP I 79 -56.99 -21.50 -76.11
N GLY I 80 -58.27 -21.20 -76.31
CA GLY I 80 -58.96 -21.42 -77.55
C GLY I 80 -59.80 -22.67 -77.63
N THR I 81 -59.79 -23.53 -76.62
CA THR I 81 -60.67 -24.70 -76.65
C THR I 81 -62.13 -24.26 -76.54
N PRO I 82 -62.99 -24.71 -77.43
CA PRO I 82 -64.40 -24.27 -77.40
C PRO I 82 -65.19 -24.90 -76.27
N LEU I 83 -66.33 -24.27 -75.97
CA LEU I 83 -67.31 -24.83 -75.07
C LEU I 83 -68.28 -25.71 -75.82
N ARG I 84 -68.81 -26.71 -75.13
CA ARG I 84 -69.80 -27.60 -75.73
C ARG I 84 -71.12 -26.86 -75.85
N PRO I 85 -71.69 -26.73 -77.06
CA PRO I 85 -72.91 -25.92 -77.21
C PRO I 85 -74.16 -26.57 -76.64
N ASN I 86 -74.13 -27.85 -76.32
CA ASN I 86 -75.28 -28.55 -75.77
C ASN I 86 -75.23 -28.68 -74.25
N LEU I 87 -74.31 -28.00 -73.59
CA LEU I 87 -74.15 -28.10 -72.16
C LEU I 87 -74.25 -26.72 -71.53
N SER I 88 -74.74 -26.67 -70.29
CA SER I 88 -74.87 -25.42 -69.59
C SER I 88 -73.50 -24.94 -69.11
N LEU I 89 -73.47 -23.75 -68.50
CA LEU I 89 -72.20 -23.20 -68.04
C LEU I 89 -71.71 -23.92 -66.80
N THR I 90 -72.63 -24.37 -65.95
CA THR I 90 -72.24 -25.10 -64.74
C THR I 90 -71.71 -26.48 -65.08
N GLU I 91 -72.33 -27.15 -66.05
CA GLU I 91 -71.89 -28.49 -66.44
C GLU I 91 -70.52 -28.49 -67.12
N GLN I 92 -70.08 -27.35 -67.62
CA GLN I 92 -68.75 -27.21 -68.18
C GLN I 92 -67.77 -26.52 -67.25
N GLU I 93 -68.17 -26.32 -65.98
CA GLU I 93 -67.35 -25.69 -64.94
C GLU I 93 -66.92 -24.27 -65.35
N VAL I 94 -67.92 -23.43 -65.55
CA VAL I 94 -67.72 -22.00 -65.74
C VAL I 94 -68.38 -21.28 -64.59
N TYR I 95 -67.61 -20.50 -63.86
CA TYR I 95 -68.05 -19.83 -62.65
C TYR I 95 -68.04 -18.32 -62.86
N ASP I 96 -68.49 -17.60 -61.83
CA ASP I 96 -68.55 -16.15 -61.87
C ASP I 96 -67.16 -15.55 -62.04
N GLY I 97 -67.10 -14.43 -62.76
CA GLY I 97 -65.84 -13.77 -63.04
C GLY I 97 -64.92 -14.47 -64.01
N ASP I 98 -65.36 -15.56 -64.63
CA ASP I 98 -64.60 -16.17 -65.71
C ASP I 98 -64.62 -15.29 -66.95
N ARG I 99 -63.58 -15.42 -67.77
CA ARG I 99 -63.51 -14.72 -69.04
C ARG I 99 -63.64 -15.71 -70.18
N LEU I 100 -64.60 -15.46 -71.06
CA LEU I 100 -64.86 -16.28 -72.24
C LEU I 100 -64.65 -15.43 -73.49
N TRP I 101 -63.93 -15.98 -74.46
CA TRP I 101 -63.70 -15.28 -75.71
C TRP I 101 -64.78 -15.66 -76.72
N LEU I 102 -65.42 -14.66 -77.30
CA LEU I 102 -66.44 -14.85 -78.32
C LEU I 102 -65.80 -14.75 -79.70
N LYS I 103 -65.83 -15.84 -80.44
CA LYS I 103 -65.15 -15.93 -81.73
C LYS I 103 -66.10 -16.50 -82.76
N PHE I 104 -65.83 -16.20 -84.01
CA PHE I 104 -66.47 -16.84 -85.15
C PHE I 104 -65.44 -17.75 -85.80
N LEU I 105 -65.68 -19.06 -85.74
CA LEU I 105 -64.73 -20.05 -86.19
C LEU I 105 -65.29 -20.81 -87.37
N GLU I 106 -64.41 -21.13 -88.33
CA GLU I 106 -64.85 -21.81 -89.54
C GLU I 106 -65.23 -23.27 -89.29
N ASP I 107 -64.84 -23.83 -88.15
CA ASP I 107 -65.12 -25.22 -87.84
C ASP I 107 -65.36 -25.36 -86.35
N THR I 108 -65.93 -26.50 -85.97
CA THR I 108 -66.21 -26.80 -84.58
C THR I 108 -65.10 -27.60 -83.91
N GLU I 109 -64.06 -27.97 -84.65
CA GLU I 109 -62.96 -28.78 -84.14
C GLU I 109 -61.65 -28.01 -84.29
N HIS I 110 -61.08 -27.58 -83.17
CA HIS I 110 -59.83 -26.82 -83.19
C HIS I 110 -58.91 -27.17 -82.03
N ARG I 111 -59.16 -28.26 -81.31
CA ARG I 111 -58.32 -28.65 -80.18
C ARG I 111 -56.97 -29.19 -80.64
N SER I 112 -55.97 -29.05 -79.75
CA SER I 112 -54.64 -29.65 -79.93
C SER I 112 -54.32 -30.47 -78.69
N GLU I 113 -54.72 -31.74 -78.70
CA GLU I 113 -54.74 -32.58 -77.51
C GLU I 113 -53.37 -33.08 -77.08
N VAL I 114 -52.34 -32.90 -77.90
CA VAL I 114 -51.02 -33.45 -77.61
C VAL I 114 -50.35 -32.64 -76.52
N ILE I 115 -49.95 -33.31 -75.44
CA ILE I 115 -49.31 -32.67 -74.29
C ILE I 115 -47.99 -33.39 -74.04
N GLU I 116 -46.96 -32.63 -73.68
CA GLU I 116 -45.61 -33.16 -73.53
C GLU I 116 -45.18 -33.06 -72.07
N HIS I 117 -44.76 -34.18 -71.50
CA HIS I 117 -43.97 -34.16 -70.28
C HIS I 117 -42.57 -33.64 -70.61
N ILE I 118 -42.23 -32.44 -70.11
CA ILE I 118 -40.90 -31.86 -70.27
C ILE I 118 -40.45 -31.31 -68.92
N SER I 119 -39.20 -31.57 -68.56
CA SER I 119 -38.67 -30.96 -67.34
C SER I 119 -38.39 -29.48 -67.61
N THR I 120 -39.23 -28.62 -67.03
CA THR I 120 -39.15 -27.18 -67.28
C THR I 120 -37.87 -26.55 -66.77
N ALA I 121 -37.22 -27.14 -65.77
CA ALA I 121 -35.99 -26.56 -65.23
C ALA I 121 -34.85 -26.61 -66.24
N VAL I 122 -34.57 -27.78 -66.81
CA VAL I 122 -33.53 -27.87 -67.82
C VAL I 122 -33.95 -27.14 -69.09
N ALA I 123 -35.25 -27.20 -69.44
CA ALA I 123 -35.74 -26.50 -70.61
C ALA I 123 -35.49 -25.00 -70.53
N THR I 124 -35.83 -24.38 -69.41
CA THR I 124 -35.59 -22.96 -69.21
C THR I 124 -34.15 -22.64 -68.85
N ASN I 125 -33.35 -23.65 -68.54
CA ASN I 125 -31.95 -23.45 -68.25
C ASN I 125 -31.08 -23.47 -69.50
N LEU I 126 -31.17 -24.55 -70.28
CA LEU I 126 -30.19 -24.84 -71.32
C LEU I 126 -30.27 -23.85 -72.48
N SER I 127 -31.42 -23.20 -72.64
CA SER I 127 -31.64 -22.31 -73.78
C SER I 127 -30.68 -21.13 -73.77
N LYS I 128 -30.37 -20.60 -72.58
CA LYS I 128 -29.55 -19.40 -72.53
C LYS I 128 -28.07 -19.66 -72.78
N ARG I 129 -27.63 -20.92 -72.69
CA ARG I 129 -26.21 -21.23 -72.87
C ARG I 129 -25.96 -22.07 -74.12
N PHE I 130 -27.00 -22.42 -74.87
CA PHE I 130 -26.87 -22.98 -76.20
C PHE I 130 -27.34 -22.00 -77.27
N ALA I 131 -27.36 -20.72 -76.95
CA ALA I 131 -27.76 -19.70 -77.90
C ALA I 131 -26.67 -19.43 -78.93
N PRO I 132 -27.06 -19.07 -80.16
CA PRO I 132 -26.08 -18.56 -81.13
C PRO I 132 -25.60 -17.16 -80.79
N ILE I 133 -24.67 -16.65 -81.59
CA ILE I 133 -24.16 -15.29 -81.38
C ILE I 133 -25.28 -14.27 -81.57
N ASP I 134 -25.53 -13.52 -80.51
CA ASP I 134 -26.41 -12.37 -80.37
C ASP I 134 -25.61 -11.13 -80.74
N PRO I 135 -26.13 -10.24 -81.61
CA PRO I 135 -25.37 -9.04 -81.98
C PRO I 135 -24.89 -8.16 -80.83
N VAL I 136 -25.57 -8.19 -79.67
CA VAL I 136 -25.05 -7.44 -78.53
C VAL I 136 -23.72 -8.02 -78.07
N VAL I 137 -23.50 -9.32 -78.26
CA VAL I 137 -22.19 -9.90 -78.01
C VAL I 137 -21.23 -9.49 -79.11
N ALA I 138 -21.70 -9.53 -80.36
CA ALA I 138 -20.87 -9.28 -81.52
C ALA I 138 -20.29 -7.87 -81.51
N VAL I 139 -21.08 -6.91 -81.04
CA VAL I 139 -20.62 -5.55 -80.84
C VAL I 139 -19.45 -5.51 -79.86
N GLN I 140 -19.59 -6.23 -78.74
CA GLN I 140 -18.50 -6.30 -77.77
C GLN I 140 -17.26 -6.96 -78.36
N VAL I 141 -17.45 -8.00 -79.17
CA VAL I 141 -16.35 -8.66 -79.87
C VAL I 141 -15.63 -7.68 -80.78
N GLY I 142 -16.39 -6.96 -81.60
CA GLY I 142 -15.81 -5.95 -82.46
C GLY I 142 -15.06 -4.89 -81.68
N ALA I 143 -15.67 -4.38 -80.61
CA ALA I 143 -15.04 -3.35 -79.79
C ALA I 143 -13.72 -3.85 -79.20
N THR I 144 -13.69 -5.10 -78.75
CA THR I 144 -12.46 -5.70 -78.27
C THR I 144 -11.40 -5.77 -79.37
N MET I 145 -11.80 -6.19 -80.57
CA MET I 145 -10.81 -6.33 -81.64
C MET I 145 -10.31 -4.97 -82.11
N VAL I 146 -11.18 -3.96 -82.10
CA VAL I 146 -10.76 -2.57 -82.31
C VAL I 146 -9.74 -2.15 -81.26
N ALA I 147 -10.03 -2.44 -79.99
CA ALA I 147 -9.09 -2.12 -78.91
C ALA I 147 -7.73 -2.77 -79.14
N VAL I 148 -7.73 -4.05 -79.51
CA VAL I 148 -6.49 -4.75 -79.82
C VAL I 148 -5.76 -4.07 -80.96
N GLY I 149 -6.50 -3.67 -81.99
CA GLY I 149 -5.88 -3.02 -83.13
C GLY I 149 -5.26 -1.68 -82.78
N VAL I 150 -5.97 -0.86 -81.99
CA VAL I 150 -5.42 0.45 -81.66
C VAL I 150 -4.25 0.34 -80.70
N LEU I 151 -4.25 -0.68 -79.82
CA LEU I 151 -3.09 -0.89 -78.97
C LEU I 151 -1.89 -1.33 -79.79
N LEU I 152 -2.10 -2.22 -80.76
CA LEU I 152 -1.03 -2.60 -81.67
C LEU I 152 -0.51 -1.41 -82.44
N GLY I 153 -1.41 -0.56 -82.95
CA GLY I 153 -1.00 0.59 -83.73
C GLY I 153 -0.17 1.56 -82.91
N SER I 154 -0.60 1.81 -81.67
CA SER I 154 0.15 2.69 -80.79
C SER I 154 1.52 2.10 -80.47
N ALA I 155 1.58 0.79 -80.23
CA ALA I 155 2.86 0.14 -79.96
C ALA I 155 3.78 0.22 -81.17
N LEU I 156 3.24 0.02 -82.36
CA LEU I 156 4.04 0.13 -83.58
C LEU I 156 4.57 1.54 -83.78
N LEU I 157 3.74 2.54 -83.54
CA LEU I 157 4.20 3.92 -83.68
C LEU I 157 5.27 4.26 -82.66
N GLY I 158 5.11 3.78 -81.42
CA GLY I 158 6.15 3.97 -80.43
C GLY I 158 7.44 3.26 -80.77
N TRP I 159 7.33 2.06 -81.35
CA TRP I 159 8.50 1.33 -81.82
C TRP I 159 9.23 2.08 -82.93
N TRP I 160 8.48 2.64 -83.87
CA TRP I 160 9.09 3.49 -84.89
C TRP I 160 9.78 4.70 -84.27
N ARG I 161 9.11 5.38 -83.35
CA ARG I 161 9.68 6.58 -82.75
C ARG I 161 10.95 6.27 -81.97
N TRP I 162 10.98 5.12 -81.32
CA TRP I 162 12.18 4.67 -80.63
C TRP I 162 13.29 4.32 -81.63
N GLN I 163 12.94 3.56 -82.67
CA GLN I 163 13.96 3.11 -83.62
C GLN I 163 14.37 4.21 -84.59
N HIS I 164 13.42 5.01 -85.05
CA HIS I 164 13.65 6.02 -86.08
C HIS I 164 13.19 7.37 -85.53
N GLU I 165 14.13 8.16 -85.02
CA GLU I 165 13.79 9.46 -84.46
C GLU I 165 13.30 10.39 -85.56
N SER I 166 12.00 10.64 -85.59
CA SER I 166 11.39 11.47 -86.63
C SER I 166 10.12 12.10 -86.08
N TRP I 167 9.71 13.18 -86.74
CA TRP I 167 8.48 13.89 -86.39
C TRP I 167 7.22 13.22 -86.94
N LEU I 168 7.38 12.21 -87.80
CA LEU I 168 6.25 11.61 -88.49
C LEU I 168 5.20 10.89 -87.64
N PRO I 169 5.52 10.07 -86.62
CA PRO I 169 4.45 9.31 -85.94
C PRO I 169 3.67 10.10 -84.90
N ALA I 170 4.23 11.21 -84.40
CA ALA I 170 3.59 11.93 -83.31
C ALA I 170 2.23 12.53 -83.67
N PRO I 171 2.04 13.22 -84.80
CA PRO I 171 0.70 13.78 -85.03
C PRO I 171 -0.29 12.70 -85.42
N PHE I 172 0.16 11.64 -86.09
CA PHE I 172 -0.77 10.63 -86.55
C PHE I 172 -1.35 9.84 -85.38
N ALA I 173 -0.50 9.55 -84.37
CA ALA I 173 -1.03 8.86 -83.20
C ALA I 173 -2.04 9.74 -82.46
N ALA I 174 -1.81 11.05 -82.46
CA ALA I 174 -2.74 11.98 -81.84
C ALA I 174 -4.07 11.98 -82.58
N VAL I 175 -4.02 11.91 -83.92
CA VAL I 175 -5.25 11.88 -84.71
C VAL I 175 -6.05 10.63 -84.42
N ILE I 176 -5.38 9.47 -84.38
CA ILE I 176 -6.07 8.22 -84.10
C ILE I 176 -6.67 8.25 -82.70
N ALA I 177 -5.91 8.74 -81.73
CA ALA I 177 -6.42 8.81 -80.36
C ALA I 177 -7.62 9.73 -80.25
N VAL I 178 -7.57 10.88 -80.92
CA VAL I 178 -8.66 11.84 -80.84
C VAL I 178 -9.93 11.26 -81.45
N LEU I 179 -9.81 10.62 -82.62
CA LEU I 179 -11.00 10.07 -83.24
C LEU I 179 -11.58 8.92 -82.42
N VAL I 180 -10.73 8.06 -81.86
CA VAL I 180 -11.20 6.93 -81.07
C VAL I 180 -11.87 7.41 -79.78
N LEU I 181 -11.26 8.40 -79.11
CA LEU I 181 -11.84 8.90 -77.86
C LEU I 181 -13.16 9.63 -78.11
N THR I 182 -13.26 10.35 -79.23
CA THR I 182 -14.52 11.00 -79.54
C THR I 182 -15.60 9.98 -79.86
N VAL I 183 -15.24 8.90 -80.56
CA VAL I 183 -16.20 7.83 -80.82
C VAL I 183 -16.65 7.19 -79.50
N ALA I 184 -15.70 6.97 -78.59
CA ALA I 184 -16.01 6.37 -77.29
C ALA I 184 -16.90 7.27 -76.46
N THR I 185 -16.64 8.58 -76.49
CA THR I 185 -17.47 9.52 -75.74
C THR I 185 -18.87 9.58 -76.32
N MET I 186 -18.99 9.53 -77.65
CA MET I 186 -20.29 9.48 -78.28
C MET I 186 -21.03 8.21 -77.91
N ILE I 187 -20.30 7.09 -77.79
CA ILE I 187 -20.91 5.86 -77.32
C ILE I 187 -21.38 6.02 -75.88
N LEU I 188 -20.56 6.64 -75.04
CA LEU I 188 -20.92 6.87 -73.66
C LEU I 188 -21.87 8.04 -73.48
N ALA I 189 -22.22 8.75 -74.55
CA ALA I 189 -23.12 9.89 -74.47
C ALA I 189 -24.59 9.48 -74.36
N ARG I 190 -24.85 8.19 -74.08
CA ARG I 190 -26.15 7.56 -73.86
C ARG I 190 -26.98 7.46 -75.12
N SER I 191 -26.48 7.94 -76.27
CA SER I 191 -27.32 7.99 -77.47
C SER I 191 -27.48 6.62 -78.11
N LYS I 192 -26.49 5.74 -77.97
CA LYS I 192 -26.55 4.44 -78.63
C LYS I 192 -26.31 3.26 -77.70
N THR I 193 -25.97 3.50 -76.42
CA THR I 193 -25.66 2.41 -75.50
C THR I 193 -26.12 2.82 -74.11
N VAL I 194 -27.31 2.37 -73.72
CA VAL I 194 -27.75 2.49 -72.33
C VAL I 194 -27.22 1.36 -71.45
N PRO I 195 -27.44 0.03 -71.75
CA PRO I 195 -27.06 -0.97 -70.75
C PRO I 195 -25.62 -1.45 -70.81
N ASP I 196 -24.98 -1.37 -71.97
CA ASP I 196 -23.62 -1.88 -72.14
C ASP I 196 -22.67 -0.71 -72.26
N ARG I 197 -22.18 -0.27 -71.10
CA ARG I 197 -21.06 0.65 -71.03
C ARG I 197 -19.75 -0.04 -71.34
N ARG I 198 -19.77 -1.35 -71.51
CA ARG I 198 -18.57 -2.13 -71.74
C ARG I 198 -17.88 -1.69 -73.02
N VAL I 199 -18.66 -1.48 -74.08
CA VAL I 199 -18.07 -1.05 -75.35
C VAL I 199 -17.40 0.29 -75.19
N GLY I 200 -18.10 1.23 -74.55
CA GLY I 200 -17.54 2.54 -74.32
C GLY I 200 -16.32 2.51 -73.43
N ASP I 201 -16.36 1.68 -72.39
CA ASP I 201 -15.23 1.61 -71.47
C ASP I 201 -14.01 1.00 -72.14
N ILE I 202 -14.20 -0.05 -72.95
CA ILE I 202 -13.08 -0.67 -73.65
C ILE I 202 -12.49 0.29 -74.66
N LEU I 203 -13.33 0.99 -75.42
CA LEU I 203 -12.82 1.95 -76.38
C LEU I 203 -12.10 3.09 -75.67
N LEU I 204 -12.68 3.63 -74.61
CA LEU I 204 -12.10 4.75 -73.90
C LEU I 204 -10.75 4.36 -73.33
N LEU I 205 -10.67 3.16 -72.75
CA LEU I 205 -9.42 2.69 -72.16
C LEU I 205 -8.38 2.47 -73.24
N SER I 206 -8.81 1.98 -74.40
CA SER I 206 -7.86 1.67 -75.45
C SER I 206 -7.36 2.93 -76.12
N GLY I 207 -8.22 3.93 -76.25
CA GLY I 207 -7.82 5.12 -76.99
C GLY I 207 -6.88 6.04 -76.24
N LEU I 208 -6.73 5.85 -74.93
CA LEU I 208 -5.84 6.72 -74.19
C LEU I 208 -4.38 6.39 -74.42
N VAL I 209 -4.07 5.15 -74.76
CA VAL I 209 -2.69 4.74 -75.04
C VAL I 209 -2.11 5.43 -76.28
N PRO I 210 -2.82 5.54 -77.43
CA PRO I 210 -2.28 6.37 -78.51
C PRO I 210 -2.06 7.81 -78.14
N LEU I 211 -2.88 8.36 -77.24
CA LEU I 211 -2.70 9.72 -76.78
C LEU I 211 -1.37 9.87 -76.04
N ALA I 212 -1.08 8.93 -75.14
CA ALA I 212 0.19 8.98 -74.42
C ALA I 212 1.36 8.74 -75.36
N VAL I 213 1.18 7.88 -76.36
CA VAL I 213 2.23 7.63 -77.34
C VAL I 213 2.54 8.90 -78.14
N ALA I 214 1.49 9.61 -78.56
CA ALA I 214 1.68 10.85 -79.30
C ALA I 214 2.34 11.92 -78.46
N ILE I 215 1.93 12.03 -77.19
CA ILE I 215 2.51 13.02 -76.31
C ILE I 215 3.98 12.73 -76.05
N ALA I 216 4.33 11.46 -75.87
CA ALA I 216 5.73 11.10 -75.66
C ALA I 216 6.55 11.30 -76.93
N ALA I 217 5.97 11.02 -78.09
CA ALA I 217 6.70 11.21 -79.34
C ALA I 217 6.80 12.67 -79.75
N THR I 218 6.01 13.54 -79.15
CA THR I 218 6.13 14.98 -79.40
C THR I 218 7.48 15.50 -78.93
N ALA I 219 7.96 15.02 -77.79
CA ALA I 219 9.24 15.46 -77.27
C ALA I 219 10.40 14.99 -78.16
N PRO I 220 11.44 15.80 -78.33
CA PRO I 220 12.54 15.42 -79.22
C PRO I 220 13.49 14.41 -78.59
N GLY I 221 14.59 14.13 -79.28
CA GLY I 221 15.57 13.18 -78.79
C GLY I 221 15.29 11.77 -79.28
N PRO I 222 16.20 10.84 -78.98
CA PRO I 222 15.98 9.44 -79.37
C PRO I 222 14.77 8.82 -78.66
N VAL I 223 14.77 8.86 -77.33
CA VAL I 223 13.59 8.53 -76.54
C VAL I 223 12.71 9.77 -76.49
N GLY I 224 11.49 9.64 -75.98
CA GLY I 224 10.72 10.80 -75.59
C GLY I 224 11.51 11.52 -74.52
N ALA I 225 11.85 12.80 -74.78
CA ALA I 225 12.97 13.52 -74.16
C ALA I 225 13.22 13.27 -72.68
N PRO I 226 12.23 13.29 -71.76
CA PRO I 226 12.59 12.95 -70.37
C PRO I 226 12.53 11.46 -70.11
N HIS I 227 13.04 10.66 -71.06
CA HIS I 227 12.87 9.21 -71.07
C HIS I 227 11.41 8.83 -70.88
N ALA I 228 10.53 9.53 -71.63
CA ALA I 228 9.08 9.31 -71.65
C ALA I 228 8.43 9.44 -70.27
N VAL I 229 8.80 10.49 -69.53
CA VAL I 229 8.05 10.83 -68.32
C VAL I 229 6.65 11.29 -68.70
N LEU I 230 6.57 12.14 -69.71
CA LEU I 230 5.33 12.87 -69.99
C LEU I 230 4.24 11.95 -70.51
N GLY I 231 4.60 10.90 -71.25
CA GLY I 231 3.60 9.96 -71.71
C GLY I 231 2.95 9.20 -70.56
N PHE I 232 3.77 8.69 -69.63
CA PHE I 232 3.24 8.01 -68.47
C PHE I 232 2.44 8.95 -67.60
N GLY I 233 2.90 10.19 -67.47
CA GLY I 233 2.17 11.16 -66.67
C GLY I 233 0.82 11.51 -67.23
N VAL I 234 0.76 11.75 -68.55
CA VAL I 234 -0.51 12.10 -69.16
C VAL I 234 -1.45 10.91 -69.16
N PHE I 235 -0.93 9.70 -69.32
CA PHE I 235 -1.81 8.53 -69.26
C PHE I 235 -2.33 8.31 -67.85
N GLY I 236 -1.49 8.53 -66.85
CA GLY I 236 -1.93 8.38 -65.47
C GLY I 236 -2.98 9.39 -65.09
N VAL I 237 -2.77 10.65 -65.44
CA VAL I 237 -3.77 11.66 -65.08
C VAL I 237 -5.04 11.46 -65.90
N ALA I 238 -4.91 10.97 -67.13
CA ALA I 238 -6.10 10.65 -67.91
C ALA I 238 -6.90 9.54 -67.25
N ALA I 239 -6.22 8.51 -66.74
CA ALA I 239 -6.93 7.45 -66.05
C ALA I 239 -7.55 7.93 -64.75
N MET I 240 -6.88 8.84 -64.05
CA MET I 240 -7.46 9.41 -62.83
C MET I 240 -8.74 10.18 -63.14
N LEU I 241 -8.71 11.00 -64.19
CA LEU I 241 -9.92 11.72 -64.57
C LEU I 241 -11.01 10.79 -65.07
N VAL I 242 -10.65 9.70 -65.74
CA VAL I 242 -11.65 8.73 -66.17
C VAL I 242 -12.33 8.10 -64.96
N MET I 243 -11.54 7.71 -63.97
CA MET I 243 -12.09 7.18 -62.72
C MET I 243 -12.98 8.21 -62.05
N ARG I 244 -12.54 9.46 -61.96
CA ARG I 244 -13.33 10.50 -61.31
C ARG I 244 -14.65 10.75 -62.03
N PHE I 245 -14.67 10.63 -63.35
CA PHE I 245 -15.92 10.87 -64.07
C PHE I 245 -16.75 9.60 -64.24
N THR I 246 -16.13 8.53 -64.73
CA THR I 246 -16.89 7.30 -64.97
C THR I 246 -17.02 6.46 -63.71
N GLY I 247 -15.90 6.16 -63.07
CA GLY I 247 -15.90 5.30 -61.89
C GLY I 247 -16.34 3.88 -62.08
N ARG I 248 -16.29 3.34 -63.30
CA ARG I 248 -16.81 2.00 -63.51
C ARG I 248 -15.74 0.93 -63.34
N ARG I 249 -14.66 1.00 -64.13
CA ARG I 249 -13.63 -0.02 -64.09
C ARG I 249 -12.50 0.41 -63.16
N LEU I 250 -12.79 0.48 -61.86
CA LEU I 250 -11.84 1.08 -60.93
C LEU I 250 -10.54 0.28 -60.83
N GLY I 251 -10.65 -1.05 -60.81
CA GLY I 251 -9.47 -1.88 -60.65
C GLY I 251 -8.43 -1.67 -61.73
N VAL I 252 -8.88 -1.61 -62.99
CA VAL I 252 -7.97 -1.59 -64.11
C VAL I 252 -7.21 -0.27 -64.16
N TYR I 253 -7.95 0.84 -64.17
CA TYR I 253 -7.28 2.13 -64.18
C TYR I 253 -6.53 2.38 -62.89
N THR I 254 -6.92 1.78 -61.77
CA THR I 254 -6.14 1.95 -60.56
C THR I 254 -4.78 1.28 -60.66
N ALA I 255 -4.74 0.09 -61.25
CA ALA I 255 -3.46 -0.57 -61.50
C ALA I 255 -2.63 0.24 -62.48
N LEU I 256 -3.27 0.78 -63.52
CA LEU I 256 -2.53 1.57 -64.51
C LEU I 256 -2.00 2.86 -63.91
N VAL I 257 -2.76 3.49 -63.01
CA VAL I 257 -2.29 4.67 -62.31
C VAL I 257 -1.10 4.33 -61.43
N THR I 258 -1.12 3.16 -60.78
CA THR I 258 0.02 2.75 -59.97
C THR I 258 1.28 2.61 -60.82
N LEU I 259 1.15 1.93 -61.96
CA LEU I 259 2.29 1.76 -62.85
C LEU I 259 2.80 3.10 -63.36
N CYS I 260 1.88 3.99 -63.74
CA CYS I 260 2.28 5.28 -64.28
C CYS I 260 2.93 6.16 -63.24
N ALA I 261 2.43 6.11 -62.00
CA ALA I 261 3.03 6.92 -60.94
C ALA I 261 4.46 6.47 -60.65
N ALA I 262 4.68 5.16 -60.60
CA ALA I 262 6.03 4.66 -60.38
C ALA I 262 6.94 5.02 -61.54
N ALA I 263 6.45 4.88 -62.78
CA ALA I 263 7.27 5.19 -63.94
C ALA I 263 7.64 6.67 -63.99
N THR I 264 6.69 7.55 -63.67
CA THR I 264 6.98 8.98 -63.71
C THR I 264 7.95 9.38 -62.62
N ALA I 265 7.82 8.81 -61.42
CA ALA I 265 8.77 9.12 -60.36
C ALA I 265 10.17 8.66 -60.74
N ALA I 266 10.29 7.45 -61.29
CA ALA I 266 11.60 6.93 -61.67
C ALA I 266 12.21 7.77 -62.80
N GLY I 267 11.40 8.17 -63.77
CA GLY I 267 11.92 8.98 -64.86
C GLY I 267 12.32 10.38 -64.43
N LEU I 268 11.54 10.98 -63.53
CA LEU I 268 11.91 12.31 -63.03
C LEU I 268 13.20 12.26 -62.23
N ALA I 269 13.38 11.24 -61.40
CA ALA I 269 14.65 11.15 -60.68
C ALA I 269 15.80 10.80 -61.63
N ARG I 270 15.49 10.13 -62.73
CA ARG I 270 16.51 9.81 -63.72
C ARG I 270 16.95 11.07 -64.45
N MET I 271 16.01 11.93 -64.82
CA MET I 271 16.40 13.09 -65.61
C MET I 271 16.99 14.18 -64.72
N VAL I 272 16.45 14.37 -63.52
CA VAL I 272 16.93 15.45 -62.68
C VAL I 272 18.23 15.06 -62.00
N LEU I 273 18.29 13.89 -61.39
CA LEU I 273 19.46 13.54 -60.59
C LEU I 273 20.50 12.77 -61.36
N LEU I 274 20.14 12.19 -62.51
CA LEU I 274 21.03 11.35 -63.32
C LEU I 274 21.60 10.20 -62.50
N THR I 275 20.75 9.61 -61.67
CA THR I 275 21.20 8.52 -60.83
C THR I 275 21.19 7.21 -61.59
N SER I 276 21.75 6.18 -60.96
CA SER I 276 21.86 4.88 -61.59
C SER I 276 20.50 4.20 -61.67
N ALA I 277 20.39 3.28 -62.62
CA ALA I 277 19.14 2.54 -62.77
C ALA I 277 18.94 1.59 -61.61
N VAL I 278 20.02 1.10 -61.02
CA VAL I 278 19.92 0.22 -59.85
C VAL I 278 19.30 0.96 -58.68
N THR I 279 19.73 2.21 -58.48
CA THR I 279 19.15 3.04 -57.43
C THR I 279 17.66 3.26 -57.66
N LEU I 280 17.27 3.52 -58.92
CA LEU I 280 15.86 3.72 -59.24
C LEU I 280 15.05 2.47 -58.97
N LEU I 281 15.54 1.32 -59.43
CA LEU I 281 14.81 0.07 -59.24
C LEU I 281 14.66 -0.24 -57.75
N THR I 282 15.72 -0.05 -56.98
CA THR I 282 15.63 -0.44 -55.59
C THR I 282 14.79 0.55 -54.78
N CYS I 283 14.81 1.84 -55.13
CA CYS I 283 13.95 2.74 -54.37
C CYS I 283 12.48 2.58 -54.75
N VAL I 284 12.20 2.22 -56.00
CA VAL I 284 10.82 1.87 -56.35
C VAL I 284 10.41 0.60 -55.63
N LEU I 285 11.35 -0.33 -55.44
CA LEU I 285 11.08 -1.52 -54.63
C LEU I 285 10.76 -1.16 -53.19
N LEU I 286 11.53 -0.27 -52.60
CA LEU I 286 11.25 0.14 -51.23
C LEU I 286 9.90 0.83 -51.14
N ALA I 287 9.56 1.63 -52.14
CA ALA I 287 8.26 2.28 -52.18
C ALA I 287 7.12 1.28 -52.26
N CYS I 288 7.27 0.24 -53.08
CA CYS I 288 6.18 -0.71 -53.22
C CYS I 288 6.07 -1.61 -52.00
N VAL I 289 7.20 -1.92 -51.36
CA VAL I 289 7.16 -2.65 -50.10
C VAL I 289 6.43 -1.85 -49.04
N LEU I 290 6.71 -0.55 -48.97
CA LEU I 290 5.97 0.32 -48.07
C LEU I 290 4.49 0.38 -48.46
N MET I 291 4.21 0.32 -49.74
CA MET I 291 2.86 0.54 -50.22
C MET I 291 1.98 -0.67 -49.98
N TYR I 292 2.56 -1.88 -49.94
CA TYR I 292 1.77 -3.06 -49.64
C TYR I 292 1.15 -2.99 -48.26
N HIS I 293 1.80 -2.31 -47.34
CA HIS I 293 1.26 -2.13 -46.01
C HIS I 293 0.17 -1.06 -45.98
N GLY I 294 0.29 -0.04 -46.81
CA GLY I 294 -0.68 1.01 -46.79
C GLY I 294 -1.80 0.85 -47.77
N ALA I 295 -1.83 -0.26 -48.47
CA ALA I 295 -2.85 -0.46 -49.50
C ALA I 295 -4.26 -0.61 -48.95
N PRO I 296 -4.52 -1.32 -47.82
CA PRO I 296 -5.89 -1.28 -47.28
C PRO I 296 -6.35 0.10 -46.87
N ALA I 297 -5.49 0.88 -46.23
CA ALA I 297 -5.86 2.23 -45.81
C ALA I 297 -6.15 3.12 -47.00
N LEU I 298 -5.26 3.12 -47.99
CA LEU I 298 -5.50 3.87 -49.23
C LEU I 298 -6.78 3.43 -49.92
N SER I 299 -7.08 2.13 -49.92
CA SER I 299 -8.31 1.69 -50.54
C SER I 299 -9.55 2.06 -49.74
N ARG I 300 -9.44 2.19 -48.43
CA ARG I 300 -10.50 2.86 -47.69
C ARG I 300 -10.67 4.29 -48.16
N TRP I 301 -9.56 5.02 -48.22
CA TRP I 301 -9.62 6.46 -48.44
C TRP I 301 -10.13 6.82 -49.82
N LEU I 302 -9.74 6.06 -50.83
CA LEU I 302 -10.16 6.35 -52.19
C LEU I 302 -11.61 5.94 -52.43
N SER I 303 -12.10 4.96 -51.70
CA SER I 303 -13.49 4.55 -51.85
C SER I 303 -14.47 5.53 -51.23
N GLY I 304 -13.98 6.59 -50.60
CA GLY I 304 -14.85 7.56 -49.99
C GLY I 304 -15.63 7.07 -48.79
N ILE I 305 -15.23 5.93 -48.22
CA ILE I 305 -15.65 5.61 -46.87
C ILE I 305 -15.03 6.65 -45.95
N ARG I 306 -15.86 7.33 -45.18
CA ARG I 306 -15.37 8.22 -44.13
C ARG I 306 -15.88 7.76 -42.79
N LEU I 307 -15.00 7.70 -41.83
CA LEU I 307 -15.31 7.30 -40.48
C LEU I 307 -15.98 8.45 -39.73
N PRO I 308 -16.81 8.15 -38.73
CA PRO I 308 -17.66 9.18 -38.11
C PRO I 308 -16.87 10.32 -37.50
N VAL I 309 -17.45 11.52 -37.57
CA VAL I 309 -16.96 12.61 -36.75
C VAL I 309 -17.17 12.32 -35.28
N PHE I 310 -16.44 13.05 -34.45
CA PHE I 310 -16.51 12.89 -33.02
C PHE I 310 -17.13 14.11 -32.33
N PRO I 311 -18.11 13.90 -31.47
CA PRO I 311 -18.65 15.01 -30.66
C PRO I 311 -17.67 15.50 -29.61
N SER I 312 -16.67 16.27 -30.03
CA SER I 312 -15.57 16.63 -29.15
C SER I 312 -15.98 17.58 -28.02
N ALA I 313 -16.90 18.51 -28.30
CA ALA I 313 -17.30 19.45 -27.27
C ALA I 313 -18.78 19.82 -27.27
N THR I 314 -19.60 19.21 -28.13
CA THR I 314 -20.99 19.62 -28.23
C THR I 314 -21.83 19.14 -27.05
N SER I 315 -21.40 18.09 -26.35
CA SER I 315 -21.97 17.57 -25.11
C SER I 315 -23.41 17.08 -25.25
N ARG I 316 -23.95 17.00 -26.46
CA ARG I 316 -25.23 16.37 -26.70
C ARG I 316 -24.97 15.00 -27.29
N TRP I 317 -25.58 13.96 -26.71
CA TRP I 317 -25.42 12.61 -27.20
C TRP I 317 -26.71 11.93 -27.65
N VAL I 318 -27.88 12.41 -27.28
CA VAL I 318 -29.14 11.79 -27.70
C VAL I 318 -29.74 12.61 -28.82
N PHE I 319 -30.12 11.93 -29.92
CA PHE I 319 -30.63 12.60 -31.13
C PHE I 319 -31.68 11.68 -31.77
N GLU I 320 -32.90 11.76 -31.25
CA GLU I 320 -33.97 10.83 -31.66
C GLU I 320 -34.58 11.20 -33.01
N ALA I 321 -33.75 11.47 -34.02
CA ALA I 321 -34.24 11.99 -35.30
C ALA I 321 -34.85 10.92 -36.22
N ARG I 322 -34.67 9.63 -35.90
CA ARG I 322 -35.16 8.44 -36.62
C ARG I 322 -35.12 8.57 -38.15
N PRO I 323 -33.92 8.57 -38.74
CA PRO I 323 -33.75 8.91 -40.17
C PRO I 323 -34.66 8.14 -41.13
N ASP I 324 -35.33 8.89 -42.00
CA ASP I 324 -36.42 8.39 -42.82
C ASP I 324 -35.92 7.74 -44.11
N LEU I 325 -36.74 6.85 -44.64
CA LEU I 325 -36.43 5.99 -45.77
C LEU I 325 -36.17 6.79 -47.04
N PRO I 326 -35.00 6.67 -47.66
CA PRO I 326 -34.92 6.86 -49.11
C PRO I 326 -35.69 5.76 -49.81
N THR I 327 -36.32 6.11 -50.93
CA THR I 327 -37.18 5.18 -51.64
C THR I 327 -36.93 5.30 -53.13
N THR I 328 -36.97 4.16 -53.82
CA THR I 328 -36.64 4.10 -55.24
C THR I 328 -37.82 3.48 -55.99
N VAL I 329 -38.41 4.26 -56.89
CA VAL I 329 -39.43 3.74 -57.80
C VAL I 329 -38.77 2.88 -58.85
N VAL I 330 -39.40 1.74 -59.16
CA VAL I 330 -38.87 0.83 -60.17
C VAL I 330 -38.79 1.52 -61.52
N VAL I 331 -37.68 1.29 -62.23
CA VAL I 331 -37.37 1.99 -63.47
C VAL I 331 -38.42 1.76 -64.56
N SER I 332 -39.16 0.65 -64.48
CA SER I 332 -40.32 0.47 -65.35
C SER I 332 -41.36 1.55 -65.16
N GLY I 333 -41.44 2.14 -63.97
CA GLY I 333 -42.24 3.32 -63.73
C GLY I 333 -43.74 3.15 -63.75
N GLY I 334 -44.23 2.08 -64.35
CA GLY I 334 -45.66 1.90 -64.57
C GLY I 334 -46.41 1.50 -63.31
N GLY I 335 -46.45 2.39 -62.32
CA GLY I 335 -47.32 2.20 -61.19
C GLY I 335 -46.82 1.21 -60.16
N GLN I 336 -45.53 0.95 -60.16
CA GLN I 336 -44.96 -0.02 -59.24
C GLN I 336 -45.03 0.49 -57.81
N PRO I 337 -45.56 -0.30 -56.87
CA PRO I 337 -45.32 -0.01 -55.46
C PRO I 337 -43.82 -0.02 -55.19
N THR I 338 -43.37 0.95 -54.41
CA THR I 338 -42.01 1.45 -54.50
C THR I 338 -41.21 1.02 -53.27
N LEU I 339 -39.94 0.70 -53.48
CA LEU I 339 -39.09 0.02 -52.52
C LEU I 339 -38.48 1.03 -51.55
N GLU I 340 -38.06 0.54 -50.39
CA GLU I 340 -37.62 1.38 -49.28
C GLU I 340 -36.28 0.90 -48.74
N GLY I 341 -35.28 1.76 -48.80
CA GLY I 341 -34.01 1.52 -48.15
C GLY I 341 -33.88 2.32 -46.87
N PRO I 342 -33.06 1.82 -45.94
CA PRO I 342 -33.06 2.39 -44.58
C PRO I 342 -32.55 3.82 -44.45
N ALA I 343 -31.49 4.20 -45.16
CA ALA I 343 -30.93 5.54 -45.02
C ALA I 343 -29.87 5.74 -46.10
N SER I 344 -29.17 6.87 -46.00
CA SER I 344 -27.92 7.10 -46.73
C SER I 344 -26.89 6.01 -46.52
N VAL I 345 -26.91 5.34 -45.37
CA VAL I 345 -26.06 4.19 -45.07
C VAL I 345 -26.15 3.06 -46.09
N ARG I 346 -27.19 3.04 -46.92
CA ARG I 346 -27.24 2.12 -48.04
C ARG I 346 -26.13 2.34 -49.05
N ASP I 347 -25.52 3.53 -49.08
CA ASP I 347 -24.35 3.75 -49.92
C ASP I 347 -23.09 3.03 -49.45
N VAL I 348 -23.07 2.57 -48.21
CA VAL I 348 -21.98 1.73 -47.72
C VAL I 348 -21.84 0.47 -48.57
N LEU I 349 -22.96 -0.14 -48.94
CA LEU I 349 -22.93 -1.31 -49.80
C LEU I 349 -22.29 -1.04 -51.16
N LEU I 350 -22.44 0.17 -51.69
CA LEU I 350 -21.70 0.52 -52.91
C LEU I 350 -20.23 0.80 -52.63
N ARG I 351 -19.95 1.56 -51.58
CA ARG I 351 -18.58 1.99 -51.31
C ARG I 351 -17.68 0.82 -50.95
N ALA I 352 -18.21 -0.18 -50.26
CA ALA I 352 -17.44 -1.38 -49.97
C ALA I 352 -16.98 -2.09 -51.24
N GLU I 353 -17.91 -2.35 -52.17
CA GLU I 353 -17.56 -2.98 -53.44
C GLU I 353 -16.56 -2.14 -54.23
N ARG I 354 -16.63 -0.83 -54.08
CA ARG I 354 -15.61 0.00 -54.72
C ARG I 354 -14.26 -0.17 -54.04
N ALA I 355 -14.24 -0.19 -52.70
CA ALA I 355 -12.99 -0.35 -51.96
C ALA I 355 -12.30 -1.65 -52.32
N ARG I 356 -13.06 -2.74 -52.40
CA ARG I 356 -12.54 -4.00 -52.90
C ARG I 356 -11.92 -3.87 -54.29
N SER I 357 -12.58 -3.16 -55.19
CA SER I 357 -12.04 -3.04 -56.55
C SER I 357 -10.75 -2.22 -56.58
N PHE I 358 -10.69 -1.18 -55.74
CA PHE I 358 -9.44 -0.44 -55.58
C PHE I 358 -8.34 -1.34 -55.05
N LEU I 359 -8.63 -2.09 -54.00
CA LEU I 359 -7.59 -2.88 -53.34
C LEU I 359 -7.01 -3.92 -54.30
N THR I 360 -7.89 -4.58 -55.06
CA THR I 360 -7.42 -5.53 -56.07
C THR I 360 -6.56 -4.83 -57.12
N GLY I 361 -6.93 -3.62 -57.51
CA GLY I 361 -6.10 -2.88 -58.44
C GLY I 361 -4.73 -2.55 -57.88
N LEU I 362 -4.69 -2.12 -56.63
CA LEU I 362 -3.43 -1.80 -55.97
C LEU I 362 -2.51 -3.01 -55.95
N LEU I 363 -3.02 -4.14 -55.49
CA LEU I 363 -2.17 -5.32 -55.36
C LEU I 363 -1.64 -5.79 -56.71
N VAL I 364 -2.48 -5.75 -57.75
CA VAL I 364 -2.00 -6.08 -59.09
C VAL I 364 -0.88 -5.15 -59.52
N GLY I 365 -1.09 -3.85 -59.38
CA GLY I 365 -0.08 -2.90 -59.83
C GLY I 365 1.22 -3.03 -59.07
N LEU I 366 1.14 -3.18 -57.76
CA LEU I 366 2.36 -3.34 -56.96
C LEU I 366 3.04 -4.65 -57.27
N GLY I 367 2.28 -5.68 -57.61
CA GLY I 367 2.87 -6.93 -58.05
C GLY I 367 3.70 -6.75 -59.30
N VAL I 368 3.13 -6.09 -60.30
CA VAL I 368 3.86 -5.87 -61.54
C VAL I 368 5.12 -5.06 -61.28
N LEU I 369 5.01 -4.04 -60.44
CA LEU I 369 6.17 -3.22 -60.14
C LEU I 369 7.26 -4.00 -59.43
N THR I 370 6.90 -4.85 -58.48
CA THR I 370 7.98 -5.52 -57.76
C THR I 370 8.57 -6.68 -58.55
N VAL I 371 7.85 -7.24 -59.52
CA VAL I 371 8.49 -8.18 -60.43
C VAL I 371 9.46 -7.45 -61.33
N VAL I 372 9.06 -6.28 -61.83
CA VAL I 372 9.94 -5.53 -62.71
C VAL I 372 11.19 -5.10 -61.93
N CYS I 373 11.00 -4.66 -60.68
CA CYS I 373 12.14 -4.19 -59.92
C CYS I 373 13.07 -5.34 -59.57
N LEU I 374 12.55 -6.55 -59.40
CA LEU I 374 13.47 -7.65 -59.14
C LEU I 374 14.02 -8.26 -60.41
N ALA I 375 13.65 -7.72 -61.56
CA ALA I 375 14.37 -8.10 -62.78
C ALA I 375 15.73 -7.41 -62.87
N GLY I 376 16.05 -6.49 -61.98
CA GLY I 376 17.34 -5.83 -61.91
C GLY I 376 18.47 -6.62 -61.27
N LEU I 377 18.53 -7.92 -61.52
CA LEU I 377 19.53 -8.81 -60.92
C LEU I 377 20.47 -9.42 -61.95
N CYS I 378 20.83 -8.66 -62.99
CA CYS I 378 21.39 -9.19 -64.23
C CYS I 378 22.61 -10.09 -64.06
N ASP I 379 23.63 -9.61 -63.35
CA ASP I 379 24.90 -10.32 -63.32
C ASP I 379 24.83 -11.60 -62.48
N PRO I 380 25.72 -12.56 -62.74
CA PRO I 380 25.78 -13.76 -61.90
C PRO I 380 26.24 -13.46 -60.48
N HIS I 381 25.92 -14.41 -59.59
CA HIS I 381 25.97 -14.20 -58.14
C HIS I 381 27.38 -14.02 -57.59
N ALA I 382 28.43 -14.28 -58.37
CA ALA I 382 29.78 -14.01 -57.88
C ALA I 382 29.99 -12.51 -57.76
N GLY I 383 30.59 -12.10 -56.66
CA GLY I 383 30.75 -10.68 -56.38
C GLY I 383 29.70 -10.20 -55.41
N ARG I 384 29.18 -8.99 -55.61
CA ARG I 384 28.17 -8.45 -54.72
C ARG I 384 26.77 -8.94 -55.04
N ARG I 385 26.63 -9.88 -55.96
CA ARG I 385 25.34 -10.15 -56.56
C ARG I 385 24.53 -11.18 -55.80
N TRP I 386 25.05 -11.79 -54.73
CA TRP I 386 24.16 -12.59 -53.92
C TRP I 386 23.23 -11.73 -53.08
N LEU I 387 23.62 -10.49 -52.81
CA LEU I 387 22.78 -9.59 -52.02
C LEU I 387 21.44 -9.28 -52.70
N PRO I 388 21.36 -8.90 -53.98
CA PRO I 388 20.04 -8.73 -54.57
C PRO I 388 19.26 -10.02 -54.69
N LEU I 389 19.95 -11.14 -54.87
CA LEU I 389 19.26 -12.43 -54.88
C LEU I 389 18.68 -12.76 -53.51
N LEU I 390 19.43 -12.45 -52.46
CA LEU I 390 18.92 -12.63 -51.10
C LEU I 390 17.75 -11.71 -50.82
N LEU I 391 17.80 -10.48 -51.35
CA LEU I 391 16.67 -9.57 -51.26
C LEU I 391 15.44 -10.13 -51.95
N ALA I 392 15.64 -10.74 -53.12
CA ALA I 392 14.52 -11.37 -53.83
C ALA I 392 13.92 -12.49 -53.01
N ALA I 393 14.77 -13.31 -52.40
CA ALA I 393 14.29 -14.40 -51.57
C ALA I 393 13.48 -13.88 -50.38
N PHE I 394 13.98 -12.84 -49.73
CA PHE I 394 13.26 -12.26 -48.59
C PHE I 394 11.91 -11.69 -48.99
N THR I 395 11.87 -10.88 -50.05
CA THR I 395 10.58 -10.34 -50.46
C THR I 395 9.63 -11.40 -50.98
N PHE I 396 10.15 -12.49 -51.57
CA PHE I 396 9.31 -13.63 -51.90
C PHE I 396 8.64 -14.21 -50.66
N GLY I 397 9.44 -14.46 -49.63
CA GLY I 397 8.91 -15.02 -48.39
C GLY I 397 7.87 -14.11 -47.77
N PHE I 398 8.15 -12.81 -47.76
CA PHE I 398 7.24 -11.81 -47.22
C PHE I 398 5.90 -11.85 -47.95
N LEU I 399 5.91 -11.79 -49.28
CA LEU I 399 4.65 -11.76 -50.01
C LEU I 399 3.86 -13.05 -49.82
N ILE I 400 4.53 -14.20 -49.99
CA ILE I 400 3.78 -15.44 -49.94
C ILE I 400 3.25 -15.74 -48.55
N LEU I 401 3.83 -15.16 -47.50
CA LEU I 401 3.15 -15.19 -46.21
C LEU I 401 2.05 -14.15 -46.13
N ARG I 402 2.30 -12.96 -46.66
CA ARG I 402 1.36 -11.84 -46.62
C ARG I 402 0.01 -12.22 -47.18
N GLY I 403 -0.01 -13.11 -48.16
CA GLY I 403 -1.24 -13.65 -48.70
C GLY I 403 -2.23 -14.22 -47.70
N ARG I 404 -1.78 -14.59 -46.50
CA ARG I 404 -2.68 -15.08 -45.47
C ARG I 404 -3.69 -14.02 -45.04
N SER I 405 -3.30 -12.76 -45.08
CA SER I 405 -4.15 -11.69 -44.57
C SER I 405 -5.32 -11.33 -45.47
N TYR I 406 -5.38 -11.85 -46.69
CA TYR I 406 -6.40 -11.46 -47.65
C TYR I 406 -7.28 -12.65 -47.92
N VAL I 407 -8.58 -12.51 -47.73
CA VAL I 407 -9.48 -13.64 -47.95
C VAL I 407 -10.13 -13.66 -49.33
N ASP I 408 -10.21 -12.54 -50.02
CA ASP I 408 -10.81 -12.59 -51.34
C ASP I 408 -9.88 -13.36 -52.26
N ARG I 409 -10.43 -14.29 -53.04
CA ARG I 409 -9.58 -15.18 -53.82
C ARG I 409 -8.68 -14.45 -54.80
N TRP I 410 -9.15 -13.39 -55.43
CA TRP I 410 -8.28 -12.77 -56.41
C TRP I 410 -7.24 -11.84 -55.82
N GLN I 411 -7.43 -11.42 -54.58
CA GLN I 411 -6.37 -10.71 -53.89
C GLN I 411 -5.27 -11.68 -53.44
N ALA I 412 -5.67 -12.76 -52.79
CA ALA I 412 -4.70 -13.75 -52.32
C ALA I 412 -3.94 -14.37 -53.48
N ILE I 413 -4.67 -14.75 -54.54
CA ILE I 413 -4.03 -15.27 -55.75
C ILE I 413 -3.11 -14.23 -56.36
N THR I 414 -3.50 -12.95 -56.32
CA THR I 414 -2.62 -11.91 -56.86
C THR I 414 -1.31 -11.83 -56.11
N LEU I 415 -1.36 -12.01 -54.80
CA LEU I 415 -0.13 -12.00 -54.01
C LEU I 415 0.72 -13.24 -54.27
N ALA I 416 0.12 -14.43 -54.21
CA ALA I 416 0.85 -15.67 -54.47
C ALA I 416 1.47 -15.69 -55.86
N ALA I 417 0.70 -15.31 -56.87
CA ALA I 417 1.23 -15.22 -58.23
C ALA I 417 2.35 -14.20 -58.35
N THR I 418 2.28 -13.10 -57.60
CA THR I 418 3.39 -12.18 -57.58
C THR I 418 4.64 -12.83 -57.00
N ALA I 419 4.45 -13.54 -55.89
CA ALA I 419 5.57 -14.13 -55.17
C ALA I 419 6.32 -15.11 -56.05
N VAL I 420 5.61 -16.05 -56.67
CA VAL I 420 6.26 -16.98 -57.58
C VAL I 420 6.82 -16.30 -58.82
N LEU I 421 6.17 -15.25 -59.34
CA LEU I 421 6.68 -14.58 -60.52
C LEU I 421 8.02 -13.90 -60.28
N ILE I 422 8.27 -13.43 -59.05
CA ILE I 422 9.60 -12.94 -58.71
C ILE I 422 10.66 -13.99 -58.98
N ILE I 423 10.44 -15.20 -58.45
CA ILE I 423 11.43 -16.26 -58.57
C ILE I 423 11.59 -16.67 -60.03
N ALA I 424 10.48 -16.75 -60.76
CA ALA I 424 10.53 -17.11 -62.17
C ALA I 424 11.35 -16.12 -62.98
N ALA I 425 11.11 -14.83 -62.77
CA ALA I 425 11.82 -13.80 -63.53
C ALA I 425 13.30 -13.79 -63.20
N VAL I 426 13.65 -13.93 -61.92
CA VAL I 426 15.06 -13.95 -61.53
C VAL I 426 15.77 -15.14 -62.15
N ALA I 427 15.14 -16.31 -62.12
CA ALA I 427 15.78 -17.50 -62.66
C ALA I 427 15.95 -17.40 -64.16
N VAL I 428 14.94 -16.89 -64.87
CA VAL I 428 15.07 -16.82 -66.32
C VAL I 428 16.12 -15.79 -66.69
N ARG I 429 16.28 -14.71 -65.91
CA ARG I 429 17.32 -13.77 -66.28
C ARG I 429 18.71 -14.34 -66.04
N TYR I 430 18.91 -15.11 -64.95
CA TYR I 430 20.20 -15.79 -64.80
C TYR I 430 20.48 -16.77 -65.92
N VAL I 431 19.48 -17.55 -66.33
CA VAL I 431 19.83 -18.56 -67.31
C VAL I 431 19.96 -17.97 -68.71
N LEU I 432 19.31 -16.84 -68.98
CA LEU I 432 19.46 -16.26 -70.30
C LEU I 432 20.72 -15.42 -70.41
N VAL I 433 21.01 -14.59 -69.40
CA VAL I 433 22.20 -13.76 -69.47
C VAL I 433 23.46 -14.62 -69.32
N SER I 434 23.46 -15.52 -68.33
CA SER I 434 24.63 -16.36 -68.12
C SER I 434 24.54 -17.62 -68.97
N GLY I 435 25.70 -18.07 -69.43
CA GLY I 435 25.78 -19.25 -70.25
C GLY I 435 26.27 -20.47 -69.49
N SER I 436 26.21 -20.41 -68.18
CA SER I 436 26.70 -21.54 -67.40
C SER I 436 25.65 -22.65 -67.34
N PRO I 437 26.02 -23.88 -67.70
CA PRO I 437 25.07 -24.99 -67.56
C PRO I 437 24.66 -25.27 -66.14
N ALA I 438 25.52 -24.97 -65.16
CA ALA I 438 25.12 -25.13 -63.76
C ALA I 438 24.01 -24.16 -63.41
N VAL I 439 24.08 -22.93 -63.92
CA VAL I 439 23.02 -21.95 -63.74
C VAL I 439 21.74 -22.44 -64.38
N LEU I 440 21.85 -23.04 -65.57
CA LEU I 440 20.69 -23.62 -66.24
C LEU I 440 20.05 -24.72 -65.41
N SER I 441 20.87 -25.61 -64.85
CA SER I 441 20.35 -26.71 -64.05
C SER I 441 19.66 -26.20 -62.80
N ALA I 442 20.27 -25.20 -62.14
CA ALA I 442 19.64 -24.61 -60.96
C ALA I 442 18.32 -23.93 -61.31
N GLY I 443 18.29 -23.23 -62.45
CA GLY I 443 17.07 -22.55 -62.85
C GLY I 443 15.94 -23.50 -63.15
N VAL I 444 16.22 -24.56 -63.93
CA VAL I 444 15.15 -25.48 -64.23
C VAL I 444 14.73 -26.25 -62.98
N ALA I 445 15.68 -26.50 -62.07
CA ALA I 445 15.35 -27.19 -60.83
C ALA I 445 14.42 -26.36 -59.97
N VAL I 446 14.70 -25.07 -59.81
CA VAL I 446 13.83 -24.26 -58.98
C VAL I 446 12.47 -24.05 -59.67
N LEU I 447 12.46 -23.92 -61.00
CA LEU I 447 11.20 -23.79 -61.73
C LEU I 447 10.32 -25.01 -61.61
N VAL I 448 10.92 -26.19 -61.50
CA VAL I 448 10.05 -27.38 -61.43
C VAL I 448 9.76 -27.76 -59.98
N LEU I 449 10.62 -27.42 -59.03
CA LEU I 449 10.35 -27.81 -57.64
C LEU I 449 9.47 -26.80 -56.92
N LEU I 450 9.78 -25.51 -57.01
CA LEU I 450 9.12 -24.55 -56.12
C LEU I 450 7.61 -24.48 -56.32
N PRO I 451 7.06 -24.41 -57.54
CA PRO I 451 5.60 -24.50 -57.63
C PRO I 451 5.07 -25.88 -57.30
N ALA I 452 5.86 -26.94 -57.50
CA ALA I 452 5.43 -28.25 -57.03
C ALA I 452 5.36 -28.29 -55.51
N ALA I 453 6.32 -27.65 -54.83
CA ALA I 453 6.24 -27.53 -53.39
C ALA I 453 5.02 -26.73 -52.97
N GLY I 454 4.69 -25.68 -53.73
CA GLY I 454 3.47 -24.94 -53.46
C GLY I 454 2.21 -25.77 -53.62
N LEU I 455 2.19 -26.63 -54.64
CA LEU I 455 1.06 -27.52 -54.83
C LEU I 455 0.92 -28.48 -53.66
N THR I 456 2.04 -29.04 -53.21
CA THR I 456 1.99 -29.96 -52.08
C THR I 456 1.52 -29.26 -50.83
N ALA I 457 1.96 -28.01 -50.64
CA ALA I 457 1.51 -27.22 -49.50
C ALA I 457 0.02 -26.96 -49.58
N ALA I 458 -0.48 -26.65 -50.79
CA ALA I 458 -1.90 -26.39 -50.95
C ALA I 458 -2.73 -27.65 -50.71
N ALA I 459 -2.19 -28.80 -51.04
CA ALA I 459 -2.95 -30.03 -50.82
C ALA I 459 -2.93 -30.44 -49.34
N VAL I 460 -1.77 -30.33 -48.70
CA VAL I 460 -1.60 -30.79 -47.32
C VAL I 460 -2.25 -29.84 -46.32
N VAL I 461 -1.87 -28.55 -46.38
CA VAL I 461 -2.09 -27.65 -45.25
C VAL I 461 -3.54 -27.48 -44.83
N PRO I 462 -4.54 -27.38 -45.72
CA PRO I 462 -5.90 -27.19 -45.23
C PRO I 462 -6.48 -28.38 -44.50
N ASN I 463 -5.90 -29.56 -44.63
CA ASN I 463 -6.47 -30.76 -44.04
C ASN I 463 -5.81 -31.12 -42.72
N THR I 464 -4.51 -30.91 -42.61
CA THR I 464 -3.77 -31.28 -41.41
C THR I 464 -4.03 -30.32 -40.25
N ILE I 465 -3.95 -30.86 -39.04
CA ILE I 465 -3.79 -30.10 -37.80
C ILE I 465 -2.35 -29.59 -37.73
N TYR I 466 -2.07 -28.62 -36.85
CA TYR I 466 -0.71 -28.21 -36.59
C TYR I 466 -0.58 -27.77 -35.15
N SER I 467 0.64 -27.82 -34.66
CA SER I 467 0.93 -27.37 -33.32
C SER I 467 0.89 -25.85 -33.26
N PRO I 468 0.30 -25.28 -32.21
CA PRO I 468 0.39 -23.82 -31.99
C PRO I 468 1.80 -23.25 -32.03
N LEU I 469 2.79 -24.03 -31.66
CA LEU I 469 4.17 -23.57 -31.76
C LEU I 469 4.58 -23.41 -33.21
N PHE I 470 4.27 -24.39 -34.06
CA PHE I 470 4.63 -24.29 -35.45
C PHE I 470 3.91 -23.13 -36.13
N ARG I 471 2.64 -22.96 -35.79
CA ARG I 471 1.87 -21.80 -36.25
C ARG I 471 2.53 -20.46 -35.91
N LYS I 472 2.99 -20.29 -34.66
CA LYS I 472 3.71 -19.04 -34.37
C LYS I 472 5.05 -18.96 -35.08
N ILE I 473 5.73 -20.09 -35.28
CA ILE I 473 6.96 -20.08 -36.05
C ILE I 473 6.70 -19.57 -37.45
N VAL I 474 5.62 -20.04 -38.06
CA VAL I 474 5.24 -19.63 -39.42
C VAL I 474 4.91 -18.15 -39.48
N GLU I 475 4.15 -17.64 -38.50
CA GLU I 475 3.95 -16.20 -38.39
C GLU I 475 5.26 -15.44 -38.36
N TRP I 476 6.16 -15.85 -37.47
CA TRP I 476 7.43 -15.16 -37.30
C TRP I 476 8.32 -15.24 -38.52
N ILE I 477 8.13 -16.24 -39.39
CA ILE I 477 8.86 -16.25 -40.65
C ILE I 477 8.59 -14.99 -41.44
N GLU I 478 7.33 -14.55 -41.49
CA GLU I 478 6.96 -13.35 -42.23
C GLU I 478 7.73 -12.11 -41.77
N TYR I 479 7.76 -11.87 -40.45
CA TYR I 479 8.48 -10.71 -39.95
C TYR I 479 9.98 -10.86 -40.15
N LEU I 480 10.52 -12.04 -39.84
CA LEU I 480 11.96 -12.23 -39.96
C LEU I 480 12.43 -12.09 -41.40
N CYS I 481 11.62 -12.52 -42.37
CA CYS I 481 12.01 -12.34 -43.76
C CYS I 481 11.64 -10.96 -44.28
N LEU I 482 10.89 -10.18 -43.52
CA LEU I 482 10.63 -8.80 -43.93
C LEU I 482 11.73 -7.85 -43.46
N MET I 483 12.12 -7.94 -42.20
CA MET I 483 13.03 -6.96 -41.60
C MET I 483 14.36 -6.68 -42.33
N PRO I 484 15.08 -7.65 -42.90
CA PRO I 484 16.35 -7.33 -43.57
C PRO I 484 16.28 -6.42 -44.79
N ILE I 485 15.12 -6.24 -45.43
CA ILE I 485 15.09 -5.71 -46.78
C ILE I 485 15.60 -4.27 -46.88
N PHE I 486 15.28 -3.40 -45.93
CA PHE I 486 15.79 -2.03 -46.01
C PHE I 486 17.31 -1.91 -45.90
N PRO I 487 18.00 -2.48 -44.89
CA PRO I 487 19.47 -2.36 -44.89
C PRO I 487 20.13 -2.98 -46.10
N LEU I 488 19.61 -4.12 -46.56
CA LEU I 488 20.09 -4.71 -47.80
C LEU I 488 19.86 -3.79 -48.99
N ALA I 489 18.72 -3.09 -49.01
CA ALA I 489 18.47 -2.13 -50.08
C ALA I 489 19.50 -1.01 -50.06
N LEU I 490 19.78 -0.47 -48.88
CA LEU I 490 20.81 0.56 -48.75
C LEU I 490 22.17 0.03 -49.19
N TRP I 491 22.45 -1.25 -48.93
CA TRP I 491 23.66 -1.87 -49.47
C TRP I 491 23.67 -1.85 -50.98
N LEU I 492 22.53 -2.11 -51.60
CA LEU I 492 22.45 -2.04 -53.05
C LEU I 492 22.66 -0.62 -53.58
N MET I 493 22.14 0.39 -52.90
CA MET I 493 22.49 1.73 -53.36
C MET I 493 23.89 2.18 -53.00
N ASN I 494 24.60 1.43 -52.16
CA ASN I 494 25.90 1.83 -51.61
C ASN I 494 25.77 3.18 -50.91
N VAL I 495 24.68 3.34 -50.19
CA VAL I 495 24.48 4.51 -49.32
C VAL I 495 25.54 4.52 -48.22
N TYR I 496 25.76 3.36 -47.60
CA TYR I 496 26.78 3.25 -46.56
C TYR I 496 28.17 3.60 -47.05
N GLU I 497 28.56 3.18 -48.26
CA GLU I 497 29.90 3.53 -48.71
C GLU I 497 30.01 5.01 -49.07
N ALA I 498 28.95 5.59 -49.65
CA ALA I 498 28.97 7.01 -49.97
C ALA I 498 29.02 7.85 -48.72
N ILE I 499 28.27 7.49 -47.70
CA ILE I 499 28.23 8.25 -46.46
C ILE I 499 29.47 7.98 -45.60
N ARG I 500 30.10 6.81 -45.76
CA ARG I 500 31.45 6.65 -45.24
C ARG I 500 32.42 7.65 -45.86
N TYR I 501 32.29 7.91 -47.16
CA TYR I 501 33.40 8.58 -47.83
C TYR I 501 33.06 9.94 -48.42
N ARG I 502 31.81 10.22 -48.75
CA ARG I 502 31.43 11.63 -48.87
C ARG I 502 31.34 12.22 -47.47
N GLY J 12 -19.20 18.40 -37.30
CA GLY J 12 -17.81 18.75 -37.08
C GLY J 12 -17.01 18.83 -38.36
N TYR J 13 -17.29 19.86 -39.14
CA TYR J 13 -16.58 20.15 -40.37
C TYR J 13 -15.28 20.87 -40.07
N GLY J 14 -14.50 21.11 -41.12
CA GLY J 14 -13.40 22.05 -41.03
C GLY J 14 -12.22 21.54 -40.25
N LEU J 15 -11.28 22.46 -40.02
CA LEU J 15 -10.01 22.15 -39.40
C LEU J 15 -10.00 22.39 -37.90
N GLY J 16 -11.13 22.15 -37.24
CA GLY J 16 -11.23 22.37 -35.80
C GLY J 16 -10.28 21.48 -35.03
N LEU J 17 -10.00 21.85 -33.79
CA LEU J 17 -9.05 21.11 -32.97
C LEU J 17 -9.59 19.73 -32.63
N SER J 18 -8.67 18.84 -32.28
CA SER J 18 -8.99 17.48 -31.86
C SER J 18 -8.03 17.03 -30.79
N THR J 19 -8.52 16.19 -29.90
CA THR J 19 -7.71 15.69 -28.80
C THR J 19 -6.99 14.41 -29.23
N ARG J 20 -5.89 14.12 -28.53
CA ARG J 20 -5.11 12.91 -28.81
C ARG J 20 -5.90 11.63 -28.59
N THR J 21 -6.83 11.63 -27.64
CA THR J 21 -7.72 10.48 -27.48
C THR J 21 -8.61 10.27 -28.71
N GLN J 22 -8.94 11.34 -29.42
CA GLN J 22 -9.64 11.19 -30.69
C GLN J 22 -8.70 10.72 -31.79
N VAL J 23 -7.43 11.12 -31.73
CA VAL J 23 -6.47 10.66 -32.73
C VAL J 23 -6.32 9.15 -32.64
N THR J 24 -6.14 8.62 -31.43
CA THR J 24 -6.06 7.17 -31.30
C THR J 24 -7.40 6.51 -31.58
N GLY J 25 -8.51 7.14 -31.22
CA GLY J 25 -9.81 6.58 -31.54
C GLY J 25 -10.08 6.45 -33.03
N TYR J 26 -9.66 7.45 -33.80
CA TYR J 26 -9.74 7.35 -35.25
C TYR J 26 -8.79 6.30 -35.79
N GLN J 27 -7.54 6.30 -35.34
CA GLN J 27 -6.60 5.29 -35.83
C GLN J 27 -7.09 3.87 -35.54
N PHE J 28 -7.72 3.67 -34.39
CA PHE J 28 -8.37 2.39 -34.11
C PHE J 28 -9.48 2.07 -35.10
N LEU J 29 -10.37 3.02 -35.35
CA LEU J 29 -11.41 2.75 -36.35
C LEU J 29 -10.85 2.55 -37.74
N ALA J 30 -9.74 3.18 -38.07
CA ALA J 30 -9.09 2.94 -39.35
C ALA J 30 -8.55 1.52 -39.43
N ARG J 31 -7.88 1.05 -38.37
CA ARG J 31 -7.37 -0.31 -38.39
C ARG J 31 -8.50 -1.33 -38.44
N ARG J 32 -9.54 -1.14 -37.62
CA ARG J 32 -10.70 -2.02 -37.66
C ARG J 32 -11.37 -2.05 -39.02
N THR J 33 -11.46 -0.91 -39.70
CA THR J 33 -12.03 -0.90 -41.03
C THR J 33 -11.10 -1.57 -42.04
N ALA J 34 -9.79 -1.41 -41.89
CA ALA J 34 -8.84 -2.09 -42.76
C ALA J 34 -8.94 -3.60 -42.59
N MET J 35 -9.06 -4.08 -41.35
CA MET J 35 -9.24 -5.50 -41.14
C MET J 35 -10.58 -5.97 -41.68
N ALA J 36 -11.61 -5.14 -41.60
CA ALA J 36 -12.88 -5.52 -42.21
C ALA J 36 -12.78 -5.54 -43.72
N LEU J 37 -11.83 -4.81 -44.27
CA LEU J 37 -11.67 -4.77 -45.72
C LEU J 37 -10.85 -5.93 -46.26
N THR J 38 -9.71 -6.24 -45.65
CA THR J 38 -8.87 -7.31 -46.21
C THR J 38 -9.35 -8.68 -45.78
N ARG J 39 -9.62 -8.85 -44.50
CA ARG J 39 -10.37 -10.00 -44.07
C ARG J 39 -11.83 -9.61 -43.93
N TRP J 40 -12.69 -10.54 -43.63
CA TRP J 40 -14.12 -10.32 -43.59
C TRP J 40 -14.64 -10.68 -42.21
N ARG J 41 -13.75 -10.54 -41.24
CA ARG J 41 -14.03 -10.72 -39.84
C ARG J 41 -13.61 -9.43 -39.16
N VAL J 42 -14.28 -9.07 -38.08
CA VAL J 42 -13.90 -7.92 -37.27
C VAL J 42 -13.60 -8.26 -35.83
N ARG J 43 -13.69 -9.54 -35.45
CA ARG J 43 -13.11 -9.92 -34.16
C ARG J 43 -11.63 -9.59 -34.19
N MET J 44 -11.21 -8.79 -33.21
CA MET J 44 -9.99 -7.99 -33.35
C MET J 44 -9.05 -8.22 -32.17
N GLU J 45 -9.28 -9.29 -31.41
CA GLU J 45 -8.48 -9.62 -30.23
C GLU J 45 -6.98 -9.71 -30.51
N VAL J 46 -6.60 -10.07 -31.73
CA VAL J 46 -5.22 -9.97 -32.16
C VAL J 46 -5.24 -9.46 -33.59
N GLU J 47 -4.18 -8.76 -33.97
CA GLU J 47 -4.15 -8.09 -35.25
C GLU J 47 -2.76 -8.09 -35.87
N PRO J 48 -2.58 -8.85 -36.94
CA PRO J 48 -1.24 -8.97 -37.52
C PRO J 48 -0.82 -7.76 -38.30
N GLY J 49 -1.79 -6.94 -38.73
CA GLY J 49 -1.50 -5.70 -39.42
C GLY J 49 -0.54 -4.83 -38.66
N ARG J 50 -0.86 -4.56 -37.39
CA ARG J 50 0.05 -3.83 -36.52
C ARG J 50 1.40 -4.52 -36.44
N ARG J 51 1.41 -5.82 -36.16
CA ARG J 51 2.66 -6.56 -36.00
C ARG J 51 3.60 -6.40 -37.20
N GLN J 52 3.07 -6.52 -38.40
CA GLN J 52 3.96 -6.37 -39.54
C GLN J 52 4.30 -4.93 -39.89
N VAL J 53 3.42 -3.96 -39.61
CA VAL J 53 3.90 -2.60 -39.81
C VAL J 53 4.98 -2.25 -38.78
N LEU J 54 4.92 -2.85 -37.59
CA LEU J 54 6.05 -2.75 -36.66
C LEU J 54 7.30 -3.38 -37.23
N ALA J 55 7.15 -4.49 -37.95
CA ALA J 55 8.31 -5.08 -38.63
C ALA J 55 8.88 -4.15 -39.70
N VAL J 56 8.01 -3.44 -40.40
CA VAL J 56 8.47 -2.42 -41.34
C VAL J 56 9.23 -1.32 -40.63
N VAL J 57 8.67 -0.85 -39.51
CA VAL J 57 9.31 0.19 -38.72
C VAL J 57 10.69 -0.27 -38.24
N ALA J 58 10.80 -1.52 -37.81
CA ALA J 58 12.09 -2.11 -37.46
C ALA J 58 13.06 -2.08 -38.63
N SER J 59 12.58 -2.36 -39.84
CA SER J 59 13.44 -2.31 -41.02
C SER J 59 13.97 -0.91 -41.26
N VAL J 60 13.08 0.08 -41.20
CA VAL J 60 13.46 1.46 -41.49
C VAL J 60 14.39 2.00 -40.42
N SER J 61 14.07 1.77 -39.15
CA SER J 61 14.94 2.23 -38.07
C SER J 61 16.30 1.55 -38.09
N ALA J 62 16.36 0.27 -38.47
CA ALA J 62 17.67 -0.38 -38.64
C ALA J 62 18.48 0.23 -39.77
N ALA J 63 17.83 0.56 -40.90
CA ALA J 63 18.55 1.23 -41.98
C ALA J 63 19.06 2.61 -41.56
N GLY J 64 18.24 3.36 -40.83
CA GLY J 64 18.67 4.65 -40.28
C GLY J 64 19.86 4.55 -39.35
N VAL J 65 19.78 3.62 -38.39
CA VAL J 65 20.87 3.36 -37.46
C VAL J 65 22.17 3.01 -38.21
N ILE J 66 22.10 2.10 -39.18
CA ILE J 66 23.31 1.75 -39.91
C ILE J 66 23.83 2.94 -40.72
N CYS J 67 22.93 3.78 -41.24
CA CYS J 67 23.34 5.01 -41.93
C CYS J 67 24.09 5.96 -41.01
N LEU J 68 23.63 6.12 -39.77
CA LEU J 68 24.39 6.89 -38.78
C LEU J 68 25.73 6.24 -38.47
N GLY J 69 25.74 4.92 -38.24
CA GLY J 69 26.99 4.20 -38.00
C GLY J 69 27.98 4.32 -39.15
N ALA J 70 27.48 4.56 -40.36
CA ALA J 70 28.30 4.85 -41.53
C ALA J 70 28.81 6.27 -41.51
N LEU J 71 28.07 7.20 -40.91
CA LEU J 71 28.47 8.61 -40.91
C LEU J 71 29.73 8.85 -40.09
N LEU J 72 29.93 8.08 -39.02
CA LEU J 72 31.03 8.30 -38.07
C LEU J 72 32.41 7.99 -38.62
N TRP J 73 32.50 7.42 -39.82
CA TRP J 73 33.81 7.13 -40.39
C TRP J 73 34.33 8.34 -41.18
N SER J 74 35.63 8.58 -41.06
CA SER J 74 36.31 9.64 -41.82
C SER J 74 37.80 9.32 -41.95
N ASP K 95 4.85 -104.70 -6.66
CA ASP K 95 4.09 -103.53 -6.23
C ASP K 95 2.60 -103.75 -6.46
N HIS K 96 1.77 -102.89 -5.85
CA HIS K 96 0.34 -103.06 -5.90
C HIS K 96 -0.33 -101.70 -5.72
N GLN K 97 -1.61 -101.62 -6.13
CA GLN K 97 -2.42 -100.44 -5.89
C GLN K 97 -3.89 -100.86 -5.81
N ARG K 98 -4.68 -100.11 -5.03
CA ARG K 98 -6.11 -100.01 -5.24
C ARG K 98 -6.41 -98.52 -5.42
N ARG K 99 -7.16 -98.18 -6.46
CA ARG K 99 -7.32 -96.77 -6.81
C ARG K 99 -8.77 -96.30 -6.65
N PHE K 100 -8.97 -95.00 -6.91
CA PHE K 100 -10.25 -94.31 -7.06
C PHE K 100 -11.16 -94.96 -8.11
N GLY K 101 -10.61 -95.84 -8.94
CA GLY K 101 -11.36 -96.72 -9.80
C GLY K 101 -12.09 -97.87 -9.15
N HIS K 102 -12.05 -99.03 -9.81
CA HIS K 102 -12.95 -100.14 -9.55
C HIS K 102 -12.23 -101.42 -9.16
N ASP K 103 -11.01 -101.64 -9.63
CA ASP K 103 -10.29 -102.87 -9.35
C ASP K 103 -8.99 -102.58 -8.64
N VAL K 104 -8.55 -103.56 -7.86
CA VAL K 104 -7.15 -103.67 -7.42
C VAL K 104 -6.27 -104.11 -8.59
N VAL K 105 -5.07 -103.51 -8.68
CA VAL K 105 -4.17 -103.74 -9.81
C VAL K 105 -2.76 -103.97 -9.26
N GLY K 106 -2.17 -105.10 -9.65
CA GLY K 106 -0.75 -105.33 -9.40
C GLY K 106 0.12 -104.69 -10.46
N ILE K 107 1.28 -104.16 -10.03
CA ILE K 107 2.25 -103.54 -10.93
C ILE K 107 3.62 -104.08 -10.59
N ARG K 108 4.45 -104.32 -11.60
CA ARG K 108 5.87 -104.56 -11.41
C ARG K 108 6.68 -103.48 -12.12
N GLU K 109 7.86 -103.19 -11.60
CA GLU K 109 8.75 -102.22 -12.21
C GLU K 109 10.19 -102.71 -12.11
N TYR K 110 10.96 -102.47 -13.17
CA TYR K 110 12.39 -102.74 -13.19
C TYR K 110 13.15 -101.70 -14.00
N GLN K 111 12.63 -101.37 -15.17
CA GLN K 111 13.17 -100.34 -16.06
C GLN K 111 12.03 -99.65 -16.80
N GLY K 112 10.93 -99.40 -16.10
CA GLY K 112 9.63 -99.23 -16.71
C GLY K 112 8.63 -100.19 -16.10
N GLN K 113 7.36 -99.89 -16.30
CA GLN K 113 6.27 -100.57 -15.61
C GLN K 113 5.66 -101.70 -16.43
N LEU K 114 5.27 -102.75 -15.73
CA LEU K 114 4.70 -103.96 -16.31
C LEU K 114 3.43 -104.29 -15.57
N VAL K 115 2.40 -104.70 -16.31
CA VAL K 115 1.12 -105.10 -15.74
C VAL K 115 0.52 -106.14 -16.68
N ALA K 116 -0.35 -107.01 -16.14
CA ALA K 116 -0.96 -108.03 -16.96
C ALA K 116 -2.43 -108.23 -16.62
N VAL K 117 -3.19 -108.61 -17.64
CA VAL K 117 -4.62 -108.90 -17.54
C VAL K 117 -4.87 -110.29 -18.10
N VAL K 118 -5.63 -111.10 -17.36
CA VAL K 118 -6.09 -112.41 -17.82
C VAL K 118 -7.40 -112.22 -18.57
N THR K 119 -7.61 -113.03 -19.61
CA THR K 119 -8.91 -113.11 -20.25
C THR K 119 -9.21 -114.55 -20.66
N VAL K 120 -10.50 -114.86 -20.69
CA VAL K 120 -10.96 -116.23 -20.91
C VAL K 120 -11.00 -116.54 -22.41
N TRP K 140 -13.88 -119.62 -30.79
CA TRP K 140 -13.53 -119.09 -29.48
C TRP K 140 -12.87 -117.73 -29.61
N LEU K 141 -12.39 -117.45 -30.82
CA LEU K 141 -11.37 -116.42 -31.05
C LEU K 141 -11.87 -115.05 -30.62
N PRO K 142 -11.05 -114.27 -29.92
CA PRO K 142 -11.44 -112.90 -29.56
C PRO K 142 -11.07 -111.93 -30.66
N VAL K 143 -11.45 -110.66 -30.49
CA VAL K 143 -11.15 -109.66 -31.49
C VAL K 143 -9.67 -109.30 -31.41
N GLU K 144 -9.08 -109.00 -32.57
CA GLU K 144 -7.68 -108.61 -32.66
C GLU K 144 -7.43 -107.12 -32.45
N ALA K 145 -8.48 -106.31 -32.38
CA ALA K 145 -8.35 -104.87 -32.58
C ALA K 145 -7.83 -104.11 -31.36
N VAL K 146 -7.24 -104.80 -30.38
CA VAL K 146 -6.69 -104.15 -29.18
C VAL K 146 -5.51 -103.24 -29.48
N ALA K 147 -4.98 -103.25 -30.71
CA ALA K 147 -3.94 -102.33 -31.15
C ALA K 147 -4.29 -100.86 -30.89
N ALA K 148 -5.57 -100.48 -31.02
CA ALA K 148 -5.97 -99.12 -30.72
C ALA K 148 -5.72 -98.73 -29.28
N ARG K 149 -5.82 -99.68 -28.35
CA ARG K 149 -5.61 -99.35 -26.94
C ARG K 149 -4.16 -99.13 -26.57
N LEU K 150 -3.23 -99.35 -27.50
CA LEU K 150 -1.86 -98.88 -27.29
C LEU K 150 -1.81 -97.36 -27.26
N ARG K 151 -2.72 -96.71 -27.98
CA ARG K 151 -2.82 -95.26 -28.05
C ARG K 151 -4.11 -94.79 -27.41
N GLN K 152 -4.14 -94.75 -26.08
CA GLN K 152 -5.29 -94.22 -25.36
C GLN K 152 -5.39 -92.70 -25.54
N PHE K 153 -6.38 -92.10 -24.87
CA PHE K 153 -6.62 -90.66 -24.97
C PHE K 153 -5.45 -89.79 -24.52
N ASP K 154 -4.54 -90.31 -23.72
CA ASP K 154 -3.41 -89.48 -23.31
C ASP K 154 -2.13 -90.29 -23.20
N VAL K 155 -2.20 -91.44 -22.53
CA VAL K 155 -1.03 -92.27 -22.34
C VAL K 155 -0.61 -92.90 -23.68
N ARG K 156 0.68 -93.22 -23.77
CA ARG K 156 1.22 -93.95 -24.90
C ARG K 156 1.98 -95.14 -24.34
N LEU K 157 1.43 -96.33 -24.53
CA LEU K 157 2.04 -97.57 -24.06
C LEU K 157 3.14 -98.05 -25.00
N ASP K 158 4.09 -98.81 -24.45
CA ASP K 158 5.23 -99.26 -25.23
C ASP K 158 4.87 -100.44 -26.13
N ALA K 159 4.15 -101.42 -25.60
CA ALA K 159 3.77 -102.57 -26.40
C ALA K 159 2.53 -103.22 -25.79
N ILE K 160 1.76 -103.87 -26.64
CA ILE K 160 0.74 -104.82 -26.23
C ILE K 160 1.21 -106.20 -26.66
N ASP K 161 1.38 -107.09 -25.69
CA ASP K 161 1.72 -108.48 -25.95
C ASP K 161 0.58 -109.38 -25.53
N ILE K 162 0.01 -110.08 -26.51
CA ILE K 162 -0.87 -111.21 -26.25
C ILE K 162 -0.01 -112.39 -25.82
N VAL K 163 -0.35 -113.02 -24.70
CA VAL K 163 0.39 -114.18 -24.21
C VAL K 163 -0.59 -115.31 -23.98
N SER K 164 -0.18 -116.53 -24.32
CA SER K 164 -0.99 -117.71 -24.08
C SER K 164 -0.11 -118.92 -23.83
N VAL K 165 -0.61 -119.85 -23.01
CA VAL K 165 0.14 -121.00 -22.53
C VAL K 165 -0.84 -122.13 -22.29
N GLY K 166 -0.40 -123.36 -22.50
CA GLY K 166 -1.25 -124.50 -22.22
C GLY K 166 -0.65 -125.78 -22.78
N THR K 167 -1.47 -126.83 -22.81
CA THR K 167 -1.09 -128.11 -23.39
C THR K 167 -1.60 -128.23 -24.83
N ASP K 194 -5.06 -129.10 -22.42
CA ASP K 194 -5.15 -128.82 -20.98
C ASP K 194 -4.49 -127.49 -20.64
N GLU K 195 -4.86 -126.96 -19.47
CA GLU K 195 -4.28 -125.76 -18.84
C GLU K 195 -4.23 -124.54 -19.77
N HIS K 196 -5.20 -124.45 -20.68
CA HIS K 196 -5.26 -123.33 -21.62
C HIS K 196 -5.42 -122.02 -20.87
N HIS K 197 -4.38 -121.19 -20.90
CA HIS K 197 -4.38 -119.87 -20.29
C HIS K 197 -4.04 -118.82 -21.35
N THR K 198 -4.63 -117.64 -21.22
CA THR K 198 -4.41 -116.57 -22.19
C THR K 198 -4.31 -115.24 -21.45
N TRP K 199 -3.36 -114.40 -21.88
CA TRP K 199 -2.95 -113.22 -21.11
C TRP K 199 -2.64 -112.07 -22.06
N LEU K 200 -2.83 -110.85 -21.55
CA LEU K 200 -2.23 -109.64 -22.09
C LEU K 200 -1.20 -109.14 -21.08
N VAL K 201 0.05 -108.95 -21.52
CA VAL K 201 1.03 -108.21 -20.73
C VAL K 201 1.40 -106.91 -21.44
N LEU K 202 1.35 -105.81 -20.69
CA LEU K 202 1.50 -104.47 -21.23
C LEU K 202 2.77 -103.82 -20.69
N ARG K 203 3.48 -103.12 -21.56
CA ARG K 203 4.65 -102.33 -21.18
C ARG K 203 4.35 -100.86 -21.39
N MET K 204 4.70 -100.03 -20.40
CA MET K 204 4.52 -98.59 -20.50
C MET K 204 5.69 -97.87 -19.84
N ASP K 205 6.38 -97.05 -20.62
CA ASP K 205 7.46 -96.19 -20.12
C ASP K 205 6.89 -94.91 -19.54
N PRO K 206 7.07 -94.65 -18.24
CA PRO K 206 6.70 -93.34 -17.68
C PRO K 206 7.38 -92.16 -18.36
N GLN K 207 8.63 -92.32 -18.81
CA GLN K 207 9.36 -91.17 -19.33
C GLN K 207 8.89 -90.77 -20.71
N ARG K 208 8.21 -91.64 -21.43
CA ARG K 208 7.50 -91.26 -22.64
C ARG K 208 6.10 -90.74 -22.35
N ASN K 209 5.67 -90.82 -21.09
CA ASN K 209 4.30 -90.56 -20.67
C ASN K 209 4.20 -89.47 -19.61
N VAL K 210 5.30 -88.74 -19.36
CA VAL K 210 5.37 -87.74 -18.29
C VAL K 210 4.28 -86.68 -18.41
N ALA K 211 3.98 -86.25 -19.64
CA ALA K 211 2.91 -85.28 -19.88
C ALA K 211 1.56 -85.78 -19.37
N ALA K 212 1.33 -87.09 -19.41
CA ALA K 212 0.13 -87.68 -18.86
C ALA K 212 0.22 -87.86 -17.35
N VAL K 213 1.34 -88.41 -16.87
CA VAL K 213 1.51 -88.70 -15.44
C VAL K 213 1.41 -87.43 -14.60
N ALA K 214 1.97 -86.33 -15.11
CA ALA K 214 1.98 -85.05 -14.39
C ALA K 214 0.59 -84.56 -14.06
N ALA K 215 -0.42 -84.95 -14.84
CA ALA K 215 -1.80 -84.58 -14.55
C ALA K 215 -2.42 -85.45 -13.48
N ARG K 216 -1.80 -86.57 -13.14
CA ARG K 216 -2.43 -87.60 -12.32
C ARG K 216 -1.67 -87.74 -11.01
N ASP K 217 -2.36 -88.25 -10.00
CA ASP K 217 -1.77 -88.33 -8.67
C ASP K 217 -0.73 -89.43 -8.50
N SER K 218 -0.54 -90.30 -9.50
CA SER K 218 0.52 -91.30 -9.44
C SER K 218 0.73 -91.90 -10.82
N VAL K 219 1.99 -92.25 -11.09
CA VAL K 219 2.32 -93.03 -12.29
C VAL K 219 1.65 -94.40 -12.25
N ALA K 220 1.66 -95.04 -11.08
CA ALA K 220 0.96 -96.31 -10.92
C ALA K 220 -0.52 -96.13 -11.14
N ALA K 221 -1.12 -95.07 -10.59
CA ALA K 221 -2.53 -94.81 -10.81
C ALA K 221 -2.84 -94.60 -12.27
N THR K 222 -1.92 -93.96 -13.00
CA THR K 222 -2.04 -93.79 -14.44
C THR K 222 -2.16 -95.12 -15.17
N LEU K 223 -1.20 -96.02 -14.95
CA LEU K 223 -1.24 -97.28 -15.69
C LEU K 223 -2.33 -98.20 -15.18
N ALA K 224 -2.65 -98.15 -13.88
CA ALA K 224 -3.77 -98.87 -13.33
C ALA K 224 -5.08 -98.48 -14.01
N ALA K 225 -5.31 -97.17 -14.14
CA ALA K 225 -6.47 -96.69 -14.89
C ALA K 225 -6.47 -97.18 -16.34
N ALA K 226 -5.34 -97.06 -17.03
CA ALA K 226 -5.28 -97.49 -18.43
C ALA K 226 -5.51 -98.99 -18.61
N THR K 227 -5.08 -99.80 -17.64
CA THR K 227 -5.36 -101.23 -17.72
C THR K 227 -6.79 -101.55 -17.34
N GLU K 228 -7.36 -100.86 -16.34
CA GLU K 228 -8.78 -101.00 -16.06
C GLU K 228 -9.63 -100.64 -17.28
N ARG K 229 -9.21 -99.61 -18.03
CA ARG K 229 -9.82 -99.28 -19.32
C ARG K 229 -9.81 -100.45 -20.28
N LEU K 230 -8.65 -101.09 -20.45
CA LEU K 230 -8.57 -102.25 -21.34
C LEU K 230 -9.38 -103.43 -20.82
N ALA K 231 -9.36 -103.66 -19.51
CA ALA K 231 -10.13 -104.75 -18.90
C ALA K 231 -11.63 -104.56 -19.10
N HIS K 232 -12.13 -103.36 -18.80
CA HIS K 232 -13.54 -103.05 -19.02
C HIS K 232 -13.91 -103.05 -20.49
N ASP K 233 -12.95 -102.79 -21.38
CA ASP K 233 -13.26 -102.86 -22.80
C ASP K 233 -13.40 -104.32 -23.25
N LEU K 234 -12.52 -105.19 -22.78
CA LEU K 234 -12.62 -106.61 -23.10
C LEU K 234 -13.81 -107.28 -22.41
N ASN K 235 -14.12 -106.86 -21.19
CA ASN K 235 -15.14 -107.52 -20.39
C ASN K 235 -16.53 -107.20 -20.94
N GLY K 236 -17.42 -108.19 -20.89
CA GLY K 236 -18.79 -108.00 -21.32
C GLY K 236 -19.29 -109.14 -22.20
N ARG K 237 -18.39 -109.70 -22.99
CA ARG K 237 -18.68 -110.82 -23.88
C ARG K 237 -18.56 -112.13 -23.10
N ARG K 238 -18.46 -113.25 -23.83
CA ARG K 238 -18.21 -114.55 -23.20
C ARG K 238 -16.92 -114.54 -22.40
N TRP K 239 -15.89 -113.87 -22.92
CA TRP K 239 -14.63 -113.75 -22.20
C TRP K 239 -14.72 -112.60 -21.20
N THR K 240 -14.28 -112.86 -19.98
CA THR K 240 -14.17 -111.85 -18.93
C THR K 240 -12.71 -111.48 -18.74
N ALA K 241 -12.49 -110.33 -18.11
CA ALA K 241 -11.14 -109.82 -17.93
C ALA K 241 -11.03 -109.06 -16.61
N ARG K 242 -9.86 -109.16 -16.00
CA ARG K 242 -9.54 -108.44 -14.77
C ARG K 242 -8.03 -108.23 -14.72
N PRO K 243 -7.57 -107.16 -14.06
CA PRO K 243 -6.14 -107.07 -13.74
C PRO K 243 -5.71 -108.15 -12.76
N LEU K 244 -4.47 -108.63 -12.94
CA LEU K 244 -3.88 -109.57 -11.99
C LEU K 244 -3.42 -108.85 -10.73
N THR K 245 -3.57 -109.51 -9.59
CA THR K 245 -2.78 -109.20 -8.41
C THR K 245 -1.33 -109.62 -8.64
N SER K 246 -0.38 -108.84 -8.09
CA SER K 246 1.04 -109.09 -8.29
C SER K 246 1.47 -110.47 -7.82
N SER K 247 0.83 -111.00 -6.77
CA SER K 247 1.01 -112.38 -6.38
C SER K 247 0.66 -113.32 -7.54
N GLU K 248 -0.54 -113.14 -8.10
CA GLU K 248 -0.91 -113.89 -9.28
C GLU K 248 -0.06 -113.54 -10.50
N ILE K 249 0.59 -112.37 -10.51
CA ILE K 249 1.55 -112.08 -11.59
C ILE K 249 2.77 -113.00 -11.47
N ASP K 250 3.26 -113.21 -10.24
CA ASP K 250 4.33 -114.18 -10.04
C ASP K 250 3.87 -115.61 -10.31
N ASP K 251 2.61 -115.90 -10.01
CA ASP K 251 2.02 -117.18 -10.43
C ASP K 251 2.01 -117.34 -11.95
N MET K 252 1.64 -116.28 -12.66
CA MET K 252 1.62 -116.31 -14.12
C MET K 252 3.02 -116.49 -14.69
N ASP K 253 4.01 -115.80 -14.11
CA ASP K 253 5.41 -116.01 -14.50
C ASP K 253 5.85 -117.45 -14.27
N ALA K 254 5.48 -118.04 -13.14
CA ALA K 254 5.79 -119.45 -12.89
C ALA K 254 5.14 -120.35 -13.93
N THR K 255 3.87 -120.10 -14.26
CA THR K 255 3.19 -120.98 -15.20
C THR K 255 3.71 -120.77 -16.62
N VAL K 256 4.20 -119.57 -16.93
CA VAL K 256 4.82 -119.33 -18.23
C VAL K 256 6.15 -120.09 -18.33
N LEU K 257 6.88 -120.19 -17.22
CA LEU K 257 8.14 -120.93 -17.26
C LEU K 257 7.90 -122.43 -17.28
N ALA K 258 7.19 -122.95 -16.27
CA ALA K 258 6.96 -124.39 -16.05
C ALA K 258 8.26 -125.19 -16.04
N GLY K 259 9.31 -124.60 -15.48
CA GLY K 259 10.62 -125.23 -15.49
C GLY K 259 11.75 -124.27 -15.84
N TRP K 288 10.61 -124.11 -29.70
CA TRP K 288 11.83 -123.31 -29.74
C TRP K 288 12.11 -122.82 -31.14
N VAL K 289 11.12 -122.94 -32.02
CA VAL K 289 11.29 -122.75 -33.45
C VAL K 289 11.38 -121.27 -33.80
N SER K 290 11.62 -120.99 -35.08
CA SER K 290 11.89 -119.66 -35.60
C SER K 290 10.75 -118.69 -35.25
N PRO K 291 11.07 -117.41 -35.07
CA PRO K 291 10.01 -116.38 -35.15
C PRO K 291 9.45 -116.31 -36.56
N ARG K 292 8.13 -116.16 -36.65
CA ARG K 292 7.43 -116.30 -37.92
C ARG K 292 7.20 -114.93 -38.55
N ASP K 293 7.46 -114.85 -39.85
CA ASP K 293 7.33 -113.59 -40.56
C ASP K 293 5.87 -113.26 -40.86
N ILE K 294 5.13 -114.23 -41.39
CA ILE K 294 3.70 -114.09 -41.64
C ILE K 294 2.95 -115.01 -40.69
N THR K 295 1.98 -114.45 -39.96
CA THR K 295 1.52 -115.06 -38.71
C THR K 295 0.01 -115.18 -38.61
N SER K 296 -0.76 -114.37 -39.37
CA SER K 296 -2.18 -114.13 -39.08
C SER K 296 -2.99 -115.42 -39.10
N GLU K 297 -2.68 -116.33 -40.01
CA GLU K 297 -3.37 -117.60 -40.14
C GLU K 297 -2.81 -118.67 -39.20
N THR K 298 -1.59 -118.45 -38.69
CA THR K 298 -0.81 -119.52 -38.08
C THR K 298 -1.32 -119.94 -36.71
N LEU K 299 -1.91 -119.02 -35.93
CA LEU K 299 -2.04 -119.17 -34.48
C LEU K 299 -2.70 -120.49 -34.05
N GLU K 300 -3.90 -120.76 -34.58
CA GLU K 300 -4.63 -121.97 -34.20
C GLU K 300 -4.00 -123.28 -34.67
N ARG K 301 -3.15 -123.28 -35.69
CA ARG K 301 -2.41 -124.51 -36.01
C ARG K 301 -1.04 -124.61 -35.36
N LEU K 302 -0.44 -123.48 -34.98
CA LEU K 302 0.85 -123.47 -34.30
C LEU K 302 0.75 -124.03 -32.87
N TRP K 303 -0.46 -124.12 -32.31
CA TRP K 303 -0.69 -124.88 -31.09
C TRP K 303 -0.63 -126.39 -31.30
N LEU K 304 -0.83 -126.88 -32.52
CA LEU K 304 -0.99 -128.32 -32.74
C LEU K 304 0.23 -129.24 -32.53
N PRO K 305 1.49 -128.82 -32.79
CA PRO K 305 2.61 -129.74 -32.52
C PRO K 305 2.69 -130.26 -31.09
N ASP K 306 2.99 -131.54 -30.98
CA ASP K 306 2.94 -132.30 -29.73
C ASP K 306 3.98 -131.79 -28.74
N THR K 307 3.54 -131.39 -27.56
CA THR K 307 4.43 -130.96 -26.49
C THR K 307 3.71 -131.11 -25.15
N GLU K 308 4.51 -131.22 -24.09
CA GLU K 308 3.97 -131.12 -22.74
C GLU K 308 3.57 -129.70 -22.38
N ALA K 309 4.26 -128.70 -22.92
CA ALA K 309 3.91 -127.31 -22.69
C ALA K 309 4.22 -126.49 -23.93
N THR K 310 3.30 -125.60 -24.28
CA THR K 310 3.50 -124.62 -25.33
C THR K 310 3.25 -123.23 -24.75
N ALA K 311 4.09 -122.29 -25.15
CA ALA K 311 3.87 -120.88 -24.88
C ALA K 311 3.78 -120.15 -26.21
N VAL K 312 2.68 -119.44 -26.43
CA VAL K 312 2.39 -118.79 -27.70
C VAL K 312 2.08 -117.33 -27.40
N THR K 313 2.71 -116.42 -28.13
CA THR K 313 2.60 -115.00 -27.84
C THR K 313 2.74 -114.18 -29.11
N VAL K 314 2.10 -113.00 -29.10
CA VAL K 314 2.07 -112.07 -30.23
C VAL K 314 2.38 -110.68 -29.68
N ARG K 315 3.21 -109.92 -30.41
CA ARG K 315 3.67 -108.60 -29.98
C ARG K 315 3.16 -107.52 -30.91
N LEU K 316 2.73 -106.39 -30.34
CA LEU K 316 2.27 -105.22 -31.06
C LEU K 316 3.09 -104.00 -30.63
N ARG K 317 3.66 -103.29 -31.58
CA ARG K 317 4.51 -102.14 -31.25
C ARG K 317 4.23 -100.97 -32.17
N PRO K 318 4.40 -99.72 -31.66
CA PRO K 318 4.10 -98.51 -32.44
C PRO K 318 5.22 -98.05 -33.38
N ARG K 319 5.44 -98.81 -34.45
CA ARG K 319 6.54 -98.51 -35.38
C ARG K 319 6.36 -97.13 -36.03
N HIS K 320 5.14 -96.80 -36.43
CA HIS K 320 4.75 -95.45 -36.80
C HIS K 320 3.39 -95.18 -36.19
N GLY K 321 2.62 -94.27 -36.78
CA GLY K 321 1.23 -94.09 -36.38
C GLY K 321 0.36 -95.32 -36.51
N GLY K 322 0.80 -96.32 -37.27
CA GLY K 322 0.18 -97.62 -37.27
C GLY K 322 0.70 -98.48 -36.13
N VAL K 323 0.34 -99.76 -36.17
CA VAL K 323 0.86 -100.76 -35.24
C VAL K 323 1.27 -101.98 -36.05
N GLU K 324 2.46 -102.50 -35.79
CA GLU K 324 3.04 -103.59 -36.55
C GLU K 324 3.29 -104.77 -35.63
N VAL K 325 3.29 -105.97 -36.21
CA VAL K 325 3.03 -107.21 -35.49
C VAL K 325 4.23 -108.13 -35.63
N SER K 326 4.55 -108.84 -34.55
CA SER K 326 5.49 -109.95 -34.58
C SER K 326 4.98 -111.01 -33.61
N ALA K 327 5.31 -112.27 -33.90
CA ALA K 327 4.90 -113.39 -33.08
C ALA K 327 6.05 -114.39 -32.96
N TRP K 328 6.10 -115.07 -31.81
CA TRP K 328 7.07 -116.13 -31.60
C TRP K 328 6.49 -117.14 -30.61
N VAL K 329 7.14 -118.29 -30.53
CA VAL K 329 6.64 -119.44 -29.79
C VAL K 329 7.84 -120.20 -29.27
N ARG K 330 7.65 -120.96 -28.19
CA ARG K 330 8.56 -122.03 -27.84
C ARG K 330 7.78 -123.23 -27.32
N TYR K 331 8.40 -124.41 -27.44
CA TYR K 331 7.83 -125.65 -26.94
C TYR K 331 8.79 -126.27 -25.92
N HIS K 332 8.21 -126.91 -24.91
CA HIS K 332 8.91 -127.40 -23.72
C HIS K 332 9.83 -126.35 -23.11
N PRO L 18 -23.64 -93.90 -38.67
CA PRO L 18 -22.89 -92.64 -38.83
C PRO L 18 -21.60 -92.64 -38.02
N GLN L 19 -20.72 -91.69 -38.30
CA GLN L 19 -19.53 -91.50 -37.47
C GLN L 19 -19.91 -90.94 -36.11
N ALA L 20 -19.47 -91.62 -35.06
CA ALA L 20 -19.44 -91.06 -33.72
C ALA L 20 -18.02 -91.21 -33.18
N ALA L 21 -17.48 -90.14 -32.61
CA ALA L 21 -16.11 -90.17 -32.11
C ALA L 21 -16.11 -90.54 -30.64
N VAL L 22 -15.34 -91.57 -30.29
CA VAL L 22 -14.94 -91.74 -28.90
C VAL L 22 -13.89 -90.70 -28.56
N VAL L 23 -14.10 -90.00 -27.45
CA VAL L 23 -13.12 -89.04 -26.93
C VAL L 23 -13.12 -89.16 -25.41
N ALA L 24 -12.01 -88.75 -24.82
CA ALA L 24 -12.02 -88.36 -23.43
C ALA L 24 -12.58 -86.95 -23.26
N ILE L 25 -13.13 -86.71 -22.08
CA ILE L 25 -13.54 -85.38 -21.65
C ILE L 25 -13.04 -85.21 -20.22
N MET L 26 -12.79 -83.97 -19.83
CA MET L 26 -12.30 -83.73 -18.48
C MET L 26 -12.93 -82.47 -17.92
N ALA L 27 -13.25 -82.53 -16.62
CA ALA L 27 -13.69 -81.41 -15.81
C ALA L 27 -13.62 -81.82 -14.36
N ALA L 28 -13.69 -80.83 -13.47
CA ALA L 28 -13.88 -81.03 -12.02
C ALA L 28 -12.86 -81.99 -11.41
N ASP L 29 -11.61 -81.88 -11.87
CA ASP L 29 -10.47 -82.77 -11.53
C ASP L 29 -10.79 -84.24 -11.82
N VAL L 30 -11.56 -84.51 -12.86
CA VAL L 30 -11.93 -85.86 -13.26
C VAL L 30 -11.81 -85.94 -14.79
N GLN L 31 -11.41 -87.11 -15.30
CA GLN L 31 -11.52 -87.41 -16.72
C GLN L 31 -12.46 -88.58 -16.97
N ILE L 32 -13.35 -88.42 -17.95
CA ILE L 32 -14.34 -89.42 -18.33
C ILE L 32 -14.18 -89.62 -19.84
N ALA L 33 -14.44 -90.84 -20.31
CA ALA L 33 -14.45 -91.13 -21.74
C ALA L 33 -15.88 -91.33 -22.23
N VAL L 34 -16.16 -90.82 -23.44
CA VAL L 34 -17.50 -90.73 -23.98
C VAL L 34 -17.43 -90.95 -25.48
N VAL L 35 -18.58 -91.25 -26.08
CA VAL L 35 -18.71 -91.36 -27.53
C VAL L 35 -19.73 -90.32 -27.99
N LEU L 36 -19.26 -89.35 -28.79
CA LEU L 36 -20.05 -88.20 -29.17
C LEU L 36 -20.45 -88.26 -30.64
N ASP L 37 -21.69 -87.85 -30.92
CA ASP L 37 -22.24 -87.85 -32.27
C ASP L 37 -21.52 -86.85 -33.16
N ALA L 38 -20.51 -87.33 -33.91
CA ALA L 38 -19.39 -86.51 -34.35
C ALA L 38 -19.81 -85.35 -35.27
N HIS L 39 -20.98 -85.44 -35.88
CA HIS L 39 -21.42 -84.49 -36.89
C HIS L 39 -22.59 -83.61 -36.43
N ALA L 40 -23.12 -83.84 -35.24
CA ALA L 40 -24.08 -82.94 -34.62
C ALA L 40 -23.37 -81.71 -34.04
N PRO L 41 -23.99 -80.53 -34.15
CA PRO L 41 -23.45 -79.32 -33.51
C PRO L 41 -23.22 -79.49 -32.01
N ILE L 42 -22.15 -78.89 -31.52
CA ILE L 42 -21.80 -78.91 -30.10
C ILE L 42 -22.93 -78.37 -29.23
N SER L 43 -23.65 -77.35 -29.72
CA SER L 43 -24.84 -76.84 -29.05
C SER L 43 -25.96 -77.86 -28.87
N VAL L 44 -25.98 -78.93 -29.68
CA VAL L 44 -26.94 -80.01 -29.46
C VAL L 44 -26.55 -80.85 -28.25
N MET L 45 -25.27 -80.98 -27.96
CA MET L 45 -24.75 -82.02 -27.09
C MET L 45 -24.23 -81.54 -25.75
N ILE L 46 -23.81 -80.28 -25.65
CA ILE L 46 -23.21 -79.76 -24.43
C ILE L 46 -24.12 -79.94 -23.21
N ASP L 47 -25.40 -79.59 -23.34
CA ASP L 47 -26.34 -79.67 -22.20
C ASP L 47 -26.48 -81.08 -21.62
N PRO L 48 -26.74 -82.14 -22.39
CA PRO L 48 -26.84 -83.45 -21.76
C PRO L 48 -25.49 -84.01 -21.39
N LEU L 49 -24.43 -83.53 -22.02
CA LEU L 49 -23.09 -83.91 -21.58
C LEU L 49 -22.82 -83.36 -20.19
N LEU L 50 -23.24 -82.11 -19.95
CA LEU L 50 -23.15 -81.55 -18.61
C LEU L 50 -23.97 -82.37 -17.62
N LYS L 51 -25.19 -82.77 -18.00
CA LYS L 51 -26.02 -83.56 -17.10
C LYS L 51 -25.40 -84.91 -16.80
N VAL L 52 -24.83 -85.55 -17.83
CA VAL L 52 -24.10 -86.80 -17.69
C VAL L 52 -22.94 -86.65 -16.72
N VAL L 53 -22.10 -85.63 -16.93
CA VAL L 53 -20.96 -85.38 -16.06
C VAL L 53 -21.40 -85.13 -14.62
N ASN L 54 -22.47 -84.34 -14.44
CA ASN L 54 -22.94 -84.07 -13.08
C ASN L 54 -23.45 -85.33 -12.40
N THR L 55 -24.14 -86.20 -13.15
CA THR L 55 -24.59 -87.47 -12.59
C THR L 55 -23.40 -88.35 -12.20
N ARG L 56 -22.40 -88.44 -13.07
CA ARG L 56 -21.21 -89.25 -12.80
C ARG L 56 -20.43 -88.73 -11.59
N LEU L 57 -20.26 -87.41 -11.49
CA LEU L 57 -19.57 -86.81 -10.35
C LEU L 57 -20.36 -87.01 -9.06
N ARG L 58 -21.68 -86.85 -9.11
CA ARG L 58 -22.50 -87.07 -7.93
C ARG L 58 -22.44 -88.53 -7.50
N GLU L 59 -22.32 -89.44 -8.47
CA GLU L 59 -22.17 -90.86 -8.15
C GLU L 59 -20.84 -91.12 -7.47
N LEU L 60 -19.82 -90.36 -7.82
CA LEU L 60 -18.49 -90.50 -7.25
C LEU L 60 -18.33 -89.81 -5.91
N GLY L 61 -19.34 -89.08 -5.45
CA GLY L 61 -19.19 -88.29 -4.24
C GLY L 61 -18.39 -87.03 -4.43
N VAL L 62 -18.14 -86.65 -5.67
CA VAL L 62 -17.44 -85.42 -6.01
C VAL L 62 -18.47 -84.32 -6.18
N ALA L 63 -18.15 -83.12 -5.70
CA ALA L 63 -18.99 -81.93 -5.85
C ALA L 63 -19.21 -81.64 -7.33
N PRO L 64 -20.46 -81.63 -7.80
CA PRO L 64 -20.72 -81.44 -9.23
C PRO L 64 -20.37 -80.02 -9.70
N LEU L 65 -20.39 -79.87 -11.02
CA LEU L 65 -20.16 -78.59 -11.66
C LEU L 65 -21.32 -77.62 -11.39
N GLU L 66 -20.98 -76.34 -11.45
CA GLU L 66 -21.95 -75.26 -11.23
C GLU L 66 -21.65 -74.12 -12.18
N ALA L 67 -22.71 -73.40 -12.54
CA ALA L 67 -22.57 -72.07 -13.10
C ALA L 67 -22.35 -71.05 -12.01
N LYS L 68 -21.30 -70.25 -12.14
CA LYS L 68 -21.01 -69.18 -11.21
C LYS L 68 -21.37 -67.84 -11.84
N GLY L 69 -22.31 -67.14 -11.22
CA GLY L 69 -22.84 -65.90 -11.77
C GLY L 69 -23.40 -66.05 -13.17
N ARG L 70 -22.91 -65.21 -14.07
CA ARG L 70 -23.32 -65.22 -15.46
C ARG L 70 -22.16 -65.50 -16.39
N GLY L 71 -22.47 -66.19 -17.48
CA GLY L 71 -21.48 -66.83 -18.30
C GLY L 71 -22.15 -67.91 -19.13
N ARG L 72 -21.33 -68.77 -19.73
CA ARG L 72 -21.92 -69.90 -20.41
C ARG L 72 -21.00 -71.12 -20.37
N TRP L 73 -21.62 -72.28 -20.44
CA TRP L 73 -20.91 -73.55 -20.56
C TRP L 73 -20.30 -73.68 -21.94
N MET L 74 -19.07 -74.19 -22.00
CA MET L 74 -18.34 -74.35 -23.24
C MET L 74 -17.41 -75.55 -23.12
N LEU L 75 -17.01 -76.06 -24.28
CA LEU L 75 -15.98 -77.07 -24.39
C LEU L 75 -14.75 -76.49 -25.07
N CYS L 76 -13.59 -76.88 -24.59
CA CYS L 76 -12.32 -76.49 -25.18
C CYS L 76 -11.48 -77.69 -25.54
N LEU L 77 -10.58 -77.47 -26.49
CA LEU L 77 -9.42 -78.34 -26.61
C LEU L 77 -8.53 -78.15 -25.39
N VAL L 78 -7.73 -79.18 -25.10
CA VAL L 78 -6.81 -79.13 -23.98
C VAL L 78 -5.78 -78.02 -24.11
N ASP L 79 -5.51 -77.54 -25.33
CA ASP L 79 -4.63 -76.40 -25.46
C ASP L 79 -5.30 -75.10 -25.01
N GLY L 80 -6.63 -75.08 -24.90
CA GLY L 80 -7.35 -73.98 -24.32
C GLY L 80 -8.39 -73.34 -25.23
N THR L 81 -8.32 -73.59 -26.53
CA THR L 81 -9.20 -72.89 -27.46
C THR L 81 -10.62 -73.46 -27.40
N PRO L 82 -11.63 -72.62 -27.26
CA PRO L 82 -13.02 -73.11 -27.27
C PRO L 82 -13.49 -73.51 -28.66
N LEU L 83 -14.45 -74.43 -28.65
CA LEU L 83 -15.08 -74.91 -29.88
C LEU L 83 -16.29 -74.03 -30.21
N ARG L 84 -16.48 -73.78 -31.50
CA ARG L 84 -17.68 -73.09 -31.96
C ARG L 84 -18.93 -73.93 -31.71
N PRO L 85 -19.89 -73.44 -30.93
CA PRO L 85 -21.06 -74.27 -30.58
C PRO L 85 -21.94 -74.64 -31.77
N ASN L 86 -21.98 -73.79 -32.79
CA ASN L 86 -22.75 -74.12 -33.99
C ASN L 86 -22.07 -75.19 -34.82
N LEU L 87 -20.76 -75.36 -34.69
CA LEU L 87 -20.06 -76.36 -35.46
C LEU L 87 -20.09 -77.70 -34.74
N SER L 88 -20.05 -78.77 -35.53
CA SER L 88 -19.84 -80.10 -34.99
C SER L 88 -18.38 -80.33 -34.64
N LEU L 89 -18.13 -81.50 -34.03
CA LEU L 89 -16.78 -82.01 -33.81
C LEU L 89 -15.97 -82.03 -35.10
N THR L 90 -16.60 -82.52 -36.18
CA THR L 90 -15.89 -82.89 -37.40
C THR L 90 -15.19 -81.68 -38.04
N GLU L 91 -15.95 -80.66 -38.40
CA GLU L 91 -15.41 -79.56 -39.19
C GLU L 91 -14.57 -78.59 -38.38
N GLN L 92 -14.54 -78.72 -37.05
CA GLN L 92 -13.49 -78.11 -36.25
C GLN L 92 -12.46 -79.13 -35.79
N GLU L 93 -12.37 -80.26 -36.51
CA GLU L 93 -11.22 -81.17 -36.49
C GLU L 93 -11.06 -81.91 -35.17
N VAL L 94 -12.15 -82.10 -34.43
CA VAL L 94 -12.13 -83.10 -33.37
C VAL L 94 -12.13 -84.48 -34.02
N TYR L 95 -11.26 -85.36 -33.53
CA TYR L 95 -11.17 -86.72 -34.02
C TYR L 95 -11.29 -87.69 -32.85
N ASP L 96 -11.54 -88.94 -33.18
CA ASP L 96 -11.53 -90.01 -32.19
C ASP L 96 -10.19 -90.07 -31.46
N GLY L 97 -10.25 -90.27 -30.15
CA GLY L 97 -9.07 -90.30 -29.32
C GLY L 97 -8.58 -88.95 -28.84
N ASP L 98 -9.22 -87.86 -29.25
CA ASP L 98 -8.92 -86.54 -28.72
C ASP L 98 -9.40 -86.41 -27.27
N ARG L 99 -8.97 -85.32 -26.64
CA ARG L 99 -9.42 -84.89 -25.33
C ARG L 99 -10.14 -83.55 -25.46
N LEU L 100 -11.24 -83.39 -24.71
CA LEU L 100 -11.94 -82.11 -24.63
C LEU L 100 -12.09 -81.66 -23.18
N TRP L 101 -11.98 -80.34 -22.98
CA TRP L 101 -12.00 -79.76 -21.65
C TRP L 101 -13.28 -78.93 -21.49
N LEU L 102 -14.06 -79.26 -20.48
CA LEU L 102 -15.37 -78.65 -20.23
C LEU L 102 -15.30 -77.55 -19.18
N LYS L 103 -15.84 -76.37 -19.53
CA LYS L 103 -15.76 -75.19 -18.67
C LYS L 103 -17.10 -74.48 -18.64
N PHE L 104 -17.24 -73.59 -17.65
CA PHE L 104 -18.17 -72.47 -17.67
C PHE L 104 -17.40 -71.17 -17.85
N LEU L 105 -17.37 -70.64 -19.06
CA LEU L 105 -16.66 -69.38 -19.33
C LEU L 105 -17.39 -68.22 -18.67
N GLU L 106 -16.69 -67.52 -17.78
CA GLU L 106 -17.26 -66.32 -17.16
C GLU L 106 -17.59 -65.26 -18.22
N ASP L 107 -18.69 -64.54 -17.97
CA ASP L 107 -19.15 -63.45 -18.83
C ASP L 107 -18.04 -62.43 -19.08
N THR L 108 -17.74 -62.21 -20.36
CA THR L 108 -16.73 -61.24 -20.77
C THR L 108 -17.19 -59.78 -20.78
N GLU L 109 -18.47 -59.49 -21.03
CA GLU L 109 -18.88 -58.10 -21.26
C GLU L 109 -18.94 -57.28 -19.99
N HIS L 110 -18.55 -56.02 -20.12
CA HIS L 110 -18.64 -54.99 -19.08
C HIS L 110 -18.58 -53.66 -19.80
N ARG L 111 -18.87 -52.59 -19.05
CA ARG L 111 -18.72 -51.24 -19.59
C ARG L 111 -17.31 -51.01 -20.10
N SER L 112 -17.21 -50.33 -21.24
CA SER L 112 -15.90 -49.87 -21.68
C SER L 112 -15.54 -48.59 -20.94
N GLU L 113 -14.35 -48.55 -20.36
CA GLU L 113 -13.83 -47.32 -19.78
C GLU L 113 -13.51 -46.31 -20.89
N VAL L 114 -13.37 -45.06 -20.49
CA VAL L 114 -12.93 -44.02 -21.41
C VAL L 114 -12.21 -42.91 -20.66
N ILE L 115 -10.96 -42.67 -21.04
CA ILE L 115 -10.17 -41.59 -20.47
C ILE L 115 -9.99 -40.54 -21.56
N GLU L 116 -10.69 -39.42 -21.38
CA GLU L 116 -10.79 -38.44 -22.46
C GLU L 116 -9.49 -37.67 -22.64
N HIS L 117 -8.70 -37.51 -21.59
CA HIS L 117 -7.47 -36.74 -21.70
C HIS L 117 -6.37 -37.67 -22.21
N ILE L 118 -5.72 -37.25 -23.28
CA ILE L 118 -4.71 -38.06 -23.97
C ILE L 118 -3.59 -38.51 -23.05
N SER L 119 -3.05 -37.59 -22.24
CA SER L 119 -1.90 -37.92 -21.40
C SER L 119 -2.23 -38.96 -20.35
N THR L 120 -3.37 -38.82 -19.69
CA THR L 120 -3.80 -39.78 -18.68
C THR L 120 -4.14 -41.12 -19.31
N ALA L 121 -4.72 -41.12 -20.50
CA ALA L 121 -5.02 -42.37 -21.19
C ALA L 121 -3.74 -43.11 -21.59
N VAL L 122 -2.73 -42.38 -22.03
CA VAL L 122 -1.44 -43.00 -22.34
C VAL L 122 -0.86 -43.64 -21.10
N ALA L 123 -0.79 -42.87 -20.01
CA ALA L 123 -0.14 -43.34 -18.80
C ALA L 123 -0.85 -44.57 -18.26
N THR L 124 -2.18 -44.54 -18.21
CA THR L 124 -2.91 -45.66 -17.64
C THR L 124 -2.84 -46.89 -18.53
N ASN L 125 -2.91 -46.74 -19.86
CA ASN L 125 -2.80 -47.91 -20.73
C ASN L 125 -1.44 -48.55 -20.64
N LEU L 126 -0.36 -47.76 -20.71
CA LEU L 126 0.97 -48.31 -20.55
C LEU L 126 1.15 -48.99 -19.20
N SER L 127 0.79 -48.32 -18.11
CA SER L 127 0.98 -48.92 -16.79
C SER L 127 0.17 -50.19 -16.65
N LYS L 128 -1.00 -50.25 -17.27
CA LYS L 128 -1.83 -51.43 -17.14
C LYS L 128 -1.28 -52.60 -17.95
N ARG L 129 -0.63 -52.31 -19.08
CA ARG L 129 -0.40 -53.33 -20.08
C ARG L 129 1.05 -53.81 -20.19
N PHE L 130 2.01 -53.04 -19.68
CA PHE L 130 3.41 -53.45 -19.70
C PHE L 130 3.96 -53.51 -18.28
N ALA L 131 5.16 -54.09 -18.16
CA ALA L 131 5.76 -54.36 -16.87
C ALA L 131 6.93 -53.43 -16.59
N PRO L 132 6.92 -52.75 -15.46
CA PRO L 132 8.02 -51.84 -15.12
C PRO L 132 9.27 -52.58 -14.73
N ILE L 133 10.36 -51.83 -14.64
CA ILE L 133 11.56 -52.34 -13.99
C ILE L 133 11.27 -52.59 -12.51
N ASP L 134 11.94 -53.57 -11.93
CA ASP L 134 11.70 -54.03 -10.58
C ASP L 134 13.04 -54.52 -10.03
N PRO L 135 13.27 -54.40 -8.72
CA PRO L 135 14.56 -54.81 -8.14
C PRO L 135 14.90 -56.27 -8.34
N VAL L 136 13.88 -57.13 -8.44
CA VAL L 136 14.08 -58.52 -8.81
C VAL L 136 14.78 -58.62 -10.15
N VAL L 137 14.33 -57.83 -11.12
CA VAL L 137 14.98 -57.80 -12.42
C VAL L 137 16.33 -57.11 -12.31
N ALA L 138 16.43 -56.09 -11.46
CA ALA L 138 17.64 -55.28 -11.41
C ALA L 138 18.82 -56.08 -10.92
N VAL L 139 18.62 -56.95 -9.94
CA VAL L 139 19.71 -57.77 -9.45
C VAL L 139 20.19 -58.74 -10.50
N GLN L 140 19.27 -59.31 -11.28
CA GLN L 140 19.65 -60.19 -12.37
C GLN L 140 20.43 -59.45 -13.45
N VAL L 141 20.04 -58.21 -13.73
CA VAL L 141 20.75 -57.41 -14.71
C VAL L 141 22.17 -57.13 -14.23
N GLY L 142 22.31 -56.79 -12.95
CA GLY L 142 23.64 -56.55 -12.41
C GLY L 142 24.51 -57.79 -12.48
N ALA L 143 23.92 -58.95 -12.18
CA ALA L 143 24.66 -60.21 -12.27
C ALA L 143 25.09 -60.50 -13.69
N THR L 144 24.20 -60.25 -14.66
CA THR L 144 24.55 -60.47 -16.05
C THR L 144 25.68 -59.57 -16.49
N MET L 145 25.64 -58.31 -16.08
CA MET L 145 26.66 -57.38 -16.53
C MET L 145 27.99 -57.65 -15.86
N VAL L 146 28.00 -58.08 -14.60
CA VAL L 146 29.28 -58.42 -14.00
C VAL L 146 29.81 -59.74 -14.54
N ALA L 147 28.92 -60.64 -14.97
CA ALA L 147 29.36 -61.84 -15.67
C ALA L 147 30.05 -61.48 -16.99
N VAL L 148 29.42 -60.61 -17.78
CA VAL L 148 30.02 -60.18 -19.04
C VAL L 148 31.35 -59.50 -18.80
N GLY L 149 31.42 -58.68 -17.75
CA GLY L 149 32.67 -58.01 -17.43
C GLY L 149 33.78 -58.97 -17.06
N VAL L 150 33.46 -59.99 -16.27
CA VAL L 150 34.54 -60.85 -15.81
C VAL L 150 34.97 -61.82 -16.93
N LEU L 151 34.06 -62.22 -17.81
CA LEU L 151 34.52 -62.93 -19.00
C LEU L 151 35.38 -62.07 -19.90
N LEU L 152 35.05 -60.79 -20.07
CA LEU L 152 35.94 -59.92 -20.83
C LEU L 152 37.31 -59.80 -20.18
N GLY L 153 37.35 -59.67 -18.85
CA GLY L 153 38.63 -59.56 -18.17
C GLY L 153 39.46 -60.82 -18.28
N SER L 154 38.83 -61.99 -18.11
CA SER L 154 39.55 -63.25 -18.22
C SER L 154 40.04 -63.51 -19.64
N ALA L 155 39.18 -63.24 -20.64
CA ALA L 155 39.60 -63.41 -22.03
C ALA L 155 40.69 -62.42 -22.39
N LEU L 156 40.67 -61.25 -21.76
CA LEU L 156 41.67 -60.24 -22.03
C LEU L 156 43.02 -60.64 -21.45
N LEU L 157 43.01 -61.18 -20.23
CA LEU L 157 44.25 -61.69 -19.65
C LEU L 157 44.78 -62.87 -20.44
N GLY L 158 43.88 -63.72 -20.95
CA GLY L 158 44.31 -64.79 -21.83
C GLY L 158 44.94 -64.28 -23.11
N TRP L 159 44.39 -63.19 -23.66
CA TRP L 159 44.98 -62.58 -24.85
C TRP L 159 46.36 -62.03 -24.54
N TRP L 160 46.52 -61.40 -23.38
CA TRP L 160 47.82 -60.85 -23.04
C TRP L 160 48.86 -61.94 -22.81
N ARG L 161 48.47 -63.03 -22.15
CA ARG L 161 49.40 -64.14 -21.96
C ARG L 161 49.68 -64.86 -23.26
N TRP L 162 48.74 -64.83 -24.20
CA TRP L 162 49.01 -65.32 -25.55
C TRP L 162 50.02 -64.42 -26.25
N GLN L 163 49.91 -63.11 -26.05
CA GLN L 163 50.80 -62.19 -26.75
C GLN L 163 52.12 -62.02 -26.01
N HIS L 164 52.11 -62.02 -24.69
CA HIS L 164 53.30 -61.74 -23.92
C HIS L 164 53.55 -62.83 -22.91
N GLU L 165 54.82 -63.01 -22.55
CA GLU L 165 55.25 -64.08 -21.68
C GLU L 165 55.23 -63.71 -20.21
N SER L 166 54.41 -62.74 -19.82
CA SER L 166 54.43 -62.25 -18.45
C SER L 166 53.75 -63.25 -17.53
N TRP L 167 54.40 -63.55 -16.42
CA TRP L 167 53.81 -64.42 -15.41
C TRP L 167 52.75 -63.69 -14.59
N LEU L 168 52.85 -62.36 -14.54
CA LEU L 168 52.00 -61.56 -13.66
C LEU L 168 50.49 -61.62 -13.94
N PRO L 169 49.98 -61.85 -15.17
CA PRO L 169 48.52 -61.99 -15.32
C PRO L 169 47.87 -63.11 -14.51
N ALA L 170 48.58 -64.20 -14.26
CA ALA L 170 47.96 -65.31 -13.53
C ALA L 170 47.55 -64.97 -12.10
N PRO L 171 48.33 -64.22 -11.29
CA PRO L 171 47.77 -63.75 -10.01
C PRO L 171 46.51 -62.91 -10.12
N PHE L 172 46.41 -62.01 -11.12
CA PHE L 172 45.19 -61.23 -11.28
C PHE L 172 43.99 -62.12 -11.59
N ALA L 173 44.18 -63.08 -12.51
CA ALA L 173 43.09 -63.98 -12.85
C ALA L 173 42.68 -64.82 -11.64
N ALA L 174 43.66 -65.29 -10.86
CA ALA L 174 43.37 -66.08 -9.68
C ALA L 174 42.61 -65.27 -8.63
N VAL L 175 43.03 -64.02 -8.40
CA VAL L 175 42.39 -63.25 -7.34
C VAL L 175 40.96 -62.85 -7.74
N ILE L 176 40.74 -62.49 -9.01
CA ILE L 176 39.38 -62.14 -9.38
C ILE L 176 38.49 -63.38 -9.35
N ALA L 177 39.05 -64.55 -9.72
CA ALA L 177 38.27 -65.78 -9.67
C ALA L 177 37.88 -66.12 -8.24
N VAL L 178 38.82 -66.01 -7.29
CA VAL L 178 38.49 -66.39 -5.93
C VAL L 178 37.50 -65.41 -5.31
N LEU L 179 37.61 -64.11 -5.65
CA LEU L 179 36.64 -63.16 -5.11
C LEU L 179 35.24 -63.43 -5.63
N VAL L 180 35.09 -63.62 -6.95
CA VAL L 180 33.74 -63.84 -7.47
C VAL L 180 33.20 -65.19 -7.03
N LEU L 181 34.07 -66.18 -6.84
CA LEU L 181 33.58 -67.49 -6.42
C LEU L 181 33.12 -67.48 -4.98
N THR L 182 33.84 -66.78 -4.10
CA THR L 182 33.37 -66.66 -2.72
C THR L 182 32.09 -65.85 -2.65
N VAL L 183 31.97 -64.80 -3.47
CA VAL L 183 30.73 -64.01 -3.49
C VAL L 183 29.56 -64.87 -3.96
N ALA L 184 29.78 -65.68 -5.01
CA ALA L 184 28.73 -66.57 -5.49
C ALA L 184 28.34 -67.58 -4.45
N THR L 185 29.33 -68.13 -3.74
CA THR L 185 29.03 -69.13 -2.72
C THR L 185 28.24 -68.51 -1.56
N MET L 186 28.62 -67.30 -1.14
CA MET L 186 27.88 -66.65 -0.06
C MET L 186 26.46 -66.32 -0.47
N ILE L 187 26.26 -65.89 -1.72
CA ILE L 187 24.92 -65.61 -2.19
C ILE L 187 24.09 -66.89 -2.27
N LEU L 188 24.69 -67.97 -2.75
CA LEU L 188 23.98 -69.22 -2.86
C LEU L 188 23.64 -69.79 -1.49
N ALA L 189 24.51 -69.60 -0.51
CA ALA L 189 24.22 -70.11 0.81
C ALA L 189 23.19 -69.26 1.53
N ARG L 190 23.41 -67.95 1.58
CA ARG L 190 22.53 -67.07 2.35
C ARG L 190 21.18 -66.91 1.67
N SER L 191 21.18 -66.65 0.37
CA SER L 191 19.97 -66.28 -0.35
C SER L 191 19.43 -67.42 -1.21
N LYS L 192 19.49 -68.64 -0.69
CA LYS L 192 18.94 -69.77 -1.45
C LYS L 192 17.42 -69.78 -1.47
N THR L 193 16.77 -68.91 -0.69
CA THR L 193 15.33 -69.00 -0.45
C THR L 193 14.47 -68.64 -1.64
N VAL L 194 15.04 -68.12 -2.72
CA VAL L 194 14.26 -67.62 -3.84
C VAL L 194 14.76 -68.26 -5.13
N PRO L 195 13.92 -68.31 -6.16
CA PRO L 195 14.41 -68.66 -7.51
C PRO L 195 15.30 -67.61 -8.13
N ASP L 196 15.58 -66.51 -7.44
CA ASP L 196 16.61 -65.57 -7.83
C ASP L 196 18.00 -65.98 -7.36
N ARG L 197 18.17 -67.25 -6.98
CA ARG L 197 19.50 -67.81 -6.77
C ARG L 197 20.22 -68.04 -8.08
N ARG L 198 19.52 -67.83 -9.20
CA ARG L 198 20.19 -67.83 -10.48
C ARG L 198 21.18 -66.68 -10.59
N VAL L 199 21.10 -65.68 -9.72
CA VAL L 199 22.15 -64.68 -9.63
C VAL L 199 23.45 -65.34 -9.21
N GLY L 200 23.37 -66.23 -8.22
CA GLY L 200 24.54 -66.96 -7.80
C GLY L 200 25.00 -67.92 -8.86
N ASP L 201 24.06 -68.53 -9.57
CA ASP L 201 24.45 -69.45 -10.63
C ASP L 201 25.18 -68.73 -11.76
N ILE L 202 24.70 -67.53 -12.10
CA ILE L 202 25.36 -66.72 -13.12
C ILE L 202 26.76 -66.33 -12.67
N LEU L 203 26.91 -65.94 -11.41
CA LEU L 203 28.23 -65.58 -10.91
C LEU L 203 29.17 -66.77 -10.90
N LEU L 204 28.67 -67.96 -10.57
CA LEU L 204 29.54 -69.12 -10.51
C LEU L 204 29.99 -69.54 -11.91
N LEU L 205 29.04 -69.58 -12.86
CA LEU L 205 29.38 -69.77 -14.27
C LEU L 205 30.38 -68.74 -14.75
N SER L 206 30.24 -67.51 -14.28
CA SER L 206 31.13 -66.45 -14.72
C SER L 206 32.51 -66.61 -14.12
N GLY L 207 32.59 -67.09 -12.90
CA GLY L 207 33.84 -67.12 -12.19
C GLY L 207 34.65 -68.36 -12.34
N LEU L 208 34.07 -69.43 -12.89
CA LEU L 208 34.90 -70.59 -13.19
C LEU L 208 35.88 -70.31 -14.33
N VAL L 209 35.55 -69.39 -15.23
CA VAL L 209 36.42 -69.06 -16.35
C VAL L 209 37.74 -68.38 -15.93
N PRO L 210 37.74 -67.34 -15.09
CA PRO L 210 39.05 -66.78 -14.67
C PRO L 210 39.89 -67.77 -13.90
N LEU L 211 39.28 -68.67 -13.16
CA LEU L 211 40.03 -69.75 -12.52
C LEU L 211 40.71 -70.63 -13.56
N ALA L 212 40.00 -70.95 -14.63
CA ALA L 212 40.57 -71.78 -15.68
C ALA L 212 41.74 -71.08 -16.36
N VAL L 213 41.61 -69.78 -16.62
CA VAL L 213 42.71 -69.11 -17.29
C VAL L 213 43.84 -68.82 -16.31
N ALA L 214 43.55 -68.76 -15.01
CA ALA L 214 44.61 -68.58 -14.02
C ALA L 214 45.46 -69.84 -13.91
N ILE L 215 44.81 -71.01 -13.88
CA ILE L 215 45.55 -72.25 -13.85
C ILE L 215 46.30 -72.45 -15.16
N ALA L 216 45.68 -72.09 -16.28
CA ALA L 216 46.32 -72.28 -17.57
C ALA L 216 47.55 -71.39 -17.74
N ALA L 217 47.49 -70.16 -17.24
CA ALA L 217 48.61 -69.24 -17.41
C ALA L 217 49.82 -69.59 -16.57
N THR L 218 49.68 -70.48 -15.59
CA THR L 218 50.83 -70.93 -14.83
C THR L 218 51.73 -71.88 -15.60
N ALA L 219 51.29 -72.38 -16.75
CA ALA L 219 52.16 -73.22 -17.56
C ALA L 219 53.26 -72.39 -18.18
N PRO L 220 54.53 -72.68 -17.91
CA PRO L 220 55.61 -71.83 -18.40
C PRO L 220 55.88 -72.03 -19.89
N GLY L 221 56.76 -71.17 -20.40
CA GLY L 221 57.14 -71.21 -21.79
C GLY L 221 56.10 -70.56 -22.66
N PRO L 222 56.22 -70.72 -23.98
CA PRO L 222 55.23 -70.13 -24.88
C PRO L 222 53.89 -70.81 -24.73
N VAL L 223 52.83 -70.05 -24.99
CA VAL L 223 51.48 -70.58 -24.86
C VAL L 223 51.22 -71.59 -25.96
N GLY L 224 50.37 -72.56 -25.67
CA GLY L 224 50.04 -73.56 -26.68
C GLY L 224 49.20 -74.67 -26.09
N ALA L 225 49.42 -75.87 -26.62
CA ALA L 225 48.71 -77.06 -26.14
C ALA L 225 48.80 -77.35 -24.64
N PRO L 226 49.94 -77.22 -23.94
CA PRO L 226 49.90 -77.49 -22.49
C PRO L 226 48.98 -76.56 -21.71
N HIS L 227 49.03 -75.27 -22.03
CA HIS L 227 48.11 -74.30 -21.44
C HIS L 227 46.67 -74.65 -21.76
N ALA L 228 46.40 -75.03 -23.01
CA ALA L 228 45.04 -75.36 -23.43
C ALA L 228 44.52 -76.58 -22.68
N VAL L 229 45.31 -77.65 -22.63
CA VAL L 229 44.83 -78.87 -21.99
C VAL L 229 44.64 -78.65 -20.50
N LEU L 230 45.51 -77.85 -19.88
CA LEU L 230 45.38 -77.61 -18.45
C LEU L 230 44.15 -76.78 -18.13
N GLY L 231 43.94 -75.69 -18.88
CA GLY L 231 42.78 -74.84 -18.65
C GLY L 231 41.46 -75.54 -18.92
N PHE L 232 41.35 -76.22 -20.06
CA PHE L 232 40.12 -76.92 -20.36
C PHE L 232 39.88 -78.09 -19.41
N GLY L 233 40.94 -78.79 -18.99
CA GLY L 233 40.76 -79.85 -18.01
C GLY L 233 40.24 -79.35 -16.69
N VAL L 234 40.83 -78.27 -16.17
CA VAL L 234 40.36 -77.78 -14.87
C VAL L 234 38.96 -77.17 -14.98
N PHE L 235 38.64 -76.55 -16.11
CA PHE L 235 37.31 -75.96 -16.25
C PHE L 235 36.25 -77.05 -16.37
N GLY L 236 36.56 -78.13 -17.10
CA GLY L 236 35.64 -79.25 -17.19
C GLY L 236 35.49 -79.97 -15.86
N VAL L 237 36.58 -80.06 -15.09
CA VAL L 237 36.48 -80.69 -13.76
C VAL L 237 35.58 -79.87 -12.85
N ALA L 238 35.73 -78.55 -12.86
CA ALA L 238 34.85 -77.70 -12.05
C ALA L 238 33.41 -77.80 -12.50
N ALA L 239 33.19 -77.85 -13.82
CA ALA L 239 31.85 -78.02 -14.34
C ALA L 239 31.26 -79.37 -13.99
N MET L 240 32.11 -80.37 -13.78
CA MET L 240 31.58 -81.65 -13.33
C MET L 240 31.24 -81.62 -11.85
N LEU L 241 32.05 -80.92 -11.05
CA LEU L 241 31.77 -80.82 -9.61
C LEU L 241 30.49 -80.07 -9.33
N VAL L 242 30.22 -79.00 -10.09
CA VAL L 242 29.04 -78.19 -9.80
C VAL L 242 27.74 -78.94 -10.07
N MET L 243 27.79 -80.03 -10.84
CA MET L 243 26.67 -80.97 -10.89
C MET L 243 26.36 -81.57 -9.54
N ARG L 244 27.37 -82.15 -8.90
CA ARG L 244 27.09 -82.87 -7.67
C ARG L 244 26.86 -81.92 -6.51
N PHE L 245 27.50 -80.76 -6.53
CA PHE L 245 27.28 -79.85 -5.41
C PHE L 245 26.05 -78.97 -5.58
N THR L 246 25.68 -78.59 -6.79
CA THR L 246 24.49 -77.75 -6.98
C THR L 246 23.37 -78.45 -7.74
N GLY L 247 23.65 -78.95 -8.94
CA GLY L 247 22.62 -79.58 -9.73
C GLY L 247 21.64 -78.59 -10.33
N ARG L 248 22.06 -77.35 -10.54
CA ARG L 248 21.21 -76.30 -11.09
C ARG L 248 21.80 -75.78 -12.39
N ARG L 249 20.91 -75.53 -13.36
CA ARG L 249 21.26 -75.00 -14.67
C ARG L 249 22.33 -75.87 -15.32
N LEU L 250 21.94 -77.11 -15.58
CA LEU L 250 22.88 -78.17 -15.91
C LEU L 250 23.04 -78.40 -17.40
N GLY L 251 22.21 -77.80 -18.25
CA GLY L 251 22.41 -77.92 -19.67
C GLY L 251 23.67 -77.20 -20.13
N VAL L 252 23.89 -75.99 -19.62
CA VAL L 252 25.03 -75.21 -20.03
C VAL L 252 26.32 -75.86 -19.54
N TYR L 253 26.31 -76.39 -18.33
CA TYR L 253 27.47 -77.11 -17.82
C TYR L 253 27.68 -78.43 -18.55
N THR L 254 26.62 -79.06 -19.04
CA THR L 254 26.79 -80.25 -19.84
C THR L 254 27.47 -79.94 -21.16
N ALA L 255 27.06 -78.85 -21.82
CA ALA L 255 27.72 -78.42 -23.04
C ALA L 255 29.18 -78.07 -22.78
N LEU L 256 29.43 -77.37 -21.67
CA LEU L 256 30.79 -76.98 -21.34
C LEU L 256 31.67 -78.18 -21.03
N VAL L 257 31.14 -79.18 -20.32
CA VAL L 257 31.98 -80.33 -20.01
C VAL L 257 32.19 -81.18 -21.25
N THR L 258 31.25 -81.15 -22.19
CA THR L 258 31.47 -81.81 -23.48
C THR L 258 32.62 -81.16 -24.24
N LEU L 259 32.59 -79.83 -24.32
CA LEU L 259 33.65 -79.09 -25.00
C LEU L 259 35.00 -79.29 -24.32
N CYS L 260 35.01 -79.29 -22.99
CA CYS L 260 36.28 -79.47 -22.29
C CYS L 260 36.80 -80.89 -22.41
N ALA L 261 35.91 -81.88 -22.48
CA ALA L 261 36.36 -83.25 -22.69
C ALA L 261 37.05 -83.38 -24.04
N ALA L 262 36.46 -82.80 -25.08
CA ALA L 262 37.09 -82.88 -26.40
C ALA L 262 38.40 -82.09 -26.45
N ALA L 263 38.42 -80.90 -25.83
CA ALA L 263 39.63 -80.09 -25.85
C ALA L 263 40.76 -80.75 -25.07
N THR L 264 40.43 -81.38 -23.93
CA THR L 264 41.45 -82.08 -23.15
C THR L 264 41.96 -83.31 -23.90
N ALA L 265 41.09 -84.02 -24.61
CA ALA L 265 41.54 -85.14 -25.43
C ALA L 265 42.48 -84.69 -26.53
N ALA L 266 42.22 -83.49 -27.09
CA ALA L 266 43.14 -82.96 -28.10
C ALA L 266 44.46 -82.52 -27.47
N GLY L 267 44.40 -81.92 -26.28
CA GLY L 267 45.64 -81.47 -25.67
C GLY L 267 46.54 -82.61 -25.24
N LEU L 268 45.96 -83.68 -24.69
CA LEU L 268 46.75 -84.86 -24.38
C LEU L 268 47.27 -85.52 -25.64
N ALA L 269 46.52 -85.45 -26.74
CA ALA L 269 47.03 -86.02 -27.98
C ALA L 269 48.17 -85.18 -28.56
N ARG L 270 48.20 -83.88 -28.27
CA ARG L 270 49.32 -83.08 -28.74
C ARG L 270 50.51 -83.06 -27.79
N MET L 271 50.32 -83.48 -26.53
CA MET L 271 51.46 -83.62 -25.62
C MET L 271 52.04 -85.03 -25.55
N VAL L 272 51.20 -86.05 -25.31
CA VAL L 272 51.71 -87.41 -25.27
C VAL L 272 52.19 -87.85 -26.66
N LEU L 273 51.49 -87.43 -27.71
CA LEU L 273 51.93 -87.69 -29.07
C LEU L 273 52.23 -86.36 -29.76
N LEU L 274 52.69 -86.45 -30.99
CA LEU L 274 52.93 -85.29 -31.83
C LEU L 274 52.04 -85.34 -33.07
N THR L 275 50.77 -85.69 -32.86
CA THR L 275 49.83 -85.88 -33.96
C THR L 275 49.52 -84.57 -34.66
N SER L 276 49.19 -84.68 -35.94
CA SER L 276 48.82 -83.51 -36.71
C SER L 276 47.42 -83.05 -36.33
N ALA L 277 47.09 -81.83 -36.73
CA ALA L 277 45.79 -81.25 -36.42
C ALA L 277 44.68 -81.96 -37.17
N VAL L 278 44.94 -82.37 -38.40
CA VAL L 278 43.91 -82.99 -39.24
C VAL L 278 43.50 -84.33 -38.66
N THR L 279 44.47 -85.13 -38.24
CA THR L 279 44.21 -86.40 -37.56
C THR L 279 43.29 -86.22 -36.36
N LEU L 280 43.58 -85.18 -35.56
CA LEU L 280 42.80 -84.97 -34.34
C LEU L 280 41.41 -84.48 -34.65
N LEU L 281 41.27 -83.59 -35.63
CA LEU L 281 39.96 -83.10 -36.03
C LEU L 281 39.08 -84.24 -36.55
N THR L 282 39.66 -85.13 -37.37
CA THR L 282 38.90 -86.28 -37.83
C THR L 282 38.55 -87.25 -36.70
N CYS L 283 39.45 -87.41 -35.73
CA CYS L 283 39.10 -88.13 -34.50
C CYS L 283 37.94 -87.47 -33.76
N VAL L 284 37.96 -86.15 -33.66
CA VAL L 284 36.91 -85.41 -32.96
C VAL L 284 35.58 -85.57 -33.68
N LEU L 285 35.57 -85.43 -35.01
CA LEU L 285 34.36 -85.68 -35.79
C LEU L 285 33.81 -87.09 -35.57
N LEU L 286 34.70 -88.08 -35.55
CA LEU L 286 34.27 -89.46 -35.30
C LEU L 286 33.62 -89.60 -33.92
N ALA L 287 34.29 -89.05 -32.90
CA ALA L 287 33.74 -89.02 -31.55
C ALA L 287 32.40 -88.31 -31.50
N CYS L 288 32.26 -87.21 -32.26
CA CYS L 288 30.99 -86.50 -32.33
C CYS L 288 29.87 -87.36 -32.87
N VAL L 289 30.06 -87.97 -34.05
CA VAL L 289 28.97 -88.73 -34.66
C VAL L 289 28.63 -89.98 -33.84
N LEU L 290 29.65 -90.60 -33.25
CA LEU L 290 29.40 -91.66 -32.26
C LEU L 290 28.61 -91.15 -31.06
N MET L 291 28.95 -89.97 -30.55
CA MET L 291 28.25 -89.48 -29.37
C MET L 291 26.82 -89.08 -29.72
N TYR L 292 26.60 -88.51 -30.92
CA TYR L 292 25.26 -88.25 -31.39
C TYR L 292 24.43 -89.51 -31.39
N HIS L 293 25.03 -90.62 -31.82
CA HIS L 293 24.32 -91.88 -31.77
C HIS L 293 24.04 -92.29 -30.31
N GLY L 294 25.03 -92.11 -29.43
CA GLY L 294 24.91 -92.47 -28.02
C GLY L 294 24.23 -91.47 -27.09
N ALA L 295 24.04 -90.22 -27.53
CA ALA L 295 23.57 -89.16 -26.64
C ALA L 295 22.25 -89.43 -25.91
N PRO L 296 21.15 -89.91 -26.55
CA PRO L 296 19.93 -90.14 -25.77
C PRO L 296 20.07 -91.19 -24.66
N ALA L 297 20.77 -92.29 -24.95
CA ALA L 297 21.00 -93.29 -23.92
C ALA L 297 21.85 -92.73 -22.77
N LEU L 298 22.94 -92.04 -23.11
CA LEU L 298 23.76 -91.39 -22.08
C LEU L 298 22.95 -90.42 -21.25
N SER L 299 22.05 -89.68 -21.89
CA SER L 299 21.16 -88.77 -21.18
C SER L 299 20.26 -89.52 -20.21
N ARG L 300 19.63 -90.61 -20.67
CA ARG L 300 18.81 -91.41 -19.77
C ARG L 300 19.60 -92.03 -18.63
N TRP L 301 20.90 -92.27 -18.83
CA TRP L 301 21.76 -92.64 -17.71
C TRP L 301 21.96 -91.48 -16.74
N LEU L 302 22.50 -90.37 -17.24
CA LEU L 302 22.70 -89.14 -16.47
C LEU L 302 21.43 -88.59 -15.83
N SER L 303 20.27 -89.07 -16.26
CA SER L 303 19.00 -88.71 -15.68
C SER L 303 18.86 -89.15 -14.22
N GLY L 304 19.62 -90.15 -13.78
CA GLY L 304 19.46 -90.70 -12.45
C GLY L 304 20.74 -90.72 -11.62
N ILE L 305 21.36 -89.56 -11.38
CA ILE L 305 22.62 -89.49 -10.64
C ILE L 305 22.42 -88.96 -9.22
N ARG L 306 21.17 -88.88 -8.75
CA ARG L 306 20.75 -88.40 -7.42
C ARG L 306 21.47 -87.14 -6.95
N LEU L 307 21.70 -86.22 -7.88
CA LEU L 307 22.16 -84.88 -7.60
C LEU L 307 21.03 -84.07 -6.96
N PRO L 308 21.33 -82.93 -6.31
CA PRO L 308 20.29 -82.20 -5.57
C PRO L 308 19.09 -81.80 -6.44
N VAL L 309 17.96 -81.61 -5.77
CA VAL L 309 16.66 -81.84 -6.37
C VAL L 309 16.00 -80.58 -6.93
N PHE L 310 16.70 -79.43 -6.92
CA PHE L 310 16.11 -78.11 -7.23
C PHE L 310 15.20 -78.09 -8.46
N PRO L 311 13.91 -77.87 -8.26
CA PRO L 311 12.96 -77.86 -9.37
C PRO L 311 13.20 -76.71 -10.34
N SER L 312 13.29 -77.04 -11.63
CA SER L 312 13.33 -76.04 -12.68
C SER L 312 11.91 -75.54 -12.97
N ALA L 313 11.82 -74.61 -13.93
CA ALA L 313 10.66 -73.73 -14.07
C ALA L 313 9.38 -74.51 -14.34
N THR L 314 9.43 -75.47 -15.26
CA THR L 314 8.25 -76.26 -15.59
C THR L 314 7.80 -77.09 -14.39
N SER L 315 8.75 -77.75 -13.74
CA SER L 315 8.41 -78.52 -12.55
C SER L 315 7.92 -77.62 -11.42
N ARG L 316 8.54 -76.45 -11.24
CA ARG L 316 8.05 -75.51 -10.23
C ARG L 316 6.61 -75.12 -10.52
N TRP L 317 6.30 -74.85 -11.77
CA TRP L 317 5.00 -74.31 -12.10
C TRP L 317 3.95 -75.41 -12.28
N VAL L 318 4.37 -76.68 -12.24
CA VAL L 318 3.43 -77.75 -11.96
C VAL L 318 3.21 -77.91 -10.46
N PHE L 319 4.30 -77.93 -9.69
CA PHE L 319 4.23 -78.12 -8.24
C PHE L 319 3.52 -76.99 -7.52
N GLU L 320 3.32 -75.85 -8.18
CA GLU L 320 2.46 -74.84 -7.58
C GLU L 320 0.99 -75.17 -7.76
N ALA L 321 0.64 -75.94 -8.79
CA ALA L 321 -0.74 -76.27 -9.07
C ALA L 321 -1.17 -77.55 -8.39
N ARG L 322 -0.26 -78.19 -7.65
CA ARG L 322 -0.42 -79.55 -7.15
C ARG L 322 0.08 -79.56 -5.71
N PRO L 323 -0.27 -80.59 -4.92
CA PRO L 323 0.38 -80.72 -3.62
C PRO L 323 1.90 -80.94 -3.70
N LEU L 339 7.22 -94.67 -5.16
CA LEU L 339 6.82 -95.16 -6.46
C LEU L 339 5.28 -95.22 -6.51
N GLU L 340 4.67 -94.77 -5.43
CA GLU L 340 3.23 -94.61 -5.36
C GLU L 340 2.91 -93.19 -4.90
N GLY L 341 1.75 -92.70 -5.29
CA GLY L 341 1.29 -91.39 -4.93
C GLY L 341 2.08 -90.24 -5.54
N PRO L 342 1.77 -89.02 -5.09
CA PRO L 342 2.35 -87.80 -5.70
C PRO L 342 3.87 -87.72 -5.67
N ALA L 343 4.53 -88.33 -4.68
CA ALA L 343 5.98 -88.36 -4.65
C ALA L 343 6.56 -89.04 -5.90
N SER L 344 5.87 -90.07 -6.39
CA SER L 344 6.27 -90.69 -7.65
C SER L 344 6.15 -89.70 -8.81
N VAL L 345 5.06 -88.93 -8.84
CA VAL L 345 4.86 -87.96 -9.92
C VAL L 345 5.98 -86.93 -9.92
N ARG L 346 6.26 -86.37 -8.74
CA ARG L 346 7.35 -85.43 -8.53
C ARG L 346 8.70 -85.99 -8.98
N ASP L 347 8.99 -87.24 -8.61
CA ASP L 347 10.26 -87.82 -9.03
C ASP L 347 10.32 -88.08 -10.53
N VAL L 348 9.25 -88.62 -11.11
CA VAL L 348 9.18 -88.88 -12.55
C VAL L 348 9.36 -87.59 -13.34
N LEU L 349 8.72 -86.52 -12.88
CA LEU L 349 8.79 -85.24 -13.57
C LEU L 349 10.18 -84.63 -13.46
N LEU L 350 10.75 -84.58 -12.25
CA LEU L 350 12.09 -84.04 -12.09
C LEU L 350 13.10 -84.84 -12.90
N ARG L 351 13.00 -86.16 -12.86
CA ARG L 351 13.88 -87.04 -13.61
C ARG L 351 13.82 -86.76 -15.10
N ALA L 352 12.61 -86.65 -15.64
CA ALA L 352 12.44 -86.30 -17.06
C ALA L 352 13.01 -84.93 -17.39
N GLU L 353 12.80 -83.95 -16.51
CA GLU L 353 13.32 -82.61 -16.77
C GLU L 353 14.84 -82.60 -16.83
N ARG L 354 15.48 -83.28 -15.86
CA ARG L 354 16.93 -83.46 -15.90
C ARG L 354 17.37 -84.13 -17.19
N ALA L 355 16.66 -85.18 -17.60
CA ALA L 355 17.01 -85.89 -18.82
C ALA L 355 16.99 -84.97 -20.03
N ARG L 356 15.87 -84.27 -20.22
CA ARG L 356 15.73 -83.33 -21.33
C ARG L 356 16.78 -82.24 -21.31
N SER L 357 17.14 -81.75 -20.13
CA SER L 357 18.15 -80.69 -20.06
C SER L 357 19.53 -81.22 -20.40
N PHE L 358 19.87 -82.42 -19.89
CA PHE L 358 21.16 -83.02 -20.21
C PHE L 358 21.28 -83.26 -21.70
N LEU L 359 20.23 -83.80 -22.29
CA LEU L 359 20.21 -84.10 -23.72
C LEU L 359 20.41 -82.84 -24.55
N THR L 360 19.69 -81.78 -24.20
CA THR L 360 19.83 -80.52 -24.91
C THR L 360 21.23 -79.94 -24.79
N GLY L 361 21.82 -79.99 -23.59
CA GLY L 361 23.18 -79.50 -23.42
C GLY L 361 24.17 -80.31 -24.23
N LEU L 362 24.02 -81.63 -24.23
CA LEU L 362 24.88 -82.50 -25.00
C LEU L 362 24.83 -82.15 -26.48
N LEU L 363 23.62 -82.06 -27.03
CA LEU L 363 23.48 -81.76 -28.45
C LEU L 363 24.08 -80.41 -28.82
N VAL L 364 23.92 -79.39 -27.96
CA VAL L 364 24.57 -78.11 -28.23
C VAL L 364 26.09 -78.24 -28.25
N GLY L 365 26.65 -78.97 -27.27
CA GLY L 365 28.09 -79.14 -27.24
C GLY L 365 28.63 -79.89 -28.45
N LEU L 366 27.93 -80.95 -28.85
CA LEU L 366 28.32 -81.69 -30.04
C LEU L 366 28.20 -80.82 -31.29
N GLY L 367 27.16 -79.99 -31.36
CA GLY L 367 27.00 -79.11 -32.50
C GLY L 367 28.16 -78.15 -32.68
N VAL L 368 28.58 -77.53 -31.56
CA VAL L 368 29.78 -76.69 -31.57
C VAL L 368 31.02 -77.48 -32.01
N LEU L 369 31.22 -78.66 -31.43
CA LEU L 369 32.38 -79.46 -31.80
C LEU L 369 32.38 -79.85 -33.27
N THR L 370 31.22 -80.21 -33.79
CA THR L 370 31.07 -80.61 -35.18
C THR L 370 31.39 -79.48 -36.14
N VAL L 371 30.84 -78.28 -35.87
CA VAL L 371 31.16 -77.17 -36.76
C VAL L 371 32.62 -76.74 -36.62
N VAL L 372 33.18 -76.77 -35.41
CA VAL L 372 34.57 -76.35 -35.26
C VAL L 372 35.54 -77.33 -35.93
N CYS L 373 35.24 -78.63 -35.89
CA CYS L 373 36.12 -79.58 -36.59
C CYS L 373 35.97 -79.49 -38.10
N LEU L 374 34.74 -79.37 -38.61
CA LEU L 374 34.57 -79.20 -40.06
C LEU L 374 35.20 -77.91 -40.56
N ALA L 375 35.12 -76.83 -39.79
CA ALA L 375 35.80 -75.60 -40.16
C ALA L 375 37.31 -75.78 -40.17
N GLY L 376 37.85 -76.46 -39.15
CA GLY L 376 39.28 -76.74 -39.12
C GLY L 376 39.79 -77.64 -40.23
N LEU L 377 38.95 -78.53 -40.74
CA LEU L 377 39.43 -79.43 -41.80
C LEU L 377 39.48 -78.78 -43.17
N CYS L 378 38.45 -78.04 -43.56
CA CYS L 378 38.30 -77.57 -44.94
C CYS L 378 39.13 -76.32 -45.22
N ASP L 379 40.45 -76.48 -45.16
CA ASP L 379 41.31 -75.47 -45.78
C ASP L 379 41.17 -75.55 -47.31
N PRO L 380 40.95 -74.41 -47.98
CA PRO L 380 40.84 -74.45 -49.45
C PRO L 380 42.16 -74.71 -50.16
N HIS L 381 43.28 -74.35 -49.56
CA HIS L 381 44.56 -74.46 -50.26
C HIS L 381 45.31 -75.73 -49.85
N ALA L 382 44.58 -76.85 -49.98
CA ALA L 382 45.09 -78.18 -49.72
C ALA L 382 44.71 -79.08 -50.88
N GLY L 383 45.55 -80.07 -51.15
CA GLY L 383 45.33 -81.00 -52.25
C GLY L 383 44.21 -82.01 -52.01
N ARG L 384 43.90 -82.30 -50.76
CA ARG L 384 42.86 -83.27 -50.42
C ARG L 384 41.49 -82.63 -50.22
N ARG L 385 41.33 -81.37 -50.63
CA ARG L 385 40.24 -80.51 -50.18
C ARG L 385 38.86 -81.07 -50.52
N TRP L 386 38.76 -81.85 -51.61
CA TRP L 386 37.47 -82.41 -52.04
C TRP L 386 36.88 -83.36 -51.01
N LEU L 387 37.74 -84.06 -50.27
CA LEU L 387 37.27 -85.09 -49.33
C LEU L 387 36.48 -84.53 -48.15
N PRO L 388 37.00 -83.57 -47.35
CA PRO L 388 36.21 -83.11 -46.20
C PRO L 388 34.88 -82.46 -46.57
N LEU L 389 34.75 -81.90 -47.78
CA LEU L 389 33.44 -81.46 -48.23
C LEU L 389 32.44 -82.61 -48.31
N LEU L 390 32.90 -83.80 -48.69
CA LEU L 390 32.06 -85.00 -48.61
C LEU L 390 31.73 -85.34 -47.18
N LEU L 391 32.73 -85.25 -46.29
CA LEU L 391 32.48 -85.46 -44.87
C LEU L 391 31.42 -84.50 -44.33
N ALA L 392 31.50 -83.24 -44.75
CA ALA L 392 30.50 -82.22 -44.42
C ALA L 392 29.11 -82.63 -44.86
N ALA L 393 28.97 -83.02 -46.13
CA ALA L 393 27.66 -83.40 -46.66
C ALA L 393 27.08 -84.62 -45.93
N PHE L 394 27.90 -85.65 -45.71
CA PHE L 394 27.46 -86.82 -44.96
C PHE L 394 27.01 -86.47 -43.55
N THR L 395 27.78 -85.63 -42.86
CA THR L 395 27.41 -85.22 -41.50
C THR L 395 26.14 -84.40 -41.51
N PHE L 396 26.01 -83.52 -42.51
CA PHE L 396 24.83 -82.69 -42.71
C PHE L 396 23.55 -83.53 -42.79
N GLY L 397 23.56 -84.54 -43.67
CA GLY L 397 22.44 -85.47 -43.71
C GLY L 397 22.22 -86.23 -42.42
N PHE L 398 23.30 -86.74 -41.83
CA PHE L 398 23.18 -87.51 -40.59
C PHE L 398 22.54 -86.69 -39.48
N LEU L 399 22.98 -85.44 -39.33
CA LEU L 399 22.34 -84.53 -38.38
C LEU L 399 20.87 -84.31 -38.70
N ILE L 400 20.52 -84.19 -39.98
CA ILE L 400 19.12 -83.97 -40.32
C ILE L 400 18.24 -85.18 -39.97
N LEU L 401 18.80 -86.41 -40.02
CA LEU L 401 18.14 -87.57 -39.42
C LEU L 401 17.66 -87.29 -38.01
N ARG L 402 18.60 -86.89 -37.16
CA ARG L 402 18.30 -86.71 -35.74
C ARG L 402 17.30 -85.58 -35.56
N GLY L 403 17.50 -84.50 -36.33
CA GLY L 403 16.57 -83.38 -36.33
C GLY L 403 15.14 -83.78 -36.62
N ARG L 404 14.94 -84.66 -37.59
CA ARG L 404 13.59 -85.15 -37.85
C ARG L 404 13.16 -86.19 -36.82
N SER L 405 14.10 -86.82 -36.12
CA SER L 405 13.77 -87.91 -35.22
C SER L 405 13.53 -87.45 -33.78
N TYR L 406 14.27 -86.45 -33.30
CA TYR L 406 14.19 -86.06 -31.90
C TYR L 406 13.01 -85.13 -31.64
N VAL L 407 12.35 -85.34 -30.50
CA VAL L 407 11.03 -84.79 -30.24
C VAL L 407 11.08 -83.33 -29.80
N ASP L 408 12.03 -82.95 -28.91
CA ASP L 408 12.03 -81.60 -28.35
C ASP L 408 12.33 -80.58 -29.43
N ARG L 409 11.45 -79.58 -29.50
CA ARG L 409 11.61 -78.41 -30.37
C ARG L 409 13.02 -77.86 -30.37
N TRP L 410 13.59 -77.63 -29.19
CA TRP L 410 14.87 -76.94 -29.18
C TRP L 410 16.04 -77.87 -29.43
N GLN L 411 15.77 -79.17 -29.51
CA GLN L 411 16.79 -80.12 -29.90
C GLN L 411 16.80 -80.30 -31.41
N ALA L 412 15.62 -80.44 -32.00
CA ALA L 412 15.51 -80.43 -33.46
C ALA L 412 16.10 -79.13 -34.02
N ILE L 413 15.76 -78.00 -33.41
CA ILE L 413 16.29 -76.71 -33.82
C ILE L 413 17.80 -76.63 -33.60
N THR L 414 18.30 -77.24 -32.52
CA THR L 414 19.75 -77.35 -32.32
C THR L 414 20.41 -78.09 -33.47
N LEU L 415 19.88 -79.27 -33.80
CA LEU L 415 20.45 -80.12 -34.85
C LEU L 415 20.43 -79.42 -36.20
N ALA L 416 19.29 -78.80 -36.54
CA ALA L 416 19.18 -78.05 -37.78
C ALA L 416 20.17 -76.89 -37.83
N ALA L 417 20.26 -76.14 -36.73
CA ALA L 417 21.18 -75.01 -36.64
C ALA L 417 22.63 -75.43 -36.87
N THR L 418 23.10 -76.46 -36.14
CA THR L 418 24.47 -76.91 -36.33
C THR L 418 24.69 -77.44 -37.75
N ALA L 419 23.71 -78.16 -38.31
CA ALA L 419 23.83 -78.64 -39.69
C ALA L 419 24.05 -77.48 -40.67
N VAL L 420 23.25 -76.43 -40.55
CA VAL L 420 23.45 -75.24 -41.37
C VAL L 420 24.84 -74.64 -41.13
N LEU L 421 25.23 -74.54 -39.86
CA LEU L 421 26.47 -73.87 -39.51
C LEU L 421 27.68 -74.61 -40.04
N ILE L 422 27.59 -75.94 -40.23
CA ILE L 422 28.62 -76.68 -40.96
C ILE L 422 28.91 -76.01 -42.29
N ILE L 423 27.85 -75.82 -43.07
CA ILE L 423 27.97 -75.30 -44.43
C ILE L 423 28.52 -73.89 -44.40
N ALA L 424 27.94 -73.04 -43.53
CA ALA L 424 28.40 -71.67 -43.41
C ALA L 424 29.88 -71.57 -43.02
N ALA L 425 30.31 -72.38 -42.05
CA ALA L 425 31.69 -72.36 -41.59
C ALA L 425 32.66 -72.80 -42.67
N VAL L 426 32.37 -73.90 -43.35
CA VAL L 426 33.29 -74.36 -44.40
C VAL L 426 33.29 -73.39 -45.58
N ALA L 427 32.13 -72.82 -45.92
CA ALA L 427 32.04 -71.85 -47.00
C ALA L 427 32.92 -70.65 -46.73
N VAL L 428 32.81 -70.06 -45.53
CA VAL L 428 33.63 -68.91 -45.22
C VAL L 428 35.11 -69.30 -45.11
N ARG L 429 35.41 -70.47 -44.54
CA ARG L 429 36.80 -70.95 -44.45
C ARG L 429 37.46 -71.04 -45.82
N TYR L 430 36.69 -71.42 -46.84
CA TYR L 430 37.20 -71.25 -48.19
C TYR L 430 37.31 -69.78 -48.57
N VAL L 431 36.17 -69.10 -48.70
CA VAL L 431 36.12 -67.87 -49.48
C VAL L 431 36.85 -66.70 -48.84
N LEU L 432 37.16 -66.76 -47.55
CA LEU L 432 37.85 -65.65 -46.92
C LEU L 432 39.31 -65.57 -47.34
N VAL L 433 40.04 -66.68 -47.23
CA VAL L 433 41.46 -66.70 -47.55
C VAL L 433 41.77 -67.15 -48.98
N SER L 434 40.82 -67.80 -49.66
CA SER L 434 40.98 -68.08 -51.08
C SER L 434 40.45 -66.91 -51.88
N GLY L 435 41.35 -66.01 -52.28
CA GLY L 435 41.03 -64.80 -52.98
C GLY L 435 40.67 -64.99 -54.44
N SER L 436 39.52 -65.61 -54.73
CA SER L 436 39.08 -65.79 -56.10
C SER L 436 37.58 -65.52 -56.21
N PRO L 437 37.16 -64.80 -57.25
CA PRO L 437 35.73 -64.68 -57.55
C PRO L 437 34.99 -66.00 -57.73
N ALA L 438 35.66 -67.04 -58.22
CA ALA L 438 35.03 -68.34 -58.43
C ALA L 438 34.46 -68.91 -57.14
N VAL L 439 35.34 -69.11 -56.15
CA VAL L 439 34.91 -69.65 -54.86
C VAL L 439 33.93 -68.71 -54.18
N LEU L 440 34.12 -67.40 -54.34
CA LEU L 440 33.17 -66.42 -53.80
C LEU L 440 31.77 -66.67 -54.33
N SER L 441 31.62 -66.73 -55.66
CA SER L 441 30.31 -66.89 -56.27
C SER L 441 29.68 -68.22 -55.90
N ALA L 442 30.51 -69.27 -55.82
CA ALA L 442 30.03 -70.59 -55.41
C ALA L 442 29.52 -70.57 -53.98
N GLY L 443 30.30 -69.99 -53.07
CA GLY L 443 29.90 -69.94 -51.68
C GLY L 443 28.63 -69.15 -51.49
N VAL L 444 28.61 -67.91 -51.99
CA VAL L 444 27.47 -67.03 -51.76
C VAL L 444 26.19 -67.63 -52.37
N ALA L 445 26.33 -68.28 -53.53
CA ALA L 445 25.17 -68.91 -54.15
C ALA L 445 24.63 -70.06 -53.31
N VAL L 446 25.50 -70.96 -52.84
CA VAL L 446 24.97 -72.05 -52.03
C VAL L 446 24.47 -71.51 -50.69
N LEU L 447 25.14 -70.49 -50.16
CA LEU L 447 24.80 -69.88 -48.89
C LEU L 447 23.44 -69.20 -48.91
N VAL L 448 22.92 -68.86 -50.09
CA VAL L 448 21.58 -68.31 -50.11
C VAL L 448 20.56 -69.34 -50.59
N LEU L 449 20.96 -70.23 -51.50
CA LEU L 449 19.99 -71.19 -52.03
C LEU L 449 19.69 -72.33 -51.06
N LEU L 450 20.70 -72.82 -50.35
CA LEU L 450 20.54 -74.00 -49.50
C LEU L 450 19.57 -73.82 -48.34
N PRO L 451 19.66 -72.77 -47.50
CA PRO L 451 18.59 -72.58 -46.50
C PRO L 451 17.22 -72.33 -47.10
N ALA L 452 17.15 -71.78 -48.31
CA ALA L 452 15.85 -71.61 -48.95
C ALA L 452 15.22 -72.95 -49.32
N ALA L 453 16.04 -73.91 -49.75
CA ALA L 453 15.59 -75.29 -49.87
C ALA L 453 15.18 -75.88 -48.52
N GLY L 454 15.99 -75.65 -47.48
CA GLY L 454 15.63 -76.10 -46.14
C GLY L 454 14.30 -75.58 -45.64
N LEU L 455 13.99 -74.31 -45.95
CA LEU L 455 12.66 -73.75 -45.72
C LEU L 455 11.61 -74.42 -46.59
N THR L 456 11.89 -74.56 -47.88
CA THR L 456 10.96 -75.09 -48.87
C THR L 456 10.39 -76.45 -48.46
N ALA L 457 11.21 -77.29 -47.83
CA ALA L 457 10.79 -78.62 -47.39
C ALA L 457 9.62 -78.61 -46.41
N ALA L 458 9.37 -77.50 -45.74
CA ALA L 458 8.17 -77.34 -44.91
C ALA L 458 7.22 -76.26 -45.39
N ALA L 459 7.71 -75.23 -46.08
CA ALA L 459 6.86 -74.12 -46.50
C ALA L 459 5.89 -74.52 -47.60
N VAL L 460 6.38 -75.15 -48.65
CA VAL L 460 5.50 -75.56 -49.74
C VAL L 460 4.97 -76.97 -49.54
N VAL L 461 5.77 -77.90 -49.00
CA VAL L 461 5.36 -79.28 -48.81
C VAL L 461 4.24 -79.35 -47.77
N PRO L 462 3.06 -79.89 -48.13
CA PRO L 462 1.87 -79.75 -47.29
C PRO L 462 2.05 -80.39 -45.92
N ASN L 463 2.19 -79.54 -44.90
CA ASN L 463 2.44 -79.93 -43.51
C ASN L 463 3.63 -80.88 -43.34
N THR L 464 4.59 -80.82 -44.29
CA THR L 464 5.76 -81.72 -44.35
C THR L 464 5.32 -83.19 -44.47
N ILE L 465 4.14 -83.44 -45.01
CA ILE L 465 3.70 -84.82 -45.22
C ILE L 465 4.47 -85.46 -46.37
N TYR L 466 5.04 -86.64 -46.09
CA TYR L 466 5.49 -87.59 -47.10
C TYR L 466 5.02 -88.97 -46.65
N SER L 467 5.09 -89.93 -47.57
CA SER L 467 4.72 -91.29 -47.22
C SER L 467 5.74 -91.87 -46.23
N PRO L 468 5.29 -92.79 -45.36
CA PRO L 468 6.22 -93.49 -44.47
C PRO L 468 7.36 -94.20 -45.20
N LEU L 469 7.07 -94.81 -46.35
CA LEU L 469 8.10 -95.42 -47.17
C LEU L 469 9.13 -94.40 -47.65
N PHE L 470 8.69 -93.26 -48.17
CA PHE L 470 9.62 -92.22 -48.60
C PHE L 470 10.43 -91.68 -47.43
N ARG L 471 9.79 -91.46 -46.29
CA ARG L 471 10.50 -91.09 -45.07
C ARG L 471 11.59 -92.09 -44.71
N LYS L 472 11.23 -93.38 -44.63
CA LYS L 472 12.20 -94.44 -44.36
C LYS L 472 13.31 -94.51 -45.40
N ILE L 473 13.02 -94.21 -46.67
CA ILE L 473 14.05 -94.14 -47.70
C ILE L 473 15.01 -92.98 -47.47
N VAL L 474 14.47 -91.81 -47.12
CA VAL L 474 15.31 -90.68 -46.72
C VAL L 474 16.17 -91.03 -45.50
N GLU L 475 15.58 -91.76 -44.55
CA GLU L 475 16.33 -92.26 -43.40
C GLU L 475 17.42 -93.25 -43.82
N TRP L 476 17.13 -94.10 -44.81
CA TRP L 476 18.16 -94.94 -45.40
C TRP L 476 19.28 -94.14 -46.04
N ILE L 477 18.95 -93.09 -46.80
CA ILE L 477 19.97 -92.32 -47.51
C ILE L 477 20.90 -91.62 -46.51
N GLU L 478 20.31 -90.94 -45.54
CA GLU L 478 21.12 -90.26 -44.55
C GLU L 478 21.77 -91.22 -43.54
N TYR L 479 21.29 -92.47 -43.44
CA TYR L 479 22.07 -93.50 -42.78
C TYR L 479 23.23 -93.99 -43.64
N LEU L 480 23.01 -94.13 -44.94
CA LEU L 480 24.05 -94.52 -45.89
C LEU L 480 25.12 -93.45 -46.04
N CYS L 481 24.86 -92.27 -45.50
CA CYS L 481 25.93 -91.28 -45.30
C CYS L 481 26.93 -91.68 -44.22
N LEU L 482 26.55 -92.52 -43.26
CA LEU L 482 27.42 -92.74 -42.10
C LEU L 482 28.61 -93.66 -42.37
N MET L 483 28.38 -94.85 -42.92
CA MET L 483 29.50 -95.77 -43.13
C MET L 483 30.59 -95.33 -44.13
N PRO L 484 30.36 -94.39 -45.07
CA PRO L 484 31.52 -93.74 -45.74
C PRO L 484 32.45 -92.94 -44.84
N ILE L 485 32.00 -92.45 -43.70
CA ILE L 485 32.89 -91.69 -42.80
C ILE L 485 34.02 -92.57 -42.27
N PHE L 486 33.72 -93.81 -41.85
CA PHE L 486 34.69 -94.77 -41.30
C PHE L 486 35.94 -94.95 -42.17
N PRO L 487 35.85 -95.30 -43.46
CA PRO L 487 37.09 -95.35 -44.25
C PRO L 487 37.67 -93.99 -44.51
N LEU L 488 36.84 -92.96 -44.71
CA LEU L 488 37.38 -91.60 -44.87
C LEU L 488 38.09 -91.14 -43.61
N ALA L 489 37.60 -91.55 -42.43
CA ALA L 489 38.31 -91.28 -41.19
C ALA L 489 39.67 -91.98 -41.17
N LEU L 490 39.73 -93.23 -41.62
CA LEU L 490 41.02 -93.90 -41.81
C LEU L 490 41.92 -93.19 -42.82
N TRP L 491 41.35 -92.71 -43.93
CA TRP L 491 42.15 -92.11 -45.00
C TRP L 491 42.67 -90.73 -44.65
N LEU L 492 41.89 -89.94 -43.90
CA LEU L 492 42.39 -88.66 -43.44
C LEU L 492 43.28 -88.79 -42.21
N MET L 493 43.09 -89.83 -41.40
CA MET L 493 44.11 -90.16 -40.41
C MET L 493 45.41 -90.59 -41.08
N ASN L 494 45.34 -91.45 -42.10
CA ASN L 494 46.47 -91.72 -42.98
C ASN L 494 46.00 -92.25 -44.33
N ALA M 13 -28.49 -58.48 -3.91
CA ALA M 13 -28.46 -57.73 -5.16
C ALA M 13 -27.45 -56.59 -5.07
N PRO M 14 -26.95 -56.11 -6.22
CA PRO M 14 -25.98 -55.01 -6.20
C PRO M 14 -26.56 -53.70 -5.69
N VAL M 15 -25.69 -52.71 -5.57
CA VAL M 15 -26.06 -51.38 -5.09
C VAL M 15 -25.68 -50.36 -6.15
N VAL M 16 -26.42 -49.25 -6.19
CA VAL M 16 -26.09 -48.13 -7.06
C VAL M 16 -26.54 -46.86 -6.34
N LYS M 17 -25.79 -45.77 -6.55
CA LYS M 17 -26.14 -44.53 -5.89
C LYS M 17 -25.97 -43.33 -6.81
N PRO M 18 -26.96 -42.44 -6.86
CA PRO M 18 -26.77 -41.15 -7.52
C PRO M 18 -25.86 -40.23 -6.73
N GLU M 19 -25.16 -39.35 -7.45
CA GLU M 19 -24.29 -38.35 -6.85
C GLU M 19 -24.42 -37.06 -7.64
N ASN M 20 -24.01 -35.96 -7.02
CA ASN M 20 -23.92 -34.67 -7.69
C ASN M 20 -22.55 -34.08 -7.40
N ILE M 21 -21.82 -33.72 -8.47
CA ILE M 21 -20.45 -33.23 -8.37
C ILE M 21 -20.35 -31.98 -9.22
N VAL M 22 -20.07 -30.84 -8.59
CA VAL M 22 -19.79 -29.62 -9.34
C VAL M 22 -18.41 -29.71 -9.99
N LEU M 23 -18.36 -29.44 -11.28
CA LEU M 23 -17.09 -29.34 -11.97
C LEU M 23 -16.32 -28.10 -11.53
N PRO M 24 -14.99 -28.18 -11.49
CA PRO M 24 -14.18 -27.03 -11.07
C PRO M 24 -14.21 -25.91 -12.10
N THR M 25 -13.88 -24.72 -11.63
CA THR M 25 -13.86 -23.55 -12.49
C THR M 25 -12.54 -23.44 -13.25
N PRO M 26 -12.57 -23.31 -14.57
CA PRO M 26 -11.35 -23.13 -15.37
C PRO M 26 -10.57 -21.89 -14.97
N LEU M 27 -9.30 -21.90 -15.34
CA LEU M 27 -8.43 -20.76 -15.11
C LEU M 27 -8.82 -19.57 -15.98
N SER M 28 -8.42 -18.39 -15.53
CA SER M 28 -8.58 -17.15 -16.26
C SER M 28 -7.22 -16.55 -16.58
N VAL M 29 -7.12 -15.86 -17.70
CA VAL M 29 -5.86 -15.22 -18.08
C VAL M 29 -6.12 -13.94 -18.86
N PRO M 30 -5.56 -12.81 -18.42
CA PRO M 30 -5.70 -11.55 -19.17
C PRO M 30 -4.97 -11.61 -20.50
N PRO M 31 -5.65 -11.28 -21.60
CA PRO M 31 -4.99 -11.26 -22.91
C PRO M 31 -3.92 -10.19 -22.98
N PRO M 32 -2.76 -10.49 -23.54
CA PRO M 32 -1.71 -9.48 -23.71
C PRO M 32 -2.14 -8.33 -24.60
N GLU M 33 -1.80 -7.11 -24.19
CA GLU M 33 -2.24 -5.90 -24.88
C GLU M 33 -1.42 -5.59 -26.13
N GLY M 34 -0.17 -6.03 -26.18
CA GLY M 34 0.78 -5.72 -27.24
C GLY M 34 1.53 -4.43 -27.04
N LYS M 35 2.85 -4.54 -27.21
CA LYS M 35 3.79 -3.43 -27.03
C LYS M 35 3.56 -2.27 -28.00
N PRO M 36 3.74 -1.03 -27.53
CA PRO M 36 3.57 0.13 -28.41
C PRO M 36 4.74 0.28 -29.37
N TRP M 37 4.49 1.00 -30.47
CA TRP M 37 5.42 1.08 -31.59
C TRP M 37 6.76 1.69 -31.21
N TRP M 38 6.75 2.69 -30.32
CA TRP M 38 7.99 3.34 -29.92
C TRP M 38 8.93 2.37 -29.20
N LEU M 39 8.37 1.36 -28.53
CA LEU M 39 9.20 0.40 -27.81
C LEU M 39 10.10 -0.35 -28.77
N VAL M 40 9.58 -0.66 -29.97
CA VAL M 40 10.36 -1.31 -31.01
C VAL M 40 11.46 -0.40 -31.52
N VAL M 41 11.14 0.89 -31.72
CA VAL M 41 12.17 1.85 -32.11
C VAL M 41 13.28 1.94 -31.06
N VAL M 42 12.89 2.03 -29.79
CA VAL M 42 13.85 2.08 -28.69
C VAL M 42 14.73 0.82 -28.66
N GLY M 43 14.12 -0.36 -28.80
CA GLY M 43 14.89 -1.59 -28.86
C GLY M 43 15.93 -1.61 -29.95
N VAL M 44 15.55 -1.19 -31.16
CA VAL M 44 16.48 -1.11 -32.27
C VAL M 44 17.59 -0.11 -32.01
N LEU M 45 17.25 1.03 -31.39
CA LEU M 45 18.28 2.01 -31.04
C LEU M 45 19.28 1.47 -30.02
N VAL M 46 18.78 0.80 -28.99
CA VAL M 46 19.63 0.17 -27.97
C VAL M 46 20.60 -0.82 -28.58
N VAL M 47 20.10 -1.69 -29.47
CA VAL M 47 20.99 -2.62 -30.16
C VAL M 47 22.00 -1.89 -31.04
N GLY M 48 21.56 -0.83 -31.72
CA GLY M 48 22.48 -0.01 -32.50
C GLY M 48 23.61 0.58 -31.68
N LEU M 49 23.30 1.04 -30.48
CA LEU M 49 24.34 1.56 -29.58
C LEU M 49 25.30 0.46 -29.16
N LEU M 50 24.75 -0.69 -28.76
CA LEU M 50 25.60 -1.81 -28.32
C LEU M 50 26.58 -2.23 -29.40
N VAL M 51 26.08 -2.45 -30.63
CA VAL M 51 26.96 -2.83 -31.73
C VAL M 51 27.94 -1.71 -32.09
N GLY M 52 27.52 -0.44 -31.98
CA GLY M 52 28.44 0.66 -32.24
C GLY M 52 29.59 0.69 -31.26
N MET M 53 29.29 0.46 -29.98
CA MET M 53 30.32 0.45 -28.95
C MET M 53 31.32 -0.66 -29.17
N VAL M 54 30.84 -1.90 -29.32
CA VAL M 54 31.77 -3.03 -29.50
C VAL M 54 32.57 -2.87 -30.80
N GLY M 55 31.92 -2.40 -31.87
CA GLY M 55 32.63 -2.11 -33.11
C GLY M 55 33.76 -1.11 -32.96
N MET M 56 33.50 0.02 -32.31
CA MET M 56 34.59 0.95 -31.95
C MET M 56 35.62 0.38 -30.97
N THR M 57 35.29 -0.66 -30.20
CA THR M 57 36.35 -1.34 -29.45
C THR M 57 37.24 -2.18 -30.37
N VAL M 58 36.63 -2.86 -31.33
CA VAL M 58 37.41 -3.63 -32.31
C VAL M 58 38.27 -2.71 -33.15
N ALA M 59 37.70 -1.59 -33.59
CA ALA M 59 38.43 -0.60 -34.38
C ALA M 59 39.53 0.09 -33.57
N SER M 60 39.34 0.25 -32.26
CA SER M 60 40.38 0.89 -31.47
C SER M 60 41.42 -0.10 -30.96
N GLY M 61 41.02 -1.35 -30.71
CA GLY M 61 41.95 -2.46 -30.51
C GLY M 61 42.74 -2.48 -29.23
N SER M 62 42.90 -1.36 -28.52
CA SER M 62 43.68 -1.37 -27.28
C SER M 62 42.88 -2.05 -26.18
N ARG M 63 43.58 -2.90 -25.40
CA ARG M 63 42.91 -3.76 -24.42
C ARG M 63 42.21 -2.97 -23.33
N LEU M 64 42.65 -1.74 -23.06
CA LEU M 64 41.91 -0.82 -22.19
C LEU M 64 40.51 -0.57 -22.71
N PHE M 65 40.38 -0.22 -23.99
CA PHE M 65 39.07 0.04 -24.56
C PHE M 65 38.22 -1.23 -24.60
N LEU M 66 38.84 -2.36 -24.94
CA LEU M 66 38.14 -3.65 -24.88
C LEU M 66 37.68 -4.02 -23.48
N GLY M 67 38.40 -3.60 -22.45
CA GLY M 67 37.88 -3.75 -21.11
C GLY M 67 36.73 -2.80 -20.79
N ALA M 68 36.97 -1.50 -20.96
CA ALA M 68 35.98 -0.46 -20.67
C ALA M 68 34.64 -0.68 -21.35
N GLY M 69 34.66 -1.03 -22.64
CA GLY M 69 33.45 -1.28 -23.40
C GLY M 69 32.61 -2.45 -22.94
N ALA M 70 33.17 -3.35 -22.15
CA ALA M 70 32.35 -4.37 -21.50
C ALA M 70 32.06 -4.05 -20.04
N ILE M 71 32.99 -3.37 -19.38
CA ILE M 71 32.89 -3.11 -17.94
C ILE M 71 31.75 -2.14 -17.65
N PHE M 72 31.70 -1.02 -18.35
CA PHE M 72 30.62 -0.06 -18.08
C PHE M 72 29.21 -0.54 -18.44
N PRO M 73 28.93 -1.16 -19.60
CA PRO M 73 27.57 -1.67 -19.83
C PRO M 73 27.15 -2.94 -19.12
N ILE M 74 27.92 -3.52 -18.19
CA ILE M 74 27.32 -4.62 -17.42
C ILE M 74 26.14 -4.15 -16.57
N PHE M 75 24.93 -4.27 -17.12
CA PHE M 75 23.72 -3.83 -16.44
C PHE M 75 22.80 -4.99 -16.10
N MET M 76 22.91 -6.08 -16.87
CA MET M 76 22.13 -7.30 -16.63
C MET M 76 22.23 -7.85 -15.20
N ILE M 77 23.34 -7.59 -14.50
CA ILE M 77 23.45 -7.97 -13.09
C ILE M 77 22.35 -7.35 -12.22
N GLY M 78 21.87 -6.16 -12.56
CA GLY M 78 20.67 -5.63 -11.96
C GLY M 78 19.41 -5.86 -12.77
N GLY M 79 19.56 -5.82 -14.10
CA GLY M 79 18.44 -5.96 -15.01
C GLY M 79 17.69 -7.27 -14.89
N VAL M 80 18.37 -8.34 -14.50
CA VAL M 80 17.71 -9.60 -14.20
C VAL M 80 16.67 -9.42 -13.08
N ALA M 81 16.96 -8.58 -12.09
CA ALA M 81 15.93 -8.23 -11.13
C ALA M 81 14.95 -7.21 -11.70
N MET M 82 15.46 -6.16 -12.34
CA MET M 82 14.66 -5.05 -12.87
C MET M 82 13.64 -5.48 -13.93
N MET M 83 13.74 -6.70 -14.47
CA MET M 83 12.67 -7.35 -15.21
C MET M 83 11.30 -7.23 -14.55
N MET M 84 11.27 -7.20 -13.21
CA MET M 84 10.02 -6.99 -12.45
C MET M 84 9.31 -5.69 -12.84
N PHE M 85 10.05 -4.67 -13.29
CA PHE M 85 9.41 -3.44 -13.75
C PHE M 85 8.84 -3.58 -15.16
N GLY M 86 9.09 -4.69 -15.84
CA GLY M 86 8.44 -4.95 -17.12
C GLY M 86 6.93 -4.86 -17.04
N GLY M 87 6.35 -5.42 -15.97
CA GLY M 87 4.93 -5.31 -15.69
C GLY M 87 4.48 -3.91 -15.32
N ARG M 88 5.40 -3.03 -14.94
CA ARG M 88 5.08 -1.62 -14.73
C ARG M 88 5.13 -0.83 -16.03
N PHE M 89 6.21 -0.95 -16.80
CA PHE M 89 6.35 -0.16 -18.01
C PHE M 89 5.63 -0.79 -19.20
N GLY M 90 5.21 -2.03 -19.09
CA GLY M 90 4.53 -2.70 -20.18
C GLY M 90 5.40 -3.44 -21.18
N GLY M 91 6.60 -3.85 -20.81
CA GLY M 91 7.37 -4.69 -21.69
C GLY M 91 6.84 -6.11 -21.75
N GLN M 92 7.49 -6.92 -22.59
CA GLN M 92 7.14 -8.33 -22.69
C GLN M 92 7.43 -9.04 -21.38
N GLN M 93 6.49 -9.87 -20.93
CA GLN M 93 6.65 -10.60 -19.68
C GLN M 93 6.25 -12.06 -19.89
N GLN M 94 7.23 -12.88 -20.28
CA GLN M 94 7.04 -14.31 -20.45
C GLN M 94 7.21 -15.08 -19.15
N MET M 95 7.73 -14.41 -18.12
CA MET M 95 8.20 -15.02 -16.88
C MET M 95 7.08 -15.47 -15.94
N SER M 96 5.83 -15.08 -16.17
CA SER M 96 4.75 -15.63 -15.35
C SER M 96 4.42 -17.09 -15.65
N ARG M 97 4.93 -17.64 -16.76
CA ARG M 97 4.74 -19.03 -17.17
C ARG M 97 4.77 -20.10 -16.07
N PRO M 98 5.78 -20.17 -15.18
CA PRO M 98 5.83 -21.28 -14.21
C PRO M 98 4.62 -21.37 -13.30
N LYS M 99 4.15 -20.23 -12.81
CA LYS M 99 2.98 -20.21 -11.95
C LYS M 99 1.74 -20.70 -12.68
N LEU M 100 1.55 -20.24 -13.91
CA LEU M 100 0.42 -20.70 -14.69
C LEU M 100 0.49 -22.20 -14.96
N ASP M 101 1.68 -22.70 -15.27
CA ASP M 101 1.84 -24.14 -15.51
C ASP M 101 1.55 -24.96 -14.26
N ALA M 102 1.92 -24.44 -13.10
CA ALA M 102 1.54 -25.08 -11.84
C ALA M 102 0.03 -25.07 -11.64
N MET M 103 -0.63 -23.95 -11.93
CA MET M 103 -2.08 -23.89 -11.83
C MET M 103 -2.76 -24.89 -12.74
N ARG M 104 -2.27 -24.99 -13.97
CA ARG M 104 -2.78 -25.97 -14.93
C ARG M 104 -2.68 -27.38 -14.38
N ALA M 105 -1.47 -27.78 -13.96
CA ALA M 105 -1.24 -29.11 -13.41
C ALA M 105 -2.18 -29.41 -12.26
N GLN M 106 -2.30 -28.46 -11.33
CA GLN M 106 -3.18 -28.62 -10.17
C GLN M 106 -4.62 -28.88 -10.59
N PHE M 107 -5.15 -28.03 -11.47
CA PHE M 107 -6.51 -28.20 -11.97
C PHE M 107 -6.67 -29.57 -12.62
N MET M 108 -5.67 -29.99 -13.38
CA MET M 108 -5.78 -31.25 -14.10
C MET M 108 -5.86 -32.42 -13.14
N LEU M 109 -5.06 -32.38 -12.07
CA LEU M 109 -5.11 -33.46 -11.08
C LEU M 109 -6.47 -33.51 -10.40
N MET M 110 -7.03 -32.34 -10.09
CA MET M 110 -8.39 -32.29 -9.55
C MET M 110 -9.39 -32.96 -10.49
N LEU M 111 -9.24 -32.69 -11.78
CA LEU M 111 -10.11 -33.28 -12.77
C LEU M 111 -9.94 -34.79 -12.82
N ASP M 112 -8.70 -35.28 -12.68
CA ASP M 112 -8.46 -36.72 -12.59
C ASP M 112 -9.19 -37.35 -11.41
N MET M 113 -9.16 -36.70 -10.25
CA MET M 113 -9.89 -37.22 -9.09
C MET M 113 -11.38 -37.35 -9.40
N LEU M 114 -11.92 -36.35 -10.09
CA LEU M 114 -13.33 -36.42 -10.47
C LEU M 114 -13.55 -37.57 -11.45
N ARG M 115 -12.62 -37.75 -12.39
CA ARG M 115 -12.78 -38.81 -13.38
C ARG M 115 -12.80 -40.19 -12.75
N GLU M 116 -11.90 -40.45 -11.80
CA GLU M 116 -11.91 -41.76 -11.15
C GLU M 116 -13.17 -41.95 -10.31
N THR M 117 -13.70 -40.86 -9.73
CA THR M 117 -14.99 -40.96 -9.04
C THR M 117 -16.11 -41.35 -9.99
N ALA M 118 -16.10 -40.76 -11.18
CA ALA M 118 -17.04 -41.16 -12.22
C ALA M 118 -16.84 -42.61 -12.63
N GLN M 119 -15.59 -43.06 -12.74
CA GLN M 119 -15.30 -44.45 -13.10
C GLN M 119 -15.93 -45.42 -12.10
N GLU M 120 -15.69 -45.20 -10.81
CA GLU M 120 -16.23 -46.13 -9.82
C GLU M 120 -17.77 -46.11 -9.79
N SER M 121 -18.35 -44.92 -9.97
CA SER M 121 -19.82 -44.83 -10.09
C SER M 121 -20.33 -45.62 -11.29
N ALA M 122 -19.67 -45.48 -12.44
CA ALA M 122 -20.07 -46.18 -13.65
C ALA M 122 -19.91 -47.68 -13.50
N ASP M 123 -18.86 -48.13 -12.81
CA ASP M 123 -18.71 -49.55 -12.52
C ASP M 123 -19.84 -50.08 -11.66
N SER M 124 -20.26 -49.32 -10.65
CA SER M 124 -21.41 -49.71 -9.84
C SER M 124 -22.67 -49.82 -10.67
N MET M 125 -22.94 -48.82 -11.51
CA MET M 125 -24.09 -48.87 -12.41
C MET M 125 -24.05 -50.06 -13.35
N ASP M 126 -22.87 -50.34 -13.91
CA ASP M 126 -22.70 -51.49 -14.79
C ASP M 126 -23.04 -52.79 -14.09
N ALA M 127 -22.43 -53.01 -12.92
CA ALA M 127 -22.69 -54.24 -12.15
C ALA M 127 -24.17 -54.40 -11.86
N ASN M 128 -24.83 -53.33 -11.45
CA ASN M 128 -26.28 -53.37 -11.19
C ASN M 128 -27.07 -53.72 -12.44
N TYR M 129 -26.85 -52.99 -13.54
CA TYR M 129 -27.63 -53.20 -14.75
C TYR M 129 -27.45 -54.60 -15.30
N ARG M 130 -26.22 -55.10 -15.34
CA ARG M 130 -26.01 -56.43 -15.89
C ARG M 130 -26.53 -57.51 -14.95
N TRP M 131 -26.56 -57.25 -13.63
CA TRP M 131 -27.24 -58.17 -12.73
C TRP M 131 -28.73 -58.25 -13.04
N PHE M 132 -29.35 -57.09 -13.24
CA PHE M 132 -30.77 -57.08 -13.63
C PHE M 132 -30.97 -57.56 -15.05
N HIS M 133 -29.98 -57.37 -15.92
CA HIS M 133 -30.14 -57.62 -17.34
C HIS M 133 -28.94 -58.38 -17.89
N PRO M 134 -28.86 -59.68 -17.60
CA PRO M 134 -27.82 -60.51 -18.23
C PRO M 134 -27.96 -60.54 -19.74
N ALA M 135 -26.83 -60.82 -20.40
CA ALA M 135 -26.82 -61.01 -21.84
C ALA M 135 -27.54 -62.29 -22.23
N PRO M 136 -28.14 -62.35 -23.43
CA PRO M 136 -29.00 -63.50 -23.80
C PRO M 136 -28.31 -64.84 -23.70
N THR M 137 -27.04 -64.90 -24.10
CA THR M 137 -26.25 -66.12 -24.02
C THR M 137 -26.18 -66.65 -22.59
N THR M 138 -26.02 -65.76 -21.63
CA THR M 138 -25.82 -66.16 -20.24
C THR M 138 -27.10 -66.64 -19.57
N LEU M 139 -28.26 -66.47 -20.20
CA LEU M 139 -29.53 -66.86 -19.60
C LEU M 139 -29.67 -68.36 -19.41
N ALA M 140 -28.81 -69.16 -20.04
CA ALA M 140 -28.78 -70.61 -19.86
C ALA M 140 -28.48 -71.07 -18.44
N ALA M 141 -28.21 -70.16 -17.49
CA ALA M 141 -28.15 -70.54 -16.08
C ALA M 141 -29.47 -71.15 -15.62
N ALA M 142 -30.59 -70.53 -16.00
CA ALA M 142 -31.95 -71.09 -15.90
C ALA M 142 -32.37 -71.54 -14.51
N VAL M 143 -31.64 -71.16 -13.46
CA VAL M 143 -31.99 -71.54 -12.10
C VAL M 143 -31.32 -70.56 -11.14
N GLY M 144 -31.94 -70.38 -9.97
CA GLY M 144 -31.37 -69.53 -8.96
C GLY M 144 -31.87 -68.11 -9.07
N SER M 145 -31.53 -67.46 -10.18
CA SER M 145 -31.97 -66.11 -10.49
C SER M 145 -33.14 -66.08 -11.45
N SER M 146 -33.67 -67.24 -11.82
CA SER M 146 -34.70 -67.30 -12.85
C SER M 146 -36.07 -66.93 -12.30
N ARG M 147 -36.83 -66.21 -13.12
CA ARG M 147 -38.23 -65.84 -12.88
C ARG M 147 -38.44 -65.09 -11.56
N MET M 148 -37.45 -64.30 -11.15
CA MET M 148 -37.46 -63.76 -9.81
C MET M 148 -38.10 -62.38 -9.73
N TRP M 149 -38.59 -61.84 -10.85
CA TRP M 149 -39.23 -60.54 -10.84
C TRP M 149 -40.70 -60.64 -10.47
N GLU M 150 -41.22 -59.56 -9.90
CA GLU M 150 -42.47 -59.59 -9.16
C GLU M 150 -43.49 -58.61 -9.73
N ARG M 151 -44.76 -59.02 -9.61
CA ARG M 151 -45.89 -58.24 -10.09
C ARG M 151 -45.97 -56.86 -9.45
N GLN M 152 -45.85 -56.82 -8.12
CA GLN M 152 -46.41 -55.73 -7.32
C GLN M 152 -45.70 -54.41 -7.58
N PRO M 153 -46.44 -53.29 -7.61
CA PRO M 153 -45.93 -52.03 -8.18
C PRO M 153 -44.78 -51.39 -7.42
N ASP M 154 -44.28 -51.98 -6.34
CA ASP M 154 -43.11 -51.47 -5.64
C ASP M 154 -41.92 -52.39 -5.91
N GLY M 155 -40.72 -51.85 -5.77
CA GLY M 155 -39.53 -52.68 -5.86
C GLY M 155 -39.24 -53.20 -7.25
N LYS M 156 -39.51 -54.50 -7.45
CA LYS M 156 -39.24 -55.18 -8.71
C LYS M 156 -39.97 -54.56 -9.90
N ASP M 157 -41.04 -53.80 -9.66
CA ASP M 157 -41.76 -53.13 -10.75
C ASP M 157 -40.87 -52.16 -11.51
N LEU M 158 -39.79 -51.67 -10.88
CA LEU M 158 -38.82 -50.85 -11.60
C LEU M 158 -38.16 -51.64 -12.72
N ASN M 159 -38.19 -52.97 -12.63
CA ASN M 159 -37.65 -53.83 -13.68
C ASN M 159 -38.60 -54.98 -14.04
N PHE M 160 -39.86 -54.94 -13.58
CA PHE M 160 -40.79 -56.01 -13.91
C PHE M 160 -41.18 -55.97 -15.38
N GLY M 161 -41.52 -54.79 -15.89
CA GLY M 161 -42.05 -54.72 -17.24
C GLY M 161 -41.01 -54.29 -18.26
N VAL M 162 -39.74 -54.27 -17.89
CA VAL M 162 -38.66 -53.73 -18.70
C VAL M 162 -37.83 -54.89 -19.22
N VAL M 163 -37.37 -54.78 -20.46
CA VAL M 163 -36.59 -55.84 -21.08
C VAL M 163 -35.30 -55.24 -21.64
N ARG M 164 -34.18 -55.92 -21.38
CA ARG M 164 -32.93 -55.59 -22.07
C ARG M 164 -33.06 -55.93 -23.54
N VAL M 165 -32.80 -54.95 -24.39
CA VAL M 165 -32.87 -55.15 -25.84
C VAL M 165 -31.50 -55.06 -26.50
N GLY M 166 -30.53 -54.42 -25.88
CA GLY M 166 -29.25 -54.23 -26.53
C GLY M 166 -28.24 -53.67 -25.58
N VAL M 167 -27.18 -53.10 -26.15
CA VAL M 167 -26.23 -52.33 -25.38
C VAL M 167 -26.00 -50.97 -26.00
N GLY M 168 -25.60 -50.01 -25.17
CA GLY M 168 -25.49 -48.64 -25.62
C GLY M 168 -25.15 -47.71 -24.47
N MET M 169 -25.28 -46.43 -24.74
CA MET M 169 -24.98 -45.37 -23.78
C MET M 169 -26.09 -45.24 -22.73
N THR M 170 -25.73 -44.70 -21.57
CA THR M 170 -26.71 -44.10 -20.68
C THR M 170 -26.05 -43.02 -19.85
N ARG M 171 -26.87 -42.11 -19.36
CA ARG M 171 -26.41 -41.08 -18.43
C ARG M 171 -26.01 -41.66 -17.07
N PRO M 172 -24.90 -41.22 -16.50
CA PRO M 172 -24.44 -41.75 -15.23
C PRO M 172 -25.33 -41.33 -14.07
N GLU M 173 -25.09 -41.97 -12.93
CA GLU M 173 -25.74 -41.60 -11.67
C GLU M 173 -25.07 -40.40 -11.02
N VAL M 174 -23.79 -40.16 -11.29
CA VAL M 174 -23.22 -38.86 -10.95
C VAL M 174 -23.85 -37.80 -11.84
N THR M 175 -24.13 -36.65 -11.24
CA THR M 175 -24.67 -35.49 -11.93
C THR M 175 -23.65 -34.38 -11.87
N TRP M 176 -23.26 -33.88 -13.03
CA TRP M 176 -22.24 -32.84 -13.10
C TRP M 176 -22.87 -31.49 -12.82
N GLY M 177 -22.64 -30.99 -11.62
CA GLY M 177 -23.00 -29.61 -11.32
C GLY M 177 -22.20 -28.64 -12.17
N GLU M 178 -22.86 -27.54 -12.54
CA GLU M 178 -22.30 -26.55 -13.44
C GLU M 178 -20.96 -26.03 -12.94
N PRO M 179 -19.98 -25.87 -13.82
CA PRO M 179 -18.78 -25.09 -13.48
C PRO M 179 -19.11 -23.61 -13.36
N GLN M 180 -19.61 -23.21 -12.20
CA GLN M 180 -19.95 -21.82 -11.94
C GLN M 180 -18.73 -20.91 -12.05
N ASN M 181 -19.01 -19.61 -12.20
CA ASN M 181 -17.99 -18.56 -12.30
C ASN M 181 -17.07 -18.72 -13.51
N MET M 182 -17.59 -19.30 -14.60
CA MET M 182 -16.85 -19.37 -15.85
C MET M 182 -16.30 -18.00 -16.22
N PRO M 183 -15.01 -17.88 -16.50
CA PRO M 183 -14.49 -16.64 -17.05
C PRO M 183 -15.06 -16.37 -18.44
N THR M 184 -14.98 -15.11 -18.84
CA THR M 184 -15.39 -14.75 -20.19
C THR M 184 -14.46 -15.38 -21.20
N ASP M 185 -14.96 -15.49 -22.43
CA ASP M 185 -14.34 -16.32 -23.44
C ASP M 185 -13.02 -15.77 -23.95
N ILE M 186 -12.71 -14.52 -23.65
CA ILE M 186 -11.38 -14.02 -23.95
C ILE M 186 -10.44 -14.32 -22.79
N GLU M 187 -10.96 -14.40 -21.56
CA GLU M 187 -10.12 -14.70 -20.42
C GLU M 187 -9.90 -16.19 -20.22
N LEU M 188 -10.73 -17.02 -20.84
CA LEU M 188 -10.71 -18.46 -20.62
C LEU M 188 -9.40 -19.09 -21.09
N GLU M 189 -8.71 -19.73 -20.16
CA GLU M 189 -7.42 -20.34 -20.46
C GLU M 189 -7.63 -21.54 -21.36
N PRO M 190 -6.84 -21.71 -22.43
CA PRO M 190 -7.19 -22.70 -23.46
C PRO M 190 -7.18 -24.14 -22.95
N VAL M 191 -6.16 -24.52 -22.19
CA VAL M 191 -5.97 -25.91 -21.79
C VAL M 191 -7.08 -26.37 -20.86
N THR M 192 -7.27 -25.66 -19.75
CA THR M 192 -8.26 -26.08 -18.77
C THR M 192 -9.67 -25.97 -19.32
N GLY M 193 -9.93 -24.95 -20.13
CA GLY M 193 -11.21 -24.84 -20.78
C GLY M 193 -11.50 -26.01 -21.70
N LYS M 194 -10.53 -26.36 -22.54
CA LYS M 194 -10.72 -27.46 -23.48
C LYS M 194 -10.86 -28.78 -22.75
N ALA M 195 -10.04 -28.99 -21.72
CA ALA M 195 -10.12 -30.21 -20.93
C ALA M 195 -11.48 -30.36 -20.28
N LEU M 196 -12.01 -29.27 -19.72
CA LEU M 196 -13.33 -29.32 -19.11
C LEU M 196 -14.43 -29.59 -20.16
N GLN M 197 -14.30 -28.99 -21.34
CA GLN M 197 -15.19 -29.34 -22.44
C GLN M 197 -15.18 -30.82 -22.73
N GLU M 198 -13.98 -31.42 -22.80
CA GLU M 198 -13.89 -32.83 -23.12
C GLU M 198 -14.43 -33.70 -22.00
N PHE M 199 -14.22 -33.27 -20.75
CA PHE M 199 -14.77 -34.00 -19.61
C PHE M 199 -16.29 -34.02 -19.67
N GLY M 200 -16.89 -32.84 -19.83
CA GLY M 200 -18.33 -32.77 -19.97
C GLY M 200 -18.86 -33.57 -21.14
N ARG M 201 -18.11 -33.60 -22.24
CA ARG M 201 -18.54 -34.33 -23.43
C ARG M 201 -18.51 -35.83 -23.20
N TYR M 202 -17.41 -36.35 -22.66
CA TYR M 202 -17.24 -37.79 -22.57
C TYR M 202 -17.73 -38.40 -21.27
N GLN M 203 -17.59 -37.71 -20.15
CA GLN M 203 -18.21 -38.21 -18.93
C GLN M 203 -19.72 -37.95 -18.90
N SER M 204 -20.29 -37.52 -20.01
CA SER M 204 -21.73 -37.38 -20.14
C SER M 204 -22.44 -38.71 -20.11
N VAL M 205 -21.78 -39.80 -20.51
CA VAL M 205 -22.44 -41.09 -20.64
C VAL M 205 -21.50 -42.20 -20.18
N VAL M 206 -22.10 -43.29 -19.72
CA VAL M 206 -21.44 -44.58 -19.60
C VAL M 206 -21.66 -45.38 -20.87
N TYR M 207 -20.59 -45.90 -21.45
CA TYR M 207 -20.69 -46.67 -22.68
C TYR M 207 -20.86 -48.15 -22.42
N ASN M 208 -21.56 -48.80 -23.37
CA ASN M 208 -21.84 -50.24 -23.39
C ASN M 208 -22.44 -50.71 -22.07
N LEU M 209 -23.55 -50.10 -21.69
CA LEU M 209 -24.44 -50.70 -20.73
C LEU M 209 -25.63 -51.34 -21.41
N PRO M 210 -26.33 -52.27 -20.75
CA PRO M 210 -27.62 -52.75 -21.27
C PRO M 210 -28.62 -51.64 -21.56
N LYS M 211 -29.15 -51.62 -22.77
CA LYS M 211 -30.23 -50.73 -23.14
C LYS M 211 -31.56 -51.46 -22.98
N MET M 212 -32.53 -50.76 -22.40
CA MET M 212 -33.78 -51.36 -21.98
C MET M 212 -34.95 -50.78 -22.74
N VAL M 213 -35.93 -51.63 -23.04
CA VAL M 213 -37.27 -51.20 -23.46
C VAL M 213 -38.26 -51.58 -22.37
N SER M 214 -39.09 -50.62 -21.95
CA SER M 214 -40.21 -50.90 -21.07
C SER M 214 -41.44 -51.30 -21.86
N LEU M 215 -42.01 -52.46 -21.51
CA LEU M 215 -43.25 -52.92 -22.13
C LEU M 215 -44.47 -52.12 -21.68
N LEU M 216 -44.35 -51.33 -20.61
CA LEU M 216 -45.48 -50.68 -19.98
C LEU M 216 -45.76 -49.27 -20.50
N VAL M 217 -44.97 -48.75 -21.43
CA VAL M 217 -45.11 -47.37 -21.86
C VAL M 217 -45.54 -47.23 -23.31
N GLU M 218 -45.29 -48.22 -24.16
CA GLU M 218 -45.90 -48.14 -25.48
C GLU M 218 -46.93 -49.23 -25.70
N PRO M 219 -48.06 -48.90 -26.34
CA PRO M 219 -49.03 -49.94 -26.71
C PRO M 219 -48.47 -51.02 -27.62
N TRP M 220 -47.51 -50.70 -28.46
CA TRP M 220 -46.86 -51.71 -29.30
C TRP M 220 -45.49 -51.21 -29.71
N TYR M 221 -44.70 -52.11 -30.28
CA TYR M 221 -43.50 -51.74 -31.01
C TYR M 221 -43.50 -52.38 -32.38
N SER M 222 -42.86 -51.71 -33.33
CA SER M 222 -42.76 -52.20 -34.70
C SER M 222 -41.31 -52.21 -35.13
N LEU M 223 -40.89 -53.33 -35.72
CA LEU M 223 -39.47 -53.66 -35.89
C LEU M 223 -39.15 -53.55 -37.37
N VAL M 224 -38.38 -52.52 -37.73
CA VAL M 224 -38.07 -52.22 -39.12
C VAL M 224 -36.62 -52.56 -39.40
N GLY M 225 -36.39 -53.44 -40.36
CA GLY M 225 -35.04 -53.76 -40.78
C GLY M 225 -35.01 -55.10 -41.51
N GLU M 226 -33.82 -55.67 -41.56
CA GLU M 226 -33.64 -56.95 -42.22
C GLU M 226 -34.29 -58.06 -41.41
N ARG M 227 -34.76 -59.09 -42.11
CA ARG M 227 -35.58 -60.14 -41.51
C ARG M 227 -34.86 -60.89 -40.41
N GLU M 228 -33.63 -61.31 -40.64
CA GLU M 228 -32.93 -62.09 -39.62
C GLU M 228 -32.48 -61.22 -38.45
N GLN M 229 -32.16 -59.94 -38.68
CA GLN M 229 -31.93 -59.02 -37.57
C GLN M 229 -33.13 -58.96 -36.65
N VAL M 230 -34.29 -58.72 -37.25
CA VAL M 230 -35.55 -58.58 -36.52
C VAL M 230 -35.88 -59.87 -35.78
N LEU M 231 -35.82 -61.00 -36.48
CA LEU M 231 -36.05 -62.29 -35.84
C LEU M 231 -35.09 -62.55 -34.69
N GLY M 232 -33.78 -62.36 -34.91
CA GLY M 232 -32.80 -62.60 -33.86
C GLY M 232 -33.06 -61.79 -32.61
N LEU M 233 -33.37 -60.50 -32.80
CA LEU M 233 -33.79 -59.66 -31.69
C LEU M 233 -35.05 -60.19 -31.04
N THR M 234 -36.01 -60.67 -31.83
CA THR M 234 -37.25 -61.16 -31.26
C THR M 234 -37.03 -62.38 -30.40
N ARG M 235 -36.17 -63.30 -30.86
CA ARG M 235 -35.83 -64.49 -30.08
C ARG M 235 -35.15 -64.09 -28.78
N ALA M 236 -34.28 -63.08 -28.86
CA ALA M 236 -33.58 -62.59 -27.68
C ALA M 236 -34.57 -62.04 -26.67
N ILE M 237 -35.48 -61.18 -27.12
CA ILE M 237 -36.56 -60.64 -26.28
C ILE M 237 -37.34 -61.77 -25.60
N ILE M 238 -37.78 -62.74 -26.40
CA ILE M 238 -38.61 -63.84 -25.87
C ILE M 238 -37.86 -64.59 -24.79
N CYS M 239 -36.60 -64.92 -25.02
CA CYS M 239 -35.83 -65.66 -24.02
C CYS M 239 -35.52 -64.80 -22.79
N GLN M 240 -35.28 -63.51 -22.97
CA GLN M 240 -35.13 -62.60 -21.82
C GLN M 240 -36.38 -62.59 -20.95
N LEU M 241 -37.55 -62.42 -21.56
CA LEU M 241 -38.79 -62.47 -20.80
C LEU M 241 -39.01 -63.83 -20.15
N ALA M 242 -38.67 -64.91 -20.87
CA ALA M 242 -38.90 -66.26 -20.36
C ALA M 242 -38.02 -66.55 -19.16
N PHE M 243 -36.76 -66.12 -19.19
CA PHE M 243 -35.91 -66.26 -18.01
C PHE M 243 -36.39 -65.37 -16.89
N SER M 244 -36.62 -64.10 -17.18
CA SER M 244 -36.85 -63.13 -16.12
C SER M 244 -38.24 -63.25 -15.52
N HIS M 245 -39.25 -63.57 -16.33
CA HIS M 245 -40.60 -63.62 -15.83
C HIS M 245 -41.19 -65.02 -15.96
N GLY M 246 -41.88 -65.45 -14.91
CA GLY M 246 -42.47 -66.76 -14.88
C GLY M 246 -43.67 -66.86 -15.79
N PRO M 247 -44.11 -68.08 -16.08
CA PRO M 247 -45.29 -68.27 -16.94
C PRO M 247 -46.57 -67.74 -16.32
N ASP M 248 -46.61 -67.59 -15.00
CA ASP M 248 -47.79 -67.07 -14.31
C ASP M 248 -47.90 -65.55 -14.36
N HIS M 249 -46.87 -64.86 -14.82
CA HIS M 249 -46.87 -63.41 -14.87
C HIS M 249 -46.91 -62.86 -16.28
N VAL M 250 -46.26 -63.55 -17.22
CA VAL M 250 -46.18 -63.14 -18.61
C VAL M 250 -46.49 -64.35 -19.49
N GLN M 251 -47.45 -64.20 -20.38
CA GLN M 251 -47.76 -65.20 -21.37
C GLN M 251 -47.45 -64.64 -22.75
N MET M 252 -47.24 -65.53 -23.72
CA MET M 252 -46.65 -65.13 -24.98
C MET M 252 -47.50 -65.67 -26.13
N ILE M 253 -47.58 -64.87 -27.21
CA ILE M 253 -48.27 -65.27 -28.43
C ILE M 253 -47.42 -64.90 -29.63
N VAL M 254 -47.32 -65.81 -30.59
CA VAL M 254 -46.66 -65.57 -31.87
C VAL M 254 -47.68 -65.80 -32.96
N VAL M 255 -47.85 -64.80 -33.84
CA VAL M 255 -48.73 -64.90 -34.98
C VAL M 255 -47.84 -64.78 -36.21
N THR M 256 -47.82 -65.82 -37.04
CA THR M 256 -46.79 -65.93 -38.05
C THR M 256 -47.33 -66.50 -39.35
N SER M 257 -46.61 -66.21 -40.43
CA SER M 257 -46.80 -66.90 -41.69
C SER M 257 -45.74 -67.94 -41.95
N ASP M 258 -44.69 -67.99 -41.14
CA ASP M 258 -43.56 -68.90 -41.32
C ASP M 258 -43.25 -69.65 -40.03
N PRO M 259 -44.02 -70.69 -39.70
CA PRO M 259 -43.90 -71.32 -38.37
C PRO M 259 -42.59 -72.08 -38.18
N ASP M 260 -41.88 -72.40 -39.26
CA ASP M 260 -40.59 -73.08 -39.16
C ASP M 260 -39.58 -72.22 -38.42
N ARG M 261 -39.66 -70.91 -38.61
CA ARG M 261 -38.77 -70.01 -37.87
C ARG M 261 -39.14 -69.97 -36.40
N TRP M 262 -40.37 -70.35 -36.07
CA TRP M 262 -40.90 -70.26 -34.71
C TRP M 262 -41.13 -71.62 -34.10
N ASP M 263 -40.50 -72.67 -34.66
CA ASP M 263 -40.75 -74.00 -34.13
C ASP M 263 -40.08 -74.21 -32.78
N TRP M 264 -39.07 -73.40 -32.46
CA TRP M 264 -38.35 -73.53 -31.20
C TRP M 264 -39.19 -73.11 -29.99
N VAL M 265 -40.19 -72.25 -30.19
CA VAL M 265 -40.92 -71.68 -29.06
C VAL M 265 -41.80 -72.69 -28.34
N LYS M 266 -42.05 -73.84 -28.97
CA LYS M 266 -42.93 -74.86 -28.41
C LYS M 266 -42.47 -75.34 -27.03
N TRP M 267 -41.16 -75.35 -26.79
CA TRP M 267 -40.63 -75.81 -25.51
C TRP M 267 -40.88 -74.82 -24.38
N ILE M 268 -40.99 -73.53 -24.70
CA ILE M 268 -41.06 -72.50 -23.67
C ILE M 268 -42.43 -72.55 -22.99
N PRO M 269 -42.48 -72.72 -21.67
CA PRO M 269 -43.76 -72.86 -20.97
C PRO M 269 -44.64 -71.63 -21.05
N HIS M 270 -44.07 -70.46 -21.36
CA HIS M 270 -44.88 -69.24 -21.44
C HIS M 270 -45.83 -69.28 -22.62
N PHE M 271 -45.53 -70.07 -23.65
CA PHE M 271 -46.42 -70.22 -24.79
C PHE M 271 -47.53 -71.23 -24.51
N GLY M 272 -47.48 -71.90 -23.36
CA GLY M 272 -48.48 -72.89 -23.02
C GLY M 272 -49.81 -72.24 -22.68
N ASP M 273 -50.86 -72.61 -23.39
CA ASP M 273 -52.20 -72.14 -23.06
C ASP M 273 -52.74 -72.97 -21.90
N PRO M 274 -53.03 -72.37 -20.74
CA PRO M 274 -53.54 -73.16 -19.62
C PRO M 274 -54.94 -73.72 -19.86
N ARG M 275 -55.67 -73.18 -20.84
CA ARG M 275 -57.07 -73.50 -21.05
C ARG M 275 -57.26 -74.74 -21.92
N ARG M 276 -56.44 -74.92 -22.95
CA ARG M 276 -56.51 -76.07 -23.83
C ARG M 276 -55.36 -77.02 -23.53
N ARG M 277 -55.67 -78.31 -23.38
CA ARG M 277 -54.67 -79.31 -23.11
C ARG M 277 -54.62 -80.28 -24.29
N ASP M 278 -53.42 -80.79 -24.57
CA ASP M 278 -53.24 -81.81 -25.60
C ASP M 278 -52.33 -82.90 -25.05
N ALA M 279 -51.84 -83.75 -25.95
CA ALA M 279 -50.96 -84.84 -25.53
C ALA M 279 -49.65 -84.31 -24.96
N ALA M 280 -49.09 -83.27 -25.56
CA ALA M 280 -47.81 -82.73 -25.13
C ALA M 280 -47.91 -81.88 -23.87
N GLY M 281 -49.12 -81.52 -23.44
CA GLY M 281 -49.30 -80.71 -22.25
C GLY M 281 -50.24 -79.55 -22.49
N ASN M 282 -49.78 -78.33 -22.19
CA ASN M 282 -50.55 -77.14 -22.49
C ASN M 282 -50.46 -76.81 -23.98
N ALA M 283 -51.53 -76.24 -24.51
CA ALA M 283 -51.58 -75.88 -25.92
C ALA M 283 -50.64 -74.72 -26.20
N ARG M 284 -49.96 -74.78 -27.34
CA ARG M 284 -49.03 -73.73 -27.71
C ARG M 284 -49.80 -72.55 -28.25
N MET M 285 -49.46 -71.34 -27.79
CA MET M 285 -50.20 -70.15 -28.17
C MET M 285 -49.55 -69.50 -29.38
N VAL M 286 -49.40 -70.31 -30.42
CA VAL M 286 -48.87 -69.88 -31.71
C VAL M 286 -49.95 -70.05 -32.76
N TYR M 287 -50.24 -68.98 -33.47
CA TYR M 287 -51.32 -68.98 -34.44
C TYR M 287 -50.75 -68.56 -35.79
N THR M 288 -51.36 -69.06 -36.86
CA THR M 288 -50.88 -68.79 -38.19
C THR M 288 -51.55 -67.61 -38.85
N SER M 289 -52.54 -67.00 -38.19
CA SER M 289 -53.23 -65.83 -38.72
C SER M 289 -53.85 -65.06 -37.57
N VAL M 290 -54.05 -63.76 -37.79
CA VAL M 290 -54.76 -62.96 -36.80
C VAL M 290 -56.22 -63.41 -36.74
N ARG M 291 -56.73 -63.94 -37.85
CA ARG M 291 -58.07 -64.50 -37.87
C ARG M 291 -58.14 -65.77 -37.01
N GLU M 292 -57.01 -66.45 -36.83
CA GLU M 292 -56.92 -67.66 -36.03
C GLU M 292 -56.96 -67.38 -34.53
N PHE M 293 -57.23 -66.13 -34.13
CA PHE M 293 -57.49 -65.85 -32.73
C PHE M 293 -58.81 -66.49 -32.34
N ALA M 294 -58.73 -67.70 -31.80
CA ALA M 294 -59.85 -68.34 -31.13
C ALA M 294 -59.77 -68.16 -29.63
N THR M 295 -58.94 -67.22 -29.17
CA THR M 295 -58.88 -66.87 -27.77
C THR M 295 -60.11 -66.06 -27.36
N GLU M 296 -60.26 -64.87 -27.94
CA GLU M 296 -61.24 -63.84 -27.57
C GLU M 296 -61.15 -63.41 -26.11
N GLN M 297 -60.12 -63.83 -25.38
CA GLN M 297 -59.98 -63.45 -23.99
C GLN M 297 -59.03 -62.31 -23.80
N ALA M 298 -58.07 -62.16 -24.70
CA ALA M 298 -57.23 -60.98 -24.73
C ALA M 298 -57.82 -59.87 -25.57
N GLU M 299 -59.03 -60.07 -26.11
CA GLU M 299 -59.63 -59.09 -27.01
C GLU M 299 -60.96 -58.57 -26.48
N LEU M 300 -61.24 -58.70 -25.19
CA LEU M 300 -62.38 -58.05 -24.58
C LEU M 300 -61.98 -56.90 -23.66
N PHE M 301 -60.70 -56.54 -23.64
CA PHE M 301 -60.22 -55.44 -22.83
C PHE M 301 -60.60 -54.09 -23.45
N ALA M 302 -60.27 -53.03 -22.73
CA ALA M 302 -60.45 -51.66 -23.22
C ALA M 302 -59.15 -51.19 -23.87
N GLY M 303 -59.09 -49.89 -24.21
CA GLY M 303 -57.85 -49.32 -24.67
C GLY M 303 -56.81 -49.28 -23.57
N ARG M 304 -55.55 -49.16 -23.96
CA ARG M 304 -54.46 -49.31 -23.01
C ARG M 304 -54.00 -47.95 -22.48
N GLY M 305 -53.84 -47.87 -21.16
CA GLY M 305 -53.14 -46.78 -20.51
C GLY M 305 -51.73 -47.18 -20.11
N SER M 306 -50.75 -46.38 -20.52
CA SER M 306 -49.37 -46.71 -20.24
C SER M 306 -49.09 -46.52 -18.75
N PHE M 307 -48.34 -47.46 -18.17
CA PHE M 307 -48.11 -47.43 -16.73
C PHE M 307 -47.17 -46.30 -16.34
N THR M 308 -47.41 -45.74 -15.15
CA THR M 308 -46.59 -44.66 -14.62
C THR M 308 -46.36 -44.88 -13.13
N THR M 318 -51.32 -53.98 -11.97
CA THR M 318 -50.68 -54.76 -13.03
C THR M 318 -51.60 -55.90 -13.46
N PRO M 319 -51.81 -56.05 -14.77
CA PRO M 319 -52.64 -57.16 -15.26
C PRO M 319 -52.07 -58.51 -14.90
N THR M 320 -52.97 -59.52 -14.86
CA THR M 320 -52.60 -60.80 -14.24
C THR M 320 -51.57 -61.58 -15.07
N PRO M 321 -51.84 -62.01 -16.32
CA PRO M 321 -50.69 -62.15 -17.23
C PRO M 321 -50.58 -60.93 -18.13
N HIS M 322 -49.37 -60.51 -18.43
CA HIS M 322 -49.17 -59.45 -19.40
C HIS M 322 -48.86 -60.14 -20.71
N HIS M 323 -49.87 -60.28 -21.57
CA HIS M 323 -49.69 -60.98 -22.82
C HIS M 323 -48.79 -60.19 -23.76
N VAL M 324 -47.86 -60.90 -24.37
CA VAL M 324 -47.01 -60.33 -25.40
C VAL M 324 -47.32 -61.05 -26.69
N ILE M 325 -47.88 -60.33 -27.65
CA ILE M 325 -48.33 -60.91 -28.91
C ILE M 325 -47.34 -60.45 -29.95
N ILE M 326 -46.79 -61.41 -30.68
CA ILE M 326 -45.81 -61.13 -31.71
C ILE M 326 -46.38 -61.49 -33.08
N SER M 327 -46.24 -60.57 -34.02
CA SER M 327 -46.86 -60.70 -35.32
C SER M 327 -45.84 -60.48 -36.43
N ASP M 328 -45.76 -61.43 -37.35
CA ASP M 328 -45.12 -61.21 -38.64
C ASP M 328 -45.97 -61.82 -39.74
N ILE M 329 -47.27 -61.67 -39.60
CA ILE M 329 -48.23 -62.23 -40.53
C ILE M 329 -48.51 -61.26 -41.68
N GLU M 330 -48.33 -59.97 -41.43
CA GLU M 330 -48.60 -58.88 -42.37
C GLU M 330 -50.06 -58.96 -42.85
N ASP M 331 -50.96 -58.74 -41.88
CA ASP M 331 -52.37 -58.87 -42.15
C ASP M 331 -53.05 -57.54 -41.85
N PRO M 332 -53.89 -57.03 -42.77
CA PRO M 332 -54.65 -55.80 -42.50
C PRO M 332 -55.71 -55.94 -41.42
N GLN M 333 -55.94 -57.13 -40.88
CA GLN M 333 -57.05 -57.34 -39.96
C GLN M 333 -56.69 -56.98 -38.51
N TRP M 334 -55.43 -56.60 -38.24
CA TRP M 334 -55.09 -56.19 -36.87
C TRP M 334 -55.80 -54.90 -36.48
N GLU M 335 -55.94 -53.97 -37.42
CA GLU M 335 -56.51 -52.66 -37.16
C GLU M 335 -57.98 -52.71 -36.73
N TYR M 336 -58.62 -53.88 -36.81
CA TYR M 336 -59.96 -54.07 -36.28
C TYR M 336 -59.92 -54.31 -34.78
N VAL M 337 -59.19 -55.35 -34.35
CA VAL M 337 -59.11 -55.65 -32.93
C VAL M 337 -58.11 -54.75 -32.21
N ILE M 338 -57.23 -54.07 -32.96
CA ILE M 338 -56.28 -53.12 -32.42
C ILE M 338 -56.69 -51.75 -32.89
N SER M 339 -57.10 -50.90 -31.95
CA SER M 339 -57.32 -49.50 -32.26
C SER M 339 -55.98 -48.76 -32.36
N SER M 340 -56.06 -47.43 -32.37
CA SER M 340 -54.89 -46.56 -32.28
C SER M 340 -54.24 -46.58 -30.91
N GLU M 341 -54.87 -47.18 -29.91
CA GLU M 341 -54.38 -47.10 -28.54
C GLU M 341 -54.07 -48.47 -27.94
N GLY M 342 -54.58 -49.54 -28.49
CA GLY M 342 -54.17 -50.85 -28.03
C GLY M 342 -55.15 -51.46 -27.06
N VAL M 343 -54.66 -52.51 -26.41
CA VAL M 343 -55.45 -53.37 -25.53
C VAL M 343 -54.77 -53.31 -24.17
N ASP M 344 -55.56 -53.46 -23.10
CA ASP M 344 -55.11 -53.17 -21.74
C ASP M 344 -53.92 -53.99 -21.26
N GLY M 345 -54.09 -55.30 -21.11
CA GLY M 345 -53.04 -56.07 -20.50
C GLY M 345 -52.01 -56.60 -21.46
N VAL M 346 -52.06 -56.18 -22.72
CA VAL M 346 -51.31 -56.80 -23.80
C VAL M 346 -50.41 -55.75 -24.44
N THR M 347 -49.15 -56.10 -24.63
CA THR M 347 -48.25 -55.32 -25.47
C THR M 347 -47.97 -56.11 -26.74
N PHE M 348 -47.70 -55.40 -27.83
CA PHE M 348 -47.53 -56.03 -29.13
C PHE M 348 -46.14 -55.74 -29.69
N PHE M 349 -45.68 -56.65 -30.54
CA PHE M 349 -44.43 -56.48 -31.26
C PHE M 349 -44.67 -56.78 -32.73
N ASP M 350 -44.67 -55.74 -33.56
CA ASP M 350 -44.89 -55.90 -34.98
C ASP M 350 -43.56 -56.19 -35.66
N LEU M 351 -43.31 -57.45 -35.94
CA LEU M 351 -42.29 -57.81 -36.90
C LEU M 351 -42.79 -57.46 -38.29
N THR M 352 -41.86 -57.32 -39.23
CA THR M 352 -42.14 -56.90 -40.61
C THR M 352 -42.93 -55.59 -40.63
N GLY M 353 -42.22 -54.52 -40.25
CA GLY M 353 -42.75 -53.18 -40.06
C GLY M 353 -43.65 -52.68 -41.16
N SER M 354 -44.87 -52.31 -40.81
CA SER M 354 -45.88 -51.87 -41.77
C SER M 354 -46.38 -50.49 -41.38
N PRO M 355 -46.99 -49.75 -42.32
CA PRO M 355 -47.54 -48.43 -41.98
C PRO M 355 -48.63 -48.45 -40.93
N LEU M 356 -49.29 -49.59 -40.71
CA LEU M 356 -50.29 -49.67 -39.66
C LEU M 356 -49.65 -49.54 -38.28
N TRP M 357 -48.54 -50.23 -38.07
CA TRP M 357 -47.91 -50.27 -36.76
C TRP M 357 -46.89 -49.15 -36.57
N THR M 358 -46.30 -48.66 -37.65
CA THR M 358 -45.28 -47.63 -37.62
C THR M 358 -45.83 -46.21 -37.51
N GLY M 359 -47.05 -46.05 -37.01
CA GLY M 359 -47.62 -44.73 -36.94
C GLY M 359 -47.14 -43.90 -35.77
N ALA M 360 -46.17 -44.42 -35.02
CA ALA M 360 -45.63 -43.74 -33.84
C ALA M 360 -44.12 -44.00 -33.81
N PRO M 361 -43.32 -43.00 -34.21
CA PRO M 361 -41.85 -43.21 -34.29
C PRO M 361 -41.21 -43.66 -32.99
N GLN M 362 -41.76 -43.22 -31.85
CA GLN M 362 -41.35 -43.72 -30.54
C GLN M 362 -41.57 -45.21 -30.36
N ARG M 363 -42.31 -45.87 -31.24
CA ARG M 363 -42.53 -47.30 -31.18
C ARG M 363 -41.70 -48.06 -32.19
N VAL M 364 -41.02 -47.37 -33.10
CA VAL M 364 -40.31 -48.02 -34.21
C VAL M 364 -38.86 -48.19 -33.81
N LEU M 365 -38.39 -49.44 -33.81
CA LEU M 365 -36.99 -49.76 -33.58
C LEU M 365 -36.38 -50.15 -34.92
N ARG M 366 -35.54 -49.28 -35.44
CA ARG M 366 -35.11 -49.34 -36.83
C ARG M 366 -33.65 -49.78 -36.89
N PHE M 367 -33.40 -50.93 -37.51
CA PHE M 367 -32.03 -51.39 -37.74
C PHE M 367 -31.41 -50.56 -38.85
N THR M 368 -30.60 -49.59 -38.45
CA THR M 368 -29.99 -48.65 -39.39
C THR M 368 -28.68 -49.19 -39.97
N ASP M 369 -27.94 -49.97 -39.20
CA ASP M 369 -26.69 -50.57 -39.64
C ASP M 369 -26.76 -52.08 -39.56
N SER M 370 -26.06 -52.72 -40.51
CA SER M 370 -26.12 -54.17 -40.73
C SER M 370 -25.88 -54.97 -39.46
N ALA M 371 -25.03 -54.48 -38.56
CA ALA M 371 -24.78 -55.17 -37.30
C ALA M 371 -25.99 -55.20 -36.38
N GLY M 372 -27.04 -54.44 -36.65
CA GLY M 372 -28.16 -54.38 -35.75
C GLY M 372 -28.13 -53.17 -34.83
N VAL M 373 -27.72 -52.03 -35.38
CA VAL M 373 -27.80 -50.77 -34.65
C VAL M 373 -29.25 -50.29 -34.65
N ILE M 374 -29.89 -50.36 -33.50
CA ILE M 374 -31.21 -49.77 -33.34
C ILE M 374 -31.06 -48.27 -33.22
N GLU M 375 -31.77 -47.53 -34.06
CA GLU M 375 -32.17 -46.18 -33.73
C GLU M 375 -33.64 -46.11 -33.32
N THR M 376 -33.91 -45.25 -32.35
CA THR M 376 -35.27 -44.86 -31.96
C THR M 376 -35.18 -43.52 -31.23
N LEU M 377 -36.26 -43.12 -30.59
CA LEU M 377 -36.24 -41.85 -29.86
C LEU M 377 -35.54 -42.01 -28.51
N PRO M 378 -34.74 -41.01 -28.13
CA PRO M 378 -34.20 -40.95 -26.76
C PRO M 378 -35.30 -40.94 -25.71
N ARG M 379 -35.18 -41.85 -24.75
CA ARG M 379 -36.11 -41.96 -23.64
C ARG M 379 -35.37 -41.73 -22.33
N ASP M 380 -36.10 -41.20 -21.35
CA ASP M 380 -35.58 -41.06 -20.01
C ASP M 380 -35.27 -42.41 -19.40
N ARG M 381 -34.04 -42.54 -18.89
CA ARG M 381 -33.60 -43.69 -18.12
C ARG M 381 -34.59 -44.13 -17.04
N ASP M 382 -35.28 -43.18 -16.41
CA ASP M 382 -36.12 -43.49 -15.27
C ASP M 382 -37.58 -43.75 -15.64
N THR M 383 -38.24 -42.81 -16.29
CA THR M 383 -39.65 -42.91 -16.61
C THR M 383 -39.93 -43.67 -17.89
N TRP M 384 -38.91 -43.93 -18.71
CA TRP M 384 -39.00 -44.50 -20.06
C TRP M 384 -39.77 -43.62 -21.03
N MET M 385 -40.15 -42.42 -20.60
CA MET M 385 -40.87 -41.48 -21.44
C MET M 385 -39.93 -40.85 -22.45
N VAL M 386 -40.46 -40.55 -23.63
CA VAL M 386 -39.67 -39.93 -24.68
C VAL M 386 -39.23 -38.54 -24.20
N ILE M 387 -37.96 -38.23 -24.41
CA ILE M 387 -37.42 -36.94 -24.04
C ILE M 387 -37.42 -35.98 -25.22
N ASP M 388 -37.07 -36.44 -26.42
CA ASP M 388 -37.22 -35.59 -27.59
C ASP M 388 -37.50 -36.43 -28.83
N ASP M 389 -38.11 -35.76 -29.81
CA ASP M 389 -38.77 -36.41 -30.93
C ASP M 389 -37.83 -36.86 -32.03
N ASN M 390 -36.57 -36.43 -32.01
CA ASN M 390 -35.66 -36.77 -33.09
C ASN M 390 -35.10 -38.18 -32.88
N ALA M 391 -35.15 -38.98 -33.93
CA ALA M 391 -34.54 -40.32 -33.89
C ALA M 391 -33.03 -40.24 -33.78
N TRP M 392 -32.46 -41.14 -32.98
CA TRP M 392 -31.06 -41.09 -32.63
C TRP M 392 -30.61 -42.52 -32.37
N PHE M 393 -29.30 -42.72 -32.31
CA PHE M 393 -28.72 -43.99 -31.84
C PHE M 393 -29.33 -44.41 -30.51
N PHE M 394 -29.75 -45.67 -30.44
CA PHE M 394 -30.32 -46.20 -29.22
C PHE M 394 -29.53 -47.39 -28.69
N ALA M 395 -29.31 -48.41 -29.51
CA ALA M 395 -28.60 -49.60 -29.05
C ALA M 395 -28.05 -50.36 -30.23
N LEU M 396 -27.13 -51.27 -29.94
CA LEU M 396 -26.83 -52.40 -30.80
C LEU M 396 -27.54 -53.62 -30.24
N ALA M 397 -28.34 -54.27 -31.08
CA ALA M 397 -29.25 -55.32 -30.63
C ALA M 397 -28.50 -56.59 -30.23
N ASP M 398 -28.90 -57.17 -29.10
CA ASP M 398 -28.39 -58.45 -28.60
C ASP M 398 -28.95 -59.64 -29.38
N GLN M 399 -28.73 -59.65 -30.70
CA GLN M 399 -29.27 -60.67 -31.58
C GLN M 399 -28.82 -62.06 -31.15
N MET M 400 -29.72 -63.04 -31.25
CA MET M 400 -29.42 -64.40 -30.84
C MET M 400 -29.88 -65.40 -31.87
N SER M 401 -29.05 -66.42 -32.08
CA SER M 401 -29.30 -67.45 -33.08
C SER M 401 -30.42 -68.39 -32.66
N GLU M 402 -30.98 -69.07 -33.65
CA GLU M 402 -32.01 -70.08 -33.44
C GLU M 402 -31.51 -71.24 -32.59
N ALA M 403 -30.27 -71.65 -32.79
CA ALA M 403 -29.70 -72.74 -31.99
C ALA M 403 -29.59 -72.38 -30.52
N ASP M 404 -29.14 -71.16 -30.21
CA ASP M 404 -29.05 -70.74 -28.82
C ASP M 404 -30.43 -70.64 -28.19
N ALA M 405 -31.39 -70.09 -28.92
CA ALA M 405 -32.78 -70.01 -28.46
C ALA M 405 -33.34 -71.39 -28.18
N GLU M 406 -33.13 -72.33 -29.11
CA GLU M 406 -33.56 -73.71 -28.91
C GLU M 406 -32.89 -74.36 -27.71
N GLN M 407 -31.61 -74.09 -27.51
CA GLN M 407 -30.87 -74.63 -26.37
C GLN M 407 -31.42 -74.11 -25.05
N PHE M 408 -31.62 -72.79 -24.96
CA PHE M 408 -32.30 -72.21 -23.81
C PHE M 408 -33.70 -72.79 -23.61
N ALA M 409 -34.43 -73.02 -24.70
CA ALA M 409 -35.76 -73.60 -24.58
C ALA M 409 -35.72 -75.02 -24.02
N HIS M 410 -34.74 -75.82 -24.45
CA HIS M 410 -34.52 -77.13 -23.88
C HIS M 410 -34.11 -77.07 -22.42
N GLN M 411 -33.45 -75.99 -22.01
CA GLN M 411 -33.21 -75.78 -20.58
C GLN M 411 -34.49 -75.41 -19.84
N MET M 412 -35.24 -74.44 -20.35
CA MET M 412 -36.42 -73.94 -19.65
C MET M 412 -37.52 -75.00 -19.57
N ALA M 413 -37.64 -75.86 -20.58
CA ALA M 413 -38.60 -76.96 -20.56
C ALA M 413 -38.38 -77.92 -19.39
N HIS M 414 -37.18 -77.95 -18.80
CA HIS M 414 -36.89 -78.83 -17.69
C HIS M 414 -37.61 -78.44 -16.41
N TRP M 415 -38.20 -77.25 -16.34
CA TRP M 415 -38.70 -76.71 -15.09
C TRP M 415 -40.21 -76.47 -15.16
N ARG M 416 -40.86 -76.64 -14.01
CA ARG M 416 -42.31 -76.60 -13.93
C ARG M 416 -42.83 -75.78 -12.76
N LEU M 417 -41.97 -75.12 -12.00
CA LEU M 417 -42.38 -74.42 -10.78
C LEU M 417 -43.27 -73.21 -11.08
N PRO N 18 -52.71 -87.76 -18.08
CA PRO N 18 -51.56 -88.46 -17.50
C PRO N 18 -50.25 -87.74 -17.79
N GLN N 19 -49.21 -88.05 -17.02
CA GLN N 19 -47.92 -87.42 -17.24
C GLN N 19 -47.27 -88.00 -18.49
N ALA N 20 -46.59 -87.14 -19.25
CA ALA N 20 -45.86 -87.58 -20.42
C ALA N 20 -44.56 -86.79 -20.52
N ALA N 21 -43.53 -87.44 -21.07
CA ALA N 21 -42.31 -86.75 -21.48
C ALA N 21 -42.42 -86.26 -22.92
N VAL N 22 -41.90 -85.05 -23.16
CA VAL N 22 -41.70 -84.52 -24.51
C VAL N 22 -40.21 -84.41 -24.74
N VAL N 23 -39.68 -85.15 -25.70
CA VAL N 23 -38.24 -85.36 -25.83
C VAL N 23 -37.83 -85.20 -27.28
N ALA N 24 -36.57 -84.81 -27.47
CA ALA N 24 -36.03 -84.40 -28.77
C ALA N 24 -35.10 -85.49 -29.29
N ILE N 25 -35.69 -86.46 -30.00
CA ILE N 25 -34.93 -87.61 -30.48
C ILE N 25 -33.91 -87.17 -31.52
N MET N 26 -32.67 -87.61 -31.34
CA MET N 26 -31.60 -87.32 -32.28
C MET N 26 -31.30 -88.60 -33.06
N ALA N 27 -31.49 -88.53 -34.37
CA ALA N 27 -31.15 -89.61 -35.27
C ALA N 27 -30.92 -89.03 -36.65
N ALA N 28 -30.05 -89.68 -37.42
CA ALA N 28 -29.74 -89.34 -38.81
C ALA N 28 -29.42 -87.86 -38.99
N ASP N 29 -28.75 -87.28 -37.98
CA ASP N 29 -28.37 -85.87 -37.92
C ASP N 29 -29.59 -84.94 -37.97
N VAL N 30 -30.73 -85.36 -37.41
CA VAL N 30 -31.88 -84.48 -37.26
C VAL N 30 -32.46 -84.67 -35.87
N GLN N 31 -33.16 -83.63 -35.41
CA GLN N 31 -33.92 -83.65 -34.15
C GLN N 31 -35.40 -83.84 -34.45
N ILE N 32 -36.02 -84.81 -33.79
CA ILE N 32 -37.45 -85.07 -33.92
C ILE N 32 -38.09 -85.07 -32.54
N ALA N 33 -39.03 -84.15 -32.31
CA ALA N 33 -39.74 -84.05 -31.05
C ALA N 33 -40.91 -85.03 -31.01
N VAL N 34 -41.07 -85.73 -29.88
CA VAL N 34 -42.09 -86.76 -29.70
C VAL N 34 -42.62 -86.71 -28.28
N VAL N 35 -43.86 -87.20 -28.12
CA VAL N 35 -44.49 -87.37 -26.82
C VAL N 35 -44.47 -88.84 -26.43
N LEU N 36 -44.01 -89.14 -25.22
CA LEU N 36 -43.88 -90.51 -24.72
C LEU N 36 -44.52 -90.64 -23.34
N ASP N 37 -45.13 -91.80 -23.10
CA ASP N 37 -45.63 -92.18 -21.79
C ASP N 37 -44.49 -92.19 -20.77
N ALA N 38 -44.63 -91.36 -19.73
CA ALA N 38 -43.63 -91.23 -18.68
C ALA N 38 -43.59 -92.41 -17.71
N HIS N 39 -44.51 -93.36 -17.81
CA HIS N 39 -44.55 -94.49 -16.90
C HIS N 39 -44.43 -95.85 -17.56
N ALA N 40 -44.57 -95.93 -18.87
CA ALA N 40 -44.35 -97.21 -19.52
C ALA N 40 -42.85 -97.45 -19.69
N PRO N 41 -42.42 -98.71 -19.73
CA PRO N 41 -41.00 -99.00 -19.95
C PRO N 41 -40.57 -98.65 -21.36
N ILE N 42 -39.25 -98.62 -21.55
CA ILE N 42 -38.67 -98.23 -22.83
C ILE N 42 -39.07 -99.21 -23.92
N SER N 43 -39.06 -100.50 -23.60
CA SER N 43 -39.27 -101.54 -24.61
C SER N 43 -40.69 -101.52 -25.14
N VAL N 44 -41.66 -101.09 -24.33
CA VAL N 44 -43.03 -101.00 -24.80
C VAL N 44 -43.19 -99.87 -25.80
N MET N 45 -42.66 -98.69 -25.49
CA MET N 45 -42.92 -97.52 -26.30
C MET N 45 -41.93 -97.36 -27.44
N ILE N 46 -40.86 -98.14 -27.47
CA ILE N 46 -39.87 -98.00 -28.54
C ILE N 46 -40.33 -98.64 -29.84
N ASP N 47 -41.37 -99.49 -29.78
CA ASP N 47 -41.88 -100.15 -30.97
C ASP N 47 -42.66 -99.22 -31.91
N PRO N 48 -43.51 -98.30 -31.43
CA PRO N 48 -44.07 -97.32 -32.38
C PRO N 48 -43.15 -96.15 -32.62
N LEU N 49 -42.15 -95.95 -31.76
CA LEU N 49 -41.31 -94.77 -31.83
C LEU N 49 -40.50 -94.73 -33.13
N LEU N 50 -39.89 -95.85 -33.51
CA LEU N 50 -39.09 -95.83 -34.74
C LEU N 50 -39.98 -95.70 -35.97
N LYS N 51 -41.22 -96.18 -35.89
CA LYS N 51 -42.17 -95.96 -36.98
C LYS N 51 -42.47 -94.47 -37.12
N VAL N 52 -42.72 -93.80 -36.00
CA VAL N 52 -43.00 -92.36 -36.01
C VAL N 52 -41.80 -91.58 -36.55
N VAL N 53 -40.59 -91.97 -36.09
CA VAL N 53 -39.35 -91.35 -36.55
C VAL N 53 -39.15 -91.56 -38.05
N ASN N 54 -39.34 -92.80 -38.54
CA ASN N 54 -39.20 -93.07 -39.96
C ASN N 54 -40.24 -92.30 -40.78
N THR N 55 -41.46 -92.15 -40.25
CA THR N 55 -42.47 -91.35 -40.92
C THR N 55 -42.05 -89.90 -41.04
N ARG N 56 -41.47 -89.35 -39.97
CA ARG N 56 -40.96 -87.98 -40.03
C ARG N 56 -39.76 -87.86 -40.97
N LEU N 57 -38.84 -88.83 -40.94
CA LEU N 57 -37.73 -88.85 -41.87
C LEU N 57 -38.20 -88.89 -43.32
N ARG N 58 -39.27 -89.63 -43.59
CA ARG N 58 -39.82 -89.67 -44.94
C ARG N 58 -40.51 -88.37 -45.26
N GLU N 59 -41.08 -87.70 -44.26
CA GLU N 59 -41.61 -86.36 -44.45
C GLU N 59 -40.48 -85.40 -44.82
N LEU N 60 -39.34 -85.54 -44.16
CA LEU N 60 -38.15 -84.75 -44.41
C LEU N 60 -37.43 -85.16 -45.69
N GLY N 61 -37.83 -86.27 -46.31
CA GLY N 61 -37.14 -86.78 -47.48
C GLY N 61 -35.73 -87.24 -47.15
N VAL N 62 -35.57 -87.90 -46.00
CA VAL N 62 -34.31 -88.46 -45.54
C VAL N 62 -34.42 -89.97 -45.64
N ALA N 63 -33.33 -90.63 -46.06
CA ALA N 63 -33.26 -92.08 -46.09
C ALA N 63 -33.55 -92.64 -44.70
N PRO N 64 -34.57 -93.47 -44.54
CA PRO N 64 -35.01 -93.88 -43.20
C PRO N 64 -34.01 -94.80 -42.50
N LEU N 65 -34.22 -94.92 -41.20
CA LEU N 65 -33.42 -95.79 -40.36
C LEU N 65 -33.67 -97.24 -40.73
N GLU N 66 -32.60 -97.99 -40.95
CA GLU N 66 -32.70 -99.42 -41.20
C GLU N 66 -31.60 -100.13 -40.44
N ALA N 67 -31.91 -101.33 -39.99
CA ALA N 67 -30.98 -102.11 -39.19
C ALA N 67 -30.09 -102.97 -40.08
N LYS N 68 -28.94 -103.34 -39.54
CA LYS N 68 -28.02 -104.26 -40.18
C LYS N 68 -27.46 -105.22 -39.14
N GLY N 69 -27.20 -106.45 -39.56
CA GLY N 69 -26.73 -107.45 -38.62
C GLY N 69 -27.82 -107.82 -37.62
N ARG N 70 -27.38 -108.11 -36.40
CA ARG N 70 -28.29 -108.51 -35.32
C ARG N 70 -28.11 -107.58 -34.13
N GLY N 71 -29.22 -107.30 -33.46
CA GLY N 71 -29.22 -106.36 -32.35
C GLY N 71 -30.62 -105.84 -32.12
N ARG N 72 -30.72 -104.76 -31.37
CA ARG N 72 -31.99 -104.15 -31.05
C ARG N 72 -31.92 -102.65 -31.25
N TRP N 73 -33.08 -102.06 -31.54
CA TRP N 73 -33.22 -100.62 -31.44
C TRP N 73 -33.28 -100.26 -29.97
N MET N 74 -32.52 -99.24 -29.57
CA MET N 74 -32.25 -99.02 -28.16
C MET N 74 -31.70 -97.61 -27.97
N LEU N 75 -32.26 -96.89 -27.00
CA LEU N 75 -31.94 -95.49 -26.76
C LEU N 75 -30.71 -95.34 -25.89
N CYS N 76 -29.76 -94.54 -26.36
CA CYS N 76 -28.57 -94.19 -25.61
C CYS N 76 -28.56 -92.69 -25.36
N LEU N 77 -27.86 -92.29 -24.28
CA LEU N 77 -27.63 -90.88 -23.99
C LEU N 77 -26.54 -90.32 -24.90
N VAL N 78 -26.23 -89.04 -24.68
CA VAL N 78 -25.27 -88.33 -25.52
C VAL N 78 -23.89 -88.98 -25.47
N ASP N 79 -23.52 -89.51 -24.31
CA ASP N 79 -22.23 -90.17 -24.14
C ASP N 79 -22.22 -91.60 -24.65
N GLY N 80 -23.40 -92.16 -24.90
CA GLY N 80 -23.52 -93.50 -25.46
C GLY N 80 -24.05 -94.54 -24.51
N THR N 81 -24.19 -94.22 -23.22
CA THR N 81 -24.71 -95.21 -22.27
C THR N 81 -26.19 -95.49 -22.57
N PRO N 82 -26.59 -96.74 -22.69
CA PRO N 82 -27.98 -97.05 -23.02
C PRO N 82 -28.92 -96.84 -21.84
N LEU N 83 -30.20 -96.74 -22.18
CA LEU N 83 -31.25 -96.73 -21.18
C LEU N 83 -31.68 -98.16 -20.87
N ARG N 84 -32.15 -98.36 -19.64
CA ARG N 84 -32.64 -99.68 -19.24
C ARG N 84 -33.99 -99.92 -19.89
N PRO N 85 -34.16 -100.99 -20.68
CA PRO N 85 -35.42 -101.18 -21.41
C PRO N 85 -36.59 -101.58 -20.53
N ASN N 86 -36.34 -102.00 -19.29
CA ASN N 86 -37.40 -102.40 -18.38
C ASN N 86 -37.81 -101.31 -17.40
N LEU N 87 -37.34 -100.09 -17.61
CA LEU N 87 -37.64 -98.99 -16.70
C LEU N 87 -38.27 -97.84 -17.47
N SER N 88 -39.12 -97.09 -16.79
CA SER N 88 -39.77 -95.95 -17.43
C SER N 88 -38.78 -94.79 -17.58
N LEU N 89 -39.23 -93.75 -18.27
CA LEU N 89 -38.40 -92.57 -18.49
C LEU N 89 -38.15 -91.83 -17.18
N THR N 90 -39.17 -91.78 -16.31
CA THR N 90 -39.03 -91.06 -15.05
C THR N 90 -38.10 -91.80 -14.10
N GLU N 91 -38.18 -93.13 -14.07
CA GLU N 91 -37.33 -93.92 -13.19
C GLU N 91 -35.86 -93.87 -13.60
N GLN N 92 -35.58 -93.50 -14.85
CA GLN N 92 -34.22 -93.30 -15.32
C GLN N 92 -33.81 -91.84 -15.39
N GLU N 93 -34.62 -90.94 -14.82
CA GLU N 93 -34.36 -89.49 -14.77
C GLU N 93 -34.21 -88.91 -16.17
N VAL N 94 -35.29 -88.98 -16.94
CA VAL N 94 -35.40 -88.34 -18.24
C VAL N 94 -36.63 -87.44 -18.22
N TYR N 95 -36.51 -86.26 -18.81
CA TYR N 95 -37.42 -85.15 -18.59
C TYR N 95 -37.83 -84.52 -19.91
N ASP N 96 -38.74 -83.56 -19.81
CA ASP N 96 -39.11 -82.72 -20.94
C ASP N 96 -37.90 -81.99 -21.50
N GLY N 97 -37.85 -81.87 -22.82
CA GLY N 97 -36.73 -81.25 -23.49
C GLY N 97 -35.43 -82.00 -23.44
N ASP N 98 -35.41 -83.23 -22.93
CA ASP N 98 -34.20 -84.04 -23.06
C ASP N 98 -34.04 -84.54 -24.48
N ARG N 99 -32.78 -84.71 -24.89
CA ARG N 99 -32.43 -85.26 -26.18
C ARG N 99 -31.96 -86.71 -26.03
N LEU N 100 -32.41 -87.57 -26.93
CA LEU N 100 -32.06 -88.98 -26.89
C LEU N 100 -31.65 -89.45 -28.27
N TRP N 101 -30.65 -90.32 -28.32
CA TRP N 101 -30.19 -90.92 -29.56
C TRP N 101 -30.79 -92.31 -29.72
N LEU N 102 -31.60 -92.49 -30.76
CA LEU N 102 -32.02 -93.81 -31.18
C LEU N 102 -30.92 -94.46 -32.02
N LYS N 103 -30.45 -95.61 -31.57
CA LYS N 103 -29.35 -96.31 -32.22
C LYS N 103 -29.72 -97.77 -32.34
N PHE N 104 -29.13 -98.44 -33.33
CA PHE N 104 -29.19 -99.88 -33.45
C PHE N 104 -27.80 -100.42 -33.11
N LEU N 105 -27.70 -101.15 -32.01
CA LEU N 105 -26.44 -101.62 -31.47
C LEU N 105 -26.39 -103.14 -31.52
N GLU N 106 -25.21 -103.67 -31.83
CA GLU N 106 -25.05 -105.12 -31.96
C GLU N 106 -25.12 -105.83 -30.61
N ASP N 107 -25.01 -105.11 -29.51
CA ASP N 107 -25.02 -105.72 -28.19
C ASP N 107 -25.68 -104.76 -27.21
N THR N 108 -26.04 -105.28 -26.05
CA THR N 108 -26.68 -104.50 -24.99
C THR N 108 -25.68 -103.96 -23.98
N GLU N 109 -24.41 -104.30 -24.11
CA GLU N 109 -23.37 -103.87 -23.18
C GLU N 109 -22.31 -103.06 -23.92
N HIS N 110 -22.26 -101.76 -23.64
CA HIS N 110 -21.30 -100.88 -24.30
C HIS N 110 -20.75 -99.80 -23.36
N ARG N 111 -20.95 -99.92 -22.05
CA ARG N 111 -20.47 -98.91 -21.12
C ARG N 111 -18.95 -98.97 -20.95
N SER N 112 -18.38 -97.81 -20.57
CA SER N 112 -16.96 -97.65 -20.27
C SER N 112 -16.82 -97.06 -18.86
N GLU N 113 -16.92 -97.92 -17.85
CA GLU N 113 -17.12 -97.45 -16.48
C GLU N 113 -15.87 -96.85 -15.84
N VAL N 114 -14.72 -96.96 -16.50
CA VAL N 114 -13.47 -96.50 -15.89
C VAL N 114 -13.40 -94.99 -15.91
N ILE N 115 -13.09 -94.39 -14.76
CA ILE N 115 -12.99 -92.93 -14.62
C ILE N 115 -11.65 -92.61 -13.98
N GLU N 116 -11.00 -91.54 -14.46
CA GLU N 116 -9.70 -91.12 -13.97
C GLU N 116 -9.80 -89.79 -13.24
N HIS N 117 -9.28 -89.74 -12.02
CA HIS N 117 -9.08 -88.48 -11.31
C HIS N 117 -7.81 -87.84 -11.85
N ILE N 118 -7.94 -86.78 -12.66
CA ILE N 118 -6.81 -86.08 -13.25
C ILE N 118 -6.96 -84.60 -12.93
N SER N 119 -5.89 -83.97 -12.48
CA SER N 119 -5.91 -82.53 -12.24
C SER N 119 -5.96 -81.79 -13.57
N THR N 120 -7.14 -81.29 -13.92
CA THR N 120 -7.37 -80.73 -15.26
C THR N 120 -6.52 -79.49 -15.54
N ALA N 121 -6.16 -78.73 -14.50
CA ALA N 121 -5.38 -77.51 -14.71
C ALA N 121 -4.01 -77.81 -15.30
N VAL N 122 -3.25 -78.71 -14.65
CA VAL N 122 -1.95 -79.11 -15.18
C VAL N 122 -2.12 -79.86 -16.49
N ALA N 123 -3.17 -80.68 -16.59
CA ALA N 123 -3.46 -81.42 -17.82
C ALA N 123 -3.57 -80.50 -19.02
N THR N 124 -4.41 -79.47 -18.92
CA THR N 124 -4.59 -78.51 -19.99
C THR N 124 -3.47 -77.49 -20.07
N ASN N 125 -2.60 -77.45 -19.06
CA ASN N 125 -1.45 -76.57 -19.09
C ASN N 125 -0.24 -77.18 -19.79
N LEU N 126 0.18 -78.36 -19.36
CA LEU N 126 1.48 -78.89 -19.73
C LEU N 126 1.54 -79.29 -21.21
N SER N 127 0.38 -79.53 -21.81
CA SER N 127 0.32 -80.02 -23.19
C SER N 127 0.91 -79.01 -24.17
N LYS N 128 0.70 -77.72 -23.92
CA LYS N 128 1.14 -76.73 -24.89
C LYS N 128 2.64 -76.47 -24.83
N ARG N 129 3.32 -76.87 -23.76
CA ARG N 129 4.76 -76.62 -23.63
C ARG N 129 5.61 -77.88 -23.68
N PHE N 130 5.00 -79.05 -23.80
CA PHE N 130 5.70 -80.29 -24.12
C PHE N 130 5.45 -80.72 -25.55
N ALA N 131 4.86 -79.86 -26.38
CA ALA N 131 4.55 -80.22 -27.75
C ALA N 131 5.82 -80.41 -28.57
N PRO N 132 5.79 -81.31 -29.56
CA PRO N 132 6.87 -81.40 -30.54
C PRO N 132 6.87 -80.24 -31.50
N ILE N 133 7.86 -80.19 -32.40
CA ILE N 133 7.92 -79.14 -33.40
C ILE N 133 6.71 -79.21 -34.33
N ASP N 134 5.95 -78.14 -34.34
CA ASP N 134 4.82 -77.78 -35.18
C ASP N 134 5.37 -77.10 -36.43
N PRO N 135 4.96 -77.50 -37.65
CA PRO N 135 5.48 -76.86 -38.86
C PRO N 135 5.32 -75.34 -38.93
N VAL N 136 4.34 -74.75 -38.24
CA VAL N 136 4.27 -73.30 -38.21
C VAL N 136 5.48 -72.71 -37.49
N VAL N 137 6.05 -73.44 -36.53
CA VAL N 137 7.31 -73.02 -35.94
C VAL N 137 8.45 -73.26 -36.92
N ALA N 138 8.43 -74.40 -37.59
CA ALA N 138 9.52 -74.82 -38.48
C ALA N 138 9.69 -73.84 -39.63
N VAL N 139 8.57 -73.32 -40.15
CA VAL N 139 8.60 -72.27 -41.16
C VAL N 139 9.34 -71.04 -40.64
N GLN N 140 9.03 -70.62 -39.42
CA GLN N 140 9.74 -69.48 -38.83
C GLN N 140 11.22 -69.77 -38.65
N VAL N 141 11.55 -70.99 -38.25
CA VAL N 141 12.95 -71.42 -38.11
C VAL N 141 13.67 -71.31 -39.46
N GLY N 142 13.06 -71.87 -40.50
CA GLY N 142 13.61 -71.76 -41.83
C GLY N 142 13.80 -70.33 -42.28
N ALA N 143 12.77 -69.50 -42.07
CA ALA N 143 12.83 -68.09 -42.46
C ALA N 143 13.96 -67.37 -41.74
N THR N 144 14.14 -67.67 -40.46
CA THR N 144 15.27 -67.11 -39.71
C THR N 144 16.60 -67.55 -40.30
N MET N 145 16.74 -68.83 -40.62
CA MET N 145 18.01 -69.31 -41.14
C MET N 145 18.30 -68.77 -42.54
N VAL N 146 17.25 -68.59 -43.35
CA VAL N 146 17.36 -67.86 -44.61
C VAL N 146 17.86 -66.44 -44.38
N ALA N 147 17.26 -65.75 -43.41
CA ALA N 147 17.68 -64.39 -43.07
C ALA N 147 19.16 -64.35 -42.70
N VAL N 148 19.59 -65.29 -41.86
CA VAL N 148 21.00 -65.38 -41.48
C VAL N 148 21.87 -65.59 -42.71
N GLY N 149 21.42 -66.47 -43.61
CA GLY N 149 22.19 -66.74 -44.81
C GLY N 149 22.32 -65.53 -45.71
N VAL N 150 21.23 -64.80 -45.92
CA VAL N 150 21.29 -63.66 -46.83
C VAL N 150 22.08 -62.52 -46.19
N LEU N 151 22.04 -62.38 -44.87
CA LEU N 151 22.89 -61.37 -44.22
C LEU N 151 24.36 -61.74 -44.36
N LEU N 152 24.69 -63.01 -44.17
CA LEU N 152 26.06 -63.47 -44.40
C LEU N 152 26.49 -63.21 -45.83
N GLY N 153 25.62 -63.53 -46.79
CA GLY N 153 25.98 -63.35 -48.20
C GLY N 153 26.22 -61.89 -48.54
N SER N 154 25.37 -61.00 -48.02
CA SER N 154 25.56 -59.59 -48.26
C SER N 154 26.86 -59.10 -47.61
N ALA N 155 27.15 -59.57 -46.40
CA ALA N 155 28.39 -59.18 -45.74
C ALA N 155 29.61 -59.68 -46.50
N LEU N 156 29.56 -60.90 -47.02
CA LEU N 156 30.64 -61.45 -47.81
C LEU N 156 30.86 -60.65 -49.10
N LEU N 157 29.77 -60.29 -49.77
CA LEU N 157 29.89 -59.50 -50.99
C LEU N 157 30.46 -58.12 -50.71
N GLY N 158 30.04 -57.50 -49.60
CA GLY N 158 30.62 -56.22 -49.21
C GLY N 158 32.08 -56.34 -48.85
N TRP N 159 32.47 -57.43 -48.20
CA TRP N 159 33.87 -57.70 -47.88
C TRP N 159 34.70 -57.85 -49.13
N TRP N 160 34.19 -58.58 -50.13
CA TRP N 160 34.86 -58.66 -51.42
C TRP N 160 35.01 -57.29 -52.07
N ARG N 161 33.92 -56.52 -52.10
CA ARG N 161 33.95 -55.21 -52.76
C ARG N 161 34.95 -54.28 -52.08
N TRP N 162 35.04 -54.37 -50.75
CA TRP N 162 36.04 -53.58 -50.02
C TRP N 162 37.44 -54.07 -50.32
N GLN N 163 37.66 -55.39 -50.28
CA GLN N 163 39.00 -55.93 -50.47
C GLN N 163 39.42 -55.92 -51.94
N HIS N 164 38.51 -56.24 -52.84
CA HIS N 164 38.80 -56.40 -54.27
C HIS N 164 37.87 -55.48 -55.04
N GLU N 165 38.37 -54.31 -55.41
CA GLU N 165 37.57 -53.35 -56.16
C GLU N 165 37.25 -53.91 -57.54
N SER N 166 36.00 -54.32 -57.75
CA SER N 166 35.59 -54.93 -59.00
C SER N 166 34.10 -54.70 -59.19
N TRP N 167 33.67 -54.82 -60.44
CA TRP N 167 32.26 -54.69 -60.81
C TRP N 167 31.45 -55.95 -60.54
N LEU N 168 32.12 -57.05 -60.21
CA LEU N 168 31.45 -58.35 -60.08
C LEU N 168 30.40 -58.50 -58.99
N PRO N 169 30.56 -58.02 -57.75
CA PRO N 169 29.54 -58.34 -56.72
C PRO N 169 28.30 -57.47 -56.76
N ALA N 170 28.37 -56.28 -57.39
CA ALA N 170 27.26 -55.34 -57.35
C ALA N 170 26.00 -55.86 -58.02
N PRO N 171 26.02 -56.44 -59.23
CA PRO N 171 24.74 -56.87 -59.80
C PRO N 171 24.21 -58.11 -59.12
N PHE N 172 25.10 -58.98 -58.63
CA PHE N 172 24.65 -60.23 -58.05
C PHE N 172 23.94 -59.98 -56.72
N ALA N 173 24.45 -59.03 -55.94
CA ALA N 173 23.75 -58.70 -54.70
C ALA N 173 22.39 -58.10 -54.97
N ALA N 174 22.28 -57.33 -56.06
CA ALA N 174 21.00 -56.77 -56.46
C ALA N 174 20.02 -57.87 -56.84
N VAL N 175 20.51 -58.89 -57.54
CA VAL N 175 19.65 -60.00 -57.96
C VAL N 175 19.13 -60.75 -56.75
N ILE N 176 20.01 -61.04 -55.80
CA ILE N 176 19.60 -61.75 -54.59
C ILE N 176 18.59 -60.93 -53.79
N ALA N 177 18.85 -59.64 -53.65
CA ALA N 177 17.92 -58.77 -52.93
C ALA N 177 16.57 -58.70 -53.60
N VAL N 178 16.55 -58.59 -54.93
CA VAL N 178 15.29 -58.47 -55.66
C VAL N 178 14.48 -59.75 -55.50
N LEU N 179 15.11 -60.91 -55.64
CA LEU N 179 14.36 -62.15 -55.53
C LEU N 179 13.84 -62.36 -54.10
N VAL N 180 14.65 -62.03 -53.09
CA VAL N 180 14.24 -62.21 -51.71
C VAL N 180 13.10 -61.26 -51.36
N LEU N 181 13.19 -59.99 -51.78
CA LEU N 181 12.13 -59.03 -51.48
C LEU N 181 10.85 -59.37 -52.20
N THR N 182 10.94 -59.89 -53.43
CA THR N 182 9.72 -60.30 -54.12
C THR N 182 9.08 -61.50 -53.44
N VAL N 183 9.90 -62.44 -52.96
CA VAL N 183 9.36 -63.58 -52.21
C VAL N 183 8.69 -63.09 -50.94
N ALA N 184 9.32 -62.13 -50.24
CA ALA N 184 8.77 -61.59 -49.01
C ALA N 184 7.46 -60.86 -49.27
N THR N 185 7.39 -60.10 -50.36
CA THR N 185 6.16 -59.39 -50.69
C THR N 185 5.05 -60.36 -51.04
N MET N 186 5.39 -61.43 -51.75
CA MET N 186 4.40 -62.47 -52.05
C MET N 186 3.92 -63.15 -50.77
N ILE N 187 4.82 -63.33 -49.81
CA ILE N 187 4.41 -63.87 -48.52
C ILE N 187 3.48 -62.88 -47.82
N LEU N 188 3.81 -61.60 -47.87
CA LEU N 188 2.99 -60.58 -47.25
C LEU N 188 1.77 -60.22 -48.09
N ALA N 189 1.62 -60.81 -49.27
CA ALA N 189 0.49 -60.52 -50.15
C ALA N 189 -0.78 -61.24 -49.72
N ARG N 190 -0.81 -61.79 -48.51
CA ARG N 190 -1.91 -62.47 -47.84
C ARG N 190 -2.23 -63.83 -48.45
N SER N 191 -1.53 -64.24 -49.51
CA SER N 191 -1.92 -65.45 -50.23
C SER N 191 -1.53 -66.71 -49.48
N LYS N 192 -0.45 -66.67 -48.69
CA LYS N 192 0.02 -67.85 -48.00
C LYS N 192 0.23 -67.66 -46.51
N THR N 193 0.07 -66.45 -45.97
CA THR N 193 0.33 -66.18 -44.55
C THR N 193 -0.64 -65.10 -44.09
N VAL N 194 -1.75 -65.53 -43.48
CA VAL N 194 -2.63 -64.59 -42.78
C VAL N 194 -2.15 -64.29 -41.35
N PRO N 195 -1.94 -65.29 -40.43
CA PRO N 195 -1.67 -64.90 -39.04
C PRO N 195 -0.21 -64.61 -38.71
N ASP N 196 0.73 -65.18 -39.45
CA ASP N 196 2.15 -65.03 -39.15
C ASP N 196 2.78 -64.13 -40.20
N ARG N 197 2.75 -62.83 -39.91
CA ARG N 197 3.51 -61.85 -40.65
C ARG N 197 4.99 -61.91 -40.28
N ARG N 198 5.34 -62.73 -39.29
CA ARG N 198 6.71 -62.82 -38.82
C ARG N 198 7.64 -63.28 -39.92
N VAL N 199 7.22 -64.28 -40.69
CA VAL N 199 8.06 -64.79 -41.77
C VAL N 199 8.29 -63.70 -42.80
N GLY N 200 7.21 -63.02 -43.19
CA GLY N 200 7.33 -61.95 -44.16
C GLY N 200 8.16 -60.80 -43.64
N ASP N 201 7.99 -60.44 -42.36
CA ASP N 201 8.74 -59.34 -41.80
C ASP N 201 10.23 -59.66 -41.70
N ILE N 202 10.57 -60.89 -41.29
CA ILE N 202 11.96 -61.28 -41.21
C ILE N 202 12.61 -61.30 -42.58
N LEU N 203 11.90 -61.86 -43.58
CA LEU N 203 12.46 -61.89 -44.92
C LEU N 203 12.61 -60.47 -45.48
N LEU N 204 11.59 -59.63 -45.29
CA LEU N 204 11.63 -58.28 -45.83
C LEU N 204 12.78 -57.50 -45.19
N LEU N 205 12.95 -57.66 -43.88
CA LEU N 205 14.01 -56.95 -43.18
C LEU N 205 15.36 -57.45 -43.63
N SER N 206 15.47 -58.76 -43.88
CA SER N 206 16.75 -59.31 -44.23
C SER N 206 17.13 -58.98 -45.66
N GLY N 207 16.15 -58.91 -46.55
CA GLY N 207 16.45 -58.68 -47.95
C GLY N 207 16.86 -57.27 -48.28
N LEU N 208 16.61 -56.31 -47.38
CA LEU N 208 16.98 -54.95 -47.69
C LEU N 208 18.47 -54.70 -47.59
N VAL N 209 19.16 -55.47 -46.77
CA VAL N 209 20.62 -55.34 -46.62
C VAL N 209 21.38 -55.69 -47.90
N PRO N 210 21.07 -56.78 -48.62
CA PRO N 210 21.72 -56.96 -49.93
C PRO N 210 21.43 -55.84 -50.91
N LEU N 211 20.25 -55.22 -50.83
CA LEU N 211 19.95 -54.09 -51.70
C LEU N 211 20.89 -52.92 -51.42
N ALA N 212 21.09 -52.60 -50.15
CA ALA N 212 22.01 -51.53 -49.80
C ALA N 212 23.44 -51.88 -50.17
N VAL N 213 23.81 -53.16 -50.02
CA VAL N 213 25.15 -53.60 -50.40
C VAL N 213 25.37 -53.43 -51.89
N ALA N 214 24.38 -53.79 -52.70
CA ALA N 214 24.49 -53.65 -54.16
C ALA N 214 24.55 -52.19 -54.56
N ILE N 215 23.75 -51.35 -53.93
CA ILE N 215 23.75 -49.92 -54.25
C ILE N 215 25.09 -49.29 -53.89
N ALA N 216 25.65 -49.67 -52.74
CA ALA N 216 26.95 -49.13 -52.35
C ALA N 216 28.07 -49.65 -53.26
N ALA N 217 27.98 -50.91 -53.68
CA ALA N 217 29.00 -51.46 -54.55
C ALA N 217 28.88 -50.98 -55.98
N THR N 218 27.74 -50.39 -56.35
CA THR N 218 27.59 -49.79 -57.67
C THR N 218 28.54 -48.62 -57.87
N ALA N 219 28.73 -47.82 -56.83
CA ALA N 219 29.62 -46.68 -56.92
C ALA N 219 31.08 -47.13 -57.05
N PRO N 220 31.89 -46.42 -57.85
CA PRO N 220 33.28 -46.84 -58.06
C PRO N 220 34.19 -46.49 -56.88
N GLY N 221 35.49 -46.71 -57.06
CA GLY N 221 36.45 -46.44 -56.03
C GLY N 221 36.70 -47.65 -55.15
N PRO N 222 37.66 -47.53 -54.23
CA PRO N 222 37.93 -48.63 -53.28
C PRO N 222 36.75 -48.91 -52.36
N VAL N 223 36.31 -47.89 -51.63
CA VAL N 223 35.06 -47.94 -50.89
C VAL N 223 33.94 -47.61 -51.86
N GLY N 224 32.69 -47.79 -51.43
CA GLY N 224 31.58 -47.21 -52.15
C GLY N 224 31.77 -45.72 -52.14
N ALA N 225 31.85 -45.11 -53.34
CA ALA N 225 32.50 -43.82 -53.60
C ALA N 225 32.32 -42.72 -52.56
N PRO N 226 31.12 -42.42 -52.03
CA PRO N 226 31.07 -41.40 -50.97
C PRO N 226 31.30 -42.01 -49.60
N HIS N 227 32.27 -42.92 -49.48
CA HIS N 227 32.47 -43.74 -48.30
C HIS N 227 31.16 -44.40 -47.86
N ALA N 228 30.43 -44.95 -48.84
CA ALA N 228 29.17 -45.66 -48.65
C ALA N 228 28.09 -44.81 -47.96
N VAL N 229 27.94 -43.57 -48.41
CA VAL N 229 26.78 -42.78 -47.99
C VAL N 229 25.51 -43.40 -48.55
N LEU N 230 25.54 -43.74 -49.84
CA LEU N 230 24.33 -44.09 -50.57
C LEU N 230 23.71 -45.39 -50.09
N GLY N 231 24.55 -46.34 -49.66
CA GLY N 231 24.01 -47.59 -49.13
C GLY N 231 23.24 -47.37 -47.83
N PHE N 232 23.81 -46.61 -46.91
CA PHE N 232 23.12 -46.29 -45.66
C PHE N 232 21.87 -45.47 -45.93
N GLY N 233 21.94 -44.54 -46.89
CA GLY N 233 20.79 -43.73 -47.21
C GLY N 233 19.65 -44.53 -47.80
N VAL N 234 19.96 -45.43 -48.74
CA VAL N 234 18.90 -46.21 -49.36
C VAL N 234 18.33 -47.21 -48.36
N PHE N 235 19.16 -47.75 -47.46
CA PHE N 235 18.62 -48.66 -46.46
C PHE N 235 17.75 -47.93 -45.46
N GLY N 236 18.14 -46.71 -45.08
CA GLY N 236 17.33 -45.93 -44.17
C GLY N 236 15.99 -45.55 -44.76
N VAL N 237 15.98 -45.07 -46.00
CA VAL N 237 14.72 -44.68 -46.60
C VAL N 237 13.87 -45.92 -46.88
N ALA N 238 14.50 -47.05 -47.19
CA ALA N 238 13.74 -48.29 -47.34
C ALA N 238 13.07 -48.69 -46.03
N ALA N 239 13.78 -48.55 -44.93
CA ALA N 239 13.18 -48.86 -43.63
C ALA N 239 12.07 -47.88 -43.28
N MET N 240 12.22 -46.62 -43.65
CA MET N 240 11.17 -45.64 -43.40
C MET N 240 9.91 -45.99 -44.18
N LEU N 241 10.07 -46.34 -45.45
CA LEU N 241 8.91 -46.76 -46.24
C LEU N 241 8.30 -48.06 -45.74
N VAL N 242 9.13 -48.98 -45.23
CA VAL N 242 8.58 -50.22 -44.67
C VAL N 242 7.72 -49.91 -43.46
N MET N 243 8.22 -49.03 -42.57
CA MET N 243 7.45 -48.58 -41.43
C MET N 243 6.15 -47.90 -41.86
N ARG N 244 6.24 -47.01 -42.85
CA ARG N 244 5.05 -46.31 -43.32
C ARG N 244 4.02 -47.25 -43.92
N PHE N 245 4.45 -48.32 -44.57
CA PHE N 245 3.48 -49.23 -45.14
C PHE N 245 3.09 -50.35 -44.20
N THR N 246 4.07 -51.03 -43.59
CA THR N 246 3.75 -52.15 -42.72
C THR N 246 3.43 -51.68 -41.31
N GLY N 247 4.33 -50.90 -40.70
CA GLY N 247 4.16 -50.45 -39.33
C GLY N 247 4.16 -51.51 -38.26
N ARG N 248 4.72 -52.69 -38.52
CA ARG N 248 4.64 -53.76 -37.53
C ARG N 248 5.83 -53.75 -36.57
N ARG N 249 7.05 -53.89 -37.10
CA ARG N 249 8.24 -53.97 -36.26
C ARG N 249 8.88 -52.58 -36.10
N LEU N 250 8.17 -51.68 -35.42
CA LEU N 250 8.60 -50.28 -35.40
C LEU N 250 9.94 -50.10 -34.71
N GLY N 251 10.17 -50.82 -33.61
CA GLY N 251 11.40 -50.64 -32.86
C GLY N 251 12.64 -50.93 -33.67
N VAL N 252 12.62 -52.03 -34.42
CA VAL N 252 13.81 -52.49 -35.11
C VAL N 252 14.19 -51.54 -36.23
N TYR N 253 13.25 -51.26 -37.12
CA TYR N 253 13.53 -50.33 -38.20
C TYR N 253 13.76 -48.93 -37.68
N THR N 254 13.18 -48.56 -36.55
CA THR N 254 13.46 -47.23 -36.01
C THR N 254 14.90 -47.11 -35.54
N ALA N 255 15.42 -48.16 -34.90
CA ALA N 255 16.84 -48.16 -34.54
C ALA N 255 17.71 -48.16 -35.78
N LEU N 256 17.33 -48.92 -36.80
CA LEU N 256 18.12 -48.96 -38.02
C LEU N 256 18.11 -47.62 -38.75
N VAL N 257 16.97 -46.93 -38.74
CA VAL N 257 16.88 -45.59 -39.32
C VAL N 257 17.78 -44.62 -38.56
N THR N 258 17.83 -44.76 -37.23
CA THR N 258 18.71 -43.90 -36.45
C THR N 258 20.17 -44.10 -36.84
N LEU N 259 20.59 -45.36 -36.93
CA LEU N 259 21.96 -45.66 -37.32
C LEU N 259 22.26 -45.15 -38.72
N CYS N 260 21.32 -45.34 -39.65
CA CYS N 260 21.55 -44.92 -41.03
C CYS N 260 21.59 -43.42 -41.16
N ALA N 261 20.75 -42.71 -40.41
CA ALA N 261 20.76 -41.25 -40.48
C ALA N 261 22.08 -40.70 -39.98
N ALA N 262 22.57 -41.25 -38.87
CA ALA N 262 23.86 -40.78 -38.36
C ALA N 262 24.99 -41.10 -39.34
N ALA N 263 24.96 -42.30 -39.91
CA ALA N 263 26.02 -42.69 -40.84
C ALA N 263 26.02 -41.82 -42.09
N THR N 264 24.83 -41.51 -42.62
CA THR N 264 24.75 -40.69 -43.81
C THR N 264 25.19 -39.26 -43.55
N ALA N 265 24.82 -38.71 -42.39
CA ALA N 265 25.27 -37.36 -42.06
C ALA N 265 26.79 -37.31 -41.92
N ALA N 266 27.37 -38.30 -41.24
CA ALA N 266 28.82 -38.33 -41.07
C ALA N 266 29.53 -38.49 -42.40
N GLY N 267 29.02 -39.36 -43.26
CA GLY N 267 29.64 -39.56 -44.56
C GLY N 267 29.53 -38.35 -45.47
N LEU N 268 28.38 -37.67 -45.45
CA LEU N 268 28.24 -36.47 -46.26
C LEU N 268 29.17 -35.37 -45.79
N ALA N 269 29.31 -35.19 -44.48
CA ALA N 269 30.27 -34.19 -44.01
C ALA N 269 31.69 -34.61 -44.29
N ARG N 270 31.95 -35.92 -44.35
CA ARG N 270 33.27 -36.42 -44.68
C ARG N 270 33.61 -36.13 -46.13
N MET N 271 32.65 -36.36 -47.03
CA MET N 271 32.97 -36.19 -48.44
C MET N 271 32.96 -34.73 -48.84
N VAL N 272 32.03 -33.94 -48.31
CA VAL N 272 31.93 -32.55 -48.72
C VAL N 272 33.01 -31.70 -48.05
N LEU N 273 33.15 -31.82 -46.73
CA LEU N 273 34.04 -30.93 -46.01
C LEU N 273 35.45 -31.49 -45.83
N LEU N 274 35.62 -32.81 -46.01
CA LEU N 274 36.90 -33.49 -45.79
C LEU N 274 37.44 -33.23 -44.39
N THR N 275 36.54 -33.25 -43.41
CA THR N 275 36.94 -32.99 -42.04
C THR N 275 37.50 -34.26 -41.41
N SER N 276 38.07 -34.08 -40.21
CA SER N 276 38.68 -35.19 -39.51
C SER N 276 37.63 -36.15 -38.97
N ALA N 277 38.06 -37.38 -38.74
CA ALA N 277 37.14 -38.38 -38.21
C ALA N 277 36.81 -38.08 -36.76
N VAL N 278 37.74 -37.46 -36.03
CA VAL N 278 37.48 -37.06 -34.65
C VAL N 278 36.36 -36.05 -34.58
N THR N 279 36.38 -35.07 -35.49
CA THR N 279 35.30 -34.09 -35.56
C THR N 279 33.97 -34.75 -35.85
N LEU N 280 33.95 -35.72 -36.77
CA LEU N 280 32.72 -36.43 -37.10
C LEU N 280 32.19 -37.20 -35.91
N LEU N 281 33.06 -37.94 -35.23
CA LEU N 281 32.64 -38.72 -34.09
C LEU N 281 32.11 -37.83 -32.98
N THR N 282 32.77 -36.71 -32.73
CA THR N 282 32.34 -35.91 -31.60
C THR N 282 31.07 -35.13 -31.92
N CYS N 283 30.87 -34.71 -33.18
CA CYS N 283 29.63 -34.02 -33.47
C CYS N 283 28.45 -34.99 -33.53
N VAL N 284 28.67 -36.24 -33.94
CA VAL N 284 27.61 -37.23 -33.84
C VAL N 284 27.31 -37.52 -32.38
N LEU N 285 28.34 -37.50 -31.54
CA LEU N 285 28.12 -37.63 -30.10
C LEU N 285 27.28 -36.48 -29.54
N LEU N 286 27.57 -35.27 -29.96
CA LEU N 286 26.77 -34.13 -29.49
C LEU N 286 25.33 -34.25 -29.98
N ALA N 287 25.16 -34.73 -31.21
CA ALA N 287 23.82 -34.94 -31.75
C ALA N 287 23.06 -35.98 -30.95
N CYS N 288 23.71 -37.06 -30.56
CA CYS N 288 22.99 -38.11 -29.84
C CYS N 288 22.72 -37.67 -28.41
N VAL N 289 23.60 -36.86 -27.83
CA VAL N 289 23.35 -36.32 -26.50
C VAL N 289 22.10 -35.45 -26.51
N LEU N 290 21.99 -34.58 -27.50
CA LEU N 290 20.74 -33.83 -27.66
C LEU N 290 19.56 -34.75 -27.92
N MET N 291 19.78 -35.77 -28.74
CA MET N 291 18.68 -36.60 -29.16
C MET N 291 18.11 -37.40 -28.00
N TYR N 292 18.93 -37.74 -26.99
CA TYR N 292 18.39 -38.42 -25.81
C TYR N 292 17.38 -37.58 -25.08
N HIS N 293 17.48 -36.27 -25.20
CA HIS N 293 16.50 -35.38 -24.62
C HIS N 293 15.32 -35.16 -25.55
N GLY N 294 15.53 -35.29 -26.86
CA GLY N 294 14.39 -35.22 -27.75
C GLY N 294 13.57 -36.49 -27.89
N ALA N 295 14.13 -37.62 -27.46
CA ALA N 295 13.54 -38.92 -27.73
C ALA N 295 12.09 -39.13 -27.25
N PRO N 296 11.65 -38.60 -26.10
CA PRO N 296 10.21 -38.70 -25.80
C PRO N 296 9.35 -37.87 -26.73
N ALA N 297 9.77 -36.65 -27.04
CA ALA N 297 8.95 -35.78 -27.87
C ALA N 297 8.82 -36.34 -29.27
N LEU N 298 9.94 -36.82 -29.83
CA LEU N 298 9.92 -37.43 -31.14
C LEU N 298 9.08 -38.71 -31.14
N SER N 299 9.14 -39.47 -30.06
CA SER N 299 8.31 -40.67 -30.01
C SER N 299 6.83 -40.36 -29.84
N ARG N 300 6.48 -39.25 -29.20
CA ARG N 300 5.11 -38.78 -29.32
C ARG N 300 4.77 -38.46 -30.76
N TRP N 301 5.63 -37.71 -31.42
CA TRP N 301 5.28 -37.14 -32.73
C TRP N 301 5.18 -38.22 -33.80
N LEU N 302 6.04 -39.22 -33.76
CA LEU N 302 6.01 -40.28 -34.76
C LEU N 302 4.87 -41.25 -34.54
N SER N 303 4.42 -41.40 -33.31
CA SER N 303 3.29 -42.30 -33.04
C SER N 303 1.97 -41.73 -33.49
N GLY N 304 1.94 -40.51 -34.01
CA GLY N 304 0.70 -39.93 -34.45
C GLY N 304 -0.28 -39.60 -33.35
N ILE N 305 0.18 -39.54 -32.11
CA ILE N 305 -0.57 -38.83 -31.09
C ILE N 305 -0.56 -37.36 -31.44
N ARG N 306 -1.72 -36.73 -31.43
CA ARG N 306 -1.79 -35.29 -31.61
C ARG N 306 -2.57 -34.68 -30.48
N LEU N 307 -1.98 -33.66 -29.87
CA LEU N 307 -2.61 -32.95 -28.79
C LEU N 307 -3.76 -32.10 -29.30
N PRO N 308 -4.81 -31.88 -28.46
CA PRO N 308 -6.00 -31.11 -28.86
C PRO N 308 -5.75 -29.81 -29.61
N VAL N 309 -6.62 -29.53 -30.59
CA VAL N 309 -6.78 -28.17 -31.06
C VAL N 309 -7.33 -27.27 -29.95
N PHE N 310 -7.17 -25.97 -30.14
CA PHE N 310 -7.61 -25.02 -29.15
C PHE N 310 -8.69 -24.10 -29.69
N PRO N 311 -9.77 -23.90 -28.97
CA PRO N 311 -10.81 -22.96 -29.40
C PRO N 311 -10.40 -21.50 -29.22
N SER N 312 -9.55 -20.99 -30.11
CA SER N 312 -9.02 -19.64 -29.97
C SER N 312 -10.12 -18.58 -30.08
N ALA N 313 -10.81 -18.55 -31.22
CA ALA N 313 -11.74 -17.48 -31.54
C ALA N 313 -13.18 -17.93 -31.70
N THR N 314 -13.48 -19.21 -31.54
CA THR N 314 -14.82 -19.71 -31.85
C THR N 314 -15.83 -19.41 -30.75
N SER N 315 -15.36 -19.25 -29.50
CA SER N 315 -16.14 -18.78 -28.36
C SER N 315 -17.33 -19.68 -28.00
N ARG N 316 -17.44 -20.87 -28.57
CA ARG N 316 -18.45 -21.83 -28.15
C ARG N 316 -17.76 -23.01 -27.47
N TRP N 317 -18.15 -23.26 -26.21
CA TRP N 317 -17.50 -24.28 -25.40
C TRP N 317 -18.36 -25.50 -25.13
N VAL N 318 -19.68 -25.42 -25.23
CA VAL N 318 -20.54 -26.55 -24.89
C VAL N 318 -20.92 -27.27 -26.18
N PHE N 319 -20.63 -28.57 -26.24
CA PHE N 319 -21.00 -29.41 -27.37
C PHE N 319 -21.53 -30.73 -26.83
N GLU N 320 -22.84 -30.95 -26.95
CA GLU N 320 -23.43 -32.20 -26.48
C GLU N 320 -23.63 -33.17 -27.66
N ALA N 321 -22.53 -33.50 -28.33
CA ALA N 321 -22.64 -34.32 -29.53
C ALA N 321 -22.63 -35.81 -29.23
N ARG N 322 -22.18 -36.21 -28.03
CA ARG N 322 -22.09 -37.57 -27.47
C ARG N 322 -21.72 -38.63 -28.52
N PRO N 323 -20.45 -38.69 -28.92
CA PRO N 323 -20.03 -39.61 -29.99
C PRO N 323 -20.42 -41.06 -29.73
N ASP N 324 -21.05 -41.65 -30.73
CA ASP N 324 -21.59 -43.00 -30.63
C ASP N 324 -20.50 -44.05 -30.76
N LEU N 325 -20.83 -45.24 -30.25
CA LEU N 325 -19.98 -46.40 -30.21
C LEU N 325 -19.55 -46.86 -31.61
N PRO N 326 -18.26 -46.89 -31.93
CA PRO N 326 -17.80 -47.84 -32.94
C PRO N 326 -18.06 -49.26 -32.47
N THR N 327 -18.38 -50.13 -33.41
CA THR N 327 -18.80 -51.49 -33.11
C THR N 327 -17.91 -52.49 -33.82
N THR N 328 -17.19 -53.30 -33.06
CA THR N 328 -16.34 -54.33 -33.63
C THR N 328 -17.15 -55.60 -33.91
N VAL N 329 -17.26 -55.93 -35.20
CA VAL N 329 -17.87 -57.19 -35.62
C VAL N 329 -16.95 -58.36 -35.23
N VAL N 330 -17.56 -59.40 -34.65
CA VAL N 330 -16.82 -60.57 -34.22
C VAL N 330 -16.14 -61.23 -35.42
N VAL N 331 -14.82 -61.47 -35.29
CA VAL N 331 -13.96 -61.76 -36.43
C VAL N 331 -14.35 -63.04 -37.15
N SER N 332 -14.99 -63.98 -36.43
CA SER N 332 -15.49 -65.18 -37.07
C SER N 332 -16.68 -64.88 -37.99
N GLY N 333 -17.37 -63.76 -37.78
CA GLY N 333 -18.66 -63.53 -38.40
C GLY N 333 -19.75 -64.52 -38.06
N GLY N 334 -19.51 -65.39 -37.07
CA GLY N 334 -20.29 -66.60 -36.90
C GLY N 334 -21.59 -66.41 -36.16
N GLY N 335 -22.22 -65.25 -36.34
CA GLY N 335 -23.50 -64.96 -35.72
C GLY N 335 -23.43 -64.50 -34.29
N GLN N 336 -22.23 -64.39 -33.72
CA GLN N 336 -22.07 -63.73 -32.43
C GLN N 336 -22.54 -62.28 -32.53
N PRO N 337 -23.14 -61.73 -31.47
CA PRO N 337 -23.40 -60.29 -31.46
C PRO N 337 -22.11 -59.50 -31.54
N THR N 338 -22.18 -58.40 -32.29
CA THR N 338 -21.07 -57.45 -32.38
C THR N 338 -20.89 -56.75 -31.02
N LEU N 339 -19.67 -56.27 -30.76
CA LEU N 339 -19.31 -55.61 -29.51
C LEU N 339 -19.00 -54.14 -29.75
N GLU N 340 -19.21 -53.33 -28.71
CA GLU N 340 -19.14 -51.87 -28.80
C GLU N 340 -17.92 -51.33 -28.10
N GLY N 341 -17.10 -50.59 -28.83
CA GLY N 341 -16.02 -49.83 -28.25
C GLY N 341 -16.43 -48.37 -28.08
N PRO N 342 -15.76 -47.66 -27.16
CA PRO N 342 -16.32 -46.40 -26.65
C PRO N 342 -16.36 -45.24 -27.64
N ALA N 343 -15.29 -45.01 -28.41
CA ALA N 343 -15.25 -43.92 -29.38
C ALA N 343 -14.02 -44.09 -30.25
N SER N 344 -13.80 -43.09 -31.12
CA SER N 344 -12.54 -42.95 -31.85
C SER N 344 -11.32 -42.97 -30.94
N VAL N 345 -11.45 -42.41 -29.73
CA VAL N 345 -10.38 -42.38 -28.74
C VAL N 345 -9.81 -43.76 -28.39
N ARG N 346 -10.52 -44.85 -28.72
CA ARG N 346 -9.98 -46.19 -28.55
C ARG N 346 -8.66 -46.41 -29.30
N ASP N 347 -8.39 -45.65 -30.36
CA ASP N 347 -7.11 -45.72 -31.05
C ASP N 347 -5.92 -45.24 -30.24
N VAL N 348 -6.16 -44.48 -29.17
CA VAL N 348 -5.10 -44.09 -28.26
C VAL N 348 -4.41 -45.30 -27.66
N LEU N 349 -5.17 -46.35 -27.38
CA LEU N 349 -4.58 -47.61 -26.90
C LEU N 349 -3.62 -48.23 -27.90
N LEU N 350 -3.86 -48.08 -29.20
CA LEU N 350 -2.88 -48.51 -30.20
C LEU N 350 -1.70 -47.56 -30.28
N ARG N 351 -1.98 -46.26 -30.36
CA ARG N 351 -0.93 -45.26 -30.54
C ARG N 351 0.08 -45.24 -29.40
N ALA N 352 -0.39 -45.43 -28.17
CA ALA N 352 0.52 -45.51 -27.04
C ALA N 352 1.52 -46.65 -27.18
N GLU N 353 1.04 -47.86 -27.49
CA GLU N 353 1.94 -49.00 -27.71
C GLU N 353 2.89 -48.77 -28.86
N ARG N 354 2.46 -48.01 -29.87
CA ARG N 354 3.40 -47.66 -30.93
C ARG N 354 4.45 -46.68 -30.43
N ALA N 355 4.04 -45.68 -29.67
CA ALA N 355 4.97 -44.70 -29.13
C ALA N 355 6.05 -45.36 -28.27
N ARG N 356 5.65 -46.29 -27.41
CA ARG N 356 6.59 -47.10 -26.66
C ARG N 356 7.58 -47.82 -27.56
N SER N 357 7.09 -48.41 -28.66
CA SER N 357 8.00 -49.15 -29.53
C SER N 357 8.97 -48.23 -30.25
N PHE N 358 8.51 -47.05 -30.64
CA PHE N 358 9.42 -46.04 -31.17
C PHE N 358 10.47 -45.65 -30.17
N LEU N 359 10.06 -45.37 -28.93
CA LEU N 359 11.00 -44.86 -27.94
C LEU N 359 12.09 -45.89 -27.64
N THR N 360 11.69 -47.15 -27.46
CA THR N 360 12.66 -48.23 -27.30
C THR N 360 13.62 -48.30 -28.48
N GLY N 361 13.12 -48.10 -29.70
CA GLY N 361 14.01 -48.09 -30.85
C GLY N 361 14.99 -46.95 -30.82
N LEU N 362 14.52 -45.75 -30.47
CA LEU N 362 15.38 -44.58 -30.38
C LEU N 362 16.51 -44.81 -29.39
N LEU N 363 16.17 -45.26 -28.19
CA LEU N 363 17.19 -45.42 -27.16
C LEU N 363 18.21 -46.47 -27.55
N VAL N 364 17.78 -47.57 -28.16
CA VAL N 364 18.73 -48.57 -28.66
C VAL N 364 19.68 -47.97 -29.69
N GLY N 365 19.12 -47.27 -30.68
CA GLY N 365 19.96 -46.70 -31.72
C GLY N 365 20.94 -45.67 -31.20
N LEU N 366 20.48 -44.79 -30.32
CA LEU N 366 21.37 -43.80 -29.75
C LEU N 366 22.42 -44.43 -28.87
N GLY N 367 22.07 -45.53 -28.19
CA GLY N 367 23.05 -46.29 -27.45
C GLY N 367 24.19 -46.75 -28.35
N VAL N 368 23.83 -47.43 -29.44
CA VAL N 368 24.85 -47.96 -30.35
C VAL N 368 25.71 -46.82 -30.88
N LEU N 369 25.08 -45.70 -31.24
CA LEU N 369 25.86 -44.58 -31.76
C LEU N 369 26.81 -44.00 -30.73
N THR N 370 26.35 -43.82 -29.49
CA THR N 370 27.24 -43.23 -28.51
C THR N 370 28.39 -44.16 -28.12
N VAL N 371 28.15 -45.48 -28.11
CA VAL N 371 29.26 -46.39 -27.86
C VAL N 371 30.27 -46.33 -28.99
N VAL N 372 29.79 -46.26 -30.24
CA VAL N 372 30.69 -46.20 -31.37
C VAL N 372 31.48 -44.91 -31.33
N CYS N 373 30.81 -43.80 -30.99
CA CYS N 373 31.50 -42.52 -30.98
C CYS N 373 32.53 -42.46 -29.87
N LEU N 374 32.26 -43.12 -28.74
CA LEU N 374 33.26 -43.16 -27.69
C LEU N 374 34.30 -44.23 -27.90
N ALA N 375 34.24 -44.95 -29.03
CA ALA N 375 35.38 -45.78 -29.40
C ALA N 375 36.49 -44.96 -30.04
N GLY N 376 36.27 -43.68 -30.31
CA GLY N 376 37.28 -42.78 -30.85
C GLY N 376 38.29 -42.24 -29.86
N LEU N 377 38.74 -43.07 -28.92
CA LEU N 377 39.67 -42.66 -27.86
C LEU N 377 41.01 -43.38 -27.95
N CYS N 378 41.49 -43.63 -29.18
CA CYS N 378 42.53 -44.62 -29.46
C CYS N 378 43.82 -44.45 -28.63
N ASP N 379 44.41 -43.27 -28.65
CA ASP N 379 45.74 -43.10 -28.07
C ASP N 379 45.71 -43.15 -26.54
N PRO N 380 46.84 -43.48 -25.92
CA PRO N 380 46.93 -43.44 -24.44
C PRO N 380 46.80 -42.03 -23.89
N HIS N 381 46.45 -41.97 -22.60
CA HIS N 381 45.99 -40.73 -21.96
C HIS N 381 47.05 -39.66 -21.80
N ALA N 382 48.32 -39.96 -22.06
CA ALA N 382 49.33 -38.92 -22.02
C ALA N 382 49.13 -37.96 -23.20
N GLY N 383 49.22 -36.66 -22.91
CA GLY N 383 48.93 -35.67 -23.92
C GLY N 383 47.54 -35.11 -23.75
N ARG N 384 46.84 -34.85 -24.84
CA ARG N 384 45.49 -34.30 -24.76
C ARG N 384 44.44 -35.36 -24.52
N ARG N 385 44.84 -36.59 -24.27
CA ARG N 385 43.93 -37.72 -24.37
C ARG N 385 43.19 -38.01 -23.08
N TRP N 386 43.47 -37.30 -21.98
CA TRP N 386 42.59 -37.47 -20.83
C TRP N 386 41.26 -36.78 -21.06
N LEU N 387 41.23 -35.76 -21.93
CA LEU N 387 39.98 -35.05 -22.19
C LEU N 387 38.90 -35.93 -22.81
N PRO N 388 39.15 -36.74 -23.86
CA PRO N 388 38.07 -37.63 -24.30
C PRO N 388 37.74 -38.71 -23.31
N LEU N 389 38.69 -39.15 -22.49
CA LEU N 389 38.39 -40.08 -21.42
C LEU N 389 37.48 -39.44 -20.38
N LEU N 390 37.75 -38.19 -20.03
CA LEU N 390 36.90 -37.45 -19.11
C LEU N 390 35.50 -37.27 -19.67
N LEU N 391 35.41 -36.91 -20.95
CA LEU N 391 34.14 -36.82 -21.65
C LEU N 391 33.36 -38.13 -21.60
N ALA N 392 34.05 -39.24 -21.80
CA ALA N 392 33.44 -40.56 -21.66
C ALA N 392 32.90 -40.80 -20.25
N ALA N 393 33.68 -40.44 -19.24
CA ALA N 393 33.22 -40.57 -17.86
C ALA N 393 31.98 -39.72 -17.59
N PHE N 394 31.95 -38.50 -18.10
CA PHE N 394 30.79 -37.64 -17.91
C PHE N 394 29.55 -38.18 -18.59
N THR N 395 29.66 -38.60 -19.85
CA THR N 395 28.48 -39.15 -20.50
C THR N 395 28.07 -40.51 -19.95
N PHE N 396 29.00 -41.25 -19.33
CA PHE N 396 28.62 -42.41 -18.55
C PHE N 396 27.74 -42.01 -17.38
N GLY N 397 28.22 -41.08 -16.56
CA GLY N 397 27.46 -40.69 -15.38
C GLY N 397 26.09 -40.16 -15.74
N PHE N 398 26.03 -39.38 -16.82
CA PHE N 398 24.78 -38.82 -17.32
C PHE N 398 23.80 -39.93 -17.68
N LEU N 399 24.23 -40.91 -18.48
CA LEU N 399 23.31 -41.98 -18.87
C LEU N 399 22.85 -42.80 -17.68
N ILE N 400 23.79 -43.19 -16.82
CA ILE N 400 23.44 -44.09 -15.75
C ILE N 400 22.55 -43.42 -14.72
N LEU N 401 22.56 -42.09 -14.64
CA LEU N 401 21.51 -41.42 -13.89
C LEU N 401 20.24 -41.27 -14.70
N ARG N 402 20.38 -41.04 -16.02
CA ARG N 402 19.24 -40.86 -16.91
C ARG N 402 18.26 -42.01 -16.82
N GLY N 403 18.78 -43.22 -16.61
CA GLY N 403 17.94 -44.38 -16.41
C GLY N 403 16.84 -44.28 -15.36
N ARG N 404 16.98 -43.39 -14.38
CA ARG N 404 15.93 -43.18 -13.40
C ARG N 404 14.62 -42.71 -14.03
N SER N 405 14.71 -42.00 -15.14
CA SER N 405 13.55 -41.38 -15.76
C SER N 405 12.71 -42.35 -16.56
N TYR N 406 13.21 -43.52 -16.90
CA TYR N 406 12.53 -44.44 -17.79
C TYR N 406 12.07 -45.63 -16.99
N VAL N 407 10.76 -45.85 -16.93
CA VAL N 407 10.24 -46.87 -16.03
C VAL N 407 10.06 -48.22 -16.71
N ASP N 408 9.92 -48.26 -18.03
CA ASP N 408 9.78 -49.55 -18.69
C ASP N 408 11.10 -50.29 -18.61
N ARG N 409 11.04 -51.57 -18.28
CA ARG N 409 12.27 -52.30 -17.97
C ARG N 409 13.23 -52.36 -19.14
N TRP N 410 12.76 -52.42 -20.37
CA TRP N 410 13.72 -52.50 -21.46
C TRP N 410 14.29 -51.17 -21.88
N GLN N 411 13.61 -50.07 -21.60
CA GLN N 411 14.23 -48.77 -21.81
C GLN N 411 15.30 -48.51 -20.77
N ALA N 412 14.98 -48.76 -19.51
CA ALA N 412 15.94 -48.59 -18.43
C ALA N 412 17.17 -49.47 -18.63
N ILE N 413 16.95 -50.77 -18.87
CA ILE N 413 18.05 -51.67 -19.15
C ILE N 413 18.84 -51.23 -20.37
N THR N 414 18.17 -50.66 -21.37
CA THR N 414 18.88 -50.19 -22.55
C THR N 414 19.83 -49.05 -22.21
N LEU N 415 19.41 -48.16 -21.33
CA LEU N 415 20.30 -47.07 -20.91
C LEU N 415 21.44 -47.56 -20.04
N ALA N 416 21.14 -48.40 -19.05
CA ALA N 416 22.19 -48.95 -18.19
C ALA N 416 23.23 -49.74 -18.98
N ALA N 417 22.77 -50.62 -19.87
CA ALA N 417 23.68 -51.37 -20.72
C ALA N 417 24.48 -50.47 -21.65
N THR N 418 23.87 -49.37 -22.12
CA THR N 418 24.64 -48.40 -22.90
C THR N 418 25.76 -47.80 -22.07
N ALA N 419 25.42 -47.40 -20.84
CA ALA N 419 26.37 -46.72 -19.98
C ALA N 419 27.59 -47.60 -19.71
N VAL N 420 27.35 -48.81 -19.22
CA VAL N 420 28.47 -49.72 -18.99
C VAL N 420 29.22 -50.09 -20.27
N LEU N 421 28.53 -50.19 -21.41
CA LEU N 421 29.21 -50.52 -22.65
C LEU N 421 30.19 -49.45 -23.08
N ILE N 422 29.91 -48.18 -22.77
CA ILE N 422 30.91 -47.13 -23.00
C ILE N 422 32.22 -47.46 -22.31
N ILE N 423 32.16 -47.74 -21.00
CA ILE N 423 33.35 -48.01 -20.21
C ILE N 423 34.06 -49.26 -20.72
N ALA N 424 33.29 -50.28 -21.09
CA ALA N 424 33.89 -51.51 -21.58
C ALA N 424 34.65 -51.28 -22.88
N ALA N 425 34.04 -50.55 -23.82
CA ALA N 425 34.69 -50.32 -25.10
C ALA N 425 35.94 -49.46 -24.96
N VAL N 426 35.88 -48.44 -24.11
CA VAL N 426 37.04 -47.58 -23.90
C VAL N 426 38.19 -48.37 -23.29
N ALA N 427 37.88 -49.22 -22.29
CA ALA N 427 38.92 -49.98 -21.64
C ALA N 427 39.55 -50.99 -22.58
N VAL N 428 38.73 -51.68 -23.38
CA VAL N 428 39.31 -52.68 -24.26
C VAL N 428 40.13 -52.01 -25.35
N ARG N 429 39.76 -50.80 -25.79
CA ARG N 429 40.60 -50.17 -26.80
C ARG N 429 41.93 -49.72 -26.20
N TYR N 430 41.95 -49.21 -24.96
CA TYR N 430 43.25 -48.92 -24.34
C TYR N 430 44.10 -50.17 -24.18
N VAL N 431 43.52 -51.27 -23.75
CA VAL N 431 44.40 -52.40 -23.48
C VAL N 431 44.82 -53.09 -24.77
N LEU N 432 44.04 -52.98 -25.84
CA LEU N 432 44.46 -53.62 -27.07
C LEU N 432 45.45 -52.76 -27.84
N VAL N 433 45.19 -51.46 -27.95
CA VAL N 433 46.10 -50.61 -28.69
C VAL N 433 47.40 -50.42 -27.93
N SER N 434 47.31 -50.13 -26.64
CA SER N 434 48.51 -49.93 -25.84
C SER N 434 49.01 -51.25 -25.29
N GLY N 435 50.33 -51.37 -25.20
CA GLY N 435 50.96 -52.58 -24.70
C GLY N 435 51.46 -52.43 -23.28
N SER N 436 50.96 -51.43 -22.57
CA SER N 436 51.44 -51.23 -21.21
C SER N 436 50.73 -52.17 -20.26
N PRO N 437 51.48 -52.93 -19.45
CA PRO N 437 50.84 -53.79 -18.45
C PRO N 437 50.07 -53.02 -17.39
N ALA N 438 50.47 -51.78 -17.11
CA ALA N 438 49.69 -50.96 -16.18
C ALA N 438 48.32 -50.65 -16.74
N VAL N 439 48.26 -50.37 -18.04
CA VAL N 439 46.99 -50.17 -18.72
C VAL N 439 46.14 -51.42 -18.67
N LEU N 440 46.78 -52.59 -18.85
CA LEU N 440 46.08 -53.86 -18.74
C LEU N 440 45.49 -54.05 -17.35
N SER N 441 46.28 -53.76 -16.31
CA SER N 441 45.81 -53.92 -14.94
C SER N 441 44.65 -52.98 -14.64
N ALA N 442 44.75 -51.73 -15.09
CA ALA N 442 43.66 -50.79 -14.88
C ALA N 442 42.40 -51.23 -15.63
N GLY N 443 42.56 -51.73 -16.85
CA GLY N 443 41.41 -52.17 -17.61
C GLY N 443 40.70 -53.35 -17.00
N VAL N 444 41.46 -54.37 -16.58
CA VAL N 444 40.80 -55.52 -15.97
C VAL N 444 40.22 -55.14 -14.62
N ALA N 445 40.85 -54.20 -13.91
CA ALA N 445 40.33 -53.77 -12.63
C ALA N 445 38.99 -53.05 -12.78
N VAL N 446 38.89 -52.15 -13.77
CA VAL N 446 37.61 -51.46 -13.94
C VAL N 446 36.55 -52.42 -14.47
N LEU N 447 36.94 -53.37 -15.34
CA LEU N 447 35.99 -54.35 -15.84
C LEU N 447 35.44 -55.25 -14.75
N VAL N 448 36.24 -55.55 -13.74
CA VAL N 448 35.72 -56.46 -12.72
C VAL N 448 35.09 -55.69 -11.55
N LEU N 449 35.49 -54.44 -11.30
CA LEU N 449 34.90 -53.72 -10.18
C LEU N 449 33.61 -53.01 -10.57
N LEU N 450 33.59 -52.28 -11.69
CA LEU N 450 32.48 -51.37 -11.96
C LEU N 450 31.15 -52.10 -12.08
N PRO N 451 30.99 -53.17 -12.88
CA PRO N 451 29.70 -53.86 -12.85
C PRO N 451 29.43 -54.56 -11.52
N ALA N 452 30.47 -54.94 -10.79
CA ALA N 452 30.25 -55.45 -9.44
C ALA N 452 29.72 -54.37 -8.53
N ALA N 453 30.22 -53.14 -8.68
CA ALA N 453 29.66 -52.02 -7.94
C ALA N 453 28.21 -51.77 -8.32
N GLY N 454 27.89 -51.94 -9.60
CA GLY N 454 26.51 -51.83 -10.03
C GLY N 454 25.63 -52.90 -9.42
N LEU N 455 26.14 -54.12 -9.30
CA LEU N 455 25.38 -55.18 -8.66
C LEU N 455 25.12 -54.85 -7.20
N THR N 456 26.14 -54.35 -6.51
CA THR N 456 25.96 -53.99 -5.10
C THR N 456 24.96 -52.87 -4.96
N ALA N 457 24.99 -51.91 -5.88
CA ALA N 457 24.03 -50.83 -5.87
C ALA N 457 22.62 -51.34 -6.11
N ALA N 458 22.47 -52.29 -7.03
CA ALA N 458 21.16 -52.85 -7.30
C ALA N 458 20.62 -53.65 -6.13
N ALA N 459 21.51 -54.29 -5.37
CA ALA N 459 21.04 -55.06 -4.23
C ALA N 459 20.72 -54.15 -3.04
N VAL N 460 21.53 -53.13 -2.82
CA VAL N 460 21.38 -52.25 -1.67
C VAL N 460 20.22 -51.28 -1.86
N VAL N 461 20.26 -50.50 -2.95
CA VAL N 461 19.47 -49.27 -3.03
C VAL N 461 17.97 -49.45 -2.87
N PRO N 462 17.30 -50.45 -3.46
CA PRO N 462 15.84 -50.48 -3.32
C PRO N 462 15.36 -50.89 -1.94
N ASN N 463 16.23 -51.42 -1.10
CA ASN N 463 15.79 -51.82 0.24
C ASN N 463 16.02 -50.74 1.27
N THR N 464 17.06 -49.93 1.11
CA THR N 464 17.41 -48.95 2.11
C THR N 464 16.57 -47.69 1.99
N ILE N 465 16.38 -47.04 3.14
CA ILE N 465 15.97 -45.65 3.21
C ILE N 465 17.17 -44.75 2.92
N TYR N 466 16.90 -43.49 2.54
CA TYR N 466 17.97 -42.52 2.36
C TYR N 466 17.52 -41.14 2.81
N SER N 467 18.52 -40.32 3.11
CA SER N 467 18.25 -38.95 3.50
C SER N 467 17.85 -38.13 2.28
N PRO N 468 16.84 -37.28 2.41
CA PRO N 468 16.51 -36.31 1.35
C PRO N 468 17.67 -35.49 0.83
N LEU N 469 18.68 -35.24 1.65
CA LEU N 469 19.86 -34.54 1.14
C LEU N 469 20.65 -35.41 0.20
N PHE N 470 20.87 -36.68 0.57
CA PHE N 470 21.58 -37.58 -0.33
C PHE N 470 20.83 -37.77 -1.63
N ARG N 471 19.52 -37.96 -1.55
CA ARG N 471 18.68 -38.01 -2.73
C ARG N 471 18.83 -36.77 -3.60
N LYS N 472 18.90 -35.58 -3.00
CA LYS N 472 19.07 -34.37 -3.79
C LYS N 472 20.44 -34.28 -4.45
N ILE N 473 21.50 -34.68 -3.76
CA ILE N 473 22.79 -34.65 -4.44
C ILE N 473 22.90 -35.76 -5.49
N VAL N 474 22.20 -36.88 -5.30
CA VAL N 474 22.16 -37.90 -6.34
C VAL N 474 21.28 -37.49 -7.52
N GLU N 475 20.42 -36.49 -7.34
CA GLU N 475 19.92 -35.80 -8.53
C GLU N 475 21.00 -34.93 -9.14
N TRP N 476 21.53 -33.99 -8.37
CA TRP N 476 22.39 -32.95 -8.92
C TRP N 476 23.64 -33.49 -9.62
N ILE N 477 24.15 -34.65 -9.18
CA ILE N 477 25.31 -35.25 -9.84
C ILE N 477 25.04 -35.53 -11.32
N GLU N 478 23.78 -35.76 -11.69
CA GLU N 478 23.39 -35.91 -13.09
C GLU N 478 23.68 -34.65 -13.88
N TYR N 479 23.09 -33.53 -13.46
CA TYR N 479 23.27 -32.26 -14.16
C TYR N 479 24.74 -31.85 -14.16
N LEU N 480 25.40 -32.02 -13.03
CA LEU N 480 26.81 -31.64 -12.91
C LEU N 480 27.71 -32.46 -13.83
N CYS N 481 27.40 -33.74 -14.03
CA CYS N 481 28.19 -34.50 -14.98
C CYS N 481 27.72 -34.32 -16.41
N LEU N 482 26.53 -33.79 -16.60
CA LEU N 482 26.06 -33.51 -17.96
C LEU N 482 26.69 -32.24 -18.52
N MET N 483 26.69 -31.17 -17.73
CA MET N 483 27.07 -29.84 -18.22
C MET N 483 28.44 -29.73 -18.93
N PRO N 484 29.54 -30.32 -18.46
CA PRO N 484 30.84 -30.09 -19.12
C PRO N 484 30.98 -30.59 -20.55
N ILE N 485 30.10 -31.47 -21.04
CA ILE N 485 30.40 -32.24 -22.25
C ILE N 485 30.51 -31.37 -23.51
N PHE N 486 29.70 -30.32 -23.65
CA PHE N 486 29.86 -29.46 -24.82
C PHE N 486 31.17 -28.68 -24.83
N PRO N 487 31.56 -27.94 -23.76
CA PRO N 487 32.90 -27.32 -23.76
C PRO N 487 34.03 -28.28 -24.08
N LEU N 488 34.00 -29.44 -23.44
CA LEU N 488 34.99 -30.47 -23.71
C LEU N 488 34.92 -30.95 -25.15
N ALA N 489 33.71 -31.08 -25.71
CA ALA N 489 33.59 -31.46 -27.12
C ALA N 489 34.26 -30.45 -28.04
N LEU N 490 33.99 -29.15 -27.84
CA LEU N 490 34.67 -28.13 -28.62
C LEU N 490 36.18 -28.17 -28.42
N TRP N 491 36.64 -28.55 -27.23
CA TRP N 491 38.08 -28.79 -27.06
C TRP N 491 38.55 -29.91 -27.95
N LEU N 492 37.76 -30.97 -28.08
CA LEU N 492 38.14 -32.06 -28.97
C LEU N 492 38.15 -31.62 -30.44
N MET N 493 37.20 -30.78 -30.86
CA MET N 493 37.32 -30.28 -32.23
C MET N 493 38.38 -29.20 -32.42
N ASN N 494 38.95 -28.67 -31.34
CA ASN N 494 39.86 -27.53 -31.39
C ASN N 494 39.20 -26.35 -32.10
N VAL N 495 37.91 -26.15 -31.80
CA VAL N 495 37.17 -25.00 -32.28
C VAL N 495 37.77 -23.75 -31.67
N TYR N 496 38.07 -23.82 -30.38
CA TYR N 496 38.74 -22.75 -29.67
C TYR N 496 40.07 -22.37 -30.33
N GLU N 497 40.93 -23.35 -30.64
CA GLU N 497 42.21 -22.97 -31.27
C GLU N 497 42.07 -22.42 -32.68
N ALA N 498 41.15 -22.97 -33.47
CA ALA N 498 40.95 -22.46 -34.81
C ALA N 498 40.41 -21.03 -34.76
N ILE N 499 39.44 -20.79 -33.91
CA ILE N 499 38.84 -19.48 -33.76
C ILE N 499 39.80 -18.54 -33.04
N ARG N 500 40.68 -19.10 -32.22
CA ARG N 500 41.77 -18.34 -31.62
C ARG N 500 42.76 -17.85 -32.66
N TYR N 501 42.83 -18.46 -33.85
CA TYR N 501 43.90 -18.11 -34.80
C TYR N 501 43.44 -17.91 -36.24
N ARG N 502 42.38 -18.55 -36.72
CA ARG N 502 41.70 -18.09 -37.92
C ARG N 502 41.00 -16.76 -37.61
N GLY O 12 -9.75 -26.33 -36.05
CA GLY O 12 -8.63 -25.43 -36.24
C GLY O 12 -7.51 -26.04 -37.06
N TYR O 13 -7.78 -26.21 -38.34
CA TYR O 13 -6.81 -26.68 -39.30
C TYR O 13 -5.88 -25.57 -39.74
N GLY O 14 -4.90 -25.92 -40.56
CA GLY O 14 -4.15 -24.93 -41.30
C GLY O 14 -3.18 -24.13 -40.46
N LEU O 15 -2.62 -23.11 -41.09
CA LEU O 15 -1.57 -22.30 -40.51
C LEU O 15 -2.09 -21.04 -39.83
N GLY O 16 -3.28 -21.12 -39.23
CA GLY O 16 -3.87 -19.95 -38.60
C GLY O 16 -3.03 -19.46 -37.44
N LEU O 17 -3.26 -18.22 -37.04
CA LEU O 17 -2.46 -17.62 -35.97
C LEU O 17 -2.72 -18.29 -34.63
N SER O 18 -1.78 -18.13 -33.72
CA SER O 18 -1.88 -18.65 -32.37
C SER O 18 -1.21 -17.70 -31.40
N THR O 19 -1.74 -17.66 -30.18
CA THR O 19 -1.22 -16.77 -29.16
C THR O 19 -0.11 -17.48 -28.38
N ARG O 20 0.74 -16.67 -27.76
CA ARG O 20 1.84 -17.20 -26.95
C ARG O 20 1.35 -18.03 -25.77
N THR O 21 0.21 -17.68 -25.18
CA THR O 21 -0.38 -18.51 -24.15
C THR O 21 -0.77 -19.90 -24.67
N GLN O 22 -1.11 -20.01 -25.95
CA GLN O 22 -1.30 -21.32 -26.53
C GLN O 22 0.02 -22.01 -26.80
N VAL O 23 1.07 -21.25 -27.12
CA VAL O 23 2.37 -21.87 -27.34
C VAL O 23 2.85 -22.53 -26.05
N THR O 24 2.77 -21.82 -24.94
CA THR O 24 3.15 -22.46 -23.68
C THR O 24 2.18 -23.54 -23.27
N GLY O 25 0.88 -23.38 -23.56
CA GLY O 25 -0.07 -24.44 -23.27
C GLY O 25 0.18 -25.74 -24.01
N TYR O 26 0.56 -25.63 -25.28
CA TYR O 26 0.97 -26.81 -26.03
C TYR O 26 2.27 -27.38 -25.50
N GLN O 27 3.28 -26.55 -25.26
CA GLN O 27 4.53 -27.08 -24.74
C GLN O 27 4.34 -27.79 -23.41
N PHE O 28 3.45 -27.28 -22.57
CA PHE O 28 3.07 -28.00 -21.35
C PHE O 28 2.45 -29.34 -21.64
N LEU O 29 1.47 -29.40 -22.54
CA LEU O 29 0.90 -30.71 -22.87
C LEU O 29 1.90 -31.65 -23.52
N ALA O 30 2.87 -31.11 -24.25
CA ALA O 30 3.93 -31.95 -24.79
C ALA O 30 4.80 -32.53 -23.70
N ARG O 31 5.19 -31.72 -22.72
CA ARG O 31 5.99 -32.24 -21.62
C ARG O 31 5.21 -33.27 -20.80
N ARG O 32 3.96 -32.95 -20.46
CA ARG O 32 3.13 -33.91 -19.74
C ARG O 32 2.94 -35.21 -20.50
N THR O 33 2.80 -35.16 -21.82
CA THR O 33 2.70 -36.39 -22.58
C THR O 33 4.03 -37.13 -22.63
N ALA O 34 5.14 -36.41 -22.70
CA ALA O 34 6.45 -37.05 -22.66
C ALA O 34 6.68 -37.75 -21.33
N MET O 35 6.29 -37.11 -20.23
CA MET O 35 6.41 -37.77 -18.94
C MET O 35 5.46 -38.96 -18.84
N ALA O 36 4.28 -38.88 -19.44
CA ALA O 36 3.41 -40.03 -19.47
C ALA O 36 3.97 -41.14 -20.32
N LEU O 37 4.84 -40.80 -21.27
CA LEU O 37 5.44 -41.80 -22.13
C LEU O 37 6.64 -42.50 -21.51
N THR O 38 7.57 -41.75 -20.92
CA THR O 38 8.77 -42.39 -20.39
C THR O 38 8.54 -42.98 -19.02
N ARG O 39 7.93 -42.21 -18.14
CA ARG O 39 7.38 -42.78 -16.93
C ARG O 39 5.91 -43.06 -17.14
N TRP O 40 5.25 -43.65 -16.20
CA TRP O 40 3.86 -44.08 -16.32
C TRP O 40 3.05 -43.43 -15.22
N ARG O 41 3.52 -42.27 -14.80
CA ARG O 41 2.87 -41.41 -13.83
C ARG O 41 2.73 -40.07 -14.50
N VAL O 42 1.68 -39.33 -14.16
CA VAL O 42 1.50 -37.97 -14.64
C VAL O 42 1.40 -36.95 -13.53
N ARG O 43 1.51 -37.35 -12.27
CA ARG O 43 1.73 -36.36 -11.23
C ARG O 43 3.02 -35.61 -11.54
N MET O 44 2.90 -34.29 -11.65
CA MET O 44 3.87 -33.50 -12.40
C MET O 44 4.43 -32.35 -11.54
N GLU O 45 4.24 -32.44 -10.22
CA GLU O 45 4.67 -31.39 -9.29
C GLU O 45 6.15 -31.06 -9.41
N VAL O 46 6.97 -32.01 -9.84
CA VAL O 46 8.36 -31.74 -10.18
C VAL O 46 8.66 -32.56 -11.43
N GLU O 47 9.59 -32.06 -12.24
CA GLU O 47 9.86 -32.66 -13.53
C GLU O 47 11.32 -32.58 -13.91
N PRO O 48 12.01 -33.70 -13.91
CA PRO O 48 13.45 -33.68 -14.16
C PRO O 48 13.78 -33.47 -15.62
N GLY O 49 12.83 -33.75 -16.50
CA GLY O 49 13.01 -33.50 -17.93
C GLY O 49 13.45 -32.09 -18.22
N ARG O 50 12.69 -31.13 -17.70
CA ARG O 50 13.07 -29.72 -17.81
C ARG O 50 14.45 -29.49 -17.23
N ARG O 51 14.70 -29.96 -16.01
CA ARG O 51 15.97 -29.73 -15.33
C ARG O 51 17.17 -30.17 -16.17
N GLN O 52 17.09 -31.35 -16.76
CA GLN O 52 18.22 -31.79 -17.55
C GLN O 52 18.29 -31.15 -18.93
N VAL O 53 17.17 -30.78 -19.55
CA VAL O 53 17.34 -30.03 -20.79
C VAL O 53 17.92 -28.65 -20.50
N LEU O 54 17.64 -28.09 -19.32
CA LEU O 54 18.35 -26.89 -18.89
C LEU O 54 19.84 -27.16 -18.73
N ALA O 55 20.20 -28.34 -18.23
CA ALA O 55 21.61 -28.69 -18.17
C ALA O 55 22.25 -28.79 -19.55
N VAL O 56 21.51 -29.30 -20.52
CA VAL O 56 21.98 -29.29 -21.91
C VAL O 56 22.18 -27.86 -22.40
N VAL O 57 21.20 -27.00 -22.15
CA VAL O 57 21.28 -25.60 -22.54
C VAL O 57 22.50 -24.94 -21.91
N ALA O 58 22.78 -25.23 -20.64
CA ALA O 58 23.99 -24.75 -19.99
C ALA O 58 25.25 -25.23 -20.71
N SER O 59 25.25 -26.49 -21.16
CA SER O 59 26.41 -27.00 -21.90
C SER O 59 26.63 -26.25 -23.20
N VAL O 60 25.55 -26.04 -23.96
CA VAL O 60 25.65 -25.38 -25.25
C VAL O 60 26.05 -23.91 -25.09
N SER O 61 25.40 -23.22 -24.17
CA SER O 61 25.74 -21.81 -23.93
C SER O 61 27.18 -21.65 -23.42
N ALA O 62 27.66 -22.57 -22.59
CA ALA O 62 29.06 -22.53 -22.19
C ALA O 62 30.02 -22.74 -23.35
N ALA O 63 29.69 -23.67 -24.25
CA ALA O 63 30.52 -23.85 -25.44
C ALA O 63 30.53 -22.61 -26.33
N GLY O 64 29.37 -21.99 -26.51
CA GLY O 64 29.28 -20.74 -27.26
C GLY O 64 30.10 -19.61 -26.66
N VAL O 65 29.95 -19.41 -25.36
CA VAL O 65 30.73 -18.41 -24.62
C VAL O 65 32.23 -18.65 -24.80
N ILE O 66 32.69 -19.88 -24.61
CA ILE O 66 34.14 -20.13 -24.76
C ILE O 66 34.57 -19.91 -26.22
N CYS O 67 33.70 -20.21 -27.18
CA CYS O 67 33.99 -19.93 -28.58
C CYS O 67 34.16 -18.44 -28.85
N LEU O 68 33.30 -17.61 -28.26
CA LEU O 68 33.52 -16.16 -28.34
C LEU O 68 34.80 -15.74 -27.65
N GLY O 69 35.06 -16.25 -26.44
CA GLY O 69 36.30 -15.95 -25.74
C GLY O 69 37.54 -16.36 -26.51
N ALA O 70 37.41 -17.35 -27.39
CA ALA O 70 38.45 -17.75 -28.32
C ALA O 70 38.58 -16.78 -29.49
N LEU O 71 37.48 -16.14 -29.88
CA LEU O 71 37.50 -15.25 -31.04
C LEU O 71 38.35 -14.01 -30.79
N LEU O 72 38.37 -13.51 -29.54
CA LEU O 72 39.03 -12.25 -29.20
C LEU O 72 40.55 -12.29 -29.29
N TRP O 73 41.16 -13.45 -29.52
CA TRP O 73 42.61 -13.51 -29.64
C TRP O 73 43.03 -13.27 -31.08
N SER O 74 44.13 -12.54 -31.24
CA SER O 74 44.74 -12.28 -32.55
C SER O 74 46.22 -11.96 -32.40
N ASP P 95 32.09 -57.30 82.19
CA ASP P 95 30.97 -56.70 81.48
C ASP P 95 29.73 -57.60 81.55
N HIS P 96 28.57 -57.04 81.21
CA HIS P 96 27.31 -57.76 81.34
C HIS P 96 26.31 -57.20 80.35
N GLN P 97 25.27 -57.99 80.06
CA GLN P 97 24.15 -57.53 79.24
C GLN P 97 22.90 -58.29 79.65
N ARG P 98 21.74 -57.65 79.49
CA ARG P 98 20.47 -58.35 79.31
C ARG P 98 19.90 -57.82 78.00
N ARG P 99 19.47 -58.74 77.12
CA ARG P 99 19.10 -58.35 75.77
C ARG P 99 17.60 -58.58 75.51
N PHE P 100 17.19 -58.19 74.29
CA PHE P 100 15.90 -58.48 73.66
C PHE P 100 15.57 -59.97 73.61
N GLY P 101 16.57 -60.81 73.84
CA GLY P 101 16.39 -62.24 74.08
C GLY P 101 15.80 -62.64 75.40
N HIS P 102 16.34 -63.71 75.98
CA HIS P 102 15.72 -64.46 77.05
C HIS P 102 16.55 -64.54 78.31
N ASP P 103 17.88 -64.49 78.21
CA ASP P 103 18.74 -64.65 79.36
C ASP P 103 19.61 -63.41 79.52
N VAL P 104 20.00 -63.15 80.77
CA VAL P 104 21.15 -62.31 81.08
C VAL P 104 22.46 -63.04 80.75
N VAL P 105 23.43 -62.31 80.20
CA VAL P 105 24.67 -62.90 79.72
C VAL P 105 25.84 -62.03 80.21
N GLY P 106 26.79 -62.65 80.90
CA GLY P 106 28.05 -62.00 81.22
C GLY P 106 29.05 -62.10 80.07
N ILE P 107 29.81 -61.03 79.86
CA ILE P 107 30.84 -60.99 78.82
C ILE P 107 32.12 -60.44 79.46
N ARG P 108 33.26 -60.99 79.05
CA ARG P 108 34.55 -60.38 79.33
C ARG P 108 35.26 -60.03 78.04
N GLU P 109 36.09 -58.98 78.08
CA GLU P 109 36.87 -58.59 76.92
C GLU P 109 38.26 -58.17 77.36
N TYR P 110 39.25 -58.52 76.55
CA TYR P 110 40.63 -58.08 76.74
C TYR P 110 41.33 -57.83 75.40
N GLN P 111 41.17 -58.76 74.47
CA GLN P 111 41.69 -58.67 73.12
C GLN P 111 40.73 -59.35 72.14
N GLY P 112 39.44 -59.14 72.36
CA GLY P 112 38.42 -60.04 71.88
C GLY P 112 37.54 -60.50 73.04
N GLN P 113 36.37 -61.02 72.70
CA GLN P 113 35.33 -61.30 73.66
C GLN P 113 35.32 -62.75 74.11
N LEU P 114 35.00 -62.93 75.39
CA LEU P 114 34.97 -64.22 76.06
C LEU P 114 33.63 -64.37 76.78
N VAL P 115 33.05 -65.56 76.70
CA VAL P 115 31.80 -65.88 77.37
C VAL P 115 31.82 -67.36 77.69
N ALA P 116 31.06 -67.76 78.72
CA ALA P 116 31.04 -69.16 79.11
C ALA P 116 29.63 -69.61 79.48
N VAL P 117 29.36 -70.89 79.21
CA VAL P 117 28.10 -71.56 79.53
C VAL P 117 28.41 -72.79 80.36
N VAL P 118 27.68 -72.97 81.45
CA VAL P 118 27.72 -74.18 82.27
C VAL P 118 26.73 -75.19 81.70
N THR P 119 27.09 -76.47 81.77
CA THR P 119 26.13 -77.53 81.49
C THR P 119 26.35 -78.70 82.44
N VAL P 120 25.26 -79.42 82.70
CA VAL P 120 25.26 -80.49 83.69
C VAL P 120 25.79 -81.78 83.08
N TRP P 140 26.70 -90.85 80.86
CA TRP P 140 26.46 -89.45 81.17
C TRP P 140 26.76 -88.58 79.97
N LEU P 141 27.54 -89.14 79.03
CA LEU P 141 28.28 -88.35 78.06
C LEU P 141 27.36 -87.53 77.17
N PRO P 142 27.68 -86.26 76.93
CA PRO P 142 26.86 -85.45 76.03
C PRO P 142 27.32 -85.62 74.58
N VAL P 143 26.60 -84.99 73.66
CA VAL P 143 26.96 -85.10 72.26
C VAL P 143 28.20 -84.24 71.99
N GLU P 144 29.04 -84.71 71.06
CA GLU P 144 30.25 -84.00 70.68
C GLU P 144 30.04 -82.98 69.57
N ALA P 145 28.86 -82.93 68.97
CA ALA P 145 28.69 -82.28 67.67
C ALA P 145 28.58 -80.76 67.74
N VAL P 146 28.95 -80.14 68.85
CA VAL P 146 28.89 -78.68 68.99
C VAL P 146 29.85 -77.94 68.06
N ALA P 147 30.73 -78.65 67.37
CA ALA P 147 31.59 -78.07 66.34
C ALA P 147 30.84 -77.27 65.29
N ALA P 148 29.62 -77.70 64.93
CA ALA P 148 28.82 -76.94 63.97
C ALA P 148 28.47 -75.55 64.48
N ARG P 149 28.31 -75.38 65.80
CA ARG P 149 27.95 -74.07 66.33
C ARG P 149 29.10 -73.08 66.34
N LEU P 150 30.31 -73.50 65.99
CA LEU P 150 31.37 -72.54 65.69
C LEU P 150 31.02 -71.71 64.47
N ARG P 151 30.28 -72.28 63.53
CA ARG P 151 29.85 -71.63 62.30
C ARG P 151 28.34 -71.45 62.31
N GLN P 152 27.86 -70.44 63.04
CA GLN P 152 26.45 -70.10 63.03
C GLN P 152 26.04 -69.49 61.69
N PHE P 153 24.78 -69.08 61.59
CA PHE P 153 24.23 -68.52 60.36
C PHE P 153 24.93 -67.25 59.88
N ASP P 154 25.63 -66.53 60.76
CA ASP P 154 26.31 -65.33 60.29
C ASP P 154 27.65 -65.15 61.01
N VAL P 155 27.64 -65.27 62.33
CA VAL P 155 28.85 -65.08 63.10
C VAL P 155 29.83 -66.22 62.85
N ARG P 156 31.11 -65.93 63.03
CA ARG P 156 32.17 -66.93 62.98
C ARG P 156 32.97 -66.81 64.27
N LEU P 157 32.83 -67.79 65.14
CA LEU P 157 33.52 -67.83 66.42
C LEU P 157 34.95 -68.33 66.24
N ASP P 158 35.82 -67.92 67.17
CA ASP P 158 37.24 -68.27 67.09
C ASP P 158 37.50 -69.70 67.54
N ALA P 159 36.91 -70.11 68.66
CA ALA P 159 37.11 -71.46 69.15
C ALA P 159 35.95 -71.84 70.05
N ILE P 160 35.68 -73.15 70.10
CA ILE P 160 34.85 -73.75 71.13
C ILE P 160 35.76 -74.59 72.02
N ASP P 161 35.81 -74.24 73.29
CA ASP P 161 36.56 -75.01 74.28
C ASP P 161 35.60 -75.65 75.28
N ILE P 162 35.58 -76.98 75.30
CA ILE P 162 34.97 -77.74 76.38
C ILE P 162 35.91 -77.66 77.58
N VAL P 163 35.38 -77.29 78.75
CA VAL P 163 36.18 -77.21 79.96
C VAL P 163 35.49 -78.03 81.04
N SER P 164 36.28 -78.75 81.84
CA SER P 164 35.75 -79.52 82.95
C SER P 164 36.77 -79.58 84.08
N VAL P 165 36.27 -79.66 85.31
CA VAL P 165 37.09 -79.59 86.51
C VAL P 165 36.38 -80.39 87.60
N GLY P 166 37.16 -81.00 88.49
CA GLY P 166 36.59 -81.74 89.59
C GLY P 166 37.63 -82.57 90.30
N THR P 167 37.15 -83.46 91.17
CA THR P 167 38.00 -84.41 91.86
C THR P 167 38.03 -85.76 91.15
N ASP P 194 34.30 -85.84 93.30
CA ASP P 194 33.69 -84.65 93.89
C ASP P 194 33.84 -83.44 92.99
N GLU P 195 32.99 -82.43 93.23
CA GLU P 195 33.01 -81.09 92.60
C GLU P 195 33.07 -81.15 91.07
N HIS P 196 32.45 -82.19 90.48
CA HIS P 196 32.44 -82.34 89.02
C HIS P 196 31.72 -81.16 88.39
N HIS P 197 32.46 -80.32 87.68
CA HIS P 197 31.94 -79.18 86.94
C HIS P 197 32.34 -79.30 85.48
N THR P 198 31.47 -78.83 84.58
CA THR P 198 31.72 -78.92 83.15
C THR P 198 31.25 -77.63 82.48
N TRP P 199 32.05 -77.13 81.53
CA TRP P 199 31.88 -75.78 81.00
C TRP P 199 32.18 -75.76 79.51
N LEU P 200 31.55 -74.82 78.81
CA LEU P 200 31.96 -74.35 77.50
C LEU P 200 32.45 -72.92 77.65
N VAL P 201 33.68 -72.63 77.23
CA VAL P 201 34.14 -71.25 77.06
C VAL P 201 34.38 -70.97 75.58
N LEU P 202 33.82 -69.85 75.11
CA LEU P 202 33.80 -69.50 73.70
C LEU P 202 34.61 -68.23 73.46
N ARG P 203 35.38 -68.23 72.38
CA ARG P 203 36.13 -67.06 71.93
C ARG P 203 35.55 -66.57 70.61
N MET P 204 35.35 -65.26 70.49
CA MET P 204 34.85 -64.66 69.26
C MET P 204 35.53 -63.31 69.03
N ASP P 205 36.20 -63.19 67.90
CA ASP P 205 36.82 -61.94 67.47
C ASP P 205 35.79 -61.07 66.76
N PRO P 206 35.46 -59.89 67.29
CA PRO P 206 34.61 -58.94 66.54
C PRO P 206 35.17 -58.56 65.18
N GLN P 207 36.49 -58.46 65.03
CA GLN P 207 37.04 -57.95 63.77
C GLN P 207 36.98 -58.98 62.66
N ARG P 208 36.80 -60.25 62.98
CA ARG P 208 36.47 -61.25 61.98
C ARG P 208 34.97 -61.34 61.74
N ASN P 209 34.18 -60.61 62.55
CA ASN P 209 32.74 -60.73 62.58
C ASN P 209 32.02 -59.42 62.30
N VAL P 210 32.75 -58.40 61.82
CA VAL P 210 32.22 -57.05 61.63
C VAL P 210 31.01 -57.05 60.69
N ALA P 211 31.03 -57.86 59.65
CA ALA P 211 29.89 -57.98 58.72
C ALA P 211 28.63 -58.41 59.45
N ALA P 212 28.76 -59.22 60.50
CA ALA P 212 27.62 -59.60 61.32
C ALA P 212 27.25 -58.54 62.33
N VAL P 213 28.24 -57.99 63.04
CA VAL P 213 28.00 -57.01 64.09
C VAL P 213 27.33 -55.77 63.54
N ALA P 214 27.73 -55.34 62.33
CA ALA P 214 27.18 -54.14 61.71
C ALA P 214 25.67 -54.20 61.50
N ALA P 215 25.12 -55.40 61.38
CA ALA P 215 23.68 -55.57 61.27
C ALA P 215 22.97 -55.48 62.61
N ARG P 216 23.70 -55.54 63.72
CA ARG P 216 23.11 -55.72 65.03
C ARG P 216 23.40 -54.50 65.89
N ASP P 217 22.56 -54.29 66.90
CA ASP P 217 22.67 -53.09 67.71
C ASP P 217 23.83 -53.10 68.70
N SER P 218 24.56 -54.21 68.83
CA SER P 218 25.75 -54.25 69.68
C SER P 218 26.56 -55.51 69.37
N VAL P 219 27.88 -55.38 69.49
CA VAL P 219 28.76 -56.55 69.44
C VAL P 219 28.48 -57.50 70.59
N ALA P 220 28.26 -56.95 71.79
CA ALA P 220 27.89 -57.77 72.93
C ALA P 220 26.56 -58.47 72.68
N ALA P 221 25.58 -57.74 72.14
CA ALA P 221 24.29 -58.35 71.83
C ALA P 221 24.44 -59.48 70.80
N THR P 222 25.36 -59.30 69.86
CA THR P 222 25.69 -60.34 68.88
C THR P 222 26.15 -61.64 69.56
N LEU P 223 27.18 -61.54 70.42
CA LEU P 223 27.69 -62.76 71.02
C LEU P 223 26.75 -63.30 72.09
N ALA P 224 26.04 -62.43 72.78
CA ALA P 224 25.00 -62.86 73.71
C ALA P 224 23.94 -63.70 73.02
N ALA P 225 23.45 -63.23 71.88
CA ALA P 225 22.52 -64.02 71.07
C ALA P 225 23.12 -65.34 70.65
N ALA P 226 24.35 -65.33 70.13
CA ALA P 226 24.97 -66.59 69.68
C ALA P 226 25.20 -67.60 70.81
N THR P 227 25.47 -67.11 72.02
CA THR P 227 25.60 -68.02 73.15
C THR P 227 24.24 -68.49 73.65
N GLU P 228 23.23 -67.62 73.68
CA GLU P 228 21.87 -68.08 73.97
C GLU P 228 21.42 -69.15 72.98
N ARG P 229 21.79 -69.01 71.70
CA ARG P 229 21.57 -70.06 70.70
C ARG P 229 22.19 -71.39 71.11
N LEU P 230 23.46 -71.36 71.52
CA LEU P 230 24.12 -72.59 71.97
C LEU P 230 23.50 -73.14 73.24
N ALA P 231 23.14 -72.27 74.18
CA ALA P 231 22.51 -72.71 75.42
C ALA P 231 21.16 -73.37 75.18
N HIS P 232 20.31 -72.73 74.38
CA HIS P 232 19.01 -73.31 74.01
C HIS P 232 19.17 -74.56 73.18
N ASP P 233 20.28 -74.71 72.45
CA ASP P 233 20.48 -75.94 71.69
C ASP P 233 20.86 -77.08 72.62
N LEU P 234 21.72 -76.82 73.61
CA LEU P 234 22.09 -77.84 74.58
C LEU P 234 20.95 -78.15 75.54
N ASN P 235 20.15 -77.15 75.91
CA ASN P 235 19.11 -77.32 76.92
C ASN P 235 17.96 -78.14 76.36
N GLY P 236 17.38 -78.98 77.21
CA GLY P 236 16.22 -79.77 76.83
C GLY P 236 16.34 -81.22 77.27
N ARG P 237 17.57 -81.73 77.26
CA ARG P 237 17.87 -83.09 77.68
C ARG P 237 18.05 -83.15 79.19
N ARG P 238 18.65 -84.23 79.69
CA ARG P 238 19.00 -84.33 81.12
C ARG P 238 19.90 -83.19 81.54
N TRP P 239 20.85 -82.81 80.69
CA TRP P 239 21.73 -81.69 80.98
C TRP P 239 21.03 -80.37 80.62
N THR P 240 21.09 -79.42 81.53
CA THR P 240 20.60 -78.06 81.30
C THR P 240 21.77 -77.12 81.07
N ALA P 241 21.48 -75.96 80.50
CA ALA P 241 22.52 -75.00 80.15
C ALA P 241 22.00 -73.59 80.29
N ARG P 242 22.89 -72.69 80.71
CA ARG P 242 22.60 -71.27 80.81
C ARG P 242 23.90 -70.50 80.64
N PRO P 243 23.83 -69.26 80.15
CA PRO P 243 25.01 -68.38 80.23
C PRO P 243 25.35 -68.02 81.67
N LEU P 244 26.65 -67.91 81.94
CA LEU P 244 27.11 -67.43 83.24
C LEU P 244 26.93 -65.92 83.38
N THR P 245 26.58 -65.47 84.57
CA THR P 245 26.83 -64.10 84.98
C THR P 245 28.34 -63.89 85.17
N SER P 246 28.81 -62.68 84.84
CA SER P 246 30.24 -62.37 84.90
C SER P 246 30.82 -62.56 86.31
N SER P 247 30.01 -62.31 87.34
CA SER P 247 30.40 -62.67 88.70
C SER P 247 30.69 -64.15 88.81
N GLU P 248 29.74 -64.98 88.36
CA GLU P 248 29.98 -66.41 88.30
C GLU P 248 31.07 -66.78 87.30
N ILE P 249 31.38 -65.92 86.32
CA ILE P 249 32.54 -66.18 85.46
C ILE P 249 33.83 -66.06 86.27
N ASP P 250 33.93 -65.05 87.13
CA ASP P 250 35.08 -64.96 88.03
C ASP P 250 35.10 -66.09 89.05
N ASP P 251 33.92 -66.55 89.48
CA ASP P 251 33.83 -67.75 90.30
C ASP P 251 34.38 -68.98 89.56
N MET P 252 34.01 -69.12 88.29
CA MET P 252 34.48 -70.23 87.48
C MET P 252 35.99 -70.18 87.28
N ASP P 253 36.53 -68.98 87.04
CA ASP P 253 37.98 -68.80 86.97
C ASP P 253 38.68 -69.20 88.26
N ALA P 254 38.10 -68.81 89.40
CA ALA P 254 38.66 -69.22 90.69
C ALA P 254 38.62 -70.73 90.85
N THR P 255 37.51 -71.38 90.47
CA THR P 255 37.43 -72.82 90.66
C THR P 255 38.32 -73.56 89.66
N VAL P 256 38.58 -72.96 88.50
CA VAL P 256 39.52 -73.56 87.55
C VAL P 256 40.93 -73.48 88.09
N LEU P 257 41.26 -72.40 88.80
CA LEU P 257 42.61 -72.30 89.37
C LEU P 257 42.77 -73.18 90.59
N ALA P 258 41.91 -72.98 91.60
CA ALA P 258 41.99 -73.66 92.90
C ALA P 258 43.36 -73.53 93.55
N GLY P 259 43.99 -72.38 93.38
CA GLY P 259 45.34 -72.16 93.88
C GLY P 259 46.24 -71.47 92.88
N TRP P 288 49.75 -82.24 84.81
CA TRP P 288 50.68 -81.35 84.13
C TRP P 288 51.28 -82.04 82.90
N VAL P 289 50.69 -83.18 82.52
CA VAL P 289 51.29 -84.08 81.54
C VAL P 289 51.12 -83.54 80.13
N SER P 290 51.69 -84.25 79.16
CA SER P 290 51.77 -83.85 77.76
C SER P 290 50.38 -83.55 77.19
N PRO P 291 50.28 -82.62 76.24
CA PRO P 291 49.11 -82.58 75.36
C PRO P 291 49.04 -83.84 74.51
N ARG P 292 47.84 -84.37 74.36
CA ARG P 292 47.66 -85.68 73.75
C ARG P 292 47.31 -85.55 72.27
N ASP P 293 47.97 -86.37 71.45
CA ASP P 293 47.77 -86.30 70.01
C ASP P 293 46.45 -86.95 69.60
N ILE P 294 46.20 -88.17 70.09
CA ILE P 294 44.94 -88.88 69.85
C ILE P 294 44.17 -88.94 71.17
N THR P 295 42.91 -88.51 71.14
CA THR P 295 42.22 -88.08 72.36
C THR P 295 40.84 -88.69 72.54
N SER P 296 40.19 -89.15 71.46
CA SER P 296 38.75 -89.40 71.45
C SER P 296 38.33 -90.42 72.50
N GLU P 297 39.15 -91.44 72.72
CA GLU P 297 38.87 -92.48 73.70
C GLU P 297 39.33 -92.08 75.10
N THR P 298 40.22 -91.09 75.19
CA THR P 298 40.99 -90.87 76.41
C THR P 298 40.18 -90.28 77.55
N LEU P 299 39.15 -89.46 77.25
CA LEU P 299 38.59 -88.50 78.22
C LEU P 299 38.17 -89.14 79.54
N GLU P 300 37.33 -90.16 79.48
CA GLU P 300 36.83 -90.81 80.70
C GLU P 300 37.89 -91.58 81.50
N ARG P 301 39.01 -91.99 80.90
CA ARG P 301 40.09 -92.56 81.70
C ARG P 301 41.14 -91.56 82.15
N LEU P 302 41.29 -90.44 81.42
CA LEU P 302 42.23 -89.40 81.80
C LEU P 302 41.81 -88.65 83.07
N TRP P 303 40.54 -88.78 83.48
CA TRP P 303 40.11 -88.35 84.81
C TRP P 303 40.61 -89.26 85.93
N LEU P 304 40.97 -90.51 85.63
CA LEU P 304 41.24 -91.50 86.69
C LEU P 304 42.50 -91.30 87.55
N PRO P 305 43.64 -90.76 87.04
CA PRO P 305 44.80 -90.57 87.93
C PRO P 305 44.52 -89.74 89.17
N ASP P 306 45.08 -90.19 90.28
CA ASP P 306 44.80 -89.67 91.62
C ASP P 306 45.31 -88.23 91.75
N THR P 307 44.40 -87.32 92.11
CA THR P 307 44.76 -85.93 92.35
C THR P 307 43.70 -85.31 93.24
N GLU P 308 44.10 -84.23 93.94
CA GLU P 308 43.13 -83.39 94.64
C GLU P 308 42.30 -82.56 93.68
N ALA P 309 42.87 -82.16 92.55
CA ALA P 309 42.13 -81.41 91.55
C ALA P 309 42.62 -81.79 90.16
N THR P 310 41.67 -81.97 89.25
CA THR P 310 41.97 -82.17 87.84
C THR P 310 41.20 -81.12 87.03
N ALA P 311 41.86 -80.59 86.02
CA ALA P 311 41.22 -79.75 85.02
C ALA P 311 41.41 -80.39 83.66
N VAL P 312 40.30 -80.65 82.97
CA VAL P 312 40.30 -81.39 81.72
C VAL P 312 39.55 -80.53 80.70
N THR P 313 40.15 -80.36 79.52
CA THR P 313 39.60 -79.45 78.53
C THR P 313 39.94 -79.92 77.12
N VAL P 314 39.07 -79.57 76.18
CA VAL P 314 39.19 -79.94 74.77
C VAL P 314 38.94 -78.69 73.93
N ARG P 315 39.75 -78.50 72.88
CA ARG P 315 39.69 -77.30 72.05
C ARG P 315 39.27 -77.65 70.62
N LEU P 316 38.41 -76.81 70.05
CA LEU P 316 37.95 -76.94 68.67
C LEU P 316 38.24 -75.65 67.91
N ARG P 317 38.91 -75.76 66.76
CA ARG P 317 39.30 -74.57 66.01
C ARG P 317 39.05 -74.76 64.52
N PRO P 318 38.73 -73.67 63.80
CA PRO P 318 38.41 -73.75 62.36
C PRO P 318 39.63 -73.76 61.43
N ARG P 319 40.37 -74.86 61.43
CA ARG P 319 41.59 -74.94 60.63
C ARG P 319 41.31 -74.79 59.14
N HIS P 320 40.25 -75.43 58.66
CA HIS P 320 39.69 -75.17 57.34
C HIS P 320 38.17 -75.13 57.49
N GLY P 321 37.45 -75.42 56.42
CA GLY P 321 36.01 -75.60 56.51
C GLY P 321 35.56 -76.70 57.46
N GLY P 322 36.45 -77.61 57.84
CA GLY P 322 36.21 -78.53 58.93
C GLY P 322 36.52 -77.90 60.27
N VAL P 323 36.53 -78.75 61.30
CA VAL P 323 36.94 -78.35 62.64
C VAL P 323 37.88 -79.42 63.18
N GLU P 324 39.01 -79.00 63.73
CA GLU P 324 40.05 -79.90 64.18
C GLU P 324 40.27 -79.72 65.67
N VAL P 325 40.76 -80.78 66.32
CA VAL P 325 40.60 -80.97 67.74
C VAL P 325 41.96 -81.07 68.40
N SER P 326 42.07 -80.49 69.60
CA SER P 326 43.21 -80.69 70.49
C SER P 326 42.69 -80.73 71.92
N ALA P 327 43.40 -81.46 72.77
CA ALA P 327 43.03 -81.59 74.17
C ALA P 327 44.28 -81.56 75.05
N TRP P 328 44.12 -81.01 76.25
CA TRP P 328 45.19 -81.00 77.24
C TRP P 328 44.58 -81.03 78.63
N VAL P 329 45.43 -81.29 79.62
CA VAL P 329 45.01 -81.53 80.99
C VAL P 329 46.13 -81.04 81.90
N ARG P 330 45.78 -80.71 83.14
CA ARG P 330 46.77 -80.62 84.21
C ARG P 330 46.18 -81.18 85.50
N TYR P 331 47.07 -81.62 86.38
CA TYR P 331 46.70 -82.12 87.70
C TYR P 331 47.38 -81.29 88.78
N HIS P 332 46.67 -81.10 89.89
CA HIS P 332 47.04 -80.17 90.96
C HIS P 332 47.42 -78.79 90.44
N PRO Q 18 13.62 -87.09 55.45
CA PRO Q 18 14.25 -86.41 54.32
C PRO Q 18 15.14 -85.26 54.77
N GLN Q 19 15.81 -84.59 53.82
CA GLN Q 19 16.68 -83.49 54.19
C GLN Q 19 15.87 -82.30 54.68
N ALA Q 20 16.47 -81.52 55.57
CA ALA Q 20 15.93 -80.24 55.96
C ALA Q 20 17.07 -79.24 56.12
N ALA Q 21 16.80 -77.98 55.76
CA ALA Q 21 17.77 -76.91 55.94
C ALA Q 21 17.36 -76.08 57.15
N VAL Q 22 18.23 -76.02 58.14
CA VAL Q 22 18.12 -75.00 59.18
C VAL Q 22 18.75 -73.71 58.63
N VAL Q 23 17.98 -72.63 58.65
CA VAL Q 23 18.42 -71.33 58.14
C VAL Q 23 17.86 -70.26 59.06
N ALA Q 24 18.54 -69.12 59.10
CA ALA Q 24 18.02 -67.95 59.79
C ALA Q 24 17.47 -66.99 58.75
N ILE Q 25 16.16 -66.86 58.73
CA ILE Q 25 15.49 -65.87 57.89
C ILE Q 25 15.43 -64.54 58.61
N MET Q 26 15.39 -63.46 57.84
CA MET Q 26 15.30 -62.12 58.41
C MET Q 26 14.14 -61.38 57.75
N ALA Q 27 13.38 -60.66 58.57
CA ALA Q 27 12.20 -59.94 58.10
C ALA Q 27 11.73 -58.95 59.16
N ALA Q 28 11.54 -57.69 58.76
CA ALA Q 28 11.10 -56.59 59.63
C ALA Q 28 12.00 -56.50 60.86
N ASP Q 29 13.26 -56.17 60.58
CA ASP Q 29 14.38 -55.97 61.50
C ASP Q 29 14.48 -57.02 62.60
N VAL Q 30 14.08 -58.26 62.29
CA VAL Q 30 14.19 -59.40 63.17
C VAL Q 30 14.74 -60.58 62.38
N GLN Q 31 15.72 -61.29 62.95
CA GLN Q 31 16.20 -62.56 62.40
C GLN Q 31 15.73 -63.73 63.25
N ILE Q 32 15.12 -64.73 62.60
CA ILE Q 32 14.64 -65.93 63.27
C ILE Q 32 15.23 -67.14 62.58
N ALA Q 33 15.83 -68.03 63.37
CA ALA Q 33 16.28 -69.33 62.88
C ALA Q 33 15.09 -70.26 62.68
N VAL Q 34 15.02 -70.90 61.50
CA VAL Q 34 13.93 -71.79 61.15
C VAL Q 34 14.50 -73.03 60.49
N VAL Q 35 13.80 -74.16 60.65
CA VAL Q 35 14.12 -75.40 59.97
C VAL Q 35 13.08 -75.63 58.88
N LEU Q 36 13.55 -75.68 57.65
CA LEU Q 36 12.68 -75.75 56.47
C LEU Q 36 12.84 -77.07 55.73
N ASP Q 37 11.73 -77.52 55.14
CA ASP Q 37 11.76 -78.65 54.22
C ASP Q 37 12.68 -78.28 53.06
N ALA Q 38 13.76 -79.06 52.91
CA ALA Q 38 14.82 -78.70 51.98
C ALA Q 38 14.42 -78.83 50.51
N HIS Q 39 13.36 -79.58 50.20
CA HIS Q 39 13.08 -79.89 48.81
C HIS Q 39 11.62 -79.85 48.40
N ALA Q 40 10.69 -79.44 49.27
CA ALA Q 40 9.42 -78.89 48.80
C ALA Q 40 9.63 -77.54 48.12
N PRO Q 41 8.82 -77.21 47.10
CA PRO Q 41 8.90 -75.87 46.48
C PRO Q 41 8.59 -74.73 47.44
N ILE Q 42 9.27 -73.60 47.20
CA ILE Q 42 9.14 -72.39 48.03
C ILE Q 42 7.71 -71.90 48.13
N SER Q 43 6.94 -72.01 47.04
CA SER Q 43 5.52 -71.67 47.03
C SER Q 43 4.67 -72.47 48.00
N VAL Q 44 5.13 -73.65 48.42
CA VAL Q 44 4.41 -74.41 49.43
C VAL Q 44 4.57 -73.80 50.82
N MET Q 45 5.73 -73.23 51.09
CA MET Q 45 6.13 -72.87 52.44
C MET Q 45 6.04 -71.38 52.75
N ILE Q 46 6.07 -70.53 51.73
CA ILE Q 46 6.15 -69.08 51.92
C ILE Q 46 5.01 -68.53 52.78
N ASP Q 47 3.76 -68.97 52.53
CA ASP Q 47 2.62 -68.46 53.29
C ASP Q 47 2.64 -68.81 54.78
N PRO Q 48 2.84 -70.06 55.22
CA PRO Q 48 2.88 -70.30 56.67
C PRO Q 48 4.14 -69.77 57.30
N LEU Q 49 5.21 -69.62 56.53
CA LEU Q 49 6.38 -68.92 57.06
C LEU Q 49 6.03 -67.48 57.42
N LEU Q 50 5.26 -66.82 56.55
CA LEU Q 50 4.79 -65.47 56.85
C LEU Q 50 3.89 -65.46 58.08
N LYS Q 51 3.01 -66.46 58.21
CA LYS Q 51 2.14 -66.53 59.38
C LYS Q 51 2.94 -66.73 60.67
N VAL Q 52 3.95 -67.59 60.63
CA VAL Q 52 4.80 -67.83 61.79
C VAL Q 52 5.58 -66.57 62.15
N VAL Q 53 6.12 -65.88 61.15
CA VAL Q 53 6.87 -64.66 61.38
C VAL Q 53 5.98 -63.58 61.98
N ASN Q 54 4.74 -63.45 61.48
CA ASN Q 54 3.81 -62.47 62.02
C ASN Q 54 3.44 -62.82 63.45
N THR Q 55 3.25 -64.11 63.75
CA THR Q 55 2.97 -64.54 65.12
C THR Q 55 4.13 -64.20 66.05
N ARG Q 56 5.36 -64.45 65.60
CA ARG Q 56 6.54 -64.17 66.41
C ARG Q 56 6.72 -62.68 66.64
N LEU Q 57 6.48 -61.87 65.60
CA LEU Q 57 6.60 -60.42 65.73
C LEU Q 57 5.54 -59.86 66.66
N ARG Q 58 4.31 -60.38 66.55
CA ARG Q 58 3.24 -59.93 67.42
C ARG Q 58 3.50 -60.34 68.86
N GLU Q 59 4.15 -61.50 69.04
CA GLU Q 59 4.52 -61.94 70.38
C GLU Q 59 5.59 -61.03 70.99
N LEU Q 60 6.45 -60.46 70.14
CA LEU Q 60 7.51 -59.59 70.61
C LEU Q 60 7.06 -58.15 70.82
N GLY Q 61 5.83 -57.81 70.45
CA GLY Q 61 5.41 -56.43 70.50
C GLY Q 61 5.89 -55.61 69.33
N VAL Q 62 6.47 -56.24 68.33
CA VAL Q 62 6.93 -55.60 67.12
C VAL Q 62 5.78 -55.59 66.12
N ALA Q 63 5.66 -54.51 65.36
CA ALA Q 63 4.61 -54.40 64.36
C ALA Q 63 4.80 -55.49 63.29
N PRO Q 64 3.77 -56.27 63.00
CA PRO Q 64 3.94 -57.38 62.04
C PRO Q 64 4.05 -56.87 60.61
N LEU Q 65 4.47 -57.78 59.73
CA LEU Q 65 4.60 -57.46 58.32
C LEU Q 65 3.24 -57.27 57.68
N GLU Q 66 3.15 -56.29 56.78
CA GLU Q 66 1.93 -55.97 56.09
C GLU Q 66 2.21 -55.82 54.61
N ALA Q 67 1.22 -56.16 53.79
CA ALA Q 67 1.29 -55.97 52.36
C ALA Q 67 0.78 -54.57 52.00
N LYS Q 68 1.57 -53.83 51.24
CA LYS Q 68 1.22 -52.48 50.83
C LYS Q 68 0.96 -52.47 49.33
N GLY Q 69 -0.28 -52.16 48.95
CA GLY Q 69 -0.74 -52.24 47.59
C GLY Q 69 -0.62 -53.64 46.98
N ARG Q 70 -0.71 -53.66 45.66
CA ARG Q 70 -0.53 -54.89 44.91
C ARG Q 70 0.94 -55.29 44.86
N GLY Q 71 1.22 -56.52 45.26
CA GLY Q 71 2.58 -57.02 45.27
C GLY Q 71 2.57 -58.46 45.73
N ARG Q 72 3.76 -59.02 45.92
CA ARG Q 72 3.83 -60.37 46.42
C ARG Q 72 5.04 -60.54 47.32
N TRP Q 73 4.97 -61.57 48.16
CA TRP Q 73 6.05 -61.94 49.05
C TRP Q 73 7.09 -62.75 48.29
N MET Q 74 8.36 -62.47 48.57
CA MET Q 74 9.44 -63.35 48.14
C MET Q 74 10.41 -63.59 49.29
N LEU Q 75 10.90 -64.81 49.35
CA LEU Q 75 12.16 -65.07 50.02
C LEU Q 75 13.32 -64.72 49.09
N CYS Q 76 14.31 -64.03 49.64
CA CYS Q 76 15.45 -63.60 48.88
C CYS Q 76 16.73 -64.05 49.55
N LEU Q 77 17.76 -64.27 48.76
CA LEU Q 77 19.11 -64.33 49.30
C LEU Q 77 19.48 -62.96 49.85
N VAL Q 78 20.38 -62.96 50.84
CA VAL Q 78 20.84 -61.70 51.43
C VAL Q 78 21.52 -60.79 50.42
N ASP Q 79 22.08 -61.35 49.35
CA ASP Q 79 22.63 -60.50 48.30
C ASP Q 79 21.55 -59.76 47.52
N GLY Q 80 20.31 -60.23 47.58
CA GLY Q 80 19.19 -59.47 47.06
C GLY Q 80 18.23 -60.26 46.20
N THR Q 81 18.74 -61.27 45.50
CA THR Q 81 17.95 -61.91 44.43
C THR Q 81 16.81 -62.74 45.00
N PRO Q 82 15.60 -62.60 44.48
CA PRO Q 82 14.49 -63.45 44.90
C PRO Q 82 14.62 -64.89 44.42
N LEU Q 83 14.21 -65.80 45.29
CA LEU Q 83 14.17 -67.22 44.97
C LEU Q 83 12.97 -67.56 44.08
N ARG Q 84 13.13 -68.59 43.28
CA ARG Q 84 12.06 -69.11 42.44
C ARG Q 84 11.00 -69.84 43.25
N PRO Q 85 9.74 -69.39 43.26
CA PRO Q 85 8.71 -70.08 44.05
C PRO Q 85 8.40 -71.47 43.54
N ASN Q 86 8.59 -71.71 42.24
CA ASN Q 86 8.40 -73.03 41.64
C ASN Q 86 9.55 -73.97 41.92
N LEU Q 87 10.66 -73.48 42.47
CA LEU Q 87 11.79 -74.34 42.78
C LEU Q 87 11.88 -74.52 44.28
N SER Q 88 12.40 -75.68 44.67
CA SER Q 88 12.72 -75.93 46.06
C SER Q 88 14.01 -75.23 46.48
N LEU Q 89 14.24 -75.26 47.80
CA LEU Q 89 15.49 -74.81 48.39
C LEU Q 89 16.71 -75.51 47.81
N THR Q 90 16.61 -76.82 47.58
CA THR Q 90 17.75 -77.63 47.15
C THR Q 90 18.32 -77.17 45.80
N GLU Q 91 17.50 -77.17 44.76
CA GLU Q 91 18.06 -76.96 43.43
C GLU Q 91 18.41 -75.52 43.13
N GLN Q 92 17.93 -74.56 43.93
CA GLN Q 92 18.50 -73.22 43.94
C GLN Q 92 19.53 -73.05 45.04
N GLU Q 93 20.08 -74.15 45.54
CA GLU Q 93 21.32 -74.20 46.33
C GLU Q 93 21.20 -73.51 47.68
N VAL Q 94 20.02 -73.53 48.29
CA VAL Q 94 19.91 -73.22 49.71
C VAL Q 94 20.51 -74.37 50.49
N TYR Q 95 21.44 -74.05 51.39
CA TYR Q 95 22.07 -75.03 52.25
C TYR Q 95 21.90 -74.64 53.72
N ASP Q 96 22.16 -75.61 54.58
CA ASP Q 96 22.11 -75.38 56.02
C ASP Q 96 23.05 -74.26 56.42
N GLY Q 97 22.61 -73.43 57.36
CA GLY Q 97 23.39 -72.30 57.83
C GLY Q 97 23.38 -71.10 56.92
N ASP Q 98 22.68 -71.15 55.79
CA ASP Q 98 22.44 -69.96 54.97
C ASP Q 98 21.47 -69.01 55.68
N ARG Q 99 21.36 -67.81 55.11
CA ARG Q 99 20.41 -66.79 55.52
C ARG Q 99 19.51 -66.44 54.35
N LEU Q 100 18.27 -66.04 54.65
CA LEU Q 100 17.37 -65.55 53.61
C LEU Q 100 16.61 -64.32 54.09
N TRP Q 101 16.23 -63.49 53.13
CA TRP Q 101 15.51 -62.25 53.38
C TRP Q 101 14.10 -62.33 52.84
N LEU Q 102 13.12 -62.05 53.69
CA LEU Q 102 11.70 -62.13 53.35
C LEU Q 102 11.17 -60.77 52.91
N LYS Q 103 11.21 -60.52 51.59
CA LYS Q 103 10.70 -59.28 51.04
C LYS Q 103 9.24 -59.37 50.68
N PHE Q 104 8.62 -58.20 50.52
CA PHE Q 104 7.36 -58.03 49.82
C PHE Q 104 7.63 -57.18 48.58
N LEU Q 105 7.84 -57.83 47.44
CA LEU Q 105 8.14 -57.12 46.20
C LEU Q 105 6.94 -56.34 45.71
N GLU Q 106 7.06 -55.02 45.66
CA GLU Q 106 6.01 -54.22 45.05
C GLU Q 106 5.90 -54.55 43.56
N ASP Q 107 4.66 -54.70 43.09
CA ASP Q 107 4.39 -54.99 41.69
C ASP Q 107 4.89 -53.87 40.77
N THR Q 108 5.76 -54.22 39.83
CA THR Q 108 6.44 -53.26 38.98
C THR Q 108 5.76 -53.09 37.63
N GLU Q 109 4.67 -53.81 37.37
CA GLU Q 109 3.89 -53.64 36.15
C GLU Q 109 3.20 -52.29 36.08
N HIS Q 110 3.38 -51.61 34.94
CA HIS Q 110 2.67 -50.37 34.64
C HIS Q 110 2.70 -50.17 33.14
N ARG Q 111 1.93 -49.18 32.68
CA ARG Q 111 1.91 -48.80 31.27
C ARG Q 111 3.30 -48.47 30.75
N SER Q 112 3.61 -48.96 29.56
CA SER Q 112 4.81 -48.54 28.85
C SER Q 112 4.55 -47.18 28.23
N GLU Q 113 5.34 -46.17 28.61
CA GLU Q 113 5.32 -44.89 27.90
C GLU Q 113 5.73 -45.08 26.43
N VAL Q 114 5.36 -44.10 25.61
CA VAL Q 114 5.79 -44.09 24.22
C VAL Q 114 5.94 -42.67 23.69
N ILE Q 115 7.14 -42.35 23.20
CA ILE Q 115 7.40 -41.07 22.56
C ILE Q 115 7.59 -41.35 21.08
N GLU Q 116 6.70 -40.79 20.26
CA GLU Q 116 6.79 -41.04 18.82
C GLU Q 116 7.95 -40.27 18.18
N HIS Q 117 8.16 -39.03 18.56
CA HIS Q 117 9.19 -38.23 17.92
C HIS Q 117 10.56 -38.68 18.38
N ILE Q 118 11.39 -39.08 17.41
CA ILE Q 118 12.71 -39.64 17.67
C ILE Q 118 13.59 -38.72 18.53
N SER Q 119 13.58 -37.41 18.24
CA SER Q 119 14.46 -36.49 18.96
C SER Q 119 14.06 -36.39 20.43
N THR Q 120 12.77 -36.23 20.70
CA THR Q 120 12.29 -36.13 22.07
C THR Q 120 12.51 -37.42 22.84
N ALA Q 121 12.34 -38.56 22.17
CA ALA Q 121 12.60 -39.84 22.80
C ALA Q 121 14.06 -40.02 23.17
N VAL Q 122 14.98 -39.64 22.27
CA VAL Q 122 16.41 -39.65 22.60
C VAL Q 122 16.68 -38.80 23.82
N ALA Q 123 16.20 -37.56 23.81
CA ALA Q 123 16.51 -36.62 24.87
C ALA Q 123 16.00 -37.12 26.21
N THR Q 124 14.76 -37.60 26.25
CA THR Q 124 14.23 -38.02 27.54
C THR Q 124 14.86 -39.32 28.02
N ASN Q 125 15.22 -40.23 27.12
CA ASN Q 125 15.83 -41.48 27.55
C ASN Q 125 17.21 -41.23 28.14
N LEU Q 126 18.03 -40.43 27.44
CA LEU Q 126 19.33 -40.08 27.97
C LEU Q 126 19.23 -39.33 29.29
N SER Q 127 18.39 -38.29 29.35
CA SER Q 127 18.28 -37.53 30.59
C SER Q 127 17.81 -38.40 31.74
N LYS Q 128 16.95 -39.37 31.46
CA LYS Q 128 16.42 -40.20 32.52
C LYS Q 128 17.47 -41.20 33.00
N ARG Q 129 18.36 -41.64 32.11
CA ARG Q 129 19.14 -42.84 32.36
C ARG Q 129 20.62 -42.57 32.66
N PHE Q 130 21.15 -41.40 32.31
CA PHE Q 130 22.53 -41.06 32.60
C PHE Q 130 22.59 -39.80 33.44
N ALA Q 131 23.79 -39.53 33.97
CA ALA Q 131 24.00 -38.43 34.91
C ALA Q 131 24.74 -37.27 34.28
N PRO Q 132 24.20 -36.07 34.37
CA PRO Q 132 24.87 -34.90 33.80
C PRO Q 132 26.07 -34.49 34.62
N ILE Q 133 26.87 -33.59 34.04
CA ILE Q 133 27.89 -32.90 34.81
C ILE Q 133 27.21 -32.01 35.85
N ASP Q 134 27.88 -31.82 36.98
CA ASP Q 134 27.34 -31.12 38.13
C ASP Q 134 28.49 -30.41 38.83
N PRO Q 135 28.24 -29.28 39.47
CA PRO Q 135 29.33 -28.52 40.11
C PRO Q 135 30.07 -29.29 41.19
N VAL Q 136 29.38 -30.22 41.87
CA VAL Q 136 30.02 -31.13 42.80
C VAL Q 136 31.12 -31.93 42.10
N VAL Q 137 30.82 -32.42 40.91
CA VAL Q 137 31.83 -33.13 40.13
C VAL Q 137 32.87 -32.15 39.60
N ALA Q 138 32.43 -30.95 39.24
CA ALA Q 138 33.31 -30.00 38.58
C ALA Q 138 34.44 -29.55 39.50
N VAL Q 139 34.15 -29.35 40.78
CA VAL Q 139 35.19 -28.95 41.71
C VAL Q 139 36.20 -30.06 41.89
N GLN Q 140 35.75 -31.31 41.94
CA GLN Q 140 36.68 -32.44 42.03
C GLN Q 140 37.55 -32.55 40.79
N VAL Q 141 36.98 -32.29 39.62
CA VAL Q 141 37.75 -32.32 38.39
C VAL Q 141 38.82 -31.24 38.41
N GLY Q 142 38.45 -30.04 38.86
CA GLY Q 142 39.44 -28.98 38.95
C GLY Q 142 40.56 -29.31 39.91
N ALA Q 143 40.21 -29.92 41.05
CA ALA Q 143 41.23 -30.33 42.01
C ALA Q 143 42.15 -31.39 41.43
N THR Q 144 41.58 -32.34 40.70
CA THR Q 144 42.39 -33.37 40.08
C THR Q 144 43.36 -32.78 39.07
N MET Q 145 42.87 -31.84 38.27
CA MET Q 145 43.71 -31.30 37.22
C MET Q 145 44.79 -30.39 37.78
N VAL Q 146 44.50 -29.66 38.86
CA VAL Q 146 45.57 -28.87 39.47
C VAL Q 146 46.55 -29.75 40.24
N ALA Q 147 46.09 -30.89 40.75
CA ALA Q 147 47.02 -31.85 41.32
C ALA Q 147 47.98 -32.38 40.27
N VAL Q 148 47.45 -32.78 39.11
CA VAL Q 148 48.30 -33.27 38.03
C VAL Q 148 49.28 -32.20 37.59
N GLY Q 149 48.80 -30.96 37.51
CA GLY Q 149 49.67 -29.86 37.12
C GLY Q 149 50.80 -29.63 38.09
N VAL Q 150 50.50 -29.68 39.39
CA VAL Q 150 51.56 -29.35 40.34
C VAL Q 150 52.54 -30.51 40.49
N LEU Q 151 52.10 -31.76 40.33
CA LEU Q 151 53.07 -32.84 40.23
C LEU Q 151 53.95 -32.73 38.99
N LEU Q 152 53.38 -32.32 37.85
CA LEU Q 152 54.24 -32.10 36.69
C LEU Q 152 55.24 -30.99 36.95
N GLY Q 153 54.81 -29.91 37.59
CA GLY Q 153 55.75 -28.81 37.86
C GLY Q 153 56.85 -29.22 38.82
N SER Q 154 56.50 -29.94 39.89
CA SER Q 154 57.51 -30.39 40.84
C SER Q 154 58.46 -31.40 40.23
N ALA Q 155 57.95 -32.36 39.46
CA ALA Q 155 58.82 -33.32 38.80
C ALA Q 155 59.69 -32.65 37.76
N LEU Q 156 59.18 -31.58 37.16
CA LEU Q 156 59.94 -30.86 36.16
C LEU Q 156 61.08 -30.08 36.79
N LEU Q 157 60.82 -29.43 37.93
CA LEU Q 157 61.87 -28.76 38.66
C LEU Q 157 62.91 -29.76 39.17
N GLY Q 158 62.46 -30.94 39.58
CA GLY Q 158 63.39 -31.98 39.96
C GLY Q 158 64.25 -32.42 38.80
N TRP Q 159 63.66 -32.51 37.60
CA TRP Q 159 64.44 -32.85 36.41
C TRP Q 159 65.47 -31.77 36.11
N TRP Q 160 65.09 -30.51 36.25
CA TRP Q 160 66.04 -29.43 35.97
C TRP Q 160 67.17 -29.41 36.97
N ARG Q 161 66.87 -29.62 38.26
CA ARG Q 161 67.93 -29.67 39.26
C ARG Q 161 68.79 -30.91 39.10
N TRP Q 162 68.22 -31.99 38.57
CA TRP Q 162 69.02 -33.15 38.19
C TRP Q 162 69.95 -32.81 37.03
N GLN Q 163 69.47 -32.03 36.08
CA GLN Q 163 70.28 -31.73 34.91
C GLN Q 163 71.22 -30.55 35.16
N HIS Q 164 70.77 -29.55 35.92
CA HIS Q 164 71.54 -28.34 36.10
C HIS Q 164 71.71 -28.05 37.58
N GLU Q 165 72.80 -27.35 37.89
CA GLU Q 165 73.18 -27.07 39.27
C GLU Q 165 72.59 -25.78 39.81
N SER Q 166 71.48 -25.31 39.25
CA SER Q 166 70.94 -24.02 39.62
C SER Q 166 70.26 -24.12 40.98
N TRP Q 167 70.58 -23.16 41.86
CA TRP Q 167 69.92 -23.09 43.15
C TRP Q 167 68.51 -22.52 43.04
N LEU Q 168 68.26 -21.76 41.98
CA LEU Q 168 67.00 -21.04 41.84
C LEU Q 168 65.73 -21.89 41.75
N PRO Q 169 65.71 -23.13 41.24
CA PRO Q 169 64.46 -23.91 41.30
C PRO Q 169 63.87 -24.14 42.69
N ALA Q 170 64.70 -24.22 43.72
CA ALA Q 170 64.18 -24.50 45.06
C ALA Q 170 63.25 -23.40 45.60
N PRO Q 171 63.52 -22.09 45.44
CA PRO Q 171 62.48 -21.10 45.78
C PRO Q 171 61.16 -21.27 45.05
N PHE Q 172 61.17 -21.61 43.76
CA PHE Q 172 59.92 -21.82 43.03
C PHE Q 172 59.15 -22.99 43.60
N ALA Q 173 59.84 -24.10 43.86
CA ALA Q 173 59.17 -25.26 44.44
C ALA Q 173 58.61 -24.94 45.82
N ALA Q 174 59.37 -24.21 46.63
CA ALA Q 174 58.91 -23.84 47.96
C ALA Q 174 57.69 -22.94 47.91
N VAL Q 175 57.69 -21.95 47.01
CA VAL Q 175 56.57 -21.01 46.98
C VAL Q 175 55.31 -21.68 46.45
N ILE Q 176 55.42 -22.55 45.44
CA ILE Q 176 54.21 -23.20 44.96
C ILE Q 176 53.69 -24.17 46.02
N ALA Q 177 54.60 -24.82 46.75
CA ALA Q 177 54.18 -25.72 47.81
C ALA Q 177 53.45 -24.99 48.91
N VAL Q 178 53.97 -23.85 49.34
CA VAL Q 178 53.32 -23.15 50.44
C VAL Q 178 51.98 -22.56 50.01
N LEU Q 179 51.88 -22.10 48.75
CA LEU Q 179 50.58 -21.60 48.29
C LEU Q 179 49.53 -22.70 48.25
N VAL Q 180 49.86 -23.85 47.66
CA VAL Q 180 48.85 -24.89 47.56
C VAL Q 180 48.55 -25.48 48.92
N LEU Q 181 49.52 -25.51 49.83
CA LEU Q 181 49.26 -26.07 51.16
C LEU Q 181 48.37 -25.15 51.99
N THR Q 182 48.59 -23.84 51.90
CA THR Q 182 47.68 -22.92 52.60
C THR Q 182 46.28 -22.96 52.00
N VAL Q 183 46.19 -23.08 50.67
CA VAL Q 183 44.87 -23.19 50.04
C VAL Q 183 44.16 -24.47 50.49
N ALA Q 184 44.89 -25.58 50.55
CA ALA Q 184 44.31 -26.83 51.01
C ALA Q 184 43.85 -26.72 52.46
N THR Q 185 44.66 -26.08 53.30
CA THR Q 185 44.30 -25.94 54.70
C THR Q 185 43.07 -25.07 54.87
N MET Q 186 42.98 -23.98 54.11
CA MET Q 186 41.79 -23.12 54.20
C MET Q 186 40.55 -23.84 53.71
N ILE Q 187 40.67 -24.65 52.67
CA ILE Q 187 39.51 -25.41 52.18
C ILE Q 187 39.10 -26.45 53.20
N LEU Q 188 40.08 -27.12 53.81
CA LEU Q 188 39.77 -28.15 54.79
C LEU Q 188 39.15 -27.55 56.05
N ALA Q 189 39.58 -26.35 56.43
CA ALA Q 189 39.00 -25.73 57.61
C ALA Q 189 37.61 -25.17 57.33
N ARG Q 190 37.49 -24.37 56.28
CA ARG Q 190 36.21 -23.70 56.01
C ARG Q 190 35.16 -24.67 55.51
N SER Q 191 35.52 -25.53 54.57
CA SER Q 191 34.56 -26.38 53.86
C SER Q 191 34.63 -27.82 54.33
N LYS Q 192 34.81 -28.04 55.63
CA LYS Q 192 34.83 -29.40 56.13
C LYS Q 192 33.45 -30.04 56.16
N THR Q 193 32.39 -29.28 55.89
CA THR Q 193 31.01 -29.71 56.13
C THR Q 193 30.53 -30.78 55.17
N VAL Q 194 31.27 -31.10 54.12
CA VAL Q 194 30.79 -32.00 53.08
C VAL Q 194 31.82 -33.10 52.86
N PRO Q 195 31.40 -34.25 52.33
CA PRO Q 195 32.36 -35.25 51.84
C PRO Q 195 33.13 -34.81 50.60
N ASP Q 196 32.88 -33.61 50.10
CA ASP Q 196 33.72 -33.00 49.09
C ASP Q 196 34.95 -32.30 49.67
N ARG Q 197 35.29 -32.59 50.92
CA ARG Q 197 36.56 -32.19 51.49
C ARG Q 197 37.70 -33.01 50.90
N ARG Q 198 37.37 -34.03 50.11
CA ARG Q 198 38.41 -34.72 49.36
C ARG Q 198 39.07 -33.81 48.34
N VAL Q 199 38.46 -32.67 48.02
CA VAL Q 199 39.15 -31.66 47.23
C VAL Q 199 40.36 -31.17 47.99
N GLY Q 200 40.19 -30.90 49.28
CA GLY Q 200 41.30 -30.48 50.10
C GLY Q 200 42.31 -31.59 50.28
N ASP Q 201 41.82 -32.82 50.40
CA ASP Q 201 42.74 -33.95 50.54
C ASP Q 201 43.59 -34.12 49.29
N ILE Q 202 42.99 -33.96 48.11
CA ILE Q 202 43.72 -34.05 46.85
C ILE Q 202 44.75 -32.95 46.77
N LEU Q 203 44.38 -31.73 47.15
CA LEU Q 203 45.35 -30.63 47.12
C LEU Q 203 46.49 -30.86 48.08
N LEU Q 204 46.22 -31.43 49.25
CA LEU Q 204 47.29 -31.62 50.24
C LEU Q 204 48.25 -32.72 49.77
N LEU Q 205 47.69 -33.83 49.28
CA LEU Q 205 48.51 -34.87 48.63
C LEU Q 205 49.32 -34.30 47.49
N SER Q 206 48.75 -33.36 46.75
CA SER Q 206 49.44 -32.80 45.61
C SER Q 206 50.55 -31.87 46.06
N GLY Q 207 50.34 -31.14 47.15
CA GLY Q 207 51.26 -30.11 47.56
C GLY Q 207 52.36 -30.55 48.48
N LEU Q 208 52.27 -31.75 49.05
CA LEU Q 208 53.41 -32.24 49.82
C LEU Q 208 54.61 -32.55 48.94
N VAL Q 209 54.38 -32.89 47.67
CA VAL Q 209 55.45 -33.23 46.74
C VAL Q 209 56.35 -32.03 46.39
N PRO Q 210 55.83 -30.85 46.03
CA PRO Q 210 56.75 -29.73 45.78
C PRO Q 210 57.51 -29.29 47.01
N LEU Q 211 56.93 -29.46 48.20
CA LEU Q 211 57.67 -29.21 49.43
C LEU Q 211 58.85 -30.17 49.54
N ALA Q 212 58.62 -31.45 49.20
CA ALA Q 212 59.69 -32.43 49.29
C ALA Q 212 60.80 -32.11 48.31
N VAL Q 213 60.45 -31.70 47.09
CA VAL Q 213 61.51 -31.42 46.14
C VAL Q 213 62.16 -30.07 46.43
N ALA Q 214 61.46 -29.17 47.13
CA ALA Q 214 62.07 -27.91 47.52
C ALA Q 214 63.11 -28.13 48.61
N ILE Q 215 62.79 -28.96 49.60
CA ILE Q 215 63.76 -29.28 50.64
C ILE Q 215 64.92 -30.08 50.04
N ALA Q 216 64.62 -30.99 49.12
CA ALA Q 216 65.68 -31.81 48.52
C ALA Q 216 66.63 -30.99 47.68
N ALA Q 217 66.12 -29.99 46.95
CA ALA Q 217 66.97 -29.21 46.07
C ALA Q 217 67.89 -28.25 46.82
N THR Q 218 67.67 -28.03 48.12
CA THR Q 218 68.60 -27.22 48.89
C THR Q 218 69.90 -27.93 49.21
N ALA Q 219 69.99 -29.23 48.97
CA ALA Q 219 71.25 -29.92 49.19
C ALA Q 219 72.25 -29.51 48.12
N PRO Q 220 73.39 -28.94 48.49
CA PRO Q 220 74.33 -28.43 47.50
C PRO Q 220 75.11 -29.54 46.81
N GLY Q 221 75.87 -29.14 45.80
CA GLY Q 221 76.68 -30.06 45.03
C GLY Q 221 75.85 -30.80 44.03
N PRO Q 222 76.42 -31.82 43.39
CA PRO Q 222 75.65 -32.60 42.42
C PRO Q 222 74.55 -33.38 43.09
N VAL Q 223 73.49 -33.62 42.33
CA VAL Q 223 72.33 -34.33 42.86
C VAL Q 223 72.70 -35.79 43.07
N GLY Q 224 72.07 -36.43 44.05
CA GLY Q 224 72.32 -37.83 44.30
C GLY Q 224 71.64 -38.31 45.56
N ALA Q 225 72.31 -39.22 46.24
CA ALA Q 225 71.80 -39.78 47.50
C ALA Q 225 71.46 -38.76 48.59
N PRO Q 226 72.25 -37.70 48.87
CA PRO Q 226 71.81 -36.76 49.92
C PRO Q 226 70.49 -36.06 49.61
N HIS Q 227 70.33 -35.62 48.37
CA HIS Q 227 69.06 -35.05 47.94
C HIS Q 227 67.92 -36.06 48.06
N ALA Q 228 68.19 -37.31 47.67
CA ALA Q 228 67.16 -38.34 47.72
C ALA Q 228 66.74 -38.62 49.16
N VAL Q 229 67.70 -38.81 50.06
CA VAL Q 229 67.35 -39.15 51.43
C VAL Q 229 66.65 -37.98 52.10
N LEU Q 230 67.05 -36.74 51.78
CA LEU Q 230 66.41 -35.60 52.40
C LEU Q 230 64.97 -35.43 51.92
N GLY Q 231 64.75 -35.52 50.60
CA GLY Q 231 63.42 -35.37 50.06
C GLY Q 231 62.47 -36.48 50.50
N PHE Q 232 62.91 -37.74 50.41
CA PHE Q 232 62.04 -38.82 50.84
C PHE Q 232 61.80 -38.80 52.35
N GLY Q 233 62.80 -38.41 53.14
CA GLY Q 233 62.58 -38.30 54.56
C GLY Q 233 61.56 -37.25 54.92
N VAL Q 234 61.67 -36.06 54.33
CA VAL Q 234 60.70 -35.00 54.67
C VAL Q 234 59.31 -35.34 54.14
N PHE Q 235 59.23 -36.01 52.98
CA PHE Q 235 57.92 -36.35 52.44
C PHE Q 235 57.26 -37.43 53.29
N GLY Q 236 58.03 -38.41 53.74
CA GLY Q 236 57.49 -39.41 54.64
C GLY Q 236 57.10 -38.85 55.99
N VAL Q 237 57.86 -37.87 56.49
CA VAL Q 237 57.51 -37.23 57.75
C VAL Q 237 56.19 -36.49 57.63
N ALA Q 238 56.00 -35.75 56.53
CA ALA Q 238 54.74 -35.05 56.32
C ALA Q 238 53.59 -36.03 56.16
N ALA Q 239 53.82 -37.15 55.47
CA ALA Q 239 52.80 -38.17 55.31
C ALA Q 239 52.49 -38.84 56.64
N MET Q 240 53.44 -38.86 57.57
CA MET Q 240 53.12 -39.39 58.88
C MET Q 240 52.34 -38.39 59.70
N LEU Q 241 52.64 -37.10 59.58
CA LEU Q 241 51.90 -36.09 60.33
C LEU Q 241 50.44 -36.01 59.89
N VAL Q 242 50.19 -36.13 58.59
CA VAL Q 242 48.82 -35.96 58.11
C VAL Q 242 47.89 -37.08 58.60
N MET Q 243 48.45 -38.21 59.05
CA MET Q 243 47.67 -39.19 59.80
C MET Q 243 47.11 -38.59 61.08
N ARG Q 244 47.97 -38.00 61.90
CA ARG Q 244 47.49 -37.57 63.20
C ARG Q 244 46.68 -36.29 63.08
N PHE Q 245 46.97 -35.44 62.11
CA PHE Q 245 46.18 -34.23 62.01
C PHE Q 245 44.90 -34.38 61.21
N THR Q 246 44.86 -35.27 60.21
CA THR Q 246 43.63 -35.45 59.44
C THR Q 246 43.03 -36.85 59.60
N GLY Q 247 43.80 -37.89 59.31
CA GLY Q 247 43.26 -39.23 59.41
C GLY Q 247 42.32 -39.57 58.28
N ARG Q 248 42.46 -38.91 57.13
CA ARG Q 248 41.61 -39.14 55.97
C ARG Q 248 42.44 -39.62 54.80
N ARG Q 249 41.88 -40.57 54.06
CA ARG Q 249 42.49 -41.16 52.86
C ARG Q 249 43.89 -41.65 53.18
N LEU Q 250 43.93 -42.65 54.06
CA LEU Q 250 45.15 -43.07 54.72
C LEU Q 250 45.83 -44.24 54.05
N GLY Q 251 45.19 -44.90 53.09
CA GLY Q 251 45.87 -45.96 52.37
C GLY Q 251 46.99 -45.44 51.50
N VAL Q 252 46.73 -44.33 50.80
CA VAL Q 252 47.72 -43.78 49.89
C VAL Q 252 48.91 -43.22 50.67
N TYR Q 253 48.62 -42.58 51.81
CA TYR Q 253 49.70 -42.11 52.67
C TYR Q 253 50.45 -43.25 53.33
N THR Q 254 49.79 -44.36 53.59
CA THR Q 254 50.50 -45.53 54.11
C THR Q 254 51.48 -46.08 53.09
N ALA Q 255 51.04 -46.19 51.83
CA ALA Q 255 51.94 -46.63 50.77
C ALA Q 255 53.10 -45.66 50.59
N LEU Q 256 52.80 -44.35 50.66
CA LEU Q 256 53.85 -43.35 50.51
C LEU Q 256 54.84 -43.39 51.65
N VAL Q 257 54.38 -43.58 52.89
CA VAL Q 257 55.32 -43.60 53.99
C VAL Q 257 56.13 -44.89 53.98
N THR Q 258 55.56 -45.98 53.44
CA THR Q 258 56.34 -47.20 53.24
C THR Q 258 57.48 -46.97 52.25
N LEU Q 259 57.15 -46.34 51.11
CA LEU Q 259 58.16 -46.06 50.10
C LEU Q 259 59.22 -45.09 50.62
N CYS Q 260 58.80 -44.09 51.38
CA CYS Q 260 59.77 -43.13 51.91
C CYS Q 260 60.64 -43.74 52.99
N ALA Q 261 60.10 -44.66 53.78
CA ALA Q 261 60.90 -45.35 54.78
C ALA Q 261 62.02 -46.15 54.12
N ALA Q 262 61.67 -46.89 53.05
CA ALA Q 262 62.68 -47.67 52.35
C ALA Q 262 63.70 -46.77 51.65
N ALA Q 263 63.24 -45.69 51.04
CA ALA Q 263 64.15 -44.80 50.32
C ALA Q 263 65.09 -44.08 51.30
N THR Q 264 64.57 -43.69 52.47
CA THR Q 264 65.42 -43.05 53.47
C THR Q 264 66.44 -44.03 54.04
N ALA Q 265 66.04 -45.29 54.23
CA ALA Q 265 67.00 -46.30 54.68
C ALA Q 265 68.10 -46.52 53.66
N ALA Q 266 67.76 -46.44 52.37
CA ALA Q 266 68.78 -46.54 51.34
C ALA Q 266 69.68 -45.32 51.32
N GLY Q 267 69.11 -44.13 51.50
CA GLY Q 267 69.92 -42.93 51.45
C GLY Q 267 70.89 -42.84 52.61
N LEU Q 268 70.44 -43.21 53.82
CA LEU Q 268 71.35 -43.25 54.95
C LEU Q 268 72.41 -44.34 54.76
N ALA Q 269 72.05 -45.44 54.09
CA ALA Q 269 73.05 -46.46 53.83
C ALA Q 269 74.08 -46.00 52.80
N ARG Q 270 73.70 -45.11 51.91
CA ARG Q 270 74.67 -44.59 50.95
C ARG Q 270 75.45 -43.39 51.46
N MET Q 271 74.98 -42.73 52.52
CA MET Q 271 75.75 -41.65 53.13
C MET Q 271 76.61 -42.10 54.32
N VAL Q 272 76.01 -42.76 55.31
CA VAL Q 272 76.80 -43.25 56.44
C VAL Q 272 77.78 -44.31 56.01
N LEU Q 273 77.39 -45.18 55.09
CA LEU Q 273 78.28 -46.17 54.51
C LEU Q 273 78.46 -45.88 53.02
N LEU Q 274 79.31 -46.67 52.38
CA LEU Q 274 79.50 -46.61 50.94
C LEU Q 274 79.11 -47.93 50.30
N THR Q 275 77.98 -48.47 50.73
CA THR Q 275 77.51 -49.77 50.28
C THR Q 275 77.14 -49.76 48.81
N SER Q 276 77.27 -50.91 48.17
CA SER Q 276 76.89 -51.04 46.77
C SER Q 276 75.37 -51.08 46.65
N ALA Q 277 74.91 -50.88 45.41
CA ALA Q 277 73.48 -50.88 45.15
C ALA Q 277 72.87 -52.25 45.32
N VAL Q 278 73.61 -53.30 44.95
CA VAL Q 278 73.09 -54.66 45.00
C VAL Q 278 72.86 -55.10 46.44
N THR Q 279 73.81 -54.79 47.32
CA THR Q 279 73.65 -55.05 48.75
C THR Q 279 72.39 -54.40 49.30
N LEU Q 280 72.13 -53.15 48.89
CA LEU Q 280 70.99 -52.43 49.42
C LEU Q 280 69.68 -52.98 48.88
N LEU Q 281 69.66 -53.33 47.59
CA LEU Q 281 68.47 -53.90 47.00
C LEU Q 281 68.12 -55.24 47.63
N THR Q 282 69.12 -56.08 47.90
CA THR Q 282 68.86 -57.34 48.59
C THR Q 282 68.41 -57.12 50.04
N CYS Q 283 68.96 -56.11 50.72
CA CYS Q 283 68.42 -55.68 52.01
C CYS Q 283 66.96 -55.25 51.91
N VAL Q 284 66.62 -54.49 50.88
CA VAL Q 284 65.27 -54.00 50.70
C VAL Q 284 64.31 -55.17 50.44
N LEU Q 285 64.70 -56.10 49.57
CA LEU Q 285 63.90 -57.30 49.34
C LEU Q 285 63.67 -58.09 50.63
N LEU Q 286 64.72 -58.23 51.45
CA LEU Q 286 64.58 -58.93 52.71
C LEU Q 286 63.58 -58.21 53.64
N ALA Q 287 63.73 -56.90 53.77
CA ALA Q 287 62.78 -56.09 54.52
C ALA Q 287 61.37 -56.22 53.98
N CYS Q 288 61.21 -56.28 52.66
CA CYS Q 288 59.90 -56.48 52.05
C CYS Q 288 59.26 -57.79 52.48
N VAL Q 289 59.97 -58.91 52.30
CA VAL Q 289 59.34 -60.20 52.58
C VAL Q 289 59.08 -60.37 54.08
N LEU Q 290 59.97 -59.83 54.92
CA LEU Q 290 59.68 -59.72 56.35
C LEU Q 290 58.45 -58.88 56.63
N MET Q 291 58.31 -57.74 55.95
CA MET Q 291 57.16 -56.88 56.23
C MET Q 291 55.87 -57.52 55.73
N TYR Q 292 55.93 -58.22 54.59
CA TYR Q 292 54.77 -58.98 54.12
C TYR Q 292 54.33 -59.97 55.17
N HIS Q 293 55.30 -60.62 55.83
CA HIS Q 293 54.94 -61.52 56.92
C HIS Q 293 54.32 -60.75 58.08
N GLY Q 294 54.88 -59.59 58.41
CA GLY Q 294 54.40 -58.75 59.52
C GLY Q 294 53.24 -57.82 59.24
N ALA Q 295 52.91 -57.58 57.96
CA ALA Q 295 51.93 -56.54 57.61
C ALA Q 295 50.56 -56.67 58.27
N PRO Q 296 49.88 -57.85 58.32
CA PRO Q 296 48.57 -57.88 58.99
C PRO Q 296 48.60 -57.54 60.46
N ALA Q 297 49.60 -58.02 61.19
CA ALA Q 297 49.74 -57.67 62.60
C ALA Q 297 49.99 -56.18 62.78
N LEU Q 298 50.92 -55.62 62.00
CA LEU Q 298 51.18 -54.18 62.03
C LEU Q 298 49.92 -53.39 61.74
N SER Q 299 49.13 -53.86 60.78
CA SER Q 299 47.86 -53.20 60.47
C SER Q 299 46.90 -53.25 61.64
N ARG Q 300 46.78 -54.41 62.30
CA ARG Q 300 45.97 -54.50 63.52
C ARG Q 300 46.46 -53.59 64.64
N TRP Q 301 47.77 -53.33 64.69
CA TRP Q 301 48.25 -52.32 65.63
C TRP Q 301 47.82 -50.93 65.21
N LEU Q 302 48.17 -50.53 63.98
CA LEU Q 302 47.80 -49.23 63.42
C LEU Q 302 46.29 -49.00 63.37
N SER Q 303 45.50 -50.05 63.55
CA SER Q 303 44.05 -49.95 63.64
C SER Q 303 43.60 -49.09 64.82
N GLY Q 304 44.41 -48.98 65.87
CA GLY Q 304 44.00 -48.31 67.08
C GLY Q 304 44.92 -47.19 67.53
N ILE Q 305 45.08 -46.14 66.72
CA ILE Q 305 45.98 -45.03 67.04
C ILE Q 305 45.21 -43.76 67.40
N ARG Q 306 43.89 -43.87 67.63
CA ARG Q 306 42.96 -42.79 67.99
C ARG Q 306 43.16 -41.48 67.21
N LEU Q 307 43.43 -41.63 65.92
CA LEU Q 307 43.44 -40.54 64.96
C LEU Q 307 42.00 -40.10 64.69
N PRO Q 308 41.79 -38.89 64.13
CA PRO Q 308 40.41 -38.40 63.95
C PRO Q 308 39.51 -39.32 63.15
N VAL Q 309 38.21 -39.18 63.40
CA VAL Q 309 37.26 -40.28 63.25
C VAL Q 309 36.47 -40.22 61.94
N PHE Q 310 36.91 -39.43 60.95
CA PHE Q 310 36.14 -39.18 59.74
C PHE Q 310 35.69 -40.47 59.04
N PRO Q 311 34.40 -40.74 58.97
CA PRO Q 311 33.91 -42.00 58.38
C PRO Q 311 34.17 -42.06 56.88
N SER Q 312 34.75 -43.17 56.44
CA SER Q 312 34.87 -43.48 55.03
C SER Q 312 33.53 -43.95 54.46
N ALA Q 313 33.53 -44.19 53.14
CA ALA Q 313 32.30 -44.32 52.36
C ALA Q 313 31.41 -45.44 52.87
N THR Q 314 31.98 -46.59 53.16
CA THR Q 314 31.20 -47.72 53.63
C THR Q 314 30.62 -47.45 55.01
N SER Q 315 31.44 -46.92 55.91
CA SER Q 315 30.95 -46.52 57.22
C SER Q 315 29.89 -45.42 57.11
N ARG Q 316 30.09 -44.45 56.22
CA ARG Q 316 29.08 -43.41 56.03
C ARG Q 316 27.77 -44.01 55.58
N TRP Q 317 27.83 -44.95 54.65
CA TRP Q 317 26.61 -45.45 54.04
C TRP Q 317 25.99 -46.58 54.86
N VAL Q 318 26.69 -47.05 55.89
CA VAL Q 318 26.03 -47.78 56.97
C VAL Q 318 25.34 -46.81 57.92
N PHE Q 319 26.06 -45.78 58.37
CA PHE Q 319 25.55 -44.85 59.38
C PHE Q 319 24.34 -44.08 58.90
N GLU Q 320 24.17 -43.93 57.59
CA GLU Q 320 22.96 -43.29 57.12
C GLU Q 320 21.74 -44.19 57.29
N ALA Q 321 21.94 -45.51 57.34
CA ALA Q 321 20.83 -46.44 57.45
C ALA Q 321 20.51 -46.78 58.90
N ARG Q 322 21.20 -46.17 59.85
CA ARG Q 322 21.15 -46.59 61.25
C ARG Q 322 21.03 -45.35 62.12
N PRO Q 323 20.64 -45.47 63.41
CA PRO Q 323 20.82 -44.33 64.33
C PRO Q 323 22.25 -43.82 64.43
N LEU Q 339 31.36 -49.75 75.30
CA LEU Q 339 31.39 -50.92 74.46
C LEU Q 339 30.04 -51.63 74.57
N GLU Q 340 28.98 -50.84 74.63
CA GLU Q 340 27.62 -51.35 74.61
C GLU Q 340 26.79 -50.43 73.71
N GLY Q 341 25.73 -50.99 73.14
CA GLY Q 341 24.87 -50.27 72.24
C GLY Q 341 25.48 -49.93 70.90
N PRO Q 342 24.81 -49.05 70.16
CA PRO Q 342 25.28 -48.66 68.82
C PRO Q 342 26.65 -48.00 68.75
N ALA Q 343 27.06 -47.25 69.78
CA ALA Q 343 28.40 -46.68 69.80
C ALA Q 343 29.50 -47.74 69.71
N SER Q 344 29.24 -48.93 70.25
CA SER Q 344 30.16 -50.05 70.09
C SER Q 344 30.29 -50.44 68.63
N VAL Q 345 29.16 -50.69 67.96
CA VAL Q 345 29.15 -51.07 66.55
C VAL Q 345 29.89 -50.03 65.71
N ARG Q 346 29.55 -48.77 65.92
CA ARG Q 346 30.16 -47.64 65.21
C ARG Q 346 31.68 -47.64 65.36
N ASP Q 347 32.17 -47.77 66.60
CA ASP Q 347 33.62 -47.82 66.81
C ASP Q 347 34.26 -49.04 66.17
N VAL Q 348 33.65 -50.22 66.34
CA VAL Q 348 34.22 -51.45 65.83
C VAL Q 348 34.32 -51.42 64.30
N LEU Q 349 33.28 -50.89 63.66
CA LEU Q 349 33.26 -50.77 62.20
C LEU Q 349 34.30 -49.78 61.71
N LEU Q 350 34.40 -48.60 62.33
CA LEU Q 350 35.44 -47.65 61.94
C LEU Q 350 36.83 -48.24 62.12
N ARG Q 351 37.05 -48.91 63.25
CA ARG Q 351 38.34 -49.53 63.55
C ARG Q 351 38.71 -50.61 62.53
N ALA Q 352 37.73 -51.40 62.09
CA ALA Q 352 37.97 -52.36 61.02
C ALA Q 352 38.25 -51.70 59.69
N GLU Q 353 37.53 -50.63 59.36
CA GLU Q 353 37.76 -49.96 58.09
C GLU Q 353 39.16 -49.34 58.02
N ARG Q 354 39.59 -48.71 59.11
CA ARG Q 354 40.97 -48.27 59.24
C ARG Q 354 41.95 -49.40 59.04
N ALA Q 355 41.69 -50.55 59.68
CA ALA Q 355 42.58 -51.70 59.53
C ALA Q 355 42.72 -52.11 58.07
N ARG Q 356 41.57 -52.30 57.39
CA ARG Q 356 41.55 -52.68 55.99
C ARG Q 356 42.31 -51.70 55.12
N SER Q 357 42.14 -50.40 55.37
CA SER Q 357 42.77 -49.41 54.51
C SER Q 357 44.28 -49.38 54.74
N PHE Q 358 44.71 -49.48 56.00
CA PHE Q 358 46.14 -49.52 56.29
C PHE Q 358 46.78 -50.71 55.64
N LEU Q 359 46.14 -51.88 55.77
CA LEU Q 359 46.66 -53.11 55.21
C LEU Q 359 46.82 -53.00 53.69
N THR Q 360 45.78 -52.48 53.02
CA THR Q 360 45.84 -52.31 51.57
C THR Q 360 46.95 -51.35 51.15
N GLY Q 361 47.09 -50.23 51.86
CA GLY Q 361 48.16 -49.30 51.54
C GLY Q 361 49.53 -49.92 51.72
N LEU Q 362 49.72 -50.67 52.81
CA LEU Q 362 50.97 -51.35 53.07
C LEU Q 362 51.31 -52.31 51.94
N LEU Q 363 50.36 -53.17 51.57
CA LEU Q 363 50.62 -54.15 50.51
C LEU Q 363 50.96 -53.49 49.19
N VAL Q 364 50.28 -52.38 48.84
CA VAL Q 364 50.65 -51.67 47.62
C VAL Q 364 52.09 -51.12 47.70
N GLY Q 365 52.46 -50.55 48.84
CA GLY Q 365 53.82 -50.03 48.97
C GLY Q 365 54.87 -51.10 48.89
N LEU Q 366 54.62 -52.24 49.54
CA LEU Q 366 55.55 -53.36 49.46
C LEU Q 366 55.63 -53.91 48.04
N GLY Q 367 54.50 -53.95 47.33
CA GLY Q 367 54.50 -54.42 45.96
C GLY Q 367 55.39 -53.58 45.06
N VAL Q 368 55.27 -52.27 45.17
CA VAL Q 368 56.15 -51.34 44.47
C VAL Q 368 57.61 -51.59 44.83
N LEU Q 369 57.91 -51.68 46.13
CA LEU Q 369 59.29 -51.89 46.55
C LEU Q 369 59.85 -53.20 46.03
N THR Q 370 59.04 -54.25 46.04
CA THR Q 370 59.47 -55.57 45.59
C THR Q 370 59.78 -55.57 44.10
N VAL Q 371 58.91 -54.98 43.29
CA VAL Q 371 59.21 -54.94 41.86
C VAL Q 371 60.39 -54.03 41.56
N VAL Q 372 60.52 -52.90 42.26
CA VAL Q 372 61.64 -52.01 41.97
C VAL Q 372 62.98 -52.63 42.38
N CYS Q 373 63.01 -53.39 43.48
CA CYS Q 373 64.27 -54.06 43.84
C CYS Q 373 64.61 -55.22 42.91
N LEU Q 374 63.62 -56.04 42.54
CA LEU Q 374 63.89 -57.11 41.59
C LEU Q 374 64.31 -56.57 40.23
N ALA Q 375 63.72 -55.47 39.78
CA ALA Q 375 64.17 -54.83 38.55
C ALA Q 375 65.59 -54.32 38.66
N GLY Q 376 65.94 -53.69 39.79
CA GLY Q 376 67.29 -53.23 40.01
C GLY Q 376 68.34 -54.33 40.11
N LEU Q 377 67.95 -55.52 40.56
CA LEU Q 377 68.95 -56.59 40.69
C LEU Q 377 69.28 -57.27 39.37
N CYS Q 378 68.29 -57.59 38.56
CA CYS Q 378 68.47 -58.45 37.39
C CYS Q 378 69.03 -57.69 36.19
N ASP Q 379 70.25 -57.18 36.32
CA ASP Q 379 70.99 -56.80 35.13
C ASP Q 379 71.36 -58.04 34.33
N PRO Q 380 71.12 -58.05 33.01
CA PRO Q 380 71.50 -59.22 32.20
C PRO Q 380 72.99 -59.36 32.00
N HIS Q 381 73.74 -58.26 32.02
CA HIS Q 381 75.17 -58.32 31.69
C HIS Q 381 76.02 -58.38 32.95
N ALA Q 382 75.66 -59.34 33.81
CA ALA Q 382 76.37 -59.63 35.04
C ALA Q 382 76.62 -61.13 35.14
N GLY Q 383 77.73 -61.50 35.78
CA GLY Q 383 78.10 -62.89 35.92
C GLY Q 383 77.26 -63.69 36.90
N ARG Q 384 76.63 -63.02 37.86
CA ARG Q 384 75.80 -63.68 38.86
C ARG Q 384 74.33 -63.75 38.49
N ARG Q 385 74.01 -63.47 37.22
CA ARG Q 385 72.66 -63.14 36.78
C ARG Q 385 71.65 -64.25 37.07
N TRP Q 386 72.09 -65.51 37.10
CA TRP Q 386 71.20 -66.63 37.33
C TRP Q 386 70.55 -66.60 38.71
N LEU Q 387 71.27 -66.05 39.70
CA LEU Q 387 70.78 -66.07 41.08
C LEU Q 387 69.54 -65.20 41.30
N PRO Q 388 69.53 -63.90 40.95
CA PRO Q 388 68.32 -63.11 41.26
C PRO Q 388 67.08 -63.59 40.53
N LEU Q 389 67.20 -64.26 39.39
CA LEU Q 389 66.04 -64.90 38.79
C LEU Q 389 65.43 -65.96 39.72
N LEU Q 390 66.27 -66.67 40.47
CA LEU Q 390 65.77 -67.57 41.51
C LEU Q 390 65.09 -66.80 42.62
N LEU Q 391 65.69 -65.68 43.03
CA LEU Q 391 65.06 -64.81 44.02
C LEU Q 391 63.68 -64.33 43.56
N ALA Q 392 63.58 -63.97 42.28
CA ALA Q 392 62.32 -63.60 41.65
C ALA Q 392 61.28 -64.72 41.76
N ALA Q 393 61.65 -65.93 41.35
CA ALA Q 393 60.72 -67.05 41.40
C ALA Q 393 60.25 -67.36 42.83
N PHE Q 394 61.19 -67.39 43.78
CA PHE Q 394 60.84 -67.61 45.18
C PHE Q 394 59.87 -66.56 45.70
N THR Q 395 60.15 -65.28 45.40
CA THR Q 395 59.28 -64.20 45.84
C THR Q 395 57.92 -64.31 45.18
N PHE Q 396 57.91 -64.66 43.90
CA PHE Q 396 56.69 -64.84 43.11
C PHE Q 396 55.75 -65.86 43.78
N GLY Q 397 56.29 -67.03 44.11
CA GLY Q 397 55.51 -68.01 44.87
C GLY Q 397 55.07 -67.51 46.24
N PHE Q 398 55.99 -66.89 46.98
CA PHE Q 398 55.68 -66.40 48.31
C PHE Q 398 54.53 -65.40 48.29
N LEU Q 399 54.58 -64.47 47.35
CA LEU Q 399 53.47 -63.53 47.14
C LEU Q 399 52.17 -64.25 46.81
N ILE Q 400 52.24 -65.31 45.98
CA ILE Q 400 51.01 -66.02 45.64
C ILE Q 400 50.40 -66.74 46.85
N LEU Q 401 51.23 -67.18 47.81
CA LEU Q 401 50.71 -67.59 49.13
C LEU Q 401 49.75 -66.56 49.71
N ARG Q 402 50.23 -65.34 49.85
CA ARG Q 402 49.45 -64.30 50.51
C ARG Q 402 48.20 -63.98 49.70
N GLY Q 403 48.37 -63.93 48.37
CA GLY Q 403 47.24 -63.73 47.47
C GLY Q 403 46.13 -64.73 47.65
N ARG Q 404 46.48 -66.00 47.83
CA ARG Q 404 45.44 -66.99 48.12
C ARG Q 404 44.98 -66.92 49.56
N SER Q 405 45.76 -66.34 50.46
CA SER Q 405 45.43 -66.35 51.87
C SER Q 405 44.63 -65.13 52.31
N TYR Q 406 44.91 -63.95 51.76
CA TYR Q 406 44.28 -62.73 52.24
C TYR Q 406 42.89 -62.53 51.65
N VAL Q 407 41.98 -62.04 52.48
CA VAL Q 407 40.55 -62.10 52.20
C VAL Q 407 40.11 -60.99 51.24
N ASP Q 408 40.58 -59.75 51.42
CA ASP Q 408 40.09 -58.62 50.65
C ASP Q 408 40.45 -58.79 49.18
N ARG Q 409 39.43 -58.68 48.33
CA ARG Q 409 39.58 -58.67 46.88
C ARG Q 409 40.73 -57.82 46.40
N TRP Q 410 40.82 -56.58 46.87
CA TRP Q 410 41.81 -55.69 46.28
C TRP Q 410 43.19 -55.89 46.89
N GLN Q 411 43.29 -56.74 47.91
CA GLN Q 411 44.58 -57.11 48.45
C GLN Q 411 45.12 -58.34 47.74
N ALA Q 412 44.26 -59.33 47.54
CA ALA Q 412 44.63 -60.47 46.70
C ALA Q 412 45.03 -59.99 45.31
N ILE Q 413 44.25 -59.08 44.75
CA ILE Q 413 44.55 -58.52 43.43
C ILE Q 413 45.84 -57.71 43.47
N THR Q 414 46.10 -56.99 44.57
CA THR Q 414 47.38 -56.31 44.74
C THR Q 414 48.55 -57.29 44.68
N LEU Q 415 48.46 -58.36 45.48
CA LEU Q 415 49.52 -59.36 45.57
C LEU Q 415 49.77 -60.04 44.22
N ALA Q 416 48.69 -60.43 43.55
CA ALA Q 416 48.80 -61.03 42.22
C ALA Q 416 49.44 -60.07 41.22
N ALA Q 417 48.97 -58.81 41.22
CA ALA Q 417 49.52 -57.79 40.33
C ALA Q 417 51.01 -57.59 40.53
N THR Q 418 51.46 -57.38 41.77
CA THR Q 418 52.89 -57.20 42.01
C THR Q 418 53.68 -58.45 41.63
N ALA Q 419 53.14 -59.64 41.92
CA ALA Q 419 53.81 -60.87 41.53
C ALA Q 419 54.05 -60.94 40.02
N VAL Q 420 53.01 -60.63 39.24
CA VAL Q 420 53.18 -60.55 37.78
C VAL Q 420 54.22 -59.50 37.40
N LEU Q 421 54.14 -58.33 38.04
CA LEU Q 421 55.00 -57.22 37.66
C LEU Q 421 56.46 -57.51 37.95
N ILE Q 422 56.76 -58.38 38.93
CA ILE Q 422 58.12 -58.89 39.11
C ILE Q 422 58.65 -59.45 37.80
N ILE Q 423 57.89 -60.37 37.22
CA ILE Q 423 58.30 -61.08 36.02
C ILE Q 423 58.46 -60.11 34.86
N ALA Q 424 57.45 -59.25 34.67
CA ALA Q 424 57.50 -58.26 33.60
C ALA Q 424 58.69 -57.33 33.71
N ALA Q 425 58.96 -56.83 34.92
CA ALA Q 425 60.07 -55.91 35.14
C ALA Q 425 61.42 -56.56 34.88
N VAL Q 426 61.65 -57.77 35.41
CA VAL Q 426 62.94 -58.41 35.16
C VAL Q 426 63.08 -58.81 33.70
N ALA Q 427 61.99 -59.24 33.06
CA ALA Q 427 62.03 -59.60 31.64
C ALA Q 427 62.45 -58.41 30.79
N VAL Q 428 61.82 -57.26 31.00
CA VAL Q 428 62.18 -56.09 30.22
C VAL Q 428 63.59 -55.62 30.56
N ARG Q 429 63.98 -55.66 31.85
CA ARG Q 429 65.33 -55.27 32.26
C ARG Q 429 66.40 -56.09 31.55
N TYR Q 430 66.12 -57.37 31.29
CA TYR Q 430 66.98 -58.10 30.37
C TYR Q 430 66.85 -57.58 28.95
N VAL Q 431 65.68 -57.79 28.34
CA VAL Q 431 65.57 -57.77 26.89
C VAL Q 431 65.74 -56.38 26.27
N LEU Q 432 65.64 -55.31 27.05
CA LEU Q 432 65.78 -53.98 26.48
C LEU Q 432 67.24 -53.67 26.16
N VAL Q 433 68.14 -53.87 27.11
CA VAL Q 433 69.55 -53.55 26.92
C VAL Q 433 70.39 -54.74 26.46
N SER Q 434 69.92 -55.96 26.63
CA SER Q 434 70.59 -57.12 26.05
C SER Q 434 70.07 -57.34 24.64
N GLY Q 435 70.80 -56.81 23.66
CA GLY Q 435 70.43 -56.85 22.26
C GLY Q 435 70.63 -58.19 21.60
N SER Q 436 69.82 -59.19 21.97
CA SER Q 436 69.90 -60.50 21.34
C SER Q 436 68.51 -61.06 21.09
N PRO Q 437 68.29 -61.64 19.91
CA PRO Q 437 67.04 -62.39 19.66
C PRO Q 437 66.75 -63.50 20.66
N ALA Q 438 67.78 -64.13 21.23
CA ALA Q 438 67.59 -65.22 22.18
C ALA Q 438 66.80 -64.77 23.40
N VAL Q 439 67.33 -63.77 24.12
CA VAL Q 439 66.66 -63.24 25.30
C VAL Q 439 65.30 -62.64 24.93
N LEU Q 440 65.21 -62.00 23.76
CA LEU Q 440 63.94 -61.47 23.28
C LEU Q 440 62.88 -62.57 23.21
N SER Q 441 63.19 -63.66 22.50
CA SER Q 441 62.22 -64.74 22.31
C SER Q 441 61.85 -65.39 23.63
N ALA Q 442 62.84 -65.54 24.52
CA ALA Q 442 62.59 -66.11 25.85
C ALA Q 442 61.65 -65.21 26.66
N GLY Q 443 61.93 -63.92 26.68
CA GLY Q 443 61.11 -63.00 27.44
C GLY Q 443 59.70 -62.96 26.91
N VAL Q 444 59.54 -62.72 25.61
CA VAL Q 444 58.20 -62.55 25.04
C VAL Q 444 57.38 -63.83 25.21
N ALA Q 445 58.03 -65.00 25.08
CA ALA Q 445 57.33 -66.26 25.28
C ALA Q 445 56.84 -66.42 26.71
N VAL Q 446 57.72 -66.18 27.69
CA VAL Q 446 57.24 -66.34 29.06
C VAL Q 446 56.22 -65.26 29.39
N LEU Q 447 56.41 -64.06 28.84
CA LEU Q 447 55.53 -62.92 29.06
C LEU Q 447 54.13 -63.15 28.53
N VAL Q 448 53.95 -64.07 27.59
CA VAL Q 448 52.59 -64.35 27.15
C VAL Q 448 52.07 -65.65 27.75
N LEU Q 449 52.95 -66.63 27.96
CA LEU Q 449 52.48 -67.93 28.46
C LEU Q 449 52.17 -67.89 29.95
N LEU Q 450 52.98 -67.19 30.74
CA LEU Q 450 52.85 -67.23 32.20
C LEU Q 450 51.54 -66.65 32.72
N PRO Q 451 51.09 -65.44 32.33
CA PRO Q 451 49.75 -65.02 32.76
C PRO Q 451 48.63 -65.91 32.23
N ALA Q 452 48.82 -66.58 31.10
CA ALA Q 452 47.79 -67.49 30.61
C ALA Q 452 47.67 -68.72 31.52
N ALA Q 453 48.79 -69.21 32.04
CA ALA Q 453 48.75 -70.19 33.13
C ALA Q 453 48.08 -69.63 34.38
N GLY Q 454 48.43 -68.41 34.78
CA GLY Q 454 47.77 -67.76 35.91
C GLY Q 454 46.27 -67.65 35.79
N LEU Q 455 45.79 -67.36 34.58
CA LEU Q 455 44.36 -67.43 34.28
C LEU Q 455 43.83 -68.86 34.36
N THR Q 456 44.55 -69.79 33.72
CA THR Q 456 44.14 -71.19 33.61
C THR Q 456 43.82 -71.82 34.98
N ALA Q 457 44.57 -71.44 36.01
CA ALA Q 457 44.37 -71.95 37.36
C ALA Q 457 42.98 -71.68 37.93
N ALA Q 458 42.26 -70.71 37.40
CA ALA Q 458 40.86 -70.49 37.77
C ALA Q 458 39.88 -70.68 36.62
N ALA Q 459 40.30 -70.46 35.38
CA ALA Q 459 39.38 -70.55 34.25
C ALA Q 459 38.95 -71.99 33.97
N VAL Q 460 39.90 -72.91 33.86
CA VAL Q 460 39.54 -74.30 33.60
C VAL Q 460 39.33 -75.09 34.89
N VAL Q 461 40.12 -74.83 35.93
CA VAL Q 461 40.02 -75.57 37.19
C VAL Q 461 38.68 -75.28 37.85
N PRO Q 462 37.84 -76.31 38.12
CA PRO Q 462 36.45 -76.08 38.50
C PRO Q 462 36.33 -75.31 39.82
N ASN Q 463 35.92 -74.04 39.69
CA ASN Q 463 35.79 -73.09 40.81
C ASN Q 463 37.06 -72.98 41.66
N THR Q 464 38.22 -73.27 41.05
CA THR Q 464 39.53 -73.30 41.73
C THR Q 464 39.54 -74.32 42.88
N ILE Q 465 38.70 -75.36 42.80
CA ILE Q 465 38.70 -76.40 43.81
C ILE Q 465 39.93 -77.28 43.68
N TYR Q 466 40.64 -77.45 44.79
CA TYR Q 466 41.62 -78.51 44.99
C TYR Q 466 41.39 -79.08 46.37
N SER Q 467 41.98 -80.24 46.64
CA SER Q 467 41.86 -80.82 47.97
C SER Q 467 42.61 -79.96 48.99
N PRO Q 468 42.15 -79.97 50.25
CA PRO Q 468 42.89 -79.27 51.31
C PRO Q 468 44.32 -79.73 51.46
N LEU Q 469 44.58 -81.03 51.31
CA LEU Q 469 45.94 -81.56 51.32
C LEU Q 469 46.79 -80.97 50.20
N PHE Q 470 46.27 -80.96 48.97
CA PHE Q 470 47.00 -80.37 47.85
C PHE Q 470 47.24 -78.89 48.06
N ARG Q 471 46.24 -78.17 48.54
CA ARG Q 471 46.40 -76.76 48.92
C ARG Q 471 47.52 -76.56 49.94
N LYS Q 472 47.48 -77.31 51.04
CA LYS Q 472 48.55 -77.26 52.05
C LYS Q 472 49.92 -77.63 51.49
N ILE Q 473 49.98 -78.56 50.53
CA ILE Q 473 51.24 -78.89 49.87
C ILE Q 473 51.76 -77.73 49.02
N VAL Q 474 50.87 -77.07 48.27
CA VAL Q 474 51.23 -75.85 47.56
C VAL Q 474 51.70 -74.76 48.52
N GLU Q 475 51.04 -74.65 49.68
CA GLU Q 475 51.48 -73.75 50.73
C GLU Q 475 52.85 -74.13 51.29
N TRP Q 476 53.11 -75.42 51.43
CA TRP Q 476 54.45 -75.90 51.76
C TRP Q 476 55.48 -75.51 50.71
N ILE Q 477 55.17 -75.68 49.42
CA ILE Q 477 56.14 -75.40 48.37
C ILE Q 477 56.50 -73.91 48.35
N GLU Q 478 55.48 -73.07 48.35
CA GLU Q 478 55.74 -71.63 48.35
C GLU Q 478 56.24 -71.12 49.70
N TYR Q 479 56.07 -71.88 50.78
CA TYR Q 479 56.83 -71.59 52.01
C TYR Q 479 58.28 -72.02 51.90
N LEU Q 480 58.54 -73.17 51.26
CA LEU Q 480 59.89 -73.67 51.03
C LEU Q 480 60.66 -72.79 50.04
N CYS Q 481 59.96 -71.88 49.39
CA CYS Q 481 60.63 -70.80 48.66
C CYS Q 481 61.29 -69.77 49.59
N LEU Q 482 60.85 -69.63 50.84
CA LEU Q 482 61.32 -68.53 51.67
C LEU Q 482 62.71 -68.73 52.25
N MET Q 483 62.97 -69.84 52.92
CA MET Q 483 64.29 -70.03 53.53
C MET Q 483 65.50 -70.11 52.58
N PRO Q 484 65.37 -70.43 51.28
CA PRO Q 484 66.48 -70.13 50.35
C PRO Q 484 66.85 -68.66 50.18
N ILE Q 485 65.94 -67.72 50.43
CA ILE Q 485 66.29 -66.31 50.31
C ILE Q 485 67.36 -65.89 51.31
N PHE Q 486 67.26 -66.33 52.57
CA PHE Q 486 68.20 -66.02 53.66
C PHE Q 486 69.67 -66.26 53.29
N PRO Q 487 70.09 -67.47 52.84
CA PRO Q 487 71.49 -67.59 52.42
C PRO Q 487 71.77 -66.84 51.13
N LEU Q 488 70.83 -66.79 50.20
CA LEU Q 488 71.04 -66.00 48.98
C LEU Q 488 71.18 -64.52 49.32
N ALA Q 489 70.44 -64.05 50.32
CA ALA Q 489 70.63 -62.69 50.81
C ALA Q 489 72.04 -62.48 51.36
N LEU Q 490 72.53 -63.44 52.14
CA LEU Q 490 73.94 -63.41 52.56
C LEU Q 490 74.92 -63.44 51.38
N TRP Q 491 74.63 -64.25 50.36
CA TRP Q 491 75.56 -64.44 49.24
C TRP Q 491 75.59 -63.25 48.29
N LEU Q 492 74.45 -62.59 48.09
CA LEU Q 492 74.44 -61.37 47.28
C LEU Q 492 74.89 -60.17 48.07
N MET Q 493 74.71 -60.17 49.40
CA MET Q 493 75.40 -59.17 50.21
C MET Q 493 76.91 -59.37 50.16
N ASN Q 494 77.37 -60.61 50.29
CA ASN Q 494 78.77 -60.96 49.99
C ASN Q 494 78.91 -62.45 49.66
N ALA R 13 -10.49 -44.66 46.33
CA ALA R 13 -10.26 -45.20 45.00
C ALA R 13 -9.64 -44.14 44.09
N PRO R 14 -8.93 -44.55 43.04
CA PRO R 14 -8.32 -43.58 42.13
C PRO R 14 -9.33 -42.76 41.36
N VAL R 15 -8.81 -41.81 40.59
CA VAL R 15 -9.63 -40.91 39.78
C VAL R 15 -9.19 -41.03 38.33
N VAL R 16 -10.12 -40.79 37.41
CA VAL R 16 -9.83 -40.73 35.99
C VAL R 16 -10.76 -39.72 35.36
N LYS R 17 -10.28 -39.01 34.34
CA LYS R 17 -11.12 -38.01 33.70
C LYS R 17 -10.96 -38.02 32.18
N PRO R 18 -12.06 -38.00 31.44
CA PRO R 18 -12.00 -37.76 30.00
C PRO R 18 -11.64 -36.31 29.67
N GLU R 19 -10.98 -36.13 28.53
CA GLU R 19 -10.63 -34.81 28.04
C GLU R 19 -10.80 -34.79 26.53
N ASN R 20 -10.90 -33.58 25.98
CA ASN R 20 -10.90 -33.39 24.54
C ASN R 20 -9.89 -32.31 24.19
N ILE R 21 -8.97 -32.64 23.28
CA ILE R 21 -7.87 -31.76 22.90
C ILE R 21 -7.81 -31.71 21.38
N VAL R 22 -8.03 -30.53 20.81
CA VAL R 22 -7.83 -30.36 19.38
C VAL R 22 -6.34 -30.33 19.06
N LEU R 23 -5.95 -31.15 18.09
CA LEU R 23 -4.58 -31.11 17.60
C LEU R 23 -4.32 -29.82 16.82
N PRO R 24 -3.10 -29.29 16.89
CA PRO R 24 -2.78 -28.06 16.17
C PRO R 24 -2.74 -28.26 14.67
N THR R 25 -2.88 -27.16 13.95
CA THR R 25 -2.88 -27.20 12.49
C THR R 25 -1.45 -27.18 11.95
N PRO R 26 -1.08 -28.13 11.09
CA PRO R 26 0.25 -28.14 10.47
C PRO R 26 0.54 -26.89 9.66
N LEU R 27 1.83 -26.66 9.43
CA LEU R 27 2.26 -25.54 8.61
C LEU R 27 1.90 -25.74 7.15
N SER R 28 1.83 -24.63 6.43
CA SER R 28 1.61 -24.61 4.99
C SER R 28 2.81 -23.98 4.30
N VAL R 29 3.11 -24.45 3.09
CA VAL R 29 4.22 -23.89 2.32
C VAL R 29 3.92 -23.93 0.83
N PRO R 30 4.01 -22.78 0.14
CA PRO R 30 3.83 -22.75 -1.31
C PRO R 30 4.93 -23.49 -2.04
N PRO R 31 4.58 -24.43 -2.93
CA PRO R 31 5.61 -25.14 -3.69
C PRO R 31 6.34 -24.20 -4.63
N PRO R 32 7.67 -24.32 -4.72
CA PRO R 32 8.43 -23.49 -5.67
C PRO R 32 8.04 -23.75 -7.12
N GLU R 33 7.92 -22.67 -7.89
CA GLU R 33 7.45 -22.75 -9.27
C GLU R 33 8.53 -23.21 -10.24
N GLY R 34 9.80 -22.96 -9.93
CA GLY R 34 10.93 -23.22 -10.81
C GLY R 34 11.25 -22.09 -11.77
N LYS R 35 12.53 -21.75 -11.81
CA LYS R 35 13.06 -20.67 -12.62
C LYS R 35 12.89 -20.88 -14.12
N PRO R 36 12.58 -19.83 -14.88
CA PRO R 36 12.44 -19.95 -16.34
C PRO R 36 13.78 -20.13 -17.02
N TRP R 37 13.73 -20.69 -18.24
CA TRP R 37 14.92 -21.12 -18.96
C TRP R 37 15.88 -19.97 -19.27
N TRP R 38 15.34 -18.79 -19.59
CA TRP R 38 16.18 -17.65 -19.90
C TRP R 38 17.04 -17.22 -18.72
N LEU R 39 16.56 -17.46 -17.50
CA LEU R 39 17.32 -17.08 -16.31
C LEU R 39 18.65 -17.83 -16.26
N VAL R 40 18.64 -19.10 -16.67
CA VAL R 40 19.84 -19.91 -16.76
C VAL R 40 20.79 -19.37 -17.81
N VAL R 41 20.25 -19.00 -18.97
CA VAL R 41 21.07 -18.37 -20.01
C VAL R 41 21.73 -17.09 -19.51
N VAL R 42 20.94 -16.23 -18.85
CA VAL R 42 21.45 -15.00 -18.27
C VAL R 42 22.55 -15.26 -17.24
N GLY R 43 22.34 -16.23 -16.35
CA GLY R 43 23.36 -16.59 -15.37
C GLY R 43 24.67 -17.00 -16.01
N VAL R 44 24.59 -17.85 -17.03
CA VAL R 44 25.80 -18.28 -17.74
C VAL R 44 26.47 -17.11 -18.43
N LEU R 45 25.69 -16.19 -19.01
CA LEU R 45 26.27 -15.02 -19.63
C LEU R 45 26.99 -14.12 -18.62
N VAL R 46 26.36 -13.87 -17.47
CA VAL R 46 26.96 -13.09 -16.40
C VAL R 46 28.29 -13.67 -15.94
N VAL R 47 28.34 -14.99 -15.73
CA VAL R 47 29.60 -15.64 -15.38
C VAL R 47 30.63 -15.51 -16.49
N GLY R 48 30.19 -15.66 -17.74
CA GLY R 48 31.09 -15.45 -18.87
C GLY R 48 31.71 -14.07 -18.92
N LEU R 49 30.92 -13.04 -18.61
CA LEU R 49 31.45 -11.69 -18.54
C LEU R 49 32.46 -11.55 -17.40
N LEU R 50 32.12 -12.06 -16.22
CA LEU R 50 33.02 -11.96 -15.07
C LEU R 50 34.38 -12.60 -15.36
N VAL R 51 34.36 -13.84 -15.87
CA VAL R 51 35.62 -14.50 -16.20
C VAL R 51 36.35 -13.79 -17.34
N GLY R 52 35.62 -13.24 -18.32
CA GLY R 52 36.28 -12.49 -19.38
C GLY R 52 37.01 -11.27 -18.87
N MET R 53 36.38 -10.55 -17.95
CA MET R 53 36.97 -9.35 -17.37
C MET R 53 38.25 -9.69 -16.59
N VAL R 54 38.16 -10.63 -15.64
CA VAL R 54 39.34 -10.98 -14.85
C VAL R 54 40.45 -11.56 -15.73
N GLY R 55 40.09 -12.39 -16.72
CA GLY R 55 41.06 -12.87 -17.68
C GLY R 55 41.81 -11.79 -18.43
N MET R 56 41.09 -10.81 -18.99
CA MET R 56 41.73 -9.64 -19.56
C MET R 56 42.50 -8.77 -18.55
N THR R 57 42.20 -8.85 -17.24
CA THR R 57 43.10 -8.22 -16.28
C THR R 57 44.41 -8.98 -16.13
N VAL R 58 44.33 -10.31 -16.12
CA VAL R 58 45.55 -11.11 -16.05
C VAL R 58 46.39 -10.93 -17.31
N ALA R 59 45.72 -10.93 -18.47
CA ALA R 59 46.41 -10.71 -19.74
C ALA R 59 46.99 -9.30 -19.86
N SER R 60 46.35 -8.30 -19.24
CA SER R 60 46.89 -6.95 -19.33
C SER R 60 47.91 -6.66 -18.25
N GLY R 61 47.78 -7.29 -17.08
CA GLY R 61 48.82 -7.32 -16.07
C GLY R 61 49.15 -6.04 -15.33
N SER R 62 48.79 -4.87 -15.85
CA SER R 62 49.10 -3.63 -15.16
C SER R 62 48.18 -3.46 -13.95
N ARG R 63 48.76 -3.04 -12.82
CA ARG R 63 48.06 -3.00 -11.54
C ARG R 63 46.86 -2.05 -11.56
N LEU R 64 46.88 -1.04 -12.43
CA LEU R 64 45.71 -0.21 -12.67
C LEU R 64 44.52 -1.04 -13.15
N PHE R 65 44.75 -1.88 -14.17
CA PHE R 65 43.66 -2.71 -14.69
C PHE R 65 43.21 -3.73 -13.65
N LEU R 66 44.17 -4.32 -12.91
CA LEU R 66 43.82 -5.24 -11.82
C LEU R 66 43.03 -4.55 -10.71
N GLY R 67 43.26 -3.25 -10.48
CA GLY R 67 42.38 -2.53 -9.58
C GLY R 67 41.00 -2.28 -10.15
N ALA R 68 40.95 -1.64 -11.33
CA ALA R 68 39.70 -1.28 -12.01
C ALA R 68 38.74 -2.45 -12.18
N GLY R 69 39.27 -3.59 -12.63
CA GLY R 69 38.47 -4.79 -12.85
C GLY R 69 37.85 -5.39 -11.60
N ALA R 70 38.32 -5.03 -10.41
CA ALA R 70 37.61 -5.39 -9.20
C ALA R 70 36.79 -4.24 -8.63
N ILE R 71 37.27 -3.01 -8.82
CA ILE R 71 36.63 -1.84 -8.21
C ILE R 71 35.26 -1.57 -8.83
N PHE R 72 35.18 -1.55 -10.15
CA PHE R 72 33.86 -1.29 -10.76
C PHE R 72 32.80 -2.38 -10.55
N PRO R 73 33.08 -3.68 -10.68
CA PRO R 73 32.03 -4.67 -10.37
C PRO R 73 31.73 -4.97 -8.92
N ILE R 74 32.28 -4.25 -7.92
CA ILE R 74 31.75 -4.48 -6.58
C ILE R 74 30.27 -4.08 -6.46
N PHE R 75 29.38 -5.04 -6.65
CA PHE R 75 27.95 -4.79 -6.61
C PHE R 75 27.28 -5.50 -5.45
N MET R 76 27.89 -6.60 -4.98
CA MET R 76 27.40 -7.36 -3.83
C MET R 76 27.17 -6.53 -2.57
N ILE R 77 27.88 -5.42 -2.40
CA ILE R 77 27.62 -4.50 -1.29
C ILE R 77 26.19 -3.97 -1.28
N GLY R 78 25.57 -3.82 -2.45
CA GLY R 78 24.14 -3.57 -2.52
C GLY R 78 23.32 -4.82 -2.77
N GLY R 79 23.87 -5.73 -3.57
CA GLY R 79 23.17 -6.95 -3.95
C GLY R 79 22.77 -7.85 -2.80
N VAL R 80 23.54 -7.82 -1.70
CA VAL R 80 23.13 -8.51 -0.48
C VAL R 80 21.78 -7.99 0.02
N ALA R 81 21.52 -6.69 -0.11
CA ALA R 81 20.17 -6.20 0.17
C ALA R 81 19.21 -6.51 -0.97
N MET R 82 19.64 -6.24 -2.22
CA MET R 82 18.80 -6.41 -3.41
C MET R 82 18.32 -7.83 -3.65
N MET R 83 18.89 -8.82 -2.96
CA MET R 83 18.30 -10.16 -2.83
C MET R 83 16.81 -10.15 -2.53
N MET R 84 16.33 -9.13 -1.79
CA MET R 84 14.91 -8.96 -1.51
C MET R 84 14.06 -8.87 -2.78
N PHE R 85 14.63 -8.38 -3.88
CA PHE R 85 13.90 -8.36 -5.14
C PHE R 85 13.86 -9.72 -5.82
N GLY R 86 14.59 -10.71 -5.30
CA GLY R 86 14.48 -12.07 -5.80
C GLY R 86 13.04 -12.58 -5.80
N GLY R 87 12.30 -12.30 -4.73
CA GLY R 87 10.90 -12.61 -4.65
C GLY R 87 10.01 -11.78 -5.57
N ARG R 88 10.53 -10.66 -6.10
CA ARG R 88 9.82 -9.91 -7.12
C ARG R 88 10.09 -10.46 -8.52
N PHE R 89 11.35 -10.67 -8.88
CA PHE R 89 11.69 -11.12 -10.22
C PHE R 89 11.57 -12.63 -10.37
N GLY R 90 11.44 -13.37 -9.27
CA GLY R 90 11.35 -14.81 -9.33
C GLY R 90 12.63 -15.59 -9.32
N GLY R 91 13.72 -15.04 -8.78
CA GLY R 91 14.92 -15.83 -8.61
C GLY R 91 14.80 -16.82 -7.47
N GLN R 92 15.85 -17.61 -7.30
CA GLN R 92 15.91 -18.55 -6.18
C GLN R 92 15.93 -17.80 -4.86
N GLN R 93 15.12 -18.27 -3.90
CA GLN R 93 15.04 -17.64 -2.59
C GLN R 93 15.11 -18.72 -1.52
N GLN R 94 16.32 -19.04 -1.07
CA GLN R 94 16.56 -19.99 0.01
C GLN R 94 16.47 -19.32 1.37
N MET R 95 16.46 -17.99 1.40
CA MET R 95 16.63 -17.18 2.60
C MET R 95 15.41 -17.16 3.53
N SER R 96 14.25 -17.64 3.09
CA SER R 96 13.13 -17.74 4.03
C SER R 96 13.28 -18.84 5.07
N ARG R 97 14.24 -19.76 4.88
CA ARG R 97 14.55 -20.88 5.79
C ARG R 97 14.47 -20.57 7.29
N PRO R 98 15.13 -19.53 7.84
CA PRO R 98 15.13 -19.36 9.30
C PRO R 98 13.75 -19.21 9.93
N LYS R 99 12.88 -18.44 9.27
CA LYS R 99 11.52 -18.24 9.77
C LYS R 99 10.75 -19.55 9.78
N LEU R 100 10.86 -20.33 8.71
CA LEU R 100 10.20 -21.62 8.65
C LEU R 100 10.71 -22.56 9.73
N ASP R 101 12.03 -22.58 9.95
CA ASP R 101 12.60 -23.43 10.98
C ASP R 101 12.12 -23.03 12.37
N ALA R 102 11.97 -21.72 12.60
CA ALA R 102 11.36 -21.26 13.85
C ALA R 102 9.92 -21.72 13.99
N MET R 103 9.14 -21.63 12.91
CA MET R 103 7.75 -22.10 12.95
C MET R 103 7.68 -23.58 13.26
N ARG R 104 8.56 -24.36 12.64
CA ARG R 104 8.64 -25.80 12.90
C ARG R 104 8.90 -26.08 14.37
N ALA R 105 9.96 -25.47 14.91
CA ALA R 105 10.32 -25.65 16.31
C ALA R 105 9.16 -25.32 17.23
N GLN R 106 8.52 -24.18 16.98
CA GLN R 106 7.38 -23.74 17.79
C GLN R 106 6.26 -24.77 17.79
N PHE R 107 5.85 -25.21 16.60
CA PHE R 107 4.81 -26.23 16.49
C PHE R 107 5.21 -27.49 17.24
N MET R 108 6.47 -27.88 17.13
CA MET R 108 6.92 -29.12 17.76
C MET R 108 6.82 -29.03 19.27
N LEU R 109 7.19 -27.87 19.83
CA LEU R 109 7.09 -27.70 21.28
C LEU R 109 5.64 -27.77 21.74
N MET R 110 4.73 -27.16 20.96
CA MET R 110 3.31 -27.28 21.26
C MET R 110 2.87 -28.73 21.29
N LEU R 111 3.35 -29.50 20.32
CA LEU R 111 3.02 -30.91 20.27
C LEU R 111 3.57 -31.66 21.48
N ASP R 112 4.77 -31.31 21.92
CA ASP R 112 5.31 -31.89 23.15
C ASP R 112 4.41 -31.61 24.36
N MET R 113 3.91 -30.38 24.48
CA MET R 113 3.00 -30.08 25.59
C MET R 113 1.76 -30.97 25.54
N LEU R 114 1.25 -31.19 24.34
CA LEU R 114 0.11 -32.10 24.21
C LEU R 114 0.49 -33.52 24.60
N ARG R 115 1.69 -33.94 24.19
CA ARG R 115 2.14 -35.30 24.49
C ARG R 115 2.24 -35.53 25.99
N GLU R 116 2.82 -34.59 26.73
CA GLU R 116 2.91 -34.78 28.18
C GLU R 116 1.53 -34.76 28.84
N THR R 117 0.60 -33.98 28.29
CA THR R 117 -0.77 -34.03 28.79
C THR R 117 -1.39 -35.41 28.58
N ALA R 118 -1.14 -36.00 27.42
CA ALA R 118 -1.57 -37.37 27.17
C ALA R 118 -0.90 -38.34 28.12
N GLN R 119 0.39 -38.15 28.41
CA GLN R 119 1.10 -39.02 29.34
C GLN R 119 0.45 -39.03 30.71
N GLU R 120 0.19 -37.84 31.27
CA GLU R 120 -0.39 -37.79 32.61
C GLU R 120 -1.81 -38.38 32.63
N SER R 121 -2.59 -38.15 31.56
CA SER R 121 -3.90 -38.77 31.45
C SER R 121 -3.79 -40.29 31.42
N ALA R 122 -2.85 -40.81 30.64
CA ALA R 122 -2.66 -42.25 30.54
C ALA R 122 -2.19 -42.86 31.85
N ASP R 123 -1.34 -42.14 32.59
CA ASP R 123 -0.95 -42.59 33.92
C ASP R 123 -2.13 -42.69 34.86
N SER R 124 -3.03 -41.69 34.82
CA SER R 124 -4.24 -41.74 35.62
C SER R 124 -5.11 -42.94 35.26
N MET R 125 -5.32 -43.17 33.96
CA MET R 125 -6.07 -44.34 33.51
C MET R 125 -5.43 -45.65 33.95
N ASP R 126 -4.11 -45.73 33.84
CA ASP R 126 -3.40 -46.93 34.28
C ASP R 126 -3.60 -47.20 35.77
N ALA R 127 -3.38 -46.19 36.60
CA ALA R 127 -3.57 -46.35 38.04
C ALA R 127 -4.97 -46.81 38.38
N ASN R 128 -5.97 -46.21 37.73
CA ASN R 128 -7.36 -46.63 37.93
C ASN R 128 -7.59 -48.08 37.53
N TYR R 129 -7.23 -48.43 36.31
CA TYR R 129 -7.49 -49.77 35.79
C TYR R 129 -6.81 -50.84 36.64
N ARG R 130 -5.55 -50.63 36.99
CA ARG R 130 -4.86 -51.64 37.78
C ARG R 130 -5.37 -51.69 39.21
N TRP R 131 -5.89 -50.59 39.74
CA TRP R 131 -6.58 -50.65 41.03
C TRP R 131 -7.82 -51.53 40.94
N PHE R 132 -8.61 -51.34 39.89
CA PHE R 132 -9.77 -52.19 39.68
C PHE R 132 -9.39 -53.60 39.26
N HIS R 133 -8.25 -53.75 38.59
CA HIS R 133 -7.86 -55.03 37.99
C HIS R 133 -6.41 -55.34 38.28
N PRO R 134 -6.11 -55.77 39.52
CA PRO R 134 -4.75 -56.25 39.83
C PRO R 134 -4.38 -57.46 38.98
N ALA R 135 -3.08 -57.64 38.81
CA ALA R 135 -2.55 -58.82 38.14
C ALA R 135 -2.77 -60.07 39.01
N PRO R 136 -2.91 -61.25 38.38
CA PRO R 136 -3.30 -62.46 39.12
C PRO R 136 -2.37 -62.81 40.27
N THR R 137 -1.07 -62.63 40.06
CA THR R 137 -0.08 -62.88 41.10
C THR R 137 -0.34 -62.04 42.35
N THR R 138 -0.73 -60.79 42.16
CA THR R 138 -0.90 -59.87 43.27
C THR R 138 -2.17 -60.12 44.08
N LEU R 139 -3.07 -60.99 43.59
CA LEU R 139 -4.33 -61.25 44.28
C LEU R 139 -4.15 -61.94 45.63
N ALA R 140 -2.96 -62.47 45.91
CA ALA R 140 -2.64 -63.08 47.20
C ALA R 140 -2.71 -62.12 48.39
N ALA R 141 -3.00 -60.82 48.17
CA ALA R 141 -3.30 -59.94 49.28
C ALA R 141 -4.51 -60.43 50.08
N ALA R 142 -5.57 -60.85 49.37
CA ALA R 142 -6.70 -61.62 49.91
C ALA R 142 -7.43 -60.97 51.07
N VAL R 143 -7.19 -59.68 51.35
CA VAL R 143 -7.86 -58.99 52.45
C VAL R 143 -7.80 -57.50 52.19
N GLY R 144 -8.79 -56.77 52.71
CA GLY R 144 -8.80 -55.33 52.58
C GLY R 144 -9.57 -54.89 51.35
N SER R 145 -9.05 -55.27 50.18
CA SER R 145 -9.69 -54.97 48.91
C SER R 145 -10.46 -56.15 48.35
N SER R 146 -10.54 -57.25 49.09
CA SER R 146 -11.13 -58.47 48.58
C SER R 146 -12.65 -58.42 48.62
N ARG R 147 -13.27 -58.98 47.57
CA ARG R 147 -14.71 -59.17 47.43
C ARG R 147 -15.50 -57.88 47.57
N MET R 148 -14.92 -56.76 47.14
CA MET R 148 -15.51 -55.47 47.46
C MET R 148 -16.44 -54.96 46.38
N TRP R 149 -16.67 -55.73 45.31
CA TRP R 149 -17.57 -55.30 44.26
C TRP R 149 -19.01 -55.67 44.58
N GLU R 150 -19.94 -54.89 44.02
CA GLU R 150 -21.32 -54.86 44.48
C GLU R 150 -22.30 -55.20 43.37
N ARG R 151 -23.39 -55.83 43.79
CA ARG R 151 -24.47 -56.26 42.90
C ARG R 151 -25.09 -55.09 42.14
N GLN R 152 -25.41 -54.02 42.85
CA GLN R 152 -26.45 -53.08 42.43
C GLN R 152 -26.04 -52.30 41.18
N PRO R 153 -26.99 -52.05 40.27
CA PRO R 153 -26.63 -51.62 38.90
C PRO R 153 -25.98 -50.25 38.79
N ASP R 154 -25.73 -49.54 39.87
CA ASP R 154 -25.01 -48.28 39.83
C ASP R 154 -23.62 -48.47 40.42
N GLY R 155 -22.70 -47.61 40.03
CA GLY R 155 -21.38 -47.61 40.64
C GLY R 155 -20.54 -48.82 40.27
N LYS R 156 -20.40 -49.75 41.23
CA LYS R 156 -19.57 -50.94 41.06
C LYS R 156 -20.00 -51.81 39.90
N ASP R 157 -21.25 -51.67 39.42
CA ASP R 157 -21.71 -52.45 38.27
C ASP R 157 -20.90 -52.15 37.01
N LEU R 158 -20.24 -50.99 36.96
CA LEU R 158 -19.31 -50.73 35.87
C LEU R 158 -18.15 -51.71 35.86
N ASN R 159 -17.89 -52.34 37.00
CA ASN R 159 -16.85 -53.35 37.10
C ASN R 159 -17.32 -54.59 37.86
N PHE R 160 -18.63 -54.74 38.09
CA PHE R 160 -19.11 -55.92 38.81
C PHE R 160 -18.99 -57.17 37.94
N GLY R 161 -19.43 -57.09 36.69
CA GLY R 161 -19.49 -58.28 35.87
C GLY R 161 -18.31 -58.41 34.92
N VAL R 162 -17.28 -57.60 35.10
CA VAL R 162 -16.17 -57.50 34.16
C VAL R 162 -14.96 -58.16 34.81
N VAL R 163 -14.16 -58.85 34.01
CA VAL R 163 -12.98 -59.55 34.51
C VAL R 163 -11.77 -59.13 33.67
N ARG R 164 -10.67 -58.83 34.36
CA ARG R 164 -9.39 -58.68 33.69
C ARG R 164 -8.93 -60.02 33.13
N VAL R 165 -8.67 -60.05 31.83
CA VAL R 165 -8.21 -61.27 31.17
C VAL R 165 -6.77 -61.17 30.69
N GLY R 166 -6.24 -59.98 30.51
CA GLY R 166 -4.91 -59.86 29.96
C GLY R 166 -4.43 -58.44 30.01
N VAL R 167 -3.41 -58.15 29.20
CA VAL R 167 -2.98 -56.77 29.00
C VAL R 167 -2.90 -56.45 27.52
N GLY R 168 -3.04 -55.18 27.20
CA GLY R 168 -3.12 -54.76 25.82
C GLY R 168 -3.42 -53.28 25.71
N MET R 169 -3.76 -52.88 24.49
CA MET R 169 -4.06 -51.48 24.17
C MET R 169 -5.44 -51.08 24.67
N THR R 170 -5.61 -49.77 24.89
CA THR R 170 -6.95 -49.20 24.93
C THR R 170 -6.87 -47.74 24.50
N ARG R 171 -8.01 -47.23 24.04
CA ARG R 171 -8.13 -45.82 23.72
C ARG R 171 -8.08 -44.93 24.96
N PRO R 172 -7.35 -43.82 24.90
CA PRO R 172 -7.21 -42.94 26.06
C PRO R 172 -8.50 -42.20 26.39
N GLU R 173 -8.50 -41.58 27.56
CA GLU R 173 -9.59 -40.70 27.98
C GLU R 173 -9.49 -39.32 27.37
N VAL R 174 -8.29 -38.88 26.99
CA VAL R 174 -8.20 -37.73 26.10
C VAL R 174 -8.74 -38.10 24.73
N THR R 175 -9.47 -37.17 24.14
CA THR R 175 -10.02 -37.32 22.81
C THR R 175 -9.38 -36.28 21.91
N TRP R 176 -8.77 -36.74 20.83
CA TRP R 176 -8.07 -35.85 19.92
C TRP R 176 -9.07 -35.20 18.98
N GLY R 177 -9.37 -33.93 19.25
CA GLY R 177 -10.13 -33.15 18.29
C GLY R 177 -9.35 -32.97 17.00
N GLU R 178 -10.10 -32.94 15.90
CA GLU R 178 -9.55 -32.88 14.55
C GLU R 178 -8.61 -31.69 14.39
N PRO R 179 -7.46 -31.88 13.74
CA PRO R 179 -6.68 -30.74 13.28
C PRO R 179 -7.37 -30.02 12.14
N GLN R 180 -8.31 -29.14 12.47
CA GLN R 180 -9.05 -28.37 11.49
C GLN R 180 -8.11 -27.48 10.66
N ASN R 181 -8.63 -27.04 9.51
CA ASN R 181 -7.93 -26.16 8.57
C ASN R 181 -6.65 -26.79 8.01
N MET R 182 -6.63 -28.11 7.86
CA MET R 182 -5.53 -28.79 7.20
C MET R 182 -5.25 -28.14 5.85
N PRO R 183 -4.00 -27.78 5.57
CA PRO R 183 -3.66 -27.34 4.22
C PRO R 183 -3.79 -28.47 3.23
N THR R 184 -3.90 -28.10 1.96
CA THR R 184 -3.93 -29.10 0.91
C THR R 184 -2.59 -29.81 0.82
N ASP R 185 -2.62 -31.00 0.23
CA ASP R 185 -1.52 -31.95 0.32
C ASP R 185 -0.29 -31.50 -0.45
N ILE R 186 -0.41 -30.50 -1.31
CA ILE R 186 0.78 -29.94 -1.91
C ILE R 186 1.34 -28.83 -1.02
N GLU R 187 0.49 -28.16 -0.25
CA GLU R 187 0.96 -27.10 0.64
C GLU R 187 1.45 -27.64 1.97
N LEU R 188 1.10 -28.87 2.31
CA LEU R 188 1.40 -29.44 3.62
C LEU R 188 2.90 -29.58 3.85
N GLU R 189 3.39 -28.94 4.90
CA GLU R 189 4.81 -28.96 5.20
C GLU R 189 5.21 -30.35 5.68
N PRO R 190 6.31 -30.91 5.19
CA PRO R 190 6.57 -32.35 5.43
C PRO R 190 6.76 -32.70 6.89
N VAL R 191 7.55 -31.91 7.62
CA VAL R 191 7.92 -32.25 8.99
C VAL R 191 6.72 -32.23 9.92
N THR R 192 6.02 -31.10 9.97
CA THR R 192 4.90 -30.97 10.89
C THR R 192 3.76 -31.91 10.52
N GLY R 193 3.54 -32.10 9.23
CA GLY R 193 2.55 -33.06 8.78
C GLY R 193 2.87 -34.47 9.23
N LYS R 194 4.11 -34.89 9.01
CA LYS R 194 4.51 -36.25 9.39
C LYS R 194 4.47 -36.43 10.89
N ALA R 195 4.93 -35.43 11.64
CA ALA R 195 4.91 -35.49 13.09
C ALA R 195 3.49 -35.63 13.61
N LEU R 196 2.56 -34.86 13.04
CA LEU R 196 1.15 -34.97 13.45
C LEU R 196 0.57 -36.33 13.09
N GLN R 197 0.92 -36.87 11.93
CA GLN R 197 0.55 -38.24 11.59
C GLN R 197 1.01 -39.22 12.65
N GLU R 198 2.27 -39.09 13.07
CA GLU R 198 2.81 -40.02 14.06
C GLU R 198 2.16 -39.84 15.41
N PHE R 199 1.85 -38.60 15.78
CA PHE R 199 1.16 -38.33 17.03
C PHE R 199 -0.20 -39.00 17.04
N GLY R 200 -1.00 -38.76 15.99
CA GLY R 200 -2.29 -39.42 15.88
C GLY R 200 -2.18 -40.93 15.88
N ARG R 201 -1.14 -41.46 15.26
CA ARG R 201 -0.97 -42.91 15.19
C ARG R 201 -0.65 -43.50 16.56
N TYR R 202 0.30 -42.92 17.28
CA TYR R 202 0.78 -43.53 18.51
C TYR R 202 0.06 -43.05 19.76
N GLN R 203 -0.34 -41.79 19.82
CA GLN R 203 -1.18 -41.39 20.94
C GLN R 203 -2.64 -41.83 20.77
N SER R 204 -2.90 -42.69 19.78
CA SER R 204 -4.21 -43.29 19.62
C SER R 204 -4.55 -44.25 20.75
N VAL R 205 -3.55 -44.85 21.41
CA VAL R 205 -3.79 -45.88 22.40
C VAL R 205 -2.82 -45.71 23.56
N VAL R 206 -3.24 -46.19 24.72
CA VAL R 206 -2.36 -46.48 25.85
C VAL R 206 -1.96 -47.94 25.77
N TYR R 207 -0.67 -48.21 25.86
CA TYR R 207 -0.17 -49.58 25.79
C TYR R 207 -0.05 -50.23 27.16
N ASN R 208 -0.22 -51.55 27.17
CA ASN R 208 -0.12 -52.43 28.34
C ASN R 208 -0.99 -51.91 29.50
N LEU R 209 -2.27 -51.76 29.22
CA LEU R 209 -3.25 -51.70 30.28
C LEU R 209 -3.96 -53.04 30.44
N PRO R 210 -4.59 -53.31 31.59
CA PRO R 210 -5.48 -54.46 31.71
C PRO R 210 -6.57 -54.50 30.64
N LYS R 211 -6.66 -55.63 29.95
CA LYS R 211 -7.76 -55.89 29.03
C LYS R 211 -8.84 -56.68 29.74
N MET R 212 -10.09 -56.28 29.50
CA MET R 212 -11.22 -56.78 30.27
C MET R 212 -12.19 -57.52 29.37
N VAL R 213 -12.78 -58.59 29.91
CA VAL R 213 -13.97 -59.22 29.35
C VAL R 213 -15.14 -59.00 30.30
N SER R 214 -16.26 -58.53 29.76
CA SER R 214 -17.50 -58.45 30.52
C SER R 214 -18.27 -59.76 30.42
N LEU R 215 -18.63 -60.31 31.58
CA LEU R 215 -19.45 -61.53 31.62
C LEU R 215 -20.90 -61.26 31.25
N LEU R 216 -21.33 -60.01 31.22
CA LEU R 216 -22.73 -59.66 31.05
C LEU R 216 -23.16 -59.44 29.60
N VAL R 217 -22.26 -59.55 28.64
CA VAL R 217 -22.60 -59.22 27.26
C VAL R 217 -22.55 -60.43 26.32
N GLU R 218 -21.80 -61.47 26.64
CA GLU R 218 -21.94 -62.67 25.83
C GLU R 218 -22.56 -63.82 26.63
N PRO R 219 -23.46 -64.58 26.01
CA PRO R 219 -23.98 -65.79 26.66
C PRO R 219 -22.90 -66.80 27.03
N TRP R 220 -21.83 -66.89 26.27
CA TRP R 220 -20.72 -67.78 26.61
C TRP R 220 -19.46 -67.28 25.94
N TYR R 221 -18.33 -67.84 26.35
CA TYR R 221 -17.09 -67.72 25.60
C TYR R 221 -16.48 -69.09 25.34
N SER R 222 -15.76 -69.21 24.23
CA SER R 222 -15.11 -70.45 23.86
C SER R 222 -13.63 -70.19 23.61
N LEU R 223 -12.78 -71.04 24.17
CA LEU R 223 -11.36 -70.78 24.33
C LEU R 223 -10.61 -71.70 23.38
N VAL R 224 -10.04 -71.13 22.33
CA VAL R 224 -9.38 -71.90 21.28
C VAL R 224 -7.87 -71.69 21.38
N GLY R 225 -7.14 -72.78 21.55
CA GLY R 225 -5.70 -72.71 21.55
C GLY R 225 -5.10 -73.94 22.22
N GLU R 226 -3.86 -73.80 22.65
CA GLU R 226 -3.17 -74.89 23.31
C GLU R 226 -3.76 -75.10 24.71
N ARG R 227 -3.70 -76.36 25.16
CA ARG R 227 -4.40 -76.78 26.38
C ARG R 227 -3.92 -76.04 27.62
N GLU R 228 -2.60 -75.93 27.80
CA GLU R 228 -2.12 -75.28 29.01
C GLU R 228 -2.28 -73.77 28.96
N GLN R 229 -2.22 -73.16 27.78
CA GLN R 229 -2.60 -71.74 27.63
C GLN R 229 -4.02 -71.51 28.13
N VAL R 230 -4.95 -72.31 27.62
CA VAL R 230 -6.36 -72.20 27.94
C VAL R 230 -6.60 -72.43 29.42
N LEU R 231 -6.03 -73.52 29.97
CA LEU R 231 -6.14 -73.79 31.39
C LEU R 231 -5.57 -72.67 32.24
N GLY R 232 -4.36 -72.21 31.93
CA GLY R 232 -3.72 -71.14 32.71
C GLY R 232 -4.57 -69.89 32.76
N LEU R 233 -5.11 -69.50 31.61
CA LEU R 233 -6.06 -68.39 31.56
C LEU R 233 -7.30 -68.68 32.39
N THR R 234 -7.79 -69.91 32.34
CA THR R 234 -9.01 -70.24 33.09
C THR R 234 -8.77 -70.13 34.59
N ARG R 235 -7.61 -70.60 35.06
CA ARG R 235 -7.27 -70.49 36.47
C ARG R 235 -7.16 -69.03 36.87
N ALA R 236 -6.59 -68.22 35.98
CA ALA R 236 -6.45 -66.79 36.25
C ALA R 236 -7.83 -66.14 36.38
N ILE R 237 -8.72 -66.41 35.43
CA ILE R 237 -10.10 -65.94 35.49
C ILE R 237 -10.76 -66.32 36.81
N ILE R 238 -10.67 -67.60 37.17
CA ILE R 238 -11.32 -68.10 38.38
C ILE R 238 -10.81 -67.37 39.61
N CYS R 239 -9.50 -67.21 39.72
CA CYS R 239 -8.95 -66.52 40.88
C CYS R 239 -9.26 -65.02 40.88
N GLN R 240 -9.30 -64.38 39.71
CA GLN R 240 -9.76 -63.00 39.61
C GLN R 240 -11.19 -62.84 40.12
N LEU R 241 -12.11 -63.69 39.66
CA LEU R 241 -13.48 -63.65 40.15
C LEU R 241 -13.55 -63.95 41.64
N ALA R 242 -12.75 -64.90 42.11
CA ALA R 242 -12.79 -65.30 43.51
C ALA R 242 -12.30 -64.20 44.44
N PHE R 243 -11.25 -63.48 44.03
CA PHE R 243 -10.82 -62.32 44.81
C PHE R 243 -11.84 -61.20 44.73
N SER R 244 -12.26 -60.87 43.51
CA SER R 244 -13.05 -59.67 43.33
C SER R 244 -14.49 -59.84 43.79
N HIS R 245 -15.07 -61.02 43.62
CA HIS R 245 -16.46 -61.22 43.96
C HIS R 245 -16.61 -62.28 45.04
N GLY R 246 -17.48 -61.98 46.01
CA GLY R 246 -17.71 -62.87 47.12
C GLY R 246 -18.48 -64.10 46.70
N PRO R 247 -18.48 -65.14 47.54
CA PRO R 247 -19.25 -66.35 47.23
C PRO R 247 -20.75 -66.12 47.17
N ASP R 248 -21.25 -65.07 47.81
CA ASP R 248 -22.68 -64.76 47.79
C ASP R 248 -23.13 -64.06 46.52
N HIS R 249 -22.20 -63.63 45.67
CA HIS R 249 -22.56 -62.92 44.44
C HIS R 249 -22.26 -63.72 43.19
N VAL R 250 -21.20 -64.53 43.22
CA VAL R 250 -20.76 -65.33 42.08
C VAL R 250 -20.48 -66.74 42.58
N GLN R 251 -21.10 -67.72 41.95
CA GLN R 251 -20.82 -69.12 42.23
C GLN R 251 -20.23 -69.74 40.96
N MET R 252 -19.50 -70.84 41.15
CA MET R 252 -18.65 -71.36 40.10
C MET R 252 -18.92 -72.85 39.89
N ILE R 253 -18.84 -73.27 38.63
CA ILE R 253 -18.98 -74.68 38.28
C ILE R 253 -17.90 -75.05 37.26
N VAL R 254 -17.28 -76.21 37.47
CA VAL R 254 -16.32 -76.78 36.53
C VAL R 254 -16.84 -78.15 36.10
N VAL R 255 -16.96 -78.35 34.79
CA VAL R 255 -17.36 -79.63 34.24
C VAL R 255 -16.18 -80.13 33.42
N THR R 256 -15.65 -81.29 33.80
CA THR R 256 -14.35 -81.69 33.29
C THR R 256 -14.28 -83.19 33.04
N SER R 257 -13.34 -83.56 32.17
CA SER R 257 -12.94 -84.95 32.01
C SER R 257 -11.63 -85.25 32.72
N ASP R 258 -10.93 -84.22 33.20
CA ASP R 258 -9.61 -84.38 33.82
C ASP R 258 -9.57 -83.67 35.16
N PRO R 259 -10.12 -84.27 36.22
CA PRO R 259 -10.29 -83.54 37.49
C PRO R 259 -8.97 -83.26 38.21
N ASP R 260 -7.89 -83.96 37.83
CA ASP R 260 -6.59 -83.71 38.44
C ASP R 260 -6.10 -82.29 38.14
N ARG R 261 -6.44 -81.77 36.95
CA ARG R 261 -6.08 -80.41 36.62
C ARG R 261 -6.90 -79.43 37.42
N TRP R 262 -8.04 -79.87 37.95
CA TRP R 262 -9.00 -79.02 38.65
C TRP R 262 -9.06 -79.35 40.13
N ASP R 263 -8.06 -80.05 40.66
CA ASP R 263 -8.13 -80.44 42.06
C ASP R 263 -7.91 -79.26 43.00
N TRP R 264 -7.28 -78.19 42.49
CA TRP R 264 -7.01 -77.02 43.31
C TRP R 264 -8.26 -76.24 43.66
N VAL R 265 -9.33 -76.35 42.87
CA VAL R 265 -10.49 -75.49 43.05
C VAL R 265 -11.29 -75.83 44.29
N LYS R 266 -11.03 -77.00 44.90
CA LYS R 266 -11.77 -77.45 46.07
C LYS R 266 -11.68 -76.47 47.24
N TRP R 267 -10.56 -75.76 47.36
CA TRP R 267 -10.37 -74.82 48.45
C TRP R 267 -11.20 -73.56 48.29
N ILE R 268 -11.51 -73.18 47.06
CA ILE R 268 -12.17 -71.90 46.80
C ILE R 268 -13.63 -71.96 47.24
N PRO R 269 -14.05 -71.07 48.14
CA PRO R 269 -15.43 -71.14 48.67
C PRO R 269 -16.50 -70.93 47.63
N HIS R 270 -16.17 -70.32 46.49
CA HIS R 270 -17.17 -70.08 45.46
C HIS R 270 -17.65 -71.38 44.83
N PHE R 271 -16.85 -72.44 44.89
CA PHE R 271 -17.26 -73.73 44.38
C PHE R 271 -18.11 -74.50 45.39
N GLY R 272 -18.28 -73.95 46.59
CA GLY R 272 -19.07 -74.61 47.61
C GLY R 272 -20.55 -74.56 47.30
N ASP R 273 -21.19 -75.72 47.22
CA ASP R 273 -22.63 -75.76 47.04
C ASP R 273 -23.30 -75.54 48.40
N PRO R 274 -24.08 -74.47 48.57
CA PRO R 274 -24.74 -74.24 49.87
C PRO R 274 -25.78 -75.28 50.21
N ARG R 275 -26.26 -76.03 49.22
CA ARG R 275 -27.40 -76.93 49.37
C ARG R 275 -26.99 -78.29 49.91
N ARG R 276 -25.87 -78.83 49.45
CA ARG R 276 -25.38 -80.12 49.91
C ARG R 276 -24.18 -79.92 50.83
N ARG R 277 -24.20 -80.59 51.98
CA ARG R 277 -23.12 -80.50 52.95
C ARG R 277 -22.46 -81.86 53.06
N ASP R 278 -21.16 -81.86 53.31
CA ASP R 278 -20.41 -83.09 53.54
C ASP R 278 -19.49 -82.86 54.75
N ALA R 279 -18.54 -83.79 54.93
CA ALA R 279 -17.61 -83.68 56.04
C ALA R 279 -16.72 -82.44 55.91
N ALA R 280 -16.27 -82.13 54.70
CA ALA R 280 -15.37 -81.00 54.49
C ALA R 280 -16.08 -79.66 54.50
N GLY R 281 -17.41 -79.64 54.47
CA GLY R 281 -18.15 -78.40 54.49
C GLY R 281 -19.22 -78.36 53.42
N ASN R 282 -19.19 -77.33 52.58
CA ASN R 282 -20.09 -77.26 51.44
C ASN R 282 -19.60 -78.17 50.32
N ALA R 283 -20.56 -78.71 49.57
CA ALA R 283 -20.22 -79.60 48.47
C ALA R 283 -19.56 -78.84 47.34
N ARG R 284 -18.56 -79.45 46.74
CA ARG R 284 -17.84 -78.81 45.64
C ARG R 284 -18.67 -78.93 44.38
N MET R 285 -18.80 -77.82 43.65
CA MET R 285 -19.64 -77.79 42.46
C MET R 285 -18.81 -78.09 41.22
N VAL R 286 -18.14 -79.25 41.29
CA VAL R 286 -17.34 -79.78 40.20
C VAL R 286 -17.94 -81.10 39.77
N TYR R 287 -18.24 -81.21 38.48
CA TYR R 287 -18.91 -82.37 37.93
C TYR R 287 -18.07 -82.95 36.82
N THR R 288 -18.16 -84.25 36.63
CA THR R 288 -17.34 -84.94 35.64
C THR R 288 -18.04 -85.09 34.30
N SER R 289 -19.29 -84.67 34.19
CA SER R 289 -20.04 -84.76 32.95
C SER R 289 -21.17 -83.73 32.98
N VAL R 290 -21.60 -83.32 31.79
CA VAL R 290 -22.76 -82.44 31.72
C VAL R 290 -24.00 -83.22 32.13
N ARG R 291 -23.99 -84.54 31.96
CA ARG R 291 -25.07 -85.39 32.43
C ARG R 291 -25.10 -85.43 33.95
N GLU R 292 -23.96 -85.18 34.59
CA GLU R 292 -23.84 -85.16 36.05
C GLU R 292 -24.44 -83.91 36.66
N PHE R 293 -25.11 -83.07 35.87
CA PHE R 293 -25.87 -81.98 36.45
C PHE R 293 -27.05 -82.54 37.22
N ALA R 294 -26.86 -82.72 38.53
CA ALA R 294 -27.94 -83.01 39.45
C ALA R 294 -28.40 -81.74 40.16
N THR R 295 -28.01 -80.58 39.63
CA THR R 295 -28.51 -79.31 40.14
C THR R 295 -29.96 -79.09 39.73
N GLU R 296 -30.20 -78.97 38.43
CA GLU R 296 -31.46 -78.56 37.80
C GLU R 296 -31.96 -77.19 38.27
N GLN R 297 -31.16 -76.45 39.02
CA GLN R 297 -31.57 -75.14 39.52
C GLN R 297 -31.04 -74.02 38.66
N ALA R 298 -29.90 -74.24 38.01
CA ALA R 298 -29.41 -73.30 37.01
C ALA R 298 -29.96 -73.62 35.63
N GLU R 299 -30.84 -74.62 35.50
CA GLU R 299 -31.34 -75.03 34.20
C GLU R 299 -32.85 -74.90 34.09
N LEU R 300 -33.49 -74.11 34.96
CA LEU R 300 -34.89 -73.77 34.78
C LEU R 300 -35.10 -72.33 34.34
N PHE R 301 -34.02 -71.61 34.04
CA PHE R 301 -34.12 -70.23 33.59
C PHE R 301 -34.60 -70.16 32.14
N ALA R 302 -34.79 -68.94 31.66
CA ALA R 302 -35.12 -68.68 30.28
C ALA R 302 -33.84 -68.40 29.49
N GLY R 303 -33.99 -67.96 28.24
CA GLY R 303 -32.85 -67.51 27.47
C GLY R 303 -32.26 -66.23 28.05
N ARG R 304 -31.02 -65.95 27.71
CA ARG R 304 -30.29 -64.87 28.35
C ARG R 304 -30.37 -63.59 27.54
N GLY R 305 -30.67 -62.49 28.22
CA GLY R 305 -30.51 -61.15 27.69
C GLY R 305 -29.25 -60.48 28.21
N SER R 306 -28.43 -59.98 27.31
CA SER R 306 -27.16 -59.38 27.70
C SER R 306 -27.44 -58.05 28.40
N PHE R 307 -26.72 -57.79 29.49
CA PHE R 307 -26.98 -56.60 30.29
C PHE R 307 -26.52 -55.33 29.55
N THR R 308 -27.25 -54.25 29.78
CA THR R 308 -26.95 -52.96 29.19
C THR R 308 -27.16 -51.85 30.22
N THR R 318 -29.85 -57.67 38.43
CA THR R 318 -28.74 -58.62 38.45
C THR R 318 -29.16 -59.90 39.17
N PRO R 319 -28.89 -61.06 38.55
CA PRO R 319 -29.22 -62.33 39.19
C PRO R 319 -28.48 -62.53 40.50
N THR R 320 -29.07 -63.39 41.37
CA THR R 320 -28.62 -63.42 42.76
C THR R 320 -27.22 -64.03 42.91
N PRO R 321 -26.96 -65.32 42.55
CA PRO R 321 -25.58 -65.60 42.13
C PRO R 321 -25.49 -65.61 40.61
N HIS R 322 -24.39 -65.13 40.08
CA HIS R 322 -24.15 -65.23 38.64
C HIS R 322 -23.28 -66.46 38.47
N HIS R 323 -23.89 -67.58 38.11
CA HIS R 323 -23.14 -68.82 37.97
C HIS R 323 -22.21 -68.75 36.77
N VAL R 324 -20.99 -69.20 36.98
CA VAL R 324 -20.01 -69.34 35.92
C VAL R 324 -19.71 -70.82 35.77
N ILE R 325 -20.09 -71.40 34.65
CA ILE R 325 -19.94 -72.82 34.42
C ILE R 325 -18.82 -72.98 33.43
N ILE R 326 -17.84 -73.81 33.78
CA ILE R 326 -16.68 -74.04 32.95
C ILE R 326 -16.67 -75.48 32.48
N SER R 327 -16.46 -75.67 31.18
CA SER R 327 -16.58 -76.97 30.56
C SER R 327 -15.34 -77.27 29.73
N ASP R 328 -14.73 -78.43 29.99
CA ASP R 328 -13.78 -79.02 29.06
C ASP R 328 -14.06 -80.51 28.94
N ILE R 329 -15.33 -80.86 28.93
CA ILE R 329 -15.77 -82.24 28.87
C ILE R 329 -15.89 -82.73 27.43
N GLU R 330 -16.12 -81.79 26.50
CA GLU R 330 -16.33 -82.05 25.08
C GLU R 330 -17.48 -83.05 24.89
N ASP R 331 -18.66 -82.58 25.28
CA ASP R 331 -19.85 -83.40 25.26
C ASP R 331 -20.89 -82.78 24.34
N PRO R 332 -21.48 -83.54 23.43
CA PRO R 332 -22.56 -83.01 22.58
C PRO R 332 -23.85 -82.71 23.33
N GLN R 333 -23.95 -83.00 24.62
CA GLN R 333 -25.20 -82.85 25.33
C GLN R 333 -25.44 -81.44 25.85
N TRP R 334 -24.47 -80.52 25.68
CA TRP R 334 -24.70 -79.14 26.11
C TRP R 334 -25.79 -78.47 25.30
N GLU R 335 -25.84 -78.76 24.00
CA GLU R 335 -26.77 -78.12 23.07
C GLU R 335 -28.23 -78.41 23.39
N TYR R 336 -28.50 -79.33 24.31
CA TYR R 336 -29.85 -79.57 24.79
C TYR R 336 -30.25 -78.55 25.86
N VAL R 337 -29.47 -78.47 26.94
CA VAL R 337 -29.78 -77.51 27.99
C VAL R 337 -29.32 -76.10 27.63
N ILE R 338 -28.44 -75.97 26.65
CA ILE R 338 -27.97 -74.69 26.16
C ILE R 338 -28.53 -74.50 24.76
N SER R 339 -29.41 -73.52 24.61
CA SER R 339 -29.85 -73.11 23.29
C SER R 339 -28.79 -72.27 22.60
N SER R 340 -29.18 -71.62 21.50
CA SER R 340 -28.35 -70.63 20.82
C SER R 340 -28.20 -69.34 21.60
N GLU R 341 -28.95 -69.15 22.68
CA GLU R 341 -28.97 -67.88 23.39
C GLU R 341 -28.54 -68.00 24.85
N GLY R 342 -28.56 -69.19 25.43
CA GLY R 342 -28.02 -69.34 26.75
C GLY R 342 -29.08 -69.33 27.83
N VAL R 343 -28.59 -69.17 29.05
CA VAL R 343 -29.39 -69.27 30.26
C VAL R 343 -29.22 -67.94 30.98
N ASP R 344 -30.26 -67.53 31.73
CA ASP R 344 -30.37 -66.17 32.26
C ASP R 344 -29.22 -65.76 33.19
N GLY R 345 -29.11 -66.39 34.34
CA GLY R 345 -28.15 -65.90 35.32
C GLY R 345 -26.77 -66.48 35.19
N VAL R 346 -26.51 -67.22 34.11
CA VAL R 346 -25.32 -68.06 34.00
C VAL R 346 -24.55 -67.63 32.75
N THR R 347 -23.25 -67.45 32.91
CA THR R 347 -22.35 -67.32 31.78
C THR R 347 -21.49 -68.57 31.71
N PHE R 348 -21.07 -68.91 30.48
CA PHE R 348 -20.33 -70.15 30.27
C PHE R 348 -18.96 -69.87 29.69
N PHE R 349 -18.03 -70.79 29.95
CA PHE R 349 -16.70 -70.74 29.36
C PHE R 349 -16.37 -72.10 28.78
N ASP R 350 -16.36 -72.19 27.46
CA ASP R 350 -16.05 -73.43 26.78
C ASP R 350 -14.55 -73.56 26.60
N LEU R 351 -13.93 -74.33 27.49
CA LEU R 351 -12.59 -74.80 27.20
C LEU R 351 -12.68 -75.89 26.14
N THR R 352 -11.56 -76.15 25.47
CA THR R 352 -11.48 -77.09 24.35
C THR R 352 -12.51 -76.74 23.27
N GLY R 353 -12.25 -75.62 22.60
CA GLY R 353 -13.11 -75.00 21.62
C GLY R 353 -13.71 -75.95 20.58
N SER R 354 -15.03 -75.98 20.51
CA SER R 354 -15.74 -76.88 19.61
C SER R 354 -16.67 -76.09 18.71
N PRO R 355 -17.09 -76.66 17.58
CA PRO R 355 -18.03 -75.94 16.70
C PRO R 355 -19.37 -75.61 17.34
N LEU R 356 -19.76 -76.29 18.42
CA LEU R 356 -21.00 -75.94 19.10
C LEU R 356 -20.89 -74.57 19.76
N TRP R 357 -19.77 -74.33 20.43
CA TRP R 357 -19.62 -73.09 21.19
C TRP R 357 -19.01 -71.96 20.37
N THR R 358 -18.25 -72.28 19.33
CA THR R 358 -17.56 -71.31 18.48
C THR R 358 -18.46 -70.74 17.40
N GLY R 359 -19.77 -70.76 17.57
CA GLY R 359 -20.65 -70.26 16.53
C GLY R 359 -20.79 -68.76 16.51
N ALA R 360 -20.01 -68.07 17.35
CA ALA R 360 -20.06 -66.61 17.46
C ALA R 360 -18.64 -66.10 17.65
N PRO R 361 -18.01 -65.56 16.60
CA PRO R 361 -16.60 -65.15 16.70
C PRO R 361 -16.32 -64.13 17.79
N GLN R 362 -17.30 -63.27 18.10
CA GLN R 362 -17.23 -62.37 19.24
C GLN R 362 -17.12 -63.10 20.58
N ARG R 363 -17.35 -64.40 20.62
CA ARG R 363 -17.23 -65.18 21.84
C ARG R 363 -15.94 -65.99 21.88
N VAL R 364 -15.21 -66.05 20.78
CA VAL R 364 -14.05 -66.94 20.67
C VAL R 364 -12.80 -66.13 21.01
N LEU R 365 -12.07 -66.59 22.02
CA LEU R 365 -10.79 -66.01 22.41
C LEU R 365 -9.71 -66.97 21.94
N ARG R 366 -8.98 -66.58 20.91
CA ARG R 366 -8.11 -67.48 20.17
C ARG R 366 -6.65 -67.17 20.47
N PHE R 367 -5.95 -68.13 21.06
CA PHE R 367 -4.51 -67.98 21.28
C PHE R 367 -3.79 -68.13 19.95
N THR R 368 -3.40 -67.01 19.37
CA THR R 368 -2.77 -66.99 18.06
C THR R 368 -1.27 -67.18 18.14
N ASP R 369 -0.64 -66.69 19.21
CA ASP R 369 0.79 -66.83 19.42
C ASP R 369 1.07 -67.58 20.72
N SER R 370 2.17 -68.34 20.69
CA SER R 370 2.53 -69.27 21.76
C SER R 370 2.54 -68.64 23.14
N ALA R 371 2.91 -67.36 23.22
CA ALA R 371 2.89 -66.66 24.50
C ALA R 371 1.51 -66.48 25.09
N GLY R 372 0.45 -66.71 24.32
CA GLY R 372 -0.88 -66.45 24.81
C GLY R 372 -1.45 -65.13 24.33
N VAL R 373 -1.17 -64.78 23.08
CA VAL R 373 -1.79 -63.62 22.46
C VAL R 373 -3.23 -63.96 22.09
N ILE R 374 -4.18 -63.39 22.82
CA ILE R 374 -5.58 -63.50 22.45
C ILE R 374 -5.84 -62.57 21.28
N GLU R 375 -6.40 -63.11 20.20
CA GLU R 375 -7.21 -62.32 19.29
C GLU R 375 -8.69 -62.57 19.48
N THR R 376 -9.48 -61.51 19.33
CA THR R 376 -10.93 -61.57 19.26
C THR R 376 -11.42 -60.29 18.58
N LEU R 377 -12.72 -60.03 18.64
CA LEU R 377 -13.23 -58.82 18.01
C LEU R 377 -12.99 -57.60 18.89
N PRO R 378 -12.64 -56.47 18.29
CA PRO R 378 -12.59 -55.19 19.00
C PRO R 378 -13.94 -54.83 19.61
N ARG R 379 -13.92 -54.54 20.90
CA ARG R 379 -15.11 -54.13 21.64
C ARG R 379 -14.91 -52.72 22.19
N ASP R 380 -16.02 -52.00 22.32
CA ASP R 380 -16.02 -50.70 22.95
C ASP R 380 -15.60 -50.82 24.42
N ARG R 381 -14.62 -50.00 24.78
CA ARG R 381 -14.17 -49.83 26.17
C ARG R 381 -15.32 -49.64 27.16
N ASP R 382 -16.38 -48.96 26.75
CA ASP R 382 -17.46 -48.60 27.67
C ASP R 382 -18.61 -49.61 27.71
N THR R 383 -19.22 -49.87 26.56
CA THR R 383 -20.39 -50.75 26.49
C THR R 383 -20.05 -52.22 26.39
N TRP R 384 -18.78 -52.56 26.12
CA TRP R 384 -18.28 -53.91 25.82
C TRP R 384 -18.89 -54.49 24.56
N MET R 385 -19.66 -53.70 23.81
CA MET R 385 -20.28 -54.15 22.58
C MET R 385 -19.26 -54.20 21.48
N VAL R 386 -19.43 -55.17 20.56
CA VAL R 386 -18.52 -55.30 19.43
C VAL R 386 -18.61 -54.06 18.57
N ILE R 387 -17.45 -53.54 18.17
CA ILE R 387 -17.39 -52.38 17.30
C ILE R 387 -17.25 -52.77 15.84
N ASP R 388 -16.43 -53.77 15.54
CA ASP R 388 -16.40 -54.28 14.18
C ASP R 388 -16.04 -55.76 14.16
N ASP R 389 -16.45 -56.40 13.07
CA ASP R 389 -16.53 -57.85 12.97
C ASP R 389 -15.20 -58.53 12.70
N ASN R 390 -14.17 -57.79 12.34
CA ASN R 390 -12.90 -58.41 11.99
C ASN R 390 -12.12 -58.74 13.25
N ALA R 391 -11.61 -59.97 13.32
CA ALA R 391 -10.76 -60.39 14.41
C ALA R 391 -9.43 -59.65 14.39
N TRP R 392 -8.95 -59.28 15.57
CA TRP R 392 -7.78 -58.42 15.71
C TRP R 392 -7.12 -58.77 17.03
N PHE R 393 -5.89 -58.31 17.22
CA PHE R 393 -5.20 -58.37 18.50
C PHE R 393 -6.08 -57.83 19.62
N PHE R 394 -6.18 -58.59 20.69
CA PHE R 394 -6.98 -58.19 21.84
C PHE R 394 -6.13 -58.07 23.10
N ALA R 395 -5.42 -59.13 23.48
CA ALA R 395 -4.63 -59.10 24.71
C ALA R 395 -3.55 -60.17 24.64
N LEU R 396 -2.58 -60.04 25.54
CA LEU R 396 -1.75 -61.15 25.98
C LEU R 396 -2.29 -61.65 27.31
N ALA R 397 -2.59 -62.94 27.38
CA ALA R 397 -3.30 -63.50 28.51
C ALA R 397 -2.45 -63.56 29.77
N ASP R 398 -3.04 -63.16 30.90
CA ASP R 398 -2.42 -63.25 32.22
C ASP R 398 -2.40 -64.68 32.76
N GLN R 399 -1.76 -65.58 32.02
CA GLN R 399 -1.72 -67.00 32.37
C GLN R 399 -1.09 -67.21 33.74
N MET R 400 -1.66 -68.15 34.50
CA MET R 400 -1.19 -68.42 35.86
C MET R 400 -1.02 -69.91 36.09
N SER R 401 0.05 -70.25 36.81
CA SER R 401 0.40 -71.64 37.08
C SER R 401 -0.54 -72.25 38.12
N GLU R 402 -0.56 -73.59 38.12
CA GLU R 402 -1.33 -74.36 39.08
C GLU R 402 -0.87 -74.11 40.51
N ALA R 403 0.45 -73.98 40.72
CA ALA R 403 0.97 -73.71 42.06
C ALA R 403 0.50 -72.36 42.60
N ASP R 404 0.52 -71.32 41.77
CA ASP R 404 0.04 -70.01 42.21
C ASP R 404 -1.45 -70.06 42.52
N ALA R 405 -2.22 -70.70 41.65
CA ALA R 405 -3.65 -70.87 41.87
C ALA R 405 -3.92 -71.61 43.18
N GLU R 406 -3.20 -72.70 43.42
CA GLU R 406 -3.32 -73.45 44.68
C GLU R 406 -2.95 -72.60 45.88
N GLN R 407 -1.90 -71.79 45.74
CA GLN R 407 -1.46 -70.91 46.82
C GLN R 407 -2.52 -69.86 47.17
N PHE R 408 -3.06 -69.20 46.14
CA PHE R 408 -4.18 -68.30 46.33
C PHE R 408 -5.39 -69.02 46.93
N ALA R 409 -5.64 -70.26 46.52
CA ALA R 409 -6.77 -71.00 47.09
C ALA R 409 -6.55 -71.30 48.57
N HIS R 410 -5.33 -71.63 48.96
CA HIS R 410 -5.00 -71.80 50.37
C HIS R 410 -5.11 -70.50 51.15
N GLN R 411 -4.90 -69.36 50.48
CA GLN R 411 -5.19 -68.08 51.11
C GLN R 411 -6.69 -67.85 51.26
N MET R 412 -7.45 -68.03 50.19
CA MET R 412 -8.88 -67.73 50.19
C MET R 412 -9.66 -68.66 51.12
N ALA R 413 -9.22 -69.92 51.26
CA ALA R 413 -9.84 -70.86 52.20
C ALA R 413 -9.78 -70.38 53.64
N HIS R 414 -8.87 -69.46 53.98
CA HIS R 414 -8.75 -68.96 55.34
C HIS R 414 -9.92 -68.08 55.75
N TRP R 415 -10.77 -67.66 54.82
CA TRP R 415 -11.77 -66.65 55.10
C TRP R 415 -13.18 -67.18 54.90
N ARG R 416 -14.11 -66.66 55.69
CA ARG R 416 -15.46 -67.16 55.74
C ARG R 416 -16.53 -66.07 55.74
N LEU R 417 -16.15 -64.80 55.61
CA LEU R 417 -17.08 -63.69 55.74
C LEU R 417 -18.09 -63.66 54.60
N PRO S 18 -20.97 -80.22 62.71
CA PRO S 18 -19.95 -79.69 63.62
C PRO S 18 -18.81 -79.00 62.89
N GLN S 19 -18.05 -78.16 63.58
CA GLN S 19 -16.94 -77.48 62.93
C GLN S 19 -15.79 -78.45 62.69
N ALA S 20 -15.20 -78.36 61.51
CA ALA S 20 -14.04 -79.17 61.17
C ALA S 20 -13.04 -78.32 60.39
N ALA S 21 -11.76 -78.60 60.59
CA ALA S 21 -10.71 -77.90 59.88
C ALA S 21 -10.18 -78.77 58.75
N VAL S 22 -9.82 -78.14 57.64
CA VAL S 22 -9.34 -78.85 56.46
C VAL S 22 -7.93 -78.33 56.17
N VAL S 23 -6.93 -79.15 56.46
CA VAL S 23 -5.53 -78.75 56.30
C VAL S 23 -4.85 -79.69 55.30
N ALA S 24 -3.75 -79.20 54.75
CA ALA S 24 -2.93 -79.96 53.82
C ALA S 24 -1.71 -80.51 54.56
N ILE S 25 -1.62 -81.83 54.64
CA ILE S 25 -0.52 -82.48 55.33
C ILE S 25 0.63 -82.67 54.36
N MET S 26 1.77 -82.06 54.66
CA MET S 26 2.98 -82.26 53.87
C MET S 26 3.77 -83.40 54.49
N ALA S 27 3.87 -84.51 53.76
CA ALA S 27 4.57 -85.69 54.24
C ALA S 27 5.07 -86.46 53.03
N ALA S 28 6.34 -86.89 53.08
CA ALA S 28 7.00 -87.64 52.01
C ALA S 28 6.92 -86.90 50.68
N ASP S 29 7.17 -85.59 50.74
CA ASP S 29 7.30 -84.68 49.60
C ASP S 29 6.02 -84.53 48.78
N VAL S 30 4.89 -84.97 49.31
CA VAL S 30 3.60 -84.77 48.63
C VAL S 30 2.65 -84.05 49.57
N GLN S 31 1.71 -83.32 48.98
CA GLN S 31 0.68 -82.60 49.71
C GLN S 31 -0.57 -83.44 49.76
N ILE S 32 -1.13 -83.62 50.96
CA ILE S 32 -2.36 -84.39 51.15
C ILE S 32 -3.32 -83.55 51.97
N ALA S 33 -4.54 -83.34 51.44
CA ALA S 33 -5.55 -82.59 52.15
C ALA S 33 -6.47 -83.54 52.91
N VAL S 34 -6.67 -83.26 54.19
CA VAL S 34 -7.49 -84.09 55.07
C VAL S 34 -8.50 -83.20 55.79
N VAL S 35 -9.52 -83.83 56.36
CA VAL S 35 -10.50 -83.16 57.19
C VAL S 35 -10.35 -83.67 58.62
N LEU S 36 -10.16 -82.74 59.55
CA LEU S 36 -9.90 -83.06 60.95
C LEU S 36 -10.91 -82.37 61.85
N ASP S 37 -11.13 -82.96 63.03
CA ASP S 37 -12.00 -82.35 64.02
C ASP S 37 -11.36 -81.09 64.58
N ALA S 38 -12.16 -80.04 64.72
CA ALA S 38 -11.64 -78.74 65.17
C ALA S 38 -11.63 -78.59 66.68
N HIS S 39 -12.17 -79.56 67.42
CA HIS S 39 -12.23 -79.47 68.86
C HIS S 39 -11.56 -80.63 69.58
N ALA S 40 -11.23 -81.71 68.89
CA ALA S 40 -10.50 -82.77 69.54
C ALA S 40 -9.02 -82.41 69.61
N PRO S 41 -8.30 -82.94 70.60
CA PRO S 41 -6.86 -82.70 70.69
C PRO S 41 -6.10 -83.40 69.57
N ILE S 42 -4.83 -82.99 69.42
CA ILE S 42 -3.99 -83.53 68.35
C ILE S 42 -3.78 -85.02 68.55
N SER S 43 -3.54 -85.44 69.79
CA SER S 43 -3.18 -86.82 70.07
C SER S 43 -4.31 -87.79 69.77
N VAL S 44 -5.56 -87.33 69.89
CA VAL S 44 -6.69 -88.20 69.58
C VAL S 44 -6.78 -88.44 68.08
N MET S 45 -6.68 -87.38 67.29
CA MET S 45 -6.94 -87.49 65.87
C MET S 45 -5.70 -87.88 65.07
N ILE S 46 -4.52 -87.88 65.69
CA ILE S 46 -3.30 -88.22 64.95
C ILE S 46 -3.16 -89.71 64.75
N ASP S 47 -3.92 -90.52 65.48
CA ASP S 47 -3.84 -91.97 65.37
C ASP S 47 -4.47 -92.50 64.07
N PRO S 48 -5.63 -92.01 63.59
CA PRO S 48 -6.05 -92.44 62.25
C PRO S 48 -5.41 -91.63 61.15
N LEU S 49 -4.78 -90.51 61.48
CA LEU S 49 -4.29 -89.59 60.45
C LEU S 49 -3.14 -90.21 59.67
N LEU S 50 -2.19 -90.87 60.35
CA LEU S 50 -1.10 -91.48 59.61
C LEU S 50 -1.56 -92.69 58.83
N LYS S 51 -2.60 -93.37 59.30
CA LYS S 51 -3.19 -94.46 58.52
C LYS S 51 -3.79 -93.93 57.23
N VAL S 52 -4.50 -92.80 57.31
CA VAL S 52 -5.08 -92.18 56.13
C VAL S 52 -3.97 -91.72 55.19
N VAL S 53 -2.91 -91.13 55.74
CA VAL S 53 -1.80 -90.64 54.94
C VAL S 53 -1.06 -91.79 54.26
N ASN S 54 -0.86 -92.91 54.96
CA ASN S 54 -0.21 -94.06 54.36
C ASN S 54 -1.08 -94.69 53.29
N THR S 55 -2.40 -94.71 53.50
CA THR S 55 -3.31 -95.21 52.47
C THR S 55 -3.24 -94.35 51.23
N ARG S 56 -3.23 -93.02 51.41
CA ARG S 56 -3.11 -92.11 50.28
C ARG S 56 -1.76 -92.26 49.58
N LEU S 57 -0.69 -92.48 50.35
CA LEU S 57 0.63 -92.63 49.77
C LEU S 57 0.74 -93.93 48.99
N ARG S 58 0.09 -94.98 49.49
CA ARG S 58 0.02 -96.24 48.75
C ARG S 58 -0.83 -96.10 47.51
N GLU S 59 -1.84 -95.22 47.56
CA GLU S 59 -2.61 -94.90 46.35
C GLU S 59 -1.72 -94.24 45.32
N LEU S 60 -0.79 -93.38 45.75
CA LEU S 60 0.12 -92.72 44.85
C LEU S 60 1.31 -93.59 44.46
N GLY S 61 1.43 -94.77 45.06
CA GLY S 61 2.55 -95.64 44.77
C GLY S 61 3.87 -95.10 45.27
N VAL S 62 3.89 -94.53 46.47
CA VAL S 62 5.09 -94.01 47.09
C VAL S 62 5.32 -94.76 48.38
N ALA S 63 6.59 -94.91 48.76
CA ALA S 63 6.96 -95.67 49.95
C ALA S 63 6.34 -95.04 51.19
N PRO S 64 5.61 -95.80 51.99
CA PRO S 64 4.85 -95.20 53.09
C PRO S 64 5.75 -94.73 54.22
N LEU S 65 5.19 -93.88 55.07
CA LEU S 65 5.92 -93.37 56.22
C LEU S 65 6.11 -94.47 57.25
N GLU S 66 7.34 -94.61 57.72
CA GLU S 66 7.67 -95.58 58.75
C GLU S 66 8.60 -94.93 59.77
N ALA S 67 8.45 -95.34 61.02
CA ALA S 67 9.24 -94.77 62.10
C ALA S 67 10.55 -95.52 62.27
N LYS S 68 11.52 -94.84 62.88
CA LYS S 68 12.79 -95.44 63.24
C LYS S 68 13.20 -94.91 64.61
N GLY S 69 13.89 -95.77 65.37
CA GLY S 69 14.26 -95.38 66.72
C GLY S 69 13.04 -95.26 67.62
N ARG S 70 13.12 -94.30 68.55
CA ARG S 70 12.04 -94.07 69.50
C ARG S 70 11.59 -92.62 69.41
N GLY S 71 10.29 -92.41 69.59
CA GLY S 71 9.71 -91.09 69.46
C GLY S 71 8.22 -91.23 69.19
N ARG S 72 7.63 -90.13 68.72
CA ARG S 72 6.21 -90.10 68.43
C ARG S 72 5.97 -89.46 67.08
N TRP S 73 4.86 -89.84 66.45
CA TRP S 73 4.36 -89.07 65.32
C TRP S 73 3.74 -87.80 65.88
N MET S 74 4.06 -86.68 65.25
CA MET S 74 3.80 -85.39 65.86
C MET S 74 3.90 -84.30 64.80
N LEU S 75 2.96 -83.35 64.84
CA LEU S 75 2.78 -82.38 63.78
C LEU S 75 3.50 -81.08 64.09
N CYS S 76 4.36 -80.66 63.18
CA CYS S 76 5.12 -79.43 63.31
C CYS S 76 4.67 -78.45 62.23
N LEU S 77 4.85 -77.16 62.51
CA LEU S 77 4.60 -76.13 61.51
C LEU S 77 5.74 -76.09 60.49
N VAL S 78 5.71 -75.07 59.63
CA VAL S 78 6.69 -74.99 58.55
C VAL S 78 8.09 -74.72 59.11
N ASP S 79 8.18 -73.94 60.19
CA ASP S 79 9.46 -73.64 60.80
C ASP S 79 10.02 -74.79 61.60
N GLY S 80 9.16 -75.75 61.98
CA GLY S 80 9.57 -76.90 62.75
C GLY S 80 9.05 -76.94 64.17
N THR S 81 8.39 -75.88 64.64
CA THR S 81 7.84 -75.91 65.99
C THR S 81 6.66 -76.87 66.04
N PRO S 82 6.63 -77.78 67.01
CA PRO S 82 5.54 -78.75 67.09
C PRO S 82 4.25 -78.15 67.61
N LEU S 83 3.16 -78.85 67.35
CA LEU S 83 1.88 -78.51 67.94
C LEU S 83 1.73 -79.20 69.30
N ARG S 84 0.97 -78.57 70.17
CA ARG S 84 0.71 -79.13 71.48
C ARG S 84 -0.26 -80.30 71.35
N PRO S 85 0.10 -81.50 71.78
CA PRO S 85 -0.77 -82.66 71.54
C PRO S 85 -2.03 -82.68 72.41
N ASN S 86 -2.10 -81.85 73.44
CA ASN S 86 -3.26 -81.80 74.31
C ASN S 86 -4.22 -80.66 73.98
N LEU S 87 -4.02 -80.01 72.84
CA LEU S 87 -4.85 -78.88 72.46
C LEU S 87 -5.45 -79.13 71.09
N SER S 88 -6.64 -78.57 70.87
CA SER S 88 -7.31 -78.73 69.59
C SER S 88 -6.65 -77.84 68.53
N LEU S 89 -7.14 -77.95 67.30
CA LEU S 89 -6.55 -77.17 66.22
C LEU S 89 -6.95 -75.71 66.32
N THR S 90 -8.15 -75.43 66.80
CA THR S 90 -8.61 -74.06 66.95
C THR S 90 -7.87 -73.35 68.09
N GLU S 91 -7.62 -74.07 69.19
CA GLU S 91 -6.92 -73.48 70.32
C GLU S 91 -5.47 -73.18 70.03
N GLN S 92 -4.89 -73.80 69.00
CA GLN S 92 -3.54 -73.50 68.57
C GLN S 92 -3.50 -72.61 67.33
N GLU S 93 -4.65 -72.05 66.93
CA GLU S 93 -4.78 -71.16 65.78
C GLU S 93 -4.31 -71.84 64.49
N VAL S 94 -5.00 -72.93 64.15
CA VAL S 94 -4.83 -73.60 62.86
C VAL S 94 -6.16 -73.50 62.13
N TYR S 95 -6.13 -72.91 60.95
CA TYR S 95 -7.32 -72.63 60.16
C TYR S 95 -7.30 -73.46 58.88
N ASP S 96 -8.37 -73.30 58.09
CA ASP S 96 -8.50 -74.03 56.84
C ASP S 96 -7.40 -73.63 55.85
N GLY S 97 -6.96 -74.60 55.06
CA GLY S 97 -5.89 -74.37 54.10
C GLY S 97 -4.50 -74.22 54.69
N ASP S 98 -4.34 -74.37 56.00
CA ASP S 98 -3.01 -74.40 56.59
C ASP S 98 -2.29 -75.68 56.21
N ARG S 99 -0.96 -75.61 56.14
CA ARG S 99 -0.13 -76.77 55.90
C ARG S 99 0.59 -77.18 57.18
N LEU S 100 0.47 -78.45 57.52
CA LEU S 100 1.12 -79.05 58.67
C LEU S 100 2.03 -80.17 58.19
N TRP S 101 3.26 -80.20 58.72
CA TRP S 101 4.20 -81.25 58.36
C TRP S 101 4.09 -82.39 59.38
N LEU S 102 3.92 -83.60 58.88
CA LEU S 102 3.85 -84.79 59.70
C LEU S 102 5.22 -85.44 59.76
N LYS S 103 5.78 -85.56 60.97
CA LYS S 103 7.14 -86.02 61.15
C LYS S 103 7.18 -86.96 62.33
N PHE S 104 8.22 -87.80 62.35
CA PHE S 104 8.54 -88.65 63.49
C PHE S 104 9.81 -88.10 64.11
N LEU S 105 9.70 -87.59 65.33
CA LEU S 105 10.79 -86.90 66.01
C LEU S 105 11.22 -87.68 67.23
N GLU S 106 12.53 -87.70 67.47
CA GLU S 106 13.08 -88.46 68.58
C GLU S 106 12.75 -87.85 69.94
N ASP S 107 12.32 -86.59 69.97
CA ASP S 107 12.04 -85.90 71.21
C ASP S 107 10.88 -84.95 70.99
N THR S 108 10.29 -84.49 72.10
CA THR S 108 9.19 -83.56 72.07
C THR S 108 9.64 -82.10 72.17
N GLU S 109 10.93 -81.86 72.35
CA GLU S 109 11.47 -80.51 72.52
C GLU S 109 12.48 -80.24 71.41
N HIS S 110 12.12 -79.33 70.48
CA HIS S 110 13.01 -78.99 69.37
C HIS S 110 12.94 -77.52 69.01
N ARG S 111 12.36 -76.67 69.86
CA ARG S 111 12.26 -75.24 69.56
C ARG S 111 13.60 -74.54 69.68
N SER S 112 13.75 -73.45 68.92
CA SER S 112 14.87 -72.54 69.01
C SER S 112 14.33 -71.14 69.25
N GLU S 113 14.23 -70.76 70.52
CA GLU S 113 13.49 -69.57 70.95
C GLU S 113 14.31 -68.28 70.84
N VAL S 114 15.52 -68.35 70.31
CA VAL S 114 16.45 -67.23 70.36
C VAL S 114 16.19 -66.34 69.14
N ILE S 115 15.32 -65.35 69.33
CA ILE S 115 15.05 -64.38 68.28
C ILE S 115 16.14 -63.30 68.36
N GLU S 116 16.48 -62.71 67.23
CA GLU S 116 17.57 -61.75 67.15
C GLU S 116 17.13 -60.51 66.38
N HIS S 117 17.18 -59.36 67.04
CA HIS S 117 16.93 -58.07 66.43
C HIS S 117 18.18 -57.70 65.62
N ILE S 118 18.01 -57.55 64.29
CA ILE S 118 19.09 -57.20 63.38
C ILE S 118 18.53 -56.20 62.37
N SER S 119 19.29 -55.16 62.04
CA SER S 119 18.82 -54.28 60.97
C SER S 119 18.95 -55.03 59.64
N THR S 120 17.79 -55.30 59.00
CA THR S 120 17.78 -56.06 57.75
C THR S 120 18.42 -55.32 56.58
N ALA S 121 18.27 -54.00 56.53
CA ALA S 121 18.78 -53.23 55.38
C ALA S 121 20.29 -53.31 55.29
N VAL S 122 20.99 -52.99 56.38
CA VAL S 122 22.45 -53.10 56.38
C VAL S 122 22.89 -54.57 56.28
N ALA S 123 22.13 -55.49 56.89
CA ALA S 123 22.47 -56.91 56.80
C ALA S 123 22.48 -57.38 55.36
N THR S 124 21.50 -56.97 54.57
CA THR S 124 21.42 -57.38 53.18
C THR S 124 22.28 -56.50 52.28
N ASN S 125 22.71 -55.36 52.79
CA ASN S 125 23.53 -54.44 52.02
C ASN S 125 25.01 -54.81 52.10
N LEU S 126 25.52 -54.94 53.31
CA LEU S 126 26.97 -54.99 53.55
C LEU S 126 27.59 -56.26 53.02
N SER S 127 26.79 -57.33 52.88
CA SER S 127 27.32 -58.64 52.49
C SER S 127 27.94 -58.61 51.11
N LYS S 128 27.35 -57.86 50.19
CA LYS S 128 27.83 -57.88 48.81
C LYS S 128 29.12 -57.10 48.61
N ARG S 129 29.50 -56.23 49.54
CA ARG S 129 30.70 -55.42 49.37
C ARG S 129 31.80 -55.76 50.37
N PHE S 130 31.58 -56.70 51.27
CA PHE S 130 32.63 -57.30 52.08
C PHE S 130 32.96 -58.71 51.64
N ALA S 131 32.48 -59.13 50.47
CA ALA S 131 32.72 -60.47 50.00
C ALA S 131 34.19 -60.68 49.66
N PRO S 132 34.70 -61.91 49.83
CA PRO S 132 36.02 -62.25 49.32
C PRO S 132 36.04 -62.38 47.81
N ILE S 133 37.22 -62.63 47.25
CA ILE S 133 37.34 -62.82 45.80
C ILE S 133 36.56 -64.05 45.35
N ASP S 134 35.61 -63.81 44.48
CA ASP S 134 34.76 -64.72 43.72
C ASP S 134 35.50 -65.09 42.44
N PRO S 135 35.62 -66.39 42.10
CA PRO S 135 36.34 -66.76 40.87
C PRO S 135 35.84 -66.11 39.59
N VAL S 136 34.57 -65.68 39.52
CA VAL S 136 34.14 -64.92 38.34
C VAL S 136 34.87 -63.59 38.24
N VAL S 137 35.26 -63.01 39.37
CA VAL S 137 36.12 -61.84 39.34
C VAL S 137 37.54 -62.24 38.96
N ALA S 138 38.02 -63.36 39.52
CA ALA S 138 39.39 -63.80 39.34
C ALA S 138 39.69 -64.10 37.87
N VAL S 139 38.71 -64.67 37.18
CA VAL S 139 38.82 -64.88 35.74
C VAL S 139 39.02 -63.56 35.01
N GLN S 140 38.24 -62.54 35.37
CA GLN S 140 38.41 -61.22 34.76
C GLN S 140 39.78 -60.63 35.07
N VAL S 141 40.26 -60.83 36.30
CA VAL S 141 41.59 -60.39 36.69
C VAL S 141 42.65 -61.05 35.83
N GLY S 142 42.57 -62.38 35.71
CA GLY S 142 43.49 -63.10 34.84
C GLY S 142 43.44 -62.63 33.40
N ALA S 143 42.23 -62.45 32.87
CA ALA S 143 42.07 -61.99 31.50
C ALA S 143 42.70 -60.63 31.28
N THR S 144 42.53 -59.72 32.25
CA THR S 144 43.17 -58.43 32.21
C THR S 144 44.69 -58.55 32.21
N MET S 145 45.23 -59.41 33.07
CA MET S 145 46.68 -59.52 33.15
C MET S 145 47.26 -60.18 31.90
N VAL S 146 46.52 -61.13 31.31
CA VAL S 146 46.85 -61.67 29.99
C VAL S 146 46.89 -60.56 28.95
N ALA S 147 45.85 -59.71 28.93
CA ALA S 147 45.80 -58.58 28.01
C ALA S 147 47.02 -57.68 28.16
N VAL S 148 47.38 -57.35 29.40
CA VAL S 148 48.56 -56.55 29.66
C VAL S 148 49.80 -57.24 29.12
N GLY S 149 49.90 -58.55 29.34
CA GLY S 149 51.07 -59.28 28.87
C GLY S 149 51.19 -59.30 27.36
N VAL S 150 50.06 -59.52 26.66
CA VAL S 150 50.14 -59.58 25.21
C VAL S 150 50.38 -58.20 24.61
N LEU S 151 49.87 -57.14 25.24
CA LEU S 151 50.20 -55.80 24.77
C LEU S 151 51.67 -55.49 24.96
N LEU S 152 52.23 -55.87 26.12
CA LEU S 152 53.67 -55.72 26.33
C LEU S 152 54.46 -56.50 25.30
N GLY S 153 54.06 -57.73 25.03
CA GLY S 153 54.78 -58.56 24.08
C GLY S 153 54.76 -57.97 22.68
N SER S 154 53.61 -57.47 22.26
CA SER S 154 53.51 -56.83 20.96
C SER S 154 54.36 -55.57 20.90
N ALA S 155 54.36 -54.79 21.97
CA ALA S 155 55.19 -53.58 22.01
C ALA S 155 56.67 -53.92 21.96
N LEU S 156 57.08 -54.97 22.67
CA LEU S 156 58.47 -55.41 22.64
C LEU S 156 58.88 -55.88 21.26
N LEU S 157 58.02 -56.64 20.59
CA LEU S 157 58.33 -57.11 19.25
C LEU S 157 58.42 -55.95 18.27
N GLY S 158 57.53 -54.97 18.40
CA GLY S 158 57.63 -53.79 17.56
C GLY S 158 58.88 -52.98 17.83
N TRP S 159 59.27 -52.90 19.10
CA TRP S 159 60.52 -52.23 19.47
C TRP S 159 61.73 -52.92 18.87
N TRP S 160 61.75 -54.25 18.91
CA TRP S 160 62.81 -54.99 18.23
C TRP S 160 62.81 -54.72 16.73
N ARG S 161 61.64 -54.78 16.09
CA ARG S 161 61.57 -54.59 14.65
C ARG S 161 62.03 -53.20 14.25
N TRP S 162 61.71 -52.20 15.08
CA TRP S 162 62.19 -50.84 14.84
C TRP S 162 63.70 -50.75 15.03
N GLN S 163 64.21 -51.31 16.14
CA GLN S 163 65.63 -51.19 16.45
C GLN S 163 66.48 -52.12 15.60
N HIS S 164 66.01 -53.35 15.37
CA HIS S 164 66.78 -54.38 14.68
C HIS S 164 65.96 -54.87 13.50
N GLU S 165 66.25 -54.35 12.31
CA GLU S 165 65.53 -54.74 11.11
C GLU S 165 65.82 -56.20 10.79
N SER S 166 64.83 -57.06 11.03
CA SER S 166 65.00 -58.50 10.83
C SER S 166 63.64 -59.13 10.56
N TRP S 167 63.68 -60.30 9.94
CA TRP S 167 62.49 -61.08 9.66
C TRP S 167 61.96 -61.86 10.86
N LEU S 168 62.74 -61.90 11.94
CA LEU S 168 62.41 -62.75 13.09
C LEU S 168 61.11 -62.43 13.86
N PRO S 169 60.75 -61.18 14.18
CA PRO S 169 59.57 -60.97 15.03
C PRO S 169 58.23 -61.06 14.32
N ALA S 170 58.22 -60.90 12.99
CA ALA S 170 56.96 -60.82 12.26
C ALA S 170 56.14 -62.12 12.33
N PRO S 171 56.70 -63.32 12.10
CA PRO S 171 55.80 -64.48 12.16
C PRO S 171 55.41 -64.83 13.58
N PHE S 172 56.28 -64.55 14.56
CA PHE S 172 55.98 -64.94 15.92
C PHE S 172 54.85 -64.10 16.48
N ALA S 173 54.82 -62.80 16.15
CA ALA S 173 53.71 -61.98 16.61
C ALA S 173 52.40 -62.43 15.97
N ALA S 174 52.46 -62.89 14.72
CA ALA S 174 51.28 -63.43 14.06
C ALA S 174 50.79 -64.68 14.76
N VAL S 175 51.71 -65.54 15.18
CA VAL S 175 51.33 -66.77 15.87
C VAL S 175 50.64 -66.46 17.19
N ILE S 176 51.22 -65.52 17.96
CA ILE S 176 50.62 -65.15 19.24
C ILE S 176 49.24 -64.54 19.05
N ALA S 177 49.11 -63.66 18.06
CA ALA S 177 47.83 -63.03 17.77
C ALA S 177 46.78 -64.05 17.35
N VAL S 178 47.18 -65.00 16.50
CA VAL S 178 46.23 -66.01 16.02
C VAL S 178 45.74 -66.88 17.17
N LEU S 179 46.66 -67.32 18.03
CA LEU S 179 46.24 -68.18 19.13
C LEU S 179 45.35 -67.42 20.12
N VAL S 180 45.69 -66.16 20.42
CA VAL S 180 44.91 -65.38 21.35
C VAL S 180 43.52 -65.09 20.80
N LEU S 181 43.43 -64.71 19.52
CA LEU S 181 42.14 -64.41 18.92
C LEU S 181 41.27 -65.65 18.82
N THR S 182 41.87 -66.81 18.54
CA THR S 182 41.09 -68.04 18.49
C THR S 182 40.58 -68.41 19.88
N VAL S 183 41.40 -68.20 20.91
CA VAL S 183 40.94 -68.43 22.28
C VAL S 183 39.80 -67.49 22.63
N ALA S 184 39.92 -66.22 22.22
CA ALA S 184 38.88 -65.24 22.49
C ALA S 184 37.59 -65.58 21.76
N THR S 185 37.69 -66.04 20.52
CA THR S 185 36.50 -66.42 19.77
C THR S 185 35.84 -67.64 20.38
N MET S 186 36.63 -68.59 20.86
CA MET S 186 36.08 -69.75 21.56
C MET S 186 35.39 -69.33 22.84
N ILE S 187 35.95 -68.33 23.53
CA ILE S 187 35.29 -67.79 24.72
C ILE S 187 33.98 -67.14 24.32
N LEU S 188 33.98 -66.37 23.24
CA LEU S 188 32.77 -65.71 22.76
C LEU S 188 31.85 -66.66 22.01
N ALA S 189 32.24 -67.91 21.82
CA ALA S 189 31.42 -68.88 21.11
C ALA S 189 30.30 -69.45 21.95
N ARG S 190 30.02 -68.83 23.11
CA ARG S 190 28.95 -69.12 24.07
C ARG S 190 29.19 -70.42 24.84
N SER S 191 30.27 -71.14 24.55
CA SER S 191 30.45 -72.46 25.15
C SER S 191 30.87 -72.39 26.60
N LYS S 192 31.59 -71.33 27.00
CA LYS S 192 32.09 -71.23 28.36
C LYS S 192 31.75 -69.93 29.05
N THR S 193 31.14 -68.96 28.37
CA THR S 193 30.85 -67.65 28.96
C THR S 193 29.54 -67.14 28.36
N VAL S 194 28.44 -67.34 29.06
CA VAL S 194 27.18 -66.68 28.71
C VAL S 194 27.09 -65.26 29.27
N PRO S 195 27.23 -64.98 30.61
CA PRO S 195 26.93 -63.63 31.08
C PRO S 195 28.09 -62.64 30.99
N ASP S 196 29.32 -63.11 31.03
CA ASP S 196 30.48 -62.23 31.05
C ASP S 196 31.18 -62.31 29.70
N ARG S 197 30.74 -61.43 28.80
CA ARG S 197 31.44 -61.17 27.56
C ARG S 197 32.68 -60.33 27.79
N ARG S 198 32.89 -59.86 29.03
CA ARG S 198 34.01 -58.99 29.35
C ARG S 198 35.33 -59.68 29.08
N VAL S 199 35.45 -60.95 29.47
CA VAL S 199 36.68 -61.69 29.25
C VAL S 199 36.96 -61.81 27.77
N GLY S 200 35.93 -62.19 27.01
CA GLY S 200 36.09 -62.32 25.57
C GLY S 200 36.39 -60.99 24.91
N ASP S 201 35.74 -59.92 25.35
CA ASP S 201 35.98 -58.62 24.75
C ASP S 201 37.38 -58.12 25.04
N ILE S 202 37.86 -58.30 26.27
CA ILE S 202 39.22 -57.88 26.62
C ILE S 202 40.25 -58.67 25.85
N LEU S 203 40.07 -60.00 25.74
CA LEU S 203 41.01 -60.80 24.99
C LEU S 203 40.98 -60.43 23.51
N LEU S 204 39.78 -60.26 22.94
CA LEU S 204 39.67 -59.96 21.53
C LEU S 204 40.32 -58.62 21.22
N LEU S 205 40.09 -57.63 22.10
CA LEU S 205 40.67 -56.31 21.89
C LEU S 205 42.18 -56.36 22.02
N SER S 206 42.66 -57.18 22.96
CA SER S 206 44.10 -57.23 23.19
C SER S 206 44.81 -57.98 22.09
N GLY S 207 44.18 -59.01 21.54
CA GLY S 207 44.86 -59.83 20.56
C GLY S 207 44.98 -59.19 19.19
N LEU S 208 44.24 -58.12 18.93
CA LEU S 208 44.34 -57.49 17.62
C LEU S 208 45.61 -56.69 17.46
N VAL S 209 46.18 -56.19 18.56
CA VAL S 209 47.42 -55.42 18.50
C VAL S 209 48.61 -56.26 18.04
N PRO S 210 48.83 -57.50 18.53
CA PRO S 210 49.89 -58.31 17.91
C PRO S 210 49.67 -58.59 16.44
N LEU S 211 48.42 -58.69 16.00
CA LEU S 211 48.14 -58.88 14.59
C LEU S 211 48.62 -57.69 13.76
N ALA S 212 48.33 -56.48 14.23
CA ALA S 212 48.79 -55.29 13.53
C ALA S 212 50.29 -55.17 13.58
N VAL S 213 50.90 -55.57 14.71
CA VAL S 213 52.35 -55.54 14.84
C VAL S 213 53.00 -56.49 13.83
N ALA S 214 52.44 -57.70 13.70
CA ALA S 214 52.97 -58.67 12.75
C ALA S 214 52.81 -58.19 11.31
N ILE S 215 51.66 -57.61 11.00
CA ILE S 215 51.42 -57.11 9.64
C ILE S 215 52.37 -55.97 9.31
N ALA S 216 52.61 -55.07 10.26
CA ALA S 216 53.54 -53.98 10.02
C ALA S 216 54.97 -54.47 9.91
N ALA S 217 55.34 -55.48 10.70
CA ALA S 217 56.69 -56.02 10.64
C ALA S 217 56.93 -56.90 9.42
N THR S 218 55.86 -57.34 8.76
CA THR S 218 56.01 -58.08 7.52
C THR S 218 56.66 -57.24 6.42
N ALA S 219 56.29 -55.96 6.36
CA ALA S 219 56.86 -55.08 5.36
C ALA S 219 58.35 -54.82 5.62
N PRO S 220 59.18 -54.74 4.57
CA PRO S 220 60.62 -54.55 4.77
C PRO S 220 60.99 -53.12 5.14
N GLY S 221 62.29 -52.84 5.19
CA GLY S 221 62.77 -51.52 5.54
C GLY S 221 63.00 -51.38 7.03
N PRO S 222 63.56 -50.24 7.45
CA PRO S 222 63.76 -49.99 8.87
C PRO S 222 62.45 -49.90 9.65
N VAL S 223 61.57 -49.01 9.24
CA VAL S 223 60.20 -48.97 9.73
C VAL S 223 59.40 -49.99 8.92
N GLY S 224 58.17 -50.28 9.35
CA GLY S 224 57.25 -50.97 8.47
C GLY S 224 57.05 -50.11 7.24
N ALA S 225 57.37 -50.67 6.06
CA ALA S 225 57.73 -49.94 4.83
C ALA S 225 56.96 -48.66 4.53
N PRO S 226 55.62 -48.60 4.60
CA PRO S 226 54.99 -47.29 4.37
C PRO S 226 54.89 -46.47 5.65
N HIS S 227 55.96 -46.46 6.44
CA HIS S 227 55.96 -45.91 7.80
C HIS S 227 54.78 -46.44 8.60
N ALA S 228 54.57 -47.77 8.51
CA ALA S 228 53.53 -48.50 9.23
C ALA S 228 52.12 -47.98 8.94
N VAL S 229 51.82 -47.74 7.67
CA VAL S 229 50.43 -47.49 7.28
C VAL S 229 49.60 -48.75 7.49
N LEU S 230 50.13 -49.88 7.05
CA LEU S 230 49.34 -51.10 6.93
C LEU S 230 48.95 -51.65 8.29
N GLY S 231 49.80 -51.49 9.31
CA GLY S 231 49.44 -51.94 10.64
C GLY S 231 48.26 -51.17 11.22
N PHE S 232 48.31 -49.84 11.11
CA PHE S 232 47.19 -49.02 11.57
C PHE S 232 45.93 -49.30 10.76
N GLY S 233 46.09 -49.52 9.45
CA GLY S 233 44.93 -49.81 8.62
C GLY S 233 44.27 -51.13 8.97
N VAL S 234 45.08 -52.17 9.16
CA VAL S 234 44.51 -53.47 9.48
C VAL S 234 43.90 -53.46 10.87
N PHE S 235 44.50 -52.73 11.82
CA PHE S 235 43.91 -52.66 13.14
C PHE S 235 42.61 -51.89 13.11
N GLY S 236 42.55 -50.81 12.32
CA GLY S 236 41.33 -50.04 12.23
C GLY S 236 40.20 -50.83 11.59
N VAL S 237 40.49 -51.53 10.49
CA VAL S 237 39.42 -52.29 9.86
C VAL S 237 39.04 -53.49 10.72
N ALA S 238 39.98 -54.05 11.48
CA ALA S 238 39.65 -55.11 12.41
C ALA S 238 38.71 -54.61 13.49
N ALA S 239 38.97 -53.40 14.01
CA ALA S 239 38.07 -52.84 15.01
C ALA S 239 36.70 -52.52 14.43
N MET S 240 36.65 -52.07 13.18
CA MET S 240 35.37 -51.81 12.54
C MET S 240 34.56 -53.09 12.39
N LEU S 241 35.21 -54.17 11.96
CA LEU S 241 34.50 -55.44 11.86
C LEU S 241 34.10 -55.98 13.23
N VAL S 242 34.91 -55.74 14.26
CA VAL S 242 34.53 -56.17 15.60
C VAL S 242 33.28 -55.44 16.05
N MET S 243 33.24 -54.13 15.83
CA MET S 243 32.05 -53.34 16.13
C MET S 243 30.84 -53.84 15.35
N ARG S 244 31.01 -54.10 14.05
CA ARG S 244 29.91 -54.57 13.23
C ARG S 244 29.38 -55.93 13.69
N PHE S 245 30.26 -56.79 14.17
CA PHE S 245 29.78 -58.10 14.63
C PHE S 245 29.40 -58.12 16.10
N THR S 246 30.27 -57.61 16.98
CA THR S 246 29.97 -57.65 18.40
C THR S 246 29.10 -56.47 18.83
N GLY S 247 29.53 -55.25 18.51
CA GLY S 247 28.81 -54.06 18.93
C GLY S 247 28.72 -53.80 20.41
N ARG S 248 29.62 -54.37 21.21
CA ARG S 248 29.48 -54.19 22.66
C ARG S 248 30.26 -52.98 23.17
N ARG S 249 31.57 -52.96 22.96
CA ARG S 249 32.40 -51.87 23.49
C ARG S 249 32.60 -50.79 22.43
N LEU S 250 31.51 -50.10 22.08
CA LEU S 250 31.56 -49.19 20.94
C LEU S 250 32.52 -48.03 21.16
N GLY S 251 32.55 -47.48 22.37
CA GLY S 251 33.38 -46.32 22.64
C GLY S 251 34.86 -46.58 22.39
N VAL S 252 35.35 -47.72 22.87
CA VAL S 252 36.78 -47.99 22.84
C VAL S 252 37.26 -48.20 21.41
N TYR S 253 36.61 -49.12 20.70
CA TYR S 253 37.00 -49.34 19.32
C TYR S 253 36.70 -48.13 18.45
N THR S 254 35.72 -47.32 18.80
CA THR S 254 35.47 -46.13 18.01
C THR S 254 36.61 -45.12 18.15
N ALA S 255 37.12 -44.96 19.37
CA ALA S 255 38.30 -44.11 19.55
C ALA S 255 39.50 -44.68 18.82
N LEU S 256 39.67 -45.99 18.88
CA LEU S 256 40.80 -46.62 18.21
C LEU S 256 40.70 -46.49 16.69
N VAL S 257 39.49 -46.59 16.15
CA VAL S 257 39.27 -46.38 14.73
C VAL S 257 39.60 -44.95 14.35
N THR S 258 39.25 -43.99 15.20
CA THR S 258 39.58 -42.60 14.93
C THR S 258 41.09 -42.40 14.84
N LEU S 259 41.82 -42.94 15.83
CA LEU S 259 43.27 -42.83 15.82
C LEU S 259 43.88 -43.51 14.61
N CYS S 260 43.37 -44.69 14.26
CA CYS S 260 43.93 -45.43 13.13
C CYS S 260 43.65 -44.74 11.81
N ALA S 261 42.45 -44.16 11.66
CA ALA S 261 42.13 -43.45 10.43
C ALA S 261 43.03 -42.25 10.24
N ALA S 262 43.27 -41.49 11.30
CA ALA S 262 44.17 -40.35 11.19
C ALA S 262 45.59 -40.80 10.89
N ALA S 263 46.06 -41.86 11.54
CA ALA S 263 47.41 -42.33 11.31
C ALA S 263 47.60 -42.84 9.89
N THR S 264 46.60 -43.55 9.36
CA THR S 264 46.73 -44.06 8.00
C THR S 264 46.70 -42.95 6.98
N ALA S 265 45.85 -41.93 7.18
CA ALA S 265 45.83 -40.81 6.26
C ALA S 265 47.17 -40.06 6.27
N ALA S 266 47.71 -39.83 7.47
CA ALA S 266 48.99 -39.12 7.56
C ALA S 266 50.11 -39.93 6.92
N GLY S 267 50.13 -41.24 7.15
CA GLY S 267 51.16 -42.07 6.56
C GLY S 267 51.06 -42.18 5.04
N LEU S 268 49.83 -42.27 4.52
CA LEU S 268 49.66 -42.32 3.08
C LEU S 268 50.09 -41.02 2.42
N ALA S 269 49.77 -39.87 3.02
CA ALA S 269 50.24 -38.63 2.45
C ALA S 269 51.74 -38.47 2.61
N ARG S 270 52.31 -39.10 3.64
CA ARG S 270 53.75 -39.07 3.84
C ARG S 270 54.46 -39.89 2.77
N MET S 271 53.93 -41.07 2.45
CA MET S 271 54.64 -41.91 1.51
C MET S 271 54.39 -41.47 0.08
N VAL S 272 53.18 -41.04 -0.25
CA VAL S 272 52.88 -40.67 -1.62
C VAL S 272 53.43 -39.29 -1.95
N LEU S 273 53.17 -38.30 -1.10
CA LEU S 273 53.54 -36.94 -1.45
C LEU S 273 54.90 -36.52 -0.91
N LEU S 274 55.44 -37.26 0.06
CA LEU S 274 56.70 -36.94 0.73
C LEU S 274 56.67 -35.52 1.31
N THR S 275 55.55 -35.16 1.90
CA THR S 275 55.41 -33.83 2.46
C THR S 275 56.02 -33.77 3.85
N SER S 276 56.11 -32.55 4.37
CA SER S 276 56.73 -32.34 5.67
C SER S 276 55.83 -32.85 6.79
N ALA S 277 56.45 -33.14 7.92
CA ALA S 277 55.68 -33.62 9.06
C ALA S 277 54.84 -32.51 9.65
N VAL S 278 55.30 -31.26 9.53
CA VAL S 278 54.52 -30.12 10.00
C VAL S 278 53.22 -30.00 9.23
N THR S 279 53.30 -30.18 7.90
CA THR S 279 52.10 -30.16 7.08
C THR S 279 51.13 -31.27 7.49
N LEU S 280 51.66 -32.46 7.76
CA LEU S 280 50.82 -33.57 8.19
C LEU S 280 50.13 -33.28 9.50
N LEU S 281 50.90 -32.79 10.48
CA LEU S 281 50.33 -32.49 11.79
C LEU S 281 49.26 -31.42 11.68
N THR S 282 49.51 -30.38 10.89
CA THR S 282 48.55 -29.29 10.86
C THR S 282 47.31 -29.66 10.06
N CYS S 283 47.45 -30.49 9.02
CA CYS S 283 46.23 -30.87 8.30
C CYS S 283 45.41 -31.89 9.10
N VAL S 284 46.06 -32.74 9.88
CA VAL S 284 45.29 -33.59 10.79
C VAL S 284 44.61 -32.75 11.85
N LEU S 285 45.27 -31.66 12.28
CA LEU S 285 44.63 -30.72 13.20
C LEU S 285 43.40 -30.07 12.58
N LEU S 286 43.50 -29.63 11.32
CA LEU S 286 42.35 -29.04 10.68
C LEU S 286 41.23 -30.06 10.52
N ALA S 287 41.59 -31.31 10.24
CA ALA S 287 40.59 -32.37 10.13
C ALA S 287 39.88 -32.60 11.46
N CYS S 288 40.62 -32.60 12.56
CA CYS S 288 39.98 -32.89 13.84
C CYS S 288 39.16 -31.69 14.32
N VAL S 289 39.58 -30.48 13.99
CA VAL S 289 38.76 -29.31 14.31
C VAL S 289 37.46 -29.36 13.54
N LEU S 290 37.52 -29.72 12.26
CA LEU S 290 36.31 -29.92 11.50
C LEU S 290 35.47 -31.06 12.08
N MET S 291 36.12 -32.08 12.60
CA MET S 291 35.42 -33.27 13.02
C MET S 291 34.70 -33.04 14.34
N TYR S 292 35.21 -32.13 15.18
CA TYR S 292 34.55 -31.81 16.43
C TYR S 292 33.16 -31.26 16.19
N HIS S 293 32.96 -30.57 15.08
CA HIS S 293 31.64 -30.07 14.73
C HIS S 293 30.75 -31.15 14.15
N GLY S 294 31.32 -32.11 13.43
CA GLY S 294 30.50 -33.14 12.85
C GLY S 294 30.33 -34.36 13.70
N ALA S 295 30.85 -34.34 14.90
CA ALA S 295 30.80 -35.50 15.78
C ALA S 295 29.38 -35.83 16.27
N PRO S 296 28.50 -34.87 16.60
CA PRO S 296 27.11 -35.27 16.86
C PRO S 296 26.41 -35.89 15.68
N ALA S 297 26.62 -35.36 14.48
CA ALA S 297 25.96 -35.90 13.30
C ALA S 297 26.44 -37.31 12.99
N LEU S 298 27.75 -37.52 13.05
CA LEU S 298 28.30 -38.85 12.82
C LEU S 298 27.83 -39.83 13.89
N SER S 299 27.72 -39.38 15.13
CA SER S 299 27.24 -40.28 16.16
C SER S 299 25.76 -40.58 16.04
N ARG S 300 24.96 -39.67 15.49
CA ARG S 300 23.62 -40.07 15.06
C ARG S 300 23.69 -41.14 13.98
N TRP S 301 24.52 -40.91 12.98
CA TRP S 301 24.48 -41.74 11.78
C TRP S 301 24.99 -43.14 12.04
N LEU S 302 26.01 -43.29 12.87
CA LEU S 302 26.56 -44.60 13.16
C LEU S 302 25.68 -45.40 14.09
N SER S 303 24.91 -44.73 14.94
CA SER S 303 24.01 -45.45 15.83
C SER S 303 22.80 -46.03 15.14
N GLY S 304 22.64 -45.80 13.85
CA GLY S 304 21.51 -46.33 13.13
C GLY S 304 20.18 -45.73 13.50
N ILE S 305 20.17 -44.58 14.16
CA ILE S 305 18.98 -43.75 14.18
C ILE S 305 18.74 -43.24 12.77
N ARG S 306 17.51 -43.36 12.29
CA ARG S 306 17.14 -42.79 11.01
C ARG S 306 15.91 -41.94 11.16
N LEU S 307 15.97 -40.73 10.62
CA LEU S 307 14.88 -39.79 10.75
C LEU S 307 13.72 -40.17 9.84
N PRO S 308 12.50 -39.71 10.14
CA PRO S 308 11.31 -40.15 9.40
C PRO S 308 11.38 -40.00 7.88
N VAL S 309 10.60 -40.83 7.22
CA VAL S 309 10.36 -40.77 5.78
C VAL S 309 9.25 -39.76 5.48
N PHE S 310 9.32 -39.13 4.33
CA PHE S 310 8.40 -38.06 4.02
C PHE S 310 7.47 -38.45 2.89
N PRO S 311 6.18 -38.21 3.04
CA PRO S 311 5.24 -38.38 1.92
C PRO S 311 5.42 -37.32 0.84
N SER S 312 6.36 -37.55 -0.07
CA SER S 312 6.72 -36.57 -1.07
C SER S 312 5.72 -36.49 -2.22
N ALA S 313 5.13 -37.63 -2.59
CA ALA S 313 4.26 -37.70 -3.75
C ALA S 313 3.02 -38.56 -3.48
N THR S 314 2.62 -38.69 -2.23
CA THR S 314 1.43 -39.43 -1.87
C THR S 314 0.65 -38.62 -0.85
N SER S 315 -0.67 -38.60 -1.05
CA SER S 315 -1.52 -37.62 -0.40
C SER S 315 -2.11 -38.06 0.93
N ARG S 316 -2.46 -39.34 1.08
CA ARG S 316 -3.13 -39.81 2.29
C ARG S 316 -2.31 -39.51 3.55
N TRP S 317 -3.01 -39.20 4.64
CA TRP S 317 -2.36 -38.85 5.91
C TRP S 317 -2.93 -39.58 7.12
N VAL S 318 -4.09 -40.21 7.02
CA VAL S 318 -4.69 -40.94 8.14
C VAL S 318 -4.45 -42.43 7.92
N PHE S 319 -3.88 -43.11 8.94
CA PHE S 319 -3.40 -44.49 8.87
C PHE S 319 -3.52 -45.17 10.23
N GLU S 320 -4.75 -45.38 10.74
CA GLU S 320 -4.93 -45.84 12.12
C GLU S 320 -4.64 -47.32 12.31
N ALA S 321 -3.54 -47.84 11.74
CA ALA S 321 -3.22 -49.25 11.84
C ALA S 321 -2.93 -49.70 13.27
N ARG S 322 -2.60 -48.76 14.17
CA ARG S 322 -2.30 -48.98 15.59
C ARG S 322 -1.36 -50.16 15.85
N PRO S 323 -0.03 -49.98 15.61
CA PRO S 323 0.94 -51.07 15.76
C PRO S 323 0.86 -51.88 17.04
N ASP S 324 0.73 -53.20 16.89
CA ASP S 324 0.58 -54.10 18.01
C ASP S 324 1.87 -54.28 18.78
N LEU S 325 1.71 -54.65 20.05
CA LEU S 325 2.82 -54.73 20.99
C LEU S 325 3.78 -55.86 20.64
N PRO S 326 5.08 -55.61 20.58
CA PRO S 326 6.06 -56.67 20.86
C PRO S 326 5.99 -57.11 22.31
N THR S 327 6.25 -58.40 22.52
CA THR S 327 6.15 -59.01 23.83
C THR S 327 7.29 -60.00 24.01
N THR S 328 7.71 -60.18 25.27
CA THR S 328 9.01 -60.80 25.57
C THR S 328 8.84 -61.72 26.77
N VAL S 329 8.78 -63.02 26.50
CA VAL S 329 8.70 -64.04 27.55
C VAL S 329 10.00 -64.05 28.35
N VAL S 330 9.87 -64.13 29.68
CA VAL S 330 11.05 -64.18 30.54
C VAL S 330 11.85 -65.44 30.23
N VAL S 331 13.19 -65.32 30.29
CA VAL S 331 14.10 -66.40 29.91
C VAL S 331 13.89 -67.68 30.69
N SER S 332 13.31 -67.61 31.89
CA SER S 332 12.93 -68.81 32.62
C SER S 332 11.79 -69.56 31.93
N GLY S 333 10.96 -68.84 31.17
CA GLY S 333 9.89 -69.47 30.40
C GLY S 333 8.72 -70.06 31.17
N GLY S 334 8.96 -70.58 32.37
CA GLY S 334 7.96 -71.34 33.08
C GLY S 334 6.85 -70.53 33.71
N GLY S 335 5.83 -70.19 32.92
CA GLY S 335 4.59 -69.65 33.45
C GLY S 335 4.62 -68.18 33.77
N GLN S 336 5.65 -67.47 33.37
CA GLN S 336 5.70 -66.02 33.54
C GLN S 336 4.66 -65.33 32.66
N PRO S 337 3.70 -64.62 33.23
CA PRO S 337 2.80 -63.80 32.41
C PRO S 337 3.60 -62.71 31.74
N THR S 338 3.63 -62.75 30.41
CA THR S 338 4.72 -62.18 29.67
C THR S 338 4.55 -60.67 29.50
N LEU S 339 5.68 -59.96 29.40
CA LEU S 339 5.77 -58.51 29.39
C LEU S 339 5.59 -57.98 27.98
N GLU S 340 5.36 -56.67 27.88
CA GLU S 340 5.00 -56.04 26.63
C GLU S 340 5.70 -54.69 26.50
N GLY S 341 5.98 -54.31 25.26
CA GLY S 341 6.39 -52.97 24.93
C GLY S 341 5.55 -52.38 23.81
N PRO S 342 5.74 -51.10 23.53
CA PRO S 342 4.79 -50.40 22.67
C PRO S 342 4.94 -50.63 21.17
N ALA S 343 6.18 -50.80 20.68
CA ALA S 343 6.45 -51.02 19.26
C ALA S 343 7.92 -51.30 19.02
N SER S 344 8.29 -51.38 17.75
CA SER S 344 9.69 -51.29 17.34
C SER S 344 10.40 -50.06 17.86
N VAL S 345 9.66 -48.97 18.09
CA VAL S 345 10.19 -47.75 18.69
C VAL S 345 10.84 -47.94 20.05
N ARG S 346 10.61 -49.08 20.71
CA ARG S 346 11.42 -49.43 21.87
C ARG S 346 12.92 -49.56 21.55
N ASP S 347 13.29 -49.83 20.30
CA ASP S 347 14.71 -49.87 19.93
C ASP S 347 15.38 -48.50 19.95
N VAL S 348 14.61 -47.42 20.00
CA VAL S 348 15.18 -46.10 20.21
C VAL S 348 15.95 -46.02 21.52
N LEU S 349 15.43 -46.66 22.56
CA LEU S 349 16.13 -46.71 23.84
C LEU S 349 17.49 -47.40 23.76
N LEU S 350 17.63 -48.40 22.90
CA LEU S 350 18.95 -48.99 22.66
C LEU S 350 19.84 -48.09 21.81
N ARG S 351 19.29 -47.57 20.71
CA ARG S 351 20.08 -46.79 19.77
C ARG S 351 20.62 -45.52 20.38
N ALA S 352 19.84 -44.87 21.25
CA ALA S 352 20.33 -43.69 21.95
C ALA S 352 21.57 -43.99 22.80
N GLU S 353 21.52 -45.04 23.61
CA GLU S 353 22.68 -45.43 24.41
C GLU S 353 23.88 -45.79 23.55
N ARG S 354 23.63 -46.34 22.36
CA ARG S 354 24.74 -46.58 21.46
C ARG S 354 25.30 -45.28 20.93
N ALA S 355 24.44 -44.35 20.55
CA ALA S 355 24.88 -43.06 20.04
C ALA S 355 25.74 -42.32 21.04
N ARG S 356 25.32 -42.31 22.30
CA ARG S 356 26.14 -41.77 23.38
C ARG S 356 27.52 -42.42 23.44
N SER S 357 27.57 -43.75 23.31
CA SER S 357 28.86 -44.42 23.40
C SER S 357 29.76 -44.09 22.22
N PHE S 358 29.18 -43.96 21.03
CA PHE S 358 29.93 -43.46 19.89
C PHE S 358 30.46 -42.08 20.13
N LEU S 359 29.62 -41.17 20.61
CA LEU S 359 30.03 -39.78 20.76
C LEU S 359 31.17 -39.64 21.74
N THR S 360 31.07 -40.33 22.88
CA THR S 360 32.17 -40.37 23.85
C THR S 360 33.45 -40.89 23.21
N GLY S 361 33.33 -41.91 22.36
CA GLY S 361 34.51 -42.42 21.68
C GLY S 361 35.12 -41.42 20.73
N LEU S 362 34.28 -40.72 19.96
CA LEU S 362 34.77 -39.70 19.03
C LEU S 362 35.53 -38.63 19.76
N LEU S 363 34.94 -38.09 20.82
CA LEU S 363 35.58 -36.98 21.52
C LEU S 363 36.90 -37.40 22.14
N VAL S 364 36.97 -38.60 22.70
CA VAL S 364 38.24 -39.10 23.22
C VAL S 364 39.29 -39.19 22.12
N GLY S 365 38.92 -39.81 20.99
CA GLY S 365 39.89 -39.97 19.92
C GLY S 365 40.38 -38.65 19.35
N LEU S 366 39.45 -37.72 19.13
CA LEU S 366 39.85 -36.41 18.62
C LEU S 366 40.68 -35.64 19.62
N GLY S 367 40.42 -35.85 20.92
CA GLY S 367 41.26 -35.25 21.94
C GLY S 367 42.69 -35.72 21.84
N VAL S 368 42.86 -37.04 21.74
CA VAL S 368 44.21 -37.60 21.63
C VAL S 368 44.91 -37.07 20.40
N LEU S 369 44.17 -37.01 19.28
CA LEU S 369 44.78 -36.52 18.04
C LEU S 369 45.18 -35.07 18.16
N THR S 370 44.36 -34.22 18.77
CA THR S 370 44.74 -32.82 18.78
C THR S 370 45.80 -32.50 19.82
N VAL S 371 45.95 -33.34 20.85
CA VAL S 371 47.13 -33.17 21.72
C VAL S 371 48.38 -33.58 20.98
N VAL S 372 48.32 -34.68 20.22
CA VAL S 372 49.49 -35.13 19.49
C VAL S 372 49.85 -34.09 18.45
N CYS S 373 48.85 -33.52 17.77
CA CYS S 373 49.15 -32.56 16.72
C CYS S 373 49.72 -31.28 17.30
N LEU S 374 49.32 -30.90 18.51
CA LEU S 374 49.92 -29.71 19.08
C LEU S 374 51.23 -30.01 19.80
N ALA S 375 51.67 -31.26 19.78
CA ALA S 375 53.04 -31.52 20.20
C ALA S 375 54.06 -31.12 19.14
N GLY S 376 53.61 -30.73 17.95
CA GLY S 376 54.48 -30.26 16.88
C GLY S 376 54.97 -28.83 16.99
N LEU S 377 55.28 -28.37 18.20
CA LEU S 377 55.69 -26.99 18.46
C LEU S 377 57.14 -26.89 18.97
N CYS S 378 58.03 -27.75 18.46
CA CYS S 378 59.31 -28.05 19.09
C CYS S 378 60.18 -26.83 19.40
N ASP S 379 60.43 -25.99 18.40
CA ASP S 379 61.42 -24.92 18.56
C ASP S 379 60.91 -23.81 19.48
N PRO S 380 61.83 -23.05 20.09
CA PRO S 380 61.42 -21.89 20.89
C PRO S 380 60.78 -20.79 20.05
N HIS S 381 60.03 -19.92 20.74
CA HIS S 381 59.10 -18.99 20.11
C HIS S 381 59.76 -17.88 19.30
N ALA S 382 61.08 -17.72 19.37
CA ALA S 382 61.73 -16.74 18.52
C ALA S 382 61.68 -17.21 17.07
N GLY S 383 61.36 -16.29 16.16
CA GLY S 383 61.18 -16.66 14.77
C GLY S 383 59.71 -16.81 14.45
N ARG S 384 59.36 -17.79 13.62
CA ARG S 384 57.97 -18.00 13.24
C ARG S 384 57.20 -18.80 14.27
N ARG S 385 57.78 -19.07 15.42
CA ARG S 385 57.24 -20.09 16.30
C ARG S 385 56.21 -19.57 17.28
N TRP S 386 55.95 -18.26 17.33
CA TRP S 386 54.81 -17.84 18.12
C TRP S 386 53.49 -18.17 17.44
N LEU S 387 53.50 -18.33 16.12
CA LEU S 387 52.28 -18.67 15.40
C LEU S 387 51.70 -20.02 15.79
N PRO S 388 52.46 -21.13 15.86
CA PRO S 388 51.85 -22.36 16.35
C PRO S 388 51.47 -22.29 17.81
N LEU S 389 52.19 -21.51 18.62
CA LEU S 389 51.80 -21.32 20.01
C LEU S 389 50.48 -20.55 20.11
N LEU S 390 50.31 -19.53 19.26
CA LEU S 390 49.06 -18.81 19.22
C LEU S 390 47.92 -19.69 18.74
N LEU S 391 48.21 -20.58 17.80
CA LEU S 391 47.22 -21.57 17.35
C LEU S 391 46.82 -22.49 18.49
N ALA S 392 47.79 -22.91 19.29
CA ALA S 392 47.51 -23.75 20.45
C ALA S 392 46.62 -23.03 21.45
N ALA S 393 46.89 -21.75 21.69
CA ALA S 393 46.07 -20.98 22.61
C ALA S 393 44.65 -20.84 22.08
N PHE S 394 44.51 -20.60 20.78
CA PHE S 394 43.18 -20.43 20.20
C PHE S 394 42.38 -21.72 20.28
N THR S 395 42.99 -22.86 19.95
CA THR S 395 42.23 -24.10 20.01
C THR S 395 41.97 -24.51 21.45
N PHE S 396 42.83 -24.13 22.39
CA PHE S 396 42.53 -24.39 23.79
C PHE S 396 41.31 -23.62 24.24
N GLY S 397 41.22 -22.35 23.85
CA GLY S 397 40.05 -21.56 24.19
C GLY S 397 38.78 -22.11 23.58
N PHE S 398 38.87 -22.51 22.31
CA PHE S 398 37.74 -23.10 21.61
C PHE S 398 37.26 -24.36 22.31
N LEU S 399 38.17 -25.26 22.69
CA LEU S 399 37.72 -26.50 23.30
C LEU S 399 37.13 -26.22 24.68
N ILE S 400 37.88 -25.51 25.54
CA ILE S 400 37.47 -25.28 26.92
C ILE S 400 36.14 -24.57 26.96
N LEU S 401 35.77 -23.90 25.86
CA LEU S 401 34.50 -23.21 25.85
C LEU S 401 33.46 -24.06 25.16
N ARG S 402 33.89 -25.03 24.36
CA ARG S 402 32.96 -25.88 23.65
C ARG S 402 32.33 -26.83 24.62
N GLY S 403 33.01 -27.07 25.74
CA GLY S 403 32.53 -28.04 26.71
C GLY S 403 31.15 -27.70 27.24
N ARG S 404 30.77 -26.42 27.19
CA ARG S 404 29.45 -25.97 27.61
C ARG S 404 28.33 -26.73 26.93
N SER S 405 28.53 -27.11 25.67
CA SER S 405 27.47 -27.77 24.92
C SER S 405 27.21 -29.19 25.38
N TYR S 406 28.24 -29.95 25.71
CA TYR S 406 28.01 -31.34 26.05
C TYR S 406 27.65 -31.44 27.51
N VAL S 407 26.52 -32.07 27.80
CA VAL S 407 26.02 -32.17 29.16
C VAL S 407 26.42 -33.45 29.88
N ASP S 408 26.71 -34.53 29.16
CA ASP S 408 27.10 -35.76 29.84
C ASP S 408 28.46 -35.55 30.46
N ARG S 409 28.61 -35.95 31.73
CA ARG S 409 29.81 -35.59 32.48
C ARG S 409 31.08 -36.12 31.86
N TRP S 410 31.06 -37.27 31.21
CA TRP S 410 32.32 -37.74 30.66
C TRP S 410 32.66 -37.13 29.32
N GLN S 411 31.67 -36.61 28.61
CA GLN S 411 31.98 -35.87 27.40
C GLN S 411 32.55 -34.50 27.73
N ALA S 412 31.91 -33.80 28.68
CA ALA S 412 32.40 -32.51 29.12
C ALA S 412 33.80 -32.61 29.72
N ILE S 413 33.99 -33.56 30.64
CA ILE S 413 35.32 -33.80 31.20
C ILE S 413 36.32 -34.17 30.13
N THR S 414 35.89 -34.92 29.10
CA THR S 414 36.80 -35.27 28.03
C THR S 414 37.28 -34.05 27.26
N LEU S 415 36.39 -33.09 27.02
CA LEU S 415 36.81 -31.86 26.36
C LEU S 415 37.69 -30.99 27.25
N ALA S 416 37.30 -30.80 28.51
CA ALA S 416 38.11 -30.01 29.43
C ALA S 416 39.51 -30.59 29.61
N ALA S 417 39.60 -31.90 29.83
CA ALA S 417 40.89 -32.55 29.96
C ALA S 417 41.70 -32.47 28.67
N THR S 418 41.04 -32.50 27.51
CA THR S 418 41.76 -32.27 26.27
C THR S 418 42.36 -30.88 26.24
N ALA S 419 41.55 -29.88 26.60
CA ALA S 419 41.96 -28.49 26.51
C ALA S 419 43.19 -28.23 27.37
N VAL S 420 43.13 -28.64 28.64
CA VAL S 420 44.31 -28.48 29.49
C VAL S 420 45.49 -29.32 29.04
N LEU S 421 45.25 -30.53 28.50
CA LEU S 421 46.37 -31.36 28.06
C LEU S 421 47.14 -30.74 26.91
N ILE S 422 46.47 -29.97 26.05
CA ILE S 422 47.20 -29.20 25.03
C ILE S 422 48.25 -28.31 25.67
N ILE S 423 47.85 -27.52 26.67
CA ILE S 423 48.75 -26.57 27.29
C ILE S 423 49.87 -27.30 28.02
N ALA S 424 49.53 -28.39 28.69
CA ALA S 424 50.54 -29.17 29.42
C ALA S 424 51.59 -29.72 28.47
N ALA S 425 51.17 -30.29 27.35
CA ALA S 425 52.12 -30.87 26.41
C ALA S 425 53.01 -29.81 25.77
N VAL S 426 52.42 -28.67 25.40
CA VAL S 426 53.21 -27.60 24.80
C VAL S 426 54.25 -27.08 25.78
N ALA S 427 53.86 -26.89 27.04
CA ALA S 427 54.78 -26.37 28.02
C ALA S 427 55.92 -27.35 28.31
N VAL S 428 55.59 -28.64 28.43
CA VAL S 428 56.64 -29.59 28.73
C VAL S 428 57.59 -29.73 27.54
N ARG S 429 57.10 -29.58 26.31
CA ARG S 429 58.03 -29.69 25.20
C ARG S 429 58.95 -28.47 25.14
N TYR S 430 58.44 -27.26 25.43
CA TYR S 430 59.35 -26.11 25.52
C TYR S 430 60.39 -26.29 26.62
N VAL S 431 60.00 -26.77 27.79
CA VAL S 431 60.99 -26.80 28.85
C VAL S 431 61.95 -27.96 28.67
N LEU S 432 61.56 -29.02 27.99
CA LEU S 432 62.50 -30.11 27.82
C LEU S 432 63.44 -29.85 26.65
N VAL S 433 62.91 -29.38 25.52
CA VAL S 433 63.78 -29.13 24.37
C VAL S 433 64.67 -27.92 24.62
N SER S 434 64.10 -26.83 25.14
CA SER S 434 64.89 -25.65 25.40
C SER S 434 65.51 -25.71 26.79
N GLY S 435 66.71 -25.16 26.90
CA GLY S 435 67.42 -25.16 28.17
C GLY S 435 67.38 -23.80 28.85
N SER S 436 66.46 -22.95 28.45
CA SER S 436 66.40 -21.62 29.05
C SER S 436 65.68 -21.68 30.38
N PRO S 437 66.29 -21.17 31.46
CA PRO S 437 65.59 -21.11 32.75
C PRO S 437 64.35 -20.22 32.72
N ALA S 438 64.32 -19.20 31.87
CA ALA S 438 63.12 -18.38 31.74
C ALA S 438 61.96 -19.21 31.18
N VAL S 439 62.26 -20.08 30.22
CA VAL S 439 61.26 -20.99 29.68
C VAL S 439 60.78 -21.94 30.76
N LEU S 440 61.70 -22.42 31.60
CA LEU S 440 61.34 -23.28 32.73
C LEU S 440 60.40 -22.57 33.69
N SER S 441 60.72 -21.31 34.01
CA SER S 441 59.89 -20.55 34.95
C SER S 441 58.50 -20.31 34.37
N ALA S 442 58.43 -19.96 33.09
CA ALA S 442 57.13 -19.77 32.45
C ALA S 442 56.33 -21.07 32.41
N GLY S 443 57.00 -22.19 32.13
CA GLY S 443 56.30 -23.46 32.08
C GLY S 443 55.74 -23.88 33.42
N VAL S 444 56.55 -23.77 34.47
CA VAL S 444 56.03 -24.17 35.77
C VAL S 444 54.97 -23.19 36.24
N ALA S 445 55.09 -21.92 35.86
CA ALA S 445 54.07 -20.95 36.24
C ALA S 445 52.73 -21.24 35.59
N VAL S 446 52.74 -21.57 34.29
CA VAL S 446 51.46 -21.86 33.65
C VAL S 446 50.90 -23.19 34.15
N LEU S 447 51.77 -24.17 34.43
CA LEU S 447 51.31 -25.45 34.97
C LEU S 447 50.69 -25.31 36.34
N VAL S 448 51.14 -24.37 37.15
CA VAL S 448 50.56 -24.27 38.47
C VAL S 448 49.40 -23.27 38.51
N LEU S 449 49.39 -22.27 37.63
CA LEU S 449 48.29 -21.30 37.67
C LEU S 449 47.07 -21.76 36.88
N LEU S 450 47.25 -22.23 35.64
CA LEU S 450 46.10 -22.42 34.77
C LEU S 450 45.11 -23.45 35.30
N PRO S 451 45.49 -24.64 35.78
CA PRO S 451 44.49 -25.48 36.41
C PRO S 451 43.99 -24.93 37.73
N ALA S 452 44.79 -24.15 38.44
CA ALA S 452 44.28 -23.47 39.62
C ALA S 452 43.22 -22.44 39.25
N ALA S 453 43.43 -21.73 38.14
CA ALA S 453 42.40 -20.82 37.65
C ALA S 453 41.15 -21.58 37.24
N GLY S 454 41.32 -22.77 36.67
CA GLY S 454 40.17 -23.60 36.36
C GLY S 454 39.41 -24.04 37.60
N LEU S 455 40.15 -24.37 38.66
CA LEU S 455 39.50 -24.73 39.93
C LEU S 455 38.71 -23.57 40.48
N THR S 456 39.29 -22.37 40.45
CA THR S 456 38.58 -21.20 40.96
C THR S 456 37.35 -20.92 40.13
N ALA S 457 37.45 -21.10 38.81
CA ALA S 457 36.28 -20.92 37.96
C ALA S 457 35.20 -21.95 38.27
N ALA S 458 35.60 -23.19 38.51
CA ALA S 458 34.63 -24.23 38.84
C ALA S 458 33.97 -23.97 40.18
N ALA S 459 34.69 -23.38 41.13
CA ALA S 459 34.09 -23.11 42.42
C ALA S 459 33.17 -21.90 42.37
N VAL S 460 33.60 -20.84 41.67
CA VAL S 460 32.86 -19.58 41.64
C VAL S 460 31.64 -19.66 40.75
N VAL S 461 31.83 -20.09 39.49
CA VAL S 461 30.84 -19.82 38.44
C VAL S 461 29.45 -20.40 38.72
N PRO S 462 29.27 -21.64 39.17
CA PRO S 462 27.90 -22.16 39.31
C PRO S 462 27.11 -21.49 40.41
N ASN S 463 27.74 -20.74 41.30
CA ASN S 463 27.04 -20.12 42.41
C ASN S 463 26.73 -18.66 42.16
N THR S 464 27.57 -17.96 41.40
CA THR S 464 27.35 -16.57 41.12
C THR S 464 26.27 -16.35 40.06
N ILE S 465 25.59 -15.21 40.17
CA ILE S 465 24.81 -14.63 39.08
C ILE S 465 25.75 -13.94 38.10
N TYR S 466 25.26 -13.66 36.88
CA TYR S 466 26.04 -12.89 35.93
C TYR S 466 25.13 -12.04 35.06
N SER S 467 25.71 -10.96 34.55
CA SER S 467 25.02 -10.07 33.65
C SER S 467 24.87 -10.70 32.27
N PRO S 468 23.72 -10.53 31.62
CA PRO S 468 23.56 -10.97 30.22
C PRO S 468 24.62 -10.48 29.26
N LEU S 469 25.21 -9.32 29.51
CA LEU S 469 26.28 -8.84 28.65
C LEU S 469 27.53 -9.68 28.81
N PHE S 470 27.90 -10.00 30.04
CA PHE S 470 29.09 -10.83 30.26
C PHE S 470 28.89 -12.21 29.68
N ARG S 471 27.69 -12.77 29.83
CA ARG S 471 27.35 -14.05 29.22
C ARG S 471 27.47 -14.01 27.70
N LYS S 472 26.97 -12.96 27.06
CA LYS S 472 27.15 -12.83 25.62
C LYS S 472 28.62 -12.65 25.22
N ILE S 473 29.39 -11.96 26.06
CA ILE S 473 30.82 -11.84 25.84
C ILE S 473 31.48 -13.22 25.90
N VAL S 474 31.07 -14.05 26.86
CA VAL S 474 31.65 -15.37 27.00
C VAL S 474 31.26 -16.29 25.85
N GLU S 475 30.04 -16.16 25.33
CA GLU S 475 29.70 -16.82 24.07
C GLU S 475 30.62 -16.40 22.94
N TRP S 476 30.75 -15.10 22.73
CA TRP S 476 31.48 -14.60 21.58
C TRP S 476 32.97 -14.90 21.67
N ILE S 477 33.51 -15.03 22.87
CA ILE S 477 34.89 -15.47 23.07
C ILE S 477 35.16 -16.79 22.36
N GLU S 478 34.18 -17.69 22.35
CA GLU S 478 34.30 -18.96 21.63
C GLU S 478 34.49 -18.75 20.14
N TYR S 479 33.53 -18.10 19.49
CA TYR S 479 33.60 -17.92 18.05
C TYR S 479 34.85 -17.13 17.66
N LEU S 480 35.19 -16.10 18.43
CA LEU S 480 36.35 -15.28 18.11
C LEU S 480 37.65 -16.05 18.24
N CYS S 481 37.75 -16.96 19.21
CA CYS S 481 38.94 -17.81 19.27
C CYS S 481 38.89 -18.99 18.32
N LEU S 482 37.71 -19.31 17.79
CA LEU S 482 37.58 -20.39 16.82
C LEU S 482 37.95 -19.92 15.41
N MET S 483 37.50 -18.73 15.02
CA MET S 483 37.61 -18.29 13.63
C MET S 483 39.02 -18.24 13.03
N PRO S 484 40.05 -17.68 13.68
CA PRO S 484 41.28 -17.41 12.94
C PRO S 484 42.22 -18.60 12.79
N ILE S 485 41.78 -19.81 13.11
CA ILE S 485 42.74 -20.92 13.12
C ILE S 485 43.03 -21.47 11.73
N PHE S 486 42.18 -21.21 10.75
CA PHE S 486 42.49 -21.69 9.41
C PHE S 486 43.52 -20.80 8.71
N PRO S 487 43.44 -19.45 8.76
CA PRO S 487 44.55 -18.67 8.19
C PRO S 487 45.87 -18.95 8.87
N LEU S 488 45.85 -19.16 10.18
CA LEU S 488 47.07 -19.52 10.90
C LEU S 488 47.58 -20.88 10.44
N ALA S 489 46.68 -21.82 10.21
CA ALA S 489 47.10 -23.12 9.70
C ALA S 489 47.77 -22.98 8.34
N LEU S 490 47.17 -22.18 7.45
CA LEU S 490 47.76 -21.93 6.13
C LEU S 490 49.10 -21.21 6.23
N TRP S 491 49.23 -20.31 7.20
CA TRP S 491 50.53 -19.77 7.58
C TRP S 491 51.53 -20.88 7.89
N LEU S 492 51.12 -21.85 8.71
CA LEU S 492 52.03 -22.94 9.06
C LEU S 492 52.41 -23.80 7.86
N MET S 493 51.47 -24.07 6.95
CA MET S 493 51.90 -24.80 5.76
C MET S 493 52.66 -23.94 4.75
N ASN S 494 52.68 -22.61 4.93
CA ASN S 494 53.23 -21.67 3.95
C ASN S 494 52.58 -21.87 2.58
N VAL S 495 51.26 -22.09 2.61
CA VAL S 495 50.48 -22.11 1.37
C VAL S 495 50.49 -20.74 0.73
N TYR S 496 50.41 -19.69 1.54
CA TYR S 496 50.50 -18.32 1.01
C TYR S 496 51.83 -18.08 0.31
N GLU S 497 52.94 -18.46 0.95
CA GLU S 497 54.23 -18.30 0.29
C GLU S 497 54.38 -19.19 -0.94
N ALA S 498 53.76 -20.36 -0.95
CA ALA S 498 53.85 -21.20 -2.14
C ALA S 498 53.05 -20.62 -3.30
N ILE S 499 51.85 -20.10 -3.02
CA ILE S 499 50.96 -19.62 -4.07
C ILE S 499 51.29 -18.21 -4.54
N ARG S 500 51.82 -17.33 -3.67
CA ARG S 500 52.42 -16.08 -4.14
C ARG S 500 53.54 -16.26 -5.15
N TYR S 501 54.17 -17.43 -5.22
CA TYR S 501 55.29 -17.66 -6.12
C TYR S 501 55.05 -18.92 -6.94
N ARG S 502 53.80 -19.15 -7.32
CA ARG S 502 53.44 -20.15 -8.32
C ARG S 502 52.48 -19.53 -9.34
N GLY T 12 8.62 -44.85 1.29
CA GLY T 12 9.46 -44.05 0.42
C GLY T 12 10.90 -44.51 0.39
N TYR T 13 11.11 -45.67 -0.21
CA TYR T 13 12.43 -46.22 -0.41
C TYR T 13 13.11 -45.59 -1.62
N GLY T 14 14.36 -45.97 -1.84
CA GLY T 14 15.01 -45.70 -3.09
C GLY T 14 15.41 -44.24 -3.28
N LEU T 15 15.84 -43.95 -4.50
CA LEU T 15 16.38 -42.66 -4.86
C LEU T 15 15.35 -41.72 -5.47
N GLY T 16 14.10 -41.82 -5.02
CA GLY T 16 13.04 -40.99 -5.58
C GLY T 16 13.31 -39.51 -5.33
N LEU T 17 12.64 -38.67 -6.09
CA LEU T 17 12.85 -37.22 -5.98
C LEU T 17 12.36 -36.68 -4.65
N SER T 18 12.89 -35.52 -4.29
CA SER T 18 12.50 -34.83 -3.07
C SER T 18 12.54 -33.33 -3.29
N THR T 19 11.65 -32.63 -2.61
CA THR T 19 11.56 -31.18 -2.75
C THR T 19 12.50 -30.50 -1.77
N ARG T 20 12.86 -29.26 -2.09
CA ARG T 20 13.73 -28.48 -1.22
C ARG T 20 13.14 -28.22 0.16
N THR T 21 11.81 -28.09 0.24
CA THR T 21 11.18 -27.99 1.56
C THR T 21 11.37 -29.25 2.38
N GLN T 22 11.49 -30.41 1.74
CA GLN T 22 11.87 -31.61 2.47
C GLN T 22 13.34 -31.62 2.83
N VAL T 23 14.19 -31.02 1.99
CA VAL T 23 15.61 -30.95 2.32
C VAL T 23 15.82 -30.14 3.59
N THR T 24 15.18 -28.98 3.67
CA THR T 24 15.29 -28.20 4.90
C THR T 24 14.57 -28.87 6.06
N GLY T 25 13.45 -29.55 5.80
CA GLY T 25 12.78 -30.27 6.87
C GLY T 25 13.60 -31.39 7.48
N TYR T 26 14.32 -32.12 6.64
CA TYR T 26 15.25 -33.12 7.14
C TYR T 26 16.42 -32.48 7.87
N GLN T 27 17.03 -31.45 7.29
CA GLN T 27 18.15 -30.80 7.98
C GLN T 27 17.74 -30.26 9.35
N PHE T 28 16.51 -29.73 9.46
CA PHE T 28 15.98 -29.36 10.76
C PHE T 28 15.87 -30.54 11.71
N LEU T 29 15.29 -31.65 11.26
CA LEU T 29 15.23 -32.81 12.15
C LEU T 29 16.61 -33.36 12.49
N ALA T 30 17.58 -33.23 11.60
CA ALA T 30 18.94 -33.62 11.93
C ALA T 30 19.53 -32.74 13.01
N ARG T 31 19.35 -31.43 12.91
CA ARG T 31 19.87 -30.55 13.94
C ARG T 31 19.17 -30.77 15.27
N ARG T 32 17.84 -30.90 15.27
CA ARG T 32 17.12 -31.20 16.49
C ARG T 32 17.55 -32.52 17.12
N THR T 33 17.82 -33.53 16.31
CA THR T 33 18.31 -34.78 16.87
C THR T 33 19.74 -34.64 17.40
N ALA T 34 20.56 -33.85 16.73
CA ALA T 34 21.92 -33.61 17.22
C ALA T 34 21.89 -32.89 18.56
N MET T 35 21.01 -31.90 18.70
CA MET T 35 20.88 -31.23 19.98
C MET T 35 20.31 -32.16 21.04
N ALA T 36 19.41 -33.06 20.65
CA ALA T 36 18.94 -34.05 21.62
C ALA T 36 20.03 -35.01 22.00
N LEU T 37 21.03 -35.19 21.14
CA LEU T 37 22.12 -36.09 21.43
C LEU T 37 23.20 -35.49 22.31
N THR T 38 23.65 -34.28 22.00
CA THR T 38 24.74 -33.71 22.80
C THR T 38 24.25 -33.08 24.09
N ARG T 39 23.20 -32.28 24.00
CA ARG T 39 22.47 -31.92 25.18
C ARG T 39 21.28 -32.83 25.33
N TRP T 40 20.53 -32.70 26.40
CA TRP T 40 19.44 -33.60 26.72
C TRP T 40 18.17 -32.78 26.87
N ARG T 41 18.15 -31.67 26.15
CA ARG T 41 17.01 -30.78 26.04
C ARG T 41 16.74 -30.64 24.56
N VAL T 42 15.48 -30.44 24.20
CA VAL T 42 15.11 -30.17 22.82
C VAL T 42 14.38 -28.85 22.64
N ARG T 43 14.18 -28.08 23.70
CA ARG T 43 13.78 -26.70 23.49
C ARG T 43 14.85 -26.00 22.67
N MET T 44 14.42 -25.45 21.54
CA MET T 44 15.31 -25.19 20.42
C MET T 44 15.24 -23.74 19.96
N GLU T 45 14.66 -22.86 20.80
CA GLU T 45 14.47 -21.45 20.48
C GLU T 45 15.77 -20.75 20.09
N VAL T 46 16.91 -21.22 20.59
CA VAL T 46 18.20 -20.75 20.12
C VAL T 46 19.09 -21.98 20.04
N GLU T 47 20.07 -21.94 19.14
CA GLU T 47 20.88 -23.10 18.86
C GLU T 47 22.31 -22.72 18.52
N PRO T 48 23.25 -23.03 19.41
CA PRO T 48 24.63 -22.59 19.19
C PRO T 48 25.34 -23.43 18.16
N GLY T 49 24.83 -24.64 17.90
CA GLY T 49 25.39 -25.49 16.87
C GLY T 49 25.50 -24.79 15.54
N ARG T 50 24.38 -24.23 15.08
CA ARG T 50 24.38 -23.43 13.86
C ARG T 50 25.39 -22.29 13.96
N ARG T 51 25.34 -21.52 15.04
CA ARG T 51 26.22 -20.36 15.20
C ARG T 51 27.69 -20.72 15.03
N GLN T 52 28.13 -21.80 15.65
CA GLN T 52 29.53 -22.14 15.50
C GLN T 52 29.86 -22.82 14.18
N VAL T 53 28.94 -23.56 13.57
CA VAL T 53 29.30 -24.02 12.23
C VAL T 53 29.36 -22.85 11.25
N LEU T 54 28.57 -21.80 11.49
CA LEU T 54 28.76 -20.55 10.74
C LEU T 54 30.12 -19.95 11.01
N ALA T 55 30.61 -20.04 12.23
CA ALA T 55 31.97 -19.58 12.52
C ALA T 55 33.01 -20.39 11.76
N VAL T 56 32.79 -21.70 11.63
CA VAL T 56 33.66 -22.53 10.81
C VAL T 56 33.62 -22.08 9.35
N VAL T 57 32.41 -21.85 8.83
CA VAL T 57 32.24 -21.38 7.47
C VAL T 57 32.96 -20.06 7.25
N ALA T 58 32.88 -19.15 8.22
CA ALA T 58 33.64 -17.91 8.16
C ALA T 58 35.15 -18.16 8.09
N SER T 59 35.64 -19.15 8.85
CA SER T 59 37.07 -19.49 8.80
C SER T 59 37.47 -19.98 7.42
N VAL T 60 36.69 -20.88 6.84
CA VAL T 60 37.01 -21.46 5.55
C VAL T 60 36.93 -20.43 4.44
N SER T 61 35.85 -19.64 4.43
CA SER T 61 35.71 -18.60 3.42
C SER T 61 36.79 -17.53 3.53
N ALA T 62 37.22 -17.19 4.75
CA ALA T 62 38.35 -16.27 4.90
C ALA T 62 39.65 -16.85 4.35
N ALA T 63 39.90 -18.14 4.60
CA ALA T 63 41.08 -18.77 4.02
C ALA T 63 41.04 -18.80 2.49
N GLY T 64 39.88 -19.09 1.93
CA GLY T 64 39.70 -19.05 0.48
C GLY T 64 39.95 -17.67 -0.11
N VAL T 65 39.33 -16.66 0.48
CA VAL T 65 39.53 -15.26 0.08
C VAL T 65 41.01 -14.88 0.11
N ILE T 66 41.70 -15.19 1.20
CA ILE T 66 43.13 -14.83 1.26
C ILE T 66 43.93 -15.63 0.23
N CYS T 67 43.53 -16.86 -0.05
CA CYS T 67 44.18 -17.64 -1.11
C CYS T 67 44.01 -16.99 -2.49
N LEU T 68 42.82 -16.49 -2.78
CA LEU T 68 42.64 -15.71 -4.02
C LEU T 68 43.48 -14.43 -4.01
N GLY T 69 43.46 -13.68 -2.90
CA GLY T 69 44.28 -12.49 -2.77
C GLY T 69 45.77 -12.76 -2.93
N ALA T 70 46.19 -13.98 -2.64
CA ALA T 70 47.55 -14.45 -2.90
C ALA T 70 47.78 -14.76 -4.36
N LEU T 71 46.73 -15.19 -5.08
CA LEU T 71 46.88 -15.58 -6.48
C LEU T 71 47.24 -14.39 -7.37
N LEU T 72 46.72 -13.20 -7.05
CA LEU T 72 46.86 -12.01 -7.89
C LEU T 72 48.28 -11.46 -7.97
N TRP T 73 49.22 -11.98 -7.19
CA TRP T 73 50.59 -11.50 -7.25
C TRP T 73 51.37 -12.27 -8.31
N SER T 74 52.22 -11.55 -9.04
CA SER T 74 53.13 -12.14 -10.02
C SER T 74 54.34 -11.24 -10.25
N ASP U 95 16.80 45.60 93.22
CA ASP U 95 15.86 44.91 92.34
C ASP U 95 14.94 44.01 93.14
N HIS U 96 13.85 43.57 92.51
CA HIS U 96 12.83 42.79 93.19
C HIS U 96 12.09 41.92 92.18
N GLN U 97 11.44 40.87 92.69
CA GLN U 97 10.57 40.04 91.88
C GLN U 97 9.46 39.46 92.75
N ARG U 98 8.30 39.19 92.15
CA ARG U 98 7.37 38.19 92.64
C ARG U 98 7.14 37.22 91.48
N ARG U 99 7.26 35.92 91.75
CA ARG U 99 7.26 34.95 90.67
C ARG U 99 6.03 34.03 90.73
N PHE U 100 5.96 33.14 89.73
CA PHE U 100 5.05 32.00 89.63
C PHE U 100 5.13 31.06 90.84
N GLY U 101 6.17 31.21 91.66
CA GLY U 101 6.28 30.58 92.96
C GLY U 101 5.39 31.14 94.06
N HIS U 102 5.96 31.24 95.25
CA HIS U 102 5.22 31.42 96.49
C HIS U 102 5.59 32.68 97.25
N ASP U 103 6.83 33.16 97.13
CA ASP U 103 7.28 34.31 97.89
C ASP U 103 7.73 35.41 96.95
N VAL U 104 7.62 36.65 97.42
CA VAL U 104 8.37 37.78 96.90
C VAL U 104 9.84 37.68 97.30
N VAL U 105 10.73 38.02 96.37
CA VAL U 105 12.17 37.87 96.57
C VAL U 105 12.87 39.15 96.11
N GLY U 106 13.67 39.74 97.00
CA GLY U 106 14.57 40.82 96.61
C GLY U 106 15.86 40.31 96.03
N ILE U 107 16.38 41.00 95.01
CA ILE U 107 17.64 40.65 94.38
C ILE U 107 18.48 41.92 94.26
N ARG U 108 19.79 41.81 94.47
CA ARG U 108 20.73 42.85 94.11
C ARG U 108 21.71 42.32 93.07
N GLU U 109 22.21 43.24 92.22
CA GLU U 109 23.20 42.87 91.22
C GLU U 109 24.23 43.98 91.10
N TYR U 110 25.49 43.58 90.92
CA TYR U 110 26.59 44.51 90.63
C TYR U 110 27.59 43.91 89.67
N GLN U 111 27.97 42.65 89.92
CA GLN U 111 28.87 41.89 89.06
C GLN U 111 28.48 40.42 89.09
N GLY U 112 27.17 40.16 89.06
CA GLY U 112 26.60 38.92 89.55
C GLY U 112 25.55 39.21 90.59
N GLN U 113 24.70 38.21 90.85
CA GLN U 113 23.51 38.38 91.64
C GLN U 113 23.70 37.98 93.10
N LEU U 114 23.04 38.73 93.98
CA LEU U 114 23.10 38.56 95.42
C LEU U 114 21.68 38.49 95.97
N VAL U 115 21.47 37.59 96.92
CA VAL U 115 20.17 37.44 97.57
C VAL U 115 20.44 36.94 98.98
N ALA U 116 19.51 37.20 99.91
CA ALA U 116 19.69 36.77 101.27
C ALA U 116 18.40 36.25 101.89
N VAL U 117 18.55 35.29 102.79
CA VAL U 117 17.46 34.68 103.53
C VAL U 117 17.76 34.80 105.02
N VAL U 118 16.78 35.24 105.80
CA VAL U 118 16.84 35.26 107.25
C VAL U 118 16.37 33.91 107.78
N THR U 119 16.98 33.45 108.88
CA THR U 119 16.45 32.31 109.61
C THR U 119 16.63 32.52 111.11
N VAL U 120 15.72 31.91 111.86
CA VAL U 120 15.64 32.12 113.30
C VAL U 120 16.64 31.21 114.02
N TRP U 140 20.38 25.26 120.23
CA TRP U 140 19.72 26.10 119.26
C TRP U 140 20.18 25.77 117.85
N LEU U 141 21.32 25.08 117.77
CA LEU U 141 22.13 25.04 116.57
C LEU U 141 21.37 24.42 115.39
N PRO U 142 21.44 25.01 114.21
CA PRO U 142 20.79 24.41 113.04
C PRO U 142 21.72 23.42 112.36
N VAL U 143 21.21 22.74 111.33
CA VAL U 143 22.03 21.77 110.62
C VAL U 143 23.04 22.50 109.75
N GLU U 144 24.22 21.91 109.60
CA GLU U 144 25.29 22.47 108.77
C GLU U 144 25.21 22.06 107.31
N ALA U 145 24.31 21.15 106.94
CA ALA U 145 24.42 20.43 105.67
C ALA U 145 23.92 21.22 104.46
N VAL U 146 23.76 22.53 104.57
CA VAL U 146 23.31 23.36 103.45
C VAL U 146 24.31 23.42 102.29
N ALA U 147 25.51 22.88 102.48
CA ALA U 147 26.50 22.75 101.40
C ALA U 147 25.95 22.05 100.16
N ALA U 148 25.06 21.07 100.33
CA ALA U 148 24.45 20.42 99.18
C ALA U 148 23.63 21.37 98.33
N ARG U 149 23.03 22.39 98.93
CA ARG U 149 22.20 23.32 98.16
C ARG U 149 23.01 24.29 97.33
N LEU U 150 24.34 24.30 97.46
CA LEU U 150 25.16 24.99 96.48
C LEU U 150 25.05 24.35 95.11
N ARG U 151 24.81 23.04 95.07
CA ARG U 151 24.66 22.27 93.84
C ARG U 151 23.23 21.77 93.72
N GLN U 152 22.32 22.65 93.30
CA GLN U 152 20.94 22.23 93.05
C GLN U 152 20.86 21.38 91.78
N PHE U 153 19.64 20.99 91.41
CA PHE U 153 19.40 20.13 90.26
C PHE U 153 19.89 20.70 88.94
N ASP U 154 20.08 22.00 88.83
CA ASP U 154 20.56 22.54 87.57
C ASP U 154 21.50 23.72 87.79
N VAL U 155 21.10 24.67 88.64
CA VAL U 155 21.91 25.83 88.90
C VAL U 155 23.16 25.45 89.68
N ARG U 156 24.21 26.25 89.52
CA ARG U 156 25.43 26.13 90.30
C ARG U 156 25.72 27.49 90.92
N LEU U 157 25.53 27.59 92.23
CA LEU U 157 25.78 28.82 92.96
C LEU U 157 27.26 29.02 93.26
N ASP U 158 27.64 30.29 93.44
CA ASP U 158 29.05 30.61 93.65
C ASP U 158 29.49 30.31 95.08
N ALA U 159 28.69 30.73 96.05
CA ALA U 159 29.03 30.49 97.45
C ALA U 159 27.78 30.50 98.30
N ILE U 160 27.83 29.78 99.40
CA ILE U 160 26.88 29.91 100.49
C ILE U 160 27.62 30.52 101.67
N ASP U 161 27.18 31.69 102.11
CA ASP U 161 27.73 32.34 103.29
C ASP U 161 26.68 32.38 104.40
N ILE U 162 26.97 31.71 105.50
CA ILE U 162 26.24 31.90 106.74
C ILE U 162 26.70 33.22 107.34
N VAL U 163 25.74 34.09 107.70
CA VAL U 163 26.06 35.38 108.32
C VAL U 163 25.27 35.49 109.62
N SER U 164 25.92 36.05 110.64
CA SER U 164 25.25 36.29 111.91
C SER U 164 25.84 37.52 112.59
N VAL U 165 24.99 38.21 113.36
CA VAL U 165 25.33 39.49 113.96
C VAL U 165 24.53 39.62 115.25
N GLY U 166 25.10 40.30 116.24
CA GLY U 166 24.40 40.52 117.49
C GLY U 166 25.33 41.07 118.56
N THR U 167 24.81 41.06 119.78
CA THR U 167 25.60 41.46 120.95
C THR U 167 26.19 40.24 121.66
N ASP U 194 22.09 40.32 123.00
CA ASP U 194 21.05 41.12 122.36
C ASP U 194 21.19 41.12 120.84
N GLU U 195 20.09 41.47 120.17
CA GLU U 195 19.99 41.69 118.71
C GLU U 195 20.55 40.53 117.89
N HIS U 196 20.44 39.30 118.42
CA HIS U 196 20.93 38.11 117.72
C HIS U 196 20.19 37.95 116.41
N HIS U 197 20.91 38.13 115.30
CA HIS U 197 20.40 37.95 113.95
C HIS U 197 21.27 36.94 113.21
N THR U 198 20.65 36.15 112.35
CA THR U 198 21.36 35.12 111.60
C THR U 198 20.83 35.08 110.16
N TRP U 199 21.75 34.94 109.20
CA TRP U 199 21.44 35.16 107.79
C TRP U 199 22.20 34.16 106.93
N LEU U 200 21.63 33.85 105.78
CA LEU U 200 22.33 33.26 104.64
C LEU U 200 22.36 34.31 103.54
N VAL U 201 23.56 34.63 103.03
CA VAL U 201 23.70 35.40 101.80
C VAL U 201 24.33 34.52 100.72
N LEU U 202 23.71 34.51 99.55
CA LEU U 202 24.07 33.61 98.46
C LEU U 202 24.58 34.40 97.27
N ARG U 203 25.64 33.88 96.63
CA ARG U 203 26.17 34.45 95.40
C ARG U 203 25.96 33.46 94.27
N MET U 204 25.50 33.97 93.12
CA MET U 204 25.30 33.13 91.93
C MET U 204 25.67 33.92 90.69
N ASP U 205 26.63 33.40 89.93
CA ASP U 205 27.03 33.97 88.65
C ASP U 205 26.11 33.46 87.54
N PRO U 206 25.35 34.33 86.88
CA PRO U 206 24.60 33.91 85.69
C PRO U 206 25.44 33.30 84.60
N GLN U 207 26.68 33.76 84.40
CA GLN U 207 27.47 33.29 83.27
C GLN U 207 28.03 31.90 83.48
N ARG U 208 28.07 31.42 84.72
CA ARG U 208 28.33 30.02 84.98
C ARG U 208 27.05 29.18 84.95
N ASN U 209 25.89 29.84 84.81
CA ASN U 209 24.59 29.22 84.96
C ASN U 209 23.71 29.40 83.72
N VAL U 210 24.29 29.86 82.61
CA VAL U 210 23.54 30.18 81.39
C VAL U 210 22.73 28.99 80.88
N ALA U 211 23.29 27.77 80.96
CA ALA U 211 22.58 26.57 80.56
C ALA U 211 21.29 26.38 81.34
N ALA U 212 21.26 26.81 82.60
CA ALA U 212 20.05 26.78 83.40
C ALA U 212 19.12 27.95 83.09
N VAL U 213 19.68 29.17 83.03
CA VAL U 213 18.87 30.37 82.82
C VAL U 213 18.13 30.31 81.48
N ALA U 214 18.79 29.77 80.45
CA ALA U 214 18.21 29.70 79.11
C ALA U 214 16.91 28.90 79.08
N ALA U 215 16.74 27.97 80.01
CA ALA U 215 15.48 27.22 80.12
C ALA U 215 14.38 28.00 80.79
N ARG U 216 14.71 29.10 81.46
CA ARG U 216 13.78 29.77 82.36
C ARG U 216 13.48 31.17 81.83
N ASP U 217 12.33 31.70 82.25
CA ASP U 217 11.89 32.97 81.71
C ASP U 217 12.63 34.18 82.27
N SER U 218 13.51 34.01 83.24
CA SER U 218 14.34 35.11 83.75
C SER U 218 15.47 34.55 84.58
N VAL U 219 16.61 35.25 84.53
CA VAL U 219 17.73 34.97 85.44
C VAL U 219 17.32 35.24 86.89
N ALA U 220 16.60 36.34 87.12
CA ALA U 220 16.08 36.63 88.44
C ALA U 220 15.12 35.56 88.89
N ALA U 221 14.22 35.12 88.00
CA ALA U 221 13.30 34.04 88.35
C ALA U 221 14.03 32.76 88.71
N THR U 222 15.14 32.50 88.01
CA THR U 222 16.00 31.36 88.32
C THR U 222 16.52 31.40 89.75
N LEU U 223 17.15 32.51 90.13
CA LEU U 223 17.73 32.56 91.48
C LEU U 223 16.65 32.70 92.56
N ALA U 224 15.55 33.39 92.23
CA ALA U 224 14.41 33.47 93.13
C ALA U 224 13.88 32.08 93.45
N ALA U 225 13.68 31.25 92.42
CA ALA U 225 13.28 29.86 92.63
C ALA U 225 14.29 29.11 93.48
N ALA U 226 15.59 29.21 93.16
CA ALA U 226 16.59 28.49 93.93
C ALA U 226 16.68 28.92 95.39
N THR U 227 16.41 30.19 95.67
CA THR U 227 16.38 30.64 97.07
C THR U 227 15.08 30.23 97.76
N GLU U 228 13.94 30.28 97.07
CA GLU U 228 12.72 29.72 97.63
C GLU U 228 12.89 28.24 97.97
N ARG U 229 13.61 27.49 97.12
CA ARG U 229 13.99 26.12 97.43
C ARG U 229 14.74 26.00 98.74
N LEU U 230 15.76 26.83 98.92
CA LEU U 230 16.51 26.80 100.18
C LEU U 230 15.67 27.23 101.37
N ALA U 231 14.82 28.26 101.19
CA ALA U 231 13.94 28.72 102.26
C ALA U 231 12.95 27.65 102.69
N HIS U 232 12.28 27.02 101.72
CA HIS U 232 11.35 25.94 102.02
C HIS U 232 12.07 24.71 102.58
N ASP U 233 13.35 24.53 102.27
CA ASP U 233 14.08 23.41 102.85
C ASP U 233 14.40 23.69 104.31
N LEU U 234 14.80 24.92 104.64
CA LEU U 234 15.07 25.29 106.02
C LEU U 234 13.79 25.39 106.84
N ASN U 235 12.70 25.85 106.23
CA ASN U 235 11.46 26.12 106.96
C ASN U 235 10.78 24.81 107.34
N GLY U 236 10.18 24.80 108.54
CA GLY U 236 9.45 23.63 108.99
C GLY U 236 9.75 23.27 110.42
N ARG U 237 11.01 23.50 110.82
CA ARG U 237 11.47 23.23 112.17
C ARG U 237 11.16 24.44 113.07
N ARG U 238 11.80 24.50 114.25
CA ARG U 238 11.68 25.67 115.12
C ARG U 238 12.10 26.95 114.40
N TRP U 239 13.14 26.88 113.60
CA TRP U 239 13.58 28.02 112.82
C TRP U 239 12.76 28.13 111.55
N THR U 240 12.28 29.34 111.26
CA THR U 240 11.58 29.66 110.03
C THR U 240 12.50 30.44 109.11
N ALA U 241 12.14 30.48 107.82
CA ALA U 241 12.97 31.13 106.83
C ALA U 241 12.11 31.76 105.74
N ARG U 242 12.58 32.89 105.22
CA ARG U 242 11.94 33.58 104.12
C ARG U 242 12.99 34.36 103.36
N PRO U 243 12.79 34.60 102.07
CA PRO U 243 13.63 35.59 101.37
C PRO U 243 13.39 36.99 101.88
N LEU U 244 14.46 37.79 101.92
CA LEU U 244 14.34 39.20 102.25
C LEU U 244 13.78 40.00 101.08
N THR U 245 12.95 41.00 101.40
CA THR U 245 12.74 42.12 100.49
C THR U 245 13.99 42.97 100.40
N SER U 246 14.25 43.54 99.20
CA SER U 246 15.46 44.31 98.97
C SER U 246 15.58 45.51 99.90
N SER U 247 14.44 46.11 100.29
CA SER U 247 14.44 47.12 101.35
C SER U 247 15.03 46.55 102.64
N GLU U 248 14.50 45.40 103.07
CA GLU U 248 15.09 44.72 104.22
C GLU U 248 16.50 44.21 103.94
N ILE U 249 16.89 44.03 102.68
CA ILE U 249 18.29 43.72 102.39
C ILE U 249 19.19 44.91 102.73
N ASP U 250 18.76 46.12 102.37
CA ASP U 250 19.49 47.32 102.79
C ASP U 250 19.45 47.51 104.29
N ASP U 251 18.34 47.14 104.93
CA ASP U 251 18.29 47.10 106.39
C ASP U 251 19.32 46.14 106.98
N MET U 252 19.42 44.95 106.39
CA MET U 252 20.40 43.95 106.84
C MET U 252 21.83 44.44 106.65
N ASP U 253 22.11 45.09 105.52
CA ASP U 253 23.41 45.71 105.30
C ASP U 253 23.73 46.77 106.36
N ALA U 254 22.74 47.61 106.69
CA ALA U 254 22.92 48.60 107.74
C ALA U 254 23.21 47.93 109.08
N THR U 255 22.47 46.86 109.41
CA THR U 255 22.67 46.24 110.72
C THR U 255 23.99 45.47 110.75
N VAL U 256 24.46 44.99 109.60
CA VAL U 256 25.77 44.34 109.54
C VAL U 256 26.88 45.37 109.75
N LEU U 257 26.68 46.60 109.26
CA LEU U 257 27.70 47.61 109.47
C LEU U 257 27.67 48.16 110.90
N ALA U 258 26.51 48.68 111.31
CA ALA U 258 26.32 49.35 112.61
C ALA U 258 27.33 50.47 112.84
N GLY U 259 27.69 51.18 111.78
CA GLY U 259 28.71 52.20 111.87
C GLY U 259 29.70 52.17 110.71
N TRP U 288 38.12 41.96 114.98
CA TRP U 288 38.97 42.27 113.85
C TRP U 288 40.09 41.22 113.71
N VAL U 289 39.94 40.12 114.44
CA VAL U 289 41.03 39.16 114.63
C VAL U 289 41.20 38.29 113.38
N SER U 290 42.20 37.42 113.41
CA SER U 290 42.62 36.60 112.29
C SER U 290 41.48 35.76 111.74
N PRO U 291 41.48 35.48 110.44
CA PRO U 291 40.67 34.36 109.94
C PRO U 291 41.19 33.03 110.49
N ARG U 292 40.26 32.16 110.86
CA ARG U 292 40.61 30.96 111.61
C ARG U 292 40.75 29.77 110.66
N ASP U 293 41.81 28.99 110.87
CA ASP U 293 42.08 27.85 110.00
C ASP U 293 41.16 26.67 110.33
N ILE U 294 41.06 26.32 111.61
CA ILE U 294 40.16 25.27 112.08
C ILE U 294 39.05 25.93 112.89
N THR U 295 37.80 25.62 112.54
CA THR U 295 36.67 26.48 112.89
C THR U 295 35.49 25.75 113.52
N SER U 296 35.36 24.43 113.29
CA SER U 296 34.10 23.71 113.52
C SER U 296 33.63 23.83 114.96
N GLU U 297 34.55 23.80 115.92
CA GLU U 297 34.23 23.89 117.33
C GLU U 297 34.10 25.35 117.79
N THR U 298 34.64 26.28 117.01
CA THR U 298 34.90 27.64 117.50
C THR U 298 33.64 28.47 117.66
N LEU U 299 32.60 28.25 116.84
CA LEU U 299 31.55 29.25 116.60
C LEU U 299 30.89 29.76 117.88
N GLU U 300 30.38 28.85 118.71
CA GLU U 300 29.69 29.23 119.93
C GLU U 300 30.58 29.88 121.00
N ARG U 301 31.90 29.67 120.98
CA ARG U 301 32.76 30.41 121.90
C ARG U 301 33.34 31.70 121.30
N LEU U 302 33.44 31.78 119.98
CA LEU U 302 33.93 32.98 119.31
C LEU U 302 32.95 34.15 119.43
N TRP U 303 31.69 33.89 119.78
CA TRP U 303 30.76 34.94 120.19
C TRP U 303 31.08 35.52 121.55
N LEU U 304 31.79 34.80 122.41
CA LEU U 304 31.94 35.21 123.81
C LEU U 304 32.78 36.46 124.12
N PRO U 305 33.84 36.82 123.37
CA PRO U 305 34.57 38.06 123.70
C PRO U 305 33.70 39.32 123.71
N ASP U 306 33.98 40.16 124.71
CA ASP U 306 33.16 41.32 125.03
C ASP U 306 33.24 42.35 123.92
N THR U 307 32.07 42.73 123.39
CA THR U 307 31.98 43.78 122.37
C THR U 307 30.58 44.34 122.37
N GLU U 308 30.46 45.58 121.87
CA GLU U 308 29.15 46.15 121.60
C GLU U 308 28.50 45.52 120.38
N ALA U 309 29.29 45.08 119.40
CA ALA U 309 28.75 44.41 118.23
C ALA U 309 29.75 43.36 117.75
N THR U 310 29.22 42.20 117.39
CA THR U 310 29.99 41.14 116.76
C THR U 310 29.29 40.76 115.46
N ALA U 311 30.10 40.54 114.42
CA ALA U 311 29.64 39.95 113.18
C ALA U 311 30.41 38.66 112.95
N VAL U 312 29.68 37.55 112.79
CA VAL U 312 30.27 36.23 112.68
C VAL U 312 29.70 35.59 111.43
N THR U 313 30.59 35.03 110.60
CA THR U 313 30.20 34.52 109.30
C THR U 313 31.08 33.36 108.89
N VAL U 314 30.50 32.46 108.08
CA VAL U 314 31.15 31.25 107.58
C VAL U 314 30.90 31.15 106.08
N ARG U 315 31.93 30.79 105.31
CA ARG U 315 31.87 30.74 103.86
C ARG U 315 32.03 29.31 103.35
N LEU U 316 31.22 28.95 102.35
CA LEU U 316 31.28 27.66 101.68
C LEU U 316 31.48 27.86 100.18
N ARG U 317 32.49 27.21 99.62
CA ARG U 317 32.80 27.41 98.21
C ARG U 317 33.10 26.07 97.52
N PRO U 318 32.79 25.95 96.22
CA PRO U 318 32.99 24.69 95.48
C PRO U 318 34.40 24.47 94.93
N ARG U 319 35.34 24.21 95.84
CA ARG U 319 36.75 24.05 95.44
C ARG U 319 36.94 22.89 94.47
N HIS U 320 36.27 21.77 94.75
CA HIS U 320 36.13 20.67 93.79
C HIS U 320 34.68 20.20 93.87
N GLY U 321 34.43 18.94 93.52
CA GLY U 321 33.12 18.34 93.74
C GLY U 321 32.67 18.33 95.19
N GLY U 322 33.59 18.50 96.14
CA GLY U 322 33.24 18.74 97.52
C GLY U 322 32.93 20.21 97.76
N VAL U 323 32.80 20.56 99.04
CA VAL U 323 32.66 21.95 99.47
C VAL U 323 33.60 22.19 100.64
N GLU U 324 34.35 23.29 100.57
CA GLU U 324 35.37 23.59 101.56
C GLU U 324 35.04 24.90 102.24
N VAL U 325 35.54 25.05 103.47
CA VAL U 325 34.97 25.97 104.44
C VAL U 325 36.03 26.96 104.88
N SER U 326 35.60 28.21 105.07
CA SER U 326 36.40 29.24 105.71
C SER U 326 35.47 30.10 106.56
N ALA U 327 36.02 30.66 107.64
CA ALA U 327 35.26 31.50 108.55
C ALA U 327 36.10 32.69 109.00
N TRP U 328 35.43 33.82 109.23
CA TRP U 328 36.09 35.00 109.76
C TRP U 328 35.10 35.80 110.57
N VAL U 329 35.62 36.76 111.33
CA VAL U 329 34.85 37.50 112.32
C VAL U 329 35.46 38.90 112.40
N ARG U 330 34.65 39.87 112.84
CA ARG U 330 35.18 41.13 113.36
C ARG U 330 34.37 41.58 114.55
N TYR U 331 35.00 42.38 115.40
CA TYR U 331 34.35 42.96 116.56
C TYR U 331 34.43 44.49 116.48
N HIS U 332 33.37 45.15 116.97
CA HIS U 332 33.14 46.59 116.79
C HIS U 332 33.32 47.05 115.35
N PRO V 18 15.86 2.49 102.94
CA PRO V 18 16.63 2.23 101.73
C PRO V 18 17.01 3.52 101.01
N GLN V 19 17.75 3.40 99.92
CA GLN V 19 18.18 4.59 99.18
C GLN V 19 16.98 5.24 98.50
N ALA V 20 17.05 6.56 98.36
CA ALA V 20 16.12 7.31 97.52
C ALA V 20 16.85 8.46 96.87
N ALA V 21 16.49 8.76 95.63
CA ALA V 21 17.06 9.90 94.92
C ALA V 21 16.05 11.04 94.95
N VAL V 22 16.49 12.20 95.43
CA VAL V 22 15.83 13.45 95.10
C VAL V 22 16.27 13.89 93.71
N VAL V 23 15.30 14.15 92.84
CA VAL V 23 15.54 14.59 91.47
C VAL V 23 14.47 15.60 91.11
N ALA V 24 14.77 16.44 90.14
CA ALA V 24 13.77 17.34 89.58
C ALA V 24 13.37 16.81 88.22
N ILE V 25 12.12 16.42 88.10
CA ILE V 25 11.54 16.02 86.82
C ILE V 25 10.94 17.25 86.15
N MET V 26 10.88 17.21 84.82
CA MET V 26 10.30 18.29 84.05
C MET V 26 9.28 17.71 83.07
N ALA V 27 8.13 18.39 82.96
CA ALA V 27 7.03 17.95 82.13
C ALA V 27 6.03 19.07 81.93
N ALA V 28 5.68 19.37 80.67
CA ALA V 28 4.74 20.42 80.29
C ALA V 28 5.15 21.75 80.91
N ASP V 29 6.31 22.22 80.47
CA ASP V 29 7.00 23.46 80.81
C ASP V 29 6.99 23.79 82.31
N VAL V 30 7.00 22.75 83.15
CA VAL V 30 7.12 22.89 84.60
C VAL V 30 8.15 21.89 85.10
N GLN V 31 9.04 22.33 85.98
CA GLN V 31 9.98 21.46 86.68
C GLN V 31 9.57 21.30 88.13
N ILE V 32 9.44 20.05 88.58
CA ILE V 32 9.07 19.74 89.95
C ILE V 32 10.11 18.82 90.55
N ALA V 33 10.62 19.19 91.71
CA ALA V 33 11.50 18.31 92.50
C ALA V 33 10.70 17.20 93.16
N VAL V 34 11.18 15.97 93.03
CA VAL V 34 10.53 14.78 93.59
C VAL V 34 11.59 13.91 94.24
N VAL V 35 11.15 13.13 95.24
CA VAL V 35 11.98 12.10 95.86
C VAL V 35 11.43 10.76 95.41
N LEU V 36 12.29 9.96 94.78
CA LEU V 36 11.91 8.69 94.20
C LEU V 36 12.65 7.53 94.85
N ASP V 37 11.95 6.41 95.03
CA ASP V 37 12.56 5.14 95.42
C ASP V 37 13.68 4.82 94.44
N ALA V 38 14.89 4.65 94.97
CA ALA V 38 16.07 4.55 94.12
C ALA V 38 16.15 3.22 93.35
N HIS V 39 15.39 2.21 93.74
CA HIS V 39 15.52 0.92 93.07
C HIS V 39 14.19 0.21 92.81
N ALA V 40 13.06 0.88 92.93
CA ALA V 40 11.85 0.44 92.22
C ALA V 40 12.04 0.57 90.71
N PRO V 41 11.68 -0.45 89.92
CA PRO V 41 11.61 -0.30 88.46
C PRO V 41 10.70 0.85 88.04
N ILE V 42 11.11 1.54 86.97
CA ILE V 42 10.41 2.73 86.49
C ILE V 42 8.95 2.45 86.12
N SER V 43 8.67 1.26 85.59
CA SER V 43 7.31 0.81 85.32
C SER V 43 6.41 0.76 86.55
N VAL V 44 6.99 0.68 87.76
CA VAL V 44 6.21 0.78 88.97
C VAL V 44 5.78 2.21 89.25
N MET V 45 6.67 3.17 89.04
CA MET V 45 6.50 4.53 89.54
C MET V 45 5.94 5.51 88.51
N ILE V 46 6.07 5.22 87.22
CA ILE V 46 5.71 6.17 86.17
C ILE V 46 4.24 6.60 86.25
N ASP V 47 3.32 5.65 86.45
CA ASP V 47 1.90 5.99 86.54
C ASP V 47 1.54 6.95 87.68
N PRO V 48 1.88 6.68 88.96
CA PRO V 48 1.51 7.66 89.99
C PRO V 48 2.30 8.94 89.90
N LEU V 49 3.49 8.89 89.31
CA LEU V 49 4.22 10.13 89.01
C LEU V 49 3.44 11.00 88.04
N LEU V 50 2.84 10.37 87.01
CA LEU V 50 1.98 11.11 86.10
C LEU V 50 0.77 11.68 86.81
N LYS V 51 0.18 10.90 87.72
CA LYS V 51 -0.98 11.40 88.46
C LYS V 51 -0.61 12.60 89.34
N VAL V 52 0.54 12.53 90.01
CA VAL V 52 1.00 13.63 90.86
C VAL V 52 1.29 14.87 90.01
N VAL V 53 1.94 14.68 88.86
CA VAL V 53 2.25 15.80 87.97
C VAL V 53 0.98 16.44 87.45
N ASN V 54 -0.02 15.62 87.07
CA ASN V 54 -1.29 16.17 86.60
C ASN V 54 -2.01 16.92 87.71
N THR V 55 -1.95 16.40 88.94
CA THR V 55 -2.55 17.10 90.08
C THR V 55 -1.87 18.46 90.31
N ARG V 56 -0.54 18.47 90.23
CA ARG V 56 0.20 19.72 90.45
C ARG V 56 -0.07 20.73 89.34
N LEU V 57 -0.13 20.27 88.09
CA LEU V 57 -0.42 21.16 86.97
C LEU V 57 -1.84 21.70 87.07
N ARG V 58 -2.79 20.87 87.46
CA ARG V 58 -4.16 21.32 87.61
C ARG V 58 -4.28 22.31 88.76
N GLU V 59 -3.46 22.12 89.80
CA GLU V 59 -3.45 23.06 90.91
C GLU V 59 -2.88 24.40 90.47
N LEU V 60 -1.95 24.38 89.52
CA LEU V 60 -1.31 25.58 89.01
C LEU V 60 -2.16 26.31 87.98
N GLY V 61 -3.27 25.71 87.53
CA GLY V 61 -4.01 26.27 86.42
C GLY V 61 -3.40 26.01 85.08
N VAL V 62 -2.40 25.15 85.02
CA VAL V 62 -1.74 24.74 83.79
C VAL V 62 -2.49 23.54 83.23
N ALA V 63 -2.60 23.47 81.89
CA ALA V 63 -3.26 22.34 81.26
C ALA V 63 -2.48 21.06 81.50
N PRO V 64 -3.12 20.01 82.00
CA PRO V 64 -2.40 18.78 82.35
C PRO V 64 -1.95 18.00 81.11
N LEU V 65 -1.13 16.99 81.39
CA LEU V 65 -0.63 16.08 80.35
C LEU V 65 -1.73 15.17 79.84
N GLU V 66 -1.76 14.99 78.51
CA GLU V 66 -2.72 14.11 77.87
C GLU V 66 -2.02 13.14 76.94
N ALA V 67 -2.56 11.93 76.90
CA ALA V 67 -2.12 10.88 75.97
C ALA V 67 -2.72 11.13 74.60
N LYS V 68 -2.04 11.92 73.78
CA LYS V 68 -2.47 12.11 72.40
C LYS V 68 -2.37 10.80 71.63
N GLY V 69 -3.26 10.62 70.66
CA GLY V 69 -3.23 9.50 69.73
C GLY V 69 -3.12 8.12 70.36
N ARG V 70 -2.05 7.39 70.01
CA ARG V 70 -1.65 6.19 70.72
C ARG V 70 -0.13 6.17 70.87
N GLY V 71 0.32 5.50 71.93
CA GLY V 71 1.72 5.59 72.32
C GLY V 71 1.88 5.14 73.76
N ARG V 72 2.92 5.67 74.42
CA ARG V 72 3.07 5.40 75.84
C ARG V 72 3.77 6.57 76.53
N TRP V 73 3.47 6.71 77.82
CA TRP V 73 4.22 7.61 78.67
C TRP V 73 5.61 7.05 78.93
N MET V 74 6.62 7.92 78.90
CA MET V 74 8.00 7.53 79.13
C MET V 74 8.73 8.64 79.87
N LEU V 75 9.83 8.25 80.50
CA LEU V 75 10.77 9.17 81.11
C LEU V 75 12.09 9.14 80.35
N CYS V 76 12.71 10.30 80.23
CA CYS V 76 13.99 10.43 79.58
C CYS V 76 14.97 11.16 80.48
N LEU V 77 16.26 10.87 80.27
CA LEU V 77 17.28 11.84 80.65
C LEU V 77 17.13 13.09 79.80
N VAL V 78 17.59 14.22 80.34
CA VAL V 78 17.52 15.49 79.63
C VAL V 78 18.25 15.48 78.31
N ASP V 79 19.26 14.62 78.14
CA ASP V 79 19.91 14.50 76.84
C ASP V 79 19.01 13.85 75.79
N GLY V 80 17.94 13.20 76.21
CA GLY V 80 16.90 12.70 75.33
C GLY V 80 16.63 11.22 75.43
N THR V 81 17.58 10.43 75.91
CA THR V 81 17.47 8.98 75.84
C THR V 81 16.43 8.47 76.84
N PRO V 82 15.51 7.60 76.42
CA PRO V 82 14.52 7.06 77.35
C PRO V 82 15.11 6.05 78.31
N LEU V 83 14.55 6.03 79.52
CA LEU V 83 14.89 5.05 80.52
C LEU V 83 14.22 3.72 80.23
N ARG V 84 14.89 2.64 80.63
CA ARG V 84 14.33 1.29 80.62
C ARG V 84 13.23 1.14 81.66
N PRO V 85 11.96 0.95 81.27
CA PRO V 85 10.89 0.92 82.27
C PRO V 85 10.99 -0.28 83.21
N ASN V 86 11.36 -1.43 82.66
CA ASN V 86 11.58 -2.65 83.44
C ASN V 86 12.78 -2.56 84.36
N LEU V 87 13.57 -1.49 84.30
CA LEU V 87 14.73 -1.34 85.15
C LEU V 87 14.53 -0.16 86.08
N SER V 88 15.17 -0.24 87.23
CA SER V 88 15.16 0.83 88.22
C SER V 88 16.14 1.94 87.87
N LEU V 89 16.04 3.02 88.65
CA LEU V 89 16.99 4.12 88.62
C LEU V 89 18.43 3.64 88.80
N THR V 90 18.64 2.70 89.71
CA THR V 90 19.99 2.33 90.16
C THR V 90 20.83 1.75 89.03
N GLU V 91 20.37 0.65 88.43
CA GLU V 91 21.13 -0.06 87.42
C GLU V 91 21.21 0.67 86.09
N GLN V 92 20.46 1.75 85.91
CA GLN V 92 20.69 2.68 84.80
C GLN V 92 21.24 4.02 85.30
N GLU V 93 21.90 4.01 86.46
CA GLU V 93 22.80 5.07 86.91
C GLU V 93 22.12 6.42 87.08
N VAL V 94 20.81 6.42 87.36
CA VAL V 94 20.18 7.63 87.85
C VAL V 94 20.66 7.89 89.27
N TYR V 95 21.01 9.13 89.57
CA TYR V 95 21.53 9.51 90.87
C TYR V 95 20.73 10.68 91.41
N ASP V 96 20.86 10.91 92.71
CA ASP V 96 20.36 12.12 93.34
C ASP V 96 20.92 13.37 92.66
N GLY V 97 20.06 14.36 92.49
CA GLY V 97 20.43 15.60 91.84
C GLY V 97 20.38 15.58 90.33
N ASP V 98 20.01 14.45 89.74
CA ASP V 98 19.76 14.37 88.30
C ASP V 98 18.47 15.09 87.93
N ARG V 99 18.34 15.39 86.64
CA ARG V 99 17.11 15.85 86.04
C ARG V 99 16.58 14.81 85.07
N LEU V 100 15.26 14.67 85.00
CA LEU V 100 14.62 13.72 84.11
C LEU V 100 13.45 14.38 83.40
N TRP V 101 13.18 13.90 82.19
CA TRP V 101 12.20 14.51 81.30
C TRP V 101 11.10 13.50 81.00
N LEU V 102 9.86 13.87 81.36
CA LEU V 102 8.69 13.04 81.15
C LEU V 102 8.00 13.35 79.82
N LYS V 103 7.70 12.31 79.07
CA LYS V 103 7.14 12.43 77.73
C LYS V 103 6.02 11.43 77.56
N PHE V 104 5.14 11.71 76.60
CA PHE V 104 4.34 10.68 75.94
C PHE V 104 4.94 10.41 74.57
N LEU V 105 5.60 9.27 74.40
CA LEU V 105 6.12 8.89 73.09
C LEU V 105 4.98 8.39 72.21
N GLU V 106 4.77 9.06 71.08
CA GLU V 106 3.85 8.55 70.06
C GLU V 106 4.29 7.17 69.57
N ASP V 107 3.30 6.31 69.31
CA ASP V 107 3.54 4.97 68.79
C ASP V 107 4.35 5.00 67.48
N THR V 108 5.42 4.22 67.45
CA THR V 108 6.32 4.13 66.29
C THR V 108 5.87 3.18 65.18
N GLU V 109 5.14 2.11 65.48
CA GLU V 109 4.92 1.07 64.48
C GLU V 109 3.93 1.45 63.39
N HIS V 110 4.26 1.03 62.17
CA HIS V 110 3.45 1.23 60.98
C HIS V 110 3.87 0.16 59.99
N ARG V 111 3.11 0.05 58.88
CA ARG V 111 3.47 -0.86 57.81
C ARG V 111 4.88 -0.59 57.30
N SER V 112 5.64 -1.66 57.10
CA SER V 112 6.96 -1.55 56.49
C SER V 112 6.82 -1.63 54.98
N GLU V 113 6.89 -0.48 54.32
CA GLU V 113 6.66 -0.39 52.89
C GLU V 113 7.71 -1.19 52.12
N VAL V 114 7.40 -1.50 50.87
CA VAL V 114 8.34 -2.19 50.01
C VAL V 114 8.25 -1.62 48.59
N ILE V 115 9.41 -1.34 48.00
CA ILE V 115 9.52 -1.02 46.58
C ILE V 115 10.29 -2.14 45.92
N GLU V 116 9.60 -2.91 45.07
CA GLU V 116 10.18 -4.13 44.54
C GLU V 116 11.18 -3.86 43.41
N HIS V 117 10.93 -2.86 42.58
CA HIS V 117 11.88 -2.52 41.52
C HIS V 117 13.10 -1.86 42.15
N ILE V 118 14.27 -2.43 41.88
CA ILE V 118 15.53 -1.99 42.48
C ILE V 118 15.84 -0.52 42.18
N SER V 119 15.64 -0.06 40.95
CA SER V 119 15.97 1.31 40.59
C SER V 119 15.12 2.33 41.34
N THR V 120 13.81 2.14 41.33
CA THR V 120 12.92 3.04 42.05
C THR V 120 13.15 2.98 43.56
N ALA V 121 13.57 1.83 44.07
CA ALA V 121 13.91 1.74 45.49
C ALA V 121 15.16 2.54 45.82
N VAL V 122 16.17 2.50 44.94
CA VAL V 122 17.35 3.33 45.13
C VAL V 122 16.98 4.80 45.16
N ALA V 123 16.24 5.24 44.15
CA ALA V 123 15.83 6.63 44.05
C ALA V 123 15.08 7.08 45.30
N THR V 124 14.02 6.37 45.65
CA THR V 124 13.19 6.81 46.76
C THR V 124 13.83 6.60 48.12
N ASN V 125 14.93 5.85 48.21
CA ASN V 125 15.63 5.81 49.49
C ASN V 125 16.65 6.93 49.60
N LEU V 126 17.44 7.15 48.55
CA LEU V 126 18.38 8.26 48.55
C LEU V 126 17.67 9.60 48.72
N SER V 127 16.68 9.89 47.86
CA SER V 127 16.00 11.18 47.92
C SER V 127 15.31 11.40 49.26
N LYS V 128 14.93 10.34 49.94
CA LYS V 128 14.33 10.49 51.25
C LYS V 128 15.38 10.73 52.32
N ARG V 129 16.60 10.20 52.13
CA ARG V 129 17.51 10.10 53.26
C ARG V 129 18.71 11.05 53.20
N PHE V 130 19.03 11.60 52.03
CA PHE V 130 20.15 12.53 51.90
C PHE V 130 19.69 13.88 51.39
N ALA V 131 20.61 14.84 51.42
CA ALA V 131 20.33 16.25 51.17
C ALA V 131 20.83 16.69 49.79
N PRO V 132 19.95 17.15 48.91
CA PRO V 132 20.37 17.58 47.58
C PRO V 132 21.05 18.94 47.62
N ILE V 133 21.75 19.26 46.55
CA ILE V 133 22.27 20.61 46.38
C ILE V 133 21.09 21.57 46.24
N ASP V 134 21.29 22.80 46.72
CA ASP V 134 20.27 23.82 46.81
C ASP V 134 20.93 25.17 46.61
N PRO V 135 20.23 26.15 46.04
CA PRO V 135 20.84 27.46 45.78
C PRO V 135 21.34 28.18 47.01
N VAL V 136 20.72 27.93 48.16
CA VAL V 136 21.23 28.42 49.44
C VAL V 136 22.64 27.93 49.68
N VAL V 137 22.89 26.65 49.41
CA VAL V 137 24.23 26.11 49.54
C VAL V 137 25.12 26.63 48.41
N ALA V 138 24.54 26.80 47.22
CA ALA V 138 25.33 27.16 46.05
C ALA V 138 25.96 28.53 46.19
N VAL V 139 25.23 29.48 46.76
CA VAL V 139 25.78 30.81 46.94
C VAL V 139 26.93 30.79 47.94
N GLN V 140 26.80 29.99 49.00
CA GLN V 140 27.89 29.86 49.95
C GLN V 140 29.11 29.22 49.32
N VAL V 141 28.90 28.23 48.45
CA VAL V 141 30.01 27.61 47.77
C VAL V 141 30.73 28.61 46.87
N GLY V 142 29.96 29.41 46.14
CA GLY V 142 30.57 30.44 45.30
C GLY V 142 31.36 31.44 46.11
N ALA V 143 30.83 31.85 47.27
CA ALA V 143 31.55 32.77 48.13
C ALA V 143 32.83 32.16 48.66
N THR V 144 32.79 30.88 49.04
CA THR V 144 33.99 30.21 49.52
C THR V 144 35.04 30.13 48.43
N MET V 145 34.63 29.81 47.21
CA MET V 145 35.61 29.64 46.16
C MET V 145 36.20 30.97 45.72
N VAL V 146 35.40 32.04 45.73
CA VAL V 146 35.98 33.34 45.40
C VAL V 146 36.84 33.86 46.54
N ALA V 147 36.54 33.48 47.78
CA ALA V 147 37.43 33.79 48.88
C ALA V 147 38.79 33.12 48.70
N VAL V 148 38.78 31.83 48.38
CA VAL V 148 40.02 31.09 48.16
C VAL V 148 40.79 31.72 47.01
N GLY V 149 40.08 32.09 45.94
CA GLY V 149 40.73 32.72 44.80
C GLY V 149 41.39 34.03 45.14
N VAL V 150 40.72 34.87 45.93
CA VAL V 150 41.30 36.19 46.17
C VAL V 150 42.43 36.10 47.19
N LEU V 151 42.37 35.15 48.14
CA LEU V 151 43.56 34.93 48.96
C LEU V 151 44.74 34.39 48.14
N LEU V 152 44.49 33.51 47.16
CA LEU V 152 45.60 33.10 46.30
C LEU V 152 46.15 34.27 45.52
N GLY V 153 45.29 35.14 45.00
CA GLY V 153 45.78 36.28 44.25
C GLY V 153 46.58 37.25 45.10
N SER V 154 46.09 37.54 46.30
CA SER V 154 46.81 38.45 47.19
C SER V 154 48.13 37.85 47.66
N ALA V 155 48.15 36.57 48.02
CA ALA V 155 49.38 35.92 48.43
C ALA V 155 50.35 35.84 47.26
N LEU V 156 49.83 35.73 46.05
CA LEU V 156 50.67 35.65 44.87
C LEU V 156 51.32 36.99 44.58
N LEU V 157 50.55 38.07 44.70
CA LEU V 157 51.13 39.41 44.54
C LEU V 157 52.15 39.69 45.63
N GLY V 158 51.89 39.21 46.85
CA GLY V 158 52.88 39.33 47.90
C GLY V 158 54.15 38.56 47.59
N TRP V 159 54.01 37.37 46.99
CA TRP V 159 55.18 36.62 46.57
C TRP V 159 55.97 37.36 45.49
N TRP V 160 55.27 37.97 44.54
CA TRP V 160 55.96 38.70 43.49
C TRP V 160 56.67 39.93 44.02
N ARG V 161 56.04 40.66 44.93
CA ARG V 161 56.69 41.82 45.52
C ARG V 161 57.83 41.40 46.45
N TRP V 162 57.75 40.22 47.04
CA TRP V 162 58.89 39.65 47.75
C TRP V 162 60.03 39.34 46.81
N GLN V 163 59.71 38.83 45.62
CA GLN V 163 60.75 38.43 44.68
C GLN V 163 61.23 39.61 43.85
N HIS V 164 60.33 40.51 43.48
CA HIS V 164 60.69 41.58 42.57
C HIS V 164 60.29 42.92 43.17
N GLU V 165 61.01 43.96 42.76
CA GLU V 165 60.84 45.30 43.31
C GLU V 165 59.82 46.13 42.56
N SER V 166 58.87 45.50 41.87
CA SER V 166 57.94 46.23 41.04
C SER V 166 56.90 46.93 41.90
N TRP V 167 56.67 48.21 41.61
CA TRP V 167 55.63 48.96 42.30
C TRP V 167 54.25 48.59 41.79
N LEU V 168 54.18 48.08 40.56
CA LEU V 168 52.89 47.85 39.91
C LEU V 168 51.96 46.82 40.59
N PRO V 169 52.42 45.79 41.33
CA PRO V 169 51.45 44.93 42.02
C PRO V 169 50.52 45.62 43.02
N ALA V 170 50.97 46.70 43.65
CA ALA V 170 50.13 47.36 44.64
C ALA V 170 48.83 47.96 44.06
N PRO V 171 48.82 48.62 42.89
CA PRO V 171 47.51 48.96 42.30
C PRO V 171 46.57 47.79 42.04
N PHE V 172 47.09 46.64 41.58
CA PHE V 172 46.23 45.48 41.37
C PHE V 172 45.62 45.00 42.67
N ALA V 173 46.45 44.91 43.72
CA ALA V 173 45.93 44.47 45.02
C ALA V 173 44.90 45.45 45.56
N ALA V 174 45.16 46.75 45.39
CA ALA V 174 44.22 47.77 45.86
C ALA V 174 42.90 47.69 45.11
N VAL V 175 42.94 47.51 43.79
CA VAL V 175 41.70 47.54 43.03
C VAL V 175 40.88 46.28 43.30
N ILE V 176 41.52 45.11 43.44
CA ILE V 176 40.73 43.92 43.72
C ILE V 176 40.15 44.01 45.13
N ALA V 177 40.90 44.60 46.07
CA ALA V 177 40.40 44.76 47.42
C ALA V 177 39.19 45.68 47.46
N VAL V 178 39.25 46.81 46.75
CA VAL V 178 38.13 47.74 46.81
C VAL V 178 36.91 47.17 46.11
N LEU V 179 37.10 46.41 45.02
CA LEU V 179 35.95 45.80 44.37
C LEU V 179 35.27 44.77 45.26
N VAL V 180 36.04 43.87 45.86
CA VAL V 180 35.40 42.85 46.69
C VAL V 180 34.83 43.46 47.96
N LEU V 181 35.42 44.53 48.47
CA LEU V 181 34.90 45.14 49.69
C LEU V 181 33.59 45.88 49.42
N THR V 182 33.49 46.57 48.29
CA THR V 182 32.22 47.19 47.95
C THR V 182 31.15 46.16 47.66
N VAL V 183 31.52 45.06 47.02
CA VAL V 183 30.54 43.99 46.77
C VAL V 183 30.06 43.39 48.08
N ALA V 184 30.97 43.16 49.02
CA ALA V 184 30.60 42.62 50.32
C ALA V 184 29.70 43.59 51.06
N THR V 185 30.01 44.88 51.01
CA THR V 185 29.20 45.87 51.70
C THR V 185 27.79 45.95 51.10
N MET V 186 27.69 45.90 49.77
CA MET V 186 26.37 45.94 49.14
C MET V 186 25.56 44.69 49.48
N ILE V 187 26.21 43.53 49.53
CA ILE V 187 25.48 42.31 49.89
C ILE V 187 25.04 42.37 51.34
N LEU V 188 25.90 42.88 52.23
CA LEU V 188 25.55 42.96 53.63
C LEU V 188 24.43 43.97 53.87
N ALA V 189 24.41 45.05 53.10
CA ALA V 189 23.35 46.03 53.28
C ALA V 189 22.04 45.54 52.69
N ARG V 190 22.06 45.10 51.42
CA ARG V 190 20.82 44.75 50.75
C ARG V 190 20.26 43.43 51.28
N SER V 191 21.10 42.43 51.43
CA SER V 191 20.66 41.07 51.74
C SER V 191 20.93 40.70 53.19
N LYS V 192 20.73 41.64 54.11
CA LYS V 192 20.91 41.32 55.52
C LYS V 192 19.79 40.46 56.09
N THR V 193 18.72 40.22 55.33
CA THR V 193 17.50 39.63 55.85
C THR V 193 17.62 38.15 56.18
N VAL V 194 18.72 37.50 55.83
CA VAL V 194 18.83 36.05 56.01
C VAL V 194 20.11 35.73 56.76
N PRO V 195 20.18 34.57 57.41
CA PRO V 195 21.46 34.08 57.93
C PRO V 195 22.45 33.68 56.86
N ASP V 196 22.11 33.81 55.59
CA ASP V 196 23.06 33.71 54.50
C ASP V 196 23.80 35.00 54.23
N ARG V 197 23.78 35.93 55.18
CA ARG V 197 24.68 37.09 55.14
C ARG V 197 26.10 36.69 55.48
N ARG V 198 26.32 35.43 55.86
CA ARG V 198 27.66 34.92 55.98
C ARG V 198 28.38 34.89 54.64
N VAL V 199 27.64 34.98 53.53
CA VAL V 199 28.28 35.19 52.24
C VAL V 199 29.03 36.51 52.24
N GLY V 200 28.39 37.54 52.76
CA GLY V 200 29.04 38.83 52.86
C GLY V 200 30.17 38.80 53.86
N ASP V 201 29.99 38.05 54.94
CA ASP V 201 31.06 37.95 55.93
C ASP V 201 32.28 37.26 55.34
N ILE V 202 32.07 36.21 54.56
CA ILE V 202 33.16 35.51 53.89
C ILE V 202 33.87 36.44 52.91
N LEU V 203 33.11 37.21 52.15
CA LEU V 203 33.73 38.14 51.21
C LEU V 203 34.53 39.21 51.92
N LEU V 204 34.04 39.70 53.07
CA LEU V 204 34.75 40.76 53.77
C LEU V 204 36.05 40.24 54.38
N LEU V 205 35.97 39.07 55.03
CA LEU V 205 37.16 38.37 55.49
C LEU V 205 38.15 38.13 54.36
N SER V 206 37.63 37.83 53.18
CA SER V 206 38.49 37.54 52.05
C SER V 206 39.14 38.80 51.53
N GLY V 207 38.42 39.92 51.56
CA GLY V 207 38.88 41.13 50.93
C GLY V 207 39.70 42.04 51.79
N LEU V 208 39.72 41.82 53.11
CA LEU V 208 40.63 42.61 53.92
C LEU V 208 42.09 42.26 53.65
N VAL V 209 42.37 41.04 53.22
CA VAL V 209 43.74 40.60 52.95
C VAL V 209 44.38 41.32 51.75
N PRO V 210 43.74 41.44 50.57
CA PRO V 210 44.38 42.20 49.50
C PRO V 210 44.58 43.66 49.84
N LEU V 211 43.70 44.24 50.64
CA LEU V 211 43.93 45.59 51.14
C LEU V 211 45.19 45.66 51.98
N ALA V 212 45.40 44.67 52.83
CA ALA V 212 46.60 44.65 53.67
C ALA V 212 47.85 44.53 52.83
N VAL V 213 47.82 43.67 51.80
CA VAL V 213 49.04 43.53 51.01
C VAL V 213 49.20 44.71 50.05
N ALA V 214 48.12 45.41 49.73
CA ALA V 214 48.25 46.60 48.90
C ALA V 214 48.90 47.73 49.68
N ILE V 215 48.49 47.92 50.93
CA ILE V 215 49.12 48.93 51.76
C ILE V 215 50.57 48.55 52.06
N ALA V 216 50.82 47.26 52.28
CA ALA V 216 52.17 46.81 52.60
C ALA V 216 53.12 46.98 51.43
N ALA V 217 52.64 46.74 50.20
CA ALA V 217 53.52 46.82 49.05
C ALA V 217 53.88 48.25 48.67
N THR V 218 53.20 49.25 49.23
CA THR V 218 53.59 50.64 49.00
C THR V 218 54.86 51.03 49.74
N ALA V 219 55.34 50.23 50.66
CA ALA V 219 56.59 50.55 51.34
C ALA V 219 57.74 50.34 50.38
N PRO V 220 58.53 51.38 50.10
CA PRO V 220 59.60 51.28 49.10
C PRO V 220 60.79 50.49 49.61
N GLY V 221 61.72 50.25 48.69
CA GLY V 221 62.92 49.52 48.99
C GLY V 221 62.67 48.03 49.04
N PRO V 222 63.65 47.26 49.51
CA PRO V 222 63.46 45.82 49.59
C PRO V 222 62.42 45.48 50.65
N VAL V 223 61.75 44.35 50.43
CA VAL V 223 60.70 43.92 51.33
C VAL V 223 61.32 43.47 52.64
N GLY V 224 60.58 43.63 53.73
CA GLY V 224 61.08 43.20 55.03
C GLY V 224 60.16 43.63 56.15
N ALA V 225 60.78 43.94 57.28
CA ALA V 225 60.04 44.40 58.45
C ALA V 225 59.13 45.62 58.24
N PRO V 226 59.50 46.70 57.52
CA PRO V 226 58.53 47.79 57.35
C PRO V 226 57.25 47.39 56.63
N HIS V 227 57.39 46.61 55.55
CA HIS V 227 56.23 46.06 54.86
C HIS V 227 55.40 45.18 55.77
N ALA V 228 56.07 44.35 56.57
CA ALA V 228 55.38 43.43 57.47
C ALA V 228 54.59 44.20 58.53
N VAL V 229 55.23 45.17 59.18
CA VAL V 229 54.56 45.88 60.25
C VAL V 229 53.41 46.72 59.69
N LEU V 230 53.57 47.27 58.49
CA LEU V 230 52.51 48.08 57.91
C LEU V 230 51.30 47.22 57.53
N GLY V 231 51.55 46.09 56.85
CA GLY V 231 50.46 45.21 56.45
C GLY V 231 49.73 44.60 57.63
N PHE V 232 50.47 44.06 58.60
CA PHE V 232 49.80 43.48 59.76
C PHE V 232 49.09 44.53 60.60
N GLY V 233 49.66 45.72 60.72
CA GLY V 233 48.97 46.78 61.45
C GLY V 233 47.66 47.18 60.80
N VAL V 234 47.66 47.38 59.48
CA VAL V 234 46.42 47.79 58.84
C VAL V 234 45.39 46.66 58.83
N PHE V 235 45.86 45.40 58.73
CA PHE V 235 44.90 44.29 58.72
C PHE V 235 44.29 44.10 60.10
N GLY V 236 45.10 44.26 61.15
CA GLY V 236 44.56 44.20 62.50
C GLY V 236 43.63 45.35 62.82
N VAL V 237 43.92 46.53 62.28
CA VAL V 237 43.04 47.68 62.48
C VAL V 237 41.69 47.44 61.82
N ALA V 238 41.70 46.91 60.58
CA ALA V 238 40.44 46.60 59.92
C ALA V 238 39.68 45.51 60.66
N ALA V 239 40.39 44.51 61.17
CA ALA V 239 39.75 43.46 61.94
C ALA V 239 39.19 43.99 63.26
N MET V 240 39.77 45.06 63.78
CA MET V 240 39.19 45.65 64.97
C MET V 240 37.95 46.47 64.64
N LEU V 241 37.97 47.17 63.50
CA LEU V 241 36.79 47.95 63.10
C LEU V 241 35.59 47.07 62.81
N VAL V 242 35.81 45.92 62.18
CA VAL V 242 34.67 45.08 61.79
C VAL V 242 33.94 44.52 63.01
N MET V 243 34.58 44.50 64.17
CA MET V 243 33.86 44.25 65.43
C MET V 243 32.79 45.30 65.68
N ARG V 244 33.16 46.57 65.64
CA ARG V 244 32.20 47.58 66.04
C ARG V 244 31.18 47.82 64.93
N PHE V 245 31.56 47.63 63.67
CA PHE V 245 30.57 47.87 62.63
C PHE V 245 29.70 46.67 62.34
N THR V 246 30.20 45.43 62.49
CA THR V 246 29.37 44.26 62.22
C THR V 246 29.11 43.42 63.46
N GLY V 247 30.16 42.98 64.15
CA GLY V 247 29.96 42.14 65.30
C GLY V 247 29.55 40.72 64.96
N ARG V 248 29.89 40.26 63.77
CA ARG V 248 29.55 38.93 63.30
C ARG V 248 30.80 38.12 63.02
N ARG V 249 30.76 36.83 63.38
CA ARG V 249 31.85 35.89 63.18
C ARG V 249 33.14 36.43 63.74
N LEU V 250 33.13 36.61 65.06
CA LEU V 250 34.14 37.39 65.75
C LEU V 250 35.27 36.55 66.33
N GLY V 251 35.16 35.23 66.34
CA GLY V 251 36.27 34.41 66.79
C GLY V 251 37.44 34.48 65.83
N VAL V 252 37.17 34.41 64.54
CA VAL V 252 38.23 34.42 63.55
C VAL V 252 38.91 35.78 63.52
N TYR V 253 38.14 36.85 63.65
CA TYR V 253 38.73 38.18 63.73
C TYR V 253 39.48 38.38 65.03
N THR V 254 39.06 37.74 66.11
CA THR V 254 39.83 37.81 67.35
C THR V 254 41.19 37.15 67.20
N ALA V 255 41.23 35.98 66.57
CA ALA V 255 42.50 35.31 66.32
C ALA V 255 43.38 36.15 65.39
N LEU V 256 42.76 36.75 64.37
CA LEU V 256 43.53 37.57 63.43
C LEU V 256 44.07 38.83 64.10
N VAL V 257 43.30 39.47 64.97
CA VAL V 257 43.81 40.68 65.60
C VAL V 257 44.86 40.33 66.64
N THR V 258 44.78 39.14 67.22
CA THR V 258 45.86 38.66 68.10
C THR V 258 47.17 38.50 67.33
N LEU V 259 47.08 37.82 66.18
CA LEU V 259 48.26 37.61 65.35
C LEU V 259 48.82 38.94 64.83
N CYS V 260 47.95 39.86 64.44
CA CYS V 260 48.44 41.14 63.94
C CYS V 260 49.03 41.99 65.05
N ALA V 261 48.50 41.90 66.26
CA ALA V 261 49.09 42.62 67.38
C ALA V 261 50.52 42.15 67.65
N ALA V 262 50.71 40.83 67.65
CA ALA V 262 52.06 40.31 67.87
C ALA V 262 53.00 40.66 66.72
N ALA V 263 52.51 40.56 65.48
CA ALA V 263 53.36 40.86 64.32
C ALA V 263 53.73 42.34 64.27
N THR V 264 52.78 43.22 64.63
CA THR V 264 53.08 44.65 64.66
C THR V 264 54.06 44.99 65.77
N ALA V 265 53.94 44.32 66.93
CA ALA V 265 54.92 44.53 67.99
C ALA V 265 56.32 44.09 67.57
N ALA V 266 56.39 43.02 66.78
CA ALA V 266 57.69 42.60 66.26
C ALA V 266 58.21 43.57 65.21
N GLY V 267 57.35 44.09 64.36
CA GLY V 267 57.81 45.00 63.33
C GLY V 267 58.30 46.32 63.91
N LEU V 268 57.59 46.86 64.90
CA LEU V 268 58.07 48.07 65.56
C LEU V 268 59.36 47.79 66.33
N ALA V 269 59.52 46.57 66.86
CA ALA V 269 60.77 46.25 67.53
C ALA V 269 61.93 46.12 66.56
N ARG V 270 61.66 45.75 65.31
CA ARG V 270 62.73 45.68 64.32
C ARG V 270 62.97 47.01 63.62
N MET V 271 62.04 47.96 63.68
CA MET V 271 62.28 49.29 63.13
C MET V 271 62.78 50.30 64.15
N VAL V 272 62.09 50.47 65.28
CA VAL V 272 62.57 51.40 66.30
C VAL V 272 63.87 50.92 66.92
N LEU V 273 64.01 49.61 67.11
CA LEU V 273 65.26 49.02 67.57
C LEU V 273 65.84 48.12 66.49
N LEU V 274 67.01 47.57 66.77
CA LEU V 274 67.64 46.59 65.89
C LEU V 274 67.81 45.27 66.62
N THR V 275 66.77 44.86 67.33
CA THR V 275 66.80 43.66 68.15
C THR V 275 66.93 42.40 67.30
N SER V 276 67.55 41.38 67.89
CA SER V 276 67.68 40.11 67.21
C SER V 276 66.35 39.37 67.20
N ALA V 277 66.28 38.35 66.34
CA ALA V 277 65.04 37.59 66.21
C ALA V 277 64.77 36.75 67.45
N VAL V 278 65.83 36.23 68.07
CA VAL V 278 65.66 35.37 69.24
C VAL V 278 65.09 36.13 70.41
N THR V 279 65.60 37.34 70.65
CA THR V 279 65.06 38.23 71.68
C THR V 279 63.56 38.46 71.48
N LEU V 280 63.16 38.69 70.23
CA LEU V 280 61.76 39.01 69.96
C LEU V 280 60.88 37.79 70.12
N LEU V 281 61.37 36.62 69.67
CA LEU V 281 60.60 35.40 69.82
C LEU V 281 60.39 35.05 71.29
N THR V 282 61.44 35.22 72.11
CA THR V 282 61.28 35.00 73.54
C THR V 282 60.35 36.01 74.20
N CYS V 283 60.38 37.28 73.75
CA CYS V 283 59.37 38.25 74.15
C CYS V 283 57.96 37.81 73.76
N VAL V 284 57.80 37.29 72.55
CA VAL V 284 56.50 36.84 72.07
C VAL V 284 55.99 35.67 72.90
N LEU V 285 56.86 34.68 73.17
CA LEU V 285 56.50 33.57 74.04
C LEU V 285 56.06 34.05 75.43
N LEU V 286 56.79 35.01 75.99
CA LEU V 286 56.42 35.56 77.28
C LEU V 286 55.04 36.21 77.25
N ALA V 287 54.82 37.05 76.24
CA ALA V 287 53.51 37.65 76.01
C ALA V 287 52.41 36.61 75.84
N CYS V 288 52.72 35.51 75.15
CA CYS V 288 51.77 34.42 74.98
C CYS V 288 51.36 33.82 76.31
N VAL V 289 52.34 33.39 77.12
CA VAL V 289 52.00 32.68 78.36
C VAL V 289 51.31 33.63 79.36
N LEU V 290 51.72 34.90 79.37
CA LEU V 290 50.97 35.92 80.11
C LEU V 290 49.55 36.06 79.60
N MET V 291 49.36 36.07 78.29
CA MET V 291 48.01 36.27 77.76
C MET V 291 47.15 35.04 78.01
N TYR V 292 47.73 33.84 77.94
CA TYR V 292 47.03 32.63 78.32
C TYR V 292 46.51 32.74 79.74
N HIS V 293 47.35 33.27 80.63
CA HIS V 293 46.88 33.49 81.99
C HIS V 293 45.76 34.51 82.04
N GLY V 294 45.87 35.60 81.27
CA GLY V 294 44.88 36.66 81.23
C GLY V 294 43.68 36.47 80.32
N ALA V 295 43.73 35.50 79.39
CA ALA V 295 42.69 35.37 78.37
C ALA V 295 41.25 35.26 78.87
N PRO V 296 40.89 34.41 79.86
CA PRO V 296 39.48 34.37 80.28
C PRO V 296 38.95 35.68 80.84
N ALA V 297 39.74 36.38 81.65
CA ALA V 297 39.33 37.67 82.16
C ALA V 297 39.15 38.68 81.05
N LEU V 298 40.13 38.76 80.13
CA LEU V 298 40.01 39.65 78.98
C LEU V 298 38.76 39.33 78.15
N SER V 299 38.47 38.04 78.00
CA SER V 299 37.26 37.63 77.28
C SER V 299 35.99 38.10 78.00
N ARG V 300 35.93 37.96 79.32
CA ARG V 300 34.80 38.50 80.05
C ARG V 300 34.70 40.03 79.98
N TRP V 301 35.82 40.72 79.83
CA TRP V 301 35.75 42.15 79.51
C TRP V 301 35.14 42.36 78.13
N LEU V 302 35.74 41.76 77.10
CA LEU V 302 35.27 41.87 75.72
C LEU V 302 33.85 41.34 75.52
N SER V 303 33.32 40.61 76.50
CA SER V 303 31.94 40.16 76.49
C SER V 303 30.94 41.31 76.48
N GLY V 304 31.30 42.47 77.01
CA GLY V 304 30.36 43.56 77.13
C GLY V 304 30.81 44.85 76.47
N ILE V 305 30.97 44.86 75.15
CA ILE V 305 31.42 46.04 74.42
C ILE V 305 30.28 46.66 73.60
N ARG V 306 29.03 46.24 73.84
CA ARG V 306 27.80 46.69 73.18
C ARG V 306 27.92 46.85 71.66
N LEU V 307 28.63 45.93 71.04
CA LEU V 307 28.68 45.80 69.59
C LEU V 307 27.34 45.25 69.08
N PRO V 308 27.05 45.39 67.77
CA PRO V 308 25.73 44.98 67.25
C PRO V 308 25.39 43.52 67.51
N VAL V 309 24.09 43.23 67.47
CA VAL V 309 23.52 42.10 68.18
C VAL V 309 22.96 41.02 67.27
N PHE V 310 23.62 40.79 66.14
CA PHE V 310 23.23 39.67 65.29
C PHE V 310 23.50 38.35 66.02
N PRO V 311 22.48 37.56 66.31
CA PRO V 311 22.68 36.38 67.14
C PRO V 311 23.35 35.26 66.37
N SER V 312 24.05 34.40 67.10
CA SER V 312 24.71 33.26 66.49
C SER V 312 23.79 32.04 66.48
N ALA V 313 24.35 30.89 66.10
CA ALA V 313 23.55 29.73 65.75
C ALA V 313 22.79 29.17 66.95
N THR V 314 23.49 28.96 68.07
CA THR V 314 22.84 28.42 69.25
C THR V 314 21.82 29.41 69.80
N SER V 315 22.16 30.69 69.78
CA SER V 315 21.23 31.71 70.25
C SER V 315 20.02 31.82 69.34
N ARG V 316 20.22 31.71 68.01
CA ARG V 316 19.09 31.69 67.10
C ARG V 316 18.19 30.51 67.36
N TRP V 317 18.78 29.35 67.59
CA TRP V 317 17.99 28.14 67.68
C TRP V 317 17.44 27.92 69.09
N VAL V 318 17.87 28.74 70.05
CA VAL V 318 17.10 28.92 71.27
C VAL V 318 15.96 29.89 71.04
N PHE V 319 16.24 31.01 70.35
CA PHE V 319 15.24 32.06 70.17
C PHE V 319 14.04 31.58 69.36
N GLU V 320 14.26 30.61 68.48
CA GLU V 320 13.13 30.10 67.71
C GLU V 320 12.18 29.28 68.56
N ALA V 321 12.65 28.70 69.66
CA ALA V 321 11.82 27.87 70.51
C ALA V 321 11.14 28.62 71.63
N ARG V 322 11.35 29.93 71.73
CA ARG V 322 10.81 30.72 72.84
C ARG V 322 10.31 32.05 72.28
N PRO V 323 9.41 32.74 73.00
CA PRO V 323 9.04 34.09 72.58
C PRO V 323 10.21 35.08 72.61
N LEU V 339 17.33 43.00 82.88
CA LEU V 339 17.68 42.54 84.21
C LEU V 339 16.53 41.67 84.73
N GLU V 340 15.38 41.78 84.08
CA GLU V 340 14.22 40.96 84.39
C GLU V 340 13.53 40.62 83.07
N GLY V 341 12.80 39.50 83.06
CA GLY V 341 12.04 39.09 81.92
C GLY V 341 12.88 38.63 80.73
N PRO V 342 12.23 38.46 79.57
CA PRO V 342 12.90 37.83 78.42
C PRO V 342 14.11 38.61 77.90
N ALA V 343 14.11 39.93 78.04
CA ALA V 343 15.25 40.71 77.59
C ALA V 343 16.49 40.37 78.41
N SER V 344 16.31 40.06 79.69
CA SER V 344 17.44 39.69 80.55
C SER V 344 18.08 38.39 80.12
N VAL V 345 17.29 37.32 79.95
CA VAL V 345 17.86 36.04 79.50
C VAL V 345 18.45 36.18 78.10
N ARG V 346 17.83 36.98 77.24
CA ARG V 346 18.39 37.22 75.91
C ARG V 346 19.76 37.88 75.99
N ASP V 347 19.89 38.90 76.85
CA ASP V 347 21.15 39.60 77.01
C ASP V 347 22.20 38.65 77.59
N VAL V 348 21.79 37.85 78.58
CA VAL V 348 22.71 36.92 79.24
C VAL V 348 23.25 35.90 78.24
N LEU V 349 22.35 35.32 77.45
CA LEU V 349 22.74 34.31 76.46
C LEU V 349 23.66 34.89 75.40
N LEU V 350 23.31 36.07 74.86
CA LEU V 350 24.16 36.71 73.86
C LEU V 350 25.52 37.06 74.43
N ARG V 351 25.54 37.56 75.67
CA ARG V 351 26.78 37.91 76.33
C ARG V 351 27.67 36.69 76.53
N ALA V 352 27.06 35.57 76.96
CA ALA V 352 27.81 34.35 77.18
C ALA V 352 28.39 33.81 75.87
N GLU V 353 27.61 33.86 74.79
CA GLU V 353 28.12 33.32 73.54
C GLU V 353 29.22 34.20 72.96
N ARG V 354 29.09 35.52 73.12
CA ARG V 354 30.16 36.41 72.68
C ARG V 354 31.42 36.16 73.48
N ALA V 355 31.29 35.89 74.78
CA ALA V 355 32.43 35.53 75.60
C ALA V 355 33.10 34.26 75.11
N ARG V 356 32.31 33.20 74.93
CA ARG V 356 32.83 31.93 74.43
C ARG V 356 33.55 32.08 73.11
N SER V 357 32.99 32.86 72.18
CA SER V 357 33.62 33.02 70.87
C SER V 357 34.91 33.82 70.97
N PHE V 358 34.92 34.88 71.77
CA PHE V 358 36.14 35.67 71.93
C PHE V 358 37.24 34.81 72.53
N LEU V 359 36.90 34.04 73.57
CA LEU V 359 37.86 33.20 74.25
C LEU V 359 38.45 32.17 73.29
N THR V 360 37.59 31.51 72.50
CA THR V 360 38.06 30.53 71.54
C THR V 360 38.97 31.15 70.48
N GLY V 361 38.61 32.33 69.97
CA GLY V 361 39.46 33.00 69.01
C GLY V 361 40.81 33.36 69.60
N LEU V 362 40.81 33.87 70.82
CA LEU V 362 42.05 34.22 71.51
C LEU V 362 42.95 33.01 71.64
N LEU V 363 42.41 31.90 72.16
CA LEU V 363 43.22 30.70 72.35
C LEU V 363 43.79 30.18 71.05
N VAL V 364 43.02 30.22 69.96
CA VAL V 364 43.57 29.81 68.66
C VAL V 364 44.73 30.74 68.24
N GLY V 365 44.56 32.04 68.41
CA GLY V 365 45.63 32.96 68.03
C GLY V 365 46.89 32.77 68.85
N LEU V 366 46.72 32.58 70.16
CA LEU V 366 47.87 32.31 71.02
C LEU V 366 48.54 30.99 70.66
N GLY V 367 47.74 29.97 70.31
CA GLY V 367 48.30 28.70 69.90
C GLY V 367 49.20 28.80 68.70
N VAL V 368 48.73 29.53 67.68
CA VAL V 368 49.54 29.81 66.50
C VAL V 368 50.81 30.57 66.88
N LEU V 369 50.68 31.61 67.69
CA LEU V 369 51.87 32.39 68.08
C LEU V 369 52.87 31.54 68.85
N THR V 370 52.38 30.68 69.75
CA THR V 370 53.24 29.83 70.56
C THR V 370 54.01 28.83 69.71
N VAL V 371 53.33 28.17 68.77
CA VAL V 371 54.05 27.24 67.93
C VAL V 371 55.01 27.96 66.98
N VAL V 372 54.62 29.12 66.45
CA VAL V 372 55.52 29.82 65.54
C VAL V 372 56.77 30.34 66.26
N CYS V 373 56.64 30.80 67.50
CA CYS V 373 57.82 31.24 68.24
C CYS V 373 58.71 30.07 68.65
N LEU V 374 58.12 28.97 69.13
CA LEU V 374 58.95 27.81 69.46
C LEU V 374 59.64 27.23 68.24
N ALA V 375 58.97 27.22 67.09
CA ALA V 375 59.62 26.80 65.85
C ALA V 375 60.77 27.72 65.47
N GLY V 376 60.56 29.04 65.59
CA GLY V 376 61.62 29.99 65.31
C GLY V 376 62.81 29.92 66.26
N LEU V 377 62.60 29.49 67.50
CA LEU V 377 63.73 29.45 68.43
C LEU V 377 64.63 28.24 68.23
N CYS V 378 64.06 27.05 68.06
CA CYS V 378 64.82 25.79 68.10
C CYS V 378 65.52 25.50 66.78
N ASP V 379 66.47 26.35 66.41
CA ASP V 379 67.44 25.95 65.40
C ASP V 379 68.35 24.86 65.95
N PRO V 380 68.55 23.77 65.22
CA PRO V 380 69.44 22.70 65.71
C PRO V 380 70.91 23.09 65.68
N HIS V 381 71.32 23.97 64.79
CA HIS V 381 72.75 24.26 64.61
C HIS V 381 73.13 25.53 65.36
N ALA V 382 72.77 25.54 66.65
CA ALA V 382 73.09 26.61 67.58
C ALA V 382 73.66 26.00 68.86
N GLY V 383 74.55 26.74 69.51
CA GLY V 383 75.19 26.27 70.73
C GLY V 383 74.29 26.27 71.96
N ARG V 384 73.24 27.09 71.96
CA ARG V 384 72.33 27.18 73.10
C ARG V 384 71.12 26.26 72.96
N ARG V 385 71.17 25.31 72.02
CA ARG V 385 69.99 24.62 71.52
C ARG V 385 69.24 23.85 72.61
N TRP V 386 69.95 23.41 73.66
CA TRP V 386 69.33 22.63 74.73
C TRP V 386 68.28 23.43 75.50
N LEU V 387 68.48 24.76 75.59
CA LEU V 387 67.60 25.60 76.41
C LEU V 387 66.18 25.71 75.84
N PRO V 388 65.96 26.11 74.58
CA PRO V 388 64.57 26.26 74.12
C PRO V 388 63.78 24.96 74.13
N LEU V 389 64.43 23.80 74.03
CA LEU V 389 63.72 22.55 74.24
C LEU V 389 63.13 22.45 75.64
N LEU V 390 63.82 22.99 76.64
CA LEU V 390 63.25 23.11 77.98
C LEU V 390 62.08 24.07 77.99
N LEU V 391 62.22 25.20 77.29
CA LEU V 391 61.10 26.14 77.15
C LEU V 391 59.88 25.47 76.52
N ALA V 392 60.11 24.66 75.49
CA ALA V 392 59.07 23.87 74.86
C ALA V 392 58.36 22.95 75.86
N ALA V 393 59.13 22.18 76.62
CA ALA V 393 58.54 21.25 77.58
C ALA V 393 57.73 21.97 78.66
N PHE V 394 58.28 23.06 79.21
CA PHE V 394 57.56 23.86 80.20
C PHE V 394 56.25 24.41 79.64
N THR V 395 56.29 24.95 78.42
CA THR V 395 55.10 25.50 77.79
C THR V 395 54.08 24.39 77.52
N PHE V 396 54.57 23.23 77.09
CA PHE V 396 53.76 22.06 76.82
C PHE V 396 52.93 21.67 78.05
N GLY V 397 53.60 21.52 79.19
CA GLY V 397 52.88 21.27 80.43
C GLY V 397 51.92 22.39 80.81
N PHE V 398 52.37 23.65 80.71
CA PHE V 398 51.53 24.78 81.08
C PHE V 398 50.25 24.81 80.26
N LEU V 399 50.36 24.59 78.95
CA LEU V 399 49.19 24.47 78.09
C LEU V 399 48.29 23.32 78.52
N ILE V 400 48.87 22.19 78.92
CA ILE V 400 48.04 21.06 79.33
C ILE V 400 47.26 21.36 80.61
N LEU V 401 47.82 22.20 81.51
CA LEU V 401 47.01 22.76 82.60
C LEU V 401 45.70 23.34 82.11
N ARG V 402 45.79 24.28 81.17
CA ARG V 402 44.62 25.01 80.72
C ARG V 402 43.66 24.05 80.01
N GLY V 403 44.23 23.15 79.21
CA GLY V 403 43.44 22.11 78.55
C GLY V 403 42.60 21.28 79.50
N ARG V 404 43.18 20.90 80.63
CA ARG V 404 42.38 20.18 81.63
C ARG V 404 41.47 21.12 82.41
N SER V 405 41.76 22.42 82.43
CA SER V 405 41.01 23.34 83.25
C SER V 405 39.82 23.98 82.52
N TYR V 406 39.97 24.28 81.23
CA TYR V 406 38.95 25.02 80.51
C TYR V 406 37.82 24.12 80.04
N VAL V 407 36.60 24.63 80.13
CA VAL V 407 35.40 23.81 80.04
C VAL V 407 35.03 23.48 78.58
N ASP V 408 35.10 24.45 77.67
CA ASP V 408 34.61 24.25 76.31
C ASP V 408 35.47 23.20 75.59
N ARG V 409 34.77 22.20 75.04
CA ARG V 409 35.38 21.18 74.19
C ARG V 409 36.39 21.72 73.20
N TRP V 410 36.01 22.75 72.45
CA TRP V 410 36.89 23.17 71.37
C TRP V 410 38.00 24.08 71.87
N GLN V 411 37.97 24.46 73.13
CA GLN V 411 39.07 25.19 73.72
C GLN V 411 40.08 24.23 74.32
N ALA V 412 39.62 23.21 75.04
CA ALA V 412 40.50 22.15 75.48
C ALA V 412 41.20 21.50 74.29
N ILE V 413 40.45 21.23 73.23
CA ILE V 413 41.01 20.66 72.01
C ILE V 413 41.98 21.62 71.34
N THR V 414 41.69 22.93 71.39
CA THR V 414 42.63 23.93 70.90
C THR V 414 43.96 23.85 71.65
N LEU V 415 43.88 23.86 72.99
CA LEU V 415 45.07 23.84 73.83
C LEU V 415 45.89 22.58 73.62
N ALA V 416 45.22 21.43 73.58
CA ALA V 416 45.90 20.16 73.31
C ALA V 416 46.57 20.17 71.95
N ALA V 417 45.84 20.62 70.92
CA ALA V 417 46.38 20.69 69.57
C ALA V 417 47.63 21.55 69.48
N THR V 418 47.58 22.78 70.01
CA THR V 418 48.77 23.63 69.97
C THR V 418 49.92 23.01 70.77
N ALA V 419 49.62 22.41 71.92
CA ALA V 419 50.67 21.74 72.71
C ALA V 419 51.39 20.67 71.90
N VAL V 420 50.62 19.81 71.21
CA VAL V 420 51.22 18.82 70.32
C VAL V 420 52.03 19.48 69.22
N LEU V 421 51.47 20.55 68.63
CA LEU V 421 52.11 21.18 67.48
C LEU V 421 53.43 21.84 67.85
N ILE V 422 53.59 22.25 69.11
CA ILE V 422 54.90 22.68 69.61
C ILE V 422 55.95 21.62 69.31
N ILE V 423 55.66 20.40 69.75
CA ILE V 423 56.61 19.29 69.65
C ILE V 423 56.89 18.98 68.19
N ALA V 424 55.82 18.86 67.40
CA ALA V 424 55.96 18.58 65.97
C ALA V 424 56.79 19.64 65.25
N ALA V 425 56.53 20.91 65.52
CA ALA V 425 57.24 22.00 64.87
C ALA V 425 58.72 22.01 65.22
N VAL V 426 59.05 21.89 66.51
CA VAL V 426 60.47 21.89 66.88
C VAL V 426 61.17 20.64 66.38
N ALA V 427 60.49 19.49 66.39
CA ALA V 427 61.06 18.26 65.87
C ALA V 427 61.43 18.40 64.41
N VAL V 428 60.51 18.88 63.59
CA VAL V 428 60.81 19.05 62.17
C VAL V 428 61.87 20.12 61.95
N ARG V 429 61.81 21.23 62.72
CA ARG V 429 62.83 22.28 62.60
C ARG V 429 64.23 21.75 62.85
N TYR V 430 64.37 20.79 63.76
CA TYR V 430 65.64 20.06 63.82
C TYR V 430 65.84 19.21 62.59
N VAL V 431 65.02 18.17 62.43
CA VAL V 431 65.40 17.03 61.59
C VAL V 431 65.41 17.35 60.11
N LEU V 432 64.80 18.45 59.67
CA LEU V 432 64.79 18.77 58.25
C LEU V 432 66.15 19.27 57.77
N VAL V 433 66.72 20.25 58.47
CA VAL V 433 67.99 20.85 58.06
C VAL V 433 69.20 20.23 58.77
N SER V 434 69.01 19.53 59.89
CA SER V 434 70.09 18.78 60.50
C SER V 434 70.12 17.39 59.88
N GLY V 435 70.98 17.22 58.88
CA GLY V 435 71.11 15.99 58.11
C GLY V 435 71.84 14.87 58.83
N SER V 436 71.22 14.31 59.87
CA SER V 436 71.81 13.19 60.59
C SER V 436 70.75 12.15 60.93
N PRO V 437 71.07 10.87 60.73
CA PRO V 437 70.19 9.79 61.22
C PRO V 437 69.88 9.85 62.71
N ALA V 438 70.79 10.37 63.54
CA ALA V 438 70.57 10.46 64.98
C ALA V 438 69.34 11.28 65.32
N VAL V 439 69.35 12.55 64.89
CA VAL V 439 68.23 13.45 65.15
C VAL V 439 66.96 12.94 64.48
N LEU V 440 67.09 12.34 63.29
CA LEU V 440 65.95 11.74 62.61
C LEU V 440 65.28 10.68 63.48
N SER V 441 66.06 9.72 63.97
CA SER V 441 65.51 8.62 64.75
C SER V 441 64.90 9.14 66.05
N ALA V 442 65.55 10.13 66.67
CA ALA V 442 65.04 10.73 67.90
C ALA V 442 63.71 11.42 67.65
N GLY V 443 63.63 12.23 66.59
CA GLY V 443 62.41 12.95 66.29
C GLY V 443 61.28 12.00 65.98
N VAL V 444 61.49 11.09 65.04
CA VAL V 444 60.41 10.21 64.60
C VAL V 444 59.92 9.33 65.76
N ALA V 445 60.85 8.90 66.64
CA ALA V 445 60.44 8.10 67.79
C ALA V 445 59.59 8.90 68.76
N VAL V 446 60.01 10.12 69.11
CA VAL V 446 59.17 10.88 70.04
C VAL V 446 57.86 11.28 69.35
N LEU V 447 57.92 11.56 68.04
CA LEU V 447 56.77 11.97 67.25
C LEU V 447 55.71 10.89 67.16
N VAL V 448 56.08 9.63 67.38
CA VAL V 448 55.04 8.60 67.37
C VAL V 448 54.69 8.17 68.80
N LEU V 449 55.66 8.16 69.71
CA LEU V 449 55.39 7.69 71.07
C LEU V 449 54.61 8.70 71.91
N LEU V 450 54.94 10.00 71.76
CA LEU V 450 54.36 11.02 72.63
C LEU V 450 52.85 11.19 72.48
N PRO V 451 52.27 11.34 71.27
CA PRO V 451 50.80 11.34 71.20
C PRO V 451 50.16 10.04 71.63
N ALA V 452 50.86 8.91 71.53
CA ALA V 452 50.31 7.66 72.03
C ALA V 452 50.19 7.66 73.54
N ALA V 453 51.18 8.25 74.23
CA ALA V 453 51.02 8.55 75.65
C ALA V 453 49.87 9.51 75.92
N GLY V 454 49.77 10.58 75.14
CA GLY V 454 48.64 11.52 75.27
C GLY V 454 47.28 10.86 75.14
N LEU V 455 47.16 9.91 74.22
CA LEU V 455 45.97 9.06 74.13
C LEU V 455 45.81 8.18 75.35
N THR V 456 46.90 7.50 75.74
CA THR V 456 46.90 6.54 76.84
C THR V 456 46.32 7.11 78.13
N ALA V 457 46.58 8.39 78.40
CA ALA V 457 46.09 9.06 79.61
C ALA V 457 44.57 9.07 79.73
N ALA V 458 43.84 8.88 78.64
CA ALA V 458 42.39 8.71 78.69
C ALA V 458 41.90 7.35 78.21
N ALA V 459 42.65 6.68 77.32
CA ALA V 459 42.20 5.41 76.77
C ALA V 459 42.24 4.28 77.79
N VAL V 460 43.37 4.11 78.48
CA VAL V 460 43.46 3.05 79.47
C VAL V 460 43.05 3.54 80.86
N VAL V 461 43.37 4.77 81.23
CA VAL V 461 43.05 5.31 82.55
C VAL V 461 41.54 5.42 82.71
N PRO V 462 40.94 4.75 83.73
CA PRO V 462 39.49 4.59 83.78
C PRO V 462 38.76 5.93 83.90
N ASN V 463 38.12 6.33 82.80
CA ASN V 463 37.41 7.60 82.66
C ASN V 463 38.27 8.82 83.02
N THR V 464 39.60 8.69 82.90
CA THR V 464 40.58 9.71 83.29
C THR V 464 40.47 10.05 84.78
N ILE V 465 39.97 9.12 85.59
CA ILE V 465 39.90 9.35 87.03
C ILE V 465 41.30 9.29 87.66
N TYR V 466 41.62 10.33 88.41
CA TYR V 466 42.71 10.33 89.38
C TYR V 466 42.19 10.99 90.64
N SER V 467 42.93 10.84 91.73
CA SER V 467 42.54 11.49 92.97
C SER V 467 42.68 13.00 92.84
N PRO V 468 41.85 13.77 93.58
CA PRO V 468 42.01 15.24 93.60
C PRO V 468 43.39 15.70 94.03
N LEU V 469 43.99 15.01 95.01
CA LEU V 469 45.36 15.31 95.42
C LEU V 469 46.36 15.09 94.29
N PHE V 470 46.28 13.96 93.59
CA PHE V 470 47.17 13.72 92.45
C PHE V 470 46.95 14.74 91.34
N ARG V 471 45.70 15.07 91.04
CA ARG V 471 45.37 16.14 90.11
C ARG V 471 46.04 17.46 90.50
N LYS V 472 45.82 17.91 91.74
CA LYS V 472 46.45 19.12 92.25
C LYS V 472 47.97 19.06 92.22
N ILE V 473 48.57 17.88 92.43
CA ILE V 473 50.03 17.72 92.30
C ILE V 473 50.49 17.88 90.86
N VAL V 474 49.76 17.29 89.91
CA VAL V 474 50.02 17.54 88.49
C VAL V 474 49.87 19.02 88.14
N GLU V 475 48.87 19.68 88.73
CA GLU V 475 48.71 21.12 88.57
C GLU V 475 49.88 21.89 89.18
N TRP V 476 50.39 21.43 90.31
CA TRP V 476 51.62 21.99 90.86
C TRP V 476 52.81 21.81 89.94
N ILE V 477 52.98 20.62 89.34
CA ILE V 477 54.14 20.37 88.49
C ILE V 477 54.11 21.26 87.26
N GLU V 478 52.97 21.29 86.59
CA GLU V 478 52.86 22.13 85.40
C GLU V 478 52.75 23.61 85.73
N TYR V 479 52.44 23.98 86.98
CA TYR V 479 52.66 25.35 87.43
C TYR V 479 54.14 25.63 87.69
N LEU V 480 54.86 24.67 88.28
CA LEU V 480 56.29 24.78 88.52
C LEU V 480 57.09 24.79 87.23
N CYS V 481 56.44 24.49 86.11
CA CYS V 481 57.02 24.77 84.79
C CYS V 481 57.08 26.26 84.48
N LEU V 482 56.23 27.10 85.08
CA LEU V 482 56.12 28.49 84.63
C LEU V 482 57.26 29.39 85.10
N MET V 483 57.56 29.42 86.41
CA MET V 483 58.61 30.32 86.88
C MET V 483 60.05 30.05 86.38
N PRO V 484 60.42 28.85 85.91
CA PRO V 484 61.66 28.75 85.10
C PRO V 484 61.70 29.54 83.80
N ILE V 485 60.55 29.84 83.19
CA ILE V 485 60.56 30.62 81.95
C ILE V 485 61.12 32.04 82.16
N PHE V 486 60.73 32.70 83.25
CA PHE V 486 61.16 34.07 83.59
C PHE V 486 62.69 34.26 83.55
N PRO V 487 63.51 33.47 84.27
CA PRO V 487 64.96 33.65 84.10
C PRO V 487 65.45 33.18 82.76
N LEU V 488 64.88 32.11 82.19
CA LEU V 488 65.26 31.69 80.85
C LEU V 488 64.92 32.76 79.83
N ALA V 489 63.81 33.47 80.02
CA ALA V 489 63.49 34.62 79.17
C ALA V 489 64.54 35.70 79.29
N LEU V 490 64.99 36.00 80.52
CA LEU V 490 66.13 36.90 80.70
C LEU V 490 67.41 36.39 80.03
N TRP V 491 67.68 35.09 80.14
CA TRP V 491 68.94 34.53 79.63
C TRP V 491 68.97 34.44 78.11
N LEU V 492 67.84 34.16 77.48
CA LEU V 492 67.80 34.17 76.03
C LEU V 492 67.66 35.58 75.46
N MET V 493 67.07 36.51 76.23
CA MET V 493 67.19 37.91 75.86
C MET V 493 68.64 38.38 75.97
N ASN V 494 69.32 38.03 77.05
CA ASN V 494 70.77 38.18 77.15
C ASN V 494 71.36 37.23 78.18
N ALA W 13 -13.62 7.72 63.27
CA ALA W 13 -12.84 6.53 62.96
C ALA W 13 -12.24 6.65 61.56
N PRO W 14 -11.15 5.93 61.29
CA PRO W 14 -10.53 5.98 59.95
C PRO W 14 -11.41 5.41 58.86
N VAL W 15 -10.93 5.53 57.63
CA VAL W 15 -11.63 5.06 56.44
C VAL W 15 -10.73 4.08 55.70
N VAL W 16 -11.35 3.13 55.01
CA VAL W 16 -10.63 2.21 54.14
C VAL W 16 -11.54 1.88 52.97
N LYS W 17 -10.94 1.67 51.79
CA LYS W 17 -11.74 1.36 50.62
C LYS W 17 -11.10 0.27 49.76
N PRO W 18 -11.88 -0.72 49.34
CA PRO W 18 -11.41 -1.65 48.31
C PRO W 18 -11.34 -1.01 46.94
N GLU W 19 -10.41 -1.52 46.12
CA GLU W 19 -10.25 -1.06 44.75
C GLU W 19 -9.93 -2.26 43.88
N ASN W 20 -10.14 -2.10 42.57
CA ASN W 20 -9.72 -3.09 41.59
C ASN W 20 -8.94 -2.38 40.50
N ILE W 21 -7.73 -2.87 40.22
CA ILE W 21 -6.82 -2.25 39.26
C ILE W 21 -6.29 -3.35 38.36
N VAL W 22 -6.59 -3.26 37.07
CA VAL W 22 -6.00 -4.17 36.09
C VAL W 22 -4.53 -3.80 35.87
N LEU W 23 -3.66 -4.79 35.99
CA LEU W 23 -2.26 -4.60 35.65
C LEU W 23 -2.09 -4.41 34.14
N PRO W 24 -1.12 -3.59 33.72
CA PRO W 24 -0.90 -3.37 32.29
C PRO W 24 -0.33 -4.59 31.60
N THR W 25 -0.50 -4.62 30.29
CA THR W 25 -0.01 -5.74 29.48
C THR W 25 1.46 -5.56 29.13
N PRO W 26 2.31 -6.56 29.42
CA PRO W 26 3.72 -6.49 29.05
C PRO W 26 3.95 -6.34 27.55
N LEU W 27 5.13 -5.88 27.21
CA LEU W 27 5.52 -5.73 25.82
C LEU W 27 5.72 -7.09 25.15
N SER W 28 5.61 -7.09 23.83
CA SER W 28 5.87 -8.25 22.99
C SER W 28 7.03 -7.96 22.06
N VAL W 29 7.82 -8.99 21.74
CA VAL W 29 8.95 -8.83 20.83
C VAL W 29 9.16 -10.10 20.01
N PRO W 30 9.19 -9.99 18.68
CA PRO W 30 9.47 -11.15 17.83
C PRO W 30 10.90 -11.63 18.01
N PRO W 31 11.10 -12.93 18.27
CA PRO W 31 12.47 -13.46 18.40
C PRO W 31 13.21 -13.39 17.08
N PRO W 32 14.48 -12.98 17.10
CA PRO W 32 15.27 -12.95 15.86
C PRO W 32 15.45 -14.34 15.26
N GLU W 33 15.33 -14.41 13.93
CA GLU W 33 15.36 -15.68 13.22
C GLU W 33 16.77 -16.22 13.01
N GLY W 34 17.77 -15.35 12.96
CA GLY W 34 19.15 -15.69 12.66
C GLY W 34 19.48 -15.70 11.18
N LYS W 35 20.58 -15.04 10.85
CA LYS W 35 21.05 -14.87 9.48
C LYS W 35 21.43 -16.20 8.81
N PRO W 36 21.15 -16.34 7.52
CA PRO W 36 21.51 -17.56 6.79
C PRO W 36 23.01 -17.63 6.53
N TRP W 37 23.48 -18.86 6.29
CA TRP W 37 24.92 -19.14 6.21
C TRP W 37 25.61 -18.39 5.06
N TRP W 38 24.93 -18.24 3.93
CA TRP W 38 25.52 -17.56 2.79
C TRP W 38 25.82 -16.10 3.10
N LEU W 39 25.04 -15.49 4.01
CA LEU W 39 25.27 -14.09 4.36
C LEU W 39 26.64 -13.90 4.98
N VAL W 40 27.07 -14.88 5.78
CA VAL W 40 28.40 -14.86 6.37
C VAL W 40 29.49 -15.00 5.32
N VAL W 41 29.27 -15.89 4.36
CA VAL W 41 30.20 -16.02 3.24
C VAL W 41 30.32 -14.72 2.46
N VAL W 42 29.18 -14.10 2.15
CA VAL W 42 29.15 -12.82 1.45
C VAL W 42 29.90 -11.74 2.24
N GLY W 43 29.64 -11.65 3.54
CA GLY W 43 30.35 -10.68 4.38
C GLY W 43 31.86 -10.84 4.34
N VAL W 44 32.33 -12.08 4.45
CA VAL W 44 33.77 -12.35 4.37
C VAL W 44 34.32 -12.00 3.00
N LEU W 45 33.56 -12.28 1.94
CA LEU W 45 34.01 -11.90 0.59
C LEU W 45 34.12 -10.39 0.43
N VAL W 46 33.11 -9.65 0.90
CA VAL W 46 33.12 -8.19 0.86
C VAL W 46 34.33 -7.61 1.56
N VAL W 47 34.63 -8.12 2.77
CA VAL W 47 35.83 -7.66 3.48
C VAL W 47 37.11 -8.03 2.72
N GLY W 48 37.14 -9.22 2.14
CA GLY W 48 38.27 -9.61 1.30
C GLY W 48 38.52 -8.68 0.13
N LEU W 49 37.45 -8.23 -0.52
CA LEU W 49 37.58 -7.27 -1.60
C LEU W 49 38.10 -5.93 -1.09
N LEU W 50 37.53 -5.44 0.02
CA LEU W 50 37.96 -4.15 0.57
C LEU W 50 39.45 -4.15 0.91
N VAL W 51 39.90 -5.18 1.63
CA VAL W 51 41.33 -5.26 1.97
C VAL W 51 42.18 -5.47 0.72
N GLY W 52 41.70 -6.21 -0.27
CA GLY W 52 42.46 -6.37 -1.51
C GLY W 52 42.66 -5.05 -2.24
N MET W 53 41.61 -4.24 -2.29
CA MET W 53 41.68 -2.94 -2.95
C MET W 53 42.68 -2.02 -2.26
N VAL W 54 42.52 -1.83 -0.94
CA VAL W 54 43.42 -0.93 -0.22
C VAL W 54 44.87 -1.44 -0.28
N GLY W 55 45.06 -2.76 -0.15
CA GLY W 55 46.38 -3.34 -0.32
C GLY W 55 47.04 -3.04 -1.64
N MET W 56 46.31 -3.26 -2.75
CA MET W 56 46.80 -2.81 -4.06
C MET W 56 46.96 -1.30 -4.21
N THR W 57 46.30 -0.48 -3.39
CA THR W 57 46.65 0.95 -3.38
C THR W 57 47.98 1.19 -2.69
N VAL W 58 48.24 0.48 -1.60
CA VAL W 58 49.52 0.62 -0.91
C VAL W 58 50.65 0.10 -1.80
N ALA W 59 50.42 -1.03 -2.45
CA ALA W 59 51.40 -1.61 -3.36
C ALA W 59 51.62 -0.74 -4.60
N SER W 60 50.60 -0.03 -5.06
CA SER W 60 50.79 0.82 -6.23
C SER W 60 51.30 2.21 -5.87
N GLY W 61 50.95 2.72 -4.69
CA GLY W 61 51.59 3.88 -4.10
C GLY W 61 51.34 5.23 -4.74
N SER W 62 50.90 5.30 -5.99
CA SER W 62 50.65 6.59 -6.61
C SER W 62 49.37 7.21 -6.05
N ARG W 63 49.44 8.52 -5.77
CA ARG W 63 48.38 9.21 -5.04
C ARG W 63 47.05 9.21 -5.81
N LEU W 64 47.11 9.09 -7.14
CA LEU W 64 45.91 8.86 -7.93
C LEU W 64 45.18 7.58 -7.51
N PHE W 65 45.91 6.47 -7.41
CA PHE W 65 45.29 5.21 -6.99
C PHE W 65 44.79 5.29 -5.56
N LEU W 66 45.58 5.93 -4.67
CA LEU W 66 45.13 6.14 -3.29
C LEU W 66 43.89 7.01 -3.20
N GLY W 67 43.70 7.94 -4.14
CA GLY W 67 42.43 8.65 -4.20
C GLY W 67 41.30 7.78 -4.72
N ALA W 68 41.47 7.20 -5.91
CA ALA W 68 40.45 6.38 -6.57
C ALA W 68 39.92 5.26 -5.69
N GLY W 69 40.83 4.54 -5.01
CA GLY W 69 40.47 3.44 -4.15
C GLY W 69 39.65 3.81 -2.93
N ALA W 70 39.60 5.09 -2.56
CA ALA W 70 38.64 5.53 -1.55
C ALA W 70 37.43 6.22 -2.16
N ILE W 71 37.63 6.91 -3.29
CA ILE W 71 36.56 7.71 -3.89
C ILE W 71 35.45 6.83 -4.43
N PHE W 72 35.79 5.80 -5.21
CA PHE W 72 34.72 4.96 -5.74
C PHE W 72 33.96 4.12 -4.71
N PRO W 73 34.57 3.45 -3.71
CA PRO W 73 33.76 2.74 -2.71
C PRO W 73 33.08 3.58 -1.63
N ILE W 74 33.09 4.92 -1.66
CA ILE W 74 32.23 5.60 -0.69
C ILE W 74 30.74 5.30 -0.93
N PHE W 75 30.22 4.30 -0.22
CA PHE W 75 28.83 3.89 -0.39
C PHE W 75 28.02 4.12 0.87
N MET W 76 28.70 4.14 2.03
CA MET W 76 28.07 4.42 3.31
C MET W 76 27.25 5.72 3.36
N ILE W 77 27.57 6.70 2.53
CA ILE W 77 26.76 7.92 2.42
C ILE W 77 25.30 7.61 2.01
N GLY W 78 25.07 6.56 1.23
CA GLY W 78 23.73 6.06 1.02
C GLY W 78 23.37 4.89 1.91
N GLY W 79 24.35 4.04 2.19
CA GLY W 79 24.14 2.84 2.99
C GLY W 79 23.62 3.09 4.39
N VAL W 80 23.96 4.23 4.98
CA VAL W 80 23.36 4.64 6.25
C VAL W 80 21.85 4.74 6.15
N ALA W 81 21.32 5.21 5.01
CA ALA W 81 19.88 5.13 4.78
C ALA W 81 19.45 3.72 4.40
N MET W 82 20.17 3.09 3.46
CA MET W 82 19.84 1.76 2.93
C MET W 82 19.82 0.65 3.98
N MET W 83 20.37 0.89 5.18
CA MET W 83 20.11 0.06 6.36
C MET W 83 18.65 -0.31 6.55
N MET W 84 17.73 0.58 6.15
CA MET W 84 16.29 0.30 6.20
C MET W 84 15.90 -0.95 5.41
N PHE W 85 16.66 -1.31 4.36
CA PHE W 85 16.40 -2.53 3.64
C PHE W 85 16.91 -3.78 4.37
N GLY W 86 17.64 -3.59 5.48
CA GLY W 86 18.04 -4.73 6.30
C GLY W 86 16.86 -5.56 6.75
N GLY W 87 15.77 -4.90 7.14
CA GLY W 87 14.52 -5.57 7.47
C GLY W 87 13.81 -6.20 6.28
N ARG W 88 14.18 -5.81 5.06
CA ARG W 88 13.69 -6.49 3.86
C ARG W 88 14.51 -7.72 3.51
N PHE W 89 15.84 -7.58 3.46
CA PHE W 89 16.68 -8.69 3.05
C PHE W 89 16.99 -9.63 4.21
N GLY W 90 16.70 -9.24 5.45
CA GLY W 90 16.99 -10.06 6.59
C GLY W 90 18.36 -9.93 7.22
N GLY W 91 19.04 -8.81 7.05
CA GLY W 91 20.27 -8.60 7.77
C GLY W 91 20.04 -8.30 9.24
N GLN W 92 21.14 -8.15 9.96
CA GLN W 92 21.07 -7.77 11.37
C GLN W 92 20.47 -6.38 11.52
N GLN W 93 19.54 -6.23 12.46
CA GLN W 93 18.89 -4.94 12.69
C GLN W 93 18.87 -4.66 14.20
N GLN W 94 19.92 -4.00 14.69
CA GLN W 94 20.02 -3.58 16.08
C GLN W 94 19.33 -2.24 16.31
N MET W 95 18.99 -1.53 15.24
CA MET W 95 18.55 -0.14 15.26
C MET W 95 17.13 0.08 15.78
N SER W 96 16.33 -0.96 15.96
CA SER W 96 15.02 -0.77 16.59
C SER W 96 15.11 -0.49 18.08
N ARG W 97 16.26 -0.71 18.71
CA ARG W 97 16.52 -0.48 20.15
C ARG W 97 15.89 0.77 20.76
N PRO W 98 16.07 1.99 20.21
CA PRO W 98 15.55 3.19 20.90
C PRO W 98 14.05 3.18 21.15
N LYS W 99 13.28 2.73 20.17
CA LYS W 99 11.83 2.66 20.32
C LYS W 99 11.44 1.67 21.41
N LEU W 100 12.09 0.51 21.43
CA LEU W 100 11.81 -0.47 22.47
C LEU W 100 12.16 0.07 23.85
N ASP W 101 13.30 0.76 23.95
CA ASP W 101 13.70 1.34 25.24
C ASP W 101 12.72 2.40 25.72
N ALA W 102 12.17 3.18 24.78
CA ALA W 102 11.11 4.11 25.12
C ALA W 102 9.86 3.40 25.60
N MET W 103 9.47 2.32 24.93
CA MET W 103 8.31 1.54 25.36
C MET W 103 8.50 0.99 26.76
N ARG W 104 9.70 0.46 27.03
CA ARG W 104 10.04 -0.05 28.36
C ARG W 104 9.87 1.02 29.42
N ALA W 105 10.51 2.17 29.21
CA ALA W 105 10.44 3.28 30.15
C ALA W 105 8.99 3.69 30.43
N GLN W 106 8.21 3.83 29.36
CA GLN W 106 6.80 4.20 29.49
C GLN W 106 6.03 3.22 30.35
N PHE W 107 6.15 1.92 30.04
CA PHE W 107 5.49 0.89 30.83
C PHE W 107 5.91 0.97 32.29
N MET W 108 7.21 1.20 32.52
CA MET W 108 7.71 1.21 33.88
C MET W 108 7.11 2.37 34.68
N LEU W 109 6.98 3.53 34.04
CA LEU W 109 6.39 4.67 34.73
C LEU W 109 4.93 4.40 35.07
N MET W 110 4.20 3.76 34.15
CA MET W 110 2.83 3.35 34.43
C MET W 110 2.78 2.44 35.66
N LEU W 111 3.72 1.51 35.73
CA LEU W 111 3.78 0.60 36.86
C LEU W 111 4.07 1.35 38.15
N ASP W 112 4.93 2.36 38.10
CA ASP W 112 5.18 3.21 39.27
C ASP W 112 3.90 3.89 39.75
N MET W 113 3.09 4.41 38.82
CA MET W 113 1.83 5.04 39.21
C MET W 113 0.94 4.05 39.94
N LEU W 114 0.91 2.81 39.45
CA LEU W 114 0.13 1.79 40.15
C LEU W 114 0.71 1.50 41.52
N ARG W 115 2.04 1.46 41.61
CA ARG W 115 2.68 1.17 42.90
C ARG W 115 2.35 2.22 43.95
N GLU W 116 2.41 3.50 43.58
CA GLU W 116 2.08 4.53 44.56
C GLU W 116 0.60 4.49 44.94
N THR W 117 -0.27 4.09 44.01
CA THR W 117 -1.67 3.90 44.35
C THR W 117 -1.84 2.77 45.38
N ALA W 118 -1.08 1.69 45.19
CA ALA W 118 -1.06 0.63 46.19
C ALA W 118 -0.52 1.11 47.53
N GLN W 119 0.52 1.95 47.50
CA GLN W 119 1.08 2.49 48.73
C GLN W 119 0.04 3.26 49.54
N GLU W 120 -0.66 4.19 48.88
CA GLU W 120 -1.64 4.99 49.62
C GLU W 120 -2.79 4.13 50.14
N SER W 121 -3.22 3.13 49.35
CA SER W 121 -4.22 2.19 49.83
C SER W 121 -3.74 1.43 51.06
N ALA W 122 -2.50 0.95 51.02
CA ALA W 122 -1.94 0.20 52.14
C ALA W 122 -1.79 1.08 53.37
N ASP W 123 -1.43 2.35 53.19
CA ASP W 123 -1.39 3.27 54.32
C ASP W 123 -2.76 3.46 54.95
N SER W 124 -3.80 3.58 54.12
CA SER W 124 -5.16 3.68 54.66
C SER W 124 -5.54 2.43 55.46
N MET W 125 -5.26 1.24 54.90
CA MET W 125 -5.52 -0.01 55.61
C MET W 125 -4.75 -0.10 56.93
N ASP W 126 -3.48 0.32 56.92
CA ASP W 126 -2.67 0.33 58.14
C ASP W 126 -3.28 1.21 59.21
N ALA W 127 -3.60 2.46 58.85
CA ALA W 127 -4.20 3.39 59.80
C ALA W 127 -5.48 2.83 60.40
N ASN W 128 -6.33 2.25 59.56
CA ASN W 128 -7.56 1.63 60.05
C ASN W 128 -7.29 0.48 61.01
N TYR W 129 -6.46 -0.47 60.59
CA TYR W 129 -6.22 -1.66 61.40
C TYR W 129 -5.60 -1.31 62.75
N ARG W 130 -4.62 -0.42 62.76
CA ARG W 130 -3.99 -0.07 64.02
C ARG W 130 -4.90 0.79 64.89
N TRP W 131 -5.83 1.54 64.29
CA TRP W 131 -6.86 2.19 65.09
C TRP W 131 -7.75 1.18 65.78
N PHE W 132 -8.17 0.16 65.05
CA PHE W 132 -8.97 -0.90 65.65
C PHE W 132 -8.13 -1.79 66.56
N HIS W 133 -6.84 -1.91 66.28
CA HIS W 133 -5.98 -2.86 66.98
C HIS W 133 -4.66 -2.22 67.38
N PRO W 134 -4.69 -1.39 68.43
CA PRO W 134 -3.43 -0.86 68.97
C PRO W 134 -2.51 -1.96 69.47
N ALA W 135 -1.23 -1.66 69.50
CA ALA W 135 -0.24 -2.55 70.09
C ALA W 135 -0.41 -2.63 71.59
N PRO W 136 -0.05 -3.78 72.21
CA PRO W 136 -0.35 -4.00 73.64
C PRO W 136 0.21 -2.94 74.57
N THR W 137 1.43 -2.47 74.27
CA THR W 137 2.06 -1.41 75.05
C THR W 137 1.22 -0.16 75.08
N THR W 138 0.62 0.20 73.95
CA THR W 138 -0.13 1.45 73.84
C THR W 138 -1.49 1.40 74.53
N LEU W 139 -1.95 0.24 74.97
CA LEU W 139 -3.26 0.10 75.60
C LEU W 139 -3.36 0.84 76.93
N ALA W 140 -2.23 1.26 77.52
CA ALA W 140 -2.19 2.05 78.75
C ALA W 140 -2.89 3.41 78.64
N ALA W 141 -3.39 3.80 77.46
CA ALA W 141 -4.25 4.97 77.37
C ALA W 141 -5.49 4.82 78.25
N ALA W 142 -6.12 3.65 78.21
CA ALA W 142 -7.14 3.20 79.17
C ALA W 142 -8.35 4.12 79.31
N VAL W 143 -8.53 5.09 78.41
CA VAL W 143 -9.67 6.00 78.49
C VAL W 143 -9.90 6.60 77.11
N GLY W 144 -11.14 6.98 76.83
CA GLY W 144 -11.46 7.61 75.57
C GLY W 144 -11.88 6.60 74.52
N SER W 145 -10.94 5.74 74.15
CA SER W 145 -11.18 4.67 73.19
C SER W 145 -11.41 3.33 73.87
N SER W 146 -11.47 3.29 75.19
CA SER W 146 -11.53 2.03 75.91
C SER W 146 -12.95 1.47 75.92
N ARG W 147 -13.04 0.15 75.79
CA ARG W 147 -14.26 -0.64 75.90
C ARG W 147 -15.35 -0.20 74.92
N MET W 148 -14.96 0.30 73.76
CA MET W 148 -15.91 0.97 72.89
C MET W 148 -16.55 0.03 71.87
N TRP W 149 -16.21 -1.26 71.90
CA TRP W 149 -16.80 -2.20 70.96
C TRP W 149 -18.13 -2.73 71.48
N GLU W 150 -18.99 -3.14 70.53
CA GLU W 150 -20.41 -3.32 70.80
C GLU W 150 -20.87 -4.72 70.46
N ARG W 151 -21.86 -5.18 71.24
CA ARG W 151 -22.44 -6.51 71.10
C ARG W 151 -23.05 -6.73 69.72
N GLN W 152 -23.84 -5.77 69.26
CA GLN W 152 -24.87 -6.03 68.26
C GLN W 152 -24.29 -6.41 66.91
N PRO W 153 -24.92 -7.35 66.19
CA PRO W 153 -24.27 -8.02 65.05
C PRO W 153 -23.97 -7.14 63.85
N ASP W 154 -24.26 -5.84 63.88
CA ASP W 154 -23.90 -4.93 62.81
C ASP W 154 -22.77 -4.02 63.28
N GLY W 155 -22.02 -3.50 62.32
CA GLY W 155 -21.01 -2.50 62.66
C GLY W 155 -19.82 -3.06 63.42
N LYS W 156 -19.78 -2.77 64.73
CA LYS W 156 -18.68 -3.17 65.59
C LYS W 156 -18.48 -4.69 65.66
N ASP W 157 -19.50 -5.47 65.29
CA ASP W 157 -19.36 -6.92 65.27
C ASP W 157 -18.29 -7.40 64.30
N LEU W 158 -17.94 -6.58 63.30
CA LEU W 158 -16.81 -6.89 62.44
C LEU W 158 -15.51 -6.93 63.23
N ASN W 159 -15.49 -6.28 64.39
CA ASN W 159 -14.32 -6.31 65.26
C ASN W 159 -14.68 -6.57 66.72
N PHE W 160 -15.92 -6.99 67.01
CA PHE W 160 -16.30 -7.26 68.39
C PHE W 160 -15.61 -8.51 68.91
N GLY W 161 -15.62 -9.59 68.14
CA GLY W 161 -15.12 -10.85 68.65
C GLY W 161 -13.71 -11.15 68.20
N VAL W 162 -13.02 -10.19 67.62
CA VAL W 162 -11.73 -10.39 66.98
C VAL W 162 -10.67 -9.75 67.86
N VAL W 163 -9.51 -10.40 67.96
CA VAL W 163 -8.43 -9.89 68.79
C VAL W 163 -7.15 -9.83 67.96
N ARG W 164 -6.44 -8.71 68.08
CA ARG W 164 -5.09 -8.61 67.55
C ARG W 164 -4.17 -9.55 68.32
N VAL W 165 -3.49 -10.44 67.60
CA VAL W 165 -2.57 -11.38 68.22
C VAL W 165 -1.12 -11.11 67.84
N GLY W 166 -0.86 -10.41 66.73
CA GLY W 166 0.49 -10.22 66.30
C GLY W 166 0.57 -9.25 65.15
N VAL W 167 1.69 -9.31 64.44
CA VAL W 167 1.82 -8.57 63.19
C VAL W 167 2.29 -9.50 62.08
N GLY W 168 1.95 -9.13 60.85
CA GLY W 168 2.22 -10.00 59.73
C GLY W 168 1.61 -9.44 58.45
N MET W 169 1.60 -10.28 57.42
CA MET W 169 1.09 -9.93 56.11
C MET W 169 -0.43 -9.89 56.09
N THR W 170 -0.98 -9.13 55.16
CA THR W 170 -2.35 -9.35 54.72
C THR W 170 -2.51 -8.89 53.28
N ARG W 171 -3.53 -9.43 52.62
CA ARG W 171 -3.88 -9.00 51.27
C ARG W 171 -4.45 -7.58 51.26
N PRO W 172 -4.04 -6.75 50.30
CA PRO W 172 -4.50 -5.36 50.22
C PRO W 172 -5.96 -5.27 49.84
N GLU W 173 -6.50 -4.05 50.01
CA GLU W 173 -7.84 -3.73 49.54
C GLU W 173 -7.89 -3.44 48.05
N VAL W 174 -6.78 -3.01 47.45
CA VAL W 174 -6.68 -3.05 46.00
C VAL W 174 -6.65 -4.50 45.54
N THR W 175 -7.36 -4.76 44.45
CA THR W 175 -7.40 -6.07 43.82
C THR W 175 -6.78 -5.95 42.43
N TRP W 176 -5.75 -6.75 42.19
CA TRP W 176 -5.04 -6.69 40.93
C TRP W 176 -5.80 -7.47 39.87
N GLY W 177 -6.48 -6.74 38.99
CA GLY W 177 -7.05 -7.37 37.82
C GLY W 177 -5.98 -7.93 36.91
N GLU W 178 -6.32 -9.05 36.27
CA GLU W 178 -5.39 -9.82 35.45
C GLU W 178 -4.76 -8.95 34.37
N PRO W 179 -3.46 -9.07 34.13
CA PRO W 179 -2.89 -8.50 32.91
C PRO W 179 -3.32 -9.28 31.68
N GLN W 180 -4.49 -8.95 31.17
CA GLN W 180 -5.04 -9.60 29.98
C GLN W 180 -4.14 -9.39 28.77
N ASN W 181 -4.35 -10.23 27.76
CA ASN W 181 -3.63 -10.21 26.49
C ASN W 181 -2.13 -10.44 26.65
N MET W 182 -1.74 -11.23 27.66
CA MET W 182 -0.34 -11.64 27.83
C MET W 182 0.19 -12.19 26.51
N PRO W 183 1.33 -11.72 26.03
CA PRO W 183 1.97 -12.36 24.89
C PRO W 183 2.45 -13.76 25.26
N THR W 184 2.67 -14.57 24.23
CA THR W 184 3.22 -15.89 24.45
C THR W 184 4.65 -15.78 24.97
N ASP W 185 5.10 -16.86 25.60
CA ASP W 185 6.31 -16.83 26.40
C ASP W 185 7.58 -16.69 25.59
N ILE W 186 7.50 -16.87 24.27
CA ILE W 186 8.65 -16.55 23.44
C ILE W 186 8.60 -15.07 23.03
N GLU W 187 7.40 -14.49 22.94
CA GLU W 187 7.29 -13.09 22.57
C GLU W 187 7.44 -12.15 23.75
N LEU W 188 7.31 -12.68 24.97
CA LEU W 188 7.31 -11.86 26.18
C LEU W 188 8.64 -11.16 26.40
N GLU W 189 8.59 -9.84 26.46
CA GLU W 189 9.80 -9.04 26.62
C GLU W 189 10.35 -9.23 28.03
N PRO W 190 11.66 -9.45 28.19
CA PRO W 190 12.17 -9.90 29.49
C PRO W 190 11.95 -8.90 30.62
N VAL W 191 12.23 -7.62 30.37
CA VAL W 191 12.23 -6.61 31.43
C VAL W 191 10.83 -6.40 31.97
N THR W 192 9.89 -6.05 31.08
CA THR W 192 8.53 -5.74 31.52
C THR W 192 7.85 -6.97 32.09
N GLY W 193 8.12 -8.14 31.53
CA GLY W 193 7.57 -9.37 32.08
C GLY W 193 8.08 -9.63 33.48
N LYS W 194 9.38 -9.51 33.69
CA LYS W 194 9.96 -9.76 35.01
C LYS W 194 9.48 -8.73 36.01
N ALA W 195 9.42 -7.46 35.60
CA ALA W 195 8.95 -6.41 36.49
C ALA W 195 7.51 -6.67 36.92
N LEU W 196 6.65 -7.08 35.99
CA LEU W 196 5.27 -7.39 36.33
C LEU W 196 5.17 -8.60 37.26
N GLN W 197 6.01 -9.63 37.03
CA GLN W 197 6.11 -10.74 37.98
C GLN W 197 6.44 -10.25 39.37
N GLU W 198 7.42 -9.34 39.48
CA GLU W 198 7.82 -8.87 40.79
C GLU W 198 6.75 -8.02 41.44
N PHE W 199 6.03 -7.23 40.63
CA PHE W 199 4.93 -6.42 41.15
C PHE W 199 3.85 -7.31 41.72
N GLY W 200 3.40 -8.30 40.94
CA GLY W 200 2.42 -9.24 41.44
C GLY W 200 2.88 -9.99 42.68
N ARG W 201 4.18 -10.31 42.75
CA ARG W 201 4.71 -11.04 43.88
C ARG W 201 4.70 -10.18 45.15
N TYR W 202 5.20 -8.95 45.06
CA TYR W 202 5.40 -8.14 46.26
C TYR W 202 4.21 -7.24 46.59
N GLN W 203 3.52 -6.71 45.60
CA GLN W 203 2.29 -6.00 45.92
C GLN W 203 1.12 -6.94 46.21
N SER W 204 1.41 -8.23 46.36
CA SER W 204 0.41 -9.20 46.78
C SER W 204 -0.03 -8.98 48.23
N VAL W 205 0.82 -8.38 49.07
CA VAL W 205 0.53 -8.26 50.49
C VAL W 205 1.01 -6.91 51.00
N VAL W 206 0.35 -6.45 52.06
CA VAL W 206 0.88 -5.39 52.92
C VAL W 206 1.62 -6.04 54.07
N TYR W 207 2.85 -5.59 54.33
CA TYR W 207 3.66 -6.16 55.40
C TYR W 207 3.48 -5.40 56.70
N ASN W 208 3.65 -6.15 57.80
CA ASN W 208 3.57 -5.67 59.19
C ASN W 208 2.29 -4.89 59.44
N LEU W 209 1.16 -5.54 59.18
CA LEU W 209 -0.09 -5.10 59.76
C LEU W 209 -0.46 -5.96 60.96
N PRO W 210 -1.34 -5.49 61.84
CA PRO W 210 -1.91 -6.35 62.88
C PRO W 210 -2.56 -7.62 62.33
N LYS W 211 -2.14 -8.76 62.86
CA LYS W 211 -2.77 -10.03 62.57
C LYS W 211 -3.81 -10.35 63.64
N MET W 212 -4.97 -10.82 63.21
CA MET W 212 -6.12 -10.96 64.07
C MET W 212 -6.54 -12.41 64.19
N VAL W 213 -7.00 -12.79 65.39
CA VAL W 213 -7.74 -14.02 65.61
C VAL W 213 -9.18 -13.66 65.98
N SER W 214 -10.14 -14.28 65.31
CA SER W 214 -11.55 -14.17 65.70
C SER W 214 -11.89 -15.23 66.74
N LEU W 215 -12.46 -14.79 67.86
CA LEU W 215 -12.92 -15.71 68.89
C LEU W 215 -14.20 -16.45 68.49
N LEU W 216 -14.89 -16.00 67.44
CA LEU W 216 -16.20 -16.51 67.09
C LEU W 216 -16.18 -17.66 66.09
N VAL W 217 -15.02 -18.09 65.62
CA VAL W 217 -14.96 -19.10 64.57
C VAL W 217 -14.31 -20.41 65.01
N GLU W 218 -13.48 -20.40 66.05
CA GLU W 218 -13.06 -21.68 66.58
C GLU W 218 -13.59 -21.92 67.98
N PRO W 219 -14.02 -23.15 68.28
CA PRO W 219 -14.41 -23.49 69.65
C PRO W 219 -13.31 -23.30 70.67
N TRP W 220 -12.06 -23.49 70.28
CA TRP W 220 -10.94 -23.24 71.19
C TRP W 220 -9.68 -22.98 70.37
N TYR W 221 -8.65 -22.50 71.05
CA TYR W 221 -7.31 -22.50 70.49
C TYR W 221 -6.33 -23.16 71.46
N SER W 222 -5.28 -23.76 70.92
CA SER W 222 -4.26 -24.42 71.70
C SER W 222 -2.90 -23.89 71.32
N LEU W 223 -2.09 -23.56 72.33
CA LEU W 223 -0.91 -22.72 72.16
C LEU W 223 0.32 -23.60 72.37
N VAL W 224 1.03 -23.88 71.29
CA VAL W 224 2.17 -24.80 71.32
C VAL W 224 3.45 -24.01 71.17
N GLY W 225 4.34 -24.15 72.15
CA GLY W 225 5.65 -23.53 72.07
C GLY W 225 6.27 -23.41 73.44
N GLU W 226 7.23 -22.50 73.55
CA GLU W 226 7.92 -22.29 74.82
C GLU W 226 6.98 -21.59 75.79
N ARG W 227 7.19 -21.88 77.08
CA ARG W 227 6.27 -21.46 78.13
C ARG W 227 6.12 -19.94 78.23
N GLU W 228 7.24 -19.21 78.22
CA GLU W 228 7.13 -17.77 78.36
C GLU W 228 6.64 -17.09 77.10
N GLN W 229 6.91 -17.65 75.92
CA GLN W 229 6.27 -17.18 74.70
C GLN W 229 4.76 -17.25 74.80
N VAL W 230 4.27 -18.43 75.19
CA VAL W 230 2.85 -18.71 75.30
C VAL W 230 2.20 -17.80 76.35
N LEU W 231 2.82 -17.73 77.54
CA LEU W 231 2.33 -16.84 78.59
C LEU W 231 2.30 -15.38 78.13
N GLY W 232 3.40 -14.88 77.55
CA GLY W 232 3.45 -13.50 77.11
C GLY W 232 2.36 -13.15 76.13
N LEU W 233 2.15 -14.03 75.15
CA LEU W 233 1.02 -13.90 74.24
C LEU W 233 -0.31 -13.91 74.98
N THR W 234 -0.44 -14.79 75.98
CA THR W 234 -1.71 -14.88 76.68
C THR W 234 -2.00 -13.59 77.44
N ARG W 235 -0.98 -13.01 78.08
CA ARG W 235 -1.16 -11.75 78.79
C ARG W 235 -1.54 -10.65 77.82
N ALA W 236 -0.94 -10.67 76.63
CA ALA W 236 -1.24 -9.68 75.61
C ALA W 236 -2.69 -9.79 75.18
N ILE W 237 -3.14 -11.01 74.88
CA ILE W 237 -4.54 -11.28 74.55
C ILE W 237 -5.47 -10.75 75.63
N ILE W 238 -5.20 -11.11 76.88
CA ILE W 238 -6.06 -10.72 78.00
C ILE W 238 -6.17 -9.21 78.09
N CYS W 239 -5.04 -8.51 78.00
CA CYS W 239 -5.08 -7.05 78.08
C CYS W 239 -5.74 -6.41 76.87
N GLN W 240 -5.56 -6.98 75.67
CA GLN W 240 -6.29 -6.52 74.48
C GLN W 240 -7.80 -6.63 74.67
N LEU W 241 -8.27 -7.79 75.12
CA LEU W 241 -9.70 -7.95 75.39
C LEU W 241 -10.17 -7.01 76.49
N ALA W 242 -9.35 -6.83 77.53
CA ALA W 242 -9.75 -5.99 78.66
C ALA W 242 -9.87 -4.53 78.26
N PHE W 243 -8.95 -4.03 77.43
CA PHE W 243 -9.10 -2.68 76.92
C PHE W 243 -10.27 -2.58 75.96
N SER W 244 -10.35 -3.50 75.01
CA SER W 244 -11.31 -3.33 73.93
C SER W 244 -12.73 -3.65 74.36
N HIS W 245 -12.91 -4.62 75.25
CA HIS W 245 -14.25 -5.04 75.63
C HIS W 245 -14.48 -4.82 77.12
N GLY W 246 -15.65 -4.30 77.45
CA GLY W 246 -16.00 -4.01 78.82
C GLY W 246 -16.27 -5.27 79.60
N PRO W 247 -16.29 -5.16 80.93
CA PRO W 247 -16.59 -6.34 81.76
C PRO W 247 -18.00 -6.88 81.56
N ASP W 248 -18.93 -6.06 81.07
CA ASP W 248 -20.30 -6.48 80.83
C ASP W 248 -20.46 -7.27 79.54
N HIS W 249 -19.46 -7.31 78.68
CA HIS W 249 -19.55 -8.01 77.41
C HIS W 249 -18.69 -9.25 77.35
N VAL W 250 -17.52 -9.21 78.01
CA VAL W 250 -16.56 -10.31 78.01
C VAL W 250 -16.12 -10.55 79.45
N GLN W 251 -16.26 -11.78 79.91
CA GLN W 251 -15.73 -12.18 81.21
C GLN W 251 -14.64 -13.21 80.99
N MET W 252 -13.76 -13.36 81.98
CA MET W 252 -12.52 -14.07 81.78
C MET W 252 -12.34 -15.10 82.89
N ILE W 253 -11.75 -16.24 82.53
CA ILE W 253 -11.41 -17.29 83.48
C ILE W 253 -10.01 -17.82 83.18
N VAL W 254 -9.23 -18.00 84.24
CA VAL W 254 -7.91 -18.61 84.15
C VAL W 254 -7.90 -19.85 85.04
N VAL W 255 -7.55 -21.00 84.46
CA VAL W 255 -7.42 -22.24 85.21
C VAL W 255 -5.96 -22.65 85.13
N THR W 256 -5.31 -22.73 86.28
CA THR W 256 -3.85 -22.79 86.30
C THR W 256 -3.34 -23.73 87.38
N SER W 257 -2.12 -24.19 87.17
CA SER W 257 -1.36 -24.87 88.21
C SER W 257 -0.31 -23.96 88.84
N ASP W 258 -0.07 -22.79 88.27
CA ASP W 258 0.96 -21.87 88.72
C ASP W 258 0.40 -20.46 88.91
N PRO W 259 -0.31 -20.20 90.01
CA PRO W 259 -1.04 -18.93 90.14
C PRO W 259 -0.14 -17.72 90.29
N ASP W 260 1.14 -17.92 90.63
CA ASP W 260 2.08 -16.80 90.75
C ASP W 260 2.26 -16.11 89.41
N ARG W 261 2.22 -16.87 88.31
CA ARG W 261 2.32 -16.28 87.00
C ARG W 261 1.07 -15.48 86.66
N TRP W 262 -0.04 -15.79 87.35
CA TRP W 262 -1.34 -15.21 87.07
C TRP W 262 -1.80 -14.28 88.18
N ASP W 263 -0.89 -13.85 89.04
CA ASP W 263 -1.31 -13.01 90.16
C ASP W 263 -1.69 -11.61 89.72
N TRP W 264 -1.22 -11.18 88.56
CA TRP W 264 -1.52 -9.85 88.05
C TRP W 264 -2.97 -9.68 87.63
N VAL W 265 -3.66 -10.78 87.28
CA VAL W 265 -5.00 -10.66 86.70
C VAL W 265 -6.04 -10.23 87.72
N LYS W 266 -5.72 -10.27 89.02
CA LYS W 266 -6.66 -9.92 90.07
C LYS W 266 -7.19 -8.49 89.92
N TRP W 267 -6.39 -7.58 89.40
CA TRP W 267 -6.79 -6.20 89.25
C TRP W 267 -7.81 -6.00 88.13
N ILE W 268 -7.78 -6.86 87.12
CA ILE W 268 -8.62 -6.66 85.93
C ILE W 268 -10.08 -6.95 86.27
N PRO W 269 -10.98 -5.98 86.06
CA PRO W 269 -12.39 -6.17 86.45
C PRO W 269 -13.09 -7.28 85.69
N HIS W 270 -12.57 -7.70 84.54
CA HIS W 270 -13.21 -8.76 83.77
C HIS W 270 -13.13 -10.11 84.49
N PHE W 271 -12.15 -10.28 85.37
CA PHE W 271 -12.05 -11.50 86.16
C PHE W 271 -12.96 -11.48 87.38
N GLY W 272 -13.64 -10.36 87.61
CA GLY W 272 -14.52 -10.25 88.75
C GLY W 272 -15.79 -11.05 88.56
N ASP W 273 -16.07 -11.97 89.47
CA ASP W 273 -17.32 -12.71 89.44
C ASP W 273 -18.41 -11.84 90.04
N PRO W 274 -19.45 -11.47 89.28
CA PRO W 274 -20.52 -10.64 89.84
C PRO W 274 -21.34 -11.35 90.90
N ARG W 275 -21.28 -12.68 90.97
CA ARG W 275 -22.14 -13.48 91.82
C ARG W 275 -21.61 -13.61 93.24
N ARG W 276 -20.31 -13.79 93.39
CA ARG W 276 -19.68 -13.90 94.70
C ARG W 276 -18.94 -12.62 95.05
N ARG W 277 -19.16 -12.11 96.25
CA ARG W 277 -18.51 -10.90 96.72
C ARG W 277 -17.60 -11.25 97.88
N ASP W 278 -16.49 -10.53 98.00
CA ASP W 278 -15.58 -10.68 99.12
C ASP W 278 -15.19 -9.29 99.61
N ALA W 279 -14.15 -9.23 100.46
CA ALA W 279 -13.68 -7.97 100.98
C ALA W 279 -13.14 -7.06 99.88
N ALA W 280 -12.41 -7.64 98.92
CA ALA W 280 -11.79 -6.85 97.86
C ALA W 280 -12.78 -6.44 96.77
N GLY W 281 -13.99 -6.99 96.77
CA GLY W 281 -14.99 -6.64 95.77
C GLY W 281 -15.61 -7.86 95.15
N ASN W 282 -15.57 -7.94 93.82
CA ASN W 282 -16.05 -9.13 93.12
C ASN W 282 -15.02 -10.24 93.23
N ALA W 283 -15.51 -11.48 93.26
CA ALA W 283 -14.63 -12.63 93.37
C ALA W 283 -13.85 -12.83 92.08
N ARG W 284 -12.59 -13.19 92.21
CA ARG W 284 -11.73 -13.39 91.05
C ARG W 284 -12.05 -14.75 90.44
N MET W 285 -12.21 -14.78 89.12
CA MET W 285 -12.62 -16.00 88.43
C MET W 285 -11.37 -16.76 87.96
N VAL W 286 -10.50 -17.03 88.94
CA VAL W 286 -9.29 -17.81 88.74
C VAL W 286 -9.38 -19.06 89.58
N TYR W 287 -9.20 -20.20 88.94
CA TYR W 287 -9.36 -21.49 89.59
C TYR W 287 -8.08 -22.28 89.41
N THR W 288 -7.79 -23.14 90.38
CA THR W 288 -6.55 -23.91 90.36
C THR W 288 -6.72 -25.28 89.75
N SER W 289 -7.94 -25.66 89.36
CA SER W 289 -8.20 -26.94 88.72
C SER W 289 -9.49 -26.85 87.93
N VAL W 290 -9.60 -27.70 86.92
CA VAL W 290 -10.85 -27.78 86.18
C VAL W 290 -11.94 -28.36 87.07
N ARG W 291 -11.54 -29.18 88.06
CA ARG W 291 -12.46 -29.69 89.04
C ARG W 291 -12.98 -28.58 89.95
N GLU W 292 -12.21 -27.50 90.09
CA GLU W 292 -12.58 -26.34 90.91
C GLU W 292 -13.63 -25.47 90.23
N PHE W 293 -14.19 -25.92 89.11
CA PHE W 293 -15.34 -25.22 88.55
C PHE W 293 -16.53 -25.41 89.47
N ALA W 294 -16.73 -24.44 90.36
CA ALA W 294 -17.94 -24.33 91.15
C ALA W 294 -18.90 -23.33 90.53
N THR W 295 -18.66 -22.97 89.26
CA THR W 295 -19.59 -22.12 88.52
C THR W 295 -20.84 -22.90 88.13
N GLU W 296 -20.67 -23.93 87.29
CA GLU W 296 -21.72 -24.70 86.62
C GLU W 296 -22.67 -23.84 85.78
N GLN W 297 -22.35 -22.57 85.58
CA GLN W 297 -23.21 -21.69 84.81
C GLN W 297 -22.72 -21.54 83.38
N ALA W 298 -21.42 -21.68 83.16
CA ALA W 298 -20.88 -21.76 81.81
C ALA W 298 -20.86 -23.19 81.30
N GLU W 299 -21.37 -24.15 82.06
CA GLU W 299 -21.32 -25.55 81.68
C GLU W 299 -22.69 -26.18 81.53
N LEU W 300 -23.75 -25.38 81.38
CA LEU W 300 -25.06 -25.91 81.04
C LEU W 300 -25.46 -25.57 79.60
N PHE W 301 -24.55 -24.99 78.82
CA PHE W 301 -24.84 -24.66 77.43
C PHE W 301 -24.82 -25.91 76.56
N ALA W 302 -25.14 -25.71 75.28
CA ALA W 302 -25.06 -26.76 74.29
C ALA W 302 -23.71 -26.70 73.58
N GLY W 303 -23.55 -27.47 72.51
CA GLY W 303 -22.36 -27.35 71.69
C GLY W 303 -22.34 -26.03 70.95
N ARG W 304 -21.15 -25.63 70.51
CA ARG W 304 -20.96 -24.30 69.97
C ARG W 304 -21.09 -24.29 68.45
N GLY W 305 -21.85 -23.32 67.95
CA GLY W 305 -21.85 -22.98 66.54
C GLY W 305 -21.05 -21.71 66.27
N SER W 306 -20.12 -21.81 65.33
CA SER W 306 -19.24 -20.69 65.03
C SER W 306 -20.04 -19.59 64.34
N PHE W 307 -19.80 -18.34 64.74
CA PHE W 307 -20.58 -17.23 64.22
C PHE W 307 -20.24 -16.95 62.76
N THR W 308 -21.25 -16.51 62.01
CA THR W 308 -21.10 -16.17 60.60
C THR W 308 -21.90 -14.91 60.29
N THR W 318 -25.57 -12.80 69.81
CA THR W 318 -24.33 -12.82 70.58
C THR W 318 -24.63 -13.12 72.04
N PRO W 319 -23.90 -14.07 72.64
CA PRO W 319 -24.11 -14.38 74.05
C PRO W 319 -23.80 -13.19 74.95
N THR W 320 -24.40 -13.21 76.15
CA THR W 320 -24.44 -12.01 76.98
C THR W 320 -23.06 -11.64 77.54
N PRO W 321 -22.39 -12.46 78.39
CA PRO W 321 -20.93 -12.37 78.35
C PRO W 321 -20.34 -13.48 77.49
N HIS W 322 -19.28 -13.18 76.77
CA HIS W 322 -18.58 -14.23 76.04
C HIS W 322 -17.42 -14.64 76.92
N HIS W 323 -17.59 -15.74 77.65
CA HIS W 323 -16.55 -16.18 78.57
C HIS W 323 -15.34 -16.68 77.81
N VAL W 324 -14.17 -16.25 78.28
CA VAL W 324 -12.91 -16.72 77.77
C VAL W 324 -12.22 -17.47 78.90
N ILE W 325 -12.06 -18.78 78.73
CA ILE W 325 -11.51 -19.63 79.76
C ILE W 325 -10.11 -20.01 79.31
N ILE W 326 -9.13 -19.77 80.17
CA ILE W 326 -7.75 -20.04 79.87
C ILE W 326 -7.23 -21.14 80.78
N SER W 327 -6.58 -22.13 80.19
CA SER W 327 -6.17 -23.32 80.91
C SER W 327 -4.70 -23.61 80.67
N ASP W 328 -3.94 -23.76 81.74
CA ASP W 328 -2.62 -24.38 81.68
C ASP W 328 -2.47 -25.35 82.84
N ILE W 329 -3.56 -26.06 83.14
CA ILE W 329 -3.59 -26.99 84.26
C ILE W 329 -3.11 -28.38 83.82
N GLU W 330 -3.25 -28.69 82.54
CA GLU W 330 -2.93 -29.99 81.94
C GLU W 330 -3.68 -31.10 82.67
N ASP W 331 -5.00 -31.05 82.54
CA ASP W 331 -5.87 -31.97 83.22
C ASP W 331 -6.69 -32.76 82.21
N PRO W 332 -6.74 -34.09 82.31
CA PRO W 332 -7.59 -34.89 81.43
C PRO W 332 -9.08 -34.69 81.63
N GLN W 333 -9.51 -33.90 82.60
CA GLN W 333 -10.93 -33.80 82.92
C GLN W 333 -11.65 -32.76 82.05
N TRP W 334 -10.94 -32.03 81.18
CA TRP W 334 -11.63 -31.09 80.30
C TRP W 334 -12.52 -31.80 79.31
N GLU W 335 -12.08 -32.95 78.80
CA GLU W 335 -12.79 -33.69 77.77
C GLU W 335 -14.15 -34.20 78.21
N TYR W 336 -14.47 -34.09 79.50
CA TYR W 336 -15.80 -34.39 80.00
C TYR W 336 -16.76 -33.22 79.77
N VAL W 337 -16.42 -32.05 80.30
CA VAL W 337 -17.27 -30.89 80.13
C VAL W 337 -17.08 -30.24 78.77
N ILE W 338 -16.00 -30.57 78.07
CA ILE W 338 -15.72 -30.08 76.73
C ILE W 338 -15.84 -31.27 75.80
N SER W 339 -16.83 -31.23 74.91
CA SER W 339 -16.91 -32.20 73.83
C SER W 339 -15.92 -31.85 72.72
N SER W 340 -16.08 -32.50 71.58
CA SER W 340 -15.34 -32.18 70.37
C SER W 340 -15.77 -30.85 69.74
N GLU W 341 -16.85 -30.24 70.22
CA GLU W 341 -17.41 -29.05 69.59
C GLU W 341 -17.46 -27.85 70.50
N GLY W 342 -17.38 -28.04 71.81
CA GLY W 342 -17.27 -26.89 72.69
C GLY W 342 -18.60 -26.50 73.31
N VAL W 343 -18.58 -25.29 73.87
CA VAL W 343 -19.67 -24.76 74.66
C VAL W 343 -20.09 -23.46 73.98
N ASP W 344 -21.37 -23.11 74.08
CA ASP W 344 -21.97 -22.04 73.27
C ASP W 344 -21.33 -20.67 73.44
N GLY W 345 -21.45 -20.07 74.61
CA GLY W 345 -21.00 -18.71 74.75
C GLY W 345 -19.55 -18.54 75.14
N VAL W 346 -18.79 -19.63 75.12
CA VAL W 346 -17.46 -19.66 75.72
C VAL W 346 -16.46 -20.07 74.65
N THR W 347 -15.36 -19.34 74.56
CA THR W 347 -14.20 -19.75 73.79
C THR W 347 -13.09 -20.11 74.76
N PHE W 348 -12.22 -21.03 74.34
CA PHE W 348 -11.18 -21.55 75.21
C PHE W 348 -9.81 -21.29 74.62
N PHE W 349 -8.82 -21.18 75.51
CA PHE W 349 -7.43 -21.06 75.12
C PHE W 349 -6.59 -22.07 75.90
N ASP W 350 -6.14 -23.10 75.21
CA ASP W 350 -5.34 -24.14 75.83
C ASP W 350 -3.87 -23.73 75.81
N LEU W 351 -3.40 -23.20 76.93
CA LEU W 351 -1.98 -23.13 77.14
C LEU W 351 -1.45 -24.53 77.42
N THR W 352 -0.14 -24.71 77.23
CA THR W 352 0.53 -26.01 77.36
C THR W 352 -0.16 -27.06 76.48
N GLY W 353 0.03 -26.88 75.17
CA GLY W 353 -0.60 -27.66 74.11
C GLY W 353 -0.57 -29.16 74.31
N SER W 354 -1.75 -29.78 74.32
CA SER W 354 -1.89 -31.21 74.57
C SER W 354 -2.64 -31.84 73.42
N PRO W 355 -2.53 -33.17 73.25
CA PRO W 355 -3.28 -33.84 72.18
C PRO W 355 -4.79 -33.73 72.29
N LEU W 356 -5.33 -33.44 73.48
CA LEU W 356 -6.76 -33.24 73.60
C LEU W 356 -7.21 -31.99 72.87
N TRP W 357 -6.47 -30.90 73.01
CA TRP W 357 -6.87 -29.63 72.44
C TRP W 357 -6.34 -29.41 71.03
N THR W 358 -5.22 -30.06 70.68
CA THR W 358 -4.57 -29.92 69.39
C THR W 358 -5.17 -30.80 68.31
N GLY W 359 -6.42 -31.22 68.46
CA GLY W 359 -7.01 -32.10 67.47
C GLY W 359 -7.49 -31.39 66.23
N ALA W 360 -7.22 -30.10 66.11
CA ALA W 360 -7.66 -29.28 64.99
C ALA W 360 -6.56 -28.29 64.65
N PRO W 361 -5.77 -28.55 63.60
CA PRO W 361 -4.62 -27.70 63.29
C PRO W 361 -4.96 -26.23 63.08
N GLN W 362 -6.17 -25.95 62.56
CA GLN W 362 -6.69 -24.60 62.48
C GLN W 362 -6.85 -23.92 63.82
N ARG W 363 -6.75 -24.66 64.93
CA ARG W 363 -6.84 -24.08 66.26
C ARG W 363 -5.48 -23.96 66.93
N VAL W 364 -4.43 -24.52 66.35
CA VAL W 364 -3.13 -24.59 66.98
C VAL W 364 -2.29 -23.41 66.49
N LEU W 365 -1.84 -22.59 67.42
CA LEU W 365 -0.94 -21.48 67.15
C LEU W 365 0.44 -21.89 67.65
N ARG W 366 1.35 -22.17 66.73
CA ARG W 366 2.60 -22.85 67.03
C ARG W 366 3.76 -21.87 66.91
N PHE W 367 4.45 -21.63 68.02
CA PHE W 367 5.66 -20.82 68.00
C PHE W 367 6.79 -21.60 67.36
N THR W 368 7.04 -21.30 66.09
CA THR W 368 8.04 -22.02 65.32
C THR W 368 9.44 -21.45 65.50
N ASP W 369 9.54 -20.13 65.69
CA ASP W 369 10.82 -19.48 65.90
C ASP W 369 10.84 -18.77 67.25
N SER W 370 12.03 -18.73 67.85
CA SER W 370 12.26 -18.27 69.21
C SER W 370 11.67 -16.88 69.48
N ALA W 371 11.65 -16.01 68.47
CA ALA W 371 11.07 -14.69 68.62
C ALA W 371 9.56 -14.72 68.83
N GLY W 372 8.89 -15.86 68.61
CA GLY W 372 7.45 -15.88 68.70
C GLY W 372 6.77 -15.80 67.35
N VAL W 373 7.34 -16.45 66.35
CA VAL W 373 6.70 -16.56 65.05
C VAL W 373 5.58 -17.60 65.15
N ILE W 374 4.34 -17.14 65.10
CA ILE W 374 3.20 -18.04 65.01
C ILE W 374 3.11 -18.56 63.58
N GLU W 375 3.08 -19.87 63.43
CA GLU W 375 2.45 -20.48 62.27
C GLU W 375 1.08 -21.06 62.62
N THR W 376 0.15 -20.94 61.68
CA THR W 376 -1.14 -21.61 61.71
C THR W 376 -1.67 -21.66 60.28
N LEU W 377 -2.94 -22.02 60.13
CA LEU W 377 -3.51 -22.08 58.79
C LEU W 377 -3.87 -20.68 58.28
N PRO W 378 -3.63 -20.42 57.00
CA PRO W 378 -4.14 -19.20 56.35
C PRO W 378 -5.65 -19.10 56.44
N ARG W 379 -6.13 -17.96 56.93
CA ARG W 379 -7.55 -17.67 57.04
C ARG W 379 -7.89 -16.45 56.19
N ASP W 380 -9.12 -16.45 55.70
CA ASP W 380 -9.65 -15.28 54.99
C ASP W 380 -9.70 -14.08 55.92
N ARG W 381 -9.12 -12.98 55.43
CA ARG W 381 -9.21 -11.67 56.09
C ARG W 381 -10.62 -11.28 56.51
N ASP W 382 -11.63 -11.68 55.74
CA ASP W 382 -12.99 -11.22 55.99
C ASP W 382 -13.81 -12.18 56.86
N THR W 383 -13.94 -13.43 56.43
CA THR W 383 -14.77 -14.40 57.13
C THR W 383 -14.07 -15.10 58.28
N TRP W 384 -12.73 -14.97 58.37
CA TRP W 384 -11.85 -15.69 59.30
C TRP W 384 -11.86 -17.20 59.08
N MET W 385 -12.52 -17.66 58.03
CA MET W 385 -12.59 -19.07 57.69
C MET W 385 -11.27 -19.52 57.08
N VAL W 386 -10.90 -20.77 57.35
CA VAL W 386 -9.67 -21.33 56.81
C VAL W 386 -9.77 -21.38 55.30
N ILE W 387 -8.71 -20.94 54.61
CA ILE W 387 -8.66 -20.97 53.17
C ILE W 387 -7.97 -22.21 52.65
N ASP W 388 -6.88 -22.63 53.29
CA ASP W 388 -6.28 -23.91 52.93
C ASP W 388 -5.59 -24.55 54.13
N ASP W 389 -5.45 -25.87 54.04
CA ASP W 389 -5.15 -26.72 55.17
C ASP W 389 -3.67 -26.74 55.55
N ASN W 390 -2.79 -26.21 54.72
CA ASN W 390 -1.36 -26.28 54.99
C ASN W 390 -0.97 -25.18 55.97
N ALA W 391 -0.24 -25.57 57.02
CA ALA W 391 0.29 -24.60 57.97
C ALA W 391 1.34 -23.70 57.33
N TRP W 392 1.30 -22.42 57.69
CA TRP W 392 2.12 -21.40 57.04
C TRP W 392 2.38 -20.32 58.08
N PHE W 393 3.33 -19.44 57.77
CA PHE W 393 3.56 -18.22 58.54
C PHE W 393 2.26 -17.46 58.75
N PHE W 394 2.01 -17.08 60.00
CA PHE W 394 0.82 -16.32 60.34
C PHE W 394 1.15 -14.98 60.95
N ALA W 395 1.95 -14.94 62.01
CA ALA W 395 2.26 -13.69 62.68
C ALA W 395 3.53 -13.85 63.50
N LEU W 396 4.09 -12.72 63.89
CA LEU W 396 4.99 -12.61 65.02
C LEU W 396 4.19 -12.09 66.22
N ALA W 397 4.21 -12.83 67.31
CA ALA W 397 3.33 -12.54 68.44
C ALA W 397 3.72 -11.28 69.18
N ASP W 398 2.72 -10.47 69.51
CA ASP W 398 2.88 -9.26 70.33
C ASP W 398 3.07 -9.58 71.81
N GLN W 399 4.12 -10.34 72.12
CA GLN W 399 4.38 -10.79 73.48
C GLN W 399 4.57 -9.62 74.43
N MET W 400 4.04 -9.75 75.65
CA MET W 400 4.09 -8.69 76.62
C MET W 400 4.54 -9.20 77.98
N SER W 401 5.37 -8.41 78.66
CA SER W 401 5.93 -8.79 79.94
C SER W 401 4.90 -8.70 81.05
N GLU W 402 5.21 -9.39 82.14
CA GLU W 402 4.39 -9.37 83.35
C GLU W 402 4.28 -7.98 83.96
N ALA W 403 5.38 -7.22 83.94
CA ALA W 403 5.36 -5.86 84.47
C ALA W 403 4.44 -4.94 83.68
N ASP W 404 4.46 -5.02 82.35
CA ASP W 404 3.57 -4.21 81.54
C ASP W 404 2.11 -4.60 81.77
N ALA W 405 1.84 -5.91 81.83
CA ALA W 405 0.50 -6.40 82.13
C ALA W 405 0.02 -5.91 83.48
N GLU W 406 0.86 -6.01 84.50
CA GLU W 406 0.54 -5.49 85.83
C GLU W 406 0.28 -3.99 85.81
N GLN W 407 1.08 -3.25 85.06
CA GLN W 407 0.92 -1.80 84.93
C GLN W 407 -0.41 -1.42 84.29
N PHE W 408 -0.74 -2.08 83.18
CA PHE W 408 -2.05 -1.94 82.57
C PHE W 408 -3.17 -2.32 83.53
N ALA W 409 -2.96 -3.39 84.31
CA ALA W 409 -3.99 -3.79 85.26
C ALA W 409 -4.21 -2.75 86.34
N HIS W 410 -3.13 -2.13 86.83
CA HIS W 410 -3.24 -1.01 87.76
C HIS W 410 -3.90 0.21 87.13
N GLN W 411 -3.78 0.37 85.82
CA GLN W 411 -4.57 1.39 85.13
C GLN W 411 -6.05 1.02 85.05
N MET W 412 -6.35 -0.21 84.60
CA MET W 412 -7.73 -0.62 84.39
C MET W 412 -8.51 -0.71 85.70
N ALA W 413 -7.85 -1.08 86.80
CA ALA W 413 -8.48 -1.10 88.12
C ALA W 413 -9.02 0.26 88.54
N HIS W 414 -8.52 1.35 87.97
CA HIS W 414 -8.96 2.68 88.33
C HIS W 414 -10.40 2.98 87.87
N TRP W 415 -10.97 2.14 87.00
CA TRP W 415 -12.22 2.48 86.35
C TRP W 415 -13.31 1.48 86.71
N ARG W 416 -14.54 1.98 86.74
CA ARG W 416 -15.68 1.19 87.22
C ARG W 416 -16.91 1.33 86.34
N LEU W 417 -16.83 2.04 85.22
CA LEU W 417 -18.01 2.34 84.39
C LEU W 417 -18.56 1.07 83.73
N PRO X 18 -19.81 -2.46 102.02
CA PRO X 18 -19.31 -1.09 102.09
C PRO X 18 -18.21 -0.85 101.08
N GLN X 19 -17.93 0.42 100.77
CA GLN X 19 -16.88 0.74 99.82
C GLN X 19 -15.51 0.51 100.46
N ALA X 20 -14.60 -0.09 99.70
CA ALA X 20 -13.24 -0.30 100.15
C ALA X 20 -12.30 -0.03 98.98
N ALA X 21 -11.11 0.49 99.29
CA ALA X 21 -10.09 0.74 98.29
C ALA X 21 -9.04 -0.35 98.36
N VAL X 22 -8.50 -0.72 97.20
CA VAL X 22 -7.50 -1.78 97.09
C VAL X 22 -6.26 -1.14 96.48
N VAL X 23 -5.23 -0.95 97.30
CA VAL X 23 -4.01 -0.29 96.87
C VAL X 23 -2.84 -1.24 97.03
N ALA X 24 -1.73 -0.90 96.38
CA ALA X 24 -0.51 -1.69 96.40
C ALA X 24 0.52 -0.96 97.24
N ILE X 25 0.89 -1.54 98.38
CA ILE X 25 1.83 -0.91 99.29
C ILE X 25 3.25 -1.29 98.87
N MET X 26 4.04 -0.28 98.52
CA MET X 26 5.44 -0.48 98.21
C MET X 26 6.26 -0.30 99.49
N ALA X 27 6.84 -1.38 99.98
CA ALA X 27 7.62 -1.35 101.20
C ALA X 27 8.66 -2.45 101.14
N ALA X 28 9.91 -2.11 101.51
CA ALA X 28 11.04 -3.05 101.50
C ALA X 28 11.22 -3.69 100.13
N ASP X 29 11.10 -2.87 99.09
CA ASP X 29 11.36 -3.20 97.69
C ASP X 29 10.42 -4.26 97.13
N VAL X 30 9.31 -4.54 97.81
CA VAL X 30 8.32 -5.48 97.29
C VAL X 30 6.96 -4.78 97.25
N GLN X 31 6.12 -5.24 96.33
CA GLN X 31 4.77 -4.73 96.17
C GLN X 31 3.78 -5.64 96.89
N ILE X 32 2.96 -5.06 97.75
CA ILE X 32 1.97 -5.81 98.52
C ILE X 32 0.61 -5.15 98.31
N ALA X 33 -0.38 -5.94 97.87
CA ALA X 33 -1.73 -5.44 97.67
C ALA X 33 -2.57 -5.72 98.91
N VAL X 34 -3.25 -4.68 99.41
CA VAL X 34 -4.08 -4.77 100.60
C VAL X 34 -5.45 -4.18 100.29
N VAL X 35 -6.41 -4.50 101.16
CA VAL X 35 -7.74 -3.92 101.10
C VAL X 35 -7.95 -3.04 102.32
N LEU X 36 -8.31 -1.79 102.09
CA LEU X 36 -8.44 -0.79 103.14
C LEU X 36 -9.82 -0.16 103.11
N ASP X 37 -10.26 0.34 104.27
CA ASP X 37 -11.53 1.05 104.34
C ASP X 37 -11.43 2.37 103.62
N ALA X 38 -12.46 2.70 102.85
CA ALA X 38 -12.45 3.91 102.04
C ALA X 38 -12.96 5.14 102.78
N HIS X 39 -13.47 4.98 104.00
CA HIS X 39 -14.02 6.10 104.76
C HIS X 39 -13.35 6.31 106.11
N ALA X 40 -12.56 5.36 106.59
CA ALA X 40 -11.83 5.60 107.83
C ALA X 40 -10.58 6.44 107.55
N PRO X 41 -10.13 7.21 108.54
CA PRO X 41 -8.90 7.99 108.35
C PRO X 41 -7.67 7.09 108.28
N ILE X 42 -6.56 7.69 107.84
CA ILE X 42 -5.31 6.95 107.65
C ILE X 42 -4.82 6.42 108.98
N SER X 43 -4.90 7.23 110.03
CA SER X 43 -4.32 6.89 111.32
C SER X 43 -5.02 5.71 111.96
N VAL X 44 -6.31 5.53 111.69
CA VAL X 44 -7.04 4.38 112.24
C VAL X 44 -6.58 3.09 111.58
N MET X 45 -6.49 3.08 110.26
CA MET X 45 -6.24 1.84 109.54
C MET X 45 -4.75 1.54 109.38
N ILE X 46 -3.87 2.48 109.71
CA ILE X 46 -2.44 2.24 109.53
C ILE X 46 -1.88 1.37 110.65
N ASP X 47 -2.62 1.21 111.75
CA ASP X 47 -2.14 0.40 112.86
C ASP X 47 -2.18 -1.11 112.58
N PRO X 48 -3.19 -1.67 111.93
CA PRO X 48 -3.06 -3.08 111.52
C PRO X 48 -2.31 -3.24 110.22
N LEU X 49 -2.11 -2.16 109.47
CA LEU X 49 -1.55 -2.26 108.13
C LEU X 49 -0.10 -2.71 108.17
N LEU X 50 0.71 -2.15 109.09
CA LEU X 50 2.09 -2.58 109.14
C LEU X 50 2.23 -3.98 109.71
N LYS X 51 1.28 -4.40 110.55
CA LYS X 51 1.26 -5.78 111.00
C LYS X 51 1.00 -6.74 109.85
N VAL X 52 0.05 -6.38 108.98
CA VAL X 52 -0.24 -7.18 107.80
C VAL X 52 0.96 -7.21 106.87
N VAL X 53 1.61 -6.05 106.69
CA VAL X 53 2.77 -5.95 105.80
C VAL X 53 3.93 -6.78 106.34
N ASN X 54 4.16 -6.73 107.65
CA ASN X 54 5.23 -7.51 108.26
C ASN X 54 4.94 -9.00 108.18
N THR X 55 3.67 -9.39 108.34
CA THR X 55 3.29 -10.79 108.18
C THR X 55 3.54 -11.26 106.75
N ARG X 56 3.17 -10.44 105.77
CA ARG X 56 3.42 -10.78 104.38
C ARG X 56 4.92 -10.83 104.07
N LEU X 57 5.70 -9.93 104.67
CA LEU X 57 7.14 -9.91 104.45
C LEU X 57 7.81 -11.13 105.07
N ARG X 58 7.31 -11.56 106.23
CA ARG X 58 7.78 -12.79 106.85
C ARG X 58 7.38 -14.00 106.04
N GLU X 59 6.23 -13.92 105.36
CA GLU X 59 5.83 -14.97 104.42
C GLU X 59 6.82 -15.06 103.28
N LEU X 60 7.31 -13.92 102.80
CA LEU X 60 8.28 -13.88 101.72
C LEU X 60 9.70 -14.14 102.20
N GLY X 61 9.91 -14.25 103.51
CA GLY X 61 11.25 -14.46 104.04
C GLY X 61 12.16 -13.27 103.85
N VAL X 62 11.64 -12.06 104.07
CA VAL X 62 12.42 -10.83 103.96
C VAL X 62 12.39 -10.16 105.32
N ALA X 63 13.47 -9.44 105.64
CA ALA X 63 13.61 -8.78 106.93
C ALA X 63 12.49 -7.77 107.13
N PRO X 64 11.73 -7.85 108.22
CA PRO X 64 10.55 -7.02 108.38
C PRO X 64 10.89 -5.56 108.62
N LEU X 65 9.89 -4.71 108.42
CA LEU X 65 10.07 -3.28 108.64
C LEU X 65 10.18 -3.00 110.13
N GLU X 66 11.19 -2.21 110.49
CA GLU X 66 11.39 -1.79 111.86
C GLU X 66 11.75 -0.32 111.89
N ALA X 67 11.32 0.36 112.94
CA ALA X 67 11.55 1.79 113.08
C ALA X 67 12.88 2.05 113.77
N LYS X 68 13.41 3.26 113.54
CA LYS X 68 14.60 3.74 114.21
C LYS X 68 14.41 5.21 114.56
N GLY X 69 14.99 5.62 115.68
CA GLY X 69 14.81 6.99 116.12
C GLY X 69 13.37 7.24 116.56
N ARG X 70 12.90 8.46 116.30
CA ARG X 70 11.55 8.87 116.67
C ARG X 70 10.81 9.37 115.44
N GLY X 71 9.52 9.09 115.40
CA GLY X 71 8.71 9.43 114.24
C GLY X 71 7.47 8.55 114.23
N ARG X 72 6.81 8.53 113.08
CA ARG X 72 5.59 7.75 112.91
C ARG X 72 5.65 6.96 111.62
N TRP X 73 4.94 5.84 111.60
CA TRP X 73 4.65 5.18 110.33
C TRP X 73 3.60 6.00 109.61
N MET X 74 3.82 6.24 108.32
CA MET X 74 3.07 7.26 107.61
C MET X 74 3.24 7.06 106.11
N LEU X 75 2.14 7.20 105.38
CA LEU X 75 2.07 6.83 103.97
C LEU X 75 2.32 8.03 103.07
N CYS X 76 3.30 7.90 102.19
CA CYS X 76 3.65 8.93 101.24
C CYS X 76 3.34 8.44 99.83
N LEU X 77 3.11 9.39 98.92
CA LEU X 77 2.95 9.07 97.50
C LEU X 77 4.31 8.77 96.88
N VAL X 78 4.32 8.63 95.55
CA VAL X 78 5.55 8.25 94.85
C VAL X 78 6.58 9.38 94.92
N ASP X 79 6.12 10.63 94.89
CA ASP X 79 7.03 11.76 94.97
C ASP X 79 7.55 12.00 96.37
N GLY X 80 6.87 11.46 97.39
CA GLY X 80 7.28 11.61 98.77
C GLY X 80 6.35 12.46 99.61
N THR X 81 5.34 13.10 99.02
CA THR X 81 4.42 13.88 99.82
C THR X 81 3.54 12.95 100.67
N PRO X 82 3.43 13.20 101.97
CA PRO X 82 2.64 12.31 102.83
C PRO X 82 1.15 12.50 102.65
N LEU X 83 0.41 11.50 103.11
CA LEU X 83 -1.04 11.60 103.19
C LEU X 83 -1.44 12.20 104.52
N ARG X 84 -2.58 12.89 104.51
CA ARG X 84 -3.11 13.48 105.74
C ARG X 84 -3.66 12.39 106.63
N PRO X 85 -3.17 12.24 107.87
CA PRO X 85 -3.61 11.10 108.70
C PRO X 85 -5.03 11.24 109.23
N ASN X 86 -5.63 12.42 109.14
CA ASN X 86 -6.99 12.64 109.62
C ASN X 86 -8.04 12.58 108.51
N LEU X 87 -7.65 12.15 107.31
CA LEU X 87 -8.57 12.10 106.19
C LEU X 87 -8.61 10.69 105.63
N SER X 88 -9.76 10.33 105.06
CA SER X 88 -9.92 9.01 104.47
C SER X 88 -9.19 8.94 103.13
N LEU X 89 -9.21 7.76 102.52
CA LEU X 89 -8.51 7.59 101.26
C LEU X 89 -9.26 8.27 100.11
N THR X 90 -10.59 8.28 100.19
CA THR X 90 -11.40 8.92 99.16
C THR X 90 -11.26 10.44 99.21
N GLU X 91 -11.22 11.00 100.43
CA GLU X 91 -11.09 12.44 100.58
C GLU X 91 -9.73 12.96 100.14
N GLN X 92 -8.73 12.11 100.06
CA GLN X 92 -7.42 12.48 99.53
C GLN X 92 -7.21 12.02 98.10
N GLU X 93 -8.26 11.54 97.43
CA GLU X 93 -8.23 11.08 96.04
C GLU X 93 -7.23 9.94 95.85
N VAL X 94 -7.47 8.85 96.56
CA VAL X 94 -6.74 7.60 96.37
C VAL X 94 -7.75 6.56 95.90
N TYR X 95 -7.50 5.99 94.74
CA TYR X 95 -8.40 5.06 94.10
C TYR X 95 -7.77 3.68 94.03
N ASP X 96 -8.50 2.74 93.42
CA ASP X 96 -8.01 1.38 93.27
C ASP X 96 -6.78 1.34 92.36
N GLY X 97 -5.86 0.45 92.67
CA GLY X 97 -4.65 0.33 91.89
C GLY X 97 -3.58 1.35 92.20
N ASP X 98 -3.84 2.28 93.12
CA ASP X 98 -2.83 3.26 93.48
C ASP X 98 -1.73 2.62 94.31
N ARG X 99 -0.52 3.14 94.16
CA ARG X 99 0.62 2.69 94.93
C ARG X 99 0.96 3.70 96.02
N LEU X 100 1.03 3.22 97.26
CA LEU X 100 1.40 4.03 98.40
C LEU X 100 2.67 3.46 99.02
N TRP X 101 3.62 4.33 99.33
CA TRP X 101 4.86 3.89 99.96
C TRP X 101 4.71 4.03 101.47
N LEU X 102 5.01 2.95 102.18
CA LEU X 102 4.97 2.92 103.63
C LEU X 102 6.37 3.20 104.16
N LYS X 103 6.50 4.27 104.94
CA LYS X 103 7.80 4.72 105.40
C LYS X 103 7.70 5.15 106.85
N PHE X 104 8.84 5.15 107.52
CA PHE X 104 8.97 5.71 108.86
C PHE X 104 9.79 6.98 108.74
N LEU X 105 9.18 8.12 109.02
CA LEU X 105 9.79 9.41 108.81
C LEU X 105 9.97 10.11 110.14
N GLU X 106 11.11 10.82 110.27
CA GLU X 106 11.43 11.49 111.53
C GLU X 106 10.54 12.70 111.80
N ASP X 107 9.84 13.19 110.78
CA ASP X 107 9.01 14.37 110.94
C ASP X 107 7.78 14.23 110.05
N THR X 108 6.78 15.06 110.31
CA THR X 108 5.55 15.08 109.54
C THR X 108 5.57 16.09 108.40
N GLU X 109 6.64 16.88 108.28
CA GLU X 109 6.75 17.92 107.26
C GLU X 109 7.96 17.63 106.37
N HIS X 110 7.70 17.26 105.12
CA HIS X 110 8.79 16.96 104.19
C HIS X 110 8.49 17.42 102.76
N ARG X 111 7.48 18.26 102.57
CA ARG X 111 7.14 18.73 101.23
C ARG X 111 8.16 19.73 100.69
N SER X 112 8.26 19.77 99.36
CA SER X 112 9.07 20.75 98.64
C SER X 112 8.16 21.47 97.65
N GLU X 113 7.53 22.55 98.10
CA GLU X 113 6.44 23.18 97.37
C GLU X 113 6.90 24.08 96.23
N VAL X 114 8.21 24.22 96.02
CA VAL X 114 8.73 25.18 95.03
C VAL X 114 8.57 24.59 93.64
N ILE X 115 7.55 25.05 92.93
CA ILE X 115 7.38 24.71 91.52
C ILE X 115 8.22 25.67 90.68
N GLU X 116 8.76 25.18 89.56
CA GLU X 116 9.68 25.97 88.76
C GLU X 116 9.29 25.83 87.28
N HIS X 117 8.65 26.87 86.74
CA HIS X 117 8.33 26.93 85.33
C HIS X 117 9.59 27.11 84.50
N ILE X 118 9.87 26.13 83.64
CA ILE X 118 11.06 26.10 82.78
C ILE X 118 10.60 25.59 81.42
N SER X 119 11.09 26.20 80.35
CA SER X 119 10.78 25.66 79.03
C SER X 119 11.52 24.35 78.81
N THR X 120 10.78 23.25 78.77
CA THR X 120 11.35 21.91 78.68
C THR X 120 12.12 21.66 77.39
N ALA X 121 11.67 22.24 76.28
CA ALA X 121 12.31 21.99 74.99
C ALA X 121 13.75 22.48 74.95
N VAL X 122 13.97 23.74 75.31
CA VAL X 122 15.33 24.27 75.37
C VAL X 122 16.12 23.61 76.49
N ALA X 123 15.45 23.30 77.60
CA ALA X 123 16.11 22.64 78.72
C ALA X 123 16.69 21.30 78.32
N THR X 124 15.96 20.54 77.50
CA THR X 124 16.45 19.25 77.05
C THR X 124 17.30 19.37 75.81
N ASN X 125 17.26 20.52 75.15
CA ASN X 125 18.04 20.75 73.95
C ASN X 125 19.46 21.20 74.27
N LEU X 126 19.58 22.27 75.04
CA LEU X 126 20.84 22.98 75.19
C LEU X 126 21.89 22.19 75.94
N SER X 127 21.44 21.21 76.75
CA SER X 127 22.36 20.45 77.59
C SER X 127 23.37 19.65 76.77
N LYS X 128 22.94 19.12 75.64
CA LYS X 128 23.82 18.25 74.87
C LYS X 128 24.88 19.02 74.09
N ARG X 129 24.71 20.33 73.89
CA ARG X 129 25.66 21.10 73.12
C ARG X 129 26.42 22.14 73.93
N PHE X 130 26.17 22.23 75.22
CA PHE X 130 27.00 22.98 76.15
C PHE X 130 27.82 22.07 77.05
N ALA X 131 27.84 20.77 76.76
CA ALA X 131 28.55 19.83 77.59
C ALA X 131 30.06 20.06 77.54
N PRO X 132 30.76 19.75 78.64
CA PRO X 132 32.23 19.74 78.61
C PRO X 132 32.76 18.53 77.85
N ILE X 133 34.09 18.46 77.71
CA ILE X 133 34.71 17.31 77.05
C ILE X 133 34.44 16.02 77.81
N ASP X 134 33.79 15.10 77.14
CA ASP X 134 33.48 13.71 77.47
C ASP X 134 34.66 12.86 77.03
N PRO X 135 35.20 11.98 77.89
CA PRO X 135 36.34 11.14 77.47
C PRO X 135 36.14 10.33 76.21
N VAL X 136 34.90 9.98 75.84
CA VAL X 136 34.69 9.29 74.57
C VAL X 136 35.07 10.21 73.40
N VAL X 137 34.92 11.53 73.57
CA VAL X 137 35.43 12.46 72.57
C VAL X 137 36.95 12.52 72.66
N ALA X 138 37.48 12.57 73.88
CA ALA X 138 38.90 12.76 74.12
C ALA X 138 39.72 11.62 73.52
N VAL X 139 39.19 10.40 73.61
CA VAL X 139 39.80 9.24 72.96
C VAL X 139 39.90 9.46 71.45
N GLN X 140 38.82 9.94 70.83
CA GLN X 140 38.86 10.23 69.40
C GLN X 140 39.86 11.32 69.07
N VAL X 141 39.94 12.35 69.92
CA VAL X 141 40.94 13.40 69.76
C VAL X 141 42.36 12.84 69.80
N GLY X 142 42.63 12.03 70.81
CA GLY X 142 43.93 11.37 70.91
C GLY X 142 44.24 10.51 69.70
N ALA X 143 43.26 9.72 69.27
CA ALA X 143 43.45 8.84 68.11
C ALA X 143 43.76 9.64 66.85
N THR X 144 43.07 10.77 66.68
CA THR X 144 43.36 11.67 65.57
C THR X 144 44.78 12.21 65.64
N MET X 145 45.20 12.65 66.83
CA MET X 145 46.54 13.22 66.94
C MET X 145 47.62 12.18 66.77
N VAL X 146 47.37 10.95 67.22
CA VAL X 146 48.23 9.82 66.90
C VAL X 146 48.32 9.61 65.39
N ALA X 147 47.18 9.61 64.71
CA ALA X 147 47.15 9.47 63.26
C ALA X 147 48.00 10.54 62.59
N VAL X 148 47.84 11.80 63.02
CA VAL X 148 48.64 12.90 62.48
C VAL X 148 50.12 12.63 62.72
N GLY X 149 50.46 12.16 63.91
CA GLY X 149 51.85 11.90 64.21
C GLY X 149 52.45 10.80 63.37
N VAL X 150 51.71 9.69 63.18
CA VAL X 150 52.27 8.60 62.40
C VAL X 150 52.34 8.95 60.93
N LEU X 151 51.42 9.78 60.43
CA LEU X 151 51.53 10.25 59.05
C LEU X 151 52.75 11.15 58.88
N LEU X 152 52.98 12.05 59.83
CA LEU X 152 54.18 12.87 59.81
C LEU X 152 55.44 12.01 59.85
N GLY X 153 55.46 11.01 60.73
CA GLY X 153 56.62 10.16 60.84
C GLY X 153 56.93 9.40 59.57
N SER X 154 55.88 8.87 58.93
CA SER X 154 56.05 8.17 57.67
C SER X 154 56.54 9.11 56.58
N ALA X 155 56.00 10.33 56.55
CA ALA X 155 56.45 11.31 55.57
C ALA X 155 57.90 11.70 55.79
N LEU X 156 58.30 11.87 57.05
CA LEU X 156 59.69 12.18 57.37
C LEU X 156 60.63 11.06 56.96
N LEU X 157 60.24 9.82 57.23
CA LEU X 157 61.08 8.68 56.83
C LEU X 157 61.19 8.58 55.32
N GLY X 158 60.09 8.82 54.61
CA GLY X 158 60.17 8.83 53.15
C GLY X 158 61.02 9.96 52.61
N TRP X 159 60.96 11.12 53.27
CA TRP X 159 61.81 12.25 52.90
C TRP X 159 63.28 11.93 53.10
N TRP X 160 63.61 11.28 54.21
CA TRP X 160 64.98 10.81 54.42
C TRP X 160 65.40 9.82 53.35
N ARG X 161 64.56 8.84 53.05
CA ARG X 161 64.90 7.81 52.07
C ARG X 161 65.11 8.42 50.69
N TRP X 162 64.31 9.43 50.35
CA TRP X 162 64.49 10.14 49.09
C TRP X 162 65.79 10.94 49.11
N GLN X 163 66.02 11.70 50.18
CA GLN X 163 67.19 12.57 50.23
C GLN X 163 68.48 11.80 50.51
N HIS X 164 68.43 10.79 51.38
CA HIS X 164 69.60 10.06 51.83
C HIS X 164 69.35 8.58 51.58
N GLU X 165 69.88 8.07 50.46
CA GLU X 165 69.69 6.66 50.12
C GLU X 165 70.43 5.79 51.13
N SER X 166 69.67 5.13 52.00
CA SER X 166 70.23 4.30 53.04
C SER X 166 69.23 3.23 53.44
N TRP X 167 69.75 2.17 54.05
CA TRP X 167 68.94 1.06 54.55
C TRP X 167 68.27 1.36 55.88
N LEU X 168 68.63 2.47 56.52
CA LEU X 168 68.17 2.77 57.88
C LEU X 168 66.67 2.99 58.07
N PRO X 169 65.93 3.73 57.23
CA PRO X 169 64.51 4.00 57.58
C PRO X 169 63.54 2.88 57.26
N ALA X 170 63.93 1.96 56.38
CA ALA X 170 62.98 0.93 55.92
C ALA X 170 62.53 -0.01 57.03
N PRO X 171 63.40 -0.58 57.88
CA PRO X 171 62.86 -1.50 58.89
C PRO X 171 62.13 -0.76 59.98
N PHE X 172 62.53 0.47 60.29
CA PHE X 172 61.91 1.17 61.40
C PHE X 172 60.49 1.58 61.05
N ALA X 173 60.27 1.99 59.80
CA ALA X 173 58.90 2.31 59.40
C ALA X 173 58.01 1.08 59.44
N ALA X 174 58.58 -0.08 59.11
CA ALA X 174 57.85 -1.34 59.19
C ALA X 174 57.48 -1.66 60.62
N VAL X 175 58.39 -1.40 61.56
CA VAL X 175 58.13 -1.68 62.96
C VAL X 175 56.99 -0.80 63.48
N ILE X 176 57.04 0.49 63.13
CA ILE X 176 55.99 1.41 63.57
C ILE X 176 54.65 1.03 62.97
N ALA X 177 54.64 0.67 61.68
CA ALA X 177 53.40 0.26 61.04
C ALA X 177 52.83 -1.00 61.66
N VAL X 178 53.69 -1.98 61.95
CA VAL X 178 53.22 -3.25 62.51
C VAL X 178 52.61 -3.02 63.89
N LEU X 179 53.29 -2.23 64.73
CA LEU X 179 52.76 -2.01 66.08
C LEU X 179 51.44 -1.22 66.03
N VAL X 180 51.35 -0.22 65.15
CA VAL X 180 50.13 0.58 65.07
C VAL X 180 48.98 -0.25 64.52
N LEU X 181 49.22 -1.07 63.49
CA LEU X 181 48.15 -1.88 62.93
C LEU X 181 47.70 -2.96 63.90
N THR X 182 48.62 -3.52 64.69
CA THR X 182 48.22 -4.49 65.68
C THR X 182 47.39 -3.85 66.79
N VAL X 183 47.76 -2.63 67.18
CA VAL X 183 46.96 -1.89 68.16
C VAL X 183 45.57 -1.61 67.61
N ALA X 184 45.51 -1.22 66.34
CA ALA X 184 44.22 -0.93 65.70
C ALA X 184 43.36 -2.18 65.58
N THR X 185 43.97 -3.31 65.26
CA THR X 185 43.21 -4.55 65.15
C THR X 185 42.71 -4.98 66.52
N MET X 186 43.52 -4.79 67.56
CA MET X 186 43.08 -5.09 68.92
C MET X 186 41.93 -4.18 69.33
N ILE X 187 41.97 -2.91 68.88
CA ILE X 187 40.85 -2.02 69.13
C ILE X 187 39.61 -2.51 68.39
N LEU X 188 39.78 -2.93 67.15
CA LEU X 188 38.67 -3.45 66.35
C LEU X 188 38.30 -4.87 66.73
N ALA X 189 39.03 -5.50 67.63
CA ALA X 189 38.74 -6.87 68.04
C ALA X 189 37.58 -6.97 69.01
N ARG X 190 36.80 -5.90 69.17
CA ARG X 190 35.60 -5.75 69.98
C ARG X 190 35.87 -5.74 71.47
N SER X 191 37.14 -5.90 71.89
CA SER X 191 37.42 -6.04 73.31
C SER X 191 37.32 -4.74 74.07
N LYS X 192 37.59 -3.61 73.41
CA LYS X 192 37.58 -2.32 74.09
C LYS X 192 36.73 -1.27 73.42
N THR X 193 36.16 -1.54 72.25
CA THR X 193 35.38 -0.53 71.50
C THR X 193 34.26 -1.25 70.76
N VAL X 194 33.07 -1.27 71.36
CA VAL X 194 31.87 -1.70 70.64
C VAL X 194 31.26 -0.58 69.79
N PRO X 195 30.89 0.62 70.33
CA PRO X 195 30.14 1.56 69.48
C PRO X 195 30.98 2.48 68.61
N ASP X 196 32.22 2.76 69.01
CA ASP X 196 33.06 3.70 68.26
C ASP X 196 34.14 2.92 67.54
N ARG X 197 33.82 2.51 66.32
CA ARG X 197 34.79 1.99 65.38
C ARG X 197 35.65 3.10 64.81
N ARG X 198 35.33 4.36 65.12
CA ARG X 198 36.03 5.50 64.57
C ARG X 198 37.50 5.47 64.96
N VAL X 199 37.79 5.16 66.22
CA VAL X 199 39.17 5.12 66.69
C VAL X 199 39.93 4.05 65.93
N GLY X 200 39.33 2.87 65.82
CA GLY X 200 39.96 1.78 65.11
C GLY X 200 40.14 2.09 63.64
N ASP X 201 39.14 2.72 63.02
CA ASP X 201 39.23 3.03 61.60
C ASP X 201 40.30 4.08 61.33
N ILE X 202 40.39 5.11 62.18
CA ILE X 202 41.41 6.14 62.01
C ILE X 202 42.79 5.56 62.20
N LEU X 203 42.98 4.73 63.23
CA LEU X 203 44.28 4.12 63.44
C LEU X 203 44.64 3.19 62.30
N LEU X 204 43.69 2.36 61.85
CA LEU X 204 43.97 1.40 60.79
C LEU X 204 44.33 2.12 59.51
N LEU X 205 43.61 3.21 59.20
CA LEU X 205 43.87 3.96 57.99
C LEU X 205 45.23 4.64 58.10
N SER X 206 45.57 5.12 59.28
CA SER X 206 46.81 5.85 59.42
C SER X 206 48.01 4.92 59.41
N GLY X 207 47.86 3.72 59.96
CA GLY X 207 49.00 2.82 60.05
C GLY X 207 49.40 2.18 58.76
N LEU X 208 48.54 2.23 57.74
CA LEU X 208 48.90 1.59 56.47
C LEU X 208 49.92 2.41 55.69
N VAL X 209 49.96 3.71 55.89
CA VAL X 209 50.92 4.58 55.20
C VAL X 209 52.37 4.28 55.61
N PRO X 210 52.71 4.10 56.90
CA PRO X 210 54.08 3.65 57.21
C PRO X 210 54.43 2.30 56.60
N LEU X 211 53.45 1.41 56.45
CA LEU X 211 53.70 0.13 55.80
C LEU X 211 54.12 0.32 54.36
N ALA X 212 53.40 1.17 53.63
CA ALA X 212 53.75 1.45 52.24
C ALA X 212 55.09 2.16 52.15
N VAL X 213 55.38 3.04 53.11
CA VAL X 213 56.66 3.74 53.13
C VAL X 213 57.79 2.76 53.32
N ALA X 214 57.63 1.82 54.24
CA ALA X 214 58.66 0.81 54.49
C ALA X 214 58.86 -0.10 53.29
N ILE X 215 57.76 -0.50 52.64
CA ILE X 215 57.86 -1.37 51.48
C ILE X 215 58.55 -0.64 50.33
N ALA X 216 58.24 0.64 50.13
CA ALA X 216 58.91 1.39 49.07
C ALA X 216 60.38 1.63 49.39
N ALA X 217 60.71 1.86 50.67
CA ALA X 217 62.10 2.08 51.05
C ALA X 217 62.92 0.80 51.08
N THR X 218 62.26 -0.36 51.08
CA THR X 218 62.97 -1.63 50.98
C THR X 218 63.71 -1.75 49.64
N ALA X 219 63.09 -1.30 48.57
CA ALA X 219 63.72 -1.36 47.26
C ALA X 219 64.93 -0.43 47.18
N PRO X 220 66.00 -0.85 46.49
CA PRO X 220 67.21 -0.01 46.41
C PRO X 220 67.08 1.14 45.45
N GLY X 221 68.18 1.87 45.23
CA GLY X 221 68.19 3.00 44.34
C GLY X 221 67.89 4.29 45.07
N PRO X 222 67.98 5.42 44.36
CA PRO X 222 67.65 6.72 44.97
C PRO X 222 66.19 6.81 45.37
N VAL X 223 65.29 6.60 44.41
CA VAL X 223 63.87 6.43 44.69
C VAL X 223 63.65 4.97 45.08
N GLY X 224 62.46 4.65 45.57
CA GLY X 224 62.06 3.25 45.65
C GLY X 224 62.08 2.69 44.26
N ALA X 225 62.88 1.64 44.03
CA ALA X 225 63.43 1.24 42.74
C ALA X 225 62.50 1.35 41.52
N PRO X 226 61.23 0.90 41.53
CA PRO X 226 60.41 1.15 40.35
C PRO X 226 59.73 2.50 40.40
N HIS X 227 60.45 3.53 40.83
CA HIS X 227 59.87 4.84 41.14
C HIS X 227 58.66 4.71 42.07
N ALA X 228 58.83 3.87 43.11
CA ALA X 228 57.81 3.62 44.13
C ALA X 228 56.48 3.10 43.56
N VAL X 229 56.56 2.14 42.65
CA VAL X 229 55.36 1.41 42.25
C VAL X 229 54.84 0.60 43.41
N LEU X 230 55.75 -0.12 44.08
CA LEU X 230 55.36 -1.14 45.03
C LEU X 230 54.70 -0.56 46.27
N GLY X 231 55.11 0.63 46.70
CA GLY X 231 54.45 1.26 47.83
C GLY X 231 53.00 1.61 47.54
N PHE X 232 52.75 2.23 46.39
CA PHE X 232 51.39 2.55 46.00
C PHE X 232 50.57 1.28 45.80
N GLY X 233 51.18 0.25 45.23
CA GLY X 233 50.47 -1.00 45.01
C GLY X 233 50.08 -1.68 46.31
N VAL X 234 51.01 -1.75 47.26
CA VAL X 234 50.70 -2.41 48.51
C VAL X 234 49.69 -1.60 49.31
N PHE X 235 49.77 -0.26 49.23
CA PHE X 235 48.78 0.53 49.96
C PHE X 235 47.40 0.39 49.32
N GLY X 236 47.34 0.33 47.99
CA GLY X 236 46.07 0.15 47.33
C GLY X 236 45.43 -1.19 47.64
N VAL X 237 46.22 -2.27 47.57
CA VAL X 237 45.63 -3.57 47.87
C VAL X 237 45.30 -3.68 49.34
N ALA X 238 46.07 -3.02 50.22
CA ALA X 238 45.71 -2.99 51.62
C ALA X 238 44.38 -2.30 51.85
N ALA X 239 44.15 -1.19 51.15
CA ALA X 239 42.87 -0.50 51.27
C ALA X 239 41.73 -1.33 50.70
N MET X 240 41.98 -2.06 49.62
CA MET X 240 40.95 -2.94 49.06
C MET X 240 40.57 -4.03 50.05
N LEU X 241 41.56 -4.66 50.67
CA LEU X 241 41.26 -5.67 51.68
C LEU X 241 40.59 -5.08 52.91
N VAL X 242 40.93 -3.85 53.29
CA VAL X 242 40.26 -3.21 54.41
C VAL X 242 38.79 -2.99 54.09
N MET X 243 38.51 -2.50 52.88
CA MET X 243 37.13 -2.36 52.43
C MET X 243 36.39 -3.69 52.42
N ARG X 244 37.04 -4.73 51.89
CA ARG X 244 36.41 -6.05 51.83
C ARG X 244 36.12 -6.61 53.21
N PHE X 245 36.96 -6.33 54.20
CA PHE X 245 36.70 -6.86 55.52
C PHE X 245 35.88 -5.91 56.39
N THR X 246 36.27 -4.64 56.45
CA THR X 246 35.54 -3.70 57.31
C THR X 246 34.32 -3.12 56.60
N GLY X 247 34.53 -2.56 55.41
CA GLY X 247 33.45 -1.92 54.67
C GLY X 247 32.83 -0.70 55.31
N ARG X 248 33.52 -0.02 56.22
CA ARG X 248 32.89 1.10 56.90
C ARG X 248 33.15 2.43 56.19
N ARG X 249 34.41 2.82 56.01
CA ARG X 249 34.72 4.10 55.41
C ARG X 249 34.99 3.94 53.92
N LEU X 250 33.93 3.60 53.17
CA LEU X 250 34.11 3.22 51.78
C LEU X 250 34.63 4.38 50.93
N GLY X 251 34.13 5.59 51.18
CA GLY X 251 34.53 6.72 50.35
C GLY X 251 36.02 7.01 50.39
N VAL X 252 36.60 6.97 51.59
CA VAL X 252 37.98 7.38 51.78
C VAL X 252 38.92 6.40 51.12
N TYR X 253 38.80 5.12 51.48
CA TYR X 253 39.66 4.12 50.86
C TYR X 253 39.35 3.97 49.38
N THR X 254 38.15 4.26 48.93
CA THR X 254 37.88 4.18 47.50
C THR X 254 38.63 5.27 46.74
N ALA X 255 38.68 6.48 47.30
CA ALA X 255 39.48 7.53 46.69
C ALA X 255 40.96 7.17 46.73
N LEU X 256 41.42 6.59 47.84
CA LEU X 256 42.82 6.21 47.94
C LEU X 256 43.18 5.10 46.97
N VAL X 257 42.27 4.16 46.77
CA VAL X 257 42.48 3.10 45.78
C VAL X 257 42.56 3.68 44.38
N THR X 258 41.73 4.69 44.10
CA THR X 258 41.79 5.33 42.78
C THR X 258 43.15 5.98 42.56
N LEU X 259 43.63 6.72 43.55
CA LEU X 259 44.93 7.36 43.44
C LEU X 259 46.04 6.33 43.28
N CYS X 260 45.98 5.26 44.06
CA CYS X 260 47.03 4.25 44.00
C CYS X 260 47.02 3.49 42.70
N ALA X 261 45.84 3.21 42.15
CA ALA X 261 45.77 2.51 40.87
C ALA X 261 46.37 3.35 39.77
N ALA X 262 46.06 4.65 39.75
CA ALA X 262 46.64 5.51 38.73
C ALA X 262 48.14 5.63 38.89
N ALA X 263 48.62 5.75 40.14
CA ALA X 263 50.05 5.89 40.36
C ALA X 263 50.80 4.62 39.96
N THR X 264 50.24 3.45 40.26
CA THR X 264 50.91 2.20 39.90
C THR X 264 50.94 2.00 38.40
N ALA X 265 49.84 2.34 37.71
CA ALA X 265 49.85 2.21 36.25
C ALA X 265 50.88 3.14 35.63
N ALA X 266 50.95 4.38 36.10
CA ALA X 266 51.91 5.33 35.56
C ALA X 266 53.33 4.88 35.83
N GLY X 267 53.60 4.39 37.04
CA GLY X 267 54.94 3.94 37.36
C GLY X 267 55.36 2.70 36.60
N LEU X 268 54.43 1.76 36.40
CA LEU X 268 54.76 0.58 35.62
C LEU X 268 55.05 0.92 34.17
N ALA X 269 54.27 1.83 33.58
CA ALA X 269 54.59 2.23 32.21
C ALA X 269 55.87 3.04 32.16
N ARG X 270 56.20 3.73 33.24
CA ARG X 270 57.45 4.47 33.31
C ARG X 270 58.64 3.53 33.35
N MET X 271 58.55 2.48 34.15
CA MET X 271 59.71 1.61 34.30
C MET X 271 59.84 0.66 33.13
N VAL X 272 58.74 0.15 32.61
CA VAL X 272 58.81 -0.82 31.53
C VAL X 272 59.10 -0.13 30.19
N LEU X 273 58.34 0.91 29.87
CA LEU X 273 58.45 1.50 28.55
C LEU X 273 59.41 2.67 28.49
N LEU X 274 59.78 3.24 29.65
CA LEU X 274 60.64 4.42 29.73
C LEU X 274 60.09 5.57 28.90
N THR X 275 58.77 5.75 28.97
CA THR X 275 58.14 6.80 28.18
C THR X 275 58.24 8.14 28.92
N SER X 276 57.85 9.19 28.22
CA SER X 276 57.94 10.53 28.78
C SER X 276 56.87 10.74 29.84
N ALA X 277 57.15 11.70 30.72
CA ALA X 277 56.19 12.00 31.77
C ALA X 277 54.96 12.68 31.22
N VAL X 278 55.12 13.42 30.11
CA VAL X 278 53.98 14.06 29.46
C VAL X 278 53.01 13.00 28.93
N THR X 279 53.54 11.94 28.33
CA THR X 279 52.70 10.85 27.87
C THR X 279 51.95 10.20 29.02
N LEU X 280 52.63 9.98 30.15
CA LEU X 280 52.00 9.39 31.32
C LEU X 280 50.88 10.27 31.84
N LEU X 281 51.15 11.56 31.98
CA LEU X 281 50.14 12.47 32.50
C LEU X 281 48.93 12.53 31.58
N THR X 282 49.16 12.58 30.27
CA THR X 282 48.03 12.74 29.39
C THR X 282 47.23 11.45 29.25
N CYS X 283 47.88 10.28 29.32
CA CYS X 283 47.09 9.06 29.24
C CYS X 283 46.33 8.80 30.54
N VAL X 284 46.88 9.20 31.69
CA VAL X 284 46.11 9.13 32.92
C VAL X 284 44.94 10.10 32.86
N LEU X 285 45.13 11.26 32.23
CA LEU X 285 44.04 12.19 32.00
C LEU X 285 42.95 11.58 31.13
N LEU X 286 43.33 10.89 30.05
CA LEU X 286 42.33 10.26 29.21
C LEU X 286 41.60 9.15 29.96
N ALA X 287 42.32 8.41 30.81
CA ALA X 287 41.70 7.38 31.62
C ALA X 287 40.69 7.96 32.58
N CYS X 288 41.02 9.09 33.21
CA CYS X 288 40.10 9.65 34.19
C CYS X 288 38.91 10.30 33.49
N VAL X 289 39.11 10.84 32.30
CA VAL X 289 38.02 11.40 31.52
C VAL X 289 37.02 10.31 31.16
N LEU X 290 37.51 9.15 30.74
CA LEU X 290 36.61 8.00 30.57
C LEU X 290 35.97 7.60 31.89
N MET X 291 36.76 7.59 32.96
CA MET X 291 36.30 7.04 34.21
C MET X 291 35.18 7.90 34.80
N TYR X 292 35.17 9.20 34.52
CA TYR X 292 34.07 10.04 34.98
C TYR X 292 32.74 9.61 34.39
N HIS X 293 32.79 9.02 33.20
CA HIS X 293 31.59 8.50 32.58
C HIS X 293 31.27 7.12 33.14
N GLY X 294 32.30 6.35 33.46
CA GLY X 294 31.98 5.03 33.96
C GLY X 294 31.80 4.94 35.46
N ALA X 295 31.82 6.06 36.15
CA ALA X 295 31.73 6.08 37.60
C ALA X 295 30.38 5.69 38.20
N PRO X 296 29.21 6.10 37.65
CA PRO X 296 27.96 5.56 38.18
C PRO X 296 27.84 4.06 38.03
N ALA X 297 28.26 3.51 36.91
CA ALA X 297 28.12 2.08 36.68
C ALA X 297 29.03 1.29 37.60
N LEU X 298 30.30 1.71 37.71
CA LEU X 298 31.21 1.10 38.66
C LEU X 298 30.69 1.19 40.09
N SER X 299 30.10 2.33 40.46
CA SER X 299 29.58 2.44 41.81
C SER X 299 28.33 1.61 42.03
N ARG X 300 27.56 1.32 40.97
CA ARG X 300 26.56 0.27 41.11
C ARG X 300 27.21 -1.07 41.37
N TRP X 301 28.21 -1.42 40.56
CA TRP X 301 28.76 -2.76 40.57
C TRP X 301 29.49 -3.08 41.86
N LEU X 302 30.20 -2.10 42.41
CA LEU X 302 30.94 -2.33 43.64
C LEU X 302 30.03 -2.37 44.85
N SER X 303 28.89 -1.71 44.80
CA SER X 303 27.95 -1.75 45.91
C SER X 303 27.20 -3.06 46.02
N GLY X 304 27.42 -3.99 45.10
CA GLY X 304 26.74 -5.27 45.15
C GLY X 304 25.26 -5.21 44.88
N ILE X 305 24.77 -4.11 44.32
CA ILE X 305 23.48 -4.16 43.65
C ILE X 305 23.62 -5.06 42.44
N ARG X 306 22.75 -6.06 42.34
CA ARG X 306 22.67 -6.89 41.16
C ARG X 306 21.28 -6.81 40.57
N LEU X 307 21.21 -6.51 39.28
CA LEU X 307 19.95 -6.43 38.58
C LEU X 307 19.39 -7.83 38.36
N PRO X 308 18.07 -7.96 38.21
CA PRO X 308 17.44 -9.29 38.21
C PRO X 308 17.91 -10.19 37.08
N VAL X 309 17.91 -11.50 37.36
CA VAL X 309 17.99 -12.49 36.30
C VAL X 309 16.71 -12.50 35.48
N PHE X 310 16.81 -13.01 34.27
CA PHE X 310 15.72 -13.05 33.34
C PHE X 310 15.25 -14.47 33.07
N PRO X 311 13.95 -14.70 33.06
CA PRO X 311 13.43 -16.04 32.72
C PRO X 311 13.55 -16.34 31.24
N SER X 312 14.77 -16.69 30.81
CA SER X 312 15.06 -16.84 29.38
C SER X 312 14.34 -18.02 28.76
N ALA X 313 14.17 -19.11 29.50
CA ALA X 313 13.49 -20.28 28.92
C ALA X 313 12.63 -21.06 29.90
N THR X 314 12.46 -20.61 31.15
CA THR X 314 11.72 -21.42 32.11
C THR X 314 10.22 -21.39 31.85
N SER X 315 9.71 -20.36 31.18
CA SER X 315 8.32 -20.24 30.70
C SER X 315 7.29 -20.22 31.82
N ARG X 316 7.71 -20.11 33.08
CA ARG X 316 6.76 -19.93 34.18
C ARG X 316 6.94 -18.54 34.76
N TRP X 317 5.85 -17.77 34.78
CA TRP X 317 5.90 -16.38 35.21
C TRP X 317 5.19 -16.09 36.53
N VAL X 318 4.26 -16.95 36.97
CA VAL X 318 3.50 -16.68 38.19
C VAL X 318 4.12 -17.45 39.34
N PHE X 319 4.50 -16.74 40.41
CA PHE X 319 5.05 -17.35 41.61
C PHE X 319 4.43 -16.70 42.84
N GLU X 320 3.56 -17.41 43.54
CA GLU X 320 2.94 -16.89 44.76
C GLU X 320 3.66 -17.42 46.00
N ALA X 321 4.94 -17.07 46.14
CA ALA X 321 5.65 -17.45 47.35
C ALA X 321 5.46 -16.50 48.53
N ARG X 322 4.98 -15.27 48.29
CA ARG X 322 4.73 -14.19 49.25
C ARG X 322 5.76 -14.10 50.40
N PRO X 323 7.01 -13.72 50.07
CA PRO X 323 8.16 -13.99 50.96
C PRO X 323 8.03 -13.47 52.39
N ASP X 324 8.63 -14.24 53.30
CA ASP X 324 8.53 -14.03 54.75
C ASP X 324 9.17 -12.72 55.21
N LEU X 325 8.59 -12.16 56.25
CA LEU X 325 9.17 -11.06 57.01
C LEU X 325 10.49 -11.48 57.64
N PRO X 326 11.60 -10.80 57.36
CA PRO X 326 12.73 -10.79 58.31
C PRO X 326 12.34 -10.08 59.60
N THR X 327 12.45 -10.79 60.71
CA THR X 327 12.32 -10.20 62.03
C THR X 327 13.63 -9.56 62.48
N THR X 328 13.55 -8.34 62.99
CA THR X 328 14.66 -7.81 63.77
C THR X 328 14.73 -8.50 65.13
N VAL X 329 15.85 -8.35 65.81
CA VAL X 329 15.94 -8.66 67.24
C VAL X 329 16.47 -7.44 67.98
N VAL X 330 15.62 -6.87 68.85
CA VAL X 330 16.05 -5.74 69.67
C VAL X 330 17.10 -6.22 70.66
N VAL X 331 18.11 -5.38 70.92
CA VAL X 331 19.27 -5.78 71.73
C VAL X 331 18.86 -6.23 73.13
N SER X 332 17.84 -5.59 73.71
CA SER X 332 17.31 -6.04 75.00
C SER X 332 16.62 -7.39 74.90
N GLY X 333 16.16 -7.79 73.71
CA GLY X 333 15.55 -9.08 73.51
C GLY X 333 14.19 -9.26 74.14
N GLY X 334 14.16 -9.30 75.48
CA GLY X 334 12.93 -9.59 76.20
C GLY X 334 11.99 -8.41 76.24
N GLY X 335 10.70 -8.70 76.00
CA GLY X 335 9.66 -7.70 76.08
C GLY X 335 9.42 -6.88 74.84
N GLN X 336 10.13 -7.14 73.75
CA GLN X 336 9.88 -6.40 72.52
C GLN X 336 9.12 -7.28 71.55
N PRO X 337 7.96 -6.86 71.08
CA PRO X 337 7.40 -7.38 69.82
C PRO X 337 8.27 -7.03 68.61
N THR X 338 9.47 -7.61 68.57
CA THR X 338 10.59 -7.06 67.81
C THR X 338 10.29 -6.95 66.32
N LEU X 339 10.55 -5.76 65.77
CA LEU X 339 9.91 -5.29 64.54
C LEU X 339 10.27 -6.15 63.33
N GLU X 340 9.40 -6.09 62.32
CA GLU X 340 9.50 -6.90 61.11
C GLU X 340 9.81 -6.01 59.90
N GLY X 341 10.90 -6.32 59.21
CA GLY X 341 11.14 -5.80 57.88
C GLY X 341 10.43 -6.64 56.84
N PRO X 342 10.36 -6.10 55.61
CA PRO X 342 9.48 -6.69 54.61
C PRO X 342 10.01 -7.87 53.81
N ALA X 343 11.31 -7.91 53.50
CA ALA X 343 11.94 -9.02 52.79
C ALA X 343 13.45 -8.81 52.79
N SER X 344 14.15 -9.65 52.02
CA SER X 344 15.55 -9.42 51.69
C SER X 344 15.82 -8.04 51.13
N VAL X 345 14.85 -7.46 50.41
CA VAL X 345 14.92 -6.12 49.84
C VAL X 345 15.21 -5.01 50.85
N ARG X 346 15.04 -5.31 52.14
CA ARG X 346 15.51 -4.42 53.19
C ARG X 346 17.00 -4.08 53.08
N ASP X 347 17.80 -4.96 52.47
CA ASP X 347 19.21 -4.65 52.23
C ASP X 347 19.48 -3.69 51.08
N VAL X 348 18.49 -3.44 50.22
CA VAL X 348 18.63 -2.41 49.20
C VAL X 348 18.89 -1.05 49.83
N LEU X 349 18.21 -0.75 50.93
CA LEU X 349 18.45 0.47 51.67
C LEU X 349 19.89 0.60 52.16
N LEU X 350 20.55 -0.50 52.49
CA LEU X 350 21.98 -0.47 52.81
C LEU X 350 22.84 -0.29 51.57
N ARG X 351 22.57 -1.08 50.53
CA ARG X 351 23.40 -1.07 49.34
C ARG X 351 23.38 0.27 48.62
N ALA X 352 22.23 0.94 48.61
CA ALA X 352 22.16 2.27 48.04
C ALA X 352 23.10 3.26 48.73
N GLU X 353 23.04 3.32 50.06
CA GLU X 353 23.94 4.19 50.82
C GLU X 353 25.40 3.85 50.60
N ARG X 354 25.68 2.57 50.37
CA ARG X 354 27.05 2.21 50.02
C ARG X 354 27.42 2.71 48.65
N ALA X 355 26.52 2.54 47.67
CA ALA X 355 26.79 2.99 46.31
C ALA X 355 27.07 4.48 46.25
N ARG X 356 26.27 5.27 46.97
CA ARG X 356 26.55 6.70 47.13
C ARG X 356 27.94 6.96 47.69
N SER X 357 28.34 6.22 48.72
CA SER X 357 29.67 6.46 49.30
C SER X 357 30.79 6.10 48.35
N PHE X 358 30.61 5.04 47.56
CA PHE X 358 31.55 4.72 46.49
C PHE X 358 31.63 5.84 45.48
N LEU X 359 30.48 6.32 45.02
CA LEU X 359 30.48 7.30 43.95
C LEU X 359 31.15 8.59 44.38
N THR X 360 30.87 9.05 45.60
CA THR X 360 31.57 10.19 46.16
C THR X 360 33.08 9.97 46.22
N GLY X 361 33.50 8.75 46.57
CA GLY X 361 34.92 8.45 46.58
C GLY X 361 35.54 8.50 45.21
N LEU X 362 34.85 7.94 44.22
CA LEU X 362 35.34 7.97 42.84
C LEU X 362 35.54 9.39 42.37
N LEU X 363 34.52 10.23 42.53
CA LEU X 363 34.62 11.59 42.02
C LEU X 363 35.73 12.38 42.69
N VAL X 364 35.91 12.19 44.00
CA VAL X 364 37.03 12.85 44.69
C VAL X 364 38.37 12.39 44.12
N GLY X 365 38.55 11.07 43.98
CA GLY X 365 39.81 10.57 43.48
C GLY X 365 40.12 11.02 42.07
N LEU X 366 39.11 10.97 41.19
CA LEU X 366 39.32 11.41 39.83
C LEU X 366 39.57 12.90 39.76
N GLY X 367 38.95 13.66 40.67
CA GLY X 367 39.26 15.07 40.78
C GLY X 367 40.72 15.32 41.03
N VAL X 368 41.24 14.67 42.08
CA VAL X 368 42.65 14.86 42.44
C VAL X 368 43.55 14.47 41.28
N LEU X 369 43.23 13.35 40.62
CA LEU X 369 44.06 12.91 39.50
C LEU X 369 44.03 13.89 38.34
N THR X 370 42.85 14.42 37.99
CA THR X 370 42.80 15.32 36.85
C THR X 370 43.46 16.66 37.16
N VAL X 371 43.40 17.13 38.41
CA VAL X 371 44.13 18.35 38.76
C VAL X 371 45.63 18.11 38.63
N VAL X 372 46.09 16.95 39.10
CA VAL X 372 47.51 16.65 39.04
C VAL X 372 47.94 16.55 37.59
N CYS X 373 47.13 15.92 36.75
CA CYS X 373 47.53 15.74 35.36
C CYS X 373 47.54 17.06 34.62
N LEU X 374 46.64 17.98 34.96
CA LEU X 374 46.70 19.29 34.34
C LEU X 374 47.72 20.21 35.00
N ALA X 375 48.46 19.72 35.98
CA ALA X 375 49.63 20.48 36.42
C ALA X 375 50.82 20.28 35.50
N GLY X 376 50.73 19.39 34.52
CA GLY X 376 51.76 19.17 33.52
C GLY X 376 51.83 20.17 32.39
N LEU X 377 51.61 21.45 32.69
CA LEU X 377 51.57 22.52 31.69
C LEU X 377 52.69 23.54 31.87
N CYS X 378 53.87 23.08 32.26
CA CYS X 378 54.92 23.93 32.86
C CYS X 378 55.31 25.15 32.01
N ASP X 379 55.67 24.93 30.74
CA ASP X 379 56.25 26.00 29.95
C ASP X 379 55.22 27.06 29.56
N PRO X 380 55.67 28.29 29.27
CA PRO X 380 54.76 29.32 28.78
C PRO X 380 54.18 29.00 27.41
N HIS X 381 53.06 29.66 27.11
CA HIS X 381 52.18 29.29 26.00
C HIS X 381 52.79 29.51 24.61
N ALA X 382 53.93 30.18 24.50
CA ALA X 382 54.57 30.31 23.20
C ALA X 382 55.10 28.94 22.76
N GLY X 383 54.88 28.61 21.50
CA GLY X 383 55.25 27.29 21.02
C GLY X 383 54.05 26.37 20.96
N ARG X 384 54.23 25.10 21.31
CA ARG X 384 53.13 24.15 21.27
C ARG X 384 52.27 24.20 22.52
N ARG X 385 52.52 25.16 23.41
CA ARG X 385 51.99 25.08 24.75
C ARG X 385 50.60 25.69 24.90
N TRP X 386 50.03 26.29 23.86
CA TRP X 386 48.63 26.66 24.00
C TRP X 386 47.73 25.44 23.92
N LEU X 387 48.19 24.36 23.28
CA LEU X 387 47.38 23.15 23.17
C LEU X 387 47.06 22.51 24.52
N PRO X 388 48.01 22.30 25.44
CA PRO X 388 47.59 21.78 26.75
C PRO X 388 46.76 22.76 27.55
N LEU X 389 46.98 24.06 27.36
CA LEU X 389 46.13 25.06 28.00
C LEU X 389 44.70 24.97 27.47
N LEU X 390 44.56 24.83 26.15
CA LEU X 390 43.24 24.64 25.56
C LEU X 390 42.57 23.37 26.05
N LEU X 391 43.35 22.29 26.16
CA LEU X 391 42.84 21.04 26.71
C LEU X 391 42.34 21.21 28.14
N ALA X 392 43.10 21.95 28.96
CA ALA X 392 42.66 22.27 30.31
C ALA X 392 41.36 23.07 30.32
N ALA X 393 41.23 24.02 29.40
CA ALA X 393 39.99 24.78 29.30
C ALA X 393 38.81 23.89 28.91
N PHE X 394 39.03 22.96 27.98
CA PHE X 394 37.94 22.09 27.55
C PHE X 394 37.51 21.12 28.65
N THR X 395 38.46 20.49 29.33
CA THR X 395 38.08 19.65 30.45
C THR X 395 37.45 20.44 31.61
N PHE X 396 37.87 21.69 31.82
CA PHE X 396 37.17 22.53 32.78
C PHE X 396 35.71 22.72 32.41
N GLY X 397 35.45 23.13 31.16
CA GLY X 397 34.08 23.31 30.71
C GLY X 397 33.25 22.04 30.84
N PHE X 398 33.87 20.91 30.50
CA PHE X 398 33.22 19.62 30.60
C PHE X 398 32.80 19.31 32.03
N LEU X 399 33.73 19.42 32.98
CA LEU X 399 33.38 19.12 34.38
C LEU X 399 32.32 20.06 34.91
N ILE X 400 32.48 21.36 34.66
CA ILE X 400 31.59 22.31 35.31
C ILE X 400 30.19 22.22 34.74
N LEU X 401 30.02 21.74 33.51
CA LEU X 401 28.69 21.34 33.08
C LEU X 401 28.29 19.98 33.64
N ARG X 402 29.24 19.06 33.73
CA ARG X 402 28.98 17.71 34.24
C ARG X 402 28.34 17.72 35.60
N GLY X 403 28.65 18.72 36.41
CA GLY X 403 28.00 18.91 37.69
C GLY X 403 26.47 18.93 37.68
N ARG X 404 25.86 19.27 36.55
CA ARG X 404 24.41 19.30 36.44
C ARG X 404 23.79 17.94 36.76
N SER X 405 24.46 16.86 36.33
CA SER X 405 23.92 15.52 36.42
C SER X 405 23.91 14.94 37.82
N TYR X 406 24.60 15.54 38.77
CA TYR X 406 24.75 14.95 40.09
C TYR X 406 23.98 15.80 41.09
N VAL X 407 22.99 15.20 41.74
CA VAL X 407 22.11 15.99 42.58
C VAL X 407 22.57 16.05 44.03
N ASP X 408 23.35 15.09 44.50
CA ASP X 408 23.81 15.15 45.87
C ASP X 408 24.80 16.29 46.02
N ARG X 409 24.66 17.07 47.09
CA ARG X 409 25.48 18.27 47.23
C ARG X 409 26.97 17.98 47.21
N TRP X 410 27.42 16.91 47.84
CA TRP X 410 28.87 16.75 47.90
C TRP X 410 29.47 16.19 46.63
N GLN X 411 28.68 15.50 45.81
CA GLN X 411 29.18 15.10 44.51
C GLN X 411 29.25 16.30 43.57
N ALA X 412 28.21 17.11 43.55
CA ALA X 412 28.19 18.29 42.70
C ALA X 412 29.29 19.27 43.10
N ILE X 413 29.40 19.56 44.39
CA ILE X 413 30.48 20.40 44.89
C ILE X 413 31.84 19.80 44.57
N THR X 414 31.95 18.48 44.60
CA THR X 414 33.22 17.84 44.27
C THR X 414 33.61 18.09 42.82
N LEU X 415 32.63 18.05 41.92
CA LEU X 415 32.91 18.35 40.52
C LEU X 415 33.23 19.83 40.30
N ALA X 416 32.42 20.73 40.85
CA ALA X 416 32.67 22.16 40.72
C ALA X 416 34.03 22.56 41.27
N ALA X 417 34.35 22.10 42.48
CA ALA X 417 35.65 22.38 43.08
C ALA X 417 36.78 21.79 42.27
N THR X 418 36.58 20.62 41.66
CA THR X 418 37.60 20.09 40.76
C THR X 418 37.81 21.02 39.58
N ALA X 419 36.71 21.46 38.98
CA ALA X 419 36.77 22.29 37.78
C ALA X 419 37.57 23.57 38.04
N VAL X 420 37.19 24.32 39.08
CA VAL X 420 37.94 25.53 39.40
C VAL X 420 39.38 25.24 39.81
N LEU X 421 39.63 24.12 40.51
CA LEU X 421 40.99 23.81 40.92
C LEU X 421 41.92 23.58 39.74
N ILE X 422 41.41 23.03 38.64
CA ILE X 422 42.21 22.93 37.42
C ILE X 422 42.76 24.30 37.02
N ILE X 423 41.87 25.28 36.90
CA ILE X 423 42.27 26.63 36.48
C ILE X 423 43.23 27.25 37.47
N ALA X 424 42.96 27.07 38.77
CA ALA X 424 43.84 27.62 39.79
C ALA X 424 45.25 27.04 39.69
N ALA X 425 45.35 25.73 39.54
CA ALA X 425 46.67 25.11 39.47
C ALA X 425 47.43 25.52 38.22
N VAL X 426 46.74 25.59 37.08
CA VAL X 426 47.40 26.00 35.85
C VAL X 426 47.91 27.44 35.95
N ALA X 427 47.10 28.32 36.52
CA ALA X 427 47.50 29.72 36.63
C ALA X 427 48.67 29.88 37.58
N VAL X 428 48.65 29.17 38.72
CA VAL X 428 49.75 29.34 39.65
C VAL X 428 51.03 28.76 39.09
N ARG X 429 50.94 27.70 38.26
CA ARG X 429 52.19 27.20 37.70
C ARG X 429 52.75 28.15 36.65
N TYR X 430 51.89 28.79 35.83
CA TYR X 430 52.41 29.82 34.93
C TYR X 430 53.05 30.97 35.68
N VAL X 431 52.43 31.44 36.75
CA VAL X 431 53.00 32.64 37.36
C VAL X 431 54.22 32.29 38.19
N LEU X 432 54.34 31.06 38.68
CA LEU X 432 55.53 30.75 39.46
C LEU X 432 56.70 30.39 38.56
N VAL X 433 56.47 29.57 37.54
CA VAL X 433 57.57 29.17 36.67
C VAL X 433 58.01 30.35 35.81
N SER X 434 57.06 31.06 35.22
CA SER X 434 57.41 32.20 34.39
C SER X 434 57.54 33.47 35.21
N GLY X 435 58.46 34.33 34.82
CA GLY X 435 58.69 35.58 35.51
C GLY X 435 58.11 36.77 34.79
N SER X 436 57.20 36.53 33.87
CA SER X 436 56.62 37.64 33.13
C SER X 436 55.55 38.33 33.95
N PRO X 437 55.63 39.66 34.12
CA PRO X 437 54.56 40.38 34.82
C PRO X 437 53.22 40.31 34.10
N ALA X 438 53.22 40.17 32.77
CA ALA X 438 51.96 40.01 32.06
C ALA X 438 51.29 38.70 32.44
N VAL X 439 52.09 37.64 32.59
CA VAL X 439 51.58 36.36 33.06
C VAL X 439 51.02 36.49 34.47
N LEU X 440 51.71 37.25 35.32
CA LEU X 440 51.23 37.52 36.67
C LEU X 440 49.88 38.23 36.66
N SER X 441 49.75 39.25 35.81
CA SER X 441 48.51 40.00 35.74
C SER X 441 47.37 39.14 35.23
N ALA X 442 47.63 38.32 34.21
CA ALA X 442 46.61 37.41 33.71
C ALA X 442 46.20 36.39 34.77
N GLY X 443 47.18 35.88 35.51
CA GLY X 443 46.87 34.90 36.55
C GLY X 443 46.02 35.48 37.67
N VAL X 444 46.40 36.64 38.17
CA VAL X 444 45.60 37.22 39.25
C VAL X 444 44.24 37.64 38.73
N ALA X 445 44.16 38.06 37.45
CA ALA X 445 42.88 38.45 36.88
C ALA X 445 41.94 37.26 36.78
N VAL X 446 42.44 36.11 36.31
CA VAL X 446 41.55 34.96 36.21
C VAL X 446 41.19 34.43 37.58
N LEU X 447 42.13 34.48 38.54
CA LEU X 447 41.83 34.04 39.90
C LEU X 447 40.79 34.89 40.59
N VAL X 448 40.72 36.18 40.26
CA VAL X 448 39.73 37.00 40.94
C VAL X 448 38.44 37.09 40.15
N LEU X 449 38.46 36.93 38.83
CA LEU X 449 37.22 37.04 38.07
C LEU X 449 36.46 35.72 38.01
N LEU X 450 37.14 34.62 37.68
CA LEU X 450 36.42 33.38 37.38
C LEU X 450 35.56 32.91 38.54
N PRO X 451 36.06 32.73 39.77
CA PRO X 451 35.13 32.35 40.84
C PRO X 451 34.11 33.42 41.17
N ALA X 452 34.43 34.70 40.91
CA ALA X 452 33.41 35.73 41.05
C ALA X 452 32.31 35.55 40.02
N ALA X 453 32.68 35.17 38.80
CA ALA X 453 31.68 34.85 37.79
C ALA X 453 30.85 33.66 38.22
N GLY X 454 31.50 32.67 38.85
CA GLY X 454 30.77 31.55 39.41
C GLY X 454 29.75 31.98 40.45
N LEU X 455 30.16 32.87 41.36
CA LEU X 455 29.26 33.37 42.39
C LEU X 455 28.06 34.07 41.77
N THR X 456 28.32 34.91 40.76
CA THR X 456 27.23 35.61 40.11
C THR X 456 26.29 34.64 39.42
N ALA X 457 26.84 33.59 38.82
CA ALA X 457 26.02 32.57 38.19
C ALA X 457 25.17 31.85 39.22
N ALA X 458 25.76 31.55 40.38
CA ALA X 458 25.02 30.88 41.43
C ALA X 458 23.92 31.75 42.00
N ALA X 459 24.13 33.06 42.03
CA ALA X 459 23.08 33.94 42.55
C ALA X 459 21.98 34.14 41.53
N VAL X 460 22.34 34.33 40.27
CA VAL X 460 21.38 34.64 39.22
C VAL X 460 20.56 33.41 38.85
N VAL X 461 21.25 32.34 38.44
CA VAL X 461 20.61 31.29 37.64
C VAL X 461 19.38 30.64 38.28
N PRO X 462 19.38 30.26 39.57
CA PRO X 462 18.20 29.56 40.08
C PRO X 462 16.96 30.42 40.20
N ASN X 463 17.10 31.74 40.14
CA ASN X 463 15.96 32.60 40.30
C ASN X 463 15.34 33.00 38.96
N THR X 464 16.14 33.10 37.91
CA THR X 464 15.65 33.55 36.62
C THR X 464 14.97 32.44 35.84
N ILE X 465 14.14 32.86 34.88
CA ILE X 465 13.68 32.03 33.78
C ILE X 465 14.74 32.02 32.66
N TYR X 466 14.65 31.06 31.75
CA TYR X 466 15.47 31.09 30.56
C TYR X 466 14.73 30.55 29.36
N SER X 467 15.16 31.00 28.20
CA SER X 467 14.59 30.56 26.93
C SER X 467 15.02 29.13 26.65
N PRO X 468 14.09 28.24 26.33
CA PRO X 468 14.42 26.85 25.99
C PRO X 468 15.44 26.66 24.88
N LEU X 469 15.65 27.68 24.05
CA LEU X 469 16.78 27.65 23.13
C LEU X 469 18.10 27.73 23.88
N PHE X 470 18.24 28.75 24.73
CA PHE X 470 19.47 28.95 25.50
C PHE X 470 19.83 27.73 26.31
N ARG X 471 18.84 27.08 26.90
CA ARG X 471 19.08 25.83 27.63
C ARG X 471 19.72 24.76 26.74
N LYS X 472 19.35 24.70 25.46
CA LYS X 472 20.08 23.82 24.53
C LYS X 472 21.48 24.29 24.23
N ILE X 473 21.70 25.59 24.11
CA ILE X 473 23.10 26.03 23.95
C ILE X 473 23.93 25.63 25.15
N VAL X 474 23.42 25.88 26.35
CA VAL X 474 24.11 25.49 27.59
C VAL X 474 24.34 23.99 27.66
N GLU X 475 23.38 23.18 27.24
CA GLU X 475 23.62 21.74 27.17
C GLU X 475 24.71 21.40 26.17
N TRP X 476 24.54 21.84 24.94
CA TRP X 476 25.45 21.48 23.86
C TRP X 476 26.87 21.96 24.09
N ILE X 477 27.05 23.04 24.85
CA ILE X 477 28.38 23.48 25.27
C ILE X 477 29.17 22.34 25.92
N GLU X 478 28.49 21.50 26.70
CA GLU X 478 29.13 20.35 27.33
C GLU X 478 29.73 19.40 26.31
N TYR X 479 28.92 18.95 25.35
CA TYR X 479 29.40 18.00 24.35
C TYR X 479 30.46 18.64 23.47
N LEU X 480 30.23 19.88 23.04
CA LEU X 480 31.17 20.57 22.17
C LEU X 480 32.52 20.80 22.84
N CYS X 481 32.54 21.07 24.14
CA CYS X 481 33.82 21.20 24.81
C CYS X 481 34.42 19.86 25.20
N LEU X 482 33.60 18.81 25.26
CA LEU X 482 34.14 17.50 25.55
C LEU X 482 34.80 16.86 24.32
N MET X 483 34.19 16.99 23.15
CA MET X 483 34.69 16.28 21.97
C MET X 483 36.15 16.51 21.57
N PRO X 484 36.73 17.72 21.62
CA PRO X 484 38.12 17.89 21.17
C PRO X 484 39.19 17.21 22.01
N ILE X 485 38.90 16.75 23.23
CA ILE X 485 39.98 16.41 24.16
C ILE X 485 40.84 15.23 23.71
N PHE X 486 40.26 14.16 23.15
CA PHE X 486 41.10 13.06 22.67
C PHE X 486 42.05 13.46 21.54
N PRO X 487 41.61 14.06 20.42
CA PRO X 487 42.59 14.41 19.37
C PRO X 487 43.67 15.34 19.86
N LEU X 488 43.30 16.32 20.68
CA LEU X 488 44.30 17.19 21.30
C LEU X 488 45.24 16.39 22.19
N ALA X 489 44.73 15.40 22.91
CA ALA X 489 45.60 14.55 23.72
C ALA X 489 46.63 13.81 22.85
N LEU X 490 46.18 13.22 21.74
CA LEU X 490 47.11 12.57 20.82
C LEU X 490 48.11 13.57 20.23
N TRP X 491 47.70 14.83 20.08
CA TRP X 491 48.67 15.86 19.70
C TRP X 491 49.72 16.03 20.78
N LEU X 492 49.30 15.98 22.04
CA LEU X 492 50.28 16.07 23.12
C LEU X 492 51.22 14.87 23.16
N MET X 493 50.73 13.66 22.88
CA MET X 493 51.70 12.57 22.80
C MET X 493 52.54 12.55 21.54
N ASN X 494 52.19 13.37 20.52
CA ASN X 494 52.83 13.32 19.21
C ASN X 494 52.71 11.91 18.62
N VAL X 495 51.53 11.32 18.81
CA VAL X 495 51.19 10.06 18.16
C VAL X 495 51.09 10.30 16.67
N TYR X 496 50.47 11.40 16.31
CA TYR X 496 50.36 11.83 14.92
C TYR X 496 51.73 11.99 14.25
N GLU X 497 52.72 12.59 14.94
CA GLU X 497 54.02 12.75 14.29
C GLU X 497 54.81 11.45 14.22
N ALA X 498 54.72 10.62 15.25
CA ALA X 498 55.41 9.35 15.23
C ALA X 498 54.85 8.43 14.15
N ILE X 499 53.54 8.40 14.01
CA ILE X 499 52.91 7.60 12.97
C ILE X 499 53.05 8.26 11.60
N ARG X 500 53.25 9.57 11.56
CA ARG X 500 53.70 10.22 10.34
C ARG X 500 55.07 9.69 9.94
N TYR X 501 55.93 9.37 10.91
CA TYR X 501 57.34 9.08 10.62
C TYR X 501 57.71 7.61 10.81
N ARG X 502 57.28 6.96 11.88
CA ARG X 502 57.53 5.52 12.03
C ARG X 502 56.69 4.75 11.03
N GLY Y 12 18.94 -18.40 37.54
CA GLY Y 12 19.81 -18.30 36.40
C GLY Y 12 21.23 -17.95 36.77
N TYR Y 13 21.91 -18.90 37.38
CA TYR Y 13 23.31 -18.79 37.74
C TYR Y 13 24.20 -19.08 36.53
N GLY Y 14 25.49 -18.92 36.74
CA GLY Y 14 26.46 -19.46 35.80
C GLY Y 14 26.55 -18.69 34.50
N LEU Y 15 27.30 -19.26 33.58
CA LEU Y 15 27.61 -18.63 32.30
C LEU Y 15 26.67 -19.06 31.18
N GLY Y 16 25.41 -19.28 31.51
CA GLY Y 16 24.45 -19.71 30.51
C GLY Y 16 24.26 -18.67 29.43
N LEU Y 17 23.72 -19.09 28.29
CA LEU Y 17 23.54 -18.18 27.16
C LEU Y 17 22.51 -17.11 27.47
N SER Y 18 22.59 -16.02 26.72
CA SER Y 18 21.65 -14.92 26.83
C SER Y 18 21.41 -14.30 25.45
N THR Y 19 20.20 -13.80 25.26
CA THR Y 19 19.83 -13.21 23.98
C THR Y 19 20.18 -11.72 23.98
N ARG Y 20 20.34 -11.18 22.78
CA ARG Y 20 20.65 -9.75 22.61
C ARG Y 20 19.57 -8.85 23.17
N THR Y 21 18.31 -9.26 23.11
CA THR Y 21 17.24 -8.49 23.77
C THR Y 21 17.42 -8.44 25.28
N GLN Y 22 18.03 -9.46 25.87
CA GLN Y 22 18.40 -9.38 27.28
C GLN Y 22 19.61 -8.50 27.48
N VAL Y 23 20.53 -8.46 26.54
CA VAL Y 23 21.69 -7.58 26.67
C VAL Y 23 21.25 -6.13 26.71
N THR Y 24 20.37 -5.74 25.79
CA THR Y 24 19.86 -4.38 25.84
C THR Y 24 18.96 -4.15 27.04
N GLY Y 25 18.19 -5.16 27.45
CA GLY Y 25 17.38 -5.01 28.65
C GLY Y 25 18.17 -4.78 29.92
N TYR Y 26 19.29 -5.49 30.06
CA TYR Y 26 20.19 -5.22 31.16
C TYR Y 26 20.85 -3.87 31.04
N GLN Y 27 21.36 -3.52 29.87
CA GLN Y 27 21.99 -2.20 29.74
C GLN Y 27 21.01 -1.08 30.05
N PHE Y 28 19.74 -1.23 29.67
CA PHE Y 28 18.71 -0.29 30.09
C PHE Y 28 18.55 -0.23 31.60
N LEU Y 29 18.45 -1.37 32.27
CA LEU Y 29 18.35 -1.33 33.72
C LEU Y 29 19.60 -0.78 34.38
N ALA Y 30 20.77 -0.96 33.77
CA ALA Y 30 21.98 -0.35 34.28
C ALA Y 30 21.93 1.16 34.17
N ARG Y 31 21.50 1.68 33.03
CA ARG Y 31 21.40 3.12 32.88
C ARG Y 31 20.36 3.70 33.82
N ARG Y 32 19.19 3.08 33.91
CA ARG Y 32 18.18 3.55 34.85
C ARG Y 32 18.65 3.53 36.29
N THR Y 33 19.42 2.51 36.68
CA THR Y 33 19.95 2.49 38.03
C THR Y 33 21.03 3.56 38.21
N ALA Y 34 21.83 3.81 37.18
CA ALA Y 34 22.84 4.87 37.26
C ALA Y 34 22.18 6.23 37.43
N MET Y 35 21.10 6.48 36.68
CA MET Y 35 20.38 7.72 36.85
C MET Y 35 19.71 7.80 38.21
N ALA Y 36 19.24 6.67 38.74
CA ALA Y 36 18.70 6.69 40.09
C ALA Y 36 19.79 6.94 41.11
N LEU Y 37 21.03 6.63 40.77
CA LEU Y 37 22.13 6.83 41.69
C LEU Y 37 22.66 8.26 41.69
N THR Y 38 22.89 8.84 40.52
CA THR Y 38 23.47 10.18 40.50
C THR Y 38 22.44 11.25 40.71
N ARG Y 39 21.33 11.17 39.98
CA ARG Y 39 20.17 11.94 40.35
C ARG Y 39 19.25 11.09 41.18
N TRP Y 40 18.17 11.63 41.68
CA TRP Y 40 17.26 10.95 42.60
C TRP Y 40 15.88 10.95 42.00
N ARG Y 41 15.85 10.98 40.67
CA ARG Y 41 14.65 10.88 39.87
C ARG Y 41 14.89 9.72 38.92
N VAL Y 42 13.82 9.02 38.55
CA VAL Y 42 13.89 7.97 37.55
C VAL Y 42 13.00 8.20 36.36
N ARG Y 43 12.26 9.31 36.31
CA ARG Y 43 11.65 9.70 35.05
C ARG Y 43 12.75 9.88 34.01
N MET Y 44 12.62 9.14 32.92
CA MET Y 44 13.77 8.81 32.08
C MET Y 44 13.51 9.18 30.61
N GLU Y 45 12.50 10.01 30.37
CA GLU Y 45 12.11 10.42 29.02
C GLU Y 45 13.26 11.03 28.23
N VAL Y 46 14.23 11.65 28.90
CA VAL Y 46 15.47 12.07 28.26
C VAL Y 46 16.59 11.75 29.23
N GLU Y 47 17.76 11.51 28.69
CA GLU Y 47 18.88 11.05 29.51
C GLU Y 47 20.21 11.59 29.00
N PRO Y 48 20.82 12.50 29.75
CA PRO Y 48 22.04 13.13 29.28
C PRO Y 48 23.24 12.22 29.40
N GLY Y 49 23.16 11.20 30.24
CA GLY Y 49 24.23 10.22 30.37
C GLY Y 49 24.63 9.62 29.05
N ARG Y 50 23.63 9.10 28.32
CA ARG Y 50 23.88 8.59 26.97
C ARG Y 50 24.49 9.68 26.09
N ARG Y 51 23.89 10.87 26.07
CA ARG Y 51 24.36 11.94 25.21
C ARG Y 51 25.85 12.25 25.41
N GLN Y 52 26.28 12.34 26.66
CA GLN Y 52 27.69 12.65 26.86
C GLN Y 52 28.60 11.45 26.68
N VAL Y 53 28.15 10.23 26.93
CA VAL Y 53 29.05 9.13 26.57
C VAL Y 53 29.17 9.02 25.05
N LEU Y 54 28.13 9.41 24.31
CA LEU Y 54 28.27 9.57 22.86
C LEU Y 54 29.28 10.64 22.51
N ALA Y 55 29.32 11.72 23.28
CA ALA Y 55 30.35 12.74 23.06
C ALA Y 55 31.74 12.20 23.32
N VAL Y 56 31.89 11.34 24.32
CA VAL Y 56 33.16 10.66 24.54
C VAL Y 56 33.52 9.78 23.36
N VAL Y 57 32.55 9.01 22.88
CA VAL Y 57 32.76 8.15 21.72
C VAL Y 57 33.19 8.96 20.51
N ALA Y 58 32.57 10.12 20.30
CA ALA Y 58 32.99 11.04 19.24
C ALA Y 58 34.44 11.49 19.42
N SER Y 59 34.86 11.75 20.67
CA SER Y 59 36.24 12.13 20.92
C SER Y 59 37.21 11.02 20.56
N VAL Y 60 36.90 9.80 20.97
CA VAL Y 60 37.78 8.67 20.73
C VAL Y 60 37.86 8.33 19.25
N SER Y 61 36.70 8.27 18.58
CA SER Y 61 36.69 7.99 17.15
C SER Y 61 37.39 9.08 16.35
N ALA Y 62 37.26 10.35 16.74
CA ALA Y 62 38.03 11.40 16.08
C ALA Y 62 39.53 11.24 16.26
N ALA Y 63 39.97 10.87 17.46
CA ALA Y 63 41.39 10.61 17.66
C ALA Y 63 41.89 9.43 16.83
N GLY Y 64 41.10 8.36 16.75
CA GLY Y 64 41.43 7.23 15.89
C GLY Y 64 41.55 7.60 14.42
N VAL Y 65 40.54 8.31 13.91
CA VAL Y 65 40.54 8.80 12.53
C VAL Y 65 41.79 9.64 12.25
N ILE Y 66 42.10 10.59 13.12
CA ILE Y 66 43.30 11.42 12.86
C ILE Y 66 44.57 10.57 12.93
N CYS Y 67 44.59 9.56 13.80
CA CYS Y 67 45.73 8.63 13.85
C CYS Y 67 45.91 7.87 12.55
N LEU Y 68 44.81 7.40 11.95
CA LEU Y 68 44.89 6.81 10.62
C LEU Y 68 45.35 7.82 9.57
N GLY Y 69 44.77 9.02 9.57
CA GLY Y 69 45.20 10.08 8.66
C GLY Y 69 46.67 10.44 8.80
N ALA Y 70 47.24 10.21 9.97
CA ALA Y 70 48.67 10.35 10.22
C ALA Y 70 49.47 9.18 9.66
N LEU Y 71 48.86 8.00 9.60
CA LEU Y 71 49.57 6.81 9.15
C LEU Y 71 49.93 6.90 7.67
N LEU Y 72 49.08 7.53 6.85
CA LEU Y 72 49.22 7.56 5.41
C LEU Y 72 50.41 8.39 4.91
N TRP Y 73 51.11 9.09 5.78
CA TRP Y 73 52.26 9.86 5.35
C TRP Y 73 53.52 9.01 5.40
N SER Y 74 54.38 9.19 4.39
CA SER Y 74 55.69 8.52 4.33
C SER Y 74 56.66 9.32 3.47
N ASP Z 95 -26.24 100.77 15.35
CA ASP Z 95 -26.65 99.36 15.43
C ASP Z 95 -27.52 99.14 16.66
N HIS Z 96 -28.19 97.99 16.70
CA HIS Z 96 -29.15 97.70 17.75
C HIS Z 96 -29.28 96.19 17.92
N GLN Z 97 -29.78 95.77 19.09
CA GLN Z 97 -30.09 94.37 19.33
C GLN Z 97 -31.23 94.29 20.34
N ARG Z 98 -32.03 93.23 20.26
CA ARG Z 98 -32.79 92.71 21.40
C ARG Z 98 -32.37 91.25 21.53
N ARG Z 99 -32.02 90.83 22.74
CA ARG Z 99 -31.43 89.52 22.94
C ARG Z 99 -32.33 88.60 23.76
N PHE Z 100 -31.85 87.36 23.93
CA PHE Z 100 -32.35 86.33 24.84
C PHE Z 100 -32.43 86.79 26.30
N GLY Z 101 -31.79 87.91 26.60
CA GLY Z 101 -31.95 88.63 27.86
C GLY Z 101 -33.25 89.38 28.05
N HIS Z 102 -33.13 90.57 28.63
CA HIS Z 102 -34.26 91.30 29.20
C HIS Z 102 -34.48 92.68 28.59
N ASP Z 103 -33.44 93.33 28.10
CA ASP Z 103 -33.56 94.68 27.57
C ASP Z 103 -33.12 94.70 26.11
N VAL Z 104 -33.70 95.65 25.37
CA VAL Z 104 -33.13 96.13 24.12
C VAL Z 104 -31.89 96.98 24.38
N VAL Z 105 -30.87 96.81 23.54
CA VAL Z 105 -29.57 97.48 23.73
C VAL Z 105 -29.11 98.07 22.40
N GLY Z 106 -28.83 99.36 22.40
CA GLY Z 106 -28.16 99.99 21.27
C GLY Z 106 -26.66 99.81 21.32
N ILE Z 107 -26.05 99.61 20.16
CA ILE Z 107 -24.60 99.47 20.05
C ILE Z 107 -24.12 100.37 18.91
N ARG Z 108 -22.96 100.99 19.09
CA ARG Z 108 -22.25 101.64 18.00
C ARG Z 108 -20.88 100.99 17.81
N GLU Z 109 -20.39 101.00 16.57
CA GLU Z 109 -19.08 100.47 16.26
C GLU Z 109 -18.38 101.37 15.25
N TYR Z 110 -17.07 101.54 15.44
CA TYR Z 110 -16.22 102.25 14.49
C TYR Z 110 -14.83 101.62 14.40
N GLN Z 111 -14.25 101.33 15.56
CA GLN Z 111 -12.96 100.65 15.68
C GLN Z 111 -12.96 99.76 16.91
N GLY Z 112 -14.07 99.08 17.15
CA GLY Z 112 -14.43 98.59 18.46
C GLY Z 112 -15.81 99.09 18.84
N GLN Z 113 -16.40 98.43 19.83
CA GLN Z 113 -17.79 98.64 20.18
C GLN Z 113 -17.98 99.62 21.33
N LEU Z 114 -19.06 100.39 21.23
CA LEU Z 114 -19.41 101.42 22.20
C LEU Z 114 -20.86 101.22 22.60
N VAL Z 115 -21.15 101.39 23.89
CA VAL Z 115 -22.50 101.28 24.43
C VAL Z 115 -22.57 102.20 25.64
N ALA Z 116 -23.79 102.66 25.96
CA ALA Z 116 -23.94 103.55 27.11
C ALA Z 116 -25.19 103.23 27.91
N VAL Z 117 -25.10 103.49 29.21
CA VAL Z 117 -26.18 103.29 30.16
C VAL Z 117 -26.41 104.61 30.90
N VAL Z 118 -27.67 105.02 31.01
CA VAL Z 118 -28.08 106.15 31.82
C VAL Z 118 -28.34 105.68 33.24
N THR Z 119 -28.02 106.53 34.22
CA THR Z 119 -28.44 106.28 35.59
C THR Z 119 -28.82 107.60 36.27
N VAL Z 120 -29.74 107.49 37.22
CA VAL Z 120 -30.32 108.65 37.88
C VAL Z 120 -29.42 109.15 39.00
N TRP Z 140 -26.48 112.35 47.32
CA TRP Z 140 -26.98 111.76 46.08
C TRP Z 140 -26.02 110.72 45.55
N LEU Z 141 -24.78 110.78 46.03
CA LEU Z 141 -23.64 110.18 45.35
C LEU Z 141 -23.80 108.66 45.23
N PRO Z 142 -23.51 108.08 44.06
CA PRO Z 142 -23.58 106.63 43.91
C PRO Z 142 -22.26 106.00 44.32
N VAL Z 143 -22.22 104.66 44.30
CA VAL Z 143 -21.00 103.96 44.67
C VAL Z 143 -19.99 104.08 43.54
N GLU Z 144 -18.71 104.15 43.91
CA GLU Z 144 -17.61 104.24 42.95
C GLU Z 144 -17.12 102.89 42.45
N ALA Z 145 -17.58 101.78 43.03
CA ALA Z 145 -16.89 100.50 42.90
C ALA Z 145 -17.15 99.79 41.58
N VAL Z 146 -17.67 100.47 40.55
CA VAL Z 146 -17.94 99.86 39.25
C VAL Z 146 -16.67 99.42 38.51
N ALA Z 147 -15.49 99.78 39.03
CA ALA Z 147 -14.22 99.30 38.50
C ALA Z 147 -14.14 97.78 38.38
N ALA Z 148 -14.76 97.05 39.31
CA ALA Z 148 -14.77 95.58 39.22
C ALA Z 148 -15.49 95.10 37.96
N ARG Z 149 -16.51 95.83 37.50
CA ARG Z 149 -17.24 95.37 36.32
C ARG Z 149 -16.49 95.57 35.02
N LEU Z 150 -15.32 96.22 35.05
CA LEU Z 150 -14.43 96.17 33.90
C LEU Z 150 -13.92 94.75 33.65
N ARG Z 151 -13.80 93.96 34.71
CA ARG Z 151 -13.34 92.58 34.65
C ARG Z 151 -14.48 91.64 35.04
N GLN Z 152 -15.40 91.41 34.10
CA GLN Z 152 -16.47 90.44 34.34
C GLN Z 152 -15.92 89.01 34.33
N PHE Z 153 -16.83 88.03 34.47
CA PHE Z 153 -16.45 86.63 34.54
C PHE Z 153 -15.73 86.11 33.30
N ASP Z 154 -15.85 86.77 32.16
CA ASP Z 154 -15.14 86.28 30.99
C ASP Z 154 -14.66 87.44 30.12
N VAL Z 155 -15.53 88.39 29.83
CA VAL Z 155 -15.17 89.52 28.99
C VAL Z 155 -14.18 90.43 29.72
N ARG Z 156 -13.38 91.15 28.93
CA ARG Z 156 -12.49 92.17 29.45
C ARG Z 156 -12.77 93.45 28.66
N LEU Z 157 -13.38 94.42 29.33
CA LEU Z 157 -13.72 95.70 28.72
C LEU Z 157 -12.50 96.63 28.70
N ASP Z 158 -12.53 97.57 27.74
CA ASP Z 158 -11.39 98.46 27.56
C ASP Z 158 -11.38 99.58 28.59
N ALA Z 159 -12.53 100.20 28.84
CA ALA Z 159 -12.60 101.27 29.81
C ALA Z 159 -14.02 101.41 30.32
N ILE Z 160 -14.14 101.90 31.54
CA ILE Z 160 -15.41 102.41 32.08
C ILE Z 160 -15.25 103.91 32.23
N ASP Z 161 -16.10 104.65 31.53
CA ASP Z 161 -16.14 106.11 31.65
C ASP Z 161 -17.46 106.53 32.27
N ILE Z 162 -17.38 107.16 33.45
CA ILE Z 162 -18.49 107.90 34.01
C ILE Z 162 -18.61 109.21 33.25
N VAL Z 163 -19.80 109.54 32.77
CA VAL Z 163 -20.04 110.78 32.05
C VAL Z 163 -21.20 111.51 32.72
N SER Z 164 -21.10 112.84 32.83
CA SER Z 164 -22.18 113.65 33.37
C SER Z 164 -22.17 115.02 32.73
N VAL Z 165 -23.36 115.61 32.61
CA VAL Z 165 -23.57 116.86 31.90
C VAL Z 165 -24.74 117.58 32.55
N GLY Z 166 -24.71 118.90 32.54
CA GLY Z 166 -25.81 119.67 33.08
C GLY Z 166 -25.45 121.14 33.22
N THR Z 167 -26.31 121.86 33.93
CA THR Z 167 -26.06 123.27 34.25
C THR Z 167 -25.45 123.42 35.64
N ASP Z 194 -29.63 122.80 36.44
CA ASP Z 194 -30.58 122.31 35.46
C ASP Z 194 -29.97 121.21 34.59
N GLU Z 195 -30.85 120.43 33.95
CA GLU Z 195 -30.53 119.40 32.94
C GLU Z 195 -29.45 118.42 33.42
N HIS Z 196 -29.42 118.14 34.73
CA HIS Z 196 -28.44 117.21 35.30
C HIS Z 196 -28.65 115.83 34.71
N HIS Z 197 -27.69 115.38 33.91
CA HIS Z 197 -27.67 114.05 33.31
C HIS Z 197 -26.39 113.34 33.69
N THR Z 198 -26.48 112.02 33.87
CA THR Z 198 -25.32 111.22 34.27
C THR Z 198 -25.33 109.90 33.51
N TRP Z 199 -24.15 109.47 33.04
CA TRP Z 199 -24.03 108.39 32.07
C TRP Z 199 -22.81 107.53 32.38
N LEU Z 200 -22.89 106.27 31.99
CA LEU Z 200 -21.74 105.39 31.81
C LEU Z 200 -21.60 105.11 30.32
N VAL Z 201 -20.44 105.38 29.74
CA VAL Z 201 -20.11 104.90 28.40
C VAL Z 201 -18.97 103.89 28.50
N LEU Z 202 -19.15 102.73 27.85
CA LEU Z 202 -18.24 101.59 27.97
C LEU Z 202 -17.60 101.31 26.63
N ARG Z 203 -16.31 101.00 26.65
CA ARG Z 203 -15.56 100.59 25.48
C ARG Z 203 -15.13 99.13 25.65
N MET Z 204 -15.32 98.32 24.60
CA MET Z 204 -14.91 96.92 24.61
C MET Z 204 -14.38 96.53 23.24
N ASP Z 205 -13.12 96.08 23.22
CA ASP Z 205 -12.50 95.56 22.01
C ASP Z 205 -12.85 94.09 21.83
N PRO Z 206 -13.55 93.72 20.76
CA PRO Z 206 -13.75 92.28 20.45
C PRO Z 206 -12.46 91.50 20.31
N GLN Z 207 -11.40 92.09 19.78
CA GLN Z 207 -10.19 91.32 19.49
C GLN Z 207 -9.40 91.00 20.76
N ARG Z 208 -9.64 91.71 21.84
CA ARG Z 208 -9.13 91.31 23.15
C ARG Z 208 -10.07 90.33 23.84
N ASN Z 209 -11.25 90.09 23.26
CA ASN Z 209 -12.33 89.35 23.90
C ASN Z 209 -12.78 88.14 23.07
N VAL Z 210 -12.01 87.76 22.04
CA VAL Z 210 -12.38 86.70 21.11
C VAL Z 210 -12.66 85.38 21.82
N ALA Z 211 -11.86 85.05 22.85
CA ALA Z 211 -12.07 83.84 23.63
C ALA Z 211 -13.46 83.81 24.28
N ALA Z 212 -13.99 84.98 24.63
CA ALA Z 212 -15.36 85.07 25.15
C ALA Z 212 -16.40 85.05 24.04
N VAL Z 213 -16.18 85.85 22.99
CA VAL Z 213 -17.14 85.97 21.90
C VAL Z 213 -17.39 84.64 21.21
N ALA Z 214 -16.31 83.85 21.05
CA ALA Z 214 -16.39 82.56 20.37
C ALA Z 214 -17.36 81.60 21.04
N ALA Z 215 -17.59 81.75 22.34
CA ALA Z 215 -18.57 80.94 23.05
C ALA Z 215 -20.00 81.40 22.83
N ARG Z 216 -20.19 82.61 22.30
CA ARG Z 216 -21.50 83.25 22.29
C ARG Z 216 -21.96 83.44 20.85
N ASP Z 217 -23.27 83.56 20.68
CA ASP Z 217 -23.84 83.62 19.34
C ASP Z 217 -23.65 84.96 18.63
N SER Z 218 -23.11 85.97 19.31
CA SER Z 218 -22.79 87.23 18.66
C SER Z 218 -21.88 88.06 19.56
N VAL Z 219 -21.00 88.83 18.93
CA VAL Z 219 -20.21 89.84 19.64
C VAL Z 219 -21.11 90.90 20.25
N ALA Z 220 -22.12 91.34 19.50
CA ALA Z 220 -23.08 92.29 20.03
C ALA Z 220 -23.84 91.69 21.20
N ALA Z 221 -24.26 90.43 21.08
CA ALA Z 221 -24.95 89.77 22.19
C ALA Z 221 -24.07 89.68 23.42
N THR Z 222 -22.76 89.48 23.21
CA THR Z 222 -21.78 89.48 24.29
C THR Z 222 -21.78 90.79 25.06
N LEU Z 223 -21.61 91.92 24.34
CA LEU Z 223 -21.53 93.20 25.05
C LEU Z 223 -22.89 93.64 25.57
N ALA Z 224 -23.96 93.30 24.86
CA ALA Z 224 -25.32 93.55 25.34
C ALA Z 224 -25.55 92.86 26.68
N ALA Z 225 -25.19 91.58 26.78
CA ALA Z 225 -25.28 90.87 28.05
C ALA Z 225 -24.44 91.55 29.13
N ALA Z 226 -23.18 91.89 28.82
CA ALA Z 226 -22.32 92.51 29.83
C ALA Z 226 -22.82 93.87 30.29
N THR Z 227 -23.47 94.62 29.42
CA THR Z 227 -24.06 95.89 29.85
C THR Z 227 -25.35 95.68 30.61
N GLU Z 228 -26.19 94.72 30.21
CA GLU Z 228 -27.34 94.36 31.03
C GLU Z 228 -26.92 93.93 32.43
N ARG Z 229 -25.82 93.21 32.54
CA ARG Z 229 -25.22 92.88 33.84
C ARG Z 229 -24.91 94.13 34.67
N LEU Z 230 -24.26 95.11 34.05
CA LEU Z 230 -23.96 96.36 34.76
C LEU Z 230 -25.23 97.14 35.11
N ALA Z 231 -26.20 97.17 34.20
CA ALA Z 231 -27.46 97.86 34.44
C ALA Z 231 -28.23 97.24 35.60
N HIS Z 232 -28.38 95.91 35.59
CA HIS Z 232 -29.04 95.21 36.67
C HIS Z 232 -28.26 95.30 37.98
N ASP Z 233 -26.94 95.50 37.91
CA ASP Z 233 -26.18 95.67 39.14
C ASP Z 233 -26.43 97.05 39.74
N LEU Z 234 -26.48 98.07 38.90
CA LEU Z 234 -26.77 99.43 39.38
C LEU Z 234 -28.23 99.58 39.79
N ASN Z 235 -29.14 98.90 39.10
CA ASN Z 235 -30.57 99.09 39.33
C ASN Z 235 -30.99 98.44 40.64
N GLY Z 236 -31.91 99.08 41.34
CA GLY Z 236 -32.44 98.53 42.58
C GLY Z 236 -32.52 99.57 43.69
N ARG Z 237 -31.57 100.50 43.69
CA ARG Z 237 -31.51 101.58 44.67
C ARG Z 237 -32.39 102.74 44.20
N ARG Z 238 -32.19 103.92 44.78
CA ARG Z 238 -32.87 105.13 44.33
C ARG Z 238 -32.59 105.41 42.86
N TRP Z 239 -31.36 105.19 42.43
CA TRP Z 239 -31.00 105.36 41.03
C TRP Z 239 -31.38 104.11 40.24
N THR Z 240 -32.02 104.32 39.10
CA THR Z 240 -32.36 103.26 38.16
C THR Z 240 -31.42 103.34 36.96
N ALA Z 241 -31.35 102.23 36.21
CA ALA Z 241 -30.42 102.16 35.08
C ALA Z 241 -31.02 101.29 33.99
N ARG Z 242 -30.72 101.67 32.74
CA ARG Z 242 -31.13 100.92 31.56
C ARG Z 242 -30.12 101.17 30.46
N PRO Z 243 -29.94 100.23 29.53
CA PRO Z 243 -29.21 100.55 28.30
C PRO Z 243 -29.96 101.56 27.44
N LEU Z 244 -29.19 102.42 26.78
CA LEU Z 244 -29.75 103.35 25.81
C LEU Z 244 -30.10 102.64 24.50
N THR Z 245 -31.21 103.05 23.89
CA THR Z 245 -31.41 102.85 22.46
C THR Z 245 -30.45 103.73 21.66
N SER Z 246 -29.97 103.20 20.51
CA SER Z 246 -28.98 103.92 19.70
C SER Z 246 -29.49 105.28 19.24
N SER Z 247 -30.80 105.42 19.01
CA SER Z 247 -31.39 106.74 18.78
C SER Z 247 -31.13 107.66 19.96
N GLU Z 248 -31.46 107.20 21.18
CA GLU Z 248 -31.12 107.95 22.37
C GLU Z 248 -29.61 108.06 22.58
N ILE Z 249 -28.80 107.18 22.00
CA ILE Z 249 -27.35 107.36 22.06
C ILE Z 249 -26.94 108.59 21.24
N ASP Z 250 -27.53 108.76 20.06
CA ASP Z 250 -27.30 109.98 19.29
C ASP Z 250 -27.87 111.22 19.99
N ASP Z 251 -28.99 111.06 20.69
CA ASP Z 251 -29.50 112.12 21.55
C ASP Z 251 -28.51 112.50 22.65
N MET Z 252 -27.91 111.49 23.28
CA MET Z 252 -26.92 111.71 24.33
C MET Z 252 -25.67 112.41 23.78
N ASP Z 253 -25.22 112.00 22.59
CA ASP Z 253 -24.12 112.67 21.92
C ASP Z 253 -24.44 114.15 21.64
N ALA Z 254 -25.66 114.41 21.17
CA ALA Z 254 -26.09 115.80 20.95
C ALA Z 254 -26.09 116.59 22.25
N THR Z 255 -26.59 116.00 23.34
CA THR Z 255 -26.66 116.75 24.59
C THR Z 255 -25.28 116.92 25.21
N VAL Z 256 -24.36 116.00 24.93
CA VAL Z 256 -22.98 116.15 25.38
C VAL Z 256 -22.30 117.29 24.63
N LEU Z 257 -22.63 117.47 23.35
CA LEU Z 257 -22.02 118.56 22.60
C LEU Z 257 -22.66 119.90 22.96
N ALA Z 258 -23.97 120.01 22.80
CA ALA Z 258 -24.74 121.25 22.99
C ALA Z 258 -24.17 122.41 22.18
N GLY Z 259 -23.68 122.12 20.97
CA GLY Z 259 -23.04 123.12 20.15
C GLY Z 259 -21.77 122.63 19.49
N TRP Z 288 -12.86 124.11 30.07
CA TRP Z 288 -11.78 123.75 29.15
C TRP Z 288 -10.46 123.58 29.90
N VAL Z 289 -10.56 123.52 31.22
CA VAL Z 289 -9.38 123.59 32.09
C VAL Z 289 -8.60 122.29 32.09
N SER Z 290 -7.47 122.29 32.79
CA SER Z 290 -6.51 121.18 32.82
C SER Z 290 -7.16 119.87 33.24
N PRO Z 291 -6.69 118.74 32.72
CA PRO Z 291 -6.98 117.46 33.39
C PRO Z 291 -6.35 117.42 34.77
N ARG Z 292 -7.08 116.88 35.72
CA ARG Z 292 -6.71 116.97 37.13
C ARG Z 292 -5.97 115.71 37.57
N ASP Z 293 -4.87 115.89 38.30
CA ASP Z 293 -4.06 114.77 38.74
C ASP Z 293 -4.70 114.06 39.92
N ILE Z 294 -5.12 114.80 40.93
CA ILE Z 294 -5.82 114.26 42.09
C ILE Z 294 -7.25 114.75 42.04
N THR Z 295 -8.21 113.81 42.13
CA THR Z 295 -9.57 114.05 41.65
C THR Z 295 -10.65 113.68 42.65
N SER Z 296 -10.37 112.79 43.61
CA SER Z 296 -11.41 112.07 44.36
C SER Z 296 -12.34 113.03 45.11
N GLU Z 297 -11.79 114.12 45.65
CA GLU Z 297 -12.57 115.11 46.38
C GLU Z 297 -13.19 116.14 45.45
N THR Z 298 -12.69 116.25 44.22
CA THR Z 298 -12.95 117.41 43.38
C THR Z 298 -14.37 117.45 42.82
N LEU Z 299 -14.99 116.29 42.57
CA LEU Z 299 -16.14 116.19 41.64
C LEU Z 299 -17.27 117.14 41.97
N GLU Z 300 -17.78 117.10 43.20
CA GLU Z 300 -18.90 117.95 43.60
C GLU Z 300 -18.59 119.44 43.65
N ARG Z 301 -17.33 119.86 43.78
CA ARG Z 301 -17.03 121.30 43.65
C ARG Z 301 -16.63 121.72 42.25
N LEU Z 302 -16.14 120.80 41.42
CA LEU Z 302 -15.78 121.11 40.04
C LEU Z 302 -17.00 121.39 39.17
N TRP Z 303 -18.20 121.01 39.63
CA TRP Z 303 -19.45 121.47 39.02
C TRP Z 303 -19.75 122.94 39.30
N LEU Z 304 -19.18 123.52 40.37
CA LEU Z 304 -19.60 124.84 40.82
C LEU Z 304 -19.27 126.05 39.94
N PRO Z 305 -18.14 126.11 39.18
CA PRO Z 305 -17.89 127.28 38.34
C PRO Z 305 -19.01 127.59 37.34
N ASP Z 306 -19.30 128.88 37.21
CA ASP Z 306 -20.44 129.38 36.46
C ASP Z 306 -20.28 129.09 34.96
N THR Z 307 -21.27 128.40 34.39
CA THR Z 307 -21.29 128.12 32.96
C THR Z 307 -22.72 127.85 32.53
N GLU Z 308 -22.97 128.04 31.24
CA GLU Z 308 -24.22 127.59 30.65
C GLU Z 308 -24.27 126.08 30.49
N ALA Z 309 -23.12 125.44 30.27
CA ALA Z 309 -23.06 123.99 30.17
C ALA Z 309 -21.75 123.51 30.74
N THR Z 310 -21.81 122.43 31.51
CA THR Z 310 -20.63 121.73 31.99
C THR Z 310 -20.75 120.26 31.59
N ALA Z 311 -19.62 119.69 31.17
CA ALA Z 311 -19.50 118.25 30.96
C ALA Z 311 -18.39 117.74 31.86
N VAL Z 312 -18.73 116.76 32.69
CA VAL Z 312 -17.82 116.24 33.71
C VAL Z 312 -17.77 114.74 33.54
N THR Z 313 -16.56 114.19 33.50
CA THR Z 313 -16.37 112.78 33.19
C THR Z 313 -15.13 112.24 33.89
N VAL Z 314 -15.17 110.93 34.19
CA VAL Z 314 -14.11 110.21 34.88
C VAL Z 314 -13.84 108.92 34.11
N ARG Z 315 -12.56 108.57 33.95
CA ARG Z 315 -12.14 107.42 33.17
C ARG Z 315 -11.46 106.38 34.05
N LEU Z 316 -11.78 105.10 33.79
CA LEU Z 316 -11.19 103.95 34.48
C LEU Z 316 -10.58 103.02 33.45
N ARG Z 317 -9.31 102.66 33.64
CA ARG Z 317 -8.62 101.81 32.67
C ARG Z 317 -7.79 100.74 33.37
N PRO Z 318 -7.63 99.57 32.74
CA PRO Z 318 -6.89 98.44 33.35
C PRO Z 318 -5.37 98.50 33.17
N ARG Z 319 -4.73 99.44 33.87
CA ARG Z 319 -3.29 99.63 33.74
C ARG Z 319 -2.51 98.38 34.15
N HIS Z 320 -2.91 97.74 35.23
CA HIS Z 320 -2.47 96.40 35.61
C HIS Z 320 -3.69 95.64 36.08
N GLY Z 321 -3.48 94.62 36.92
CA GLY Z 321 -4.59 93.95 37.58
C GLY Z 321 -5.47 94.86 38.43
N GLY Z 322 -4.98 96.04 38.79
CA GLY Z 322 -5.80 97.06 39.38
C GLY Z 322 -6.53 97.87 38.32
N VAL Z 323 -7.15 98.97 38.76
CA VAL Z 323 -7.78 99.93 37.87
C VAL Z 323 -7.35 101.33 38.31
N GLU Z 324 -6.92 102.14 37.36
CA GLU Z 324 -6.38 103.47 37.63
C GLU Z 324 -7.24 104.52 36.95
N VAL Z 325 -7.21 105.72 37.51
CA VAL Z 325 -8.28 106.69 37.33
C VAL Z 325 -7.70 107.97 36.72
N SER Z 326 -8.48 108.57 35.82
CA SER Z 326 -8.22 109.92 35.32
C SER Z 326 -9.55 110.61 35.13
N ALA Z 327 -9.54 111.94 35.25
CA ALA Z 327 -10.74 112.75 35.11
C ALA Z 327 -10.41 114.03 34.35
N TRP Z 328 -11.38 114.50 33.57
CA TRP Z 328 -11.25 115.78 32.89
C TRP Z 328 -12.63 116.40 32.72
N VAL Z 329 -12.64 117.68 32.35
CA VAL Z 329 -13.86 118.49 32.32
C VAL Z 329 -13.68 119.52 31.20
N ARG Z 330 -14.79 120.01 30.67
CA ARG Z 330 -14.79 121.26 29.92
C ARG Z 330 -16.04 122.05 30.25
N TYR Z 331 -15.95 123.37 30.06
CA TYR Z 331 -17.06 124.29 30.25
C TYR Z 331 -17.34 125.02 28.95
N HIS Z 332 -18.63 125.29 28.72
CA HIS Z 332 -19.15 125.80 27.45
C HIS Z 332 -18.64 125.02 26.23
N PRO AA 18 -19.34 85.43 56.34
CA PRO AA 18 -18.17 84.70 55.85
C PRO AA 18 -17.91 84.98 54.38
N GLN AA 19 -16.85 84.41 53.82
CA GLN AA 19 -16.53 84.64 52.43
C GLN AA 19 -17.56 83.98 51.52
N ALA AA 20 -17.78 84.60 50.37
CA ALA AA 20 -18.54 83.99 49.29
C ALA AA 20 -17.93 84.38 47.96
N ALA AA 21 -17.89 83.43 47.02
CA ALA AA 21 -17.42 83.70 45.68
C ALA AA 21 -18.62 83.87 44.75
N VAL AA 22 -18.65 84.98 44.02
CA VAL AA 22 -19.49 85.08 42.84
C VAL AA 22 -18.77 84.45 41.66
N VAL AA 23 -19.44 83.54 40.98
CA VAL AA 23 -18.89 82.83 39.82
C VAL AA 23 -20.00 82.62 38.82
N ALA AA 24 -19.62 82.54 37.54
CA ALA AA 24 -20.57 82.21 36.48
C ALA AA 24 -20.37 80.73 36.13
N ILE AA 25 -21.34 79.92 36.51
CA ILE AA 25 -21.35 78.51 36.11
C ILE AA 25 -21.99 78.37 34.74
N MET AA 26 -21.60 77.33 34.02
CA MET AA 26 -22.16 77.06 32.70
C MET AA 26 -22.63 75.62 32.64
N ALA AA 27 -23.81 75.43 32.05
CA ALA AA 27 -24.45 74.12 31.95
C ALA AA 27 -25.58 74.14 30.94
N ALA AA 28 -25.56 73.19 29.98
CA ALA AA 28 -26.56 73.07 28.93
C ALA AA 28 -26.72 74.39 28.17
N ASP AA 29 -25.64 74.77 27.51
CA ASP AA 29 -25.43 75.95 26.67
C ASP AA 29 -26.01 77.23 27.26
N VAL AA 30 -25.99 77.33 28.59
CA VAL AA 30 -26.40 78.51 29.33
C VAL AA 30 -25.34 78.81 30.38
N GLN AA 31 -24.97 80.08 30.51
CA GLN AA 31 -24.12 80.55 31.62
C GLN AA 31 -24.91 81.41 32.59
N ILE AA 32 -24.88 81.04 33.87
CA ILE AA 32 -25.58 81.77 34.92
C ILE AA 32 -24.57 82.18 35.99
N ALA AA 33 -24.59 83.47 36.34
CA ALA AA 33 -23.85 83.96 37.51
C ALA AA 33 -24.52 83.52 38.80
N VAL AA 34 -23.73 82.95 39.72
CA VAL AA 34 -24.20 82.52 41.03
C VAL AA 34 -23.23 83.00 42.09
N VAL AA 35 -23.76 83.21 43.29
CA VAL AA 35 -22.94 83.50 44.47
C VAL AA 35 -22.94 82.26 45.35
N LEU AA 36 -21.76 81.72 45.60
CA LEU AA 36 -21.59 80.45 46.30
C LEU AA 36 -20.85 80.63 47.61
N ASP AA 37 -21.24 79.81 48.59
CA ASP AA 37 -20.53 79.73 49.87
C ASP AA 37 -19.10 79.28 49.59
N ALA AA 38 -18.13 80.12 49.95
CA ALA AA 38 -16.75 79.90 49.59
C ALA AA 38 -16.13 78.65 50.22
N HIS AA 39 -16.69 78.15 51.33
CA HIS AA 39 -16.02 77.10 52.07
C HIS AA 39 -16.94 76.00 52.59
N ALA AA 40 -18.21 75.97 52.18
CA ALA AA 40 -18.94 74.70 52.17
C ALA AA 40 -18.37 73.75 51.12
N PRO AA 41 -18.27 72.45 51.43
CA PRO AA 41 -17.90 71.45 50.42
C PRO AA 41 -18.84 71.44 49.21
N ILE AA 42 -18.26 71.11 48.06
CA ILE AA 42 -19.01 71.00 46.80
C ILE AA 42 -20.17 70.02 46.91
N SER AA 43 -19.98 68.91 47.63
CA SER AA 43 -21.04 67.94 47.88
C SER AA 43 -22.25 68.51 48.59
N VAL AA 44 -22.06 69.58 49.36
CA VAL AA 44 -23.19 70.26 49.99
C VAL AA 44 -24.03 71.01 48.96
N MET AA 45 -23.38 71.73 48.05
CA MET AA 45 -24.05 72.69 47.19
C MET AA 45 -24.48 72.15 45.84
N ILE AA 46 -23.86 71.07 45.36
CA ILE AA 46 -24.10 70.58 44.00
C ILE AA 46 -25.59 70.29 43.72
N ASP AA 47 -26.25 69.55 44.61
CA ASP AA 47 -27.67 69.23 44.40
C ASP AA 47 -28.59 70.45 44.27
N PRO AA 48 -28.63 71.41 45.21
CA PRO AA 48 -29.54 72.54 45.00
C PRO AA 48 -29.09 73.44 43.89
N LEU AA 49 -27.79 73.46 43.56
CA LEU AA 49 -27.34 74.15 42.36
C LEU AA 49 -27.97 73.56 41.11
N LEU AA 50 -28.03 72.22 41.05
CA LEU AA 50 -28.69 71.56 39.94
C LEU AA 50 -30.18 71.90 39.90
N LYS AA 51 -30.82 71.95 41.07
CA LYS AA 51 -32.24 72.29 41.10
C LYS AA 51 -32.49 73.72 40.62
N VAL AA 52 -31.62 74.66 41.03
CA VAL AA 52 -31.75 76.04 40.61
C VAL AA 52 -31.52 76.17 39.11
N VAL AA 53 -30.51 75.47 38.59
CA VAL AA 53 -30.21 75.50 37.16
C VAL AA 53 -31.37 74.91 36.35
N ASN AA 54 -31.95 73.81 36.83
CA ASN AA 54 -33.08 73.21 36.13
C ASN AA 54 -34.29 74.13 36.16
N THR AA 55 -34.53 74.80 37.29
CA THR AA 55 -35.62 75.77 37.37
C THR AA 55 -35.40 76.92 36.38
N ARG AA 56 -34.17 77.42 36.31
CA ARG AA 56 -33.85 78.52 35.42
C ARG AA 56 -33.98 78.12 33.96
N LEU AA 57 -33.53 76.90 33.62
CA LEU AA 57 -33.65 76.39 32.26
C LEU AA 57 -35.11 76.21 31.87
N ARG AA 58 -35.91 75.68 32.79
CA ARG AA 58 -37.32 75.48 32.51
C ARG AA 58 -38.03 76.81 32.37
N GLU AA 59 -37.58 77.83 33.11
CA GLU AA 59 -38.15 79.16 32.97
C GLU AA 59 -37.80 79.77 31.62
N LEU AA 60 -36.63 79.41 31.09
CA LEU AA 60 -36.17 79.91 29.80
C LEU AA 60 -36.77 79.17 28.61
N GLY AA 61 -37.53 78.10 28.85
CA GLY AA 61 -38.00 77.26 27.77
C GLY AA 61 -36.94 76.35 27.20
N VAL AA 62 -35.80 76.26 27.84
CA VAL AA 62 -34.70 75.38 27.44
C VAL AA 62 -34.90 74.04 28.13
N ALA AA 63 -34.57 72.96 27.43
CA ALA AA 63 -34.69 71.62 28.01
C ALA AA 63 -33.75 71.49 29.20
N PRO AA 64 -34.25 71.06 30.37
CA PRO AA 64 -33.41 71.00 31.55
C PRO AA 64 -32.41 69.86 31.50
N LEU AA 65 -31.46 69.94 32.44
CA LEU AA 65 -30.46 68.89 32.61
C LEU AA 65 -31.09 67.61 33.13
N GLU AA 66 -30.60 66.48 32.66
CA GLU AA 66 -31.13 65.18 33.04
C GLU AA 66 -30.00 64.19 33.27
N ALA AA 67 -30.17 63.35 34.28
CA ALA AA 67 -29.27 62.25 34.52
C ALA AA 67 -29.52 61.14 33.52
N LYS AA 68 -28.44 60.47 33.13
CA LYS AA 68 -28.50 59.38 32.16
C LYS AA 68 -28.03 58.10 32.83
N GLY AA 69 -28.31 56.97 32.17
CA GLY AA 69 -27.71 55.66 32.38
C GLY AA 69 -27.35 55.31 33.80
N ARG AA 70 -26.07 55.43 34.13
CA ARG AA 70 -25.65 55.64 35.51
C ARG AA 70 -24.40 56.50 35.51
N GLY AA 71 -24.23 57.24 36.59
CA GLY AA 71 -23.19 58.25 36.63
C GLY AA 71 -23.41 59.18 37.81
N ARG AA 72 -22.75 60.34 37.77
CA ARG AA 72 -22.94 61.30 38.83
C ARG AA 72 -22.81 62.72 38.29
N TRP AA 73 -23.50 63.64 38.94
CA TRP AA 73 -23.37 65.06 38.69
C TRP AA 73 -22.08 65.58 39.31
N MET AA 74 -21.34 66.38 38.53
CA MET AA 74 -20.04 66.89 38.96
C MET AA 74 -19.86 68.30 38.41
N LEU AA 75 -19.04 69.07 39.12
CA LEU AA 75 -18.64 70.39 38.69
C LEU AA 75 -17.16 70.38 38.32
N CYS AA 76 -16.82 71.13 37.29
CA CYS AA 76 -15.47 71.16 36.76
C CYS AA 76 -15.01 72.59 36.54
N LEU AA 77 -13.71 72.77 36.55
CA LEU AA 77 -13.13 73.96 35.95
C LEU AA 77 -13.32 73.91 34.44
N VAL AA 78 -13.32 75.10 33.83
CA VAL AA 78 -13.49 75.21 32.39
C VAL AA 78 -12.39 74.49 31.62
N ASP AA 79 -11.20 74.34 32.21
CA ASP AA 79 -10.16 73.57 31.55
C ASP AA 79 -10.48 72.07 31.51
N GLY AA 80 -11.43 71.61 32.32
CA GLY AA 80 -11.96 70.27 32.20
C GLY AA 80 -11.90 69.46 33.48
N THR AA 81 -11.01 69.81 34.40
CA THR AA 81 -10.77 68.96 35.56
C THR AA 81 -11.93 69.06 36.55
N PRO AA 82 -12.45 67.94 37.04
CA PRO AA 82 -13.47 68.00 38.08
C PRO AA 82 -12.93 68.44 39.44
N LEU AA 83 -13.80 69.12 40.18
CA LEU AA 83 -13.54 69.49 41.55
C LEU AA 83 -13.78 68.31 42.49
N ARG AA 84 -12.98 68.23 43.54
CA ARG AA 84 -13.21 67.26 44.61
C ARG AA 84 -14.49 67.59 45.38
N PRO AA 85 -15.48 66.69 45.40
CA PRO AA 85 -16.75 67.01 46.08
C PRO AA 85 -16.61 67.24 47.57
N ASN AA 86 -15.77 66.46 48.25
CA ASN AA 86 -15.56 66.63 49.68
C ASN AA 86 -14.78 67.88 50.03
N LEU AA 87 -14.04 68.44 49.07
CA LEU AA 87 -13.36 69.69 49.32
C LEU AA 87 -14.27 70.87 49.01
N SER AA 88 -14.05 71.95 49.73
CA SER AA 88 -14.70 73.21 49.46
C SER AA 88 -14.02 73.96 48.33
N LEU AA 89 -14.72 74.99 47.86
CA LEU AA 89 -14.20 75.94 46.87
C LEU AA 89 -12.85 76.52 47.27
N THR AA 90 -12.71 76.90 48.55
CA THR AA 90 -11.54 77.63 49.01
C THR AA 90 -10.24 76.84 48.83
N GLU AA 91 -10.15 75.66 49.44
CA GLU AA 91 -8.88 74.95 49.45
C GLU AA 91 -8.56 74.27 48.12
N GLN AA 92 -9.54 74.12 47.22
CA GLN AA 92 -9.25 73.80 45.83
C GLN AA 92 -9.23 75.05 44.95
N GLU AA 93 -9.08 76.23 45.57
CA GLU AA 93 -8.66 77.47 44.91
C GLU AA 93 -9.69 78.01 43.92
N VAL AA 94 -10.96 77.80 44.18
CA VAL AA 94 -11.99 78.58 43.49
C VAL AA 94 -11.99 79.98 44.08
N TYR AA 95 -11.92 80.99 43.20
CA TYR AA 95 -11.94 82.38 43.61
C TYR AA 95 -13.13 83.08 42.98
N ASP AA 96 -13.45 84.25 43.52
CA ASP AA 96 -14.42 85.15 42.90
C ASP AA 96 -14.01 85.49 41.47
N GLY AA 97 -14.98 85.47 40.57
CA GLY AA 97 -14.72 85.73 39.17
C GLY AA 97 -14.23 84.54 38.37
N ASP AA 98 -14.06 83.39 39.01
CA ASP AA 98 -13.83 82.14 38.29
C ASP AA 98 -15.11 81.67 37.61
N ARG AA 99 -14.96 80.64 36.77
CA ARG AA 99 -16.08 80.01 36.09
C ARG AA 99 -16.00 78.50 36.30
N LEU AA 100 -17.16 77.84 36.24
CA LEU AA 100 -17.20 76.40 36.42
C LEU AA 100 -18.12 75.78 35.38
N TRP AA 101 -17.85 74.50 35.06
CA TRP AA 101 -18.66 73.70 34.17
C TRP AA 101 -19.36 72.60 34.97
N LEU AA 102 -20.69 72.54 34.85
CA LEU AA 102 -21.48 71.48 35.47
C LEU AA 102 -21.74 70.34 34.49
N LYS AA 103 -21.36 69.13 34.88
CA LYS AA 103 -21.53 67.95 34.04
C LYS AA 103 -22.20 66.82 34.81
N PHE AA 104 -22.89 65.96 34.06
CA PHE AA 104 -23.15 64.59 34.50
C PHE AA 104 -22.07 63.68 33.93
N LEU AA 105 -21.11 63.28 34.77
CA LEU AA 105 -20.12 62.29 34.37
C LEU AA 105 -20.79 60.92 34.24
N GLU AA 106 -20.83 60.39 33.02
CA GLU AA 106 -21.20 58.99 32.82
C GLU AA 106 -20.24 58.08 33.58
N ASP AA 107 -20.78 56.98 34.11
CA ASP AA 107 -19.99 56.06 34.93
C ASP AA 107 -18.86 55.41 34.14
N THR AA 108 -17.70 55.31 34.78
CA THR AA 108 -16.50 54.72 34.19
C THR AA 108 -16.38 53.20 34.34
N GLU AA 109 -16.92 52.61 35.40
CA GLU AA 109 -16.58 51.22 35.72
C GLU AA 109 -17.24 50.20 34.80
N HIS AA 110 -16.45 49.20 34.43
CA HIS AA 110 -16.85 48.07 33.63
C HIS AA 110 -15.89 46.94 33.95
N ARG AA 111 -16.21 45.74 33.47
CA ARG AA 111 -15.32 44.60 33.61
C ARG AA 111 -13.95 44.91 33.04
N SER AA 112 -12.91 44.49 33.76
CA SER AA 112 -11.55 44.56 33.25
C SER AA 112 -11.26 43.31 32.44
N GLU AA 113 -11.14 43.47 31.13
CA GLU AA 113 -10.86 42.35 30.25
C GLU AA 113 -9.46 41.79 30.54
N VAL AA 114 -9.25 40.56 30.10
CA VAL AA 114 -7.91 39.98 30.14
C VAL AA 114 -7.67 39.12 28.91
N ILE AA 115 -6.53 39.31 28.27
CA ILE AA 115 -6.05 38.45 27.20
C ILE AA 115 -4.89 37.65 27.77
N GLU AA 116 -5.10 36.34 27.94
CA GLU AA 116 -4.10 35.52 28.61
C GLU AA 116 -2.87 35.30 27.75
N HIS AA 117 -3.04 35.12 26.43
CA HIS AA 117 -1.91 34.87 25.56
C HIS AA 117 -1.15 36.17 25.34
N ILE AA 118 0.17 36.11 25.52
CA ILE AA 118 1.01 37.30 25.49
C ILE AA 118 1.00 37.97 24.11
N SER AA 119 1.10 37.19 23.04
CA SER AA 119 1.20 37.78 21.70
C SER AA 119 -0.07 38.52 21.31
N THR AA 120 -1.23 37.92 21.58
CA THR AA 120 -2.49 38.57 21.28
C THR AA 120 -2.73 39.78 22.15
N ALA AA 121 -2.27 39.75 23.40
CA ALA AA 121 -2.41 40.92 24.27
C ALA AA 121 -1.56 42.07 23.78
N VAL AA 122 -0.33 41.78 23.33
CA VAL AA 122 0.52 42.81 22.74
C VAL AA 122 -0.16 43.43 21.53
N ALA AA 123 -0.62 42.58 20.61
CA ALA AA 123 -1.17 43.06 19.36
C ALA AA 123 -2.40 43.92 19.61
N THR AA 124 -3.31 43.46 20.45
CA THR AA 124 -4.53 44.23 20.66
C THR AA 124 -4.25 45.51 21.45
N ASN AA 125 -3.28 45.52 22.37
CA ASN AA 125 -3.02 46.74 23.13
C ASN AA 125 -2.40 47.81 22.24
N LEU AA 126 -1.39 47.42 21.46
CA LEU AA 126 -0.80 48.36 20.51
C LEU AA 126 -1.82 48.87 19.51
N SER AA 127 -2.57 47.98 18.87
CA SER AA 127 -3.55 48.41 17.88
C SER AA 127 -4.60 49.33 18.49
N LYS AA 128 -4.96 49.09 19.75
CA LYS AA 128 -5.97 49.90 20.39
C LYS AA 128 -5.43 51.28 20.72
N ARG AA 129 -4.14 51.38 21.06
CA ARG AA 129 -3.64 52.54 21.77
C ARG AA 129 -2.76 53.46 20.91
N PHE AA 130 -2.24 52.98 19.79
CA PHE AA 130 -1.44 53.81 18.89
C PHE AA 130 -2.06 53.86 17.51
N ALA AA 131 -1.55 54.78 16.68
CA ALA AA 131 -2.12 55.06 15.38
C ALA AA 131 -1.24 54.51 14.27
N PRO AA 132 -1.80 53.72 13.36
CA PRO AA 132 -1.03 53.17 12.26
C PRO AA 132 -0.72 54.23 11.22
N ILE AA 133 0.19 53.87 10.31
CA ILE AA 133 0.38 54.66 9.10
C ILE AA 133 -0.89 54.59 8.26
N ASP AA 134 -1.15 55.66 7.52
CA ASP AA 134 -2.38 55.83 6.76
C ASP AA 134 -2.04 56.64 5.53
N PRO AA 135 -2.75 56.43 4.41
CA PRO AA 135 -2.43 57.15 3.17
C PRO AA 135 -2.53 58.66 3.27
N VAL AA 136 -3.42 59.15 4.14
CA VAL AA 136 -3.48 60.58 4.46
C VAL AA 136 -2.14 61.06 4.97
N VAL AA 137 -1.52 60.31 5.86
CA VAL AA 137 -0.19 60.67 6.35
C VAL AA 137 0.85 60.43 5.26
N ALA AA 138 0.66 59.40 4.45
CA ALA AA 138 1.67 59.01 3.48
C ALA AA 138 1.86 60.08 2.43
N VAL AA 139 0.78 60.70 1.97
CA VAL AA 139 0.90 61.75 0.97
C VAL AA 139 1.63 62.96 1.55
N GLN AA 140 1.37 63.29 2.81
CA GLN AA 140 2.08 64.39 3.45
C GLN AA 140 3.56 64.09 3.59
N VAL AA 141 3.89 62.83 3.91
CA VAL AA 141 5.29 62.44 4.01
C VAL AA 141 5.98 62.57 2.66
N GLY AA 142 5.32 62.12 1.60
CA GLY AA 142 5.90 62.26 0.27
C GLY AA 142 6.12 63.71 -0.11
N ALA AA 143 5.16 64.57 0.23
CA ALA AA 143 5.30 65.99 -0.03
C ALA AA 143 6.46 66.59 0.74
N THR AA 144 6.61 66.21 1.99
CA THR AA 144 7.73 66.71 2.80
C THR AA 144 9.05 66.28 2.21
N MET AA 145 9.14 65.03 1.78
CA MET AA 145 10.42 64.55 1.29
C MET AA 145 10.76 65.13 -0.06
N VAL AA 146 9.77 65.39 -0.92
CA VAL AA 146 10.09 66.04 -2.18
C VAL AA 146 10.37 67.52 -1.97
N ALA AA 147 9.80 68.13 -0.93
CA ALA AA 147 10.19 69.49 -0.57
C ALA AA 147 11.66 69.53 -0.15
N VAL AA 148 12.06 68.63 0.74
CA VAL AA 148 13.45 68.58 1.18
C VAL AA 148 14.37 68.34 0.00
N GLY AA 149 13.98 67.45 -0.90
CA GLY AA 149 14.79 67.18 -2.07
C GLY AA 149 14.96 68.39 -2.97
N VAL AA 150 13.88 69.14 -3.20
CA VAL AA 150 14.02 70.24 -4.14
C VAL AA 150 14.74 71.42 -3.51
N LEU AA 151 14.62 71.62 -2.19
CA LEU AA 151 15.50 72.60 -1.56
C LEU AA 151 16.96 72.18 -1.61
N LEU AA 152 17.27 70.89 -1.43
CA LEU AA 152 18.65 70.47 -1.60
C LEU AA 152 19.14 70.71 -3.03
N GLY AA 153 18.31 70.42 -4.02
CA GLY AA 153 18.72 70.64 -5.40
C GLY AA 153 18.94 72.10 -5.72
N SER AA 154 18.04 72.98 -5.26
CA SER AA 154 18.19 74.40 -5.51
C SER AA 154 19.39 74.98 -4.78
N ALA AA 155 19.59 74.60 -3.51
CA ALA AA 155 20.75 75.06 -2.78
C ALA AA 155 22.03 74.53 -3.39
N LEU AA 156 21.97 73.34 -3.98
CA LEU AA 156 23.14 72.76 -4.61
C LEU AA 156 23.50 73.50 -5.89
N LEU AA 157 22.50 73.84 -6.70
CA LEU AA 157 22.74 74.63 -7.89
C LEU AA 157 23.25 76.01 -7.52
N GLY AA 158 22.74 76.59 -6.44
CA GLY AA 158 23.28 77.84 -5.95
C GLY AA 158 24.73 77.73 -5.52
N TRP AA 159 25.09 76.61 -4.89
CA TRP AA 159 26.48 76.39 -4.52
C TRP AA 159 27.36 76.27 -5.75
N TRP AA 160 26.88 75.57 -6.79
CA TRP AA 160 27.67 75.43 -8.00
C TRP AA 160 27.86 76.76 -8.72
N ARG AA 161 26.79 77.56 -8.79
CA ARG AA 161 26.93 78.88 -9.42
C ARG AA 161 27.77 79.82 -8.57
N TRP AA 162 27.80 79.61 -7.26
CA TRP AA 162 28.74 80.33 -6.41
C TRP AA 162 30.17 79.91 -6.71
N GLN AA 163 30.39 78.62 -6.95
CA GLN AA 163 31.74 78.13 -7.18
C GLN AA 163 32.15 78.30 -8.63
N HIS AA 164 31.24 78.12 -9.57
CA HIS AA 164 31.59 78.13 -10.98
C HIS AA 164 30.71 79.12 -11.73
N GLU AA 165 31.25 79.63 -12.83
CA GLU AA 165 30.60 80.67 -13.61
C GLU AA 165 29.70 80.11 -14.70
N SER AA 166 29.21 78.89 -14.55
CA SER AA 166 28.44 78.25 -15.62
C SER AA 166 27.05 78.86 -15.68
N TRP AA 167 26.61 79.20 -16.89
CA TRP AA 167 25.26 79.69 -17.10
C TRP AA 167 24.25 78.57 -17.06
N LEU AA 168 24.69 77.35 -17.34
CA LEU AA 168 23.80 76.20 -17.49
C LEU AA 168 22.98 75.81 -16.25
N PRO AA 169 23.41 76.03 -15.00
CA PRO AA 169 22.51 75.71 -13.86
C PRO AA 169 21.17 76.44 -13.86
N ALA AA 170 21.11 77.66 -14.39
CA ALA AA 170 19.85 78.41 -14.34
C ALA AA 170 18.72 77.77 -15.14
N PRO AA 171 18.92 77.20 -16.35
CA PRO AA 171 17.82 76.41 -16.95
C PRO AA 171 17.34 75.24 -16.12
N PHE AA 172 18.24 74.51 -15.45
CA PHE AA 172 17.80 73.39 -14.60
C PHE AA 172 16.95 73.89 -13.45
N ALA AA 173 17.39 74.96 -12.79
CA ALA AA 173 16.61 75.51 -11.68
C ALA AA 173 15.24 76.01 -12.17
N ALA AA 174 15.22 76.65 -13.34
CA ALA AA 174 13.96 77.15 -13.88
C ALA AA 174 13.00 76.02 -14.23
N VAL AA 175 13.52 74.94 -14.84
CA VAL AA 175 12.63 73.87 -15.26
C VAL AA 175 12.09 73.10 -14.07
N ILE AA 176 12.92 72.86 -13.05
CA ILE AA 176 12.39 72.14 -11.89
C ILE AA 176 11.39 73.01 -11.15
N ALA AA 177 11.64 74.32 -11.11
CA ALA AA 177 10.69 75.23 -10.47
C ALA AA 177 9.36 75.24 -11.17
N VAL AA 178 9.37 75.31 -12.50
CA VAL AA 178 8.10 75.39 -13.20
C VAL AA 178 7.34 74.07 -13.11
N LEU AA 179 8.05 72.94 -13.11
CA LEU AA 179 7.36 71.66 -12.96
C LEU AA 179 6.70 71.53 -11.60
N VAL AA 180 7.44 71.84 -10.52
CA VAL AA 180 6.83 71.68 -9.20
C VAL AA 180 5.75 72.72 -8.97
N LEU AA 181 5.87 73.90 -9.57
CA LEU AA 181 4.85 74.92 -9.37
C LEU AA 181 3.56 74.56 -10.09
N THR AA 182 3.66 74.03 -11.31
CA THR AA 182 2.46 73.57 -11.99
C THR AA 182 1.82 72.39 -11.28
N VAL AA 183 2.64 71.47 -10.75
CA VAL AA 183 2.10 70.36 -9.99
C VAL AA 183 1.37 70.85 -8.74
N ALA AA 184 1.96 71.81 -8.04
CA ALA AA 184 1.32 72.36 -6.84
C ALA AA 184 0.02 73.05 -7.21
N THR AA 185 0.02 73.80 -8.31
CA THR AA 185 -1.20 74.50 -8.71
C THR AA 185 -2.30 73.52 -9.09
N MET AA 186 -1.95 72.45 -9.80
CA MET AA 186 -2.97 71.46 -10.17
C MET AA 186 -3.51 70.75 -8.95
N ILE AA 187 -2.66 70.45 -7.97
CA ILE AA 187 -3.13 69.82 -6.75
C ILE AA 187 -4.02 70.75 -5.97
N LEU AA 188 -3.65 72.03 -5.89
CA LEU AA 188 -4.45 73.00 -5.15
C LEU AA 188 -5.78 73.23 -5.83
N ALA AA 189 -5.82 73.21 -7.15
CA ALA AA 189 -7.08 73.42 -7.84
C ALA AA 189 -7.97 72.19 -7.77
N ARG AA 190 -7.45 71.02 -8.13
CA ARG AA 190 -8.26 69.83 -8.19
C ARG AA 190 -8.64 69.33 -6.80
N SER AA 191 -7.67 69.26 -5.91
CA SER AA 191 -7.85 68.62 -4.61
C SER AA 191 -7.99 69.63 -3.48
N LYS AA 192 -8.70 70.73 -3.72
CA LYS AA 192 -8.90 71.70 -2.67
C LYS AA 192 -9.89 71.23 -1.61
N THR AA 193 -10.56 70.10 -1.83
CA THR AA 193 -11.71 69.69 -1.02
C THR AA 193 -11.34 69.23 0.39
N VAL AA 194 -10.06 69.08 0.70
CA VAL AA 194 -9.66 68.51 1.97
C VAL AA 194 -8.65 69.43 2.64
N PRO AA 195 -8.52 69.35 3.97
CA PRO AA 195 -7.39 70.02 4.64
C PRO AA 195 -6.04 69.40 4.34
N ASP AA 196 -5.98 68.37 3.51
CA ASP AA 196 -4.73 67.86 2.96
C ASP AA 196 -4.28 68.63 1.73
N ARG AA 197 -4.83 69.81 1.50
CA ARG AA 197 -4.28 70.74 0.52
C ARG AA 197 -2.99 71.37 1.01
N ARG AA 198 -2.61 71.10 2.27
CA ARG AA 198 -1.30 71.48 2.73
C ARG AA 198 -0.20 70.73 1.98
N VAL AA 199 -0.53 69.64 1.29
CA VAL AA 199 0.42 69.04 0.36
C VAL AA 199 0.78 70.02 -0.73
N GLY AA 200 -0.23 70.69 -1.27
CA GLY AA 200 0.01 71.70 -2.28
C GLY AA 200 0.73 72.89 -1.70
N ASP AA 201 0.40 73.26 -0.47
CA ASP AA 201 1.09 74.38 0.15
C ASP AA 201 2.56 74.09 0.37
N ILE AA 202 2.87 72.86 0.78
CA ILE AA 202 4.26 72.44 0.95
C ILE AA 202 5.00 72.47 -0.37
N LEU AA 203 4.36 71.98 -1.43
CA LEU AA 203 5.00 72.00 -2.74
C LEU AA 203 5.23 73.42 -3.24
N LEU AA 204 4.31 74.32 -2.97
CA LEU AA 204 4.46 75.69 -3.46
C LEU AA 204 5.57 76.41 -2.70
N LEU AA 205 5.59 76.27 -1.37
CA LEU AA 205 6.70 76.74 -0.55
C LEU AA 205 8.02 76.15 -1.02
N SER AA 206 8.00 74.90 -1.43
CA SER AA 206 9.23 74.25 -1.86
C SER AA 206 9.67 74.76 -3.21
N GLY AA 207 8.73 75.07 -4.09
CA GLY AA 207 9.07 75.41 -5.44
C GLY AA 207 9.31 76.86 -5.72
N LEU AA 208 8.96 77.74 -4.79
CA LEU AA 208 9.35 79.14 -4.99
C LEU AA 208 10.85 79.33 -4.88
N VAL AA 209 11.54 78.49 -4.12
CA VAL AA 209 12.99 78.61 -3.95
C VAL AA 209 13.78 78.33 -5.24
N PRO AA 210 13.55 77.25 -5.99
CA PRO AA 210 14.29 77.09 -7.25
C PRO AA 210 14.01 78.17 -8.25
N LEU AA 211 12.81 78.74 -8.25
CA LEU AA 211 12.52 79.90 -9.08
C LEU AA 211 13.39 81.07 -8.69
N ALA AA 212 13.56 81.29 -7.38
CA ALA AA 212 14.38 82.39 -6.91
C ALA AA 212 15.84 82.20 -7.32
N VAL AA 213 16.35 80.98 -7.20
CA VAL AA 213 17.75 80.78 -7.56
C VAL AA 213 17.92 80.75 -9.07
N ALA AA 214 16.86 80.43 -9.83
CA ALA AA 214 16.95 80.48 -11.28
C ALA AA 214 17.02 81.91 -11.76
N ILE AA 215 16.19 82.78 -11.20
CA ILE AA 215 16.26 84.20 -11.56
C ILE AA 215 17.58 84.80 -11.10
N ALA AA 216 18.06 84.40 -9.92
CA ALA AA 216 19.31 84.96 -9.39
C ALA AA 216 20.50 84.53 -10.23
N ALA AA 217 20.51 83.29 -10.71
CA ALA AA 217 21.67 82.81 -11.47
C ALA AA 217 21.77 83.42 -12.85
N THR AA 218 20.73 84.08 -13.35
CA THR AA 218 20.82 84.77 -14.63
C THR AA 218 21.64 86.06 -14.56
N ALA AA 219 21.97 86.54 -13.37
CA ALA AA 219 22.82 87.71 -13.27
C ALA AA 219 24.24 87.35 -13.67
N PRO AA 220 24.80 88.00 -14.69
CA PRO AA 220 26.12 87.62 -15.20
C PRO AA 220 27.24 88.09 -14.29
N GLY AA 221 28.44 87.64 -14.63
CA GLY AA 221 29.63 87.98 -13.88
C GLY AA 221 29.75 87.14 -12.62
N PRO AA 222 30.68 87.51 -11.74
CA PRO AA 222 30.83 86.75 -10.50
C PRO AA 222 29.62 86.94 -9.60
N VAL AA 223 29.35 85.93 -8.79
CA VAL AA 223 28.21 85.97 -7.89
C VAL AA 223 28.46 86.98 -6.79
N GLY AA 224 27.39 87.58 -6.29
CA GLY AA 224 27.54 88.54 -5.21
C GLY AA 224 26.23 89.24 -4.91
N ALA AA 225 26.35 90.50 -4.53
CA ALA AA 225 25.19 91.33 -4.23
C ALA AA 225 24.12 91.43 -5.33
N PRO AA 226 24.43 91.59 -6.63
CA PRO AA 226 23.32 91.64 -7.62
C PRO AA 226 22.49 90.37 -7.67
N HIS AA 227 23.17 89.21 -7.64
CA HIS AA 227 22.47 87.93 -7.58
C HIS AA 227 21.62 87.84 -6.31
N ALA AA 228 22.18 88.28 -5.18
CA ALA AA 228 21.46 88.21 -3.90
C ALA AA 228 20.22 89.08 -3.92
N VAL AA 229 20.36 90.33 -4.36
CA VAL AA 229 19.22 91.24 -4.33
C VAL AA 229 18.15 90.78 -5.32
N LEU AA 230 18.56 90.22 -6.46
CA LEU AA 230 17.57 89.76 -7.43
C LEU AA 230 16.81 88.55 -6.92
N GLY AA 231 17.53 87.56 -6.39
CA GLY AA 231 16.88 86.37 -5.87
C GLY AA 231 15.97 86.64 -4.68
N PHE AA 232 16.46 87.39 -3.71
CA PHE AA 232 15.64 87.70 -2.55
C PHE AA 232 14.46 88.58 -2.92
N GLY AA 233 14.64 89.52 -3.85
CA GLY AA 233 13.51 90.33 -4.29
C GLY AA 233 12.43 89.52 -4.95
N VAL AA 234 12.80 88.63 -5.88
CA VAL AA 234 11.77 87.85 -6.56
C VAL AA 234 11.12 86.85 -5.60
N PHE AA 235 11.88 86.30 -4.64
CA PHE AA 235 11.29 85.35 -3.72
C PHE AA 235 10.33 86.04 -2.76
N GLY AA 236 10.68 87.25 -2.30
CA GLY AA 236 9.78 88.02 -1.47
C GLY AA 236 8.54 88.48 -2.23
N VAL AA 237 8.70 88.80 -3.52
CA VAL AA 237 7.55 89.19 -4.32
C VAL AA 237 6.58 88.02 -4.47
N ALA AA 238 7.12 86.82 -4.74
CA ALA AA 238 6.26 85.65 -4.84
C ALA AA 238 5.58 85.33 -3.51
N ALA AA 239 6.32 85.49 -2.42
CA ALA AA 239 5.74 85.27 -1.09
C ALA AA 239 4.68 86.31 -0.77
N MET AA 240 4.77 87.49 -1.37
CA MET AA 240 3.71 88.47 -1.16
C MET AA 240 2.48 88.13 -2.01
N LEU AA 241 2.70 87.63 -3.24
CA LEU AA 241 1.56 87.26 -4.07
C LEU AA 241 0.77 86.10 -3.50
N VAL AA 242 1.46 85.12 -2.91
CA VAL AA 242 0.75 83.93 -2.43
C VAL AA 242 -0.18 84.26 -1.26
N MET AA 243 0.04 85.40 -0.59
CA MET AA 243 -0.97 85.92 0.34
C MET AA 243 -2.28 86.22 -0.35
N ARG AA 244 -2.24 87.00 -1.42
CA ARG AA 244 -3.49 87.43 -2.01
C ARG AA 244 -4.13 86.31 -2.82
N PHE AA 245 -3.33 85.42 -3.39
CA PHE AA 245 -3.94 84.35 -4.16
C PHE AA 245 -4.36 83.15 -3.33
N THR AA 246 -3.65 82.84 -2.24
CA THR AA 246 -4.04 81.70 -1.42
C THR AA 246 -4.48 82.10 -0.01
N GLY AA 247 -3.63 82.81 0.73
CA GLY AA 247 -3.98 83.17 2.09
C GLY AA 247 -3.90 82.02 3.05
N ARG AA 248 -3.09 81.02 2.75
CA ARG AA 248 -2.92 79.83 3.59
C ARG AA 248 -1.49 79.71 4.06
N ARG AA 249 -1.33 79.32 5.32
CA ARG AA 249 -0.04 79.10 5.96
C ARG AA 249 0.83 80.35 5.82
N LEU AA 250 0.35 81.42 6.43
CA LEU AA 250 0.85 82.75 6.16
C LEU AA 250 1.91 83.22 7.16
N GLY AA 251 2.13 82.49 8.25
CA GLY AA 251 3.20 82.86 9.16
C GLY AA 251 4.56 82.65 8.53
N VAL AA 252 4.74 81.52 7.85
CA VAL AA 252 6.04 81.21 7.27
C VAL AA 252 6.34 82.16 6.12
N TYR AA 253 5.33 82.50 5.33
CA TYR AA 253 5.52 83.48 4.27
C TYR AA 253 5.74 84.87 4.82
N THR AA 254 5.16 85.20 5.98
CA THR AA 254 5.45 86.48 6.60
C THR AA 254 6.90 86.58 7.04
N ALA AA 255 7.42 85.51 7.65
CA ALA AA 255 8.83 85.49 8.03
C ALA AA 255 9.72 85.57 6.80
N LEU AA 256 9.36 84.86 5.74
CA LEU AA 256 10.15 84.88 4.52
C LEU AA 256 10.13 86.26 3.86
N VAL AA 257 8.98 86.93 3.84
CA VAL AA 257 8.95 88.23 3.20
C VAL AA 257 9.66 89.26 4.05
N THR AA 258 9.69 89.06 5.37
CA THR AA 258 10.51 89.92 6.23
C THR AA 258 11.99 89.77 5.92
N LEU AA 259 12.45 88.52 5.82
CA LEU AA 259 13.85 88.27 5.49
C LEU AA 259 14.21 88.79 4.11
N CYS AA 260 13.31 88.62 3.14
CA CYS AA 260 13.60 89.10 1.79
C CYS AA 260 13.57 90.62 1.71
N ALA AA 261 12.72 91.27 2.49
CA ALA AA 261 12.72 92.73 2.52
C ALA AA 261 14.05 93.26 3.04
N ALA AA 262 14.56 92.66 4.11
CA ALA AA 262 15.85 93.10 4.65
C ALA AA 262 17.00 92.79 3.68
N ALA AA 263 16.97 91.60 3.07
CA ALA AA 263 18.04 91.23 2.15
C ALA AA 263 18.04 92.10 0.90
N THR AA 264 16.85 92.44 0.40
CA THR AA 264 16.76 93.32 -0.76
C THR AA 264 17.20 94.73 -0.43
N ALA AA 265 16.90 95.22 0.79
CA ALA AA 265 17.39 96.52 1.20
C ALA AA 265 18.91 96.53 1.30
N ALA AA 266 19.50 95.42 1.73
CA ALA AA 266 20.96 95.35 1.75
C ALA AA 266 21.54 95.27 0.34
N GLY AA 267 20.88 94.54 -0.56
CA GLY AA 267 21.43 94.42 -1.90
C GLY AA 267 21.37 95.72 -2.66
N LEU AA 268 20.26 96.46 -2.53
CA LEU AA 268 20.20 97.78 -3.15
C LEU AA 268 21.19 98.75 -2.50
N ALA AA 269 21.47 98.58 -1.20
CA ALA AA 269 22.47 99.44 -0.58
C ALA AA 269 23.87 99.10 -1.05
N ARG AA 270 24.11 97.86 -1.46
CA ARG AA 270 25.43 97.51 -1.98
C ARG AA 270 25.56 97.76 -3.48
N MET AA 271 24.46 97.92 -4.20
CA MET AA 271 24.53 98.30 -5.61
C MET AA 271 24.41 99.80 -5.87
N VAL AA 272 23.37 100.44 -5.35
CA VAL AA 272 23.25 101.89 -5.53
C VAL AA 272 24.36 102.64 -4.81
N LEU AA 273 24.75 102.16 -3.63
CA LEU AA 273 25.89 102.72 -2.91
C LEU AA 273 26.98 101.66 -2.80
N LEU AA 274 28.10 102.06 -2.22
CA LEU AA 274 29.20 101.15 -1.92
C LEU AA 274 29.45 101.08 -0.43
N THR AA 275 28.36 100.98 0.34
CA THR AA 275 28.42 101.00 1.79
C THR AA 275 29.11 99.76 2.34
N SER AA 276 29.73 99.93 3.50
CA SER AA 276 30.39 98.81 4.15
C SER AA 276 29.36 97.88 4.77
N ALA AA 277 29.82 96.68 5.12
CA ALA AA 277 28.92 95.69 5.70
C ALA AA 277 28.48 96.08 7.10
N VAL AA 278 29.36 96.72 7.86
CA VAL AA 278 29.05 97.08 9.24
C VAL AA 278 27.96 98.13 9.29
N THR AA 279 28.05 99.14 8.42
CA THR AA 279 27.02 100.15 8.29
C THR AA 279 25.66 99.53 8.02
N LEU AA 280 25.63 98.54 7.12
CA LEU AA 280 24.37 97.94 6.74
C LEU AA 280 23.80 97.06 7.84
N LEU AA 281 24.67 96.33 8.53
CA LEU AA 281 24.23 95.51 9.64
C LEU AA 281 23.65 96.35 10.77
N THR AA 282 24.30 97.48 11.08
CA THR AA 282 23.75 98.38 12.09
C THR AA 282 22.44 99.03 11.64
N CYS AA 283 22.31 99.34 10.35
CA CYS AA 283 21.01 99.73 9.79
C CYS AA 283 19.96 98.65 9.97
N VAL AA 284 20.33 97.40 9.70
CA VAL AA 284 19.40 96.28 9.83
C VAL AA 284 18.96 96.10 11.27
N LEU AA 285 19.90 96.15 12.21
CA LEU AA 285 19.56 96.09 13.63
C LEU AA 285 18.60 97.21 14.04
N LEU AA 286 18.85 98.42 13.55
CA LEU AA 286 17.96 99.54 13.84
C LEU AA 286 16.55 99.28 13.31
N ALA AA 287 16.46 98.86 12.05
CA ALA AA 287 15.20 98.47 11.45
C ALA AA 287 14.50 97.36 12.23
N CYS AA 288 15.28 96.39 12.73
CA CYS AA 288 14.73 95.32 13.56
C CYS AA 288 14.08 95.86 14.82
N VAL AA 289 14.81 96.63 15.60
CA VAL AA 289 14.27 97.07 16.90
C VAL AA 289 13.09 98.04 16.71
N LEU AA 290 13.15 98.87 15.66
CA LEU AA 290 11.98 99.64 15.26
C LEU AA 290 10.81 98.75 14.88
N MET AA 291 11.05 97.69 14.12
CA MET AA 291 9.95 96.84 13.68
C MET AA 291 9.37 96.06 14.86
N TYR AA 292 10.22 95.62 15.78
CA TYR AA 292 9.75 94.99 17.01
C TYR AA 292 8.80 95.92 17.73
N HIS AA 293 9.14 97.20 17.79
CA HIS AA 293 8.23 98.16 18.40
C HIS AA 293 6.92 98.27 17.60
N GLY AA 294 7.03 98.30 16.27
CA GLY AA 294 5.87 98.41 15.39
C GLY AA 294 5.10 97.14 15.05
N ALA AA 295 5.68 95.97 15.32
CA ALA AA 295 5.10 94.71 14.86
C ALA AA 295 3.65 94.44 15.26
N PRO AA 296 3.20 94.61 16.53
CA PRO AA 296 1.78 94.34 16.83
C PRO AA 296 0.80 95.23 16.08
N ALA AA 297 1.09 96.51 15.95
CA ALA AA 297 0.23 97.40 15.18
C ALA AA 297 0.18 97.00 13.71
N LEU AA 298 1.35 96.75 13.12
CA LEU AA 298 1.40 96.27 11.74
C LEU AA 298 0.61 94.98 11.56
N SER AA 299 0.70 94.08 12.54
CA SER AA 299 -0.08 92.85 12.49
C SER AA 299 -1.58 93.11 12.54
N ARG AA 300 -2.02 94.02 13.40
CA ARG AA 300 -3.44 94.39 13.39
C ARG AA 300 -3.87 95.08 12.11
N TRP AA 301 -2.97 95.78 11.43
CA TRP AA 301 -3.28 96.24 10.07
C TRP AA 301 -3.45 95.07 9.12
N LEU AA 302 -2.42 94.22 9.01
CA LEU AA 302 -2.42 93.04 8.15
C LEU AA 302 -3.53 92.05 8.50
N SER AA 303 -4.15 92.19 9.66
CA SER AA 303 -5.30 91.40 10.06
C SER AA 303 -6.48 91.56 9.12
N GLY AA 304 -6.61 92.72 8.47
CA GLY AA 304 -7.78 92.99 7.65
C GLY AA 304 -7.47 93.34 6.20
N ILE AA 305 -6.91 92.40 5.44
CA ILE AA 305 -6.55 92.64 4.05
C ILE AA 305 -7.47 91.89 3.09
N ARG AA 306 -8.58 91.34 3.59
CA ARG AA 306 -9.62 90.58 2.86
C ARG AA 306 -9.06 89.57 1.87
N LEU AA 307 -7.97 88.91 2.25
CA LEU AA 307 -7.43 87.77 1.54
C LEU AA 307 -8.35 86.56 1.72
N PRO AA 308 -8.24 85.53 0.87
CA PRO AA 308 -9.17 84.39 0.94
C PRO AA 308 -9.22 83.70 2.29
N VAL AA 309 -10.31 82.99 2.53
CA VAL AA 309 -10.79 82.71 3.87
C VAL AA 309 -10.74 81.24 4.24
N PHE AA 310 -9.72 80.54 3.78
CA PHE AA 310 -9.53 79.16 4.22
C PHE AA 310 -9.19 79.13 5.71
N PRO AA 311 -10.02 78.54 6.55
CA PRO AA 311 -9.81 78.64 7.99
C PRO AA 311 -8.67 77.75 8.45
N SER AA 312 -8.07 78.15 9.57
CA SER AA 312 -6.98 77.36 10.14
C SER AA 312 -7.52 76.35 11.16
N ALA AA 313 -6.61 75.71 11.87
CA ALA AA 313 -6.95 74.51 12.64
C ALA AA 313 -7.90 74.82 13.79
N THR AA 314 -7.57 75.84 14.59
CA THR AA 314 -8.41 76.20 15.72
C THR AA 314 -9.76 76.70 15.24
N SER AA 315 -9.75 77.48 14.17
CA SER AA 315 -11.00 77.99 13.62
C SER AA 315 -11.84 76.88 13.02
N ARG AA 316 -11.20 75.90 12.36
CA ARG AA 316 -11.93 74.74 11.87
C ARG AA 316 -12.55 73.96 13.01
N TRP AA 317 -11.81 73.77 14.09
CA TRP AA 317 -12.27 72.91 15.15
C TRP AA 317 -13.19 73.64 16.13
N VAL AA 318 -13.29 74.96 16.01
CA VAL AA 318 -14.43 75.68 16.56
C VAL AA 318 -15.64 75.55 15.65
N PHE AA 319 -15.44 75.71 14.35
CA PHE AA 319 -16.55 75.71 13.39
C PHE AA 319 -17.26 74.36 13.36
N GLU AA 320 -16.54 73.28 13.65
CA GLU AA 320 -17.20 71.98 13.65
C GLU AA 320 -18.16 71.83 14.83
N ALA AA 321 -17.95 72.57 15.91
CA ALA AA 321 -18.77 72.45 17.10
C ALA AA 321 -19.95 73.42 17.12
N ARG AA 322 -20.08 74.27 16.11
CA ARG AA 322 -21.10 75.31 16.08
C ARG AA 322 -21.71 75.34 14.69
N PRO AA 323 -22.96 75.83 14.56
CA PRO AA 323 -23.53 76.07 13.22
C PRO AA 323 -22.74 77.08 12.39
N LEU AA 339 -22.25 92.05 11.18
CA LEU AA 339 -21.59 92.32 12.45
C LEU AA 339 -22.57 91.97 13.57
N GLU AA 340 -23.59 91.19 13.19
CA GLU AA 340 -24.50 90.58 14.15
C GLU AA 340 -24.73 89.13 13.78
N GLY AA 341 -24.86 88.27 14.80
CA GLY AA 341 -24.97 86.84 14.59
C GLY AA 341 -23.70 86.08 14.24
N PRO AA 342 -23.89 84.87 13.69
CA PRO AA 342 -22.75 83.96 13.45
C PRO AA 342 -21.68 84.47 12.51
N ALA AA 343 -22.04 85.23 11.48
CA ALA AA 343 -21.03 85.78 10.60
C ALA AA 343 -20.09 86.73 11.32
N SER AA 344 -20.59 87.42 12.35
CA SER AA 344 -19.76 88.32 13.13
C SER AA 344 -18.70 87.60 13.94
N VAL AA 345 -19.08 86.59 14.72
CA VAL AA 345 -18.10 85.79 15.47
C VAL AA 345 -17.16 85.07 14.52
N ARG AA 346 -17.66 84.61 13.37
CA ARG AA 346 -16.78 83.95 12.39
C ARG AA 346 -15.73 84.92 11.87
N ASP AA 347 -16.13 86.14 11.53
CA ASP AA 347 -15.20 87.13 11.01
C ASP AA 347 -14.20 87.51 12.09
N VAL AA 348 -14.68 87.72 13.32
CA VAL AA 348 -13.81 88.09 14.43
C VAL AA 348 -12.77 87.02 14.71
N LEU AA 349 -13.19 85.75 14.71
CA LEU AA 349 -12.27 84.64 14.96
C LEU AA 349 -11.23 84.50 13.86
N LEU AA 350 -11.66 84.60 12.60
CA LEU AA 350 -10.71 84.50 11.49
C LEU AA 350 -9.74 85.67 11.51
N ARG AA 351 -10.24 86.87 11.80
CA ARG AA 351 -9.42 88.06 11.88
C ARG AA 351 -8.38 87.93 12.98
N ALA AA 352 -8.79 87.44 14.15
CA ALA AA 352 -7.88 87.28 15.28
C ALA AA 352 -6.81 86.24 14.97
N GLU AA 353 -7.18 85.14 14.32
CA GLU AA 353 -6.18 84.11 14.05
C GLU AA 353 -5.20 84.57 12.99
N ARG AA 354 -5.68 85.32 11.99
CA ARG AA 354 -4.78 85.89 11.00
C ARG AA 354 -3.82 86.87 11.64
N ALA AA 355 -4.30 87.66 12.60
CA ALA AA 355 -3.44 88.56 13.35
C ALA AA 355 -2.35 87.79 14.09
N ARG AA 356 -2.76 86.79 14.88
CA ARG AA 356 -1.81 85.97 15.64
C ARG AA 356 -0.75 85.34 14.74
N SER AA 357 -1.17 84.81 13.58
CA SER AA 357 -0.21 84.16 12.69
C SER AA 357 0.74 85.16 12.06
N PHE AA 358 0.23 86.32 11.64
CA PHE AA 358 1.11 87.34 11.07
C PHE AA 358 2.13 87.80 12.09
N LEU AA 359 1.67 88.05 13.31
CA LEU AA 359 2.53 88.51 14.39
C LEU AA 359 3.64 87.50 14.67
N THR AA 360 3.27 86.23 14.77
CA THR AA 360 4.24 85.17 15.02
C THR AA 360 5.27 85.07 13.90
N GLY AA 361 4.82 85.14 12.64
CA GLY AA 361 5.75 85.09 11.52
C GLY AA 361 6.71 86.27 11.55
N LEU AA 362 6.18 87.47 11.82
CA LEU AA 362 7.00 88.66 11.91
C LEU AA 362 8.09 88.51 12.96
N LEU AA 363 7.70 88.11 14.17
CA LEU AA 363 8.66 87.96 15.24
C LEU AA 363 9.74 86.93 14.93
N VAL AA 364 9.38 85.82 14.30
CA VAL AA 364 10.40 84.87 13.87
C VAL AA 364 11.36 85.47 12.86
N GLY AA 365 10.83 86.21 11.88
CA GLY AA 365 11.71 86.83 10.89
C GLY AA 365 12.65 87.85 11.49
N LEU AA 366 12.12 88.68 12.40
CA LEU AA 366 12.96 89.66 13.09
C LEU AA 366 14.00 88.98 13.95
N GLY AA 367 13.63 87.87 14.61
CA GLY AA 367 14.58 87.13 15.41
C GLY AA 367 15.78 86.64 14.62
N VAL AA 368 15.50 86.05 13.45
CA VAL AA 368 16.55 85.64 12.54
C VAL AA 368 17.41 86.83 12.11
N LEU AA 369 16.77 87.93 11.71
CA LEU AA 369 17.54 89.10 11.28
C LEU AA 369 18.41 89.65 12.40
N THR AA 370 17.88 89.69 13.62
CA THR AA 370 18.61 90.21 14.76
C THR AA 370 19.84 89.37 15.09
N VAL AA 371 19.67 88.04 15.11
CA VAL AA 371 20.85 87.21 15.39
C VAL AA 371 21.85 87.26 14.23
N VAL AA 372 21.38 87.30 12.98
CA VAL AA 372 22.34 87.33 11.88
C VAL AA 372 23.11 88.65 11.83
N CYS AA 373 22.47 89.78 12.17
CA CYS AA 373 23.21 91.03 12.20
C CYS AA 373 24.18 91.10 13.39
N LEU AA 374 23.76 90.66 14.58
CA LEU AA 374 24.69 90.65 15.70
C LEU AA 374 25.87 89.70 15.47
N ALA AA 375 25.62 88.56 14.83
CA ALA AA 375 26.72 87.67 14.47
C ALA AA 375 27.66 88.32 13.46
N GLY AA 376 27.12 89.00 12.46
CA GLY AA 376 27.94 89.72 11.50
C GLY AA 376 28.74 90.87 12.07
N LEU AA 377 28.25 91.51 13.13
CA LEU AA 377 28.99 92.64 13.67
C LEU AA 377 30.17 92.24 14.55
N CYS AA 378 30.00 91.26 15.43
CA CYS AA 378 30.99 90.96 16.47
C CYS AA 378 32.13 90.08 15.94
N ASP AA 379 32.90 90.64 15.01
CA ASP AA 379 34.22 90.06 14.74
C ASP AA 379 35.13 90.28 15.94
N PRO AA 380 35.82 89.24 16.43
CA PRO AA 380 36.73 89.44 17.56
C PRO AA 380 38.00 90.19 17.20
N HIS AA 381 38.46 90.13 15.97
CA HIS AA 381 39.74 90.73 15.60
C HIS AA 381 39.53 92.11 14.97
N ALA AA 382 38.79 92.94 15.70
CA ALA AA 382 38.52 94.33 15.35
C ALA AA 382 38.77 95.21 16.57
N GLY AA 383 39.20 96.44 16.32
CA GLY AA 383 39.49 97.38 17.38
C GLY AA 383 38.29 97.95 18.10
N ARG AA 384 37.12 97.94 17.45
CA ARG AA 384 35.90 98.48 18.05
C ARG AA 384 35.06 97.42 18.74
N ARG AA 385 35.64 96.23 18.98
CA ARG AA 385 34.90 95.02 19.30
C ARG AA 385 34.05 95.15 20.56
N TRP AA 386 34.47 95.99 21.51
CA TRP AA 386 33.74 96.15 22.76
C TRP AA 386 32.34 96.73 22.56
N LEU AA 387 32.17 97.56 21.52
CA LEU AA 387 30.90 98.25 21.32
C LEU AA 387 29.75 97.32 20.93
N PRO AA 388 29.86 96.49 19.88
CA PRO AA 388 28.70 95.65 19.53
C PRO AA 388 28.30 94.67 20.61
N LEU AA 389 29.20 94.25 21.49
CA LEU AA 389 28.79 93.47 22.66
C LEU AA 389 27.82 94.25 23.55
N LEU AA 390 28.00 95.56 23.66
CA LEU AA 390 27.01 96.40 24.34
C LEU AA 390 25.71 96.43 23.57
N LEU AA 391 25.79 96.54 22.24
CA LEU AA 391 24.58 96.47 21.41
C LEU AA 391 23.83 95.16 21.62
N ALA AA 392 24.57 94.06 21.70
CA ALA AA 392 24.02 92.74 22.01
C ALA AA 392 23.27 92.74 23.34
N ALA AA 393 23.92 93.23 24.40
CA ALA AA 393 23.30 93.24 25.73
C ALA AA 393 22.02 94.10 25.76
N PHE AA 394 22.09 95.29 25.16
CA PHE AA 394 20.91 96.16 25.09
C PHE AA 394 19.76 95.50 24.34
N THR AA 395 20.07 94.87 23.20
CA THR AA 395 19.03 94.19 22.42
C THR AA 395 18.47 93.01 23.19
N PHE AA 396 19.34 92.28 23.88
CA PHE AA 396 18.97 91.14 24.72
C PHE AA 396 17.92 91.53 25.76
N GLY AA 397 18.19 92.60 26.50
CA GLY AA 397 17.19 93.12 27.44
C GLY AA 397 15.92 93.59 26.75
N PHE AA 398 16.06 94.34 25.66
CA PHE AA 398 14.89 94.85 24.95
C PHE AA 398 13.98 93.74 24.48
N LEU AA 399 14.56 92.69 23.91
CA LEU AA 399 13.79 91.50 23.54
C LEU AA 399 13.11 90.87 24.74
N ILE AA 400 13.80 90.81 25.89
CA ILE AA 400 13.18 90.20 27.07
C ILE AA 400 11.98 91.01 27.57
N LEU AA 401 11.99 92.35 27.38
CA LEU AA 401 10.77 93.14 27.56
C LEU AA 401 9.57 92.54 26.83
N ARG AA 402 9.74 92.35 25.52
CA ARG AA 402 8.64 91.91 24.68
C ARG AA 402 8.22 90.50 25.09
N GLY AA 403 9.22 89.66 25.36
CA GLY AA 403 8.97 88.31 25.85
C GLY AA 403 8.09 88.26 27.09
N ARG AA 404 8.36 89.15 28.04
CA ARG AA 404 7.47 89.21 29.20
C ARG AA 404 6.17 89.91 28.90
N SER AA 405 6.10 90.72 27.84
CA SER AA 405 4.92 91.51 27.56
C SER AA 405 3.93 90.81 26.62
N TYR AA 406 4.41 90.05 25.65
CA TYR AA 406 3.52 89.47 24.64
C TYR AA 406 2.86 88.19 25.14
N VAL AA 407 1.58 88.03 24.78
CA VAL AA 407 0.73 87.05 25.44
C VAL AA 407 0.93 85.63 24.88
N ASP AA 408 1.05 85.47 23.56
CA ASP AA 408 1.11 84.14 22.96
C ASP AA 408 2.36 83.41 23.40
N ARG AA 409 2.16 82.20 23.93
CA ARG AA 409 3.23 81.28 24.28
C ARG AA 409 4.34 81.21 23.25
N TRP AA 410 3.99 81.01 21.98
CA TRP AA 410 5.03 80.78 21.00
C TRP AA 410 5.67 82.06 20.51
N GLN AA 411 5.14 83.20 20.93
CA GLN AA 411 5.77 84.48 20.64
C GLN AA 411 6.75 84.84 21.75
N ALA AA 412 6.34 84.67 23.00
CA ALA AA 412 7.26 84.81 24.12
C ALA AA 412 8.44 83.87 23.95
N ILE AA 413 8.16 82.62 23.58
CA ILE AA 413 9.21 81.63 23.36
C ILE AA 413 10.07 82.02 22.16
N THR AA 414 9.47 82.61 21.12
CA THR AA 414 10.26 83.14 20.00
C THR AA 414 11.24 84.20 20.48
N LEU AA 415 10.74 85.18 21.22
CA LEU AA 415 11.55 86.29 21.70
C LEU AA 415 12.69 85.81 22.60
N ALA AA 416 12.37 84.91 23.54
CA ALA AA 416 13.38 84.33 24.41
C ALA AA 416 14.43 83.58 23.61
N ALA AA 417 13.99 82.74 22.67
CA ALA AA 417 14.90 81.97 21.83
C ALA AA 417 15.87 82.87 21.05
N THR AA 418 15.35 83.88 20.35
CA THR AA 418 16.24 84.77 19.62
C THR AA 418 17.18 85.52 20.55
N ALA AA 419 16.69 85.96 21.72
CA ALA AA 419 17.55 86.63 22.69
C ALA AA 419 18.73 85.75 23.09
N VAL AA 420 18.46 84.48 23.42
CA VAL AA 420 19.54 83.53 23.71
C VAL AA 420 20.48 83.38 22.52
N LEU AA 421 19.90 83.25 21.31
CA LEU AA 421 20.69 82.98 20.13
C LEU AA 421 21.62 84.13 19.79
N ILE AA 422 21.26 85.37 20.17
CA ILE AA 422 22.19 86.50 20.08
C ILE AA 422 23.50 86.14 20.75
N ILE AA 423 23.40 85.72 22.01
CA ILE AA 423 24.57 85.44 22.84
C ILE AA 423 25.37 84.30 22.26
N ALA AA 424 24.67 83.21 21.91
CA ALA AA 424 25.34 82.05 21.34
C ALA AA 424 26.07 82.38 20.04
N ALA AA 425 25.42 83.14 19.15
CA ALA AA 425 26.03 83.50 17.87
C ALA AA 425 27.27 84.37 18.04
N VAL AA 426 27.18 85.40 18.88
CA VAL AA 426 28.36 86.26 19.07
C VAL AA 426 29.48 85.51 19.79
N ALA AA 427 29.11 84.65 20.75
CA ALA AA 427 30.11 83.85 21.46
C ALA AA 427 30.89 82.97 20.50
N VAL AA 428 30.19 82.23 19.65
CA VAL AA 428 30.89 81.36 18.70
C VAL AA 428 31.67 82.19 17.67
N ARG AA 429 31.10 83.32 17.20
CA ARG AA 429 31.79 84.19 16.25
C ARG AA 429 33.12 84.67 16.80
N TYR AA 430 33.20 84.92 18.11
CA TYR AA 430 34.51 85.10 18.72
C TYR AA 430 35.31 83.81 18.72
N VAL AA 431 34.87 82.82 19.50
CA VAL AA 431 35.76 81.75 19.94
C VAL AA 431 36.18 80.80 18.83
N LEU AA 432 35.48 80.79 17.70
CA LEU AA 432 35.86 79.88 16.61
C LEU AA 432 37.14 80.33 15.92
N VAL AA 433 37.19 81.59 15.49
CA VAL AA 433 38.33 82.11 14.75
C VAL AA 433 39.36 82.82 15.64
N SER AA 434 38.99 83.22 16.85
CA SER AA 434 39.98 83.73 17.80
C SER AA 434 40.55 82.55 18.58
N GLY AA 435 41.71 82.06 18.14
CA GLY AA 435 42.36 80.90 18.71
C GLY AA 435 43.06 81.16 20.03
N SER AA 436 42.30 81.40 21.09
CA SER AA 436 42.88 81.61 22.40
C SER AA 436 42.06 80.91 23.47
N PRO AA 437 42.73 80.23 24.41
CA PRO AA 437 42.03 79.70 25.59
C PRO AA 437 41.24 80.72 26.40
N ALA AA 438 41.68 81.97 26.43
CA ALA AA 438 41.00 83.02 27.19
C ALA AA 438 39.56 83.20 26.72
N VAL AA 439 39.40 83.55 25.43
CA VAL AA 439 38.06 83.75 24.87
C VAL AA 439 37.26 82.46 24.93
N LEU AA 440 37.91 81.31 24.74
CA LEU AA 440 37.23 80.02 24.86
C LEU AA 440 36.59 79.87 26.23
N SER AA 441 37.38 80.05 27.30
CA SER AA 441 36.88 79.86 28.65
C SER AA 441 35.79 80.85 28.99
N ALA AA 442 35.94 82.09 28.51
CA ALA AA 442 34.93 83.13 28.71
C ALA AA 442 33.62 82.76 28.03
N GLY AA 443 33.70 82.35 26.77
CA GLY AA 443 32.51 81.99 26.03
C GLY AA 443 31.79 80.81 26.66
N VAL AA 444 32.52 79.71 26.87
CA VAL AA 444 31.89 78.49 27.36
C VAL AA 444 31.28 78.72 28.75
N ALA AA 445 31.95 79.54 29.59
CA ALA AA 445 31.40 79.84 30.91
C ALA AA 445 30.11 80.62 30.81
N VAL AA 446 30.08 81.69 30.00
CA VAL AA 446 28.83 82.43 29.92
C VAL AA 446 27.76 81.59 29.23
N LEU AA 447 28.17 80.77 28.26
CA LEU AA 447 27.28 79.92 27.49
C LEU AA 447 26.61 78.86 28.35
N VAL AA 448 27.17 78.54 29.50
CA VAL AA 448 26.48 77.58 30.36
C VAL AA 448 25.81 78.29 31.53
N LEU AA 449 26.40 79.38 32.04
CA LEU AA 449 25.83 80.04 33.20
C LEU AA 449 24.60 80.89 32.86
N LEU AA 450 24.63 81.57 31.71
CA LEU AA 450 23.57 82.52 31.38
C LEU AA 450 22.20 81.89 31.18
N PRO AA 451 22.02 80.81 30.38
CA PRO AA 451 20.69 80.16 30.37
C PRO AA 451 20.29 79.57 31.70
N ALA AA 452 21.24 79.19 32.55
CA ALA AA 452 20.87 78.69 33.87
C ALA AA 452 20.29 79.81 34.74
N ALA AA 453 20.81 81.02 34.62
CA ALA AA 453 20.15 82.19 35.20
C ALA AA 453 18.77 82.43 34.58
N GLY AA 454 18.67 82.34 33.25
CA GLY AA 454 17.37 82.47 32.59
C GLY AA 454 16.32 81.48 33.07
N LEU AA 455 16.74 80.24 33.34
CA LEU AA 455 15.89 79.26 34.00
C LEU AA 455 15.57 79.66 35.43
N THR AA 456 16.60 80.05 36.18
CA THR AA 456 16.49 80.39 37.60
C THR AA 456 15.40 81.42 37.88
N ALA AA 457 15.24 82.39 36.98
CA ALA AA 457 14.24 83.45 37.12
C ALA AA 457 12.80 82.93 37.21
N ALA AA 458 12.53 81.71 36.75
CA ALA AA 458 11.23 81.08 36.95
C ALA AA 458 11.28 79.82 37.81
N ALA AA 459 12.40 79.10 37.83
CA ALA AA 459 12.48 77.85 38.56
C ALA AA 459 12.46 78.06 40.08
N VAL AA 460 13.31 78.94 40.58
CA VAL AA 460 13.34 79.19 42.02
C VAL AA 460 12.40 80.32 42.42
N VAL AA 461 12.27 81.37 41.60
CA VAL AA 461 11.42 82.51 41.93
C VAL AA 461 9.97 82.08 41.96
N PRO AA 462 9.25 82.25 43.10
CA PRO AA 462 7.94 81.62 43.27
C PRO AA 462 6.92 82.11 42.26
N ASN AA 463 6.58 81.22 41.32
CA ASN AA 463 5.68 81.48 40.20
C ASN AA 463 6.04 82.74 39.39
N THR AA 464 7.33 83.12 39.41
CA THR AA 464 7.86 84.34 38.77
C THR AA 464 7.18 85.59 39.34
N ILE AA 465 6.69 85.53 40.59
CA ILE AA 465 6.11 86.71 41.21
C ILE AA 465 7.19 87.71 41.60
N TYR AA 466 6.99 88.95 41.17
CA TYR AA 466 7.68 90.11 41.70
C TYR AA 466 6.63 91.20 41.88
N SER AA 467 6.99 92.25 42.62
CA SER AA 467 6.07 93.36 42.80
C SER AA 467 5.87 94.10 41.48
N PRO AA 468 4.70 94.71 41.28
CA PRO AA 468 4.47 95.55 40.09
C PRO AA 468 5.49 96.67 39.94
N LEU AA 469 5.89 97.30 41.04
CA LEU AA 469 6.93 98.32 41.01
C LEU AA 469 8.27 97.76 40.52
N PHE AA 470 8.70 96.61 41.06
CA PHE AA 470 9.94 95.98 40.60
C PHE AA 470 9.85 95.59 39.12
N ARG AA 471 8.72 95.02 38.70
CA ARG AA 471 8.47 94.75 37.29
C ARG AA 471 8.61 95.98 36.42
N LYS AA 472 7.92 97.06 36.78
CA LYS AA 472 8.02 98.33 36.06
C LYS AA 472 9.44 98.89 36.07
N ILE AA 473 10.21 98.68 37.13
CA ILE AA 473 11.62 99.09 37.17
C ILE AA 473 12.47 98.27 36.21
N VAL AA 474 12.25 96.95 36.16
CA VAL AA 474 12.89 96.11 35.15
C VAL AA 474 12.51 96.56 33.73
N GLU AA 475 11.23 96.93 33.54
CA GLU AA 475 10.79 97.50 32.27
C GLU AA 475 11.47 98.82 31.96
N TRP AA 476 11.68 99.65 32.98
CA TRP AA 476 12.49 100.85 32.81
C TRP AA 476 13.93 100.54 32.41
N ILE AA 477 14.56 99.55 33.04
CA ILE AA 477 15.96 99.25 32.75
C ILE AA 477 16.11 98.77 31.31
N GLU AA 478 15.28 97.80 30.93
CA GLU AA 478 15.36 97.29 29.56
C GLU AA 478 14.79 98.28 28.53
N TYR AA 479 14.01 99.28 28.95
CA TYR AA 479 13.74 100.41 28.07
C TYR AA 479 14.93 101.35 27.97
N LEU AA 480 15.64 101.59 29.08
CA LEU AA 480 16.84 102.41 29.10
C LEU AA 480 17.99 101.78 28.34
N CYS AA 481 17.83 100.50 27.96
CA CYS AA 481 18.71 99.88 26.97
C CYS AA 481 18.51 100.45 25.55
N LEU AA 482 17.32 100.98 25.23
CA LEU AA 482 17.04 101.32 23.83
C LEU AA 482 17.71 102.60 23.35
N MET AA 483 17.55 103.71 24.05
CA MET AA 483 18.14 104.97 23.56
C MET AA 483 19.68 105.03 23.48
N PRO AA 484 20.47 104.21 24.19
CA PRO AA 484 21.89 104.05 23.80
C PRO AA 484 22.15 103.48 22.41
N ILE AA 485 21.23 102.72 21.82
CA ILE AA 485 21.45 102.18 20.48
C ILE AA 485 21.55 103.29 19.43
N PHE AA 486 20.67 104.31 19.50
CA PHE AA 486 20.62 105.44 18.57
C PHE AA 486 21.99 106.13 18.36
N PRO AA 487 22.70 106.60 19.41
CA PRO AA 487 24.03 107.16 19.14
C PRO AA 487 25.03 106.09 18.75
N LEU AA 488 24.95 104.89 19.32
CA LEU AA 488 25.84 103.81 18.89
C LEU AA 488 25.59 103.44 17.44
N ALA AA 489 24.34 103.51 16.98
CA ALA AA 489 24.05 103.33 15.57
C ALA AA 489 24.71 104.41 14.72
N LEU AA 490 24.65 105.66 15.17
CA LEU AA 490 25.41 106.73 14.51
C LEU AA 490 26.92 106.48 14.53
N TRP AA 491 27.45 105.99 15.65
CA TRP AA 491 28.90 105.83 15.80
C TRP AA 491 29.45 104.66 15.01
N LEU AA 492 28.68 103.57 14.90
CA LEU AA 492 29.10 102.47 14.06
C LEU AA 492 28.81 102.71 12.58
N MET AA 493 27.80 103.52 12.27
CA MET AA 493 27.69 104.02 10.90
C MET AA 493 28.87 104.94 10.55
N ASN AA 494 29.23 105.84 11.46
CA ASN AA 494 30.49 106.58 11.35
C ASN AA 494 30.94 107.11 12.71
N ALA BA 13 -34.78 46.25 30.00
CA ALA BA 13 -33.68 45.71 30.79
C ALA BA 13 -32.71 44.95 29.88
N PRO BA 14 -31.45 44.82 30.30
CA PRO BA 14 -30.47 44.09 29.47
C PRO BA 14 -30.77 42.61 29.35
N VAL BA 15 -29.96 41.94 28.53
CA VAL BA 15 -30.11 40.52 28.27
C VAL BA 15 -28.81 39.82 28.62
N VAL BA 16 -28.91 38.55 29.01
CA VAL BA 16 -27.74 37.72 29.27
C VAL BA 16 -28.11 36.29 28.89
N LYS BA 17 -27.14 35.54 28.38
CA LYS BA 17 -27.42 34.17 27.98
C LYS BA 17 -26.28 33.22 28.37
N PRO BA 18 -26.62 32.08 28.97
CA PRO BA 18 -25.63 31.01 29.14
C PRO BA 18 -25.28 30.33 27.83
N GLU BA 19 -24.05 29.83 27.76
CA GLU BA 19 -23.57 29.09 26.60
C GLU BA 19 -22.70 27.95 27.08
N ASN BA 20 -22.50 26.96 26.21
CA ASN BA 20 -21.56 25.88 26.46
C ASN BA 20 -20.67 25.73 25.24
N ILE BA 21 -19.36 25.76 25.46
CA ILE BA 21 -18.37 25.72 24.39
C ILE BA 21 -17.32 24.69 24.77
N VAL BA 22 -17.19 23.64 23.96
CA VAL BA 22 -16.11 22.68 24.14
C VAL BA 22 -14.80 23.28 23.69
N LEU BA 23 -13.79 23.22 24.54
CA LEU BA 23 -12.45 23.64 24.17
C LEU BA 23 -11.85 22.66 23.15
N PRO BA 24 -11.04 23.16 22.22
CA PRO BA 24 -10.43 22.28 21.22
C PRO BA 24 -9.37 21.36 21.83
N THR BA 25 -9.10 20.28 21.11
CA THR BA 25 -8.12 19.30 21.56
C THR BA 25 -6.70 19.72 21.19
N PRO BA 26 -5.78 19.77 22.15
CA PRO BA 26 -4.38 20.10 21.85
C PRO BA 26 -3.73 19.13 20.87
N LEU BA 27 -2.65 19.60 20.27
CA LEU BA 27 -1.88 18.77 19.36
C LEU BA 27 -1.15 17.65 20.10
N SER BA 28 -0.83 16.61 19.35
CA SER BA 28 -0.04 15.49 19.82
C SER BA 28 1.27 15.40 19.03
N VAL BA 29 2.33 14.95 19.68
CA VAL BA 29 3.62 14.80 19.01
C VAL BA 29 4.39 13.61 19.57
N PRO BA 30 4.82 12.67 18.73
CA PRO BA 30 5.64 11.55 19.19
C PRO BA 30 7.01 12.01 19.67
N PRO BA 31 7.43 11.63 20.87
CA PRO BA 31 8.75 12.01 21.36
C PRO BA 31 9.85 11.35 20.53
N PRO BA 32 10.90 12.08 20.18
CA PRO BA 32 12.02 11.48 19.44
C PRO BA 32 12.72 10.39 20.24
N GLU BA 33 13.06 9.30 19.55
CA GLU BA 33 13.62 8.12 20.18
C GLU BA 33 15.11 8.26 20.48
N GLY BA 34 15.83 9.07 19.71
CA GLY BA 34 17.27 9.23 19.80
C GLY BA 34 18.05 8.23 18.96
N LYS BA 35 19.00 8.77 18.20
CA LYS BA 35 19.84 8.02 17.28
C LYS BA 35 20.73 6.99 17.97
N PRO BA 36 20.92 5.82 17.38
CA PRO BA 36 21.78 4.79 17.95
C PRO BA 36 23.25 5.15 17.83
N TRP BA 37 24.07 4.54 18.69
CA TRP BA 37 25.47 4.92 18.85
C TRP BA 37 26.29 4.72 17.57
N TRP BA 38 26.00 3.66 16.82
CA TRP BA 38 26.74 3.40 15.59
C TRP BA 38 26.55 4.50 14.57
N LEU BA 39 25.41 5.19 14.60
CA LEU BA 39 25.15 6.26 13.64
C LEU BA 39 26.16 7.38 13.82
N VAL BA 40 26.53 7.66 15.07
CA VAL BA 40 27.55 8.66 15.37
C VAL BA 40 28.92 8.23 14.86
N VAL BA 41 29.26 6.95 15.05
CA VAL BA 41 30.50 6.41 14.51
C VAL BA 41 30.54 6.55 12.99
N VAL BA 42 29.45 6.17 12.32
CA VAL BA 42 29.33 6.30 10.87
C VAL BA 42 29.49 7.74 10.41
N GLY BA 43 28.82 8.67 11.09
CA GLY BA 43 28.96 10.09 10.76
C GLY BA 43 30.39 10.59 10.83
N VAL BA 44 31.09 10.23 11.91
CA VAL BA 44 32.49 10.61 12.06
C VAL BA 44 33.36 9.97 10.98
N LEU BA 45 33.07 8.73 10.61
CA LEU BA 45 33.83 8.09 9.54
C LEU BA 45 33.61 8.78 8.20
N VAL BA 46 32.36 9.10 7.88
CA VAL BA 46 32.02 9.83 6.65
C VAL BA 46 32.76 11.17 6.56
N VAL BA 47 32.77 11.92 7.65
CA VAL BA 47 33.52 13.18 7.66
C VAL BA 47 35.01 12.94 7.51
N GLY BA 48 35.53 11.90 8.15
CA GLY BA 48 36.93 11.52 7.98
C GLY BA 48 37.31 11.22 6.53
N LEU BA 49 36.42 10.52 5.82
CA LEU BA 49 36.66 10.26 4.40
C LEU BA 49 36.64 11.54 3.59
N LEU BA 50 35.65 12.40 3.82
CA LEU BA 50 35.54 13.65 3.09
C LEU BA 50 36.80 14.51 3.24
N VAL BA 51 37.23 14.72 4.49
CA VAL BA 51 38.44 15.50 4.73
C VAL BA 51 39.68 14.80 4.17
N GLY BA 52 39.74 13.47 4.22
CA GLY BA 52 40.88 12.77 3.63
C GLY BA 52 40.98 12.98 2.13
N MET BA 53 39.83 12.93 1.46
CA MET BA 53 39.79 13.13 0.01
C MET BA 53 40.24 14.53 -0.38
N VAL BA 54 39.63 15.56 0.23
CA VAL BA 54 40.01 16.93 -0.12
C VAL BA 54 41.47 17.21 0.25
N GLY BA 55 41.93 16.71 1.39
CA GLY BA 55 43.33 16.82 1.76
C GLY BA 55 44.29 16.23 0.74
N MET BA 56 44.04 15.00 0.30
CA MET BA 56 44.80 14.43 -0.82
C MET BA 56 44.62 15.17 -2.15
N THR BA 57 43.55 15.92 -2.35
CA THR BA 57 43.51 16.82 -3.52
C THR BA 57 44.45 18.00 -3.35
N VAL BA 58 44.51 18.57 -2.15
CA VAL BA 58 45.43 19.67 -1.90
C VAL BA 58 46.87 19.19 -2.00
N ALA BA 59 47.15 18.02 -1.43
CA ALA BA 59 48.48 17.44 -1.50
C ALA BA 59 48.87 17.04 -2.91
N SER BA 60 47.91 16.65 -3.76
CA SER BA 60 48.25 16.27 -5.12
C SER BA 60 48.27 17.47 -6.06
N GLY BA 61 47.44 18.48 -5.80
CA GLY BA 61 47.55 19.78 -6.44
C GLY BA 61 47.19 19.89 -7.91
N SER BA 62 47.18 18.79 -8.66
CA SER BA 62 46.83 18.90 -10.07
C SER BA 62 45.33 19.13 -10.24
N ARG BA 63 44.99 20.04 -11.15
CA ARG BA 63 43.61 20.52 -11.30
C ARG BA 63 42.65 19.39 -11.71
N LEU BA 64 43.16 18.35 -12.36
CA LEU BA 64 42.37 17.14 -12.60
C LEU BA 64 41.89 16.51 -11.30
N PHE BA 65 42.79 16.31 -10.35
CA PHE BA 65 42.40 15.74 -9.06
C PHE BA 65 41.47 16.66 -8.30
N LEU BA 66 41.73 17.96 -8.33
CA LEU BA 66 40.84 18.94 -7.72
C LEU BA 66 39.45 18.95 -8.36
N GLY BA 67 39.35 18.65 -9.65
CA GLY BA 67 38.04 18.44 -10.24
C GLY BA 67 37.38 17.16 -9.80
N ALA BA 68 38.07 16.03 -10.01
CA ALA BA 68 37.56 14.69 -9.69
C ALA BA 68 37.07 14.56 -8.25
N GLY BA 69 37.85 15.07 -7.29
CA GLY BA 69 37.50 15.02 -5.89
C GLY BA 69 36.27 15.79 -5.49
N ALA BA 70 35.79 16.70 -6.32
CA ALA BA 70 34.49 17.31 -6.10
C ALA BA 70 33.41 16.72 -6.98
N ILE BA 71 33.78 16.30 -8.19
CA ILE BA 71 32.81 15.82 -9.18
C ILE BA 71 32.18 14.51 -8.75
N PHE BA 72 32.99 13.53 -8.35
CA PHE BA 72 32.40 12.26 -7.93
C PHE BA 72 31.57 12.30 -6.64
N PRO BA 73 31.97 12.96 -5.54
CA PRO BA 73 31.08 13.02 -4.38
C PRO BA 73 29.91 13.99 -4.44
N ILE BA 74 29.59 14.66 -5.55
CA ILE BA 74 28.32 15.39 -5.55
C ILE BA 74 27.12 14.46 -5.41
N PHE BA 75 26.66 14.26 -4.17
CA PHE BA 75 25.55 13.36 -3.91
C PHE BA 75 24.34 14.11 -3.36
N MET BA 76 24.58 15.27 -2.74
CA MET BA 76 23.52 16.14 -2.22
C MET BA 76 22.44 16.49 -3.24
N ILE BA 77 22.76 16.51 -4.54
CA ILE BA 77 21.75 16.71 -5.58
C ILE BA 77 20.63 15.67 -5.53
N GLY BA 78 20.93 14.45 -5.10
CA GLY BA 78 19.90 13.49 -4.79
C GLY BA 78 19.56 13.41 -3.32
N GLY BA 79 20.58 13.58 -2.47
CA GLY BA 79 20.42 13.48 -1.03
C GLY BA 79 19.43 14.45 -0.42
N VAL BA 80 19.27 15.63 -1.04
CA VAL BA 80 18.21 16.56 -0.63
C VAL BA 80 16.84 15.91 -0.75
N ALA BA 81 16.61 15.08 -1.77
CA ALA BA 81 15.39 14.29 -1.81
C ALA BA 81 15.46 13.09 -0.86
N MET BA 82 16.58 12.36 -0.89
CA MET BA 82 16.77 11.14 -0.10
C MET BA 82 16.69 11.35 1.41
N MET BA 83 16.74 12.60 1.89
CA MET BA 83 16.33 12.96 3.25
C MET BA 83 15.02 12.32 3.68
N MET BA 84 14.09 12.11 2.75
CA MET BA 84 12.84 11.42 3.03
C MET BA 84 13.04 10.03 3.62
N PHE BA 85 14.15 9.35 3.30
CA PHE BA 85 14.45 8.07 3.91
C PHE BA 85 14.99 8.19 5.33
N GLY BA 86 15.26 9.42 5.80
CA GLY BA 86 15.63 9.62 7.19
C GLY BA 86 14.61 9.04 8.15
N GLY BA 87 13.32 9.24 7.85
CA GLY BA 87 12.24 8.64 8.61
C GLY BA 87 12.13 7.13 8.47
N ARG BA 88 12.77 6.56 7.44
CA ARG BA 88 12.86 5.10 7.33
C ARG BA 88 14.03 4.54 8.13
N PHE BA 89 15.23 5.11 7.96
CA PHE BA 89 16.41 4.57 8.62
C PHE BA 89 16.54 5.09 10.06
N GLY BA 90 15.79 6.11 10.43
CA GLY BA 90 15.88 6.66 11.76
C GLY BA 90 16.89 7.76 11.99
N GLY BA 91 17.29 8.49 10.95
CA GLY BA 91 18.14 9.64 11.16
C GLY BA 91 17.37 10.80 11.76
N GLN BA 92 18.11 11.88 12.04
CA GLN BA 92 17.50 13.11 12.52
C GLN BA 92 16.57 13.70 11.47
N GLN BA 93 15.37 14.10 11.90
CA GLN BA 93 14.39 14.69 10.99
C GLN BA 93 13.81 15.95 11.61
N GLN BA 94 14.45 17.08 11.33
CA GLN BA 94 13.99 18.40 11.77
C GLN BA 94 12.96 18.99 10.81
N MET BA 95 12.82 18.40 9.63
CA MET BA 95 12.08 18.95 8.51
C MET BA 95 10.55 18.89 8.65
N SER BA 96 10.02 18.15 9.63
CA SER BA 96 8.58 18.21 9.85
C SER BA 96 8.09 19.51 10.47
N ARG BA 97 9.00 20.34 10.99
CA ARG BA 97 8.72 21.65 11.61
C ARG BA 97 7.64 22.50 10.94
N PRO BA 98 7.68 22.78 9.62
CA PRO BA 98 6.69 23.71 9.04
C PRO BA 98 5.24 23.30 9.22
N LYS BA 99 4.97 22.00 9.04
CA LYS BA 99 3.61 21.50 9.22
C LYS BA 99 3.14 21.65 10.65
N LEU BA 100 4.01 21.33 11.60
CA LEU BA 100 3.66 21.50 13.01
C LEU BA 100 3.40 22.96 13.34
N ASP BA 101 4.24 23.85 12.82
CA ASP BA 101 4.05 25.28 13.07
C ASP BA 101 2.73 25.80 12.49
N ALA BA 102 2.36 25.28 11.32
CA ALA BA 102 1.04 25.58 10.77
C ALA BA 102 -0.09 25.07 11.66
N MET BA 103 0.05 23.85 12.17
CA MET BA 103 -0.97 23.30 13.07
C MET BA 103 -1.10 24.15 14.33
N ARG BA 104 0.02 24.58 14.88
CA ARG BA 104 0.03 25.44 16.06
C ARG BA 104 -0.73 26.73 15.78
N ALA BA 105 -0.35 27.42 14.70
CA ALA BA 105 -1.00 28.68 14.33
C ALA BA 105 -2.50 28.52 14.18
N GLN BA 106 -2.91 27.46 13.48
CA GLN BA 106 -4.32 27.17 13.26
C GLN BA 106 -5.06 27.01 14.58
N PHE BA 107 -4.55 26.15 15.47
CA PHE BA 107 -5.15 25.95 16.78
C PHE BA 107 -5.25 27.26 17.53
N MET BA 108 -4.21 28.09 17.45
CA MET BA 108 -4.19 29.33 18.20
C MET BA 108 -5.28 30.27 17.72
N LEU BA 109 -5.48 30.35 16.40
CA LEU BA 109 -6.52 31.21 15.88
C LEU BA 109 -7.90 30.74 16.31
N MET BA 110 -8.10 29.42 16.33
CA MET BA 110 -9.35 28.87 16.86
C MET BA 110 -9.58 29.30 18.30
N LEU BA 111 -8.51 29.26 19.10
CA LEU BA 111 -8.60 29.67 20.48
C LEU BA 111 -8.94 31.15 20.60
N ASP BA 112 -8.37 31.98 19.72
CA ASP BA 112 -8.74 33.40 19.68
C ASP BA 112 -10.23 33.60 19.41
N MET BA 113 -10.79 32.83 18.48
CA MET BA 113 -12.22 32.94 18.21
C MET BA 113 -13.03 32.63 19.46
N LEU BA 114 -12.60 31.60 20.19
CA LEU BA 114 -13.28 31.29 21.44
C LEU BA 114 -13.12 32.41 22.45
N ARG BA 115 -11.93 33.00 22.51
CA ARG BA 115 -11.69 34.07 23.47
C ARG BA 115 -12.59 35.28 23.21
N GLU BA 116 -12.73 35.69 21.95
CA GLU BA 116 -13.60 36.83 21.67
C GLU BA 116 -15.07 36.49 21.95
N THR BA 117 -15.47 35.23 21.76
CA THR BA 117 -16.81 34.82 22.15
C THR BA 117 -17.02 34.95 23.65
N ALA BA 118 -16.00 34.56 24.42
CA ALA BA 118 -16.04 34.76 25.86
C ALA BA 118 -16.10 36.24 26.21
N GLN BA 119 -15.34 37.08 25.49
CA GLN BA 119 -15.37 38.52 25.74
C GLN BA 119 -16.76 39.11 25.58
N GLU BA 120 -17.42 38.80 24.46
CA GLU BA 120 -18.75 39.37 24.23
C GLU BA 120 -19.76 38.85 25.27
N SER BA 121 -19.65 37.57 25.64
CA SER BA 121 -20.49 37.04 26.71
C SER BA 121 -20.27 37.77 28.03
N ALA BA 122 -19.00 38.01 28.37
CA ALA BA 122 -18.67 38.69 29.62
C ALA BA 122 -19.14 40.15 29.60
N ASP BA 123 -19.06 40.80 28.44
CA ASP BA 123 -19.62 42.15 28.32
C ASP BA 123 -21.13 42.16 28.56
N SER BA 124 -21.83 41.18 28.00
CA SER BA 124 -23.28 41.07 28.26
C SER BA 124 -23.58 40.89 29.75
N MET BA 125 -22.85 39.97 30.39
CA MET BA 125 -23.00 39.76 31.84
C MET BA 125 -22.71 41.02 32.64
N ASP BA 126 -21.65 41.74 32.27
CA ASP BA 126 -21.31 42.98 32.94
C ASP BA 126 -22.43 44.01 32.84
N ALA BA 127 -22.90 44.25 31.61
CA ALA BA 127 -23.98 45.21 31.40
C ALA BA 127 -25.22 44.86 32.22
N ASN BA 128 -25.59 43.58 32.24
CA ASN BA 128 -26.71 43.13 33.05
C ASN BA 128 -26.50 43.37 34.54
N TYR BA 129 -25.38 42.90 35.07
CA TYR BA 129 -25.12 43.00 36.50
C TYR BA 129 -25.07 44.45 36.97
N ARG BA 130 -24.40 45.31 36.21
CA ARG BA 130 -24.32 46.70 36.64
C ARG BA 130 -25.65 47.43 36.46
N TRP BA 131 -26.48 46.99 35.50
CA TRP BA 131 -27.84 47.52 35.44
C TRP BA 131 -28.63 47.15 36.69
N PHE BA 132 -28.53 45.91 37.12
CA PHE BA 132 -29.19 45.49 38.35
C PHE BA 132 -28.51 46.06 39.58
N HIS BA 133 -27.20 46.31 39.49
CA HIS BA 133 -26.41 46.69 40.66
C HIS BA 133 -25.50 47.86 40.33
N PRO BA 134 -26.05 49.07 40.25
CA PRO BA 134 -25.21 50.26 40.10
C PRO BA 134 -24.27 50.44 41.28
N ALA BA 135 -23.18 51.15 41.02
CA ALA BA 135 -22.25 51.53 42.06
C ALA BA 135 -22.87 52.56 43.00
N PRO BA 136 -22.46 52.57 44.29
CA PRO BA 136 -23.14 53.42 45.29
C PRO BA 136 -23.18 54.90 44.92
N THR BA 137 -22.09 55.41 44.35
CA THR BA 137 -22.03 56.80 43.92
C THR BA 137 -23.12 57.13 42.91
N THR BA 138 -23.39 56.22 41.99
CA THR BA 138 -24.34 56.47 40.92
C THR BA 138 -25.80 56.41 41.36
N LEU BA 139 -26.06 55.97 42.59
CA LEU BA 139 -27.43 55.84 43.08
C LEU BA 139 -28.14 57.18 43.24
N ALA BA 140 -27.40 58.30 43.20
CA ALA BA 140 -27.96 59.64 43.25
C ALA BA 140 -28.89 59.98 42.09
N ALA BA 141 -29.06 59.09 41.12
CA ALA BA 141 -30.11 59.28 40.11
C ALA BA 141 -31.49 59.36 40.75
N ALA BA 142 -31.77 58.48 41.71
CA ALA BA 142 -32.90 58.55 42.65
C ALA BA 142 -34.27 58.65 41.99
N VAL BA 143 -34.39 58.39 40.69
CA VAL BA 143 -35.68 58.47 39.99
C VAL BA 143 -35.59 57.63 38.73
N GLY BA 144 -36.72 57.10 38.29
CA GLY BA 144 -36.78 56.35 37.04
C GLY BA 144 -36.56 54.88 37.28
N SER BA 145 -35.38 54.53 37.77
CA SER BA 145 -35.02 53.16 38.11
C SER BA 145 -35.12 52.88 39.60
N SER BA 146 -35.59 53.85 40.39
CA SER BA 146 -35.57 53.72 41.83
C SER BA 146 -36.73 52.86 42.32
N ARG BA 147 -36.45 52.04 43.34
CA ARG BA 147 -37.41 51.22 44.07
C ARG BA 147 -38.20 50.26 43.17
N MET BA 148 -37.58 49.79 42.10
CA MET BA 148 -38.33 49.09 41.06
C MET BA 148 -38.36 47.59 41.27
N TRP BA 149 -37.75 47.08 42.33
CA TRP BA 149 -37.76 45.65 42.59
C TRP BA 149 -39.01 45.23 43.35
N GLU BA 150 -39.38 43.96 43.15
CA GLU BA 150 -40.72 43.50 43.48
C GLU BA 150 -40.69 42.33 44.45
N ARG BA 151 -41.73 42.29 45.29
CA ARG BA 151 -41.90 41.25 46.31
C ARG BA 151 -41.95 39.86 45.72
N GLN BA 152 -42.76 39.67 44.68
CA GLN BA 152 -43.33 38.38 44.34
C GLN BA 152 -42.26 37.39 43.87
N PRO BA 153 -42.37 36.11 44.25
CA PRO BA 153 -41.24 35.17 44.14
C PRO BA 153 -40.80 34.84 42.72
N ASP BA 154 -41.39 35.41 41.68
CA ASP BA 154 -40.93 35.21 40.32
C ASP BA 154 -40.28 36.50 39.82
N GLY BA 155 -39.41 36.35 38.83
CA GLY BA 155 -38.83 37.52 38.19
C GLY BA 155 -37.86 38.29 39.06
N LYS BA 156 -38.32 39.45 39.56
CA LYS BA 156 -37.49 40.34 40.37
C LYS BA 156 -36.96 39.69 41.64
N ASP BA 157 -37.58 38.59 42.09
CA ASP BA 157 -37.09 37.89 43.27
C ASP BA 157 -35.68 37.36 43.09
N LEU BA 158 -35.25 37.16 41.84
CA LEU BA 158 -33.85 36.81 41.59
C LEU BA 158 -32.92 37.91 42.04
N ASN BA 159 -33.42 39.13 42.19
CA ASN BA 159 -32.64 40.25 42.67
C ASN BA 159 -33.37 41.07 43.72
N PHE BA 160 -34.49 40.56 44.26
CA PHE BA 160 -35.22 41.31 45.27
C PHE BA 160 -34.46 41.34 46.59
N GLY BA 161 -33.95 40.20 47.03
CA GLY BA 161 -33.36 40.15 48.35
C GLY BA 161 -31.84 40.22 48.32
N VAL BA 162 -31.26 40.55 47.17
CA VAL BA 162 -29.82 40.49 46.96
C VAL BA 162 -29.30 41.91 46.92
N VAL BA 163 -28.11 42.13 47.47
CA VAL BA 163 -27.51 43.45 47.52
C VAL BA 163 -26.09 43.38 46.96
N ARG BA 164 -25.76 44.33 46.09
CA ARG BA 164 -24.36 44.52 45.70
C ARG BA 164 -23.55 45.00 46.88
N VAL BA 165 -22.48 44.27 47.19
CA VAL BA 165 -21.60 44.63 48.29
C VAL BA 165 -20.22 45.07 47.83
N GLY BA 166 -19.80 44.70 46.63
CA GLY BA 166 -18.47 45.02 46.21
C GLY BA 166 -18.26 44.68 44.75
N VAL BA 167 -17.00 44.57 44.36
CA VAL BA 167 -16.65 44.06 43.05
C VAL BA 167 -15.65 42.93 43.17
N GLY BA 168 -15.64 42.05 42.18
CA GLY BA 168 -14.83 40.86 42.24
C GLY BA 168 -15.09 39.95 41.06
N MET BA 169 -14.58 38.73 41.18
CA MET BA 169 -14.70 37.72 40.14
C MET BA 169 -16.10 37.10 40.14
N THR BA 170 -16.48 36.56 38.98
CA THR BA 170 -17.54 35.56 38.94
C THR BA 170 -17.33 34.64 37.74
N ARG BA 171 -17.92 33.46 37.83
CA ARG BA 171 -17.91 32.52 36.72
C ARG BA 171 -18.76 33.01 35.55
N PRO BA 172 -18.28 32.87 34.32
CA PRO BA 172 -19.03 33.35 33.15
C PRO BA 172 -20.26 32.51 32.87
N GLU BA 173 -21.11 33.04 31.99
CA GLU BA 173 -22.26 32.31 31.47
C GLU BA 173 -21.89 31.32 30.39
N VAL BA 174 -20.79 31.54 29.68
CA VAL BA 174 -20.23 30.46 28.88
C VAL BA 174 -19.69 29.38 29.80
N THR BA 175 -19.92 28.13 29.41
CA THR BA 175 -19.42 26.97 30.13
C THR BA 175 -18.44 26.24 29.23
N TRP BA 176 -17.23 26.05 29.73
CA TRP BA 176 -16.18 25.42 28.95
C TRP BA 176 -16.36 23.92 29.01
N GLY BA 177 -16.86 23.35 27.92
CA GLY BA 177 -16.85 21.90 27.77
C GLY BA 177 -15.45 21.37 27.71
N GLU BA 178 -15.27 20.17 28.26
CA GLU BA 178 -13.97 19.54 28.41
C GLU BA 178 -13.26 19.41 27.06
N PRO BA 179 -11.97 19.70 27.00
CA PRO BA 179 -11.18 19.30 25.84
C PRO BA 179 -10.99 17.80 25.78
N GLN BA 180 -11.98 17.10 25.24
CA GLN BA 180 -11.94 15.66 25.11
C GLN BA 180 -10.78 15.21 24.22
N ASN BA 181 -10.44 13.92 24.35
CA ASN BA 181 -9.36 13.27 23.59
C ASN BA 181 -7.99 13.88 23.85
N MET BA 182 -7.76 14.40 25.06
CA MET BA 182 -6.45 14.88 25.47
C MET BA 182 -5.40 13.81 25.17
N PRO BA 183 -4.32 14.15 24.48
CA PRO BA 183 -3.20 13.22 24.36
C PRO BA 183 -2.55 12.98 25.70
N THR BA 184 -1.81 11.88 25.77
CA THR BA 184 -1.05 11.58 26.97
C THR BA 184 0.06 12.61 27.14
N ASP BA 185 0.53 12.71 28.39
CA ASP BA 185 1.37 13.83 28.80
C ASP BA 185 2.75 13.80 28.19
N ILE BA 186 3.15 12.68 27.59
CA ILE BA 186 4.39 12.68 26.83
C ILE BA 186 4.11 13.11 25.39
N GLU BA 187 2.91 12.85 24.88
CA GLU BA 187 2.59 13.26 23.52
C GLU BA 187 2.11 14.69 23.43
N LEU BA 188 1.73 15.30 24.56
CA LEU BA 188 1.13 16.62 24.58
C LEU BA 188 2.10 17.69 24.10
N GLU BA 189 1.72 18.39 23.04
CA GLU BA 189 2.57 19.42 22.45
C GLU BA 189 2.67 20.60 23.41
N PRO BA 190 3.87 21.14 23.66
CA PRO BA 190 4.02 22.11 24.76
C PRO BA 190 3.21 23.38 24.59
N VAL BA 191 3.24 23.97 23.39
CA VAL BA 191 2.64 25.28 23.16
C VAL BA 191 1.14 25.23 23.30
N THR BA 192 0.48 24.36 22.55
CA THR BA 192 -0.97 24.30 22.56
C THR BA 192 -1.49 23.82 23.92
N GLY BA 193 -0.77 22.90 24.54
CA GLY BA 193 -1.14 22.47 25.88
C GLY BA 193 -1.07 23.59 26.88
N LYS BA 194 0.02 24.34 26.87
CA LYS BA 194 0.19 25.44 27.82
C LYS BA 194 -0.82 26.54 27.56
N ALA BA 195 -1.06 26.85 26.29
CA ALA BA 195 -2.04 27.87 25.94
C ALA BA 195 -3.43 27.49 26.42
N LEU BA 196 -3.81 26.23 26.24
CA LEU BA 196 -5.11 25.77 26.72
C LEU BA 196 -5.20 25.80 28.24
N GLN BA 197 -4.11 25.44 28.93
CA GLN BA 197 -4.05 25.63 30.38
C GLN BA 197 -4.33 27.07 30.77
N GLU BA 198 -3.68 28.01 30.08
CA GLU BA 198 -3.85 29.41 30.43
C GLU BA 198 -5.25 29.90 30.11
N PHE BA 199 -5.84 29.41 29.02
CA PHE BA 199 -7.20 29.76 28.67
C PHE BA 199 -8.17 29.31 29.75
N GLY BA 200 -8.08 28.03 30.13
CA GLY BA 200 -8.91 27.51 31.21
C GLY BA 200 -8.70 28.26 32.52
N ARG BA 201 -7.47 28.67 32.78
CA ARG BA 201 -7.17 29.37 34.02
C ARG BA 201 -7.79 30.76 34.04
N TYR BA 202 -7.61 31.52 32.97
CA TYR BA 202 -8.02 32.92 32.98
C TYR BA 202 -9.42 33.16 32.46
N GLN BA 203 -9.87 32.41 31.47
CA GLN BA 203 -11.28 32.52 31.09
C GLN BA 203 -12.20 31.78 32.05
N SER BA 204 -11.68 31.34 33.19
CA SER BA 204 -12.50 30.76 34.25
C SER BA 204 -13.41 31.79 34.90
N VAL BA 205 -13.05 33.08 34.87
CA VAL BA 205 -13.80 34.10 35.58
C VAL BA 205 -13.87 35.37 34.76
N VAL BA 206 -14.91 36.14 34.99
CA VAL BA 206 -14.98 37.55 34.61
C VAL BA 206 -14.51 38.39 35.78
N TYR BA 207 -13.58 39.30 35.53
CA TYR BA 207 -13.05 40.15 36.59
C TYR BA 207 -13.82 41.45 36.72
N ASN BA 208 -13.84 41.97 37.96
CA ASN BA 208 -14.47 43.23 38.35
C ASN BA 208 -15.92 43.30 37.88
N LEU BA 209 -16.70 42.33 38.29
CA LEU BA 209 -18.14 42.47 38.27
C LEU BA 209 -18.66 42.78 39.68
N PRO BA 210 -19.87 43.34 39.80
CA PRO BA 210 -20.51 43.45 41.12
C PRO BA 210 -20.61 42.12 41.85
N LYS BA 211 -20.12 42.11 43.09
CA LYS BA 211 -20.30 40.97 43.98
C LYS BA 211 -21.51 41.19 44.87
N MET BA 212 -22.32 40.16 45.03
CA MET BA 212 -23.62 40.28 45.66
C MET BA 212 -23.69 39.45 46.93
N VAL BA 213 -24.40 39.96 47.93
CA VAL BA 213 -24.84 39.20 49.08
C VAL BA 213 -26.37 39.09 49.03
N SER BA 214 -26.88 37.87 49.17
CA SER BA 214 -28.31 37.65 49.33
C SER BA 214 -28.71 37.75 50.80
N LEU BA 215 -29.70 38.60 51.09
CA LEU BA 215 -30.23 38.71 52.45
C LEU BA 215 -31.08 37.51 52.85
N LEU BA 216 -31.48 36.68 51.89
CA LEU BA 216 -32.45 35.61 52.13
C LEU BA 216 -31.82 34.27 52.50
N VAL BA 217 -30.50 34.17 52.57
CA VAL BA 217 -29.86 32.89 52.80
C VAL BA 217 -29.10 32.81 54.11
N GLU BA 218 -28.67 33.93 54.67
CA GLU BA 218 -28.14 33.84 56.03
C GLU BA 218 -29.02 34.56 57.03
N PRO BA 219 -29.21 33.97 58.23
CA PRO BA 219 -29.94 34.68 59.30
C PRO BA 219 -29.30 36.00 59.69
N TRP BA 220 -27.98 36.12 59.61
CA TRP BA 220 -27.31 37.38 59.90
C TRP BA 220 -25.97 37.41 59.19
N TYR BA 221 -25.35 38.58 59.17
CA TYR BA 221 -23.95 38.71 58.82
C TYR BA 221 -23.21 39.50 59.90
N SER BA 222 -21.93 39.19 60.06
CA SER BA 222 -21.09 39.87 61.04
C SER BA 222 -19.85 40.41 60.35
N LEU BA 223 -19.52 41.67 60.63
CA LEU BA 223 -18.58 42.45 59.84
C LEU BA 223 -17.33 42.64 60.66
N VAL BA 224 -16.24 41.98 60.26
CA VAL BA 224 -14.99 41.98 61.01
C VAL BA 224 -13.97 42.80 60.25
N GLY BA 225 -13.44 43.83 60.90
CA GLY BA 225 -12.38 44.61 60.33
C GLY BA 225 -12.28 45.97 61.00
N GLU BA 226 -11.64 46.91 60.30
CA GLU BA 226 -11.49 48.25 60.83
C GLU BA 226 -12.83 48.97 60.83
N ARG BA 227 -12.99 49.88 61.80
CA ARG BA 227 -14.26 50.52 62.06
C ARG BA 227 -14.79 51.31 60.88
N GLU BA 228 -13.96 52.14 60.26
CA GLU BA 228 -14.45 52.94 59.15
C GLU BA 228 -14.67 52.13 57.88
N GLN BA 229 -13.90 51.07 57.66
CA GLN BA 229 -14.20 50.12 56.59
C GLN BA 229 -15.60 49.56 56.75
N VAL BA 230 -15.88 49.04 57.94
CA VAL BA 230 -17.15 48.41 58.26
C VAL BA 230 -18.30 49.40 58.12
N LEU BA 231 -18.15 50.59 58.72
CA LEU BA 231 -19.15 51.64 58.60
C LEU BA 231 -19.38 52.04 57.14
N GLY BA 232 -18.32 52.31 56.39
CA GLY BA 232 -18.46 52.71 55.00
C GLY BA 232 -19.23 51.69 54.17
N LEU BA 233 -18.89 50.41 54.34
CA LEU BA 233 -19.65 49.34 53.73
C LEU BA 233 -21.10 49.35 54.18
N THR BA 234 -21.33 49.60 55.47
CA THR BA 234 -22.70 49.57 55.98
C THR BA 234 -23.53 50.69 55.36
N ARG BA 235 -22.95 51.88 55.23
CA ARG BA 235 -23.64 53.00 54.61
C ARG BA 235 -23.96 52.67 53.15
N ALA BA 236 -23.01 52.01 52.48
CA ALA BA 236 -23.20 51.63 51.09
C ALA BA 236 -24.37 50.66 50.97
N ILE BA 237 -24.37 49.63 51.81
CA ILE BA 237 -25.48 48.66 51.87
C ILE BA 237 -26.81 49.37 52.05
N ILE BA 238 -26.88 50.25 53.06
CA ILE BA 238 -28.13 50.95 53.39
C ILE BA 238 -28.63 51.75 52.21
N CYS BA 239 -27.73 52.50 51.55
CA CYS BA 239 -28.15 53.29 50.40
C CYS BA 239 -28.51 52.44 49.20
N GLN BA 240 -27.83 51.31 48.99
CA GLN BA 240 -28.22 50.37 47.95
C GLN BA 240 -29.63 49.83 48.18
N LEU BA 241 -29.93 49.38 49.40
CA LEU BA 241 -31.29 48.92 49.70
C LEU BA 241 -32.30 50.04 49.56
N ALA BA 242 -31.93 51.26 49.99
CA ALA BA 242 -32.86 52.38 49.95
C ALA BA 242 -33.21 52.79 48.53
N PHE BA 243 -32.21 52.79 47.64
CA PHE BA 243 -32.51 53.04 46.23
C PHE BA 243 -33.31 51.89 45.63
N SER BA 244 -32.84 50.67 45.83
CA SER BA 244 -33.41 49.55 45.10
C SER BA 244 -34.77 49.13 45.64
N HIS BA 245 -34.99 49.23 46.94
CA HIS BA 245 -36.23 48.77 47.52
C HIS BA 245 -36.97 49.90 48.20
N GLY BA 246 -38.28 49.95 47.98
CA GLY BA 246 -39.11 50.99 48.53
C GLY BA 246 -39.31 50.82 50.02
N PRO BA 247 -39.79 51.87 50.69
CA PRO BA 247 -40.03 51.78 52.13
C PRO BA 247 -41.12 50.78 52.49
N ASP BA 248 -42.02 50.46 51.55
CA ASP BA 248 -43.09 49.50 51.79
C ASP BA 248 -42.64 48.05 51.71
N HIS BA 249 -41.42 47.79 51.23
CA HIS BA 249 -40.93 46.43 51.09
C HIS BA 249 -39.81 46.10 52.06
N VAL BA 250 -38.98 47.08 52.38
CA VAL BA 250 -37.83 46.91 53.26
C VAL BA 250 -37.83 48.05 54.27
N GLN BA 251 -37.80 47.71 55.55
CA GLN BA 251 -37.64 48.70 56.61
C GLN BA 251 -36.32 48.45 57.30
N MET BA 252 -35.80 49.48 57.97
CA MET BA 252 -34.43 49.47 58.43
C MET BA 252 -34.37 49.84 59.90
N ILE BA 253 -33.44 49.22 60.62
CA ILE BA 253 -33.18 49.54 62.01
C ILE BA 253 -31.68 49.62 62.25
N VAL BA 254 -31.25 50.63 62.99
CA VAL BA 254 -29.87 50.80 63.42
C VAL BA 254 -29.85 50.82 64.94
N VAL BA 255 -29.05 49.95 65.55
CA VAL BA 255 -28.88 49.92 67.00
C VAL BA 255 -27.42 50.25 67.26
N THR BA 256 -27.17 51.34 67.97
CA THR BA 256 -25.83 51.90 68.01
C THR BA 256 -25.49 52.45 69.38
N SER BA 257 -24.19 52.55 69.62
CA SER BA 257 -23.67 53.29 70.76
C SER BA 257 -23.12 54.66 70.35
N ASP BA 258 -23.02 54.92 69.05
CA ASP BA 258 -22.44 56.16 68.53
C ASP BA 258 -23.36 56.79 67.49
N PRO BA 259 -24.43 57.47 67.92
CA PRO BA 259 -25.45 57.93 66.96
C PRO BA 259 -24.98 59.04 66.03
N ASP BA 260 -23.87 59.71 66.37
CA ASP BA 260 -23.31 60.75 65.51
C ASP BA 260 -22.88 60.16 64.17
N ARG BA 261 -22.38 58.93 64.17
CA ARG BA 261 -22.01 58.28 62.93
C ARG BA 261 -23.24 57.93 62.11
N TRP BA 262 -24.41 57.84 62.77
CA TRP BA 262 -25.65 57.40 62.16
C TRP BA 262 -26.65 58.54 62.05
N ASP BA 263 -26.21 59.78 62.15
CA ASP BA 263 -27.15 60.89 62.12
C ASP BA 263 -27.70 61.12 60.73
N TRP BA 264 -26.99 60.65 59.70
CA TRP BA 264 -27.44 60.83 58.32
C TRP BA 264 -28.66 60.00 57.97
N VAL BA 265 -28.93 58.90 58.69
CA VAL BA 265 -29.98 57.99 58.29
C VAL BA 265 -31.37 58.55 58.53
N LYS BA 266 -31.48 59.65 59.29
CA LYS BA 266 -32.78 60.23 59.62
C LYS BA 266 -33.56 60.65 58.38
N TRP BA 267 -32.87 61.04 57.31
CA TRP BA 267 -33.53 61.47 56.10
C TRP BA 267 -34.15 60.32 55.32
N ILE BA 268 -33.60 59.13 55.45
CA ILE BA 268 -34.02 57.99 54.63
C ILE BA 268 -35.39 57.51 55.08
N PRO BA 269 -36.39 57.48 54.19
CA PRO BA 269 -37.76 57.11 54.59
C PRO BA 269 -37.88 55.68 55.08
N HIS BA 270 -36.92 54.80 54.76
CA HIS BA 270 -37.00 53.42 55.21
C HIS BA 270 -36.83 53.30 56.72
N PHE BA 271 -36.19 54.28 57.35
CA PHE BA 271 -36.04 54.28 58.80
C PHE BA 271 -37.27 54.85 59.48
N GLY BA 272 -38.25 55.32 58.72
CA GLY BA 272 -39.46 55.89 59.28
C GLY BA 272 -40.35 54.81 59.86
N ASP BA 273 -40.68 54.92 61.14
CA ASP BA 273 -41.63 54.00 61.75
C ASP BA 273 -43.04 54.46 61.41
N PRO BA 274 -43.83 53.65 60.69
CA PRO BA 274 -45.20 54.08 60.34
C PRO BA 274 -46.12 54.19 61.55
N ARG BA 275 -45.74 53.58 62.68
CA ARG BA 275 -46.62 53.45 63.83
C ARG BA 275 -46.55 54.67 64.74
N ARG BA 276 -45.37 55.23 64.95
CA ARG BA 276 -45.19 56.41 65.77
C ARG BA 276 -44.94 57.63 64.90
N ARG BA 277 -45.66 58.72 65.18
CA ARG BA 277 -45.51 59.96 64.43
C ARG BA 277 -44.98 61.03 65.37
N ASP BA 278 -44.17 61.93 64.82
CA ASP BA 278 -43.67 63.07 65.58
C ASP BA 278 -43.81 64.31 64.70
N ALA BA 279 -43.15 65.39 65.12
CA ALA BA 279 -43.19 66.65 64.36
C ALA BA 279 -42.56 66.49 62.99
N ALA BA 280 -41.45 65.76 62.90
CA ALA BA 280 -40.73 65.62 61.63
C ALA BA 280 -41.39 64.62 60.69
N GLY BA 281 -42.36 63.84 61.17
CA GLY BA 281 -43.02 62.86 60.32
C GLY BA 281 -43.11 61.50 60.98
N ASN BA 282 -42.62 60.47 60.29
CA ASN BA 282 -42.53 59.15 60.89
C ASN BA 282 -41.35 59.07 61.84
N ALA BA 283 -41.51 58.26 62.88
CA ALA BA 283 -40.46 58.10 63.88
C ALA BA 283 -39.29 57.34 63.29
N ARG BA 284 -38.08 57.77 63.64
CA ARG BA 284 -36.88 57.14 63.14
C ARG BA 284 -36.63 55.84 63.91
N MET BA 285 -36.34 54.77 63.18
CA MET BA 285 -36.19 53.45 63.80
C MET BA 285 -34.72 53.22 64.13
N VAL BA 286 -34.17 54.15 64.89
CA VAL BA 286 -32.81 54.10 65.39
C VAL BA 286 -32.86 54.06 66.90
N TYR BA 287 -32.21 53.06 67.48
CA TYR BA 287 -32.26 52.83 68.91
C TYR BA 287 -30.83 52.80 69.44
N THR BA 288 -30.67 53.21 70.69
CA THR BA 288 -29.34 53.30 71.28
C THR BA 288 -28.96 52.06 72.06
N SER BA 289 -29.86 51.08 72.17
CA SER BA 289 -29.57 49.84 72.87
C SER BA 289 -30.52 48.76 72.37
N VAL BA 290 -30.08 47.51 72.50
CA VAL BA 290 -30.98 46.40 72.16
C VAL BA 290 -32.11 46.34 73.17
N ARG BA 291 -31.86 46.83 74.39
CA ARG BA 291 -32.91 46.93 75.40
C ARG BA 291 -33.93 47.98 75.00
N GLU BA 292 -33.54 48.96 74.19
CA GLU BA 292 -34.42 50.01 73.71
C GLU BA 292 -35.38 49.53 72.63
N PHE BA 293 -35.43 48.22 72.36
CA PHE BA 293 -36.46 47.69 71.50
C PHE BA 293 -37.80 47.82 72.20
N ALA BA 294 -38.51 48.90 71.92
CA ALA BA 294 -39.91 49.07 72.29
C ALA BA 294 -40.82 48.72 71.13
N THR BA 295 -40.29 48.05 70.11
CA THR BA 295 -41.10 47.55 69.01
C THR BA 295 -41.92 46.34 69.45
N GLU BA 296 -41.25 45.25 69.82
CA GLU BA 296 -41.80 43.92 70.09
C GLU BA 296 -42.60 43.35 68.92
N GLN BA 297 -42.57 43.98 67.75
CA GLN BA 297 -43.31 43.50 66.60
C GLN BA 297 -42.44 42.69 65.66
N ALA BA 298 -41.15 42.98 65.64
CA ALA BA 298 -40.21 42.15 64.92
C ALA BA 298 -39.66 41.03 65.79
N GLU BA 299 -40.15 40.90 67.03
CA GLU BA 299 -39.62 39.91 67.96
C GLU BA 299 -40.68 38.92 68.41
N LEU BA 300 -41.80 38.79 67.70
CA LEU BA 300 -42.75 37.72 67.95
C LEU BA 300 -42.74 36.65 66.87
N PHE BA 301 -41.81 36.72 65.93
CA PHE BA 301 -41.69 35.74 64.87
C PHE BA 301 -41.08 34.43 65.41
N ALA BA 302 -41.01 33.44 64.53
CA ALA BA 302 -40.36 32.18 64.82
C ALA BA 302 -38.91 32.23 64.34
N GLY BA 303 -38.23 31.09 64.36
CA GLY BA 303 -36.91 31.01 63.76
C GLY BA 303 -36.97 31.15 62.27
N ARG BA 304 -35.84 31.50 61.67
CA ARG BA 304 -35.82 31.85 60.26
C ARG BA 304 -35.45 30.66 59.39
N GLY BA 305 -36.22 30.47 58.32
CA GLY BA 305 -35.85 29.58 57.24
C GLY BA 305 -35.33 30.35 56.03
N SER BA 306 -34.16 29.96 55.56
CA SER BA 306 -33.53 30.68 54.45
C SER BA 306 -34.31 30.40 53.17
N PHE BA 307 -34.52 31.44 52.36
CA PHE BA 307 -35.34 31.30 51.17
C PHE BA 307 -34.63 30.48 50.10
N THR BA 308 -35.42 29.73 49.33
CA THR BA 308 -34.90 28.91 48.25
C THR BA 308 -35.84 28.99 47.05
N THR BA 318 -42.80 35.78 50.81
CA THR BA 318 -41.91 36.85 51.23
C THR BA 318 -42.58 37.68 52.31
N PRO BA 319 -41.87 37.95 53.42
CA PRO BA 319 -42.45 38.77 54.49
C PRO BA 319 -42.75 40.18 54.02
N THR BA 320 -43.68 40.83 54.74
CA THR BA 320 -44.28 42.06 54.21
C THR BA 320 -43.28 43.23 54.21
N PRO BA 321 -42.74 43.73 55.35
CA PRO BA 321 -41.42 44.34 55.23
C PRO BA 321 -40.34 43.35 55.64
N HIS BA 322 -39.20 43.39 54.97
CA HIS BA 322 -38.07 42.58 55.40
C HIS BA 322 -37.19 43.51 56.22
N HIS BA 323 -37.32 43.42 57.54
CA HIS BA 323 -36.56 44.32 58.40
C HIS BA 323 -35.09 43.99 58.36
N VAL BA 324 -34.27 45.02 58.26
CA VAL BA 324 -32.84 44.90 58.33
C VAL BA 324 -32.40 45.65 59.57
N ILE BA 325 -31.88 44.92 60.54
CA ILE BA 325 -31.49 45.48 61.83
C ILE BA 325 -29.98 45.51 61.85
N ILE BA 326 -29.43 46.68 62.12
CA ILE BA 326 -27.99 46.89 62.16
C ILE BA 326 -27.54 47.22 63.56
N SER BA 327 -26.52 46.51 64.04
CA SER BA 327 -26.07 46.62 65.42
C SER BA 327 -24.58 46.89 65.48
N ASP BA 328 -24.19 47.92 66.21
CA ASP BA 328 -22.82 48.09 66.66
C ASP BA 328 -22.82 48.53 68.11
N ILE BA 329 -23.74 47.95 68.88
CA ILE BA 329 -23.91 48.30 70.29
C ILE BA 329 -23.00 47.45 71.17
N GLU BA 330 -22.62 46.27 70.70
CA GLU BA 330 -21.82 45.28 71.41
C GLU BA 330 -22.47 44.95 72.76
N ASP BA 331 -23.65 44.34 72.66
CA ASP BA 331 -24.44 44.03 73.83
C ASP BA 331 -24.66 42.53 73.91
N PRO BA 332 -24.42 41.92 75.07
CA PRO BA 332 -24.70 40.48 75.22
C PRO BA 332 -26.19 40.12 75.22
N GLN BA 333 -27.09 41.09 75.13
CA GLN BA 333 -28.51 40.82 75.25
C GLN BA 333 -29.14 40.40 73.92
N TRP BA 334 -28.39 40.41 72.81
CA TRP BA 334 -28.97 39.95 71.55
C TRP BA 334 -29.28 38.47 71.58
N GLU BA 335 -28.44 37.67 72.24
CA GLU BA 335 -28.57 36.22 72.26
C GLU BA 335 -29.84 35.75 72.96
N TYR BA 336 -30.58 36.65 73.61
CA TYR BA 336 -31.88 36.33 74.17
C TYR BA 336 -32.97 36.37 73.09
N VAL BA 337 -33.11 37.51 72.43
CA VAL BA 337 -34.12 37.64 71.39
C VAL BA 337 -33.66 37.01 70.08
N ILE BA 338 -32.37 36.77 69.93
CA ILE BA 338 -31.80 36.11 68.76
C ILE BA 338 -31.32 34.75 69.21
N SER BA 339 -31.94 33.70 68.70
CA SER BA 339 -31.43 32.35 68.88
C SER BA 339 -30.25 32.09 67.95
N SER BA 340 -29.87 30.83 67.82
CA SER BA 340 -28.88 30.38 66.85
C SER BA 340 -29.40 30.42 65.41
N GLU BA 341 -30.69 30.65 65.20
CA GLU BA 341 -31.28 30.56 63.88
C GLU BA 341 -31.92 31.85 63.42
N GLY BA 342 -32.23 32.77 64.32
CA GLY BA 342 -32.69 34.06 63.88
C GLY BA 342 -34.20 34.20 63.93
N VAL BA 343 -34.66 35.25 63.25
CA VAL BA 343 -36.05 35.69 63.29
C VAL BA 343 -36.52 35.67 61.84
N ASP BA 344 -37.82 35.41 61.63
CA ASP BA 344 -38.36 35.10 60.31
C ASP BA 344 -38.16 36.19 59.27
N GLY BA 345 -38.79 37.34 59.44
CA GLY BA 345 -38.77 38.33 58.38
C GLY BA 345 -37.61 39.29 58.44
N VAL BA 346 -36.65 39.04 59.32
CA VAL BA 346 -35.61 40.00 59.66
C VAL BA 346 -34.26 39.38 59.36
N THR BA 347 -33.41 40.14 58.69
CA THR BA 347 -31.99 39.81 58.58
C THR BA 347 -31.19 40.82 59.40
N PHE BA 348 -30.05 40.38 59.90
CA PHE BA 348 -29.25 41.20 60.79
C PHE BA 348 -27.87 41.44 60.22
N PHE BA 349 -27.27 42.56 60.63
CA PHE BA 349 -25.90 42.90 60.28
C PHE BA 349 -25.15 43.30 61.53
N ASP BA 350 -24.26 42.42 61.99
CA ASP BA 350 -23.48 42.70 63.17
C ASP BA 350 -22.23 43.48 62.80
N LEU BA 351 -22.29 44.79 63.00
CA LEU BA 351 -21.07 45.57 63.03
C LEU BA 351 -20.35 45.27 64.33
N THR BA 352 -19.05 45.57 64.34
CA THR BA 352 -18.15 45.27 65.48
C THR BA 352 -18.24 43.78 65.85
N GLY BA 353 -17.69 42.96 64.95
CA GLY BA 353 -17.74 41.51 65.00
C GLY BA 353 -17.40 40.89 66.34
N SER BA 354 -18.33 40.11 66.89
CA SER BA 354 -18.19 39.51 68.20
C SER BA 354 -18.34 38.00 68.08
N PRO BA 355 -17.86 37.23 69.08
CA PRO BA 355 -18.04 35.78 69.04
C PRO BA 355 -19.47 35.31 69.03
N LEU BA 356 -20.42 36.14 69.47
CA LEU BA 356 -21.82 35.75 69.40
C LEU BA 356 -22.31 35.65 67.97
N TRP BA 357 -21.95 36.63 67.14
CA TRP BA 357 -22.44 36.68 65.78
C TRP BA 357 -21.55 35.94 64.79
N THR BA 358 -20.25 35.81 65.11
CA THR BA 358 -19.27 35.17 64.25
C THR BA 358 -19.26 33.65 64.37
N GLY BA 359 -20.35 33.04 64.82
CA GLY BA 359 -20.35 31.60 64.98
C GLY BA 359 -20.57 30.84 63.70
N ALA BA 360 -20.60 31.52 62.57
CA ALA BA 360 -20.84 30.91 61.27
C ALA BA 360 -19.96 31.63 60.25
N PRO BA 361 -18.83 31.01 59.85
CA PRO BA 361 -17.88 31.68 58.94
C PRO BA 361 -18.50 32.12 57.62
N GLN BA 362 -19.50 31.40 57.13
CA GLN BA 362 -20.29 31.82 55.97
C GLN BA 362 -21.03 33.13 56.19
N ARG BA 363 -21.11 33.62 57.42
CA ARG BA 363 -21.76 34.88 57.71
C ARG BA 363 -20.77 36.00 57.96
N VAL BA 364 -19.49 35.69 58.07
CA VAL BA 364 -18.48 36.67 58.46
C VAL BA 364 -17.85 37.24 57.20
N LEU BA 365 -17.93 38.56 57.05
CA LEU BA 365 -17.29 39.28 55.96
C LEU BA 365 -16.10 40.01 56.56
N ARG BA 366 -14.91 39.53 56.25
CA ARG BA 366 -13.69 39.93 56.95
C ARG BA 366 -12.84 40.81 56.06
N PHE BA 367 -12.62 42.05 56.49
CA PHE BA 367 -11.72 42.95 55.77
C PHE BA 367 -10.29 42.52 56.04
N THR BA 368 -9.70 41.82 55.07
CA THR BA 368 -8.37 41.27 55.20
C THR BA 368 -7.28 42.26 54.80
N ASP BA 369 -7.58 43.13 53.83
CA ASP BA 369 -6.64 44.14 53.39
C ASP BA 369 -7.24 45.53 53.57
N SER BA 370 -6.33 46.48 53.86
CA SER BA 370 -6.69 47.85 54.25
C SER BA 370 -7.66 48.52 53.28
N ALA BA 371 -7.55 48.20 51.99
CA ALA BA 371 -8.47 48.76 51.00
C ALA BA 371 -9.91 48.29 51.17
N GLY BA 372 -10.16 47.27 51.98
CA GLY BA 372 -11.50 46.74 52.09
C GLY BA 372 -11.71 45.49 51.27
N VAL BA 373 -10.71 44.62 51.21
CA VAL BA 373 -10.85 43.32 50.58
C VAL BA 373 -11.64 42.41 51.52
N ILE BA 374 -12.88 42.11 51.14
CA ILE BA 374 -13.67 41.12 51.85
C ILE BA 374 -13.17 39.74 51.46
N GLU BA 375 -12.83 38.93 52.45
CA GLU BA 375 -12.88 37.48 52.30
C GLU BA 375 -14.09 36.89 53.00
N THR BA 376 -14.66 35.87 52.39
CA THR BA 376 -15.69 35.03 52.99
C THR BA 376 -15.70 33.70 52.22
N LEU BA 377 -16.72 32.89 52.44
CA LEU BA 377 -16.80 31.62 51.74
C LEU BA 377 -17.30 31.81 50.31
N PRO BA 378 -16.73 31.07 49.35
CA PRO BA 378 -17.29 31.01 48.00
C PRO BA 378 -18.72 30.50 48.00
N ARG BA 379 -19.59 31.27 47.35
CA ARG BA 379 -21.00 30.93 47.20
C ARG BA 379 -21.34 30.78 45.73
N ASP BA 380 -22.31 29.91 45.45
CA ASP BA 380 -22.84 29.77 44.11
C ASP BA 380 -23.49 31.06 43.65
N ARG BA 381 -23.08 31.50 42.46
CA ARG BA 381 -23.68 32.62 41.75
C ARG BA 381 -25.20 32.57 41.71
N ASP BA 382 -25.78 31.38 41.60
CA ASP BA 382 -27.22 31.25 41.40
C ASP BA 382 -28.02 31.07 42.70
N THR BA 383 -27.68 30.06 43.49
CA THR BA 383 -28.43 29.75 44.70
C THR BA 383 -27.98 30.54 45.92
N TRP BA 384 -26.84 31.23 45.84
CA TRP BA 384 -26.16 31.91 46.94
C TRP BA 384 -25.72 30.97 48.04
N MET BA 385 -25.87 29.66 47.84
CA MET BA 385 -25.48 28.67 48.81
C MET BA 385 -23.96 28.50 48.81
N VAL BA 386 -23.41 28.21 49.99
CA VAL BA 386 -21.97 28.01 50.11
C VAL BA 386 -21.57 26.80 49.29
N ILE BA 387 -20.48 26.95 48.53
CA ILE BA 387 -19.97 25.85 47.72
C ILE BA 387 -18.85 25.10 48.44
N ASP BA 388 -17.96 25.81 49.13
CA ASP BA 388 -16.98 25.12 49.95
C ASP BA 388 -16.58 25.98 51.14
N ASP BA 389 -16.10 25.30 52.18
CA ASP BA 389 -15.98 25.84 53.53
C ASP BA 389 -14.76 26.71 53.73
N ASN BA 390 -13.81 26.71 52.80
CA ASN BA 390 -12.58 27.46 52.99
C ASN BA 390 -12.81 28.93 52.64
N ALA BA 391 -12.38 29.81 53.53
CA ALA BA 391 -12.44 31.24 53.27
C ALA BA 391 -11.50 31.65 52.15
N TRP BA 392 -11.95 32.56 51.31
CA TRP BA 392 -11.25 32.93 50.08
C TRP BA 392 -11.61 34.37 49.78
N PHE BA 393 -10.86 34.99 48.86
CA PHE BA 393 -11.20 36.29 48.30
C PHE BA 393 -12.64 36.31 47.83
N PHE BA 394 -13.36 37.34 48.23
CA PHE BA 394 -14.75 37.50 47.81
C PHE BA 394 -14.97 38.80 47.04
N ALA BA 395 -14.60 39.94 47.62
CA ALA BA 395 -14.84 41.22 46.96
C ALA BA 395 -13.90 42.27 47.53
N LEU BA 396 -13.79 43.37 46.81
CA LEU BA 396 -13.36 44.65 47.36
C LEU BA 396 -14.61 45.49 47.62
N ALA BA 397 -14.77 45.95 48.86
CA ALA BA 397 -16.01 46.59 49.28
C ALA BA 397 -16.20 47.96 48.66
N ASP BA 398 -17.42 48.22 48.20
CA ASP BA 398 -17.83 49.52 47.66
C ASP BA 398 -18.05 50.56 48.76
N GLN BA 399 -17.01 50.82 49.55
CA GLN BA 399 -17.10 51.73 50.69
C GLN BA 399 -17.53 53.11 50.26
N MET BA 400 -18.37 53.75 51.07
CA MET BA 400 -18.90 55.07 50.75
C MET BA 400 -18.81 56.00 51.94
N SER BA 401 -18.45 57.26 51.66
CA SER BA 401 -18.26 58.27 52.68
C SER BA 401 -19.59 58.74 53.26
N GLU BA 402 -19.48 59.33 54.45
CA GLU BA 402 -20.63 59.92 55.14
C GLU BA 402 -21.27 61.04 54.34
N ALA BA 403 -20.44 61.87 53.68
CA ALA BA 403 -20.96 62.96 52.87
C ALA BA 403 -21.78 62.46 51.69
N ASP BA 404 -21.31 61.42 51.00
CA ASP BA 404 -22.07 60.87 49.88
C ASP BA 404 -23.37 60.26 50.37
N ALA BA 405 -23.31 59.52 51.47
CA ALA BA 405 -24.51 58.94 52.08
C ALA BA 405 -25.53 60.02 52.45
N GLU BA 406 -25.05 61.09 53.09
CA GLU BA 406 -25.91 62.23 53.43
C GLU BA 406 -26.50 62.89 52.19
N GLN BA 407 -25.70 63.02 51.13
CA GLN BA 407 -26.17 63.60 49.89
C GLN BA 407 -27.27 62.77 49.24
N PHE BA 408 -27.04 61.46 49.15
CA PHE BA 408 -28.09 60.55 48.70
C PHE BA 408 -29.32 60.61 49.59
N ALA BA 409 -29.13 60.74 50.90
CA ALA BA 409 -30.28 60.84 51.80
C ALA BA 409 -31.08 62.11 51.57
N HIS BA 410 -30.40 63.23 51.31
CA HIS BA 410 -31.08 64.46 50.92
C HIS BA 410 -31.79 64.34 49.59
N GLN BA 411 -31.29 63.48 48.70
CA GLN BA 411 -32.03 63.17 47.48
C GLN BA 411 -33.27 62.32 47.77
N MET BA 412 -33.10 61.23 48.52
CA MET BA 412 -34.19 60.30 48.77
C MET BA 412 -35.31 60.92 49.60
N ALA BA 413 -34.96 61.82 50.52
CA ALA BA 413 -35.97 62.56 51.30
C ALA BA 413 -36.93 63.35 50.44
N HIS BA 414 -36.55 63.70 49.21
CA HIS BA 414 -37.40 64.47 48.31
C HIS BA 414 -38.63 63.70 47.85
N TRP BA 415 -38.67 62.38 48.04
CA TRP BA 415 -39.69 61.55 47.42
C TRP BA 415 -40.55 60.86 48.47
N ARG BA 416 -41.81 60.65 48.10
CA ARG BA 416 -42.81 60.14 49.04
C ARG BA 416 -43.69 59.04 48.45
N LEU BA 417 -43.43 58.59 47.22
CA LEU BA 417 -44.31 57.65 46.53
C LEU BA 417 -44.30 56.29 47.20
N PRO CA 18 -50.45 67.78 60.57
CA PRO CA 18 -50.35 68.75 59.46
C PRO CA 18 -49.07 68.56 58.66
N GLN CA 19 -49.04 69.08 57.44
CA GLN CA 19 -47.83 68.96 56.62
C GLN CA 19 -46.74 69.88 57.15
N ALA CA 20 -45.52 69.37 57.20
CA ALA CA 20 -44.36 70.15 57.59
C ALA CA 20 -43.19 69.78 56.69
N ALA CA 21 -42.33 70.76 56.42
CA ALA CA 21 -41.15 70.55 55.63
C ALA CA 21 -39.93 70.47 56.54
N VAL CA 22 -38.98 69.62 56.18
CA VAL CA 22 -37.77 69.39 56.96
C VAL CA 22 -36.59 69.75 56.08
N VAL CA 23 -35.96 70.90 56.36
CA VAL CA 23 -34.87 71.40 55.54
C VAL CA 23 -33.61 71.52 56.41
N ALA CA 24 -32.48 71.64 55.72
CA ALA CA 24 -31.18 71.74 56.37
C ALA CA 24 -30.68 73.17 56.22
N ILE CA 25 -30.58 73.88 57.34
CA ILE CA 25 -30.15 75.27 57.32
C ILE CA 25 -28.63 75.34 57.36
N MET CA 26 -28.03 75.92 56.33
CA MET CA 26 -26.60 76.14 56.29
C MET CA 26 -26.33 77.53 56.86
N ALA CA 27 -25.68 77.58 58.02
CA ALA CA 27 -25.39 78.84 58.68
C ALA CA 27 -24.16 78.63 59.55
N ALA CA 28 -23.21 79.59 59.47
CA ALA CA 28 -21.95 79.55 60.22
C ALA CA 28 -21.19 78.26 59.97
N ASP CA 29 -21.16 77.84 58.70
CA ASP CA 29 -20.37 76.73 58.17
C ASP CA 29 -20.79 75.38 58.73
N VAL CA 30 -21.96 75.29 59.37
CA VAL CA 30 -22.49 74.02 59.84
C VAL CA 30 -23.87 73.80 59.26
N GLN CA 31 -24.24 72.53 59.13
CA GLN CA 31 -25.54 72.12 58.63
C GLN CA 31 -26.45 71.80 59.80
N ILE CA 32 -27.63 72.42 59.84
CA ILE CA 32 -28.60 72.22 60.91
C ILE CA 32 -29.93 71.86 60.28
N ALA CA 33 -30.49 70.72 60.68
CA ALA CA 33 -31.78 70.28 60.18
C ALA CA 33 -32.88 70.73 61.14
N VAL CA 34 -33.92 71.36 60.58
CA VAL CA 34 -35.04 71.89 61.35
C VAL CA 34 -36.34 71.40 60.73
N VAL CA 35 -37.42 71.51 61.49
CA VAL CA 35 -38.77 71.22 61.00
C VAL CA 35 -39.56 72.51 60.98
N LEU CA 36 -40.12 72.85 59.82
CA LEU CA 36 -40.82 74.10 59.61
C LEU CA 36 -42.23 73.83 59.10
N ASP CA 37 -43.12 74.78 59.36
CA ASP CA 37 -44.48 74.70 58.84
C ASP CA 37 -44.48 74.88 57.34
N ALA CA 38 -45.26 74.05 56.65
CA ALA CA 38 -45.28 74.06 55.19
C ALA CA 38 -46.29 75.05 54.62
N HIS CA 39 -47.11 75.68 55.46
CA HIS CA 39 -48.12 76.61 54.97
C HIS CA 39 -48.00 78.01 55.56
N ALA CA 40 -47.21 78.21 56.60
CA ALA CA 40 -47.00 79.56 57.09
C ALA CA 40 -45.97 80.28 56.21
N PRO CA 41 -46.05 81.61 56.14
CA PRO CA 41 -45.06 82.36 55.37
C PRO CA 41 -43.70 82.34 56.05
N ILE CA 42 -42.70 82.78 55.29
CA ILE CA 42 -41.31 82.76 55.76
C ILE CA 42 -41.15 83.69 56.95
N SER CA 43 -41.77 84.87 56.88
CA SER CA 43 -41.57 85.89 57.89
C SER CA 43 -42.13 85.49 59.24
N VAL CA 44 -43.17 84.67 59.25
CA VAL CA 44 -43.74 84.20 60.52
C VAL CA 44 -42.79 83.23 61.20
N MET CA 45 -42.28 82.25 60.45
CA MET CA 45 -41.52 81.17 61.06
C MET CA 45 -40.03 81.50 61.19
N ILE CA 46 -39.57 82.59 60.59
CA ILE CA 46 -38.14 82.92 60.66
C ILE CA 46 -37.78 83.54 61.99
N ASP CA 47 -38.76 83.99 62.77
CA ASP CA 47 -38.50 84.61 64.06
C ASP CA 47 -38.07 83.60 65.14
N PRO CA 48 -38.65 82.40 65.26
CA PRO CA 48 -38.05 81.42 66.18
C PRO CA 48 -36.90 80.66 65.55
N LEU CA 49 -36.75 80.73 64.23
CA LEU CA 49 -35.77 79.89 63.54
C LEU CA 49 -34.35 80.28 63.90
N LEU CA 50 -34.04 81.58 63.95
CA LEU CA 50 -32.69 81.97 64.31
C LEU CA 50 -32.41 81.72 65.78
N LYS CA 51 -33.44 81.77 66.63
CA LYS CA 51 -33.27 81.39 68.02
C LYS CA 51 -32.90 79.92 68.15
N VAL CA 52 -33.58 79.07 67.38
CA VAL CA 52 -33.27 77.63 67.37
C VAL CA 52 -31.86 77.40 66.84
N VAL CA 53 -31.49 78.12 65.77
CA VAL CA 53 -30.17 77.98 65.17
C VAL CA 53 -29.08 78.43 66.13
N ASN CA 54 -29.30 79.55 66.83
CA ASN CA 54 -28.32 80.02 67.80
C ASN CA 54 -28.20 79.07 68.99
N THR CA 55 -29.33 78.49 69.42
CA THR CA 55 -29.28 77.49 70.48
C THR CA 55 -28.47 76.27 70.06
N ARG CA 56 -28.70 75.81 68.82
CA ARG CA 56 -27.93 74.69 68.30
C ARG CA 56 -26.45 75.03 68.14
N LEU CA 57 -26.15 76.26 67.74
CA LEU CA 57 -24.77 76.68 67.56
C LEU CA 57 -24.06 76.80 68.91
N ARG CA 58 -24.78 77.24 69.93
CA ARG CA 58 -24.25 77.27 71.28
C ARG CA 58 -24.07 75.87 71.82
N GLU CA 59 -24.92 74.93 71.40
CA GLU CA 59 -24.72 73.53 71.72
C GLU CA 59 -23.43 73.00 71.13
N LEU CA 60 -23.10 73.44 69.90
CA LEU CA 60 -21.88 73.03 69.24
C LEU CA 60 -20.67 73.84 69.70
N GLY CA 61 -20.87 74.85 70.54
CA GLY CA 61 -19.77 75.69 71.00
C GLY CA 61 -19.17 76.52 69.89
N VAL CA 62 -20.01 77.11 69.03
CA VAL CA 62 -19.57 77.98 67.95
C VAL CA 62 -20.19 79.34 68.17
N ALA CA 63 -19.48 80.39 67.74
CA ALA CA 63 -19.93 81.76 67.93
C ALA CA 63 -21.27 81.98 67.24
N PRO CA 64 -22.29 82.45 67.94
CA PRO CA 64 -23.63 82.52 67.36
C PRO CA 64 -23.75 83.60 66.30
N LEU CA 65 -24.81 83.48 65.50
CA LEU CA 65 -25.07 84.45 64.45
C LEU CA 65 -25.51 85.77 65.07
N GLU CA 66 -24.90 86.85 64.60
CA GLU CA 66 -25.26 88.19 65.05
C GLU CA 66 -25.29 89.11 63.84
N ALA CA 67 -26.20 90.09 63.90
CA ALA CA 67 -26.38 91.02 62.80
C ALA CA 67 -25.45 92.22 62.95
N LYS CA 68 -25.20 92.87 61.82
CA LYS CA 68 -24.44 94.11 61.79
C LYS CA 68 -25.09 95.05 60.79
N GLY CA 69 -25.01 96.34 61.07
CA GLY CA 69 -25.67 97.31 60.20
C GLY CA 69 -27.18 97.19 60.27
N ARG CA 70 -27.81 97.44 59.12
CA ARG CA 70 -29.27 97.38 59.03
C ARG CA 70 -29.67 96.41 57.93
N GLY CA 71 -30.76 95.71 58.16
CA GLY CA 71 -31.22 94.68 57.24
C GLY CA 71 -32.14 93.71 57.97
N ARG CA 72 -32.37 92.57 57.35
CA ARG CA 72 -33.23 91.55 57.92
C ARG CA 72 -32.56 90.19 57.82
N TRP CA 73 -32.93 89.31 58.74
CA TRP CA 73 -32.63 87.89 58.57
C TRP CA 73 -33.56 87.35 57.50
N MET CA 74 -33.01 86.59 56.57
CA MET CA 74 -33.71 86.28 55.35
C MET CA 74 -33.03 85.10 54.65
N LEU CA 75 -33.83 84.18 54.14
CA LEU CA 75 -33.34 82.90 53.65
C LEU CA 75 -33.13 82.94 52.14
N CYS CA 76 -31.91 82.60 51.72
CA CYS CA 76 -31.53 82.57 50.32
C CYS CA 76 -31.25 81.12 49.92
N LEU CA 77 -31.40 80.83 48.63
CA LEU CA 77 -31.01 79.54 48.09
C LEU CA 77 -29.50 79.45 47.95
N VAL CA 78 -29.03 78.39 47.30
CA VAL CA 78 -27.59 78.15 47.18
C VAL CA 78 -26.94 79.19 46.28
N ASP CA 79 -27.66 79.64 45.24
CA ASP CA 79 -27.12 80.65 44.34
C ASP CA 79 -27.16 82.05 44.94
N GLY CA 80 -27.95 82.26 45.99
CA GLY CA 80 -28.07 83.54 46.64
C GLY CA 80 -29.39 84.25 46.45
N THR CA 81 -30.28 83.72 45.61
CA THR CA 81 -31.58 84.36 45.45
C THR CA 81 -32.42 84.16 46.70
N PRO CA 82 -33.00 85.23 47.24
CA PRO CA 82 -33.79 85.10 48.47
C PRO CA 82 -35.14 84.46 48.24
N LEU CA 83 -35.72 83.98 49.34
CA LEU CA 83 -37.09 83.51 49.33
C LEU CA 83 -38.04 84.67 49.60
N ARG CA 84 -39.25 84.56 49.05
CA ARG CA 84 -40.28 85.57 49.27
C ARG CA 84 -40.80 85.46 50.69
N PRO CA 85 -40.71 86.51 51.51
CA PRO CA 85 -41.10 86.38 52.92
C PRO CA 85 -42.60 86.27 53.14
N ASN CA 86 -43.42 86.57 52.13
CA ASN CA 86 -44.87 86.49 52.25
C ASN CA 86 -45.45 85.20 51.68
N LEU CA 87 -44.61 84.23 51.35
CA LEU CA 87 -45.06 82.99 50.76
C LEU CA 87 -44.58 81.82 51.60
N SER CA 88 -45.36 80.75 51.59
CA SER CA 88 -45.00 79.55 52.34
C SER CA 88 -43.89 78.80 51.62
N LEU CA 89 -43.41 77.72 52.24
CA LEU CA 89 -42.32 76.96 51.65
C LEU CA 89 -42.80 76.14 50.46
N THR CA 90 -44.06 75.67 50.51
CA THR CA 90 -44.60 74.90 49.41
C THR CA 90 -44.87 75.78 48.20
N GLU CA 91 -45.36 77.00 48.43
CA GLU CA 91 -45.66 77.91 47.32
C GLU CA 91 -44.39 78.40 46.62
N GLN CA 92 -43.23 78.29 47.26
CA GLN CA 92 -41.97 78.62 46.63
C GLN CA 92 -41.19 77.38 46.19
N GLU CA 93 -41.83 76.21 46.22
CA GLU CA 93 -41.23 74.93 45.81
C GLU CA 93 -39.98 74.60 46.62
N VAL CA 94 -40.17 74.49 47.93
CA VAL CA 94 -39.13 73.99 48.82
C VAL CA 94 -39.65 72.70 49.44
N TYR CA 95 -38.90 71.62 49.23
CA TYR CA 95 -39.29 70.29 49.65
C TYR CA 95 -38.35 69.78 50.73
N ASP CA 96 -38.59 68.55 51.17
CA ASP CA 96 -37.76 67.94 52.19
C ASP CA 96 -36.35 67.72 51.68
N GLY CA 97 -35.38 67.87 52.58
CA GLY CA 97 -33.99 67.70 52.20
C GLY CA 97 -33.37 68.89 51.52
N ASP CA 98 -34.12 69.97 51.30
CA ASP CA 98 -33.56 71.16 50.68
C ASP CA 98 -32.65 71.90 51.65
N ARG CA 99 -31.62 72.54 51.12
CA ARG CA 99 -30.73 73.35 51.92
C ARG CA 99 -31.02 74.83 51.69
N LEU CA 100 -31.23 75.55 52.79
CA LEU CA 100 -31.46 76.99 52.77
C LEU CA 100 -30.37 77.67 53.57
N TRP CA 101 -29.80 78.73 53.01
CA TRP CA 101 -28.77 79.49 53.70
C TRP CA 101 -29.43 80.64 54.46
N LEU CA 102 -29.12 80.74 55.75
CA LEU CA 102 -29.61 81.81 56.59
C LEU CA 102 -28.57 82.92 56.65
N LYS CA 103 -28.97 84.11 56.21
CA LYS CA 103 -28.03 85.22 56.08
C LYS CA 103 -28.71 86.49 56.56
N PHE CA 104 -27.88 87.46 56.91
CA PHE CA 104 -28.34 88.81 57.22
C PHE CA 104 -27.85 89.71 56.09
N LEU CA 105 -28.79 90.25 55.33
CA LEU CA 105 -28.47 91.01 54.13
C LEU CA 105 -28.91 92.46 54.32
N GLU CA 106 -28.09 93.37 53.79
CA GLU CA 106 -28.35 94.80 53.94
C GLU CA 106 -29.55 95.26 53.13
N ASP CA 107 -29.99 94.47 52.15
CA ASP CA 107 -31.09 94.86 51.29
C ASP CA 107 -31.89 93.62 50.92
N THR CA 108 -33.09 93.84 50.40
CA THR CA 108 -33.98 92.77 49.98
C THR CA 108 -33.84 92.45 48.49
N GLU CA 109 -33.01 93.18 47.77
CA GLU CA 109 -32.83 92.99 46.33
C GLU CA 109 -31.37 92.66 46.04
N HIS CA 110 -31.10 91.42 45.64
CA HIS CA 110 -29.75 91.00 45.34
C HIS CA 110 -29.68 90.04 44.15
N ARG CA 111 -30.74 89.92 43.37
CA ARG CA 111 -30.74 89.01 42.22
C ARG CA 111 -29.88 89.54 41.08
N SER CA 112 -29.41 88.60 40.24
CA SER CA 112 -28.64 88.90 39.03
C SER CA 112 -29.31 88.17 37.86
N GLU CA 113 -30.33 88.81 37.29
CA GLU CA 113 -31.22 88.14 36.35
C GLU CA 113 -30.59 87.91 34.98
N VAL CA 114 -29.48 88.57 34.67
CA VAL CA 114 -28.89 88.53 33.34
C VAL CA 114 -28.27 87.14 33.11
N ILE CA 115 -28.72 86.48 32.06
CA ILE CA 115 -28.27 85.13 31.73
C ILE CA 115 -27.75 85.16 30.30
N GLU CA 116 -26.73 84.36 30.03
CA GLU CA 116 -26.14 84.27 28.70
C GLU CA 116 -26.31 82.86 28.14
N HIS CA 117 -26.84 82.77 26.93
CA HIS CA 117 -26.73 81.57 26.11
C HIS CA 117 -25.32 81.51 25.52
N ILE CA 118 -24.49 80.61 26.04
CA ILE CA 118 -23.11 80.43 25.58
C ILE CA 118 -22.91 78.94 25.33
N SER CA 119 -22.35 78.60 24.17
CA SER CA 119 -22.06 77.19 23.89
C SER CA 119 -20.94 76.71 24.81
N THR CA 120 -21.27 75.73 25.65
CA THR CA 120 -20.36 75.27 26.70
C THR CA 120 -19.17 74.49 26.14
N ALA CA 121 -19.36 73.75 25.06
CA ALA CA 121 -18.29 72.92 24.52
C ALA CA 121 -17.12 73.76 24.02
N VAL CA 122 -17.39 74.74 23.15
CA VAL CA 122 -16.35 75.64 22.68
C VAL CA 122 -15.78 76.48 23.83
N ALA CA 123 -16.65 76.91 24.76
CA ALA CA 123 -16.20 77.67 25.92
C ALA CA 123 -15.17 76.90 26.75
N THR CA 124 -15.45 75.62 27.00
CA THR CA 124 -14.54 74.82 27.81
C THR CA 124 -13.38 74.28 27.00
N ASN CA 125 -13.50 74.35 25.67
CA ASN CA 125 -12.44 73.87 24.80
C ASN CA 125 -11.38 74.94 24.58
N LEU CA 126 -11.80 76.13 24.16
CA LEU CA 126 -10.91 77.13 23.61
C LEU CA 126 -9.98 77.71 24.67
N SER CA 127 -10.37 77.62 25.94
CA SER CA 127 -9.62 78.24 27.02
C SER CA 127 -8.23 77.62 27.18
N LYS CA 128 -8.12 76.30 26.99
CA LYS CA 128 -6.86 75.64 27.25
C LYS CA 128 -5.83 75.88 26.16
N ARG CA 129 -6.23 76.33 24.98
CA ARG CA 129 -5.29 76.51 23.88
C ARG CA 129 -5.10 77.97 23.48
N PHE CA 130 -5.80 78.90 24.13
CA PHE CA 130 -5.48 80.32 24.06
C PHE CA 130 -4.87 80.83 25.35
N ALA CA 131 -4.38 79.92 26.19
CA ALA CA 131 -3.78 80.34 27.44
C ALA CA 131 -2.44 81.05 27.20
N PRO CA 132 -2.09 82.01 28.06
CA PRO CA 132 -0.73 82.57 28.04
C PRO CA 132 0.30 81.60 28.58
N ILE CA 133 1.57 82.01 28.54
CA ILE CA 133 2.64 81.17 29.08
C ILE CA 133 2.45 80.97 30.59
N ASP CA 134 2.31 79.72 30.96
CA ASP CA 134 2.26 79.13 32.30
C ASP CA 134 3.69 78.84 32.73
N PRO CA 135 4.10 79.25 33.94
CA PRO CA 135 5.49 78.97 34.37
C PRO CA 135 5.92 77.51 34.33
N VAL CA 136 4.99 76.55 34.42
CA VAL CA 136 5.39 75.15 34.26
C VAL CA 136 5.88 74.89 32.84
N VAL CA 137 5.38 75.64 31.86
CA VAL CA 137 5.93 75.57 30.51
C VAL CA 137 7.27 76.28 30.47
N ALA CA 138 7.35 77.44 31.13
CA ALA CA 138 8.54 78.30 31.08
C ALA CA 138 9.75 77.59 31.66
N VAL CA 139 9.53 76.81 32.72
CA VAL CA 139 10.58 75.97 33.29
C VAL CA 139 11.10 74.98 32.26
N GLN CA 140 10.21 74.32 31.53
CA GLN CA 140 10.63 73.40 30.47
C GLN CA 140 11.39 74.13 29.36
N VAL CA 141 10.94 75.34 29.01
CA VAL CA 141 11.64 76.16 28.03
C VAL CA 141 13.06 76.46 28.49
N GLY CA 142 13.19 76.93 29.73
CA GLY CA 142 14.50 77.18 30.30
C GLY CA 142 15.38 75.96 30.30
N ALA CA 143 14.83 74.83 30.74
CA ALA CA 143 15.58 73.58 30.79
C ALA CA 143 16.07 73.16 29.42
N THR CA 144 15.23 73.33 28.39
CA THR CA 144 15.62 73.08 27.03
C THR CA 144 16.76 73.99 26.59
N MET CA 145 16.67 75.28 26.90
CA MET CA 145 17.70 76.21 26.47
C MET CA 145 19.02 75.98 27.21
N VAL CA 146 18.94 75.58 28.48
CA VAL CA 146 20.10 75.10 29.22
C VAL CA 146 20.73 73.89 28.52
N ALA CA 147 19.90 72.92 28.16
CA ALA CA 147 20.38 71.74 27.44
C ALA CA 147 21.11 72.12 26.15
N VAL CA 148 20.52 73.03 25.38
CA VAL CA 148 21.16 73.52 24.16
C VAL CA 148 22.50 74.16 24.48
N GLY CA 149 22.54 74.95 25.55
CA GLY CA 149 23.77 75.61 25.92
C GLY CA 149 24.86 74.65 26.32
N VAL CA 150 24.52 73.64 27.12
CA VAL CA 150 25.55 72.70 27.58
C VAL CA 150 26.00 71.80 26.44
N LEU CA 151 25.11 71.48 25.50
CA LEU CA 151 25.56 70.73 24.32
C LEU CA 151 26.49 71.55 23.46
N LEU CA 152 26.18 72.84 23.27
CA LEU CA 152 27.09 73.73 22.56
C LEU CA 152 28.43 73.82 23.26
N GLY CA 153 28.41 73.97 24.59
CA GLY CA 153 29.66 74.09 25.32
C GLY CA 153 30.52 72.86 25.22
N SER CA 154 29.90 71.68 25.31
CA SER CA 154 30.64 70.43 25.16
C SER CA 154 31.20 70.31 23.75
N ALA CA 155 30.42 70.69 22.74
CA ALA CA 155 30.90 70.64 21.37
C ALA CA 155 32.07 71.59 21.15
N LEU CA 156 32.00 72.79 21.73
CA LEU CA 156 33.08 73.75 21.63
C LEU CA 156 34.35 73.25 22.30
N LEU CA 157 34.21 72.64 23.48
CA LEU CA 157 35.38 72.10 24.17
C LEU CA 157 35.99 70.96 23.39
N GLY CA 158 35.17 70.10 22.80
CA GLY CA 158 35.69 69.03 21.96
C GLY CA 158 36.37 69.55 20.71
N TRP CA 159 35.83 70.62 20.13
CA TRP CA 159 36.44 71.27 18.99
C TRP CA 159 37.80 71.85 19.34
N TRP CA 160 37.91 72.51 20.50
CA TRP CA 160 39.20 72.97 20.97
C TRP CA 160 40.18 71.81 21.16
N ARG CA 161 39.74 70.74 21.82
CA ARG CA 161 40.62 69.61 22.11
C ARG CA 161 41.11 68.97 20.80
N TRP CA 162 40.24 68.91 19.81
CA TRP CA 162 40.65 68.40 18.49
C TRP CA 162 41.63 69.35 17.82
N GLN CA 163 41.32 70.64 17.82
CA GLN CA 163 42.16 71.60 17.11
C GLN CA 163 43.43 71.93 17.88
N HIS CA 164 43.35 72.05 19.19
CA HIS CA 164 44.46 72.49 20.04
C HIS CA 164 44.67 71.43 21.11
N GLU CA 165 45.63 70.53 20.88
CA GLU CA 165 45.92 69.48 21.85
C GLU CA 165 46.48 70.08 23.13
N SER CA 166 45.66 70.09 24.18
CA SER CA 166 46.04 70.70 25.45
C SER CA 166 45.27 70.03 26.57
N TRP CA 167 45.80 70.16 27.77
CA TRP CA 167 45.17 69.64 28.98
C TRP CA 167 44.05 70.53 29.51
N LEU CA 168 43.91 71.73 28.96
CA LEU CA 168 42.97 72.72 29.49
C LEU CA 168 41.48 72.38 29.45
N PRO CA 169 40.90 71.82 28.38
CA PRO CA 169 39.42 71.65 28.38
C PRO CA 169 38.91 70.44 29.13
N ALA CA 170 39.77 69.45 29.38
CA ALA CA 170 39.31 68.19 29.98
C ALA CA 170 38.78 68.37 31.40
N PRO CA 171 39.43 69.07 32.33
CA PRO CA 171 38.84 69.14 33.67
C PRO CA 171 37.63 70.06 33.70
N PHE CA 172 37.60 71.09 32.86
CA PHE CA 172 36.51 72.04 32.92
C PHE CA 172 35.21 71.40 32.42
N ALA CA 173 35.31 70.56 31.38
CA ALA CA 173 34.12 69.88 30.90
C ALA CA 173 33.60 68.91 31.97
N ALA CA 174 34.52 68.29 32.72
CA ALA CA 174 34.12 67.41 33.81
C ALA CA 174 33.40 68.18 34.90
N VAL CA 175 33.87 69.39 35.20
CA VAL CA 175 33.24 70.21 36.23
C VAL CA 175 31.83 70.59 35.81
N ILE CA 176 31.65 71.02 34.56
CA ILE CA 176 30.34 71.40 34.07
C ILE CA 176 29.40 70.20 34.08
N ALA CA 177 29.89 69.04 33.63
CA ALA CA 177 29.06 67.83 33.62
C ALA CA 177 28.65 67.43 35.02
N VAL CA 178 29.58 67.49 35.98
CA VAL CA 178 29.29 67.08 37.34
C VAL CA 178 28.23 67.99 37.95
N LEU CA 179 28.38 69.31 37.78
CA LEU CA 179 27.40 70.22 38.37
C LEU CA 179 26.03 70.06 37.73
N VAL CA 180 25.98 69.88 36.40
CA VAL CA 180 24.70 69.72 35.72
C VAL CA 180 24.02 68.42 36.12
N LEU CA 181 24.78 67.32 36.19
CA LEU CA 181 24.18 66.05 36.56
C LEU CA 181 23.72 66.05 38.01
N THR CA 182 24.45 66.71 38.89
CA THR CA 182 23.99 66.80 40.28
C THR CA 182 22.72 67.63 40.39
N VAL CA 183 22.63 68.71 39.60
CA VAL CA 183 21.40 69.51 39.57
C VAL CA 183 20.25 68.67 39.05
N ALA CA 184 20.49 67.89 38.00
CA ALA CA 184 19.47 67.03 37.43
C ALA CA 184 19.01 65.96 38.40
N THR CA 185 19.95 65.37 39.13
CA THR CA 185 19.60 64.35 40.11
C THR CA 185 18.79 64.96 41.25
N MET CA 186 19.17 66.16 41.68
CA MET CA 186 18.38 66.86 42.70
C MET CA 186 16.98 67.18 42.20
N ILE CA 187 16.86 67.51 40.92
CA ILE CA 187 15.54 67.70 40.33
C ILE CA 187 14.76 66.39 40.34
N LEU CA 188 15.43 65.31 39.98
CA LEU CA 188 14.79 64.00 39.96
C LEU CA 188 14.67 63.38 41.35
N ALA CA 189 15.20 64.05 42.38
CA ALA CA 189 15.14 63.53 43.74
C ALA CA 189 13.79 63.73 44.39
N ARG CA 190 12.76 64.10 43.62
CA ARG CA 190 11.37 64.29 43.98
C ARG CA 190 11.14 65.54 44.82
N SER CA 191 12.19 66.28 45.16
CA SER CA 191 12.03 67.39 46.09
C SER CA 191 11.37 68.60 45.45
N LYS CA 192 11.55 68.80 44.14
CA LYS CA 192 11.02 69.97 43.48
C LYS CA 192 10.20 69.67 42.25
N THR CA 193 10.12 68.40 41.81
CA THR CA 193 9.41 68.05 40.58
C THR CA 193 8.80 66.67 40.77
N VAL CA 194 7.52 66.62 41.13
CA VAL CA 194 6.76 65.37 41.10
C VAL CA 194 6.20 65.06 39.71
N PRO CA 195 5.39 65.94 39.04
CA PRO CA 195 4.75 65.48 37.80
C PRO CA 195 5.58 65.64 36.54
N ASP CA 196 6.51 66.57 36.50
CA ASP CA 196 7.29 66.84 35.30
C ASP CA 196 8.71 66.34 35.50
N ARG CA 197 8.90 65.07 35.15
CA ARG CA 197 10.22 64.49 35.01
C ARG CA 197 10.92 64.97 33.76
N ARG CA 198 10.22 65.73 32.91
CA ARG CA 198 10.76 66.19 31.65
C ARG CA 198 11.98 67.07 31.87
N VAL CA 199 11.91 67.98 32.84
CA VAL CA 199 13.03 68.86 33.11
C VAL CA 199 14.24 68.05 33.55
N GLY CA 200 14.01 67.12 34.47
CA GLY CA 200 15.09 66.27 34.95
C GLY CA 200 15.65 65.39 33.86
N ASP CA 201 14.78 64.84 33.01
CA ASP CA 201 15.25 63.96 31.95
C ASP CA 201 16.06 64.73 30.91
N ILE CA 202 15.61 65.93 30.55
CA ILE CA 202 16.34 66.74 29.59
C ILE CA 202 17.70 67.16 30.14
N LEU CA 203 17.73 67.58 31.40
CA LEU CA 203 19.01 67.96 32.00
C LEU CA 203 19.94 66.76 32.11
N LEU CA 204 19.41 65.62 32.56
CA LEU CA 204 20.24 64.43 32.74
C LEU CA 204 20.81 63.98 31.40
N LEU CA 205 19.98 64.01 30.36
CA LEU CA 205 20.43 63.59 29.04
C LEU CA 205 21.46 64.57 28.51
N SER CA 206 21.28 65.85 28.78
CA SER CA 206 22.18 66.84 28.24
C SER CA 206 23.51 66.83 28.97
N GLY CA 207 23.50 66.56 30.27
CA GLY CA 207 24.73 66.63 31.03
C GLY CA 207 25.67 65.48 30.81
N LEU CA 208 25.20 64.39 30.20
CA LEU CA 208 26.09 63.25 30.00
C LEU CA 208 27.08 63.49 28.87
N VAL CA 209 26.73 64.33 27.90
CA VAL CA 209 27.62 64.65 26.79
C VAL CA 209 28.89 65.40 27.24
N PRO CA 210 28.83 66.42 28.12
CA PRO CA 210 30.09 66.96 28.64
C PRO CA 210 30.93 65.95 29.40
N LEU CA 211 30.30 64.98 30.06
CA LEU CA 211 31.06 63.94 30.74
C LEU CA 211 31.86 63.11 29.76
N ALA CA 212 31.23 62.71 28.65
CA ALA CA 212 31.93 61.94 27.63
C ALA CA 212 33.01 62.78 26.97
N VAL CA 213 32.75 64.08 26.78
CA VAL CA 213 33.74 64.97 26.19
C VAL CA 213 34.96 65.08 27.10
N ALA CA 214 34.75 65.22 28.40
CA ALA CA 214 35.85 65.31 29.34
C ALA CA 214 36.64 64.01 29.41
N ILE CA 215 35.94 62.87 29.38
CA ILE CA 215 36.62 61.59 29.44
C ILE CA 215 37.45 61.37 28.18
N ALA CA 216 36.92 61.75 27.02
CA ALA CA 216 37.69 61.61 25.77
C ALA CA 216 38.87 62.57 25.74
N ALA CA 217 38.70 63.78 26.27
CA ALA CA 217 39.80 64.75 26.28
C ALA CA 217 40.85 64.44 27.32
N THR CA 218 40.53 63.58 28.29
CA THR CA 218 41.52 63.15 29.26
C THR CA 218 42.66 62.38 28.60
N ALA CA 219 42.33 61.55 27.62
CA ALA CA 219 43.35 60.77 26.93
C ALA CA 219 44.25 61.67 26.08
N PRO CA 220 45.56 61.37 26.01
CA PRO CA 220 46.48 62.24 25.27
C PRO CA 220 46.39 62.05 23.76
N GLY CA 221 47.29 62.70 23.03
CA GLY CA 221 47.31 62.61 21.59
C GLY CA 221 46.48 63.71 20.95
N PRO CA 222 46.53 63.79 19.62
CA PRO CA 222 45.71 64.78 18.90
C PRO CA 222 44.21 64.54 19.07
N VAL CA 223 43.76 63.34 18.72
CA VAL CA 223 42.41 62.90 19.05
C VAL CA 223 42.44 62.35 20.46
N GLY CA 224 41.26 62.08 21.03
CA GLY CA 224 41.21 61.27 22.24
C GLY CA 224 41.80 59.92 21.89
N ALA CA 225 42.87 59.54 22.63
CA ALA CA 225 43.89 58.58 22.20
C ALA CA 225 43.42 57.34 21.43
N PRO CA 226 42.36 56.61 21.83
CA PRO CA 226 41.93 55.50 20.96
C PRO CA 226 40.96 55.96 19.90
N HIS CA 227 41.23 57.12 19.28
CA HIS CA 227 40.28 57.79 18.40
C HIS CA 227 38.91 57.93 19.06
N ALA CA 228 38.93 58.35 20.33
CA ALA CA 228 37.74 58.58 21.16
C ALA CA 228 36.83 57.35 21.28
N VAL CA 229 37.44 56.19 21.54
CA VAL CA 229 36.63 55.03 21.93
C VAL CA 229 35.99 55.27 23.28
N LEU CA 230 36.77 55.78 24.22
CA LEU CA 230 36.37 55.80 25.62
C LEU CA 230 35.21 56.77 25.86
N GLY CA 231 35.16 57.88 25.11
CA GLY CA 231 34.05 58.80 25.27
C GLY CA 231 32.73 58.18 24.84
N PHE CA 232 32.72 57.53 23.67
CA PHE CA 232 31.52 56.84 23.21
C PHE CA 232 31.15 55.71 24.15
N GLY CA 233 32.14 54.99 24.67
CA GLY CA 233 31.86 53.90 25.58
C GLY CA 233 31.25 54.36 26.88
N VAL CA 234 31.82 55.42 27.47
CA VAL CA 234 31.29 55.91 28.73
C VAL CA 234 29.91 56.53 28.54
N PHE CA 235 29.67 57.18 27.40
CA PHE CA 235 28.35 57.73 27.17
C PHE CA 235 27.33 56.63 26.95
N GLY CA 236 27.72 55.57 26.24
CA GLY CA 236 26.81 54.46 26.03
C GLY CA 236 26.45 53.74 27.32
N VAL CA 237 27.45 53.46 28.15
CA VAL CA 237 27.15 52.77 29.40
C VAL CA 237 26.38 53.69 30.34
N ALA CA 238 26.64 55.00 30.28
CA ALA CA 238 25.85 55.93 31.07
C ALA CA 238 24.40 55.92 30.64
N ALA CA 239 24.15 55.87 29.33
CA ALA CA 239 22.77 55.81 28.86
C ALA CA 239 22.12 54.49 29.24
N MET CA 240 22.87 53.39 29.22
CA MET CA 240 22.33 52.10 29.64
C MET CA 240 21.92 52.14 31.11
N LEU CA 241 22.78 52.69 31.96
CA LEU CA 241 22.42 52.80 33.37
C LEU CA 241 21.26 53.76 33.60
N VAL CA 242 21.16 54.83 32.79
CA VAL CA 242 20.02 55.74 32.93
C VAL CA 242 18.73 55.00 32.60
N MET CA 243 18.74 54.24 31.50
CA MET CA 243 17.60 53.41 31.15
C MET CA 243 17.25 52.42 32.26
N ARG CA 244 18.27 51.73 32.79
CA ARG CA 244 18.03 50.75 33.84
C ARG CA 244 17.46 51.39 35.10
N PHE CA 245 17.85 52.61 35.42
CA PHE CA 245 17.31 53.24 36.62
C PHE CA 245 16.04 54.05 36.35
N THR CA 246 16.06 54.91 35.34
CA THR CA 246 14.90 55.75 35.07
C THR CA 246 13.87 55.01 34.20
N GLY CA 247 14.30 54.50 33.06
CA GLY CA 247 13.40 53.84 32.13
C GLY CA 247 12.33 54.70 31.50
N ARG CA 248 12.50 56.01 31.47
CA ARG CA 248 11.43 56.86 30.94
C ARG CA 248 11.56 57.11 29.44
N ARG CA 249 12.68 57.68 29.00
CA ARG CA 249 12.86 58.04 27.60
C ARG CA 249 13.61 56.92 26.88
N LEU CA 250 12.98 55.77 26.74
CA LEU CA 250 13.69 54.59 26.26
C LEU CA 250 14.16 54.75 24.81
N GLY CA 251 13.33 55.36 23.96
CA GLY CA 251 13.67 55.48 22.56
C GLY CA 251 14.96 56.26 22.34
N VAL CA 252 15.10 57.38 23.03
CA VAL CA 252 16.22 58.29 22.77
C VAL CA 252 17.53 57.66 23.19
N TYR CA 253 17.61 57.22 24.45
CA TYR CA 253 18.83 56.59 24.91
C TYR CA 253 19.08 55.27 24.20
N THR CA 254 18.04 54.59 23.72
CA THR CA 254 18.28 53.36 22.97
C THR CA 254 18.95 53.66 21.64
N ALA CA 255 18.52 54.72 20.95
CA ALA CA 255 19.20 55.12 19.73
C ALA CA 255 20.62 55.56 20.02
N LEU CA 256 20.82 56.29 21.12
CA LEU CA 256 22.16 56.74 21.47
C LEU CA 256 23.07 55.57 21.82
N VAL CA 257 22.54 54.56 22.51
CA VAL CA 257 23.31 53.35 22.80
C VAL CA 257 23.69 52.64 21.51
N THR CA 258 22.78 52.60 20.54
CA THR CA 258 23.10 51.97 19.26
C THR CA 258 24.26 52.68 18.58
N LEU CA 259 24.19 54.01 18.53
CA LEU CA 259 25.27 54.79 17.91
C LEU CA 259 26.58 54.58 18.65
N CYS CA 260 26.54 54.59 19.98
CA CYS CA 260 27.76 54.45 20.76
C CYS CA 260 28.36 53.06 20.63
N ALA CA 261 27.53 52.03 20.58
CA ALA CA 261 28.04 50.68 20.43
C ALA CA 261 28.74 50.51 19.09
N ALA CA 262 28.14 51.04 18.02
CA ALA CA 262 28.79 50.96 16.72
C ALA CA 262 30.10 51.75 16.70
N ALA CA 263 30.09 52.94 17.29
CA ALA CA 263 31.29 53.76 17.28
C ALA CA 263 32.42 53.12 18.08
N THR CA 264 32.10 52.51 19.22
CA THR CA 264 33.12 51.87 20.03
C THR CA 264 33.69 50.64 19.35
N ALA CA 265 32.82 49.84 18.69
CA ALA CA 265 33.33 48.68 17.97
C ALA CA 265 34.25 49.10 16.83
N ALA CA 266 33.85 50.13 16.07
CA ALA CA 266 34.68 50.59 14.96
C ALA CA 266 36.00 51.15 15.45
N GLY CA 267 35.98 51.92 16.55
CA GLY CA 267 37.21 52.47 17.08
C GLY CA 267 38.14 51.43 17.65
N LEU CA 268 37.59 50.42 18.32
CA LEU CA 268 38.42 49.35 18.86
C LEU CA 268 39.07 48.54 17.74
N ALA CA 269 38.34 48.26 16.67
CA ALA CA 269 38.96 47.56 15.55
C ALA CA 269 39.96 48.45 14.83
N ARG CA 270 39.75 49.77 14.87
CA ARG CA 270 40.68 50.70 14.28
C ARG CA 270 41.99 50.73 15.06
N MET CA 271 41.90 50.76 16.38
CA MET CA 271 43.13 50.89 17.16
C MET CA 271 43.87 49.57 17.26
N VAL CA 272 43.14 48.46 17.40
CA VAL CA 272 43.80 47.18 17.58
C VAL CA 272 44.31 46.65 16.26
N LEU CA 273 43.48 46.63 15.23
CA LEU CA 273 43.86 45.98 13.99
C LEU CA 273 44.48 46.93 12.98
N LEU CA 274 44.30 48.24 13.15
CA LEU CA 274 44.77 49.27 12.22
C LEU CA 274 44.24 49.01 10.81
N THR CA 275 42.98 48.62 10.72
CA THR CA 275 42.40 48.31 9.43
C THR CA 275 41.93 49.60 8.75
N SER CA 276 41.55 49.46 7.49
CA SER CA 276 41.11 50.60 6.71
C SER CA 276 39.75 51.08 7.16
N ALA CA 277 39.48 52.36 6.87
CA ALA CA 277 38.19 52.93 7.24
C ALA CA 277 37.08 52.35 6.38
N VAL CA 278 37.40 51.96 5.15
CA VAL CA 278 36.41 51.34 4.27
C VAL CA 278 35.95 50.02 4.86
N THR CA 279 36.89 49.23 5.37
CA THR CA 279 36.56 47.97 6.03
C THR CA 279 35.66 48.20 7.23
N LEU CA 280 35.96 49.22 8.04
CA LEU CA 280 35.15 49.54 9.20
C LEU CA 280 33.75 49.93 8.81
N LEU CA 281 33.62 50.82 7.83
CA LEU CA 281 32.32 51.26 7.39
C LEU CA 281 31.49 50.10 6.85
N THR CA 282 32.12 49.23 6.06
CA THR CA 282 31.33 48.18 5.44
C THR CA 282 30.98 47.09 6.45
N CYS CA 283 31.83 46.81 7.43
CA CYS CA 283 31.43 45.80 8.41
C CYS CA 283 30.38 46.34 9.37
N VAL CA 284 30.41 47.65 9.67
CA VAL CA 284 29.31 48.22 10.44
C VAL CA 284 28.03 48.19 9.62
N LEU CA 285 28.14 48.36 8.30
CA LEU CA 285 26.98 48.21 7.44
C LEU CA 285 26.42 46.80 7.47
N LEU CA 286 27.28 45.79 7.41
CA LEU CA 286 26.79 44.42 7.49
C LEU CA 286 26.14 44.14 8.84
N ALA CA 287 26.71 44.70 9.91
CA ALA CA 287 26.13 44.54 11.23
C ALA CA 287 24.75 45.17 11.31
N CYS CA 288 24.58 46.35 10.73
CA CYS CA 288 23.29 47.00 10.84
C CYS CA 288 22.26 46.34 9.93
N VAL CA 289 22.71 45.79 8.80
CA VAL CA 289 21.81 45.04 7.93
C VAL CA 289 21.26 43.81 8.65
N LEU CA 290 22.13 43.07 9.33
CA LEU CA 290 21.64 41.98 10.18
C LEU CA 290 20.75 42.52 11.31
N MET CA 291 21.13 43.65 11.90
CA MET CA 291 20.44 44.12 13.08
C MET CA 291 19.01 44.55 12.72
N TYR CA 292 18.79 44.99 11.48
CA TYR CA 292 17.44 45.34 11.04
C TYR CA 292 16.51 44.15 11.11
N HIS CA 293 17.05 42.96 10.90
CA HIS CA 293 16.27 41.75 11.00
C HIS CA 293 16.12 41.31 12.43
N GLY CA 294 17.13 41.59 13.25
CA GLY CA 294 16.98 41.17 14.63
C GLY CA 294 16.36 42.18 15.55
N ALA CA 295 15.92 43.31 15.04
CA ALA CA 295 15.39 44.37 15.87
C ALA CA 295 14.05 44.09 16.56
N PRO CA 296 13.06 43.42 15.94
CA PRO CA 296 11.90 43.01 16.74
C PRO CA 296 12.22 42.05 17.87
N ALA CA 297 13.11 41.09 17.63
CA ALA CA 297 13.44 40.13 18.67
C ALA CA 297 14.14 40.80 19.84
N LEU CA 298 15.09 41.68 19.55
CA LEU CA 298 15.78 42.42 20.58
C LEU CA 298 14.82 43.33 21.34
N SER CA 299 13.86 43.93 20.64
CA SER CA 299 12.90 44.77 21.32
C SER CA 299 11.91 43.97 22.16
N ARG CA 300 11.60 42.74 21.79
CA ARG CA 300 10.93 41.86 22.74
C ARG CA 300 11.80 41.64 23.96
N TRP CA 301 13.06 41.31 23.75
CA TRP CA 301 13.90 40.85 24.86
C TRP CA 301 14.21 41.96 25.84
N LEU CA 302 14.42 43.17 25.36
CA LEU CA 302 14.75 44.29 26.24
C LEU CA 302 13.53 44.81 26.97
N SER CA 303 12.35 44.64 26.42
CA SER CA 303 11.13 45.09 27.10
C SER CA 303 10.75 44.20 28.26
N GLY CA 304 11.47 43.11 28.50
CA GLY CA 304 11.14 42.23 29.60
C GLY CA 304 9.86 41.45 29.43
N ILE CA 305 9.33 41.38 28.21
CA ILE CA 305 8.37 40.35 27.90
C ILE CA 305 9.10 39.02 27.94
N ARG CA 306 8.50 38.03 28.60
CA ARG CA 306 9.06 36.69 28.58
C ARG CA 306 7.97 35.70 28.23
N LEU CA 307 8.28 34.84 27.27
CA LEU CA 307 7.35 33.82 26.83
C LEU CA 307 7.23 32.71 27.88
N PRO CA 308 6.06 32.07 27.98
CA PRO CA 308 5.81 31.10 29.05
C PRO CA 308 6.82 29.96 29.08
N VAL CA 309 7.14 29.52 30.29
CA VAL CA 309 7.79 28.23 30.51
C VAL CA 309 6.88 27.07 30.09
N PHE CA 310 7.46 25.88 30.02
CA PHE CA 310 6.70 24.76 29.51
C PHE CA 310 6.70 23.61 30.51
N PRO CA 311 5.62 22.84 30.58
CA PRO CA 311 5.61 21.65 31.44
C PRO CA 311 6.43 20.51 30.85
N SER CA 312 7.75 20.54 31.07
CA SER CA 312 8.63 19.50 30.54
C SER CA 312 8.32 18.13 31.11
N ALA CA 313 8.25 18.02 32.44
CA ALA CA 313 8.02 16.73 33.07
C ALA CA 313 7.06 16.76 34.25
N THR CA 314 6.48 17.92 34.59
CA THR CA 314 5.60 18.01 35.75
C THR CA 314 4.31 17.21 35.57
N SER CA 315 3.87 17.01 34.33
CA SER CA 315 2.73 16.15 33.97
C SER CA 315 1.41 16.58 34.60
N ARG CA 316 1.33 17.74 35.23
CA ARG CA 316 0.08 18.27 35.73
C ARG CA 316 -0.30 19.50 34.92
N TRP CA 317 -1.49 19.47 34.32
CA TRP CA 317 -1.92 20.54 33.44
C TRP CA 317 -3.07 21.38 33.98
N VAL CA 318 -3.87 20.87 34.91
CA VAL CA 318 -5.03 21.60 35.40
C VAL CA 318 -4.63 22.34 36.68
N PHE CA 319 -4.81 23.66 36.69
CA PHE CA 319 -4.55 24.48 37.87
C PHE CA 319 -5.68 25.48 38.02
N GLU CA 320 -6.54 25.29 39.02
CA GLU CA 320 -7.64 26.21 39.28
C GLU CA 320 -7.27 27.20 40.39
N ALA CA 321 -6.20 27.95 40.17
CA ALA CA 321 -5.71 28.83 41.23
C ALA CA 321 -6.37 30.20 41.25
N ARG CA 322 -7.12 30.58 40.20
CA ARG CA 322 -7.95 31.78 40.07
C ARG CA 322 -7.25 33.06 40.58
N PRO CA 323 -6.26 33.55 39.83
CA PRO CA 323 -5.43 34.70 40.28
C PRO CA 323 -6.20 35.93 40.74
N ASP CA 324 -5.75 36.49 41.86
CA ASP CA 324 -6.39 37.60 42.55
C ASP CA 324 -6.40 38.87 41.70
N LEU CA 325 -7.39 39.72 41.95
CA LEU CA 325 -7.39 41.11 41.53
C LEU CA 325 -6.32 41.93 42.25
N PRO CA 326 -5.33 42.47 41.55
CA PRO CA 326 -4.61 43.64 42.10
C PRO CA 326 -5.56 44.82 42.25
N THR CA 327 -5.41 45.53 43.36
CA THR CA 327 -6.25 46.66 43.70
C THR CA 327 -5.45 47.95 43.62
N THR CA 328 -5.98 48.95 42.93
CA THR CA 328 -5.27 50.21 42.72
C THR CA 328 -6.01 51.33 43.44
N VAL CA 329 -5.43 51.79 44.56
CA VAL CA 329 -6.00 52.88 45.34
C VAL CA 329 -5.80 54.19 44.59
N VAL CA 330 -6.86 55.01 44.54
CA VAL CA 330 -6.76 56.31 43.90
C VAL CA 330 -5.91 57.24 44.75
N VAL CA 331 -4.94 57.91 44.11
CA VAL CA 331 -3.89 58.67 44.78
C VAL CA 331 -4.42 59.83 45.61
N SER CA 332 -5.65 60.29 45.33
CA SER CA 332 -6.28 61.29 46.18
C SER CA 332 -6.56 60.74 47.58
N GLY CA 333 -6.73 59.42 47.70
CA GLY CA 333 -6.90 58.78 48.99
C GLY CA 333 -8.11 59.20 49.80
N GLY CA 334 -9.01 59.97 49.20
CA GLY CA 334 -10.07 60.64 49.93
C GLY CA 334 -11.31 59.77 50.07
N GLY CA 335 -11.10 58.52 50.46
CA GLY CA 335 -12.20 57.58 50.59
C GLY CA 335 -12.69 57.04 49.28
N GLN CA 336 -11.87 57.11 48.23
CA GLN CA 336 -12.23 56.58 46.94
C GLN CA 336 -12.44 55.08 47.02
N PRO CA 337 -13.57 54.55 46.53
CA PRO CA 337 -13.64 53.11 46.25
C PRO CA 337 -12.51 52.69 45.33
N THR CA 338 -11.66 51.78 45.80
CA THR CA 338 -10.46 51.42 45.06
C THR CA 338 -10.86 50.60 43.84
N LEU CA 339 -10.02 50.64 42.80
CA LEU CA 339 -10.24 49.95 41.55
C LEU CA 339 -9.55 48.59 41.54
N GLU CA 340 -9.93 47.76 40.58
CA GLU CA 340 -9.42 46.39 40.48
C GLU CA 340 -8.93 46.08 39.08
N GLY CA 341 -7.62 45.89 38.95
CA GLY CA 341 -7.04 45.31 37.76
C GLY CA 341 -7.20 43.81 37.76
N PRO CA 342 -7.12 43.19 36.58
CA PRO CA 342 -7.52 41.79 36.46
C PRO CA 342 -6.50 40.76 36.93
N ALA CA 343 -5.21 41.03 36.81
CA ALA CA 343 -4.16 40.15 37.32
C ALA CA 343 -2.84 40.92 37.26
N SER CA 344 -1.77 40.24 37.67
CA SER CA 344 -0.41 40.70 37.39
C SER CA 344 -0.16 40.94 35.91
N VAL CA 345 -0.82 40.19 35.04
CA VAL CA 345 -0.68 40.33 33.59
C VAL CA 345 -1.06 41.71 33.05
N ARG CA 346 -1.67 42.56 33.86
CA ARG CA 346 -1.84 43.97 33.50
C ARG CA 346 -0.53 44.69 33.18
N ASP CA 347 0.62 44.19 33.63
CA ASP CA 347 1.91 44.73 33.24
C ASP CA 347 2.28 44.49 31.78
N VAL CA 348 1.57 43.60 31.08
CA VAL CA 348 1.77 43.45 29.65
C VAL CA 348 1.46 44.74 28.91
N LEU CA 349 0.41 45.44 29.33
CA LEU CA 349 0.08 46.73 28.76
C LEU CA 349 1.20 47.76 28.90
N LEU CA 350 1.97 47.71 29.99
CA LEU CA 350 3.16 48.55 30.09
C LEU CA 350 4.31 48.04 29.23
N ARG CA 351 4.59 46.75 29.29
CA ARG CA 351 5.73 46.18 28.59
C ARG CA 351 5.62 46.32 27.08
N ALA CA 352 4.41 46.20 26.55
CA ALA CA 352 4.21 46.42 25.12
C ALA CA 352 4.59 47.83 24.68
N GLU CA 353 4.10 48.85 25.39
CA GLU CA 353 4.47 50.22 25.09
C GLU CA 353 5.97 50.46 25.23
N ARG CA 354 6.61 49.74 26.14
CA ARG CA 354 8.06 49.84 26.21
C ARG CA 354 8.72 49.19 25.00
N ALA CA 355 8.24 48.02 24.59
CA ALA CA 355 8.79 47.34 23.43
C ALA CA 355 8.72 48.20 22.18
N ARG CA 356 7.56 48.84 21.96
CA ARG CA 356 7.42 49.82 20.90
C ARG CA 356 8.46 50.92 20.97
N SER CA 357 8.70 51.46 22.18
CA SER CA 357 9.66 52.56 22.29
C SER CA 357 11.08 52.11 22.02
N PHE CA 358 11.42 50.89 22.46
CA PHE CA 358 12.71 50.31 22.08
C PHE CA 358 12.83 50.15 20.59
N LEU CA 359 11.80 49.60 19.95
CA LEU CA 359 11.91 49.30 18.52
C LEU CA 359 12.09 50.57 17.71
N THR CA 360 11.31 51.60 18.02
CA THR CA 360 11.50 52.91 17.39
C THR CA 360 12.91 53.44 17.58
N GLY CA 361 13.47 53.24 18.78
CA GLY CA 361 14.85 53.67 19.01
C GLY CA 361 15.84 52.91 18.16
N LEU CA 362 15.67 51.59 18.08
CA LEU CA 362 16.56 50.75 17.26
C LEU CA 362 16.55 51.21 15.82
N LEU CA 363 15.36 51.36 15.25
CA LEU CA 363 15.27 51.70 13.83
C LEU CA 363 15.88 53.06 13.54
N VAL CA 364 15.66 54.03 14.43
CA VAL CA 364 16.30 55.34 14.25
C VAL CA 364 17.82 55.22 14.28
N GLY CA 365 18.35 54.51 15.28
CA GLY CA 365 19.79 54.40 15.39
C GLY CA 365 20.42 53.67 14.22
N LEU CA 366 19.80 52.58 13.79
CA LEU CA 366 20.32 51.85 12.64
C LEU CA 366 20.20 52.67 11.36
N GLY CA 367 19.16 53.49 11.26
CA GLY CA 367 19.06 54.41 10.13
C GLY CA 367 20.23 55.35 10.06
N VAL CA 368 20.54 55.99 11.19
CA VAL CA 368 21.66 56.94 11.23
C VAL CA 368 22.96 56.23 10.87
N LEU CA 369 23.15 55.02 11.41
CA LEU CA 369 24.37 54.28 11.11
C LEU CA 369 24.47 53.93 9.64
N THR CA 370 23.38 53.50 9.01
CA THR CA 370 23.54 53.09 7.63
C THR CA 370 23.61 54.27 6.66
N VAL CA 371 23.12 55.44 7.05
CA VAL CA 371 23.39 56.62 6.24
C VAL CA 371 24.86 57.01 6.36
N VAL CA 372 25.40 56.94 7.58
CA VAL CA 372 26.79 57.29 7.78
C VAL CA 372 27.68 56.32 7.02
N CYS CA 373 27.33 55.03 7.07
CA CYS CA 373 28.17 54.04 6.42
C CYS CA 373 28.10 54.18 4.91
N LEU CA 374 26.97 54.63 4.37
CA LEU CA 374 26.93 54.81 2.93
C LEU CA 374 27.45 56.17 2.52
N ALA CA 375 27.90 56.98 3.47
CA ALA CA 375 28.66 58.17 3.09
C ALA CA 375 30.09 57.83 2.68
N GLY CA 376 30.52 56.59 2.84
CA GLY CA 376 31.84 56.12 2.42
C GLY CA 376 32.00 55.82 0.94
N LEU CA 377 31.40 56.63 0.07
CA LEU CA 377 31.42 56.41 -1.37
C LEU CA 377 32.13 57.53 -2.13
N CYS CA 378 33.21 58.07 -1.53
CA CYS CA 378 33.78 59.37 -1.91
C CYS CA 378 34.11 59.51 -3.40
N ASP CA 379 34.89 58.58 -3.95
CA ASP CA 379 35.42 58.77 -5.29
C ASP CA 379 34.34 58.61 -6.36
N PRO CA 380 34.56 59.19 -7.55
CA PRO CA 380 33.62 59.00 -8.66
C PRO CA 380 33.62 57.56 -9.16
N HIS CA 381 32.52 57.21 -9.86
CA HIS CA 381 32.17 55.84 -10.17
C HIS CA 381 33.11 55.15 -11.15
N ALA CA 382 34.03 55.87 -11.78
CA ALA CA 382 35.00 55.21 -12.64
C ALA CA 382 35.97 54.39 -11.79
N GLY CA 383 36.25 53.18 -12.23
CA GLY CA 383 37.07 52.28 -11.44
C GLY CA 383 36.21 51.28 -10.68
N ARG CA 384 36.58 50.96 -9.46
CA ARG CA 384 35.82 49.99 -8.67
C ARG CA 384 34.62 50.62 -7.98
N ARG CA 385 34.32 51.88 -8.27
CA ARG CA 385 33.42 52.65 -7.42
C ARG CA 385 31.96 52.51 -7.81
N TRP CA 386 31.63 51.79 -8.90
CA TRP CA 386 30.21 51.51 -9.09
C TRP CA 386 29.71 50.46 -8.12
N LEU CA 387 30.61 49.62 -7.59
CA LEU CA 387 30.20 48.59 -6.64
C LEU CA 387 29.63 49.15 -5.35
N PRO CA 388 30.25 50.14 -4.67
CA PRO CA 388 29.56 50.69 -3.49
C PRO CA 388 28.30 51.45 -3.85
N LEU CA 389 28.25 52.06 -5.03
CA LEU CA 389 27.02 52.71 -5.45
C LEU CA 389 25.91 51.69 -5.70
N LEU CA 390 26.26 50.55 -6.30
CA LEU CA 390 25.30 49.47 -6.47
C LEU CA 390 24.84 48.90 -5.13
N LEU CA 391 25.76 48.81 -4.18
CA LEU CA 391 25.40 48.41 -2.82
C LEU CA 391 24.42 49.37 -2.18
N ALA CA 392 24.65 50.67 -2.40
CA ALA CA 392 23.73 51.69 -1.89
C ALA CA 392 22.35 51.54 -2.50
N ALA CA 393 22.29 51.28 -3.81
CA ALA CA 393 21.00 51.10 -4.46
C ALA CA 393 20.29 49.87 -3.92
N PHE CA 394 21.02 48.78 -3.71
CA PHE CA 394 20.42 47.56 -3.21
C PHE CA 394 19.87 47.73 -1.80
N THR CA 395 20.63 48.37 -0.92
CA THR CA 395 20.13 48.54 0.43
C THR CA 395 19.02 49.57 0.49
N PHE CA 396 19.00 50.54 -0.44
CA PHE CA 396 17.86 51.44 -0.51
C PHE CA 396 16.59 50.70 -0.90
N GLY CA 397 16.69 49.81 -1.88
CA GLY CA 397 15.53 49.03 -2.28
C GLY CA 397 15.05 48.11 -1.17
N PHE CA 398 15.98 47.51 -0.44
CA PHE CA 398 15.64 46.64 0.68
C PHE CA 398 14.91 47.42 1.76
N LEU CA 399 15.41 48.60 2.11
CA LEU CA 399 14.77 49.34 3.19
C LEU CA 399 13.39 49.81 2.78
N ILE CA 400 13.28 50.42 1.60
CA ILE CA 400 12.01 51.01 1.19
C ILE CA 400 10.94 49.93 1.00
N LEU CA 401 11.33 48.69 0.72
CA LEU CA 401 10.34 47.62 0.78
C LEU CA 401 10.10 47.13 2.20
N ARG CA 402 11.16 47.07 3.01
CA ARG CA 402 11.06 46.62 4.40
C ARG CA 402 10.07 47.45 5.20
N GLY CA 403 9.93 48.71 4.83
CA GLY CA 403 8.91 49.56 5.44
C GLY CA 403 7.52 48.96 5.48
N ARG CA 404 7.17 48.13 4.49
CA ARG CA 404 5.85 47.51 4.45
C ARG CA 404 5.54 46.72 5.71
N SER CA 405 6.54 46.10 6.32
CA SER CA 405 6.30 45.22 7.45
C SER CA 405 5.97 45.96 8.73
N TYR CA 406 6.27 47.24 8.83
CA TYR CA 406 6.11 47.95 10.09
C TYR CA 406 4.91 48.87 9.97
N VAL CA 407 3.93 48.67 10.85
CA VAL CA 407 2.68 49.37 10.68
C VAL CA 407 2.58 50.67 11.47
N ASP CA 408 3.34 50.83 12.55
CA ASP CA 408 3.27 52.06 13.32
C ASP CA 408 3.88 53.17 12.49
N ARG CA 409 3.19 54.32 12.42
CA ARG CA 409 3.58 55.35 11.47
C ARG CA 409 4.99 55.89 11.68
N TRP CA 410 5.49 55.95 12.90
CA TRP CA 410 6.83 56.49 13.02
C TRP CA 410 7.92 55.49 12.75
N GLN CA 411 7.63 54.20 12.85
CA GLN CA 411 8.60 53.21 12.45
C GLN CA 411 8.69 53.14 10.92
N ALA CA 412 7.54 53.11 10.26
CA ALA CA 412 7.49 53.10 8.81
C ALA CA 412 8.14 54.36 8.23
N ILE CA 413 7.75 55.52 8.72
CA ILE CA 413 8.38 56.77 8.29
C ILE CA 413 9.87 56.76 8.58
N THR CA 414 10.29 56.15 9.68
CA THR CA 414 11.71 56.08 9.99
C THR CA 414 12.47 55.27 8.95
N LEU CA 415 11.88 54.17 8.49
CA LEU CA 415 12.52 53.39 7.43
C LEU CA 415 12.51 54.11 6.09
N ALA CA 416 11.39 54.68 5.70
CA ALA CA 416 11.31 55.42 4.44
C ALA CA 416 12.28 56.59 4.40
N ALA CA 417 12.31 57.39 5.46
CA ALA CA 417 13.25 58.49 5.55
C ALA CA 417 14.70 58.02 5.56
N THR CA 418 14.98 56.86 6.15
CA THR CA 418 16.32 56.31 6.05
C THR CA 418 16.66 55.99 4.60
N ALA CA 419 15.73 55.34 3.91
CA ALA CA 419 15.97 54.89 2.55
C ALA CA 419 16.30 56.05 1.63
N VAL CA 420 15.46 57.08 1.65
CA VAL CA 420 15.75 58.26 0.83
C VAL CA 420 17.00 59.00 1.28
N LEU CA 421 17.29 59.04 2.59
CA LEU CA 421 18.48 59.74 3.05
C LEU CA 421 19.77 59.10 2.56
N ILE CA 422 19.77 57.78 2.37
CA ILE CA 422 20.93 57.14 1.72
C ILE CA 422 21.22 57.76 0.37
N ILE CA 423 20.18 57.86 -0.47
CA ILE CA 423 20.35 58.38 -1.82
C ILE CA 423 20.77 59.83 -1.79
N ALA CA 424 20.16 60.61 -0.89
CA ALA CA 424 20.50 62.02 -0.77
C ALA CA 424 21.95 62.22 -0.39
N ALA CA 425 22.43 61.47 0.60
CA ALA CA 425 23.80 61.63 1.05
C ALA CA 425 24.81 61.20 -0.03
N VAL CA 426 24.51 60.10 -0.72
CA VAL CA 426 25.42 59.64 -1.78
C VAL CA 426 25.51 60.68 -2.89
N ALA CA 427 24.36 61.23 -3.29
CA ALA CA 427 24.35 62.20 -4.38
C ALA CA 427 25.08 63.47 -3.99
N VAL CA 428 24.86 63.96 -2.77
CA VAL CA 428 25.52 65.20 -2.39
C VAL CA 428 27.03 64.98 -2.25
N ARG CA 429 27.47 63.78 -1.85
CA ARG CA 429 28.91 63.60 -1.78
C ARG CA 429 29.53 63.53 -3.17
N TYR CA 430 28.85 62.88 -4.14
CA TYR CA 430 29.37 62.95 -5.52
C TYR CA 430 29.44 64.36 -6.05
N VAL CA 431 28.40 65.17 -5.82
CA VAL CA 431 28.44 66.48 -6.46
C VAL CA 431 29.36 67.43 -5.73
N LEU CA 432 29.62 67.21 -4.44
CA LEU CA 432 30.52 68.11 -3.76
C LEU CA 432 31.98 67.72 -3.99
N VAL CA 433 32.30 66.43 -3.89
CA VAL CA 433 33.68 66.02 -4.10
C VAL CA 433 34.07 66.15 -5.57
N SER CA 434 33.22 65.69 -6.47
CA SER CA 434 33.53 65.79 -7.88
C SER CA 434 33.07 67.11 -8.46
N GLY CA 435 33.84 67.63 -9.39
CA GLY CA 435 33.53 68.89 -10.03
C GLY CA 435 32.93 68.73 -11.41
N SER CA 436 32.44 67.55 -11.72
CA SER CA 436 31.89 67.31 -13.05
C SER CA 436 30.46 67.86 -13.13
N PRO CA 437 30.17 68.71 -14.12
CA PRO CA 437 28.79 69.18 -14.29
C PRO CA 437 27.81 68.06 -14.62
N ALA CA 438 28.27 66.99 -15.26
CA ALA CA 438 27.39 65.85 -15.52
C ALA CA 438 26.97 65.20 -14.21
N VAL CA 439 27.91 65.09 -13.27
CA VAL CA 439 27.60 64.57 -11.93
C VAL CA 439 26.60 65.47 -11.24
N LEU CA 440 26.77 66.79 -11.39
CA LEU CA 440 25.83 67.75 -10.83
C LEU CA 440 24.43 67.56 -11.40
N SER CA 441 24.34 67.39 -12.72
CA SER CA 441 23.05 67.22 -13.36
C SER CA 441 22.38 65.93 -12.91
N ALA CA 442 23.14 64.85 -12.82
CA ALA CA 442 22.60 63.58 -12.34
C ALA CA 442 22.13 63.69 -10.90
N GLY CA 443 22.91 64.38 -10.06
CA GLY CA 443 22.53 64.53 -8.67
C GLY CA 443 21.27 65.32 -8.48
N VAL CA 444 21.16 66.46 -9.17
CA VAL CA 444 19.94 67.25 -9.00
C VAL CA 444 18.75 66.52 -9.62
N ALA CA 445 18.99 65.76 -10.69
CA ALA CA 445 17.90 65.00 -11.31
C ALA CA 445 17.36 63.93 -10.37
N VAL CA 446 18.25 63.19 -9.71
CA VAL CA 446 17.76 62.16 -8.81
C VAL CA 446 17.11 62.78 -7.58
N LEU CA 447 17.66 63.91 -7.09
CA LEU CA 447 17.07 64.60 -5.95
C LEU CA 447 15.68 65.13 -6.24
N VAL CA 448 15.41 65.53 -7.48
CA VAL CA 448 14.09 66.07 -7.74
C VAL CA 448 13.12 65.00 -8.23
N LEU CA 449 13.61 63.92 -8.86
CA LEU CA 449 12.69 62.89 -9.33
C LEU CA 449 12.33 61.87 -8.27
N LEU CA 450 13.32 61.33 -7.55
CA LEU CA 450 13.07 60.16 -6.72
C LEU CA 450 12.06 60.43 -5.60
N PRO CA 451 12.14 61.52 -4.83
CA PRO CA 451 11.03 61.77 -3.89
C PRO CA 451 9.74 62.15 -4.59
N ALA CA 452 9.81 62.73 -5.78
CA ALA CA 452 8.58 62.95 -6.54
C ALA CA 452 7.95 61.64 -6.96
N ALA CA 453 8.78 60.67 -7.35
CA ALA CA 453 8.28 59.34 -7.64
C ALA CA 453 7.67 58.70 -6.40
N GLY CA 454 8.28 58.93 -5.24
CA GLY CA 454 7.70 58.45 -4.00
C GLY CA 454 6.35 59.08 -3.70
N LEU CA 455 6.21 60.38 -3.98
CA LEU CA 455 4.93 61.04 -3.80
C LEU CA 455 3.88 60.46 -4.70
N THR CA 456 4.23 60.22 -5.96
CA THR CA 456 3.27 59.64 -6.90
C THR CA 456 2.88 58.25 -6.46
N ALA CA 457 3.83 57.47 -5.95
CA ALA CA 457 3.53 56.14 -5.44
C ALA CA 457 2.60 56.22 -4.24
N ALA CA 458 2.83 57.19 -3.36
CA ALA CA 458 1.97 57.34 -2.19
C ALA CA 458 0.57 57.78 -2.58
N ALA CA 459 0.43 58.55 -3.64
CA ALA CA 459 -0.90 58.98 -4.04
C ALA CA 459 -1.63 57.86 -4.77
N VAL CA 460 -0.93 57.13 -5.63
CA VAL CA 460 -1.56 56.11 -6.46
C VAL CA 460 -1.88 54.85 -5.68
N VAL CA 461 -0.85 54.28 -5.03
CA VAL CA 461 -0.92 52.88 -4.60
C VAL CA 461 -2.07 52.54 -3.66
N PRO CA 462 -2.41 53.34 -2.63
CA PRO CA 462 -3.49 52.90 -1.74
C PRO CA 462 -4.86 52.92 -2.39
N ASN CA 463 -5.04 53.63 -3.49
CA ASN CA 463 -6.35 53.68 -4.11
C ASN CA 463 -6.55 52.60 -5.15
N THR CA 464 -5.51 52.30 -5.92
CA THR CA 464 -5.64 51.33 -7.00
C THR CA 464 -5.77 49.90 -6.49
N ILE CA 465 -6.36 49.05 -7.33
CA ILE CA 465 -6.19 47.61 -7.26
C ILE CA 465 -4.85 47.23 -7.89
N TYR CA 466 -4.38 46.01 -7.62
CA TYR CA 466 -3.26 45.44 -8.35
C TYR CA 466 -3.43 43.95 -8.52
N SER CA 467 -2.75 43.42 -9.52
CA SER CA 467 -2.80 42.00 -9.80
C SER CA 467 -1.97 41.24 -8.78
N PRO CA 468 -2.48 40.12 -8.26
CA PRO CA 468 -1.68 39.23 -7.41
C PRO CA 468 -0.30 38.86 -7.94
N LEU CA 469 -0.14 38.83 -9.26
CA LEU CA 469 1.18 38.60 -9.81
C LEU CA 469 2.10 39.77 -9.53
N PHE CA 470 1.65 40.99 -9.81
CA PHE CA 470 2.48 42.15 -9.57
C PHE CA 470 2.84 42.26 -8.10
N ARG CA 471 1.88 41.95 -7.23
CA ARG CA 471 2.13 41.93 -5.80
C ARG CA 471 3.22 40.92 -5.41
N LYS CA 472 3.30 39.79 -6.10
CA LYS CA 472 4.46 38.90 -5.88
C LYS CA 472 5.75 39.48 -6.42
N ILE CA 473 5.72 40.17 -7.56
CA ILE CA 473 6.95 40.81 -8.01
C ILE CA 473 7.41 41.86 -7.00
N VAL CA 474 6.49 42.67 -6.50
CA VAL CA 474 6.84 43.70 -5.53
C VAL CA 474 7.30 43.12 -4.20
N GLU CA 475 6.80 41.94 -3.82
CA GLU CA 475 7.45 41.20 -2.75
C GLU CA 475 8.88 40.77 -3.11
N TRP CA 476 9.03 40.04 -4.19
CA TRP CA 476 10.31 39.41 -4.51
C TRP CA 476 11.43 40.40 -4.81
N ILE CA 477 11.08 41.59 -5.30
CA ILE CA 477 11.98 42.72 -5.40
C ILE CA 477 12.81 42.94 -4.14
N GLU CA 478 12.16 42.77 -2.98
CA GLU CA 478 12.84 42.92 -1.71
C GLU CA 478 13.93 41.87 -1.52
N TYR CA 479 13.58 40.60 -1.64
CA TYR CA 479 14.55 39.54 -1.41
C TYR CA 479 15.68 39.59 -2.42
N LEU CA 480 15.34 39.86 -3.69
CA LEU CA 480 16.35 39.97 -4.73
C LEU CA 480 17.27 41.17 -4.55
N CYS CA 481 16.80 42.25 -3.95
CA CYS CA 481 17.74 43.33 -3.64
C CYS CA 481 18.44 43.13 -2.31
N LEU CA 482 17.92 42.25 -1.46
CA LEU CA 482 18.64 41.83 -0.27
C LEU CA 482 19.87 41.01 -0.61
N MET CA 483 19.70 39.97 -1.43
CA MET CA 483 20.75 38.96 -1.59
C MET CA 483 22.14 39.43 -2.02
N PRO CA 484 22.33 40.37 -2.96
CA PRO CA 484 23.70 40.68 -3.42
C PRO CA 484 24.61 41.31 -2.38
N ILE CA 485 24.07 41.87 -1.30
CA ILE CA 485 24.84 42.81 -0.48
C ILE CA 485 26.03 42.15 0.22
N PHE CA 486 25.91 40.90 0.70
CA PHE CA 486 27.09 40.30 1.36
C PHE CA 486 28.22 40.02 0.38
N PRO CA 487 28.00 39.39 -0.79
CA PRO CA 487 29.11 39.28 -1.76
C PRO CA 487 29.73 40.61 -2.15
N LEU CA 488 28.90 41.61 -2.44
CA LEU CA 488 29.39 42.94 -2.75
C LEU CA 488 30.18 43.53 -1.60
N ALA CA 489 29.73 43.30 -0.36
CA ALA CA 489 30.48 43.78 0.80
C ALA CA 489 31.86 43.14 0.85
N LEU CA 490 31.92 41.83 0.64
CA LEU CA 490 33.20 41.14 0.60
C LEU CA 490 34.09 41.64 -0.54
N TRP CA 491 33.47 42.05 -1.65
CA TRP CA 491 34.23 42.71 -2.70
C TRP CA 491 34.83 44.02 -2.22
N LEU CA 492 34.06 44.79 -1.44
CA LEU CA 492 34.60 46.03 -0.89
C LEU CA 492 35.74 45.80 0.08
N MET CA 493 35.67 44.76 0.92
CA MET CA 493 36.84 44.51 1.75
C MET CA 493 38.00 43.87 0.99
N ASN CA 494 37.79 43.41 -0.24
CA ASN CA 494 38.78 42.63 -1.00
C ASN CA 494 39.21 41.41 -0.20
N VAL CA 495 38.23 40.80 0.48
CA VAL CA 495 38.44 39.51 1.12
C VAL CA 495 38.80 38.45 0.11
N TYR CA 496 38.09 38.43 -1.03
CA TYR CA 496 38.39 37.47 -2.09
C TYR CA 496 39.81 37.63 -2.61
N GLU CA 497 40.27 38.87 -2.79
CA GLU CA 497 41.62 39.05 -3.28
C GLU CA 497 42.66 38.70 -2.24
N ALA CA 498 42.38 38.98 -0.97
CA ALA CA 498 43.32 38.61 0.08
C ALA CA 498 43.45 37.09 0.20
N ILE CA 499 42.32 36.38 0.13
CA ILE CA 499 42.34 34.93 0.26
C ILE CA 499 42.89 34.26 -0.99
N ARG CA 500 42.77 34.90 -2.15
CA ARG CA 500 43.51 34.43 -3.31
C ARG CA 500 45.01 34.63 -3.12
N TYR CA 501 45.43 35.79 -2.63
CA TYR CA 501 46.86 36.02 -2.46
C TYR CA 501 47.42 35.41 -1.18
N ARG CA 502 46.81 35.69 -0.04
CA ARG CA 502 47.33 35.16 1.22
C ARG CA 502 47.02 33.68 1.32
N GLY DA 12 9.64 26.53 36.13
CA GLY DA 12 10.78 26.06 35.37
C GLY DA 12 11.88 27.10 35.25
N TYR DA 13 12.54 27.36 36.37
CA TYR DA 13 13.67 28.25 36.42
C TYR DA 13 14.95 27.54 35.97
N GLY DA 14 16.03 28.30 35.91
CA GLY DA 14 17.34 27.70 35.80
C GLY DA 14 17.65 27.13 34.44
N LEU DA 15 18.78 26.43 34.38
CA LEU DA 15 19.31 25.91 33.14
C LEU DA 15 18.91 24.45 32.89
N GLY DA 16 17.72 24.08 33.31
CA GLY DA 16 17.26 22.71 33.12
C GLY DA 16 17.17 22.33 31.66
N LEU DA 17 17.14 21.03 31.39
CA LEU DA 17 17.11 20.55 30.02
C LEU DA 17 15.80 20.90 29.33
N SER DA 18 15.85 20.90 28.00
CA SER DA 18 14.68 21.16 27.18
C SER DA 18 14.75 20.33 25.91
N THR DA 19 13.58 19.93 25.42
CA THR DA 19 13.51 19.11 24.22
C THR DA 19 13.46 19.99 22.99
N ARG DA 20 13.85 19.40 21.85
CA ARG DA 20 13.84 20.11 20.57
C ARG DA 20 12.44 20.56 20.17
N THR DA 21 11.40 19.80 20.52
CA THR DA 21 10.04 20.25 20.28
C THR DA 21 9.71 21.51 21.07
N GLN DA 22 10.32 21.70 22.23
CA GLN DA 22 10.19 22.97 22.93
C GLN DA 22 11.01 24.06 22.28
N VAL DA 23 12.15 23.73 21.70
CA VAL DA 23 12.95 24.73 21.01
C VAL DA 23 12.18 25.30 19.83
N THR DA 24 11.57 24.44 19.02
CA THR DA 24 10.75 24.96 17.94
C THR DA 24 9.49 25.63 18.45
N GLY DA 25 8.90 25.13 19.54
CA GLY DA 25 7.74 25.79 20.11
C GLY DA 25 8.01 27.20 20.60
N TYR DA 26 9.16 27.41 21.22
CA TYR DA 26 9.56 28.75 21.61
C TYR DA 26 9.86 29.60 20.39
N GLN DA 27 10.62 29.09 19.43
CA GLN DA 27 10.91 29.90 18.25
C GLN DA 27 9.64 30.31 17.51
N PHE DA 28 8.64 29.43 17.48
CA PHE DA 28 7.33 29.80 16.96
C PHE DA 28 6.69 30.93 17.75
N LEU DA 29 6.66 30.82 19.08
CA LEU DA 29 6.09 31.93 19.85
C LEU DA 29 6.89 33.21 19.73
N ALA DA 30 8.20 33.11 19.51
CA ALA DA 30 8.99 34.30 19.25
C ALA DA 30 8.61 34.95 17.94
N ARG DA 31 8.45 34.15 16.88
CA ARG DA 31 8.05 34.73 15.60
C ARG DA 31 6.66 35.33 15.68
N ARG DA 32 5.70 34.61 16.27
CA ARG DA 32 4.36 35.14 16.44
C ARG DA 32 4.35 36.43 17.24
N THR DA 33 5.17 36.53 18.28
CA THR DA 33 5.24 37.78 19.04
C THR DA 33 5.90 38.89 18.23
N ALA DA 34 6.91 38.55 17.42
CA ALA DA 34 7.53 39.54 16.56
C ALA DA 34 6.54 40.08 15.54
N MET DA 35 5.74 39.20 14.95
CA MET DA 35 4.71 39.66 14.02
C MET DA 35 3.65 40.47 14.74
N ALA DA 36 3.32 40.13 15.98
CA ALA DA 36 2.40 40.95 16.74
C ALA DA 36 3.00 42.30 17.08
N LEU DA 37 4.32 42.38 17.11
CA LEU DA 37 4.98 43.64 17.41
C LEU DA 37 5.11 44.56 16.22
N THR DA 38 5.56 44.05 15.07
CA THR DA 38 5.77 44.94 13.93
C THR DA 38 4.49 45.21 13.18
N ARG DA 39 3.72 44.18 12.90
CA ARG DA 39 2.35 44.36 12.49
C ARG DA 39 1.45 44.20 13.70
N TRP DA 40 0.18 44.43 13.54
CA TRP DA 40 -0.77 44.43 14.65
C TRP DA 40 -1.85 43.40 14.36
N ARG DA 41 -1.46 42.40 13.60
CA ARG DA 41 -2.27 41.25 13.27
C ARG DA 41 -1.46 40.03 13.70
N VAL DA 42 -2.16 38.97 14.10
CA VAL DA 42 -1.50 37.71 14.41
C VAL DA 42 -2.01 36.55 13.57
N ARG DA 43 -2.94 36.78 12.65
CA ARG DA 43 -3.18 35.76 11.65
C ARG DA 43 -1.90 35.49 10.88
N MET DA 44 -1.48 34.23 10.89
CA MET DA 44 -0.08 33.89 10.66
C MET DA 44 0.06 32.85 9.55
N GLU DA 45 -1.00 32.67 8.75
CA GLU DA 45 -1.02 31.69 7.68
C GLU DA 45 0.13 31.84 6.68
N VAL DA 46 0.66 33.05 6.52
CA VAL DA 46 1.88 33.28 5.78
C VAL DA 46 2.67 34.31 6.55
N GLU DA 47 3.99 34.25 6.42
CA GLU DA 47 4.86 35.09 7.21
C GLU DA 47 6.11 35.51 6.45
N PRO DA 48 6.20 36.79 6.10
CA PRO DA 48 7.32 37.24 5.27
C PRO DA 48 8.60 37.36 6.06
N GLY DA 49 8.50 37.47 7.39
CA GLY DA 49 9.67 37.50 8.24
C GLY DA 49 10.62 36.35 7.98
N ARG DA 50 10.07 35.13 8.03
CA ARG DA 50 10.85 33.95 7.69
C ARG DA 50 11.43 34.06 6.29
N ARG DA 51 10.59 34.39 5.31
CA ARG DA 51 11.03 34.46 3.91
C ARG DA 51 12.24 35.37 3.73
N GLN DA 52 12.22 36.55 4.33
CA GLN DA 52 13.36 37.42 4.15
C GLN DA 52 14.56 37.06 5.02
N VAL DA 53 14.38 36.45 6.20
CA VAL DA 53 15.58 35.98 6.87
C VAL DA 53 16.19 34.82 6.11
N LEU DA 54 15.39 34.02 5.40
CA LEU DA 54 15.93 33.05 4.46
C LEU DA 54 16.70 33.74 3.35
N ALA DA 55 16.22 34.88 2.87
CA ALA DA 55 16.98 35.63 1.88
C ALA DA 55 18.32 36.12 2.43
N VAL DA 56 18.35 36.51 3.70
CA VAL DA 56 19.60 36.86 4.35
C VAL DA 56 20.52 35.66 4.40
N VAL DA 57 19.99 34.51 4.81
CA VAL DA 57 20.76 33.27 4.87
C VAL DA 57 21.34 32.93 3.50
N ALA DA 58 20.56 33.10 2.45
CA ALA DA 58 21.05 32.92 1.08
C ALA DA 58 22.20 33.87 0.77
N SER DA 59 22.12 35.11 1.23
CA SER DA 59 23.21 36.07 1.01
C SER DA 59 24.49 35.62 1.69
N VAL DA 60 24.38 35.20 2.95
CA VAL DA 60 25.54 34.81 3.73
C VAL DA 60 26.16 33.53 3.19
N SER DA 61 25.33 32.53 2.89
CA SER DA 61 25.84 31.28 2.33
C SER DA 61 26.47 31.49 0.96
N ALA DA 62 25.93 32.38 0.14
CA ALA DA 62 26.57 32.70 -1.14
C ALA DA 62 27.93 33.37 -0.95
N ALA DA 63 28.04 34.28 0.02
CA ALA DA 63 29.34 34.88 0.30
C ALA DA 63 30.36 33.85 0.80
N GLY DA 64 29.92 32.94 1.66
CA GLY DA 64 30.78 31.84 2.12
C GLY DA 64 31.27 30.95 0.99
N VAL DA 65 30.33 30.51 0.15
CA VAL DA 65 30.65 29.70 -1.02
C VAL DA 65 31.67 30.40 -1.93
N ILE DA 66 31.44 31.68 -2.24
CA ILE DA 66 32.42 32.37 -3.10
C ILE DA 66 33.77 32.52 -2.40
N CYS DA 67 33.76 32.68 -1.07
CA CYS DA 67 35.01 32.72 -0.31
C CYS DA 67 35.79 31.41 -0.41
N LEU DA 68 35.09 30.28 -0.33
CA LEU DA 68 35.74 28.99 -0.58
C LEU DA 68 36.24 28.89 -2.01
N GLY DA 69 35.41 29.25 -2.99
CA GLY DA 69 35.83 29.25 -4.39
C GLY DA 69 37.04 30.13 -4.66
N ALA DA 70 37.25 31.15 -3.82
CA ALA DA 70 38.44 31.99 -3.84
C ALA DA 70 39.63 31.29 -3.21
N LEU DA 71 39.39 30.41 -2.24
CA LEU DA 71 40.49 29.76 -1.54
C LEU DA 71 41.27 28.80 -2.45
N LEU DA 72 40.59 28.16 -3.40
CA LEU DA 72 41.17 27.12 -4.24
C LEU DA 72 42.21 27.63 -5.23
N TRP DA 73 42.40 28.94 -5.36
CA TRP DA 73 43.41 29.46 -6.27
C TRP DA 73 44.75 29.57 -5.57
N SER DA 74 45.81 29.24 -6.30
CA SER DA 74 47.18 29.39 -5.83
C SER DA 74 48.15 29.51 -7.00
#